data_7EGE
#
_entry.id   7EGE
#
_cell.length_a   1.00
_cell.length_b   1.00
_cell.length_c   1.00
_cell.angle_alpha   90.00
_cell.angle_beta   90.00
_cell.angle_gamma   90.00
#
_symmetry.space_group_name_H-M   'P 1'
#
loop_
_entity.id
_entity.type
_entity.pdbx_description
1 polymer 'Transcription initiation factor TFIID subunit 1'
2 polymer 'Transcription initiation factor TFIID subunit 2'
3 polymer 'Transcription initiation factor TFIID subunit 4'
4 polymer 'Transcription initiation factor TFIID subunit 5'
5 polymer 'Transcription initiation factor TFIID subunit 6'
6 polymer 'Transcription initiation factor TFIID subunit 7'
7 polymer 'Transcription initiation factor TFIID subunit 8'
8 polymer 'Transcription initiation factor TFIID subunit 9'
9 polymer 'Transcription initiation factor TFIID subunit 10'
10 polymer 'Transcription initiation factor TFIID subunit 12'
11 polymer 'TATA-box-binding protein'
12 polymer 'Transcription initiation factor TFIID subunit 3'
13 polymer 'Transcription initiation factor TFIID subunit 11'
14 polymer 'Transcription initiation factor TFIID subunit 13'
#
loop_
_entity_poly.entity_id
_entity_poly.type
_entity_poly.pdbx_seq_one_letter_code
_entity_poly.pdbx_strand_id
1 'polypeptide(L)'
;MGPGCDLLLRTAATITAAAIMSDTDSDEDSAGGGPFSLAGFLFGNINGAGQLEGESVLDDECKKHLAGLGALGLGSLITE
LTANEELTGTDGALVNDEGWVRSTEDAVDYSDINEVAEDESRRYQQTMGSLQPLCHSDYDEDDYDADCEDIDCKLMPPPP
PPPGPMKKDKDQDSITGEKVDFSSSSDSESEMGPQEATQAESEDGKLTLPLAGIMQHDATKLLPSVTELFPEFRPGKVLR
FLRLFGPGKNVPSVWRSARRKRKKKHRELIQEEQIQEVECSVESEVSQKSLWNYDYAPPPPPEQCLSDDEITMMAPVESK
FSQSTGDIDKVTDTKPRVAEWRYGPARLWYDMLGVPEDGSGFDYGFKLRKTEHEPVIKSRMIEEFRKLEENNGTDLLADE
NFLMVTQLHWEDDIIWDGEDVKHKGTKPQRASLAGWLPSSMTRNAMAYNVQQGFAATLDDDKPWYSIFPIDNEDLVYGRW
EDNIIWDAQAMPRLLEPPVLTLDPNDENLILEIPDEKEEATSNSPSKESKKESSLKKSRILLGKTGVIKEEPQQNMSQPE
VKDPWNLSNDEYYYPKQQGLRGTFGGNIIQHSIPAVELRQPFFPTHMGPIKLRQFHRPPLKKYSFGALSQPGPHSVQPLL
KHIKKKAKMREQERQASGGGEMFFMRTPQDLTGKDGDLILAEYSEENGPLMMQVGMATKIKNYYKRKPGKDPGAPDCKYG
ETVYCHTSPFLGSLHPGQLLQAFENNLFRAPIYLHKMPETDFLIIRTRQGYYIRELVDIFVVGQQCPLFEVPGPNSKRAN
THIRDFLQVFIYRLFWKSKDRPRRIRMEDIKKAFPSHSESSIRKRLKLCADFKRTGMDSNWWVLKSDFRLPTEEEIRAMV
SPEQCCAYYSMIAAEQRLKDAGYGEKSFFAPEEENEEDFQMKIDDEVRTAPWNTTRAFIAAMKGKCLLEVTGVADPTGCG
EGFSYVKIPNKPTQQKDDKEPQPVKKTVTGTDADLRRLSLKNAKQLLRKFGVPEEEIKKLSRWEVIDVVRTMSTEQARSG
EGPMSKFARGSRFSVAEHQERYKEECQRIFDLQNKVLSSTEVLSTDTDSSSAEDSDFEEMGKNIENMLQNKKTSSQLSRE
REEQERKELQRMLLAAGSAASGNNHRDDDTASVTSLNSSATGRCLKIYRTFRDEEGKEYVRCETVRKPAVIDAYVRIRTT
KDEEFIRKFALFDEQHREEMRKERRRIQEQLRRLKRNQEKEKLKGPPEKKPKKMKERPDLKLKCGACGAIGHMRTNKFCP
LYYQTNAPPSNPVAMTEEQEEELEKTVIHNDNEELIKVEGTKIVLGKQLIESADEVRRKSLVLKFPKQQLPPKKKRRVGT
TVHCDYLNRPHKSIHRRRTDPMVTLSSILESIINDMRDLPNTYPFHTPVNAKVVKDYYKIITRPMDLQTLRENVRKRLYP
SREEFREHLELIVKNSATYNGPKHSLTQISQSMLDLCDEKLKEKEDKLARLEKAINPLLDDDDQVAFSFILDNIVTQKMM
AVPDSWPFHHPVNKKFVPDYYKVIVNPMDLETIRKNISKHKYQSRESFLDDVNLILANSVKYNGPESQYTKTAQEIVNVC
YQTLTEYDEHLTQLEKDICTAKEAALEEAELESLDPMTPGPYTPQPPDLYDTNTSLSMSRDASVFQDESNMSVLDIPSAT
PEKQVTQEGEDGDGDLADEEEGTVQQPQASVLYEDLLMSEGEDDEEDAGSDEEGDNPFSAIQLSESGSDSDVGSGGIRPK
QPRMLQENTRMDMENEESMMSYEGDGGEASHGLEDSNISYGSYEEPDPKSNTQDTSFSSIGGYEVSEEEEDEEEEEQRSG
PSVLSQVHLSEDEEDSEDFHSIAGDSDLDSDE
;
A
2 'polypeptide(L)'
;MPLTGVEPARMNRKKGDKGFESPRPYKLTHQVVCINNINFQRKSVVGFVELTIFPTVANLNRIKLNSKQCRIYRVRINDL
EAAFIYNDPTLEVCHSESKQRNLNYFSNAYAAAVSAVDPDAGNGELCIKVPSELWKHVDELKVLKIHINFSLDQPKGGLH
FVVPSVEGSMAERGAHVFSCGYQNSTRFWFPCVDSYSELCTWKLEFTVDAAMVAVSNGDLVETVYTHDMRKKTFHYMLTI
PTAASNISLAIGPFEILVDPYMHEVTHFCLPQLLPLLKHTTSYLHEVFEFYEEILTCRYPYSCFKTVFIDEAYVEVAAYA
SMSIFSTNLLHSAMIIDETPLTRRCLAQSLAQQFFGCFISRMSWSDEWVLKGISGYIYGLWMKKTFGVNEYRHWIKEELD
KIVAYELKTGGVLLHPIFGGGKEKDNPASHLHFSIKHPHTLSWEYYSMFQCKAHLVMRLIENRISMEFMLQVFNKLLSLA
STASSQKFQSHMWSQMLVSTSGFLKSISNVSGKDIQPLIKQWVDQSGVVKFYGSFAFNRKRNVLELEIKQDYTSPGTQKY
VGPLKVTVQELDGSFNHTLQIEENSLKHDIPCHSKSRRNKKKKIPLMNGEEVDMDLSAMDADSPLLWIRIDPDMSVLRKV
EFEQADFMWQYQLRYERDVVAQQESILALEKFPTPASRLALTDILEQEQCFYRVRMSACFCLAKIANSMVSTWTGPPAMK
SLFTRMFCCKSCPNIVKTNNFMSFQSYFLQKTMPVAMALLRDVHNLCPKEVLTFILDLIKYNDNRKNKFSDNYYRAEMID
ALANSVTPAVSVNNEVRTLDNLNPDVRLILEEITRFLNMEKLLPSYRHTITVSCLRAIRVLQKNGHVPSDPALFKSYAEY
GHFVDIRIAALEAVVDYTKVDRSYEELQWLLNMIQNDPVPYVRHKILNMLTKNPPFTKNMESPLCNEALVDQLWKLMNSG
TSHDWRLRCGAVDLYFTLFGLSRPSCLPLPELGLVLNLKEKKAVLNPTIIPESVAGNQEAANNPSSHPQLVGFQNPFSSS
QDEEEIDMDTVHDSQAFISHHLNMLERPSTPGLSKYRPASSRSALIPQHSAGCDSTPTTKPQWSLELARKGTGKEQAPLE
MSMHPAASAPLSVFTKESTASKHSDHHHHHHHEHKKKKKKHKHKHKHKHKHDSKEKDKEPFTFSSPASGRSIRSPSLSD
;
B
3 'polypeptide(L)'
;MAAGSDLLDEVFFNSEVDEKVVSDLVGSLESQLAASAAHHHHLAPRTPEVRAAAAGALGNHVVSGSPAGAAGAGPAAPAE
GAPGAAPEPPPAGRARPGGGGPQRPGPPSPRRPLVPAGPAPPAAKLRPPPEGSAGSCAPVPAAAAVAAGPEPAPAGPAKP
AGPAALAARAGPGPGPGPGPGPGPGPGKPAGPGAAQTLNGSAALLNSHHAAAPAVSLVNNGPAALLPLPKPAAPGTVIQT
PPFVGAAAPPAPAAPSPPAAPAPAAPAAAPPPPPPAPATLARPPGHPAGPPTAAPAVPPPAAAQNGGSAGAAPAPAPAAG
GPAGVSGQPGPGAAAAAPAPGVKAESPKRVVQAAPPAAQTLAASGPASTAASMVIGPTMQGALPSPAAVPPPAPGTPTGL
PKGAAGAVTQSLSRTPTATTSGIRATLTPTVLAPRLPQPPQNPTNIQNFQLPPGMVLVRSENGQLLMIPQQALAQMQAQA
HAQPQTTMAPRPATPTSAPPVQISTVQAPGTPIIARQVTPTTIIKQVSQAQTTVQPSATLQRSPGVQPQLVLGGAAQTAS
LGTATAVQTGTPQRTVPGATTTSSAATETMENVKKCKNFLSTLIKLASSGKQSTETAANVKELVQNLLDGKIEAEDFTSR
LYRELNSSPQPYLVPFLKRSLPALRQLTPDSAAFIQQSQQQPPPPTSQATTALTAVVLSSSVQRTAGKTAATVTSALQPP
VLSLTQPTQVGVGKQGQPTPLVIQQPPKPGALIRPPQVTLTQTPMVALRQPHNRIMLTTPQQIQLNPLQPVPVVKPAVLP
GTKALSAVSAQAAAAQKNKLKEPGGGSFRDDDDINDVASMAGVNLSEESARILATNSELVGTLTRSCKDETFLLQAPLQR
RILEIGKKHGITELHPDVVSYVSHATQQRLQNLVEKISETAQQKNFSYKDDDRYEQASDVRAQLKFFEQLDQIEKQRKDE
QEREILMRAAKSRSRQEDPEQLRLKQKAKEMQQQELAQMRQRDANLTALAAIGPRKKRKVDCPGPGSGAEGSGPGSVVPG
SSGVGTPRQFTRQRITRVNLRDLIFCLENERETSHSLLLYKAFLK
;
D,d
4 'polypeptide(L)'
;MAALAEEQTEVAVKLEPEGPPTLLPPQAGDGAGEGSGGTTNNGPNGGGGNVAASSSTGGDGGTPKPTVAVSAAAPAGAAP
VPAAAPDAGAPHDRQTLLAVLQFLRQSKLREAEEALRREAGLLEEAVAGSGAPGEVDSAGAEVTSALLSRVTASAPGPAA
PDPPGTGASGATVVSGSASGPAAPGKVGSVAVEDQPDVSAVLSAYNQQGDPTMYEEYYSGLKHFIECSLDCHRAELSQLF
YPLFVHMYLELVYNQHENEAKSFFEKFHGDQECYYQDDLRVLSSLTKKEHMKGNETMLDFRTSKFVLRISRDSYQLLKRH
LQEKQNNQIWNIVQEHLYIDIFDGMPRSKQQIDAMVGSLAGEAKREANKSKVFFGLLKEPEIEVPLDDEDEEGENEEGKP
KKKKPKKDSIGSKSKKQDPNAPPQNRIPLPELKDSDKLDKIMNMKETTKRVRLGPDCLPSICFYTFLNAYQGLTAVDVTD
DSSLIAGGFADSTVRVWSVTPKKLRSVKQASDLSLIDKESDDVLERIMDEKTASELKILYGHSGPVYGASFSPDRNYLLS
SSEDGTVRLWSLQTFTCLVGYKGHNYPVWDTQFSPYGYYFVSGGHDRVARLWATDHYQPLRIFAGHLADVNCTRFHPNSN
YVATGSADRTVRLWDVLNGNCVRIFTGHKGPIHSLTFSPNGRFLATGATDGRVLLWDIGHGLMVGELKGHTDTVCSLRFS
RDGEILASGSMDNTVRLWDAIKAFEDLETDDFTTATGHINLPENSQELLLGTYMTKSTPVVHLHFTRRNLVLAAGAYSPQ
;
E,e
5 'polypeptide(L)'
;MAEEKKLKLSNTVLPSESMKVVAESMGIAQIQEETCQLLTDEVSYRIKEIAQDALKFMHMGKRQKLTTSDIDYALKLKNV
EPLYGFHAQEFIPFRFASGGGRELYFYEEKEVDLSDIINTPLPRVPLDVCLKAHWLSIEGCQPAIPENPPPAPKEQQKAE
ATEPLKSAKPGQEEDGPLKGKGQGATTADGKGKEKKAPPLLEGAPLRLKPRSIHELSVEQQLYYKEITEACVGSCEAKRA
EALQSIATDPGLYQMLPRFSTFISEGVRVNVVQNNLALLIYLMRMVKALMDNPTLYLEKYVHELIPAVMTCIVSRQLCLR
PDVDNHWALRDFAARLVAQICKHFSTTTNNIQSRITKTFTKSWVDEKTPWTTRYGSIAGLAELGHDVIKTLILPRLQQEG
ERIRSVLDGPVLSNIDRIGADHVQSLLLKHCAPVLAKLRPPPDNQDAYRAEFGSLGPLLCSQVVKARAQAALQAQQVNRT
TLTITQPRPTLTLSQAPQPGPRTPGLLKVPGSIALPVQTLVSARAAAPPQPSPPPTKFIVMSSSSSAPSTQQVLSLSTSA
PGSGSTTTSPVTTTVPSVQPIVKLVSTATTAPPSTAPSGPGSVQKYIVVSLPPTGEGKGGPTSHPSPVPPPASSPSPLSG
SALCGGKQEAGDSPPPAPGTPKANGSQPNSGSPQPAP
;
F,f
6 'polypeptide(L)'
;MSKSKDDAPHELESQFILRLPPEYASTVRRAVQSGHVNLKDRLTIELHPDGRHGIVRVDRVPLASKLVDLPCVMESLKTI
DKKTFYKTADICQMLVSTVDGDLYPPVEEPVASTDPKASKKKDKDKEKKFIWNHGITLPLKNVRKRRFRKTAKKKYIESP
DVEKEVKRLLSTDAEAVSTRWEIIAEDETKEAENQGLDISSPGMSGHRQGHDSLEHDELREIFNDLSSSSEDEDETQHQD
EEDINIIDTEEDLERQLQDKLNESDEQHQENEGTNQLVMGIQKQIDNMKGKLQETQDRAKRQEDLIMKVENLALKNRFQA
VLDELKQKEDREKEQLSSLQEELESLLEK
;
G
7 'polypeptide(L)'
;MADAAATAGAGGSGTRSGSKQSTNPADNYHLARRRTLQVVVSSLLTEAGFESAEKASVETLTEMLQSYISEIGRSAKSYC
EHTARTQPTLSDIVVTLVEMGFNVDTLPAYAKRSQRMVITAPPVTNQPVTPKALTAGQNRPHPPHIPSHFPEFPDPHTYI
KTPTYREPVSDYQVLREKAASQRRDVERALTRFMAKTGETQSLFKDDVSTFPLIAARPFTIPYLTALLPSELEMQQMEET
DSSEQDEQTDTENLALHISMEDSGAEKENTSVLQQNPSLSGSRNGEENIIDNPYLRPVKKPKIRRKKSLS
;
H
8 'polypeptide(L)'
;MESGKTASPKSMPKDAQMMAQILKDMGITEYEPRVINQMLEFAFRYVTTILDDAKIYSSHAKKATVDADDVRLAIQCRAD
QSFTSPPPRDFLLDIARQRNQTPLPLIKPYSGPRLPPDRYCLTAPNYRLKSLQKKASTSAGRITVPRLSVGSVTSRPSTP
TLGTPTPQTMSVSTKVGTPMSLTGQRFTVQMPTSQSPAVKASIPATSAVQNVLINPSLIGSKNILITTNMMSSQNTANES
SNALKRKREDDDDDDDDDDDYDNL
;
I,i
9 'polypeptide(L)'
;MSCSGSGADPEAAPASAASAPGPAPPVSAPAALPSSTAAENKASPAGTAGGPGAGAAAGGTGPLAARAGEPAERRGAAPV
SAGGAAPPEGAISNGVYVLPSAANGDVKPVVSSTPLVDFLMQLEDYTPTIPDAVTGYYLNRAGFEASDPRIIRLISLAAQ
KFISDIANDALQHCKMKGTASGSSRSKSKDRKYTLTMEDLTPALSEYGINVKKPHYFT
;
J,j
10 'polypeptide(L)'
;MNQFGPSALINLSNFSSIKPEPASTPPQGSMANSTAVVKIPGTPGAGGRLSPENNQVLTKKKLQDLVREVDPNEQLDEDV
EEMLLQIADDFIESVVTAACQLARHRKSSTLEVKDVQLHLERQWNMWIPGFGSEEIRPYKKACTTEAHKQRMALIRKTTK
K
;
L,l
11 'polypeptide(L)'
;MDQNNSLPPYAQGLASPQGAMTPGIPIFSPMMPYGTGLTPQPIQNTNSLSILEEQQRQQQQQQQQQQQQQQQQQQQQQQQ
QQQQQQQQQQQQQQQAVAAAAVQQSTSQQATQGTSGQAPQLFHSQTLTTAPLPGTTPLYPSPMTPMTPITPATPASESSG
IVPQLQNIVSTVNLGCKLDLKTIALRARNAEYNPKRFAAVIMRIREPRTTALIFSSGKMVCTGAKSEEQSRLAARKYARV
VQKLGFPAKFLDFKIQNMVGSCDVKFPIRLEGLVLTHQQFSSYEPELFPGLIYRMIKPRIVLLIFVSGKVVLTGAKVRAE
IYEAFENIYPILKGFRKTT
;
P
12 'polypeptide(L)'
;MCESYSRSLLRVSVAQICQALGWDSVQLSACHLLTDVLQRYLQQLGRGCHRYSELYGRTDPILDDVGEAFQLMGVSLHEL
EDYIHNIEPVTFPHQIPSFPVSKNNVLQFPQPGSKDAEERKEYIPDYLPPIVSSQEEEEEEQVPTDGGTSAEAMQVPLEE
DDELEEEEIINDENFLGKRPLDSPEAEELPAMKRPRLLSTKGDTLDVVLLEAREPLSSINTQKIPPMLSPVHVQDSTDLA
PPSPEPPMLAPVAKSQMPTAKPLETKSFTPKTKTKTSSPGQKTKSPKTAQSPAMVGSPIRSPKTVSKEKKSPGRSKSPKS
PKSPKVTTHIPQTPVRPETPNRTPSATLSEKISKETIQVKQIQTPPDAGKLNSENQPKKAVVADKTIEASIDAVIARACA
EREPDPFEFSSGSESEGDIFTSPKRISGPECTTPKASTSANNFTKSGSTPLPLSGGTSSSDNSWTMDASIDEVVRKAKLG
TPSNMPPNFPYISSPSVSPPTPEPLHKVYEEKTKLPSSVEVKKKLKKELKTKMKKKEKQRDREREKDKNKDKSKEKDKVK
EKEKDKETGRETKYPWKEFLKEEEADPYKFKIKEFEDVDPKVKLKDGLVRKEKEKHKDKKKDREKGKKDKDKREKEKVKD
KGREDKMKAPAPPLVLPPKELALPLFSPATASRVPAMLPSLLPVLPEKLFEEKEKVKEKEKKKDKKEKKKKKEKEKEKKE
KEREKEKREREKREKEKEKHKHEKIKVEPVALAPSPVIPRLTLRVGAGQDKIVISKVVPAPEAKPAPSQNRPKTPPPAPA
PAPGPMLVSPAPVPLPLLAQAAAGPALLPSPGPAASGASAKAPVRSVVTETVSTYVIRDEWGNQIWICPGCNKPDDGSPM
IGCDDCDDWYHWPCVGIMTAPPEEMQWFCPKCANKKKDKKHKKRKHRAH
;
c
13 'polypeptide(L)'
;MDDAHESPSDKGGETGESDETAAVPGDPGATDTDGIPEETDGDADVDLKEAAAEEGELESQDVSDLTTVEREDSSLLNPA
AKKLKIDTKEKKEKKQKVDEDEIQKMQILVSSFSEEQLNRYEMYRRSAFPKAAIKRLIQSITGTSVSQNVVIAMSGISKV
FVGEVVEEALDVCEKWGEMPPLQPKHMREAVRRLKSKGQIPNSKHKKIIFF
;
k
14 'polypeptide(L)'
;MADEEEDPTFEEENEEIGGGAEGGQGKRKRLFSKELRCMMYGFGDDQNPYTESVDILEDLVIEFITEMTHKAMSIGRQGR
VQVEDIVFLIRKDPRKFARVKDLLTMNEELKRARKAFDEANYGS
;
m
#
# COMPACT_ATOMS: atom_id res chain seq x y z
N TRP A 341 14.67 14.85 6.83
CA TRP A 341 13.36 15.36 6.31
C TRP A 341 13.54 16.72 5.65
N ARG A 342 13.27 16.79 4.34
CA ARG A 342 13.45 18.06 3.58
C ARG A 342 12.51 19.15 4.10
N TYR A 343 11.26 18.81 4.43
CA TYR A 343 10.27 19.85 4.80
C TYR A 343 10.28 20.18 6.30
N GLY A 344 11.10 19.48 7.10
CA GLY A 344 11.08 19.68 8.57
C GLY A 344 11.85 20.91 9.00
N PRO A 345 12.28 21.01 10.28
CA PRO A 345 13.12 22.12 10.73
C PRO A 345 14.39 22.04 9.89
N ALA A 346 14.95 23.20 9.50
CA ALA A 346 16.14 23.27 8.61
C ALA A 346 15.72 23.17 7.14
N ARG A 347 14.41 23.24 6.83
CA ARG A 347 13.94 23.29 5.43
C ARG A 347 14.58 24.50 4.76
N LEU A 348 14.79 25.60 5.48
CA LEU A 348 15.33 26.82 4.81
C LEU A 348 16.70 26.47 4.26
N TRP A 349 17.54 25.80 5.07
CA TRP A 349 18.89 25.41 4.60
C TRP A 349 18.73 24.46 3.43
N TYR A 350 17.80 23.51 3.53
CA TYR A 350 17.69 22.52 2.43
C TYR A 350 17.30 23.24 1.13
N ASP A 351 16.37 24.19 1.18
CA ASP A 351 15.91 24.93 -0.03
C ASP A 351 17.06 25.78 -0.59
N MET A 352 17.83 26.42 0.28
CA MET A 352 18.98 27.25 -0.18
C MET A 352 19.96 26.33 -0.91
N LEU A 353 20.17 25.13 -0.38
CA LEU A 353 21.08 24.15 -1.04
C LEU A 353 20.45 23.66 -2.33
N GLY A 354 19.10 23.61 -2.39
CA GLY A 354 18.43 22.98 -3.54
C GLY A 354 18.55 21.46 -3.57
N VAL A 355 18.18 20.75 -2.51
CA VAL A 355 18.15 19.25 -2.56
C VAL A 355 16.70 18.81 -2.41
N PRO A 356 16.04 18.21 -3.42
CA PRO A 356 14.60 17.91 -3.34
C PRO A 356 14.01 16.52 -3.10
N GLU A 357 14.81 15.50 -2.79
CA GLU A 357 14.24 14.14 -2.65
C GLU A 357 13.17 14.19 -1.58
N ASP A 358 11.98 13.66 -1.87
CA ASP A 358 10.82 13.78 -0.94
C ASP A 358 10.34 15.24 -1.00
N ASP A 395 51.37 12.27 27.17
CA ASP A 395 51.49 12.46 28.64
C ASP A 395 50.58 13.62 29.08
N LEU A 396 50.18 14.50 28.16
CA LEU A 396 49.21 15.58 28.50
C LEU A 396 47.85 14.98 28.22
N LEU A 397 47.83 13.77 27.71
CA LEU A 397 46.56 13.08 27.41
C LEU A 397 46.30 12.08 28.54
N ALA A 398 47.10 12.13 29.60
CA ALA A 398 46.91 11.26 30.77
C ALA A 398 45.56 11.56 31.40
N ASP A 399 44.90 10.57 31.98
CA ASP A 399 43.52 10.81 32.47
C ASP A 399 43.50 11.90 33.54
N GLU A 400 44.52 11.98 34.38
CA GLU A 400 44.47 12.94 35.49
C GLU A 400 44.38 14.36 34.95
N ASN A 401 45.05 14.65 33.85
CA ASN A 401 45.06 16.06 33.41
C ASN A 401 43.60 16.51 33.31
N PHE A 402 42.72 15.63 32.86
CA PHE A 402 41.30 16.00 32.61
C PHE A 402 40.37 15.88 33.81
N LEU A 403 40.84 15.44 34.98
CA LEU A 403 40.00 15.41 36.20
C LEU A 403 39.77 16.84 36.61
N MET A 404 38.55 17.22 36.95
CA MET A 404 38.27 18.64 37.19
C MET A 404 38.86 19.20 38.46
N VAL A 405 39.59 18.44 39.28
CA VAL A 405 40.32 19.07 40.40
C VAL A 405 41.51 19.83 39.82
N THR A 406 42.08 19.34 38.72
CA THR A 406 43.29 19.94 38.11
C THR A 406 42.93 20.92 37.02
N GLN A 407 41.65 21.25 36.86
CA GLN A 407 41.22 22.09 35.73
C GLN A 407 40.16 23.04 36.19
N LEU A 408 40.00 23.22 37.49
CA LEU A 408 38.90 24.10 37.91
C LEU A 408 39.37 24.98 39.06
N HIS A 409 39.03 26.25 39.02
CA HIS A 409 39.44 27.18 40.09
C HIS A 409 38.43 26.98 41.21
N TRP A 410 38.54 25.86 41.92
CA TRP A 410 37.57 25.50 42.96
C TRP A 410 37.80 26.31 44.21
N GLU A 411 38.86 27.08 44.25
CA GLU A 411 39.14 27.94 45.41
C GLU A 411 38.02 28.98 45.47
N ASP A 412 37.52 29.43 44.32
CA ASP A 412 36.51 30.51 44.30
C ASP A 412 35.27 30.06 45.03
N ASP A 413 35.01 28.77 45.05
CA ASP A 413 33.82 28.23 45.73
C ASP A 413 33.91 28.43 47.24
N ILE A 414 35.09 28.30 47.86
CA ILE A 414 35.17 28.33 49.35
C ILE A 414 34.41 29.55 49.83
N ILE A 415 33.43 29.40 50.72
CA ILE A 415 32.58 30.57 51.13
C ILE A 415 33.23 31.26 52.32
N TRP A 416 33.65 32.50 52.14
CA TRP A 416 34.31 33.27 53.22
C TRP A 416 33.35 34.38 53.62
N ASP A 417 32.98 34.50 54.89
CA ASP A 417 32.16 35.66 55.35
C ASP A 417 30.94 35.77 54.44
N GLY A 418 30.27 34.66 54.16
CA GLY A 418 29.17 34.78 53.20
C GLY A 418 28.05 35.63 53.74
N GLU A 419 27.24 36.23 52.87
CA GLU A 419 26.15 37.15 53.28
C GLU A 419 25.67 37.86 52.02
N PRO A 463 11.16 5.70 47.09
CA PRO A 463 11.18 6.50 45.86
C PRO A 463 10.61 5.79 44.63
N TRP A 464 9.30 5.51 44.62
CA TRP A 464 8.69 4.76 43.51
C TRP A 464 8.89 5.51 42.20
N TYR A 465 8.76 6.84 42.20
CA TYR A 465 9.12 7.63 41.01
C TYR A 465 10.45 8.30 41.35
N SER A 466 11.24 8.74 40.37
CA SER A 466 12.60 9.25 40.68
C SER A 466 12.61 10.44 41.62
N ILE A 467 13.52 10.45 42.59
CA ILE A 467 13.74 11.59 43.52
C ILE A 467 14.65 12.52 42.75
N PHE A 468 15.68 11.98 42.07
CA PHE A 468 16.61 12.81 41.26
C PHE A 468 16.11 12.94 39.82
N PRO A 469 16.55 13.98 39.09
CA PRO A 469 16.23 14.15 37.68
C PRO A 469 16.96 13.17 36.75
N ILE A 470 16.45 12.96 35.55
CA ILE A 470 17.05 11.96 34.61
C ILE A 470 17.84 12.73 33.57
N ASP A 471 19.12 12.41 33.38
CA ASP A 471 20.01 13.21 32.51
C ASP A 471 19.85 12.90 31.01
N ASN A 472 20.34 13.76 30.14
CA ASN A 472 20.24 13.46 28.69
C ASN A 472 21.11 12.25 28.40
N GLU A 473 20.52 11.12 28.03
CA GLU A 473 21.29 9.88 27.76
C GLU A 473 22.24 10.11 26.60
N ASP A 474 21.83 10.88 25.60
CA ASP A 474 22.71 11.18 24.46
C ASP A 474 23.95 11.96 24.89
N LEU A 475 23.81 12.97 25.74
CA LEU A 475 24.97 13.75 26.24
C LEU A 475 25.80 12.89 27.16
N VAL A 476 25.14 12.22 28.10
CA VAL A 476 25.86 11.37 29.08
C VAL A 476 26.55 10.19 28.39
N TYR A 477 25.89 9.57 27.41
CA TYR A 477 26.43 8.32 26.82
C TYR A 477 26.91 8.46 25.38
N GLY A 478 26.16 9.09 24.49
CA GLY A 478 26.51 9.15 23.06
C GLY A 478 27.84 9.78 22.74
N ARG A 479 28.39 9.47 21.58
CA ARG A 479 29.67 10.08 21.16
C ARG A 479 29.31 11.22 20.23
N TRP A 480 28.89 12.33 20.79
CA TRP A 480 28.52 13.50 19.98
C TRP A 480 29.78 14.02 19.33
N GLU A 481 30.93 13.64 19.87
CA GLU A 481 32.21 14.14 19.35
C GLU A 481 32.32 13.72 17.90
N ASP A 482 31.61 12.65 17.52
CA ASP A 482 31.61 12.16 16.11
C ASP A 482 30.79 13.06 15.19
N ASN A 483 30.11 14.08 15.71
CA ASN A 483 29.48 15.06 14.79
C ASN A 483 30.36 16.30 14.65
N ILE A 484 31.55 16.34 15.24
CA ILE A 484 32.45 17.52 15.00
C ILE A 484 33.07 17.35 13.61
N ILE A 485 32.96 18.36 12.75
CA ILE A 485 33.57 18.29 11.39
C ILE A 485 34.98 18.87 11.47
N TRP A 486 36.00 18.02 11.66
CA TRP A 486 37.40 18.49 11.81
C TRP A 486 37.95 19.06 10.49
N ASP A 487 37.70 18.38 9.38
CA ASP A 487 38.14 18.88 8.06
C ASP A 487 36.94 18.79 7.11
N ALA A 488 36.58 19.91 6.48
CA ALA A 488 35.37 19.89 5.63
C ALA A 488 35.56 18.94 4.45
N GLN A 489 36.68 19.06 3.72
CA GLN A 489 36.94 18.22 2.53
C GLN A 489 37.23 16.76 2.91
N ALA A 490 38.12 16.57 3.88
CA ALA A 490 38.51 15.19 4.31
C ALA A 490 37.64 14.75 5.50
N MET A 491 36.36 14.46 5.25
CA MET A 491 35.48 14.11 6.40
C MET A 491 35.49 12.59 6.52
N PRO A 492 35.89 12.02 7.69
CA PRO A 492 36.20 10.60 7.79
C PRO A 492 34.97 9.76 7.43
N ARG A 493 33.79 10.18 7.86
CA ARG A 493 32.55 9.44 7.53
C ARG A 493 31.60 10.33 6.73
N LEU A 494 30.45 9.79 6.31
CA LEU A 494 29.42 10.57 5.59
C LEU A 494 28.26 10.87 6.53
N LEU A 495 27.99 12.16 6.79
CA LEU A 495 26.89 12.56 7.69
C LEU A 495 25.54 12.48 6.96
N GLU A 496 24.44 12.39 7.71
CA GLU A 496 23.10 12.22 7.09
C GLU A 496 22.14 13.28 7.65
N PRO A 497 21.05 13.65 6.95
CA PRO A 497 20.08 14.59 7.50
C PRO A 497 19.48 14.03 8.80
N PRO A 498 19.23 14.88 9.79
CA PRO A 498 18.72 14.42 11.10
C PRO A 498 17.22 14.73 11.21
N VAL A 499 16.42 13.72 11.60
CA VAL A 499 14.95 13.90 11.74
C VAL A 499 14.67 14.44 13.15
N LEU A 500 13.62 15.26 13.31
CA LEU A 500 13.26 15.80 14.65
C LEU A 500 12.71 14.64 15.48
N THR A 501 13.21 14.48 16.72
CA THR A 501 12.82 13.31 17.55
C THR A 501 11.93 13.69 18.73
N LEU A 502 11.77 14.98 19.05
CA LEU A 502 10.78 15.40 20.08
C LEU A 502 10.85 14.57 21.37
N ASP A 503 11.98 14.55 22.05
CA ASP A 503 12.12 13.72 23.28
C ASP A 503 11.01 14.11 24.26
N PRO A 504 10.24 13.15 24.80
CA PRO A 504 9.19 13.43 25.78
C PRO A 504 9.67 13.38 27.24
N ASN A 505 10.93 13.01 27.47
CA ASN A 505 11.51 13.03 28.84
C ASN A 505 11.55 14.47 29.34
N ASP A 506 11.81 15.42 28.44
CA ASP A 506 11.90 16.85 28.83
C ASP A 506 10.52 17.38 29.21
N GLU A 507 10.40 18.04 30.35
CA GLU A 507 9.13 18.70 30.73
C GLU A 507 9.12 20.04 29.99
N ASN A 508 8.01 20.77 30.03
CA ASN A 508 7.87 22.08 29.33
C ASN A 508 7.48 21.81 27.88
N LEU A 509 7.42 20.54 27.48
CA LEU A 509 6.91 20.20 26.12
C LEU A 509 5.54 19.57 26.38
N ILE A 510 4.49 20.07 25.72
CA ILE A 510 3.11 19.58 26.02
C ILE A 510 3.03 18.07 25.73
N LEU A 511 3.64 17.63 24.64
CA LEU A 511 3.63 16.18 24.28
C LEU A 511 5.08 15.66 24.21
N PRO A 564 -27.53 28.06 10.69
CA PRO A 564 -27.29 27.31 9.45
C PRO A 564 -28.31 26.20 9.29
N TRP A 565 -29.17 26.07 10.28
CA TRP A 565 -30.18 25.03 10.35
C TRP A 565 -31.48 25.61 10.87
N ASN A 566 -32.36 24.70 11.30
CA ASN A 566 -33.69 25.08 11.74
C ASN A 566 -33.63 25.91 13.02
N LEU A 567 -33.13 25.31 14.11
CA LEU A 567 -32.87 25.94 15.41
C LEU A 567 -34.10 26.48 16.12
N SER A 568 -35.27 26.27 15.55
CA SER A 568 -36.53 26.61 16.19
C SER A 568 -37.07 25.34 16.79
N ASN A 569 -37.15 25.29 18.11
CA ASN A 569 -37.65 24.11 18.80
C ASN A 569 -39.16 24.05 18.59
N ASP A 570 -39.55 23.54 17.42
CA ASP A 570 -40.94 23.59 17.01
C ASP A 570 -41.76 22.44 17.55
N GLU A 571 -41.14 21.30 17.82
CA GLU A 571 -41.88 20.16 18.34
C GLU A 571 -42.31 20.34 19.78
N TYR A 572 -41.77 21.34 20.47
CA TYR A 572 -42.15 21.65 21.84
C TYR A 572 -43.12 22.81 21.93
N TYR A 573 -43.18 23.67 20.92
CA TYR A 573 -44.11 24.78 20.90
C TYR A 573 -45.37 24.44 20.13
N TYR A 574 -45.25 23.72 19.03
CA TYR A 574 -46.38 23.34 18.18
C TYR A 574 -46.25 21.84 17.95
N PRO A 575 -46.92 21.01 18.76
CA PRO A 575 -46.55 19.58 18.80
C PRO A 575 -47.08 18.77 17.63
N LYS A 576 -47.96 19.36 16.81
CA LYS A 576 -48.48 18.66 15.60
C LYS A 576 -47.65 19.06 14.39
N ILE A 588 -63.71 23.53 5.55
CA ILE A 588 -63.82 23.68 4.10
C ILE A 588 -64.96 22.79 3.59
N ILE A 589 -65.16 21.65 4.26
CA ILE A 589 -66.21 20.71 3.87
C ILE A 589 -67.54 21.23 4.43
N GLN A 590 -68.50 21.43 3.53
CA GLN A 590 -69.84 21.92 3.95
C GLN A 590 -70.85 20.79 3.81
N HIS A 591 -71.26 20.19 4.93
CA HIS A 591 -72.24 19.13 4.92
C HIS A 591 -73.63 19.70 4.66
N SER A 592 -74.59 18.82 4.43
CA SER A 592 -75.96 19.24 4.24
C SER A 592 -76.53 19.76 5.55
N ILE A 593 -77.53 20.63 5.42
CA ILE A 593 -78.23 21.20 6.58
C ILE A 593 -78.91 20.13 7.43
N PRO A 594 -79.41 19.00 6.91
CA PRO A 594 -79.73 17.89 7.82
C PRO A 594 -78.53 17.30 8.55
N ALA A 595 -77.32 17.40 8.01
CA ALA A 595 -76.19 16.76 8.67
C ALA A 595 -75.59 17.65 9.75
N VAL A 596 -75.45 18.95 9.49
CA VAL A 596 -74.90 19.85 10.50
C VAL A 596 -75.88 20.14 11.62
N GLU A 597 -77.16 19.84 11.44
CA GLU A 597 -78.14 20.01 12.49
C GLU A 597 -78.45 18.71 13.22
N LEU A 598 -77.77 17.62 12.85
CA LEU A 598 -77.76 16.34 13.56
C LEU A 598 -79.16 15.73 13.65
N ARG A 599 -79.90 15.80 12.55
CA ARG A 599 -81.29 15.36 12.54
C ARG A 599 -81.36 13.84 12.60
N GLN A 600 -82.31 13.35 13.37
CA GLN A 600 -82.33 11.99 13.91
C GLN A 600 -82.49 10.80 12.98
N PRO A 601 -83.05 10.88 11.77
CA PRO A 601 -82.87 9.74 10.85
C PRO A 601 -81.42 9.51 10.47
N PHE A 602 -80.71 10.59 10.16
CA PHE A 602 -79.36 10.49 9.61
C PHE A 602 -78.33 10.25 10.70
N PHE A 603 -78.52 10.85 11.87
CA PHE A 603 -77.63 10.69 13.01
C PHE A 603 -78.43 10.12 14.17
N PRO A 604 -78.39 8.82 14.40
CA PRO A 604 -79.25 8.22 15.42
C PRO A 604 -78.78 8.54 16.84
N THR A 605 -79.76 8.73 17.73
CA THR A 605 -79.46 9.03 19.12
C THR A 605 -78.98 7.79 19.86
N HIS A 606 -79.55 6.64 19.53
CA HIS A 606 -79.23 5.40 20.23
C HIS A 606 -79.19 4.26 19.23
N MET A 607 -78.18 3.42 19.36
CA MET A 607 -78.04 2.24 18.53
C MET A 607 -77.92 1.03 19.44
N GLY A 608 -78.87 0.10 19.31
CA GLY A 608 -78.86 -1.11 20.09
C GLY A 608 -77.83 -2.09 19.60
N PRO A 609 -77.81 -3.28 20.21
CA PRO A 609 -76.81 -4.28 19.83
C PRO A 609 -77.02 -4.84 18.43
N ILE A 610 -78.27 -5.15 18.05
CA ILE A 610 -78.53 -5.65 16.71
C ILE A 610 -78.39 -4.55 15.67
N LYS A 611 -78.51 -3.29 16.07
CA LYS A 611 -78.25 -2.19 15.16
C LYS A 611 -76.79 -1.79 15.15
N LEU A 612 -76.01 -2.19 16.14
CA LEU A 612 -74.57 -1.97 16.10
C LEU A 612 -73.86 -3.08 15.34
N ARG A 613 -74.42 -4.28 15.32
CA ARG A 613 -73.87 -5.32 14.46
C ARG A 613 -74.14 -5.02 13.00
N GLN A 614 -75.30 -4.48 12.69
CA GLN A 614 -75.60 -4.00 11.35
C GLN A 614 -75.27 -2.52 11.20
N PHE A 615 -74.06 -2.14 11.59
CA PHE A 615 -73.62 -0.75 11.47
C PHE A 615 -73.07 -0.56 10.05
N HIS A 616 -73.65 0.40 9.33
CA HIS A 616 -73.41 0.71 7.92
C HIS A 616 -73.77 -0.42 6.98
N ARG A 617 -74.49 -1.43 7.46
CA ARG A 617 -75.05 -2.49 6.62
C ARG A 617 -76.52 -2.64 6.98
N PRO A 618 -77.37 -1.71 6.56
CA PRO A 618 -78.76 -1.74 6.97
C PRO A 618 -79.56 -2.73 6.16
N PRO A 619 -80.26 -3.66 6.80
CA PRO A 619 -81.00 -4.69 6.07
C PRO A 619 -82.22 -4.11 5.38
N LEU A 620 -82.79 -4.89 4.49
CA LEU A 620 -83.93 -4.45 3.71
C LEU A 620 -85.18 -4.65 4.56
N LYS A 621 -85.74 -3.57 5.11
CA LYS A 621 -86.84 -3.73 6.05
C LYS A 621 -88.16 -3.92 5.33
N LYS A 622 -89.02 -4.71 5.94
CA LYS A 622 -90.38 -4.90 5.44
C LYS A 622 -91.26 -3.76 5.96
N TYR A 623 -92.05 -3.18 5.07
CA TYR A 623 -92.94 -2.11 5.46
C TYR A 623 -94.23 -2.69 6.03
N SER A 624 -94.80 -1.96 7.00
CA SER A 624 -96.08 -2.35 7.57
C SER A 624 -97.24 -1.66 6.87
N PHE A 625 -97.12 -0.37 6.60
CA PHE A 625 -98.10 0.36 5.81
C PHE A 625 -97.42 0.97 4.60
N GLY A 626 -98.18 1.09 3.51
CA GLY A 626 -97.68 1.65 2.27
C GLY A 626 -98.06 0.78 1.09
N ALA A 627 -97.57 1.18 -0.09
CA ALA A 627 -97.86 0.44 -1.30
C ALA A 627 -97.02 -0.83 -1.41
N LEU A 628 -95.79 -0.79 -0.93
CA LEU A 628 -94.95 -2.00 -0.95
C LEU A 628 -95.26 -2.94 0.19
N SER A 629 -96.03 -2.51 1.20
CA SER A 629 -96.38 -3.39 2.29
C SER A 629 -97.39 -4.45 1.86
N GLN A 630 -98.20 -4.16 0.84
CA GLN A 630 -99.14 -5.19 0.30
C GLN A 630 -98.34 -6.21 -0.52
N PRO A 631 -98.43 -7.52 -0.24
CA PRO A 631 -97.64 -8.53 -0.94
C PRO A 631 -98.05 -8.67 -2.42
N GLY A 632 -97.07 -8.87 -3.30
CA GLY A 632 -97.37 -9.10 -4.73
C GLY A 632 -96.27 -8.56 -5.64
N PRO A 633 -96.40 -8.63 -6.97
CA PRO A 633 -95.42 -8.04 -7.88
C PRO A 633 -95.55 -6.51 -7.83
N HIS A 634 -94.43 -5.79 -7.98
CA HIS A 634 -94.46 -4.31 -7.92
C HIS A 634 -93.63 -3.73 -9.07
N SER A 635 -94.22 -2.85 -9.89
CA SER A 635 -93.49 -2.31 -11.02
C SER A 635 -92.43 -1.32 -10.57
N VAL A 636 -91.25 -1.42 -11.17
CA VAL A 636 -90.24 -0.39 -10.93
C VAL A 636 -90.53 0.75 -11.88
N GLN A 637 -90.10 1.96 -11.50
CA GLN A 637 -90.45 3.13 -12.27
C GLN A 637 -89.17 3.83 -12.73
N PRO A 638 -89.04 4.11 -14.02
CA PRO A 638 -87.84 4.82 -14.49
C PRO A 638 -87.88 6.26 -14.03
N LEU A 639 -86.70 6.81 -13.71
CA LEU A 639 -86.64 8.23 -13.26
C LEU A 639 -85.58 9.02 -14.04
N LEU A 640 -85.79 9.27 -15.33
CA LEU A 640 -84.87 10.03 -16.17
C LEU A 640 -85.47 11.37 -16.56
N LYS A 641 -86.80 11.46 -16.61
CA LYS A 641 -87.43 12.76 -16.69
C LYS A 641 -87.26 13.49 -15.36
N HIS A 642 -87.26 12.75 -14.25
CA HIS A 642 -87.11 13.37 -12.93
C HIS A 642 -85.69 13.89 -12.75
N ILE A 643 -84.70 13.14 -13.23
CA ILE A 643 -83.31 13.53 -13.07
C ILE A 643 -83.01 14.78 -13.88
N LYS A 644 -83.40 14.79 -15.16
CA LYS A 644 -83.12 15.95 -15.98
C LYS A 644 -83.99 17.14 -15.66
N LYS A 645 -85.22 16.93 -15.15
CA LYS A 645 -86.02 18.05 -14.68
C LYS A 645 -85.41 18.69 -13.44
N LYS A 646 -84.92 17.88 -12.51
CA LYS A 646 -84.29 18.43 -11.32
C LYS A 646 -82.96 19.10 -11.64
N ALA A 647 -82.21 18.56 -12.61
CA ALA A 647 -80.94 19.18 -12.96
C ALA A 647 -81.15 20.49 -13.71
N LYS A 648 -82.16 20.55 -14.58
CA LYS A 648 -82.50 21.80 -15.25
C LYS A 648 -83.01 22.83 -14.26
N MET A 649 -83.77 22.39 -13.25
CA MET A 649 -84.27 23.31 -12.24
C MET A 649 -83.15 23.85 -11.37
N ARG A 650 -82.19 23.00 -11.00
CA ARG A 650 -81.04 23.47 -10.23
C ARG A 650 -80.13 24.39 -11.03
N GLU A 651 -80.02 24.16 -12.34
CA GLU A 651 -79.26 25.09 -13.17
C GLU A 651 -79.97 26.43 -13.32
N GLN A 652 -81.31 26.42 -13.37
CA GLN A 652 -82.04 27.67 -13.37
C GLN A 652 -81.87 28.43 -12.05
N GLU A 653 -81.85 27.70 -10.93
CA GLU A 653 -81.60 28.32 -9.63
C GLU A 653 -80.20 28.91 -9.57
N ARG A 654 -79.22 28.23 -10.13
CA ARG A 654 -77.85 28.72 -10.08
C ARG A 654 -77.65 29.92 -10.98
N GLN A 655 -78.26 29.92 -12.17
CA GLN A 655 -78.15 31.07 -13.06
C GLN A 655 -79.02 32.23 -12.62
N ALA A 656 -80.03 32.00 -11.80
CA ALA A 656 -80.80 33.11 -11.26
C ALA A 656 -80.09 33.77 -10.09
N SER A 657 -79.17 33.05 -9.43
CA SER A 657 -78.46 33.55 -8.28
C SER A 657 -77.11 34.14 -8.65
N GLY A 658 -76.88 34.46 -9.92
CA GLY A 658 -75.65 35.10 -10.33
C GLY A 658 -74.66 34.20 -11.04
N GLY A 659 -74.91 32.91 -11.10
CA GLY A 659 -74.12 32.03 -11.92
C GLY A 659 -72.94 31.37 -11.23
N GLY A 660 -72.66 31.71 -9.98
CA GLY A 660 -71.54 31.13 -9.27
C GLY A 660 -71.85 29.73 -8.78
N GLU A 661 -71.04 29.26 -7.84
CA GLU A 661 -71.35 27.96 -7.26
C GLU A 661 -72.30 28.16 -6.10
N MET A 662 -73.29 27.27 -5.98
CA MET A 662 -74.39 27.41 -5.06
C MET A 662 -74.35 26.27 -4.05
N PHE A 663 -75.14 26.42 -2.99
CA PHE A 663 -75.34 25.39 -1.99
C PHE A 663 -76.78 24.90 -2.11
N PHE A 664 -76.96 23.63 -2.44
CA PHE A 664 -78.26 23.10 -2.78
C PHE A 664 -78.87 22.18 -1.72
N MET A 665 -78.05 21.49 -0.94
CA MET A 665 -78.54 20.46 -0.01
C MET A 665 -79.03 21.12 1.26
N ARG A 666 -80.26 21.63 1.22
CA ARG A 666 -80.83 22.38 2.32
C ARG A 666 -81.98 21.66 3.01
N THR A 667 -82.48 20.57 2.44
CA THR A 667 -83.65 19.85 2.91
C THR A 667 -83.26 18.38 2.93
N PRO A 668 -83.95 17.55 3.71
CA PRO A 668 -83.74 16.10 3.59
C PRO A 668 -84.10 15.54 2.23
N GLN A 669 -85.09 16.12 1.55
CA GLN A 669 -85.49 15.67 0.22
C GLN A 669 -84.48 16.03 -0.86
N ASP A 670 -83.45 16.81 -0.54
CA ASP A 670 -82.35 16.99 -1.47
C ASP A 670 -81.39 15.81 -1.46
N LEU A 671 -81.41 15.00 -0.40
CA LEU A 671 -80.45 13.92 -0.27
C LEU A 671 -80.96 12.59 -0.81
N THR A 672 -81.97 12.62 -1.67
CA THR A 672 -82.45 11.40 -2.27
C THR A 672 -81.53 10.95 -3.38
N GLY A 673 -81.60 9.65 -3.70
CA GLY A 673 -80.87 9.15 -4.83
C GLY A 673 -81.58 9.33 -6.15
N LYS A 674 -82.79 9.87 -6.14
CA LYS A 674 -83.59 10.02 -7.34
C LYS A 674 -83.11 11.13 -8.26
N ASP A 675 -82.12 11.93 -7.87
CA ASP A 675 -81.67 13.03 -8.70
C ASP A 675 -80.18 13.22 -8.52
N GLY A 676 -79.58 13.99 -9.42
CA GLY A 676 -78.15 14.24 -9.37
C GLY A 676 -77.35 13.08 -9.93
N ASP A 677 -76.06 13.33 -10.11
CA ASP A 677 -75.17 12.34 -10.68
C ASP A 677 -74.61 11.47 -9.56
N LEU A 678 -75.11 10.25 -9.46
CA LEU A 678 -74.65 9.31 -8.45
C LEU A 678 -73.43 8.55 -8.93
N ILE A 679 -72.46 8.38 -8.04
CA ILE A 679 -71.40 7.41 -8.20
C ILE A 679 -71.49 6.45 -7.02
N LEU A 680 -70.84 5.31 -7.16
CA LEU A 680 -70.77 4.39 -6.04
C LEU A 680 -69.35 4.35 -5.51
N ALA A 681 -69.21 4.02 -4.23
CA ALA A 681 -67.90 3.97 -3.58
C ALA A 681 -67.83 2.73 -2.71
N GLU A 682 -67.00 1.77 -3.09
CA GLU A 682 -66.85 0.51 -2.40
C GLU A 682 -65.64 0.60 -1.49
N TYR A 683 -65.69 -0.09 -0.35
CA TYR A 683 -64.58 -0.01 0.59
C TYR A 683 -63.80 -1.31 0.61
N SER A 684 -62.48 -1.21 0.74
CA SER A 684 -61.65 -2.40 0.75
C SER A 684 -61.68 -3.08 2.11
N GLU A 685 -61.59 -2.31 3.18
CA GLU A 685 -61.64 -2.88 4.52
C GLU A 685 -63.07 -3.26 4.88
N GLU A 686 -63.21 -4.23 5.79
CA GLU A 686 -64.53 -4.63 6.25
C GLU A 686 -65.12 -3.55 7.16
N ASN A 687 -64.42 -3.22 8.23
CA ASN A 687 -64.85 -2.19 9.17
C ASN A 687 -63.73 -1.14 9.25
N GLY A 688 -63.97 0.01 8.63
CA GLY A 688 -63.01 1.09 8.66
C GLY A 688 -63.00 1.77 10.01
N PRO A 689 -61.93 2.51 10.30
CA PRO A 689 -61.88 3.24 11.57
C PRO A 689 -62.84 4.40 11.62
N LEU A 690 -63.15 5.01 10.49
CA LEU A 690 -64.09 6.12 10.42
C LEU A 690 -64.92 5.96 9.15
N MET A 691 -66.16 6.41 9.22
CA MET A 691 -67.06 6.24 8.09
C MET A 691 -68.13 7.31 8.14
N MET A 692 -68.47 7.84 6.97
CA MET A 692 -69.38 8.97 6.88
C MET A 692 -70.81 8.54 7.11
N GLN A 693 -71.59 9.39 7.78
CA GLN A 693 -73.02 9.19 7.89
C GLN A 693 -73.71 9.73 6.64
N VAL A 694 -75.00 9.44 6.55
CA VAL A 694 -75.80 9.91 5.42
C VAL A 694 -76.03 11.41 5.56
N GLY A 695 -75.70 12.15 4.51
CA GLY A 695 -75.88 13.58 4.50
C GLY A 695 -74.59 14.36 4.57
N MET A 696 -73.46 13.69 4.78
CA MET A 696 -72.19 14.37 4.92
C MET A 696 -71.48 14.46 3.59
N ALA A 697 -70.65 15.48 3.46
CA ALA A 697 -69.98 15.78 2.20
C ALA A 697 -68.55 15.29 2.23
N THR A 698 -68.02 15.02 1.03
CA THR A 698 -66.61 14.69 0.85
C THR A 698 -66.19 15.24 -0.49
N LYS A 699 -64.88 15.41 -0.68
CA LYS A 699 -64.34 15.97 -1.89
C LYS A 699 -63.43 14.95 -2.56
N ILE A 700 -63.29 15.06 -3.87
CA ILE A 700 -62.35 14.23 -4.61
C ILE A 700 -61.19 15.11 -5.07
N LYS A 701 -60.00 14.80 -4.56
CA LYS A 701 -58.78 15.52 -4.90
C LYS A 701 -57.90 14.61 -5.72
N ASN A 702 -57.44 15.09 -6.86
CA ASN A 702 -56.55 14.35 -7.75
C ASN A 702 -55.14 14.87 -7.53
N TYR A 703 -54.36 14.13 -6.74
CA TYR A 703 -52.98 14.52 -6.48
C TYR A 703 -52.10 14.10 -7.65
N TYR A 704 -51.37 15.05 -8.22
CA TYR A 704 -50.56 14.79 -9.40
C TYR A 704 -49.15 15.33 -9.20
N LYS A 705 -48.18 14.43 -9.10
CA LYS A 705 -46.78 14.81 -9.03
C LYS A 705 -46.23 14.99 -10.44
N ARG A 706 -45.68 16.17 -10.70
CA ARG A 706 -45.25 16.45 -12.08
C ARG A 706 -44.05 15.56 -12.41
N LYS A 707 -43.74 15.39 -13.69
CA LYS A 707 -42.52 14.64 -14.05
C LYS A 707 -41.31 15.52 -13.79
N PRO A 708 -40.08 14.99 -13.63
CA PRO A 708 -38.90 15.81 -13.45
C PRO A 708 -38.78 16.70 -14.69
N GLY A 709 -38.49 17.98 -14.48
CA GLY A 709 -38.45 18.91 -15.62
C GLY A 709 -39.79 19.03 -16.32
N LYS A 710 -39.79 18.87 -17.64
CA LYS A 710 -41.03 19.11 -18.45
C LYS A 710 -42.09 18.04 -18.19
N ASP A 711 -43.37 18.44 -18.07
CA ASP A 711 -44.48 17.46 -17.96
C ASP A 711 -45.67 17.97 -18.78
N PRO A 712 -46.44 17.10 -19.46
CA PRO A 712 -47.55 17.54 -20.30
C PRO A 712 -48.64 18.25 -19.49
N GLY A 713 -48.98 17.73 -18.30
CA GLY A 713 -50.08 18.27 -17.48
C GLY A 713 -50.83 17.11 -16.85
N ALA A 714 -51.65 17.36 -15.82
CA ALA A 714 -52.29 16.24 -15.11
C ALA A 714 -53.16 15.46 -16.08
N PRO A 715 -53.14 14.11 -16.07
CA PRO A 715 -54.04 13.37 -16.93
C PRO A 715 -55.38 13.90 -16.43
N ASP A 716 -56.26 14.32 -17.33
CA ASP A 716 -57.52 14.93 -16.86
C ASP A 716 -58.46 13.83 -16.31
N CYS A 717 -59.28 14.16 -15.29
CA CYS A 717 -60.19 13.16 -14.68
C CYS A 717 -61.61 13.72 -14.61
N LYS A 718 -62.61 12.85 -14.75
CA LYS A 718 -64.02 13.30 -14.82
C LYS A 718 -64.47 13.95 -13.53
N TYR A 719 -64.01 13.48 -12.38
CA TYR A 719 -64.53 13.93 -11.08
C TYR A 719 -63.39 14.45 -10.20
N GLY A 720 -63.66 15.49 -9.45
CA GLY A 720 -62.72 16.06 -8.51
C GLY A 720 -61.94 17.23 -9.10
N GLU A 721 -61.14 17.85 -8.25
CA GLU A 721 -60.25 18.91 -8.68
C GLU A 721 -58.81 18.43 -8.55
N THR A 722 -57.93 18.93 -9.42
CA THR A 722 -56.55 18.49 -9.42
C THR A 722 -55.70 19.41 -8.56
N VAL A 723 -54.76 18.82 -7.82
CA VAL A 723 -53.79 19.55 -7.02
C VAL A 723 -52.44 18.89 -7.20
N TYR A 724 -51.40 19.72 -7.28
CA TYR A 724 -50.04 19.21 -7.53
C TYR A 724 -49.33 18.96 -6.20
N CYS A 725 -49.10 17.70 -5.84
CA CYS A 725 -48.56 17.39 -4.50
C CYS A 725 -47.09 17.04 -4.50
N HIS A 726 -46.24 17.97 -4.04
CA HIS A 726 -44.78 17.68 -3.92
C HIS A 726 -44.57 16.84 -2.65
N THR A 727 -45.41 17.05 -1.63
CA THR A 727 -45.33 16.24 -0.40
C THR A 727 -46.51 15.28 -0.41
N SER A 728 -46.24 13.99 -0.46
CA SER A 728 -47.33 13.02 -0.60
C SER A 728 -48.22 13.12 0.62
N PRO A 729 -49.55 13.18 0.44
CA PRO A 729 -50.43 13.16 1.57
C PRO A 729 -50.35 11.79 2.23
N PHE A 730 -50.37 10.71 1.48
CA PHE A 730 -50.44 9.36 2.08
C PHE A 730 -49.08 8.91 2.63
N LEU A 731 -49.00 7.65 3.09
CA LEU A 731 -47.77 7.15 3.71
C LEU A 731 -46.66 6.99 2.68
N GLY A 732 -46.97 6.42 1.53
CA GLY A 732 -46.02 6.36 0.44
C GLY A 732 -45.90 7.68 -0.27
N SER A 733 -45.02 7.71 -1.28
CA SER A 733 -44.79 8.90 -2.07
C SER A 733 -45.17 8.62 -3.52
N LEU A 734 -45.75 9.63 -4.17
CA LEU A 734 -46.20 9.48 -5.54
C LEU A 734 -45.01 9.39 -6.48
N HIS A 735 -45.15 8.58 -7.53
CA HIS A 735 -44.16 8.53 -8.57
C HIS A 735 -44.24 9.81 -9.41
N PRO A 736 -43.16 10.15 -10.13
CA PRO A 736 -43.26 11.28 -11.08
C PRO A 736 -44.20 10.95 -12.22
N GLY A 737 -45.17 11.83 -12.44
CA GLY A 737 -46.15 11.62 -13.48
C GLY A 737 -47.28 10.70 -13.09
N GLN A 738 -47.51 10.50 -11.80
CA GLN A 738 -48.57 9.63 -11.33
C GLN A 738 -49.67 10.46 -10.68
N LEU A 739 -50.88 10.34 -11.22
CA LEU A 739 -52.07 10.95 -10.65
C LEU A 739 -52.81 9.91 -9.82
N LEU A 740 -53.12 10.28 -8.58
CA LEU A 740 -53.87 9.44 -7.66
C LEU A 740 -55.06 10.23 -7.13
N GLN A 741 -56.26 9.73 -7.38
CA GLN A 741 -57.45 10.33 -6.82
C GLN A 741 -57.64 9.92 -5.37
N ALA A 742 -58.31 10.76 -4.60
CA ALA A 742 -58.54 10.43 -3.20
C ALA A 742 -59.78 11.14 -2.67
N PHE A 743 -60.54 10.43 -1.84
CA PHE A 743 -61.54 11.07 -1.00
C PHE A 743 -60.86 11.86 0.10
N GLU A 744 -61.22 13.14 0.20
CA GLU A 744 -60.70 14.03 1.22
C GLU A 744 -61.87 14.69 1.92
N ASN A 745 -61.95 14.55 3.23
CA ASN A 745 -62.91 15.25 4.06
C ASN A 745 -62.26 15.47 5.42
N ASN A 746 -63.07 15.82 6.42
CA ASN A 746 -62.55 16.01 7.77
C ASN A 746 -62.30 14.71 8.48
N LEU A 747 -62.94 13.62 8.05
CA LEU A 747 -62.83 12.36 8.77
C LEU A 747 -61.57 11.61 8.40
N PHE A 748 -61.36 11.35 7.11
CA PHE A 748 -60.20 10.59 6.68
C PHE A 748 -59.68 11.17 5.38
N ARG A 749 -58.70 10.47 4.81
CA ARG A 749 -58.27 10.72 3.44
C ARG A 749 -57.88 9.37 2.87
N ALA A 750 -58.49 8.99 1.76
CA ALA A 750 -58.25 7.62 1.33
C ALA A 750 -58.14 7.55 -0.19
N PRO A 751 -57.20 6.75 -0.70
CA PRO A 751 -57.01 6.65 -2.15
C PRO A 751 -58.14 5.87 -2.80
N ILE A 752 -58.73 6.46 -3.82
CA ILE A 752 -59.85 5.86 -4.53
C ILE A 752 -59.42 5.55 -5.96
N TYR A 753 -60.07 4.56 -6.55
CA TYR A 753 -59.68 4.07 -7.87
C TYR A 753 -60.94 3.86 -8.70
N LEU A 754 -61.05 4.57 -9.81
CA LEU A 754 -62.26 4.53 -10.62
C LEU A 754 -62.29 3.25 -11.44
N HIS A 755 -63.37 2.48 -11.30
CA HIS A 755 -63.64 1.32 -12.11
C HIS A 755 -64.99 1.52 -12.78
N LYS A 756 -65.14 0.91 -13.96
CA LYS A 756 -66.43 0.91 -14.61
C LYS A 756 -67.33 -0.14 -13.97
N MET A 757 -68.63 0.13 -13.99
CA MET A 757 -69.60 -0.76 -13.37
C MET A 757 -69.70 -2.07 -14.15
N PRO A 758 -70.20 -3.13 -13.52
CA PRO A 758 -70.54 -4.33 -14.28
C PRO A 758 -71.68 -4.05 -15.24
N GLU A 759 -71.76 -4.86 -16.29
CA GLU A 759 -72.77 -4.61 -17.30
C GLU A 759 -74.15 -5.11 -16.90
N THR A 760 -74.26 -5.81 -15.77
CA THR A 760 -75.50 -6.43 -15.34
C THR A 760 -76.18 -5.72 -14.18
N ASP A 761 -75.47 -4.86 -13.47
CA ASP A 761 -75.95 -4.30 -12.22
C ASP A 761 -76.61 -2.95 -12.43
N PHE A 762 -77.80 -2.79 -11.86
CA PHE A 762 -78.53 -1.54 -11.81
C PHE A 762 -78.76 -1.18 -10.34
N LEU A 763 -79.28 0.00 -10.07
CA LEU A 763 -79.48 0.45 -8.70
C LEU A 763 -80.97 0.69 -8.47
N ILE A 764 -81.55 -0.08 -7.56
CA ILE A 764 -82.97 0.03 -7.23
C ILE A 764 -83.10 0.79 -5.91
N ILE A 765 -83.76 1.92 -5.97
CA ILE A 765 -84.08 2.74 -4.81
C ILE A 765 -85.51 2.39 -4.44
N ARG A 766 -85.70 1.69 -3.33
CA ARG A 766 -87.04 1.40 -2.87
C ARG A 766 -87.40 2.35 -1.74
N THR A 767 -88.62 2.86 -1.80
CA THR A 767 -89.24 3.64 -0.75
C THR A 767 -90.57 2.97 -0.42
N ARG A 768 -91.38 3.65 0.38
CA ARG A 768 -92.66 3.09 0.77
C ARG A 768 -93.63 3.02 -0.39
N GLN A 769 -93.47 3.91 -1.38
CA GLN A 769 -94.41 4.02 -2.48
C GLN A 769 -94.10 3.08 -3.64
N GLY A 770 -92.83 2.87 -3.96
CA GLY A 770 -92.52 1.96 -5.04
C GLY A 770 -91.03 1.84 -5.25
N TYR A 771 -90.69 1.08 -6.27
CA TYR A 771 -89.30 0.87 -6.68
C TYR A 771 -88.94 1.85 -7.80
N TYR A 772 -87.70 2.29 -7.80
CA TYR A 772 -87.18 3.18 -8.81
C TYR A 772 -85.84 2.65 -9.26
N ILE A 773 -85.47 2.82 -10.53
CA ILE A 773 -84.25 2.21 -11.04
C ILE A 773 -83.40 3.28 -11.72
N ARG A 774 -82.11 3.29 -11.37
CA ARG A 774 -81.10 4.05 -12.09
C ARG A 774 -80.08 3.09 -12.65
N GLU A 775 -79.39 3.51 -13.71
CA GLU A 775 -78.16 2.81 -14.02
C GLU A 775 -77.01 3.52 -13.31
N LEU A 776 -75.94 2.77 -13.08
CA LEU A 776 -74.70 3.33 -12.63
C LEU A 776 -73.62 3.04 -13.66
N VAL A 777 -72.69 3.98 -13.80
CA VAL A 777 -71.58 3.81 -14.71
C VAL A 777 -70.23 3.95 -14.01
N ASP A 778 -70.14 4.62 -12.86
CA ASP A 778 -68.88 4.88 -12.18
C ASP A 778 -68.91 4.31 -10.77
N ILE A 779 -67.92 3.48 -10.45
CA ILE A 779 -67.79 2.94 -9.10
C ILE A 779 -66.33 3.02 -8.69
N PHE A 780 -66.07 3.66 -7.57
CA PHE A 780 -64.74 3.81 -7.05
C PHE A 780 -64.47 2.71 -6.04
N VAL A 781 -63.21 2.29 -5.95
CA VAL A 781 -62.77 1.41 -4.88
C VAL A 781 -61.90 2.22 -3.95
N VAL A 782 -62.24 2.23 -2.69
CA VAL A 782 -61.58 3.07 -1.70
C VAL A 782 -60.56 2.21 -0.99
N GLY A 783 -59.30 2.66 -1.01
CA GLY A 783 -58.25 1.93 -0.36
C GLY A 783 -58.27 2.05 1.15
N GLN A 784 -57.12 1.81 1.78
CA GLN A 784 -57.03 1.91 3.22
C GLN A 784 -57.07 3.37 3.64
N GLN A 785 -57.94 3.67 4.59
CA GLN A 785 -58.14 5.06 5.00
C GLN A 785 -56.96 5.55 5.83
N CYS A 786 -56.63 6.83 5.66
CA CYS A 786 -55.68 7.52 6.51
C CYS A 786 -56.49 8.42 7.43
N PRO A 787 -56.64 8.07 8.71
CA PRO A 787 -57.59 8.80 9.57
C PRO A 787 -57.06 10.16 9.97
N LEU A 788 -57.93 11.17 9.87
CA LEU A 788 -57.60 12.53 10.28
C LEU A 788 -58.30 12.93 11.57
N PHE A 789 -59.24 12.13 12.06
CA PHE A 789 -59.93 12.37 13.31
C PHE A 789 -59.68 11.20 14.25
N GLU A 790 -59.45 11.50 15.51
CA GLU A 790 -59.15 10.45 16.48
C GLU A 790 -60.44 9.94 17.09
N VAL A 791 -60.71 8.66 16.91
CA VAL A 791 -61.85 8.01 17.59
C VAL A 791 -61.54 7.94 19.08
N PRO A 792 -62.42 8.37 19.96
CA PRO A 792 -62.15 8.26 21.39
C PRO A 792 -62.23 6.81 21.85
N GLY A 793 -61.67 6.56 23.01
CA GLY A 793 -61.79 5.25 23.62
C GLY A 793 -63.06 5.14 24.41
N PRO A 794 -63.39 3.92 24.83
CA PRO A 794 -64.54 3.74 25.70
C PRO A 794 -64.24 4.23 27.11
N ASN A 795 -65.26 4.85 27.73
CA ASN A 795 -65.18 5.55 29.01
C ASN A 795 -64.15 6.65 29.03
N SER A 796 -63.76 7.20 27.89
CA SER A 796 -62.79 8.28 27.87
C SER A 796 -63.44 9.58 28.32
N LYS A 797 -62.63 10.61 28.50
CA LYS A 797 -63.20 11.91 28.84
C LYS A 797 -63.87 12.53 27.62
N ARG A 798 -63.26 12.38 26.45
CA ARG A 798 -63.85 12.85 25.20
C ARG A 798 -65.13 12.09 24.87
N ALA A 799 -65.19 10.80 25.22
CA ALA A 799 -66.38 10.01 24.99
C ALA A 799 -67.55 10.49 25.81
N ASN A 800 -67.35 10.64 27.13
CA ASN A 800 -68.40 11.11 28.02
C ASN A 800 -68.79 12.55 27.71
N THR A 801 -67.84 13.37 27.29
CA THR A 801 -68.14 14.74 26.88
C THR A 801 -69.01 14.76 25.63
N HIS A 802 -68.76 13.85 24.69
CA HIS A 802 -69.60 13.81 23.50
C HIS A 802 -71.01 13.33 23.82
N ILE A 803 -71.14 12.33 24.69
CA ILE A 803 -72.46 11.85 25.10
C ILE A 803 -73.27 12.96 25.78
N ARG A 804 -72.63 13.70 26.70
CA ARG A 804 -73.31 14.78 27.39
C ARG A 804 -73.69 15.91 26.44
N ASP A 805 -72.80 16.26 25.50
CA ASP A 805 -73.08 17.35 24.57
C ASP A 805 -74.14 16.97 23.55
N PHE A 806 -74.16 15.70 23.13
CA PHE A 806 -75.20 15.23 22.22
C PHE A 806 -76.57 15.25 22.88
N LEU A 807 -76.64 14.83 24.14
CA LEU A 807 -77.91 14.88 24.88
C LEU A 807 -78.36 16.33 25.08
N GLN A 808 -77.42 17.23 25.32
CA GLN A 808 -77.78 18.64 25.51
C GLN A 808 -78.27 19.27 24.22
N VAL A 809 -77.66 18.93 23.09
CA VAL A 809 -78.09 19.45 21.81
C VAL A 809 -79.48 18.94 21.45
N PHE A 810 -79.75 17.66 21.72
CA PHE A 810 -81.08 17.10 21.49
C PHE A 810 -82.13 17.79 22.37
N ILE A 811 -81.77 18.11 23.62
CA ILE A 811 -82.71 18.77 24.52
C ILE A 811 -83.00 20.20 24.05
N TYR A 812 -81.97 20.91 23.59
CA TYR A 812 -82.17 22.27 23.06
C TYR A 812 -83.03 22.25 21.82
N ARG A 813 -82.83 21.27 20.94
CA ARG A 813 -83.62 21.22 19.72
C ARG A 813 -85.05 20.77 19.99
N LEU A 814 -85.28 20.01 21.07
CA LEU A 814 -86.66 19.75 21.46
C LEU A 814 -87.31 20.98 22.05
N PHE A 815 -86.54 21.83 22.74
CA PHE A 815 -87.11 23.07 23.25
C PHE A 815 -87.43 24.04 22.12
N TRP A 816 -86.60 24.05 21.06
CA TRP A 816 -86.87 24.92 19.92
C TRP A 816 -88.11 24.48 19.17
N LYS A 817 -88.35 23.17 19.09
CA LYS A 817 -89.50 22.63 18.39
C LYS A 817 -90.81 22.81 19.15
N SER A 818 -90.76 23.21 20.42
CA SER A 818 -91.96 23.32 21.22
C SER A 818 -92.77 24.54 20.83
N LYS A 819 -94.08 24.37 20.68
CA LYS A 819 -94.92 25.50 20.19
C LYS A 819 -95.49 26.28 21.37
N ASP A 820 -95.46 25.70 22.57
CA ASP A 820 -96.04 26.37 23.76
C ASP A 820 -95.27 27.65 24.06
N ARG A 821 -95.97 28.73 24.41
CA ARG A 821 -95.32 30.06 24.63
C ARG A 821 -94.32 30.06 25.79
N PRO A 822 -94.56 29.39 26.95
CA PRO A 822 -93.46 28.96 27.80
C PRO A 822 -93.02 27.63 27.19
N ARG A 823 -91.83 27.59 26.57
CA ARG A 823 -91.38 26.36 25.88
C ARG A 823 -91.33 25.22 26.88
N ARG A 824 -91.92 24.08 26.55
CA ARG A 824 -92.00 22.97 27.46
C ARG A 824 -91.83 21.67 26.70
N ILE A 825 -91.15 20.71 27.32
CA ILE A 825 -90.90 19.39 26.73
C ILE A 825 -91.38 18.34 27.71
N ARG A 826 -91.41 17.10 27.24
CA ARG A 826 -91.73 15.95 28.07
C ARG A 826 -90.50 15.09 28.26
N MET A 827 -90.41 14.43 29.42
CA MET A 827 -89.22 13.65 29.74
C MET A 827 -89.16 12.36 28.93
N GLU A 828 -90.30 11.72 28.70
CA GLU A 828 -90.27 10.45 27.99
C GLU A 828 -90.07 10.57 26.49
N ASP A 829 -90.08 11.78 25.93
CA ASP A 829 -89.50 11.96 24.60
C ASP A 829 -87.99 11.74 24.62
N ILE A 830 -87.33 12.30 25.62
CA ILE A 830 -85.89 12.09 25.79
C ILE A 830 -85.59 10.66 26.20
N LYS A 831 -86.49 10.04 26.96
CA LYS A 831 -86.29 8.65 27.32
C LYS A 831 -86.54 7.72 26.14
N LYS A 832 -87.34 8.13 25.16
CA LYS A 832 -87.48 7.37 23.93
C LYS A 832 -86.25 7.52 23.06
N ALA A 833 -85.64 8.71 23.05
CA ALA A 833 -84.47 8.92 22.21
C ALA A 833 -83.24 8.25 22.79
N PHE A 834 -82.97 8.46 24.07
CA PHE A 834 -81.81 7.91 24.76
C PHE A 834 -82.29 6.92 25.82
N PRO A 835 -82.60 5.67 25.48
CA PRO A 835 -83.14 4.76 26.49
C PRO A 835 -82.09 4.08 27.33
N SER A 836 -80.83 4.10 26.91
CA SER A 836 -79.77 3.52 27.74
C SER A 836 -79.33 4.48 28.83
N HIS A 837 -79.69 5.75 28.72
CA HIS A 837 -79.30 6.73 29.72
C HIS A 837 -80.08 6.52 31.01
N SER A 838 -79.37 6.56 32.13
CA SER A 838 -80.05 6.69 33.40
C SER A 838 -80.71 8.04 33.47
N GLU A 839 -81.87 8.10 34.12
CA GLU A 839 -82.65 9.34 34.15
C GLU A 839 -82.03 10.40 35.05
N SER A 840 -80.99 10.01 35.81
CA SER A 840 -80.25 10.96 36.66
C SER A 840 -79.43 11.89 35.75
N SER A 841 -78.92 11.36 34.63
CA SER A 841 -78.12 12.16 33.71
C SER A 841 -79.00 13.10 32.90
N ILE A 842 -80.17 12.63 32.48
CA ILE A 842 -81.12 13.47 31.76
C ILE A 842 -81.65 14.58 32.66
N ARG A 843 -81.94 14.24 33.92
CA ARG A 843 -82.35 15.30 34.90
C ARG A 843 -81.20 16.30 35.01
N LYS A 844 -79.96 15.81 35.10
CA LYS A 844 -78.82 16.71 35.25
C LYS A 844 -78.73 17.68 34.09
N ARG A 845 -79.04 17.22 32.88
CA ARG A 845 -79.02 18.13 31.75
C ARG A 845 -80.20 19.10 31.80
N LEU A 846 -81.34 18.67 32.32
CA LEU A 846 -82.50 19.53 32.42
C LEU A 846 -82.52 20.39 33.67
N LYS A 847 -81.58 20.19 34.60
CA LYS A 847 -81.61 20.90 35.88
C LYS A 847 -81.35 22.38 35.67
N LEU A 848 -80.18 22.73 35.15
CA LEU A 848 -80.04 24.00 34.47
C LEU A 848 -80.84 23.93 33.19
N CYS A 849 -81.47 25.05 32.83
CA CYS A 849 -82.29 25.42 31.66
C CYS A 849 -83.75 24.96 31.70
N ALA A 850 -84.21 24.25 32.73
CA ALA A 850 -85.60 23.84 32.78
C ALA A 850 -86.00 23.58 34.22
N ASP A 851 -87.31 23.55 34.45
CA ASP A 851 -87.83 23.15 35.74
C ASP A 851 -89.13 22.36 35.56
N PHE A 852 -89.39 21.47 36.50
CA PHE A 852 -90.51 20.55 36.42
C PHE A 852 -91.72 21.18 37.09
N LYS A 853 -92.84 21.23 36.38
CA LYS A 853 -94.09 21.68 36.96
C LYS A 853 -94.95 20.48 37.28
N ARG A 854 -95.29 20.30 38.55
CA ARG A 854 -96.10 19.17 38.98
C ARG A 854 -97.59 19.47 38.93
N THR A 855 -98.00 20.66 39.35
CA THR A 855 -99.39 21.00 39.52
C THR A 855 -99.76 22.22 38.69
N GLY A 856 -101.06 22.44 38.55
CA GLY A 856 -101.55 23.59 37.80
C GLY A 856 -101.38 23.40 36.32
N MET A 857 -101.19 24.52 35.63
CA MET A 857 -100.89 24.49 34.21
C MET A 857 -99.46 23.96 34.02
N ASP A 858 -99.22 23.43 32.81
CA ASP A 858 -97.93 22.85 32.40
C ASP A 858 -97.54 21.67 33.28
N SER A 859 -98.52 20.96 33.83
CA SER A 859 -98.24 19.90 34.78
C SER A 859 -97.65 18.69 34.08
N ASN A 860 -96.64 18.08 34.73
CA ASN A 860 -95.81 16.99 34.20
C ASN A 860 -95.05 17.40 32.95
N TRP A 861 -94.72 18.69 32.83
CA TRP A 861 -93.87 19.20 31.77
C TRP A 861 -92.63 19.85 32.37
N TRP A 862 -91.56 19.86 31.56
CA TRP A 862 -90.28 20.51 31.95
C TRP A 862 -90.23 21.85 31.24
N VAL A 863 -90.79 22.93 31.82
CA VAL A 863 -90.83 24.21 31.15
C VAL A 863 -89.45 24.84 31.16
N LEU A 864 -89.21 25.71 30.18
CA LEU A 864 -87.94 26.42 30.09
C LEU A 864 -87.93 27.57 31.08
N LYS A 865 -86.79 27.77 31.73
CA LYS A 865 -86.65 28.85 32.69
C LYS A 865 -86.73 30.20 31.97
N SER A 866 -87.37 31.17 32.63
CA SER A 866 -87.64 32.44 31.98
C SER A 866 -86.38 33.29 31.82
N ASP A 867 -85.40 33.10 32.69
CA ASP A 867 -84.13 33.82 32.56
C ASP A 867 -83.19 33.17 31.57
N PHE A 868 -83.43 31.91 31.22
CA PHE A 868 -82.53 31.17 30.35
C PHE A 868 -82.75 31.60 28.91
N ARG A 869 -81.69 32.08 28.25
CA ARG A 869 -81.73 32.33 26.82
C ARG A 869 -81.40 31.02 26.11
N LEU A 870 -82.36 30.50 25.35
CA LEU A 870 -82.13 29.33 24.54
C LEU A 870 -81.11 29.67 23.46
N PRO A 871 -80.09 28.83 23.26
CA PRO A 871 -79.03 29.18 22.30
C PRO A 871 -79.53 29.20 20.87
N THR A 872 -78.91 30.05 20.06
CA THR A 872 -79.27 30.20 18.67
C THR A 872 -78.82 28.97 17.88
N GLU A 873 -79.15 28.95 16.58
CA GLU A 873 -78.89 27.79 15.76
C GLU A 873 -77.39 27.58 15.55
N GLU A 874 -76.64 28.66 15.39
CA GLU A 874 -75.20 28.53 15.18
C GLU A 874 -74.45 28.11 16.44
N GLU A 875 -74.96 28.49 17.62
CA GLU A 875 -74.35 28.02 18.86
C GLU A 875 -74.58 26.52 19.08
N ILE A 876 -75.79 26.05 18.76
CA ILE A 876 -76.10 24.63 18.85
C ILE A 876 -75.28 23.85 17.82
N ARG A 877 -75.04 24.44 16.65
CA ARG A 877 -74.16 23.79 15.68
C ARG A 877 -72.71 23.79 16.16
N ALA A 878 -72.30 24.80 16.90
CA ALA A 878 -70.94 24.83 17.42
C ALA A 878 -70.75 23.93 18.62
N MET A 879 -71.83 23.44 19.22
CA MET A 879 -71.71 22.51 20.35
C MET A 879 -71.15 21.16 19.90
N VAL A 880 -71.86 20.46 19.02
CA VAL A 880 -71.42 19.17 18.49
C VAL A 880 -71.30 19.27 16.98
N SER A 881 -70.22 18.74 16.45
CA SER A 881 -69.82 18.54 15.07
C SER A 881 -70.26 17.16 14.59
N PRO A 882 -70.56 16.99 13.30
CA PRO A 882 -70.96 15.66 12.81
C PRO A 882 -69.83 14.64 12.81
N GLU A 883 -68.59 15.08 12.65
CA GLU A 883 -67.46 14.16 12.66
C GLU A 883 -67.23 13.57 14.04
N GLN A 884 -67.54 14.32 15.10
CA GLN A 884 -67.50 13.76 16.44
C GLN A 884 -68.54 12.68 16.62
N CYS A 885 -69.71 12.84 16.00
CA CYS A 885 -70.73 11.80 16.03
C CYS A 885 -70.29 10.56 15.28
N CYS A 886 -69.60 10.74 14.15
CA CYS A 886 -69.08 9.58 13.42
C CYS A 886 -67.99 8.86 14.21
N ALA A 887 -67.14 9.61 14.90
CA ALA A 887 -66.11 8.98 15.74
C ALA A 887 -66.74 8.23 16.92
N TYR A 888 -67.81 8.78 17.50
CA TYR A 888 -68.50 8.09 18.57
C TYR A 888 -69.19 6.83 18.08
N TYR A 889 -69.77 6.87 16.87
CA TYR A 889 -70.43 5.69 16.32
C TYR A 889 -69.43 4.61 15.99
N SER A 890 -68.24 5.00 15.51
CA SER A 890 -67.17 4.04 15.28
C SER A 890 -66.71 3.39 16.58
N MET A 891 -66.62 4.19 17.65
CA MET A 891 -66.21 3.64 18.94
C MET A 891 -67.23 2.65 19.48
N ILE A 892 -68.52 2.97 19.40
CA ILE A 892 -69.49 2.06 20.01
C ILE A 892 -69.71 0.83 19.14
N ALA A 893 -69.56 0.94 17.82
CA ALA A 893 -69.63 -0.23 16.96
C ALA A 893 -68.44 -1.16 17.20
N ALA A 894 -67.26 -0.60 17.41
CA ALA A 894 -66.10 -1.43 17.69
C ALA A 894 -66.17 -2.04 19.08
N GLU A 895 -66.73 -1.30 20.04
CA GLU A 895 -67.04 -1.84 21.36
C GLU A 895 -67.93 -3.06 21.26
N GLN A 896 -68.97 -3.01 20.43
CA GLN A 896 -69.89 -4.17 20.27
C GLN A 896 -69.15 -5.34 19.63
N ARG A 897 -68.38 -5.09 18.56
CA ARG A 897 -67.69 -6.20 17.85
C ARG A 897 -66.70 -6.87 18.78
N LEU A 898 -65.91 -6.09 19.53
CA LEU A 898 -64.93 -6.65 20.50
C LEU A 898 -65.70 -7.39 21.60
N LYS A 899 -66.80 -6.83 22.09
CA LYS A 899 -67.57 -7.46 23.20
C LYS A 899 -68.10 -8.80 22.72
N ASP A 900 -68.63 -8.85 21.51
CA ASP A 900 -69.18 -10.11 20.94
C ASP A 900 -68.06 -11.14 20.79
N ALA A 901 -66.89 -10.71 20.31
CA ALA A 901 -65.74 -11.62 20.16
C ALA A 901 -64.95 -11.67 21.48
N GLY A 902 -65.53 -12.22 22.53
CA GLY A 902 -64.85 -12.31 23.84
C GLY A 902 -64.28 -10.98 24.29
N ASP A 924 -55.21 -9.55 23.07
CA ASP A 924 -54.85 -8.10 23.01
C ASP A 924 -54.68 -7.69 21.55
N ASP A 925 -54.52 -8.66 20.65
CA ASP A 925 -54.30 -8.34 19.22
C ASP A 925 -55.54 -7.62 18.68
N GLU A 926 -56.73 -8.12 19.02
CA GLU A 926 -57.98 -7.50 18.54
C GLU A 926 -58.10 -6.08 19.12
N VAL A 927 -57.71 -5.90 20.38
CA VAL A 927 -57.78 -4.57 21.05
C VAL A 927 -56.88 -3.58 20.32
N ARG A 928 -55.73 -4.03 19.82
CA ARG A 928 -54.83 -3.14 19.03
C ARG A 928 -55.56 -2.69 17.74
N THR A 929 -56.38 -3.57 17.15
CA THR A 929 -57.09 -3.24 15.90
C THR A 929 -58.32 -2.37 16.17
N ALA A 930 -58.54 -1.95 17.42
CA ALA A 930 -59.66 -1.09 17.73
C ALA A 930 -59.36 0.34 17.25
N PRO A 931 -60.35 1.05 16.72
CA PRO A 931 -60.08 2.32 16.04
C PRO A 931 -59.56 3.43 16.93
N TRP A 932 -59.76 3.39 18.24
CA TRP A 932 -59.14 4.42 19.07
C TRP A 932 -57.63 4.26 19.09
N ASN A 933 -57.16 3.02 19.18
CA ASN A 933 -55.73 2.74 19.14
C ASN A 933 -55.14 3.06 17.77
N THR A 934 -55.79 2.63 16.69
CA THR A 934 -55.23 2.84 15.36
C THR A 934 -55.28 4.31 14.95
N THR A 935 -56.34 5.03 15.32
CA THR A 935 -56.40 6.45 14.99
C THR A 935 -55.38 7.24 15.79
N ARG A 936 -55.19 6.91 17.07
CA ARG A 936 -54.15 7.56 17.85
C ARG A 936 -52.76 7.28 17.27
N ALA A 937 -52.53 6.04 16.83
CA ALA A 937 -51.25 5.66 16.25
C ALA A 937 -50.97 6.41 14.96
N PHE A 938 -51.97 6.52 14.09
CA PHE A 938 -51.73 7.18 12.81
C PHE A 938 -51.56 8.68 12.98
N ILE A 939 -52.35 9.31 13.85
CA ILE A 939 -52.21 10.75 13.99
C ILE A 939 -50.91 11.10 14.69
N ALA A 940 -50.47 10.24 15.64
CA ALA A 940 -49.16 10.44 16.26
C ALA A 940 -48.02 10.22 15.27
N ALA A 941 -48.18 9.27 14.35
CA ALA A 941 -47.18 9.08 13.31
C ALA A 941 -47.13 10.27 12.36
N MET A 942 -48.26 10.91 12.12
CA MET A 942 -48.25 12.07 11.23
C MET A 942 -47.64 13.29 11.89
N LYS A 943 -47.67 13.36 13.23
CA LYS A 943 -47.00 14.47 13.96
C LYS A 943 -45.51 14.14 14.14
N GLY A 944 -45.07 12.94 13.75
CA GLY A 944 -43.70 12.53 13.94
C GLY A 944 -43.35 12.09 15.35
N LYS A 945 -44.34 11.96 16.23
CA LYS A 945 -44.12 11.38 17.56
C LYS A 945 -43.46 10.02 17.49
N CYS A 946 -44.04 9.11 16.72
CA CYS A 946 -43.63 7.72 16.76
C CYS A 946 -43.76 7.13 15.36
N LEU A 947 -43.28 5.91 15.21
CA LEU A 947 -43.40 5.19 13.96
C LEU A 947 -44.39 4.04 14.11
N LEU A 948 -44.81 3.49 12.98
CA LEU A 948 -45.76 2.40 12.95
C LEU A 948 -45.12 1.18 12.31
N GLU A 949 -45.34 0.02 12.89
CA GLU A 949 -45.00 -1.21 12.19
C GLU A 949 -46.00 -1.42 11.05
N VAL A 950 -45.52 -1.34 9.82
CA VAL A 950 -46.44 -1.40 8.68
C VAL A 950 -46.88 -2.83 8.37
N THR A 951 -46.16 -3.82 8.88
CA THR A 951 -46.63 -5.20 8.86
C THR A 951 -46.93 -5.64 10.29
N GLY A 952 -48.15 -6.09 10.52
CA GLY A 952 -48.57 -6.45 11.86
C GLY A 952 -49.90 -7.14 11.84
N VAL A 953 -50.62 -7.04 12.96
CA VAL A 953 -51.93 -7.65 13.08
C VAL A 953 -53.07 -6.66 12.93
N ALA A 954 -52.80 -5.36 12.98
CA ALA A 954 -53.83 -4.35 12.76
C ALA A 954 -54.15 -4.15 11.28
N ASP A 955 -53.43 -4.83 10.40
CA ASP A 955 -53.60 -4.94 8.96
C ASP A 955 -55.02 -5.38 8.62
N PRO A 956 -55.84 -4.51 8.00
CA PRO A 956 -57.24 -4.88 7.74
C PRO A 956 -57.41 -5.88 6.61
N THR A 957 -56.37 -6.14 5.83
CA THR A 957 -56.47 -7.15 4.78
C THR A 957 -56.32 -8.55 5.34
N GLY A 958 -55.38 -8.75 6.26
CA GLY A 958 -55.04 -10.08 6.71
C GLY A 958 -53.95 -10.73 5.89
N CYS A 959 -53.46 -10.04 4.85
CA CYS A 959 -52.30 -10.45 4.06
C CYS A 959 -51.31 -9.30 4.02
N GLY A 960 -50.32 -9.39 3.13
CA GLY A 960 -49.28 -8.38 3.05
C GLY A 960 -49.74 -7.04 2.52
N GLU A 961 -50.89 -6.99 1.83
CA GLU A 961 -51.42 -5.74 1.35
C GLU A 961 -51.99 -4.91 2.50
N GLY A 962 -51.88 -3.60 2.39
CA GLY A 962 -52.39 -2.72 3.43
C GLY A 962 -51.44 -2.55 4.60
N PHE A 963 -51.66 -1.48 5.35
CA PHE A 963 -50.82 -1.08 6.46
C PHE A 963 -51.42 -1.55 7.77
N SER A 964 -50.65 -1.44 8.85
CA SER A 964 -51.14 -1.62 10.20
C SER A 964 -50.75 -0.40 11.01
N TYR A 965 -51.73 0.24 11.63
CA TYR A 965 -51.48 1.47 12.37
C TYR A 965 -51.43 1.16 13.86
N VAL A 966 -50.27 0.67 14.32
CA VAL A 966 -50.00 0.52 15.73
C VAL A 966 -48.61 1.05 16.01
N LYS A 967 -48.47 1.70 17.17
CA LYS A 967 -47.29 2.50 17.48
C LYS A 967 -46.08 1.62 17.74
N ILE A 968 -44.94 2.03 17.18
CA ILE A 968 -43.66 1.44 17.53
C ILE A 968 -42.81 2.64 17.98
N PRO A 969 -41.85 2.47 18.88
CA PRO A 969 -40.97 3.60 19.20
C PRO A 969 -40.08 3.92 18.02
N ASN A 970 -39.70 5.19 17.99
CA ASN A 970 -38.76 5.67 16.94
C ASN A 970 -37.33 5.20 17.27
N LYS A 971 -37.15 4.34 18.29
CA LYS A 971 -35.81 3.80 18.64
C LYS A 971 -35.89 2.29 18.93
N ARG A 1052 -24.59 0.06 14.44
CA ARG A 1052 -25.65 -0.12 15.45
C ARG A 1052 -26.63 1.06 15.32
N PHE A 1053 -27.08 1.37 14.10
CA PHE A 1053 -27.90 2.59 13.92
C PHE A 1053 -29.20 2.52 14.72
N SER A 1054 -29.50 3.59 15.46
CA SER A 1054 -30.80 3.66 16.17
C SER A 1054 -31.62 4.82 15.58
N VAL A 1055 -31.13 5.46 14.50
CA VAL A 1055 -31.82 6.69 13.98
C VAL A 1055 -32.15 6.63 12.48
N ALA A 1056 -31.18 6.80 11.56
CA ALA A 1056 -31.54 6.87 10.15
C ALA A 1056 -31.96 5.47 9.74
N GLU A 1057 -31.32 4.41 10.25
CA GLU A 1057 -31.68 3.06 9.75
C GLU A 1057 -33.16 2.80 9.99
N HIS A 1058 -33.64 2.98 11.21
CA HIS A 1058 -35.06 2.67 11.53
C HIS A 1058 -35.93 3.61 10.70
N GLN A 1059 -35.59 4.89 10.67
CA GLN A 1059 -36.52 5.79 9.95
C GLN A 1059 -36.61 5.40 8.46
N GLU A 1060 -35.48 5.13 7.80
CA GLU A 1060 -35.48 4.84 6.34
C GLU A 1060 -36.16 3.51 6.10
N ARG A 1061 -35.95 2.56 6.98
CA ARG A 1061 -36.57 1.23 6.80
C ARG A 1061 -38.09 1.41 6.83
N TYR A 1062 -38.57 2.19 7.81
CA TYR A 1062 -40.03 2.38 7.92
C TYR A 1062 -40.50 3.08 6.64
N LYS A 1063 -39.76 4.09 6.20
CA LYS A 1063 -40.20 4.86 5.01
C LYS A 1063 -40.29 3.94 3.80
N GLU A 1064 -39.29 3.11 3.58
CA GLU A 1064 -39.31 2.30 2.35
C GLU A 1064 -40.42 1.27 2.48
N GLU A 1065 -40.63 0.71 3.67
CA GLU A 1065 -41.74 -0.28 3.73
C GLU A 1065 -43.04 0.43 3.42
N CYS A 1066 -43.19 1.67 3.90
CA CYS A 1066 -44.40 2.45 3.58
C CYS A 1066 -44.51 2.64 2.07
N GLN A 1067 -43.45 3.06 1.36
CA GLN A 1067 -43.66 3.23 -0.10
C GLN A 1067 -43.97 1.89 -0.76
N ARG A 1068 -43.31 0.85 -0.31
CA ARG A 1068 -43.61 -0.42 -0.98
C ARG A 1068 -45.09 -0.77 -0.77
N ILE A 1069 -45.61 -0.67 0.45
CA ILE A 1069 -47.02 -1.11 0.65
C ILE A 1069 -47.94 -0.18 -0.13
N PHE A 1070 -47.64 1.11 -0.15
CA PHE A 1070 -48.56 2.03 -0.83
C PHE A 1070 -48.62 1.57 -2.28
N ASP A 1071 -47.45 1.34 -2.90
CA ASP A 1071 -47.39 0.96 -4.34
C ASP A 1071 -47.98 -0.42 -4.62
N LEU A 1072 -47.91 -1.39 -3.68
CA LEU A 1072 -48.56 -2.69 -3.93
C LEU A 1072 -50.07 -2.48 -3.90
N GLN A 1073 -50.56 -1.73 -2.92
CA GLN A 1073 -52.04 -1.55 -2.82
C GLN A 1073 -52.52 -0.83 -4.06
N ASN A 1074 -51.81 0.21 -4.50
CA ASN A 1074 -52.36 0.92 -5.68
C ASN A 1074 -52.48 -0.09 -6.81
N LYS A 1075 -51.43 -0.86 -7.05
CA LYS A 1075 -51.52 -1.74 -8.22
C LYS A 1075 -52.65 -2.75 -8.06
N VAL A 1076 -52.72 -3.42 -6.92
CA VAL A 1076 -53.73 -4.51 -6.83
C VAL A 1076 -55.11 -3.89 -7.00
N LEU A 1077 -55.36 -2.76 -6.35
CA LEU A 1077 -56.72 -2.22 -6.41
C LEU A 1077 -57.05 -1.75 -7.82
N SER A 1078 -56.15 -1.07 -8.52
CA SER A 1078 -56.55 -0.59 -9.85
C SER A 1078 -56.54 -1.69 -10.91
N SER A 1079 -56.04 -2.89 -10.58
CA SER A 1079 -56.12 -4.04 -11.55
C SER A 1079 -57.49 -4.31 -12.17
N THR A 1080 -57.60 -4.26 -13.50
CA THR A 1080 -58.87 -4.64 -14.16
C THR A 1080 -58.74 -6.10 -14.61
N GLU A 1081 -57.71 -6.80 -14.13
CA GLU A 1081 -57.54 -8.24 -14.46
C GLU A 1081 -58.67 -9.03 -13.80
N VAL A 1082 -59.27 -9.98 -14.52
CA VAL A 1082 -60.32 -10.85 -13.90
C VAL A 1082 -59.66 -11.79 -12.91
N LEU A 1083 -60.28 -12.00 -11.75
CA LEU A 1083 -59.73 -12.95 -10.73
C LEU A 1083 -60.63 -14.19 -10.70
N SER A 1084 -60.04 -15.38 -10.81
CA SER A 1084 -60.84 -16.63 -10.84
C SER A 1084 -61.55 -16.87 -9.51
N THR A 1085 -62.81 -17.32 -9.56
CA THR A 1085 -63.51 -17.68 -8.30
C THR A 1085 -62.76 -18.86 -7.68
N ASP A 1086 -62.58 -18.86 -6.35
CA ASP A 1086 -61.77 -19.93 -5.71
C ASP A 1086 -62.70 -20.91 -5.00
N ALA A 1160 -58.82 -24.93 23.76
CA ALA A 1160 -57.48 -25.29 24.22
C ALA A 1160 -57.49 -26.65 24.90
N THR A 1161 -58.55 -26.89 25.68
CA THR A 1161 -58.72 -28.12 26.44
C THR A 1161 -59.25 -29.28 25.58
N GLY A 1162 -59.73 -28.99 24.37
CA GLY A 1162 -60.34 -30.06 23.55
C GLY A 1162 -61.50 -30.68 24.31
N ARG A 1163 -62.32 -29.85 24.97
CA ARG A 1163 -63.43 -30.39 25.82
C ARG A 1163 -64.78 -29.85 25.36
N CYS A 1164 -65.74 -30.74 25.10
CA CYS A 1164 -67.12 -30.31 24.74
C CYS A 1164 -67.95 -30.05 26.01
N LEU A 1165 -69.15 -29.51 25.86
CA LEU A 1165 -70.01 -29.18 27.05
C LEU A 1165 -71.29 -30.01 26.99
N LYS A 1166 -71.64 -30.71 28.08
CA LYS A 1166 -72.90 -31.50 28.11
C LYS A 1166 -73.79 -31.02 29.28
N ILE A 1167 -75.09 -30.78 29.01
CA ILE A 1167 -76.01 -30.24 30.06
C ILE A 1167 -77.16 -31.22 30.31
N TYR A 1168 -77.45 -31.52 31.57
CA TYR A 1168 -78.60 -32.39 31.92
C TYR A 1168 -79.74 -31.51 32.43
N ARG A 1169 -80.94 -31.65 31.86
CA ARG A 1169 -82.09 -30.77 32.24
C ARG A 1169 -83.24 -31.62 32.80
N THR A 1170 -83.78 -31.22 33.96
CA THR A 1170 -84.91 -31.96 34.58
C THR A 1170 -86.19 -31.12 34.46
N PHE A 1171 -87.25 -31.68 33.87
CA PHE A 1171 -88.51 -30.91 33.69
C PHE A 1171 -89.71 -31.79 34.07
N ARG A 1172 -90.88 -31.17 34.26
CA ARG A 1172 -92.12 -31.94 34.58
C ARG A 1172 -93.07 -31.87 33.38
N ASP A 1173 -93.50 -33.02 32.87
CA ASP A 1173 -94.43 -33.09 31.71
C ASP A 1173 -95.88 -32.87 32.19
N GLU A 1174 -96.82 -32.67 31.25
CA GLU A 1174 -98.27 -32.52 31.62
C GLU A 1174 -98.72 -33.72 32.46
N GLU A 1175 -99.82 -33.58 33.21
CA GLU A 1175 -100.22 -34.67 34.15
C GLU A 1175 -99.07 -34.86 35.14
N GLY A 1176 -98.55 -36.08 35.30
CA GLY A 1176 -97.37 -36.26 36.16
C GLY A 1176 -96.23 -36.99 35.47
N LYS A 1177 -95.07 -36.35 35.33
CA LYS A 1177 -93.86 -37.03 34.76
C LYS A 1177 -92.61 -36.26 35.19
N GLU A 1178 -91.45 -36.92 35.22
CA GLU A 1178 -90.18 -36.22 35.55
C GLU A 1178 -89.08 -36.66 34.56
N TYR A 1179 -89.23 -36.30 33.28
CA TYR A 1179 -88.20 -36.68 32.27
C TYR A 1179 -86.93 -35.83 32.43
N VAL A 1180 -85.77 -36.40 32.10
CA VAL A 1180 -84.48 -35.65 32.19
C VAL A 1180 -83.85 -35.62 30.80
N ARG A 1181 -83.40 -34.44 30.34
CA ARG A 1181 -82.82 -34.32 28.97
C ARG A 1181 -81.32 -34.07 29.06
N CYS A 1182 -80.49 -34.94 28.47
CA CYS A 1182 -79.03 -34.69 28.46
C CYS A 1182 -78.67 -34.15 27.07
N GLU A 1183 -78.17 -32.91 27.00
CA GLU A 1183 -77.89 -32.26 25.69
C GLU A 1183 -76.40 -31.92 25.62
N THR A 1184 -75.72 -32.32 24.54
CA THR A 1184 -74.26 -32.10 24.42
C THR A 1184 -73.99 -30.98 23.41
N VAL A 1185 -73.23 -29.96 23.81
CA VAL A 1185 -72.88 -28.83 22.90
C VAL A 1185 -71.44 -29.03 22.41
N ARG A 1186 -71.26 -29.29 21.11
CA ARG A 1186 -69.90 -29.54 20.55
C ARG A 1186 -69.34 -28.25 19.93
N LYS A 1187 -70.15 -27.19 19.89
CA LYS A 1187 -69.71 -25.89 19.35
C LYS A 1187 -68.99 -25.08 20.43
N PRO A 1188 -67.66 -24.91 20.27
CA PRO A 1188 -66.82 -24.27 21.28
C PRO A 1188 -67.17 -22.79 21.46
N ALA A 1189 -67.88 -22.23 20.48
CA ALA A 1189 -68.35 -20.85 20.53
C ALA A 1189 -69.56 -20.74 21.48
N VAL A 1190 -70.50 -21.66 21.32
CA VAL A 1190 -71.66 -21.76 22.21
C VAL A 1190 -71.21 -22.04 23.64
N ILE A 1191 -70.21 -22.92 23.77
CA ILE A 1191 -69.61 -23.23 25.05
C ILE A 1191 -69.16 -21.99 25.82
N ASP A 1192 -68.29 -21.20 25.20
CA ASP A 1192 -67.70 -20.02 25.82
C ASP A 1192 -68.75 -19.04 26.35
N ALA A 1193 -69.74 -18.73 25.53
CA ALA A 1193 -70.80 -17.80 25.90
C ALA A 1193 -71.72 -18.35 26.98
N TYR A 1194 -71.97 -19.65 26.93
CA TYR A 1194 -72.79 -20.34 27.92
C TYR A 1194 -72.14 -20.27 29.30
N VAL A 1195 -70.94 -20.86 29.40
CA VAL A 1195 -70.19 -20.90 30.65
C VAL A 1195 -69.96 -19.53 31.28
N ARG A 1196 -69.65 -18.54 30.44
CA ARG A 1196 -69.35 -17.16 30.94
C ARG A 1196 -70.53 -16.58 31.72
N ILE A 1197 -71.77 -16.92 31.35
CA ILE A 1197 -72.94 -16.44 32.08
C ILE A 1197 -73.05 -17.13 33.44
N ARG A 1198 -72.88 -18.45 33.45
CA ARG A 1198 -72.93 -19.22 34.74
C ARG A 1198 -71.87 -18.65 35.69
N THR A 1199 -70.60 -18.60 35.27
CA THR A 1199 -69.52 -18.06 36.08
C THR A 1199 -69.83 -16.65 36.58
N THR A 1200 -70.56 -15.90 35.77
CA THR A 1200 -71.00 -14.56 36.16
C THR A 1200 -72.17 -14.63 37.13
N LYS A 1201 -73.15 -15.48 36.83
CA LYS A 1201 -74.30 -15.69 37.70
C LYS A 1201 -73.91 -16.38 38.99
N ASP A 1202 -72.81 -17.14 38.95
CA ASP A 1202 -72.27 -17.76 40.16
C ASP A 1202 -71.65 -16.71 41.08
N GLU A 1203 -71.13 -15.64 40.49
CA GLU A 1203 -70.56 -14.52 41.24
C GLU A 1203 -71.61 -13.43 41.46
N GLU A 1204 -72.73 -13.53 40.75
CA GLU A 1204 -73.79 -12.53 40.83
C GLU A 1204 -74.60 -12.66 42.11
N PHE A 1205 -74.40 -13.77 42.82
CA PHE A 1205 -75.04 -13.95 44.12
C PHE A 1205 -74.50 -12.93 45.12
N GLY B 19 -56.80 47.68 -16.97
CA GLY B 19 -56.46 48.34 -18.22
C GLY B 19 -55.29 49.29 -18.09
N PHE B 20 -54.32 49.15 -18.99
CA PHE B 20 -53.11 49.96 -18.99
C PHE B 20 -53.06 50.79 -20.27
N GLU B 21 -53.07 52.10 -20.12
CA GLU B 21 -52.86 53.05 -21.21
C GLU B 21 -51.53 53.74 -20.98
N SER B 22 -50.71 53.81 -22.02
CA SER B 22 -49.35 54.32 -21.88
C SER B 22 -49.37 55.84 -21.69
N PRO B 23 -48.48 56.36 -20.84
CA PRO B 23 -48.26 57.81 -20.81
C PRO B 23 -47.42 58.30 -21.98
N ARG B 24 -46.65 57.42 -22.61
CA ARG B 24 -45.87 57.72 -23.79
C ARG B 24 -46.75 57.65 -25.04
N PRO B 25 -46.52 58.50 -26.03
CA PRO B 25 -47.30 58.42 -27.28
C PRO B 25 -46.80 57.38 -28.25
N TYR B 26 -45.76 56.63 -27.92
CA TYR B 26 -45.23 55.56 -28.75
C TYR B 26 -45.19 54.28 -27.93
N LYS B 27 -45.10 53.15 -28.61
CA LYS B 27 -44.94 51.85 -27.97
C LYS B 27 -43.65 51.22 -28.45
N LEU B 28 -42.79 50.86 -27.52
CA LEU B 28 -41.48 50.31 -27.84
C LEU B 28 -41.59 48.78 -27.92
N THR B 29 -41.08 48.21 -29.01
CA THR B 29 -41.23 46.80 -29.32
C THR B 29 -39.97 46.00 -29.02
N HIS B 30 -38.83 46.50 -29.48
CA HIS B 30 -37.58 45.76 -29.45
C HIS B 30 -36.47 46.78 -29.22
N GLN B 31 -35.44 46.36 -28.49
CA GLN B 31 -34.29 47.22 -28.31
C GLN B 31 -33.01 46.40 -28.43
N VAL B 32 -32.07 46.92 -29.21
CA VAL B 32 -30.74 46.33 -29.37
C VAL B 32 -29.76 47.20 -28.59
N VAL B 33 -29.04 46.59 -27.67
CA VAL B 33 -27.98 47.28 -26.93
C VAL B 33 -26.67 46.61 -27.29
N CYS B 34 -25.81 47.33 -27.99
CA CYS B 34 -24.51 46.82 -28.39
C CYS B 34 -23.45 47.65 -27.69
N ILE B 35 -22.51 46.98 -27.02
CA ILE B 35 -21.44 47.63 -26.29
C ILE B 35 -20.13 47.13 -26.87
N ASN B 36 -19.31 48.05 -27.34
CA ASN B 36 -17.95 47.78 -27.80
C ASN B 36 -16.97 48.49 -26.88
N ASN B 37 -15.70 48.11 -27.01
CA ASN B 37 -14.56 48.91 -26.53
C ASN B 37 -14.62 49.24 -25.04
N ILE B 38 -14.93 48.23 -24.22
CA ILE B 38 -14.92 48.46 -22.78
C ILE B 38 -13.47 48.62 -22.36
N ASN B 39 -13.04 49.85 -22.15
CA ASN B 39 -11.68 50.17 -21.79
C ASN B 39 -11.59 50.29 -20.28
N PHE B 40 -10.79 49.45 -19.66
CA PHE B 40 -10.70 49.43 -18.21
C PHE B 40 -9.68 50.42 -17.68
N GLN B 41 -8.64 50.71 -18.46
CA GLN B 41 -7.66 51.71 -18.06
C GLN B 41 -8.28 53.10 -18.05
N ARG B 42 -9.04 53.44 -19.08
CA ARG B 42 -9.63 54.75 -19.22
C ARG B 42 -11.04 54.85 -18.67
N LYS B 43 -11.63 53.72 -18.27
CA LYS B 43 -12.98 53.61 -17.70
C LYS B 43 -14.02 54.18 -18.66
N SER B 44 -14.13 53.55 -19.81
CA SER B 44 -14.86 54.10 -20.94
C SER B 44 -15.53 52.99 -21.72
N VAL B 45 -16.78 53.21 -22.12
CA VAL B 45 -17.43 52.30 -23.05
C VAL B 45 -17.96 53.10 -24.23
N VAL B 46 -18.03 52.44 -25.38
CA VAL B 46 -18.61 52.99 -26.60
C VAL B 46 -19.71 52.02 -27.02
N GLY B 47 -20.79 52.53 -27.61
CA GLY B 47 -21.76 51.59 -28.11
C GLY B 47 -22.83 52.28 -28.91
N PHE B 48 -23.83 51.50 -29.30
CA PHE B 48 -25.05 52.06 -29.85
C PHE B 48 -26.25 51.37 -29.23
N VAL B 49 -27.40 51.93 -29.55
CA VAL B 49 -28.71 51.52 -29.08
C VAL B 49 -29.66 51.72 -30.25
N GLU B 50 -30.42 50.70 -30.60
CA GLU B 50 -31.39 50.79 -31.68
C GLU B 50 -32.75 50.37 -31.16
N LEU B 51 -33.66 51.34 -31.11
CA LEU B 51 -35.03 51.15 -30.64
C LEU B 51 -36.00 51.04 -31.80
N THR B 52 -37.05 50.27 -31.61
CA THR B 52 -38.06 49.99 -32.62
C THR B 52 -39.40 50.42 -32.06
N ILE B 53 -39.83 51.64 -32.36
CA ILE B 53 -41.04 52.18 -31.78
C ILE B 53 -42.14 52.21 -32.83
N PHE B 54 -43.37 52.00 -32.36
CA PHE B 54 -44.58 52.18 -33.14
C PHE B 54 -45.33 53.37 -32.58
N PRO B 55 -45.50 54.45 -33.33
CA PRO B 55 -46.27 55.58 -32.81
C PRO B 55 -47.75 55.23 -32.67
N THR B 56 -48.33 55.61 -31.54
CA THR B 56 -49.75 55.38 -31.32
C THR B 56 -50.61 56.58 -31.65
N VAL B 57 -49.99 57.75 -31.63
CA VAL B 57 -50.71 58.99 -32.01
C VAL B 57 -49.99 59.49 -33.25
N ALA B 58 -50.72 60.05 -34.19
CA ALA B 58 -50.09 60.65 -35.37
C ALA B 58 -49.50 62.01 -35.00
N ASN B 59 -48.68 62.58 -35.88
CA ASN B 59 -47.98 63.84 -35.57
C ASN B 59 -47.09 63.64 -34.35
N LEU B 60 -46.38 62.51 -34.29
CA LEU B 60 -45.58 62.25 -33.09
C LEU B 60 -44.55 63.36 -32.98
N ASN B 61 -43.88 63.76 -34.06
CA ASN B 61 -42.86 64.82 -33.87
C ASN B 61 -41.90 64.36 -32.78
N ARG B 62 -41.62 65.13 -31.74
CA ARG B 62 -40.57 64.74 -30.78
C ARG B 62 -40.76 63.38 -30.10
N ILE B 63 -39.69 62.61 -29.87
CA ILE B 63 -39.72 61.34 -29.11
C ILE B 63 -38.81 61.58 -27.91
N LYS B 64 -39.24 61.35 -26.67
CA LYS B 64 -38.46 61.71 -25.46
C LYS B 64 -37.93 60.49 -24.75
N LEU B 65 -36.60 60.28 -24.75
CA LEU B 65 -35.93 59.13 -24.14
C LEU B 65 -35.16 59.57 -22.92
N ASN B 66 -34.75 58.58 -22.13
CA ASN B 66 -34.03 58.83 -20.89
C ASN B 66 -32.56 58.54 -21.08
N SER B 67 -31.71 59.45 -20.61
CA SER B 67 -30.26 59.28 -20.72
C SER B 67 -29.59 60.14 -19.67
N LYS B 68 -28.69 59.54 -18.91
CA LYS B 68 -27.82 60.27 -18.01
C LYS B 68 -26.40 59.80 -18.24
N GLN B 69 -25.46 60.74 -18.19
CA GLN B 69 -24.00 60.57 -18.25
C GLN B 69 -23.48 60.10 -19.60
N CYS B 70 -24.33 59.81 -20.56
CA CYS B 70 -23.89 59.32 -21.85
C CYS B 70 -23.71 60.50 -22.79
N ARG B 71 -22.59 60.51 -23.49
CA ARG B 71 -22.36 61.54 -24.51
C ARG B 71 -22.98 61.03 -25.79
N ILE B 72 -24.02 61.66 -26.29
CA ILE B 72 -24.75 61.20 -27.48
C ILE B 72 -24.05 61.74 -28.72
N TYR B 73 -23.49 60.83 -29.52
CA TYR B 73 -22.75 61.25 -30.71
C TYR B 73 -23.69 61.58 -31.86
N ARG B 74 -24.44 60.60 -32.34
CA ARG B 74 -25.37 60.83 -33.42
C ARG B 74 -26.62 60.00 -33.21
N VAL B 75 -27.73 60.49 -33.79
CA VAL B 75 -29.03 59.84 -33.74
C VAL B 75 -29.57 59.82 -35.16
N ARG B 76 -29.92 58.63 -35.65
CA ARG B 76 -30.51 58.47 -36.96
C ARG B 76 -31.86 57.77 -36.82
N ILE B 77 -32.91 58.39 -37.34
CA ILE B 77 -34.25 57.80 -37.32
C ILE B 77 -34.56 57.32 -38.73
N ASN B 78 -34.74 55.99 -38.87
CA ASN B 78 -34.96 55.31 -40.15
C ASN B 78 -33.84 55.63 -41.14
N ASP B 79 -32.59 55.59 -40.64
CA ASP B 79 -31.35 55.92 -41.35
C ASP B 79 -31.33 57.34 -41.90
N LEU B 80 -32.13 58.25 -41.33
CA LEU B 80 -32.10 59.65 -41.66
C LEU B 80 -31.61 60.43 -40.45
N GLU B 81 -30.73 61.39 -40.69
CA GLU B 81 -30.10 62.13 -39.60
C GLU B 81 -31.11 63.04 -38.91
N ALA B 82 -31.21 62.91 -37.60
CA ALA B 82 -32.17 63.65 -36.80
C ALA B 82 -31.44 64.54 -35.79
N ALA B 83 -32.16 65.54 -35.30
CA ALA B 83 -31.61 66.52 -34.37
C ALA B 83 -32.17 66.25 -32.98
N PHE B 84 -31.28 66.19 -32.00
CA PHE B 84 -31.65 65.96 -30.61
C PHE B 84 -31.22 67.16 -29.78
N ILE B 85 -31.90 67.35 -28.66
CA ILE B 85 -31.48 68.30 -27.64
C ILE B 85 -31.51 67.61 -26.28
N TYR B 86 -30.46 67.80 -25.51
CA TYR B 86 -30.30 67.17 -24.21
C TYR B 86 -30.30 68.26 -23.14
N ASN B 87 -31.11 68.06 -22.10
CA ASN B 87 -31.00 68.84 -20.89
C ASN B 87 -31.47 68.01 -19.70
N ASP B 88 -30.69 68.05 -18.64
CA ASP B 88 -30.99 67.33 -17.40
C ASP B 88 -31.25 68.33 -16.30
N PRO B 89 -32.49 68.55 -15.88
CA PRO B 89 -32.75 69.48 -14.77
C PRO B 89 -32.33 68.97 -13.41
N THR B 90 -32.04 67.68 -13.26
CA THR B 90 -31.64 67.13 -11.98
C THR B 90 -30.13 67.18 -11.76
N LEU B 91 -29.38 67.86 -12.62
CA LEU B 91 -27.95 68.01 -12.40
C LEU B 91 -27.68 69.05 -11.32
N GLU B 92 -28.28 70.23 -11.48
CA GLU B 92 -28.28 71.28 -10.47
C GLU B 92 -29.73 71.65 -10.24
N VAL B 93 -30.28 71.24 -9.10
CA VAL B 93 -31.73 71.28 -8.90
C VAL B 93 -32.21 72.73 -8.75
N CYS B 94 -31.61 73.47 -7.84
CA CYS B 94 -31.84 74.90 -7.73
C CYS B 94 -30.65 75.66 -8.29
N HIS B 95 -30.88 76.92 -8.65
CA HIS B 95 -29.84 77.76 -9.22
C HIS B 95 -28.77 78.05 -8.18
N SER B 96 -27.56 78.33 -8.66
CA SER B 96 -26.46 78.60 -7.73
C SER B 96 -26.61 79.97 -7.08
N GLU B 97 -27.25 80.92 -7.76
CA GLU B 97 -27.38 82.29 -7.28
C GLU B 97 -28.72 82.56 -6.61
N SER B 98 -29.42 81.53 -6.18
CA SER B 98 -30.59 81.72 -5.33
C SER B 98 -30.15 81.59 -3.88
N LYS B 99 -30.60 82.53 -3.05
CA LYS B 99 -30.20 82.57 -1.66
C LYS B 99 -31.13 81.78 -0.74
N GLN B 100 -32.01 80.96 -1.30
CA GLN B 100 -32.85 80.10 -0.48
C GLN B 100 -32.02 79.03 0.19
N ARG B 101 -32.33 78.75 1.46
CA ARG B 101 -31.61 77.72 2.20
C ARG B 101 -32.53 76.81 3.00
N ASN B 102 -33.85 76.92 2.83
CA ASN B 102 -34.76 76.01 3.48
C ASN B 102 -34.92 74.73 2.67
N LEU B 103 -35.33 73.67 3.35
CA LEU B 103 -35.37 72.34 2.74
C LEU B 103 -36.66 72.07 2.00
N ASN B 104 -37.77 72.71 2.37
CA ASN B 104 -39.02 72.51 1.65
C ASN B 104 -38.93 73.02 0.22
N TYR B 105 -38.19 74.12 0.02
CA TYR B 105 -37.92 74.62 -1.32
C TYR B 105 -37.13 73.61 -2.15
N PHE B 106 -36.10 73.00 -1.56
CA PHE B 106 -35.31 72.01 -2.29
C PHE B 106 -36.11 70.75 -2.56
N SER B 107 -36.98 70.35 -1.63
CA SER B 107 -37.75 69.13 -1.84
C SER B 107 -38.78 69.32 -2.95
N ASN B 108 -39.41 70.49 -3.00
CA ASN B 108 -40.33 70.76 -4.10
C ASN B 108 -39.62 70.91 -5.44
N ALA B 109 -38.45 71.56 -5.44
CA ALA B 109 -37.69 71.71 -6.68
C ALA B 109 -37.12 70.39 -7.16
N TYR B 110 -36.72 69.53 -6.23
CA TYR B 110 -36.18 68.22 -6.57
C TYR B 110 -37.27 67.29 -7.07
N ALA B 111 -38.47 67.37 -6.48
CA ALA B 111 -39.60 66.60 -6.98
C ALA B 111 -40.01 67.07 -8.36
N ALA B 112 -39.98 68.39 -8.62
CA ALA B 112 -40.33 68.90 -9.93
C ALA B 112 -39.27 68.53 -10.97
N ALA B 113 -38.00 68.50 -10.56
CA ALA B 113 -36.93 68.14 -11.49
C ALA B 113 -36.98 66.66 -11.85
N VAL B 114 -37.26 65.80 -10.87
CA VAL B 114 -37.38 64.38 -11.14
C VAL B 114 -38.66 64.10 -11.94
N SER B 115 -39.72 64.87 -11.72
CA SER B 115 -40.92 64.71 -12.52
C SER B 115 -40.75 65.26 -13.93
N ALA B 116 -39.77 66.13 -14.16
CA ALA B 116 -39.53 66.64 -15.50
C ALA B 116 -38.70 65.70 -16.35
N VAL B 117 -38.01 64.73 -15.75
CA VAL B 117 -37.32 63.68 -16.48
C VAL B 117 -38.01 62.35 -16.35
N ASP B 118 -39.22 62.33 -15.82
CA ASP B 118 -39.92 61.10 -15.51
C ASP B 118 -40.41 60.44 -16.79
N PRO B 119 -40.06 59.19 -17.05
CA PRO B 119 -40.69 58.46 -18.16
C PRO B 119 -42.06 57.93 -17.81
N ASP B 120 -42.49 58.04 -16.55
CA ASP B 120 -43.84 57.65 -16.16
C ASP B 120 -44.85 58.73 -16.48
N ALA B 121 -44.39 59.95 -16.70
CA ALA B 121 -45.14 60.94 -17.47
C ALA B 121 -44.67 60.82 -18.92
N GLY B 122 -45.01 61.78 -19.75
CA GLY B 122 -44.51 61.65 -21.11
C GLY B 122 -43.07 62.08 -21.31
N ASN B 123 -42.41 62.54 -20.26
CA ASN B 123 -41.19 63.31 -20.40
C ASN B 123 -39.97 62.41 -20.56
N GLY B 124 -38.81 63.04 -20.51
CA GLY B 124 -37.55 62.39 -20.75
C GLY B 124 -36.50 63.46 -20.96
N GLU B 125 -35.24 63.04 -20.91
CA GLU B 125 -34.14 63.98 -20.88
C GLU B 125 -33.59 64.28 -22.26
N LEU B 126 -33.60 63.28 -23.14
CA LEU B 126 -33.15 63.43 -24.51
C LEU B 126 -34.36 63.59 -25.41
N CYS B 127 -34.47 64.73 -26.07
CA CYS B 127 -35.62 65.02 -26.92
C CYS B 127 -35.14 64.97 -28.37
N ILE B 128 -35.58 63.97 -29.11
CA ILE B 128 -35.19 63.76 -30.50
C ILE B 128 -36.32 64.25 -31.39
N LYS B 129 -35.99 65.00 -32.43
CA LYS B 129 -36.98 65.54 -33.35
C LYS B 129 -37.05 64.65 -34.57
N VAL B 130 -38.27 64.23 -34.90
CA VAL B 130 -38.49 63.39 -36.08
C VAL B 130 -38.25 64.22 -37.34
N PRO B 131 -37.47 63.73 -38.30
CA PRO B 131 -37.27 64.47 -39.56
C PRO B 131 -38.56 64.65 -40.33
N SER B 132 -38.53 65.64 -41.24
CA SER B 132 -39.77 66.09 -41.87
C SER B 132 -40.31 65.05 -42.85
N GLU B 133 -39.44 64.39 -43.61
CA GLU B 133 -39.86 63.42 -44.62
C GLU B 133 -40.47 62.16 -44.03
N LEU B 134 -40.33 61.93 -42.72
CA LEU B 134 -40.96 60.80 -42.07
C LEU B 134 -42.31 61.14 -41.48
N TRP B 135 -42.81 62.37 -41.68
CA TRP B 135 -44.12 62.68 -41.10
C TRP B 135 -45.24 61.93 -41.80
N LYS B 136 -45.13 61.74 -43.12
CA LYS B 136 -46.02 60.83 -43.83
C LYS B 136 -45.81 59.37 -43.46
N HIS B 137 -44.69 59.04 -42.82
CA HIS B 137 -44.50 57.71 -42.25
C HIS B 137 -45.01 57.61 -40.82
N VAL B 138 -45.25 58.73 -40.16
CA VAL B 138 -45.62 58.64 -38.76
C VAL B 138 -47.13 58.89 -38.58
N ASP B 139 -47.78 59.56 -39.53
CA ASP B 139 -49.19 59.88 -39.37
C ASP B 139 -50.07 58.63 -39.58
N GLU B 140 -49.84 57.90 -40.65
CA GLU B 140 -50.33 56.53 -40.75
C GLU B 140 -49.29 55.63 -40.09
N LEU B 141 -49.69 55.06 -38.95
CA LEU B 141 -48.79 54.69 -37.86
C LEU B 141 -47.90 53.50 -38.22
N LYS B 142 -46.70 53.80 -38.70
CA LYS B 142 -45.76 52.78 -39.15
C LYS B 142 -44.47 52.92 -38.36
N VAL B 143 -43.60 51.92 -38.50
CA VAL B 143 -42.52 51.69 -37.56
C VAL B 143 -41.42 52.74 -37.74
N LEU B 144 -40.73 53.04 -36.63
CA LEU B 144 -39.60 53.95 -36.62
C LEU B 144 -38.46 53.27 -35.91
N LYS B 145 -37.28 53.26 -36.53
CA LYS B 145 -36.09 52.62 -35.96
C LYS B 145 -35.05 53.69 -35.64
N ILE B 146 -34.83 53.94 -34.36
CA ILE B 146 -33.98 55.02 -33.88
C ILE B 146 -32.64 54.42 -33.49
N HIS B 147 -31.57 54.89 -34.12
CA HIS B 147 -30.22 54.40 -33.90
C HIS B 147 -29.42 55.52 -33.27
N ILE B 148 -29.26 55.46 -31.96
CA ILE B 148 -28.40 56.36 -31.21
C ILE B 148 -27.08 55.66 -30.99
N ASN B 149 -25.97 56.36 -31.16
CA ASN B 149 -24.71 55.80 -30.69
C ASN B 149 -24.08 56.75 -29.69
N PHE B 150 -23.57 56.19 -28.62
CA PHE B 150 -23.18 56.94 -27.44
C PHE B 150 -21.84 56.47 -26.91
N SER B 151 -21.42 57.09 -25.82
CA SER B 151 -20.14 56.79 -25.19
C SER B 151 -20.15 57.26 -23.75
N LEU B 152 -19.76 56.41 -22.83
CA LEU B 152 -19.54 56.80 -21.44
C LEU B 152 -18.06 57.03 -21.25
N ASP B 153 -17.70 58.28 -20.94
CA ASP B 153 -16.30 58.70 -20.98
C ASP B 153 -15.57 58.30 -19.70
N GLN B 154 -16.21 58.52 -18.55
CA GLN B 154 -15.66 58.05 -17.24
C GLN B 154 -16.85 58.09 -16.29
N PRO B 155 -17.72 57.06 -16.28
CA PRO B 155 -18.97 57.14 -15.52
C PRO B 155 -18.88 57.31 -14.00
N LYS B 156 -19.68 58.23 -13.45
CA LYS B 156 -19.74 58.44 -11.98
C LYS B 156 -20.94 57.67 -11.43
N GLY B 157 -21.72 57.03 -12.29
CA GLY B 157 -22.90 56.25 -11.85
C GLY B 157 -23.27 55.20 -12.88
N GLY B 158 -24.11 54.24 -12.50
CA GLY B 158 -24.57 53.26 -13.50
C GLY B 158 -23.57 52.12 -13.60
N LEU B 159 -22.60 52.23 -14.50
CA LEU B 159 -21.55 51.20 -14.57
C LEU B 159 -20.47 51.53 -13.55
N HIS B 160 -20.13 50.58 -12.68
CA HIS B 160 -19.03 50.80 -11.70
C HIS B 160 -17.84 49.98 -12.15
N PHE B 161 -16.70 50.64 -12.38
CA PHE B 161 -15.46 49.92 -12.80
C PHE B 161 -14.60 49.65 -11.58
N VAL B 162 -14.48 48.39 -11.17
CA VAL B 162 -13.58 48.00 -10.10
C VAL B 162 -12.29 47.56 -10.75
N VAL B 163 -11.29 48.43 -10.76
CA VAL B 163 -10.00 48.14 -11.36
C VAL B 163 -8.94 48.16 -10.26
N PRO B 164 -8.42 47.00 -9.85
CA PRO B 164 -7.37 46.98 -8.82
C PRO B 164 -6.06 47.47 -9.39
N SER B 165 -5.15 47.83 -8.50
CA SER B 165 -3.87 48.41 -8.91
C SER B 165 -2.73 47.40 -8.89
N VAL B 166 -3.03 46.11 -8.98
CA VAL B 166 -2.00 45.12 -9.28
C VAL B 166 -1.68 45.18 -10.77
N GLU B 167 -0.41 45.00 -11.13
CA GLU B 167 -0.04 44.98 -12.53
C GLU B 167 -0.29 43.61 -13.13
N GLY B 168 -0.22 43.58 -14.46
CA GLY B 168 -0.66 42.44 -15.25
C GLY B 168 -1.77 42.85 -16.20
N SER B 169 -2.29 41.84 -16.89
CA SER B 169 -3.47 42.04 -17.72
C SER B 169 -4.68 42.30 -16.84
N MET B 170 -5.74 42.85 -17.45
CA MET B 170 -6.95 43.20 -16.70
C MET B 170 -7.67 41.98 -16.14
N ALA B 171 -7.52 40.82 -16.77
CA ALA B 171 -8.00 39.58 -16.17
C ALA B 171 -7.05 39.04 -15.10
N GLU B 172 -5.76 39.38 -15.19
CA GLU B 172 -4.80 38.90 -14.21
C GLU B 172 -4.83 39.69 -12.91
N ARG B 173 -5.33 40.92 -12.95
CA ARG B 173 -5.43 41.74 -11.75
C ARG B 173 -6.83 41.73 -11.14
N GLY B 174 -7.84 41.29 -11.89
CA GLY B 174 -9.17 41.11 -11.33
C GLY B 174 -10.08 42.30 -11.48
N ALA B 175 -10.06 42.92 -12.66
CA ALA B 175 -10.84 44.12 -12.92
C ALA B 175 -12.17 43.75 -13.54
N HIS B 176 -13.23 44.42 -13.09
CA HIS B 176 -14.55 44.06 -13.57
C HIS B 176 -15.46 45.27 -13.57
N VAL B 177 -16.57 45.16 -14.30
CA VAL B 177 -17.59 46.20 -14.40
C VAL B 177 -18.91 45.56 -13.99
N PHE B 178 -19.77 46.34 -13.33
CA PHE B 178 -21.14 45.88 -13.12
C PHE B 178 -22.07 47.08 -13.08
N SER B 179 -23.32 46.87 -13.46
CA SER B 179 -24.32 47.92 -13.44
C SER B 179 -24.90 48.06 -12.04
N CYS B 180 -24.72 49.23 -11.44
CA CYS B 180 -25.18 49.49 -10.06
C CYS B 180 -26.35 50.49 -10.10
N GLY B 181 -27.01 50.71 -8.97
CA GLY B 181 -28.15 51.62 -8.89
C GLY B 181 -29.41 50.93 -8.42
N TYR B 182 -30.47 51.69 -8.16
CA TYR B 182 -31.75 51.11 -7.70
C TYR B 182 -32.91 51.68 -8.52
N GLN B 183 -33.98 50.90 -8.65
CA GLN B 183 -35.17 51.33 -9.44
C GLN B 183 -34.77 51.64 -10.89
N ASN B 184 -35.19 52.79 -11.41
CA ASN B 184 -34.93 53.17 -12.82
C ASN B 184 -33.56 53.84 -12.94
N SER B 185 -32.49 53.05 -13.05
CA SER B 185 -31.11 53.62 -13.11
C SER B 185 -30.36 53.02 -14.28
N THR B 186 -31.07 52.49 -15.27
CA THR B 186 -30.49 51.98 -16.50
C THR B 186 -30.27 53.10 -17.50
N ARG B 187 -30.86 54.27 -17.26
CA ARG B 187 -30.57 55.47 -18.04
C ARG B 187 -29.14 55.95 -17.84
N PHE B 188 -28.47 55.48 -16.79
CA PHE B 188 -27.13 55.87 -16.46
C PHE B 188 -26.07 55.18 -17.31
N TRP B 189 -26.43 54.16 -18.09
CA TRP B 189 -25.43 53.55 -18.95
C TRP B 189 -25.86 53.25 -20.37
N PHE B 190 -27.15 53.30 -20.72
CA PHE B 190 -27.51 53.44 -22.12
C PHE B 190 -28.82 54.20 -22.23
N PRO B 191 -29.07 54.89 -23.35
CA PRO B 191 -30.34 55.59 -23.52
C PRO B 191 -31.50 54.63 -23.74
N CYS B 192 -32.58 54.82 -22.99
CA CYS B 192 -33.69 53.91 -23.01
C CYS B 192 -34.96 54.63 -22.62
N VAL B 193 -36.05 53.88 -22.52
CA VAL B 193 -37.27 54.36 -21.88
C VAL B 193 -37.27 53.70 -20.50
N ASP B 194 -36.74 54.41 -19.52
CA ASP B 194 -36.39 53.80 -18.23
C ASP B 194 -37.56 53.81 -17.27
N SER B 195 -38.64 53.15 -17.69
CA SER B 195 -39.80 52.94 -16.83
C SER B 195 -40.07 51.45 -16.74
N TYR B 196 -40.76 51.06 -15.68
CA TYR B 196 -41.10 49.66 -15.47
C TYR B 196 -42.30 49.22 -16.30
N SER B 197 -42.93 50.15 -17.02
CA SER B 197 -44.14 49.86 -17.77
C SER B 197 -43.90 49.72 -19.27
N GLU B 198 -42.69 50.04 -19.73
CA GLU B 198 -42.36 49.95 -21.15
C GLU B 198 -41.62 48.63 -21.35
N LEU B 199 -42.38 47.57 -21.61
CA LEU B 199 -41.85 46.24 -21.81
C LEU B 199 -41.54 46.02 -23.28
N CYS B 200 -40.38 45.43 -23.56
CA CYS B 200 -39.98 45.15 -24.93
C CYS B 200 -39.07 43.93 -24.92
N THR B 201 -38.84 43.38 -26.11
CA THR B 201 -37.87 42.30 -26.19
C THR B 201 -36.48 42.87 -26.49
N TRP B 202 -35.45 42.10 -26.16
CA TRP B 202 -34.12 42.65 -26.07
C TRP B 202 -33.10 41.81 -26.84
N LYS B 203 -32.09 42.51 -27.35
CA LYS B 203 -30.96 41.86 -28.01
C LYS B 203 -29.69 42.55 -27.54
N LEU B 204 -28.82 41.84 -26.83
CA LEU B 204 -27.73 42.45 -26.10
C LEU B 204 -26.40 41.88 -26.56
N GLU B 205 -25.54 42.70 -27.12
CA GLU B 205 -24.22 42.26 -27.57
C GLU B 205 -23.15 43.01 -26.81
N PHE B 206 -22.15 42.28 -26.31
CA PHE B 206 -21.06 42.87 -25.55
C PHE B 206 -19.73 42.33 -26.07
N THR B 207 -18.88 43.21 -26.59
CA THR B 207 -17.58 42.81 -27.11
C THR B 207 -16.53 43.04 -26.04
N VAL B 208 -16.13 41.97 -25.37
CA VAL B 208 -15.23 42.07 -24.23
C VAL B 208 -13.90 41.41 -24.58
N ASP B 209 -12.94 41.47 -23.66
CA ASP B 209 -11.65 40.81 -23.82
C ASP B 209 -11.84 39.30 -23.89
N ALA B 210 -10.84 38.62 -24.44
CA ALA B 210 -10.95 37.18 -24.64
C ALA B 210 -10.85 36.41 -23.34
N ALA B 211 -10.24 36.97 -22.32
CA ALA B 211 -10.11 36.30 -21.03
C ALA B 211 -11.24 36.66 -20.07
N MET B 212 -12.20 37.47 -20.50
CA MET B 212 -13.31 37.91 -19.67
C MET B 212 -14.62 37.33 -20.19
N VAL B 213 -15.63 37.36 -19.31
CA VAL B 213 -16.96 36.88 -19.63
C VAL B 213 -17.95 38.00 -19.30
N ALA B 214 -18.96 38.17 -20.17
CA ALA B 214 -19.98 39.20 -20.04
C ALA B 214 -21.30 38.52 -19.70
N VAL B 215 -21.82 38.80 -18.52
CA VAL B 215 -23.05 38.20 -18.01
C VAL B 215 -24.14 39.25 -18.11
N SER B 216 -25.30 38.87 -18.61
CA SER B 216 -26.39 39.82 -18.75
C SER B 216 -27.71 39.05 -18.79
N ASN B 217 -28.79 39.75 -19.13
CA ASN B 217 -30.12 39.18 -19.08
C ASN B 217 -30.44 38.46 -20.38
N GLY B 218 -31.25 37.43 -20.27
CA GLY B 218 -31.63 36.61 -21.41
C GLY B 218 -30.88 35.30 -21.40
N ASP B 219 -30.85 34.66 -22.56
CA ASP B 219 -29.98 33.51 -22.73
C ASP B 219 -28.96 33.79 -23.82
N LEU B 220 -27.74 33.33 -23.56
CA LEU B 220 -26.60 33.51 -24.44
C LEU B 220 -26.77 32.65 -25.67
N VAL B 221 -27.03 33.27 -26.81
CA VAL B 221 -27.27 32.46 -28.00
C VAL B 221 -25.96 32.01 -28.63
N GLU B 222 -24.92 32.85 -28.61
CA GLU B 222 -23.62 32.45 -29.13
C GLU B 222 -22.54 33.31 -28.52
N THR B 223 -21.29 32.97 -28.83
CA THR B 223 -20.10 33.74 -28.42
C THR B 223 -19.09 33.61 -29.55
N VAL B 224 -18.99 34.64 -30.37
CA VAL B 224 -18.08 34.61 -31.51
C VAL B 224 -16.82 35.37 -31.18
N TYR B 225 -15.72 34.95 -31.78
CA TYR B 225 -14.44 35.64 -31.69
C TYR B 225 -14.37 36.82 -32.67
N THR B 226 -13.45 37.72 -32.40
CA THR B 226 -13.09 38.79 -33.31
C THR B 226 -11.98 38.29 -34.22
N HIS B 227 -11.75 38.98 -35.35
CA HIS B 227 -10.83 38.51 -36.37
C HIS B 227 -9.37 38.48 -35.93
N ASP B 228 -9.03 39.20 -34.85
CA ASP B 228 -7.70 39.07 -34.27
C ASP B 228 -7.65 38.05 -33.14
N MET B 229 -8.81 37.51 -32.76
CA MET B 229 -8.90 36.53 -31.63
C MET B 229 -8.39 37.13 -30.33
N ARG B 230 -8.51 38.45 -30.17
CA ARG B 230 -8.16 39.09 -28.90
C ARG B 230 -9.38 39.52 -28.10
N LYS B 231 -10.54 39.62 -28.75
CA LYS B 231 -11.79 39.98 -28.12
C LYS B 231 -12.87 39.00 -28.59
N LYS B 232 -13.92 38.87 -27.80
CA LYS B 232 -15.05 38.08 -28.24
C LYS B 232 -16.35 38.77 -27.89
N THR B 233 -17.37 38.52 -28.70
CA THR B 233 -18.67 39.14 -28.58
C THR B 233 -19.65 38.15 -27.99
N PHE B 234 -20.27 38.51 -26.88
CA PHE B 234 -21.34 37.72 -26.28
C PHE B 234 -22.66 38.26 -26.78
N HIS B 235 -23.47 37.38 -27.38
CA HIS B 235 -24.80 37.71 -27.86
C HIS B 235 -25.82 37.10 -26.91
N TYR B 236 -26.65 37.96 -26.33
CA TYR B 236 -27.76 37.56 -25.47
C TYR B 236 -29.06 37.92 -26.15
N MET B 237 -30.08 37.12 -25.92
CA MET B 237 -31.39 37.43 -26.45
C MET B 237 -32.41 37.26 -25.34
N LEU B 238 -33.33 38.21 -25.22
CA LEU B 238 -34.37 38.18 -24.20
C LEU B 238 -35.71 38.25 -24.89
N THR B 239 -36.38 37.11 -24.99
CA THR B 239 -37.67 37.02 -25.64
C THR B 239 -38.85 37.27 -24.70
N ILE B 240 -38.65 37.09 -23.40
CA ILE B 240 -39.65 37.52 -22.42
C ILE B 240 -39.58 39.04 -22.34
N PRO B 241 -40.68 39.75 -22.59
CA PRO B 241 -40.63 41.21 -22.60
C PRO B 241 -40.44 41.83 -21.22
N THR B 242 -39.24 42.32 -20.96
CA THR B 242 -38.91 43.01 -19.74
C THR B 242 -38.80 44.50 -19.98
N ALA B 243 -38.76 45.25 -18.89
CA ALA B 243 -38.53 46.68 -18.94
C ALA B 243 -37.04 46.97 -19.06
N ALA B 244 -36.73 48.22 -19.39
CA ALA B 244 -35.34 48.64 -19.46
C ALA B 244 -34.69 48.69 -18.10
N SER B 245 -35.48 48.88 -17.04
CA SER B 245 -34.95 48.99 -15.69
C SER B 245 -34.48 47.65 -15.14
N ASN B 246 -34.87 46.54 -15.76
CA ASN B 246 -34.48 45.22 -15.31
C ASN B 246 -33.32 44.65 -16.09
N ILE B 247 -32.65 45.45 -16.92
CA ILE B 247 -31.55 44.99 -17.76
C ILE B 247 -30.25 45.30 -17.05
N SER B 248 -29.39 44.30 -16.93
CA SER B 248 -28.15 44.47 -16.21
C SER B 248 -26.93 43.97 -16.99
N LEU B 249 -25.77 44.01 -16.36
CA LEU B 249 -24.50 43.72 -17.00
C LEU B 249 -23.42 43.46 -15.96
N ALA B 250 -22.63 42.43 -16.15
CA ALA B 250 -21.46 42.16 -15.32
C ALA B 250 -20.37 41.59 -16.21
N ILE B 251 -19.30 42.35 -16.41
CA ILE B 251 -18.20 41.95 -17.27
C ILE B 251 -16.98 41.77 -16.41
N GLY B 252 -16.39 40.58 -16.44
CA GLY B 252 -15.21 40.36 -15.62
C GLY B 252 -14.55 39.02 -15.87
N PRO B 253 -13.45 38.75 -15.19
CA PRO B 253 -12.75 37.48 -15.35
C PRO B 253 -13.32 36.40 -14.41
N PHE B 254 -14.62 36.16 -14.52
CA PHE B 254 -15.34 35.37 -13.54
C PHE B 254 -15.05 33.88 -13.70
N GLU B 255 -14.96 33.21 -12.56
CA GLU B 255 -14.92 31.76 -12.53
C GLU B 255 -16.36 31.26 -12.65
N ILE B 256 -16.59 30.46 -13.67
CA ILE B 256 -17.91 29.92 -13.99
C ILE B 256 -18.11 28.61 -13.24
N LEU B 257 -19.29 28.43 -12.68
CA LEU B 257 -19.66 27.18 -12.02
C LEU B 257 -21.08 26.85 -12.39
N VAL B 258 -21.29 25.76 -13.09
CA VAL B 258 -22.64 25.30 -13.37
C VAL B 258 -23.17 24.60 -12.12
N ASP B 259 -24.43 24.87 -11.79
CA ASP B 259 -25.06 24.23 -10.64
C ASP B 259 -25.18 22.73 -10.87
N PRO B 260 -24.66 21.89 -9.98
CA PRO B 260 -24.71 20.45 -10.22
C PRO B 260 -26.09 19.86 -10.02
N TYR B 261 -27.05 20.60 -9.46
CA TYR B 261 -28.43 20.11 -9.28
C TYR B 261 -29.36 20.64 -10.36
N MET B 262 -29.38 21.94 -10.62
CA MET B 262 -30.24 22.56 -11.63
C MET B 262 -29.27 22.98 -12.70
N HIS B 263 -29.53 22.69 -13.96
CA HIS B 263 -28.48 22.91 -14.97
C HIS B 263 -28.70 24.14 -15.83
N GLU B 264 -29.68 24.96 -15.56
CA GLU B 264 -29.79 26.21 -16.32
C GLU B 264 -29.25 27.30 -15.42
N VAL B 265 -28.74 26.99 -14.24
CA VAL B 265 -28.30 28.02 -13.29
C VAL B 265 -26.79 28.03 -13.26
N THR B 266 -26.15 29.13 -13.65
CA THR B 266 -24.70 29.30 -13.64
C THR B 266 -24.34 30.33 -12.58
N HIS B 267 -23.31 30.11 -11.80
CA HIS B 267 -22.82 30.97 -10.74
C HIS B 267 -21.45 31.50 -11.14
N PHE B 268 -21.28 32.81 -11.06
CA PHE B 268 -20.05 33.47 -11.46
C PHE B 268 -19.43 34.09 -10.23
N CYS B 269 -18.15 33.84 -10.00
CA CYS B 269 -17.48 34.48 -8.88
C CYS B 269 -16.20 35.16 -9.35
N LEU B 270 -15.59 35.93 -8.47
CA LEU B 270 -14.30 36.52 -8.76
C LEU B 270 -13.23 35.43 -8.65
N PRO B 271 -12.09 35.61 -9.30
CA PRO B 271 -11.04 34.58 -9.25
C PRO B 271 -10.49 34.35 -7.85
N GLN B 272 -10.10 33.09 -7.62
CA GLN B 272 -9.65 32.46 -6.36
C GLN B 272 -10.76 32.25 -5.34
N LEU B 273 -12.02 32.46 -5.71
CA LEU B 273 -13.12 32.27 -4.77
C LEU B 273 -14.09 31.18 -5.22
N LEU B 274 -13.64 30.24 -6.04
CA LEU B 274 -14.46 29.12 -6.46
C LEU B 274 -14.89 28.13 -5.36
N PRO B 275 -14.05 27.74 -4.37
CA PRO B 275 -14.59 26.85 -3.33
C PRO B 275 -15.65 27.50 -2.44
N LEU B 276 -15.49 28.78 -2.17
CA LEU B 276 -16.50 29.52 -1.42
C LEU B 276 -17.80 29.60 -2.21
N LEU B 277 -17.70 29.74 -3.53
CA LEU B 277 -18.88 29.79 -4.37
C LEU B 277 -19.59 28.44 -4.41
N LYS B 278 -18.80 27.35 -4.49
CA LYS B 278 -19.35 26.00 -4.45
C LYS B 278 -20.11 25.73 -3.17
N HIS B 279 -19.54 26.14 -2.02
CA HIS B 279 -20.24 25.87 -0.78
C HIS B 279 -21.43 26.80 -0.58
N THR B 280 -21.29 28.06 -0.97
CA THR B 280 -22.32 29.06 -0.70
C THR B 280 -23.56 28.82 -1.54
N THR B 281 -23.40 28.63 -2.85
CA THR B 281 -24.54 28.49 -3.74
C THR B 281 -25.00 27.05 -3.88
N SER B 282 -24.74 26.21 -2.88
CA SER B 282 -25.18 24.82 -2.92
C SER B 282 -26.58 24.62 -2.37
N TYR B 283 -27.15 25.64 -1.74
CA TYR B 283 -28.49 25.55 -1.17
C TYR B 283 -29.57 26.00 -2.13
N LEU B 284 -29.21 26.75 -3.18
CA LEU B 284 -30.16 27.51 -3.99
C LEU B 284 -31.20 26.67 -4.71
N HIS B 285 -30.91 25.39 -4.96
CA HIS B 285 -31.89 24.53 -5.62
C HIS B 285 -33.09 24.26 -4.72
N GLU B 286 -32.89 24.26 -3.40
CA GLU B 286 -34.01 24.10 -2.49
C GLU B 286 -34.88 25.35 -2.45
N VAL B 287 -34.27 26.53 -2.65
CA VAL B 287 -35.04 27.76 -2.74
C VAL B 287 -35.87 27.78 -4.01
N PHE B 288 -35.28 27.31 -5.12
CA PHE B 288 -36.00 27.17 -6.38
C PHE B 288 -37.18 26.22 -6.23
N GLU B 289 -36.96 25.07 -5.57
CA GLU B 289 -38.01 24.07 -5.40
C GLU B 289 -39.14 24.58 -4.51
N PHE B 290 -38.80 25.35 -3.48
CA PHE B 290 -39.84 25.95 -2.64
C PHE B 290 -40.68 26.94 -3.42
N TYR B 291 -40.03 27.90 -4.09
CA TYR B 291 -40.79 28.95 -4.78
C TYR B 291 -41.56 28.41 -5.97
N GLU B 292 -41.17 27.28 -6.51
CA GLU B 292 -41.97 26.65 -7.55
C GLU B 292 -42.96 25.63 -7.02
N GLU B 293 -42.98 25.38 -5.70
CA GLU B 293 -43.95 24.42 -5.10
C GLU B 293 -45.06 25.14 -4.34
N ILE B 294 -44.83 26.37 -3.88
CA ILE B 294 -45.92 27.12 -3.23
C ILE B 294 -46.73 27.88 -4.27
N LEU B 295 -46.07 28.61 -5.16
CA LEU B 295 -46.67 28.97 -6.43
C LEU B 295 -46.64 27.74 -7.31
N THR B 296 -47.50 27.68 -8.31
CA THR B 296 -47.48 26.53 -9.20
C THR B 296 -46.89 26.84 -10.57
N CYS B 297 -46.38 28.06 -10.77
CA CYS B 297 -45.65 28.37 -11.97
C CYS B 297 -44.20 27.95 -11.81
N ARG B 298 -43.61 27.42 -12.90
CA ARG B 298 -42.16 27.24 -12.93
C ARG B 298 -41.47 28.59 -13.04
N TYR B 299 -40.16 28.56 -12.90
CA TYR B 299 -39.35 29.76 -13.02
C TYR B 299 -39.46 30.31 -14.43
N PRO B 300 -39.85 31.57 -14.60
CA PRO B 300 -40.29 32.04 -15.92
C PRO B 300 -39.16 32.20 -16.93
N TYR B 301 -37.96 32.51 -16.49
CA TYR B 301 -36.86 32.74 -17.41
C TYR B 301 -36.17 31.42 -17.71
N SER B 302 -35.45 31.40 -18.83
CA SER B 302 -34.83 30.18 -19.31
C SER B 302 -33.49 29.89 -18.65
N CYS B 303 -32.85 30.89 -18.03
CA CYS B 303 -31.62 30.69 -17.28
C CYS B 303 -31.71 31.47 -15.98
N PHE B 304 -30.76 31.20 -15.10
CA PHE B 304 -30.56 32.02 -13.91
C PHE B 304 -29.08 32.16 -13.69
N LYS B 305 -28.64 33.39 -13.39
CA LYS B 305 -27.23 33.70 -13.23
C LYS B 305 -27.03 34.49 -11.95
N THR B 306 -26.13 34.01 -11.09
CA THR B 306 -25.76 34.69 -9.86
C THR B 306 -24.33 35.16 -9.99
N VAL B 307 -24.12 36.48 -9.90
CA VAL B 307 -22.81 37.08 -10.04
C VAL B 307 -22.40 37.64 -8.69
N PHE B 308 -21.18 37.32 -8.27
CA PHE B 308 -20.63 37.81 -7.01
C PHE B 308 -19.46 38.73 -7.32
N ILE B 309 -19.55 39.96 -6.84
CA ILE B 309 -18.69 41.05 -7.27
C ILE B 309 -18.15 41.79 -6.05
N ASP B 310 -17.24 42.71 -6.31
CA ASP B 310 -16.63 43.53 -5.28
C ASP B 310 -17.11 44.96 -5.37
N GLU B 311 -17.18 45.62 -4.21
CA GLU B 311 -17.66 47.00 -4.04
C GLU B 311 -19.08 47.15 -4.58
N ALA B 312 -19.98 46.29 -4.12
CA ALA B 312 -21.34 46.28 -4.62
C ALA B 312 -22.13 47.48 -4.11
N TYR B 313 -23.16 47.84 -4.86
CA TYR B 313 -24.06 48.92 -4.48
C TYR B 313 -24.90 48.52 -3.29
N VAL B 314 -25.76 47.52 -3.50
CA VAL B 314 -26.53 46.91 -2.43
C VAL B 314 -25.99 45.49 -2.22
N GLU B 315 -26.39 44.89 -1.11
CA GLU B 315 -25.93 43.55 -0.78
C GLU B 315 -26.51 42.52 -1.74
N VAL B 316 -27.70 42.77 -2.26
CA VAL B 316 -28.32 41.89 -3.23
C VAL B 316 -29.21 42.69 -4.17
N ALA B 317 -28.94 42.61 -5.47
CA ALA B 317 -29.76 43.24 -6.48
C ALA B 317 -30.31 42.18 -7.40
N ALA B 318 -31.57 42.32 -7.80
CA ALA B 318 -32.25 41.33 -8.62
C ALA B 318 -32.74 42.00 -9.90
N TYR B 319 -32.29 41.48 -11.04
CA TYR B 319 -32.71 41.92 -12.35
C TYR B 319 -33.42 40.77 -13.04
N ALA B 320 -33.76 40.98 -14.30
CA ALA B 320 -34.43 39.93 -15.07
C ALA B 320 -33.44 38.81 -15.38
N SER B 321 -33.71 37.61 -14.85
CA SER B 321 -32.93 36.40 -15.09
C SER B 321 -31.52 36.49 -14.57
N MET B 322 -31.28 37.31 -13.54
CA MET B 322 -29.93 37.60 -13.09
C MET B 322 -30.00 38.23 -11.71
N SER B 323 -29.01 37.93 -10.88
CA SER B 323 -28.89 38.56 -9.58
C SER B 323 -27.43 38.90 -9.35
N ILE B 324 -27.18 40.04 -8.72
CA ILE B 324 -25.85 40.53 -8.45
C ILE B 324 -25.71 40.65 -6.94
N PHE B 325 -24.91 39.78 -6.35
CA PHE B 325 -24.61 39.81 -4.93
C PHE B 325 -23.19 40.30 -4.73
N SER B 326 -22.88 40.72 -3.51
CA SER B 326 -21.50 41.07 -3.20
C SER B 326 -20.74 39.82 -2.79
N THR B 327 -19.42 39.85 -2.96
CA THR B 327 -18.60 38.72 -2.60
C THR B 327 -18.50 38.51 -1.10
N ASN B 328 -18.87 39.50 -0.29
CA ASN B 328 -18.83 39.39 1.16
C ASN B 328 -19.86 38.42 1.72
N LEU B 329 -20.76 37.91 0.90
CA LEU B 329 -21.67 36.84 1.27
C LEU B 329 -21.04 35.46 1.17
N LEU B 330 -19.92 35.34 0.47
CA LEU B 330 -19.30 34.04 0.24
C LEU B 330 -18.58 33.58 1.48
N HIS B 331 -18.97 32.43 2.01
CA HIS B 331 -18.38 31.83 3.18
C HIS B 331 -17.96 30.41 2.86
N SER B 332 -17.19 29.79 3.74
CA SER B 332 -16.79 28.41 3.54
C SER B 332 -17.65 27.52 4.42
N ALA B 333 -17.29 26.24 4.49
CA ALA B 333 -18.08 25.27 5.24
C ALA B 333 -17.92 25.42 6.74
N MET B 334 -16.83 26.03 7.20
CA MET B 334 -16.54 26.16 8.61
C MET B 334 -16.99 27.50 9.19
N ILE B 335 -17.78 28.26 8.44
CA ILE B 335 -18.25 29.56 8.89
C ILE B 335 -19.72 29.43 9.22
N ILE B 336 -20.02 29.61 10.51
CA ILE B 336 -21.40 29.74 10.96
C ILE B 336 -21.60 31.19 11.34
N ASP B 337 -22.86 31.55 11.65
CA ASP B 337 -23.40 32.89 11.87
C ASP B 337 -23.44 33.72 10.59
N GLU B 338 -23.01 33.16 9.46
CA GLU B 338 -23.11 33.77 8.14
C GLU B 338 -23.92 32.95 7.17
N THR B 339 -24.04 31.63 7.40
CA THR B 339 -24.90 30.77 6.59
C THR B 339 -26.38 31.19 6.52
N PRO B 340 -27.08 31.55 7.62
CA PRO B 340 -28.48 31.97 7.45
C PRO B 340 -28.63 33.30 6.74
N LEU B 341 -27.69 34.23 6.92
CA LEU B 341 -27.83 35.54 6.31
C LEU B 341 -27.63 35.47 4.80
N THR B 342 -26.61 34.76 4.35
CA THR B 342 -26.42 34.55 2.92
C THR B 342 -27.55 33.72 2.32
N ARG B 343 -28.05 32.74 3.07
CA ARG B 343 -29.16 31.91 2.62
C ARG B 343 -30.41 32.74 2.39
N ARG B 344 -30.71 33.66 3.30
CA ARG B 344 -31.90 34.47 3.11
C ARG B 344 -31.70 35.59 2.09
N CYS B 345 -30.46 36.03 1.85
CA CYS B 345 -30.22 36.95 0.72
C CYS B 345 -30.49 36.27 -0.61
N LEU B 346 -30.03 35.03 -0.78
CA LEU B 346 -30.37 34.27 -1.99
C LEU B 346 -31.87 34.08 -2.12
N ALA B 347 -32.55 33.82 -1.02
CA ALA B 347 -34.00 33.58 -1.05
C ALA B 347 -34.78 34.83 -1.45
N GLN B 348 -34.39 36.01 -0.92
CA GLN B 348 -35.15 37.19 -1.31
C GLN B 348 -34.79 37.67 -2.71
N SER B 349 -33.59 37.35 -3.20
CA SER B 349 -33.30 37.63 -4.61
C SER B 349 -34.17 36.78 -5.51
N LEU B 350 -34.41 35.52 -5.15
CA LEU B 350 -35.27 34.68 -5.97
C LEU B 350 -36.74 35.08 -5.88
N ALA B 351 -37.19 35.54 -4.70
CA ALA B 351 -38.55 36.05 -4.57
C ALA B 351 -38.76 37.30 -5.42
N GLN B 352 -37.75 38.17 -5.49
CA GLN B 352 -37.85 39.31 -6.38
C GLN B 352 -37.70 38.93 -7.85
N GLN B 353 -37.06 37.80 -8.15
CA GLN B 353 -37.07 37.28 -9.52
C GLN B 353 -38.48 36.92 -9.94
N PHE B 354 -39.24 36.32 -9.04
CA PHE B 354 -40.61 35.96 -9.38
C PHE B 354 -41.51 37.19 -9.47
N PHE B 355 -41.45 38.08 -8.46
CA PHE B 355 -42.49 39.10 -8.33
C PHE B 355 -41.95 40.53 -8.33
N GLY B 356 -40.79 40.77 -8.92
CA GLY B 356 -40.41 42.14 -9.16
C GLY B 356 -39.94 42.35 -10.58
N CYS B 357 -39.55 41.26 -11.22
CA CYS B 357 -38.94 41.27 -12.54
C CYS B 357 -39.79 40.62 -13.60
N PHE B 358 -40.55 39.58 -13.24
CA PHE B 358 -41.47 39.00 -14.21
C PHE B 358 -42.79 39.75 -14.21
N ILE B 359 -43.46 39.80 -13.08
CA ILE B 359 -44.61 40.70 -12.92
C ILE B 359 -44.07 42.03 -12.43
N SER B 360 -44.27 43.07 -13.22
CA SER B 360 -43.76 44.39 -12.94
C SER B 360 -44.87 45.31 -12.49
N ARG B 361 -44.53 46.58 -12.41
CA ARG B 361 -45.34 47.63 -11.79
C ARG B 361 -46.07 48.42 -12.86
N MET B 362 -47.32 48.79 -12.58
CA MET B 362 -48.04 49.58 -13.56
C MET B 362 -47.83 51.08 -13.38
N SER B 363 -47.65 51.55 -12.14
CA SER B 363 -47.37 52.95 -11.86
C SER B 363 -46.28 52.99 -10.80
N TRP B 364 -46.02 54.16 -10.22
CA TRP B 364 -45.20 54.13 -9.00
C TRP B 364 -46.04 53.73 -7.81
N SER B 365 -47.30 54.18 -7.78
CA SER B 365 -48.28 53.47 -6.99
C SER B 365 -48.43 52.06 -7.57
N ASP B 366 -48.92 51.13 -6.74
CA ASP B 366 -48.95 49.67 -6.93
C ASP B 366 -47.56 49.06 -6.79
N GLU B 367 -46.63 49.79 -6.18
CA GLU B 367 -45.34 49.20 -5.83
C GLU B 367 -45.44 48.39 -4.55
N TRP B 368 -46.37 48.78 -3.68
CA TRP B 368 -46.61 48.05 -2.45
C TRP B 368 -47.08 46.63 -2.72
N VAL B 369 -47.77 46.40 -3.85
CA VAL B 369 -48.21 45.07 -4.21
C VAL B 369 -47.02 44.16 -4.46
N LEU B 370 -46.07 44.62 -5.27
CA LEU B 370 -44.93 43.79 -5.62
C LEU B 370 -43.99 43.60 -4.45
N LYS B 371 -43.70 44.67 -3.70
CA LYS B 371 -42.85 44.55 -2.52
C LYS B 371 -43.50 43.68 -1.45
N GLY B 372 -44.82 43.74 -1.33
CA GLY B 372 -45.50 42.91 -0.37
C GLY B 372 -45.52 41.44 -0.74
N ILE B 373 -45.70 41.14 -2.04
CA ILE B 373 -45.72 39.74 -2.46
C ILE B 373 -44.32 39.14 -2.35
N SER B 374 -43.28 39.90 -2.70
CA SER B 374 -41.91 39.44 -2.56
C SER B 374 -41.57 39.16 -1.09
N GLY B 375 -41.83 40.13 -0.21
CA GLY B 375 -41.55 39.93 1.20
C GLY B 375 -42.40 38.85 1.84
N TYR B 376 -43.63 38.69 1.38
CA TYR B 376 -44.51 37.67 1.97
C TYR B 376 -44.09 36.27 1.58
N ILE B 377 -43.76 36.03 0.30
CA ILE B 377 -43.32 34.68 -0.07
C ILE B 377 -41.92 34.40 0.47
N TYR B 378 -41.11 35.44 0.69
CA TYR B 378 -39.83 35.21 1.35
C TYR B 378 -40.01 34.87 2.82
N GLY B 379 -41.04 35.44 3.46
CA GLY B 379 -41.37 35.02 4.81
C GLY B 379 -41.93 33.61 4.89
N LEU B 380 -42.67 33.18 3.88
CA LEU B 380 -43.11 31.79 3.82
C LEU B 380 -41.93 30.83 3.65
N TRP B 381 -40.93 31.23 2.86
CA TRP B 381 -39.71 30.46 2.76
C TRP B 381 -38.97 30.39 4.08
N MET B 382 -38.90 31.51 4.80
CA MET B 382 -38.25 31.51 6.10
C MET B 382 -39.00 30.65 7.10
N LYS B 383 -40.33 30.63 7.01
CA LYS B 383 -41.14 29.76 7.88
C LYS B 383 -40.83 28.30 7.63
N LYS B 384 -40.85 27.86 6.37
CA LYS B 384 -40.55 26.46 6.08
C LYS B 384 -39.10 26.10 6.41
N THR B 385 -38.15 26.98 6.09
CA THR B 385 -36.74 26.65 6.27
C THR B 385 -36.32 26.70 7.73
N PHE B 386 -36.50 27.84 8.38
CA PHE B 386 -36.00 28.03 9.73
C PHE B 386 -37.05 27.83 10.80
N GLY B 387 -38.25 27.34 10.47
CA GLY B 387 -39.20 27.09 11.53
C GLY B 387 -40.18 28.23 11.75
N VAL B 388 -41.35 27.85 12.25
CA VAL B 388 -42.40 28.79 12.62
C VAL B 388 -41.96 29.75 13.72
N ASN B 389 -41.10 29.32 14.64
CA ASN B 389 -40.67 30.20 15.72
C ASN B 389 -39.77 31.32 15.21
N GLU B 390 -38.86 31.00 14.29
CA GLU B 390 -38.06 32.03 13.64
C GLU B 390 -38.91 32.94 12.78
N TYR B 391 -39.98 32.39 12.18
CA TYR B 391 -40.93 33.24 11.45
C TYR B 391 -41.63 34.24 12.37
N ARG B 392 -42.11 33.78 13.53
CA ARG B 392 -42.79 34.67 14.47
C ARG B 392 -41.85 35.73 15.01
N HIS B 393 -40.59 35.35 15.29
CA HIS B 393 -39.61 36.31 15.79
C HIS B 393 -39.28 37.35 14.74
N TRP B 394 -39.18 36.93 13.48
CA TRP B 394 -38.92 37.87 12.39
C TRP B 394 -40.08 38.83 12.18
N ILE B 395 -41.32 38.30 12.20
CA ILE B 395 -42.50 39.14 12.04
C ILE B 395 -42.62 40.15 13.17
N LYS B 396 -42.30 39.73 14.40
CA LYS B 396 -42.35 40.66 15.52
C LYS B 396 -41.26 41.72 15.43
N GLU B 397 -40.07 41.38 14.94
CA GLU B 397 -39.03 42.39 14.84
C GLU B 397 -39.32 43.38 13.72
N GLU B 398 -39.99 42.93 12.65
CA GLU B 398 -40.39 43.86 11.59
C GLU B 398 -41.51 44.78 12.05
N LEU B 399 -42.44 44.25 12.83
CA LEU B 399 -43.54 45.05 13.35
C LEU B 399 -43.04 46.09 14.35
N ASP B 400 -42.09 45.71 15.21
CA ASP B 400 -41.49 46.68 16.13
C ASP B 400 -40.71 47.75 15.38
N LYS B 401 -40.04 47.36 14.30
CA LYS B 401 -39.33 48.31 13.44
C LYS B 401 -40.28 49.35 12.85
N ILE B 402 -41.43 48.92 12.34
CA ILE B 402 -42.33 49.88 11.70
C ILE B 402 -43.06 50.73 12.73
N VAL B 403 -43.41 50.18 13.90
CA VAL B 403 -44.09 51.04 14.85
C VAL B 403 -43.10 52.06 15.43
N ALA B 404 -41.82 51.70 15.55
CA ALA B 404 -40.81 52.67 15.96
C ALA B 404 -40.63 53.76 14.91
N TYR B 405 -40.59 53.38 13.63
CA TYR B 405 -40.40 54.39 12.59
C TYR B 405 -41.63 55.27 12.40
N GLU B 406 -42.83 54.71 12.46
CA GLU B 406 -44.03 55.49 12.23
C GLU B 406 -44.36 56.37 13.42
N LEU B 407 -44.05 55.96 14.65
CA LEU B 407 -44.19 56.88 15.76
C LEU B 407 -43.07 57.90 15.80
N LYS B 408 -41.91 57.59 15.20
CA LYS B 408 -40.82 58.55 15.18
C LYS B 408 -41.12 59.70 14.22
N THR B 409 -41.47 59.40 12.98
CA THR B 409 -41.71 60.42 11.97
C THR B 409 -42.90 60.05 11.09
N GLY B 410 -44.06 60.60 11.41
CA GLY B 410 -45.20 60.57 10.51
C GLY B 410 -45.79 59.21 10.25
N GLY B 411 -45.51 58.67 9.07
CA GLY B 411 -45.94 57.33 8.75
C GLY B 411 -45.62 56.94 7.32
N VAL B 412 -45.60 55.65 7.05
CA VAL B 412 -45.40 55.13 5.70
C VAL B 412 -46.75 54.96 5.04
N LEU B 413 -46.90 55.53 3.85
CA LEU B 413 -48.16 55.49 3.11
C LEU B 413 -47.96 54.58 1.89
N LEU B 414 -48.41 53.33 2.01
CA LEU B 414 -48.52 52.48 0.84
C LEU B 414 -49.68 52.98 -0.01
N HIS B 415 -49.51 52.93 -1.33
CA HIS B 415 -50.47 53.39 -2.33
C HIS B 415 -50.96 54.80 -2.09
N PRO B 416 -50.15 55.82 -2.36
CA PRO B 416 -50.67 57.19 -2.32
C PRO B 416 -51.36 57.52 -3.63
N ILE B 417 -52.13 58.61 -3.59
CA ILE B 417 -52.94 59.03 -4.72
C ILE B 417 -52.52 60.44 -5.11
N PHE B 418 -52.07 60.60 -6.35
CA PHE B 418 -51.67 61.90 -6.84
C PHE B 418 -52.68 62.41 -7.87
N ASN B 426 -49.70 67.36 -1.88
CA ASN B 426 -49.13 66.02 -1.72
C ASN B 426 -49.94 65.17 -0.73
N PRO B 427 -49.98 63.85 -0.96
CA PRO B 427 -50.76 62.98 -0.07
C PRO B 427 -50.14 62.82 1.31
N ALA B 428 -48.82 62.87 1.41
CA ALA B 428 -48.14 62.79 2.70
C ALA B 428 -47.28 64.03 2.85
N SER B 429 -47.75 64.97 3.67
CA SER B 429 -47.07 66.24 3.88
C SER B 429 -46.46 66.35 5.26
N HIS B 430 -46.44 65.28 6.02
CA HIS B 430 -45.85 65.27 7.34
C HIS B 430 -44.36 64.95 7.32
N LEU B 431 -43.76 64.81 6.14
CA LEU B 431 -42.41 64.32 6.03
C LEU B 431 -41.70 65.07 4.92
N HIS B 432 -40.38 65.21 5.05
CA HIS B 432 -39.63 66.26 4.38
C HIS B 432 -39.26 65.96 2.95
N PHE B 433 -39.79 64.90 2.34
CA PHE B 433 -39.51 64.58 0.95
C PHE B 433 -40.80 64.25 0.25
N SER B 434 -40.77 64.13 -1.07
CA SER B 434 -41.97 63.83 -1.81
C SER B 434 -41.99 62.35 -2.15
N ILE B 435 -43.15 61.74 -2.02
CA ILE B 435 -43.31 60.32 -2.22
C ILE B 435 -43.88 60.01 -3.60
N LYS B 436 -43.76 60.93 -4.54
CA LYS B 436 -44.26 60.72 -5.89
C LYS B 436 -43.35 59.87 -6.74
N HIS B 437 -42.06 59.78 -6.39
CA HIS B 437 -41.07 59.10 -7.20
C HIS B 437 -40.15 58.32 -6.26
N PRO B 438 -39.65 57.16 -6.71
CA PRO B 438 -38.74 56.38 -5.85
C PRO B 438 -37.41 57.04 -5.58
N HIS B 439 -36.98 57.96 -6.43
CA HIS B 439 -35.66 58.56 -6.32
C HIS B 439 -35.65 59.81 -5.46
N THR B 440 -36.79 60.20 -4.92
CA THR B 440 -36.84 61.25 -3.92
C THR B 440 -37.08 60.71 -2.52
N LEU B 441 -37.32 59.42 -2.37
CA LEU B 441 -37.56 58.83 -1.07
C LEU B 441 -36.27 58.75 -0.28
N SER B 442 -36.38 58.93 1.02
CA SER B 442 -35.28 58.62 1.91
C SER B 442 -35.07 57.11 1.94
N TRP B 443 -33.85 56.69 2.24
CA TRP B 443 -33.53 55.27 2.19
C TRP B 443 -34.18 54.51 3.33
N GLU B 444 -34.28 55.14 4.50
CA GLU B 444 -35.01 54.54 5.62
C GLU B 444 -36.49 54.43 5.32
N TYR B 445 -37.06 55.38 4.58
CA TYR B 445 -38.43 55.29 4.16
C TYR B 445 -38.63 54.17 3.15
N TYR B 446 -37.66 53.94 2.28
CA TYR B 446 -37.76 52.85 1.31
C TYR B 446 -37.71 51.50 2.01
N SER B 447 -36.85 51.37 3.02
CA SER B 447 -36.74 50.14 3.80
C SER B 447 -38.02 49.87 4.58
N MET B 448 -38.56 50.90 5.23
CA MET B 448 -39.80 50.74 5.97
C MET B 448 -41.01 50.55 5.05
N PHE B 449 -40.92 51.05 3.82
CA PHE B 449 -41.96 50.81 2.82
C PHE B 449 -42.05 49.33 2.49
N GLN B 450 -40.91 48.70 2.19
CA GLN B 450 -40.93 47.27 1.89
C GLN B 450 -41.36 46.45 3.10
N CYS B 451 -40.95 46.88 4.28
CA CYS B 451 -41.30 46.18 5.52
C CYS B 451 -42.81 46.22 5.78
N LYS B 452 -43.41 47.41 5.66
CA LYS B 452 -44.85 47.55 5.86
C LYS B 452 -45.65 46.85 4.78
N ALA B 453 -45.11 46.80 3.55
CA ALA B 453 -45.83 46.12 2.49
C ALA B 453 -45.95 44.63 2.75
N HIS B 454 -44.86 44.00 3.22
CA HIS B 454 -45.01 42.57 3.49
C HIS B 454 -45.79 42.28 4.75
N LEU B 455 -45.84 43.21 5.72
CA LEU B 455 -46.72 42.96 6.86
C LEU B 455 -48.19 43.14 6.52
N VAL B 456 -48.52 44.10 5.65
CA VAL B 456 -49.89 44.25 5.19
C VAL B 456 -50.32 43.04 4.34
N MET B 457 -49.39 42.44 3.58
CA MET B 457 -49.74 41.21 2.88
C MET B 457 -49.98 40.04 3.83
N ARG B 458 -49.25 39.98 4.95
CA ARG B 458 -49.58 39.00 5.98
C ARG B 458 -50.96 39.24 6.56
N LEU B 459 -51.37 40.51 6.69
CA LEU B 459 -52.72 40.83 7.17
C LEU B 459 -53.79 40.38 6.19
N ILE B 460 -53.54 40.56 4.88
CA ILE B 460 -54.48 40.08 3.86
C ILE B 460 -54.56 38.56 3.87
N GLU B 461 -53.44 37.88 4.17
CA GLU B 461 -53.50 36.44 4.37
C GLU B 461 -54.30 36.07 5.62
N ASN B 462 -54.24 36.90 6.65
CA ASN B 462 -55.03 36.63 7.85
C ASN B 462 -56.52 36.75 7.58
N ARG B 463 -56.93 37.72 6.75
CA ARG B 463 -58.35 37.83 6.44
C ARG B 463 -58.80 36.78 5.44
N ILE B 464 -58.02 36.55 4.39
CA ILE B 464 -58.33 35.60 3.33
C ILE B 464 -57.22 34.57 3.32
N SER B 465 -57.59 33.30 3.54
CA SER B 465 -56.66 32.25 3.98
C SER B 465 -55.52 32.01 2.99
N MET B 466 -54.48 31.33 3.48
CA MET B 466 -53.20 31.26 2.77
C MET B 466 -53.28 30.53 1.44
N GLU B 467 -54.15 29.51 1.35
CA GLU B 467 -54.31 28.81 0.08
C GLU B 467 -55.00 29.67 -0.97
N PHE B 468 -55.94 30.52 -0.57
CA PHE B 468 -56.51 31.49 -1.51
C PHE B 468 -55.50 32.55 -1.90
N MET B 469 -54.60 32.89 -0.99
CA MET B 469 -53.54 33.86 -1.30
C MET B 469 -52.57 33.31 -2.33
N LEU B 470 -52.14 32.07 -2.16
CA LEU B 470 -51.28 31.44 -3.15
C LEU B 470 -52.01 31.23 -4.47
N GLN B 471 -53.33 31.07 -4.43
CA GLN B 471 -54.09 31.01 -5.68
C GLN B 471 -54.13 32.36 -6.38
N VAL B 472 -54.20 33.46 -5.62
CA VAL B 472 -54.10 34.81 -6.21
C VAL B 472 -52.77 34.98 -6.92
N PHE B 473 -51.68 34.57 -6.26
CA PHE B 473 -50.35 34.75 -6.82
C PHE B 473 -50.16 33.88 -8.05
N ASN B 474 -50.71 32.66 -8.03
CA ASN B 474 -50.64 31.78 -9.18
C ASN B 474 -51.47 32.32 -10.34
N LYS B 475 -52.60 32.99 -10.07
CA LYS B 475 -53.39 33.58 -11.14
C LYS B 475 -52.66 34.75 -11.78
N LEU B 476 -51.97 35.57 -10.99
CA LEU B 476 -51.17 36.66 -11.53
C LEU B 476 -50.02 36.14 -12.39
N LEU B 477 -49.29 35.15 -11.88
CA LEU B 477 -48.21 34.53 -12.64
C LEU B 477 -48.70 33.83 -13.90
N SER B 478 -49.89 33.23 -13.88
CA SER B 478 -50.38 32.54 -15.06
C SER B 478 -50.87 33.51 -16.13
N LEU B 479 -51.49 34.63 -15.73
CA LEU B 479 -51.80 35.67 -16.70
C LEU B 479 -50.54 36.25 -17.31
N ALA B 480 -49.50 36.45 -16.50
CA ALA B 480 -48.25 36.98 -17.00
C ALA B 480 -47.55 36.00 -17.95
N SER B 481 -47.62 34.70 -17.68
CA SER B 481 -46.94 33.75 -18.54
C SER B 481 -47.73 33.40 -19.80
N THR B 482 -49.05 33.57 -19.80
CA THR B 482 -49.74 33.54 -21.08
C THR B 482 -49.47 34.81 -21.87
N ALA B 483 -49.26 35.93 -21.17
CA ALA B 483 -48.91 37.18 -21.81
C ALA B 483 -47.49 37.17 -22.36
N SER B 484 -46.59 36.46 -21.70
CA SER B 484 -45.16 36.52 -21.99
C SER B 484 -44.77 35.82 -23.28
N SER B 485 -45.65 35.00 -23.86
CA SER B 485 -45.35 34.26 -25.07
C SER B 485 -45.99 34.85 -26.31
N GLN B 486 -46.89 35.80 -26.20
CA GLN B 486 -47.48 36.44 -27.39
C GLN B 486 -46.41 37.29 -28.07
N LYS B 487 -46.65 37.71 -29.31
CA LYS B 487 -45.71 38.59 -30.04
C LYS B 487 -46.35 39.95 -30.23
N PHE B 488 -47.65 40.07 -29.95
CA PHE B 488 -48.36 41.35 -30.20
C PHE B 488 -47.69 42.39 -29.34
N GLN B 489 -47.45 43.56 -29.90
CA GLN B 489 -46.63 44.53 -29.17
C GLN B 489 -47.47 45.18 -28.09
N SER B 490 -47.68 44.48 -26.98
CA SER B 490 -48.40 45.05 -25.80
C SER B 490 -49.92 45.01 -25.94
N HIS B 491 -50.47 44.36 -26.99
CA HIS B 491 -51.92 44.21 -26.95
C HIS B 491 -52.08 43.36 -25.70
N MET B 492 -51.19 42.39 -25.51
CA MET B 492 -51.33 41.47 -24.37
C MET B 492 -50.13 41.51 -23.44
N TRP B 493 -49.15 42.37 -23.64
CA TRP B 493 -47.92 42.33 -22.82
C TRP B 493 -48.15 43.15 -21.56
N SER B 494 -49.31 43.75 -21.41
CA SER B 494 -49.60 44.60 -20.22
C SER B 494 -50.35 43.76 -19.23
N GLN B 495 -50.45 42.47 -19.47
CA GLN B 495 -51.07 41.60 -18.47
C GLN B 495 -49.94 41.16 -17.58
N MET B 496 -48.71 41.50 -17.95
CA MET B 496 -47.56 41.26 -17.09
C MET B 496 -47.35 42.37 -16.08
N LEU B 497 -48.15 43.42 -16.14
CA LEU B 497 -48.07 44.54 -15.20
C LEU B 497 -49.25 44.46 -14.25
N VAL B 498 -48.97 44.44 -12.96
CA VAL B 498 -50.02 44.36 -11.94
C VAL B 498 -50.32 45.77 -11.44
N SER B 499 -51.55 45.98 -11.00
CA SER B 499 -51.97 47.22 -10.37
C SER B 499 -52.64 46.88 -9.05
N THR B 500 -53.06 47.91 -8.31
CA THR B 500 -53.80 47.65 -7.08
C THR B 500 -55.20 47.18 -7.38
N SER B 501 -55.88 47.81 -8.34
CA SER B 501 -57.25 47.43 -8.68
C SER B 501 -57.31 46.02 -9.28
N GLY B 502 -56.32 45.66 -10.09
CA GLY B 502 -56.26 44.32 -10.62
C GLY B 502 -55.96 43.28 -9.57
N PHE B 503 -55.13 43.63 -8.58
CA PHE B 503 -54.82 42.70 -7.50
C PHE B 503 -56.03 42.48 -6.60
N LEU B 504 -56.74 43.55 -6.26
CA LEU B 504 -57.97 43.41 -5.48
C LEU B 504 -59.07 42.70 -6.25
N LYS B 505 -59.11 42.89 -7.57
CA LYS B 505 -60.11 42.17 -8.37
C LYS B 505 -59.79 40.69 -8.47
N SER B 506 -58.51 40.33 -8.54
CA SER B 506 -58.16 38.91 -8.55
C SER B 506 -58.41 38.26 -7.20
N ILE B 507 -58.21 39.01 -6.12
CA ILE B 507 -58.55 38.53 -4.78
C ILE B 507 -60.05 38.28 -4.66
N SER B 508 -60.85 39.24 -5.14
CA SER B 508 -62.30 39.09 -5.13
C SER B 508 -62.78 37.99 -6.06
N ASN B 509 -62.02 37.69 -7.11
CA ASN B 509 -62.37 36.58 -7.99
C ASN B 509 -62.14 35.24 -7.30
N VAL B 510 -61.02 35.10 -6.59
CA VAL B 510 -60.74 33.78 -6.06
C VAL B 510 -61.47 33.52 -4.74
N SER B 511 -61.86 34.56 -4.00
CA SER B 511 -62.38 34.33 -2.66
C SER B 511 -63.83 34.71 -2.49
N GLY B 512 -64.32 35.70 -3.22
CA GLY B 512 -65.66 36.18 -3.02
C GLY B 512 -65.81 37.21 -1.93
N LYS B 513 -64.77 37.41 -1.12
CA LYS B 513 -64.70 38.48 -0.14
C LYS B 513 -63.84 39.58 -0.71
N ASP B 514 -64.21 40.83 -0.46
CA ASP B 514 -63.32 41.93 -0.78
C ASP B 514 -62.75 42.51 0.50
N ILE B 515 -61.53 43.03 0.39
CA ILE B 515 -60.74 43.42 1.54
C ILE B 515 -60.68 44.94 1.67
N GLN B 516 -61.59 45.66 1.01
CA GLN B 516 -61.64 47.11 0.94
C GLN B 516 -61.65 47.84 2.29
N PRO B 517 -62.26 47.33 3.37
CA PRO B 517 -61.99 47.96 4.67
C PRO B 517 -60.56 47.78 5.15
N LEU B 518 -59.97 46.61 4.94
CA LEU B 518 -58.59 46.38 5.36
C LEU B 518 -57.62 47.18 4.50
N ILE B 519 -57.91 47.29 3.20
CA ILE B 519 -57.12 48.12 2.30
C ILE B 519 -57.27 49.59 2.67
N LYS B 520 -58.48 50.01 3.01
CA LYS B 520 -58.71 51.39 3.39
C LYS B 520 -58.04 51.75 4.71
N GLN B 521 -57.92 50.78 5.62
CA GLN B 521 -57.32 51.10 6.91
C GLN B 521 -55.79 51.04 6.86
N TRP B 522 -55.23 49.96 6.34
CA TRP B 522 -53.79 49.77 6.49
C TRP B 522 -52.98 50.18 5.28
N VAL B 523 -53.61 50.47 4.15
CA VAL B 523 -52.84 50.89 2.99
C VAL B 523 -53.04 52.39 2.78
N ASP B 524 -54.28 52.81 2.53
CA ASP B 524 -54.56 54.19 2.16
C ASP B 524 -54.44 55.21 3.30
N GLN B 525 -54.14 54.81 4.54
CA GLN B 525 -54.34 55.73 5.65
C GLN B 525 -53.10 56.11 6.44
N SER B 526 -52.03 55.31 6.39
CA SER B 526 -50.69 55.66 6.91
C SER B 526 -50.70 55.92 8.43
N GLY B 527 -50.93 54.87 9.20
CA GLY B 527 -50.75 54.94 10.63
C GLY B 527 -50.79 53.57 11.28
N VAL B 528 -50.23 53.50 12.48
CA VAL B 528 -50.30 52.31 13.31
C VAL B 528 -51.12 52.66 14.55
N VAL B 529 -51.54 51.64 15.29
CA VAL B 529 -52.41 51.87 16.45
C VAL B 529 -51.64 51.55 17.73
N LYS B 530 -52.06 52.20 18.82
CA LYS B 530 -51.45 52.06 20.13
C LYS B 530 -52.53 51.62 21.10
N PHE B 531 -52.30 50.52 21.81
CA PHE B 531 -53.29 49.97 22.73
C PHE B 531 -52.74 50.02 24.14
N TYR B 532 -53.53 50.58 25.06
CA TYR B 532 -53.22 50.58 26.48
C TYR B 532 -54.31 49.77 27.17
N GLY B 533 -53.93 48.63 27.74
CA GLY B 533 -54.88 47.72 28.35
C GLY B 533 -54.62 47.54 29.82
N SER B 534 -55.70 47.40 30.58
CA SER B 534 -55.62 47.04 31.98
C SER B 534 -56.87 46.27 32.34
N PHE B 535 -56.73 45.27 33.20
CA PHE B 535 -57.85 44.40 33.53
C PHE B 535 -58.23 44.54 34.99
N ALA B 536 -59.41 44.03 35.31
CA ALA B 536 -59.83 43.85 36.69
C ALA B 536 -60.77 42.65 36.75
N PHE B 537 -60.55 41.75 37.70
CA PHE B 537 -61.35 40.55 37.81
C PHE B 537 -62.49 40.77 38.80
N ASN B 538 -63.72 40.67 38.33
CA ASN B 538 -64.90 40.75 39.18
C ASN B 538 -65.17 39.35 39.74
N ARG B 539 -64.94 39.19 41.05
CA ARG B 539 -65.09 37.92 41.73
C ARG B 539 -66.55 37.56 41.93
N LYS B 540 -67.43 38.56 42.03
CA LYS B 540 -68.83 38.31 42.34
C LYS B 540 -69.56 37.66 41.16
N ARG B 541 -69.42 38.29 39.98
CA ARG B 541 -70.07 37.83 38.72
C ARG B 541 -69.12 36.98 37.89
N ASN B 542 -67.92 36.69 38.37
CA ASN B 542 -66.93 35.83 37.72
C ASN B 542 -66.57 36.33 36.31
N VAL B 543 -66.41 37.63 36.15
CA VAL B 543 -66.09 38.17 34.83
C VAL B 543 -64.74 38.86 34.87
N LEU B 544 -64.19 39.08 33.69
CA LEU B 544 -62.93 39.78 33.50
C LEU B 544 -63.23 41.06 32.75
N GLU B 545 -63.06 42.19 33.42
CA GLU B 545 -63.36 43.50 32.86
C GLU B 545 -62.07 44.08 32.31
N LEU B 546 -61.91 44.00 30.99
CA LEU B 546 -60.79 44.63 30.32
C LEU B 546 -61.10 46.10 30.06
N GLU B 547 -60.04 46.88 29.96
CA GLU B 547 -60.12 48.32 29.75
C GLU B 547 -59.04 48.65 28.73
N ILE B 548 -59.45 48.82 27.48
CA ILE B 548 -58.54 49.06 26.37
C ILE B 548 -58.82 50.44 25.82
N LYS B 549 -57.83 51.32 25.91
CA LYS B 549 -57.94 52.68 25.39
C LYS B 549 -56.82 52.92 24.40
N GLN B 550 -57.11 53.69 23.37
CA GLN B 550 -56.14 53.96 22.31
C GLN B 550 -55.62 55.39 22.41
N ASP B 551 -54.34 55.55 22.12
CA ASP B 551 -53.74 56.87 21.94
C ASP B 551 -53.77 57.18 20.46
N TYR B 552 -54.72 58.02 20.06
CA TYR B 552 -54.95 58.35 18.66
C TYR B 552 -54.62 59.79 18.35
N THR B 553 -54.02 60.50 19.31
CA THR B 553 -53.66 61.90 19.14
C THR B 553 -52.16 62.11 18.98
N SER B 554 -51.37 61.04 19.03
CA SER B 554 -49.97 61.10 18.71
C SER B 554 -49.80 61.34 17.20
N PRO B 555 -48.65 61.85 16.75
CA PRO B 555 -48.50 62.17 15.32
C PRO B 555 -48.52 60.97 14.40
N GLY B 556 -48.10 59.80 14.84
CA GLY B 556 -48.03 58.66 13.96
C GLY B 556 -49.23 57.73 13.98
N THR B 557 -50.21 57.98 14.83
CA THR B 557 -51.23 57.01 15.18
C THR B 557 -52.51 57.22 14.40
N GLN B 558 -53.36 56.20 14.43
CA GLN B 558 -54.70 56.26 13.87
C GLN B 558 -55.65 55.47 14.75
N LYS B 559 -56.94 55.58 14.48
CA LYS B 559 -57.94 54.97 15.38
C LYS B 559 -58.46 53.68 14.80
N TYR B 560 -58.44 52.63 15.58
CA TYR B 560 -58.88 51.30 15.18
C TYR B 560 -60.30 51.09 15.66
N VAL B 561 -61.18 50.59 14.79
CA VAL B 561 -62.57 50.37 15.15
C VAL B 561 -63.03 48.96 14.82
N GLY B 562 -62.12 48.09 14.40
CA GLY B 562 -62.49 46.76 14.00
C GLY B 562 -62.66 45.82 15.18
N PRO B 563 -62.62 44.51 14.92
CA PRO B 563 -62.56 43.54 16.00
C PRO B 563 -61.13 43.29 16.47
N LEU B 564 -61.01 42.72 17.66
CA LEU B 564 -59.73 42.54 18.31
C LEU B 564 -59.74 41.23 19.08
N LYS B 565 -58.77 40.36 18.81
CA LYS B 565 -58.69 39.09 19.49
C LYS B 565 -57.91 39.25 20.79
N VAL B 566 -58.36 38.58 21.83
CA VAL B 566 -57.66 38.54 23.10
C VAL B 566 -57.65 37.09 23.59
N THR B 567 -56.51 36.65 24.11
CA THR B 567 -56.37 35.27 24.55
C THR B 567 -56.12 35.27 26.06
N VAL B 568 -57.02 34.62 26.80
CA VAL B 568 -56.92 34.55 28.25
C VAL B 568 -56.60 33.11 28.64
N GLN B 569 -55.51 32.93 29.37
CA GLN B 569 -55.15 31.65 29.95
C GLN B 569 -55.63 31.65 31.39
N GLU B 570 -56.67 30.85 31.66
CA GLU B 570 -57.19 30.58 32.97
C GLU B 570 -56.80 29.15 33.35
N LEU B 571 -57.16 28.76 34.57
CA LEU B 571 -56.85 27.42 35.07
C LEU B 571 -57.53 26.32 34.25
N ASP B 572 -58.68 26.61 33.63
CA ASP B 572 -59.32 25.61 32.81
C ASP B 572 -58.77 25.55 31.40
N GLY B 573 -57.88 26.45 31.00
CA GLY B 573 -57.27 26.37 29.69
C GLY B 573 -57.13 27.72 29.06
N SER B 574 -56.87 27.71 27.76
CA SER B 574 -56.66 28.93 26.97
C SER B 574 -57.90 29.19 26.12
N PHE B 575 -58.51 30.36 26.28
CA PHE B 575 -59.72 30.73 25.57
C PHE B 575 -59.50 32.02 24.81
N ASN B 576 -59.97 32.05 23.57
CA ASN B 576 -59.91 33.23 22.73
C ASN B 576 -61.24 33.95 22.74
N HIS B 577 -61.19 35.28 22.73
CA HIS B 577 -62.37 36.12 22.71
C HIS B 577 -62.18 37.23 21.69
N THR B 578 -63.25 37.56 20.98
CA THR B 578 -63.23 38.65 20.03
C THR B 578 -63.98 39.84 20.62
N LEU B 579 -63.33 40.99 20.65
CA LEU B 579 -63.85 42.21 21.24
C LEU B 579 -64.12 43.21 20.13
N GLN B 580 -65.23 43.91 20.22
CA GLN B 580 -65.57 44.94 19.26
C GLN B 580 -65.27 46.30 19.88
N ILE B 581 -64.21 46.88 19.33
CA ILE B 581 -63.63 48.12 19.89
C ILE B 581 -64.05 49.34 19.10
N GLU B 582 -65.28 49.78 19.28
CA GLU B 582 -65.81 50.98 18.61
C GLU B 582 -65.22 52.22 19.27
N GLU B 583 -65.45 53.40 18.72
CA GLU B 583 -64.82 54.65 19.20
C GLU B 583 -65.16 54.96 20.65
N ASN B 584 -66.40 54.76 21.06
CA ASN B 584 -66.85 55.13 22.41
C ASN B 584 -66.63 53.99 23.41
N SER B 585 -65.98 52.90 23.01
CA SER B 585 -65.84 51.70 23.88
C SER B 585 -64.70 51.85 24.86
N LEU B 586 -64.90 51.43 26.11
CA LEU B 586 -63.77 51.38 27.02
C LEU B 586 -63.73 50.10 27.85
N LYS B 587 -64.88 49.65 28.35
CA LYS B 587 -64.85 48.46 29.24
C LYS B 587 -65.47 47.28 28.52
N HIS B 588 -64.76 46.17 28.45
CA HIS B 588 -65.18 44.94 27.79
C HIS B 588 -65.23 43.83 28.81
N ASP B 589 -66.43 43.33 29.10
CA ASP B 589 -66.62 42.28 30.09
C ASP B 589 -66.64 40.94 29.38
N ILE B 590 -65.65 40.10 29.65
CA ILE B 590 -65.62 38.77 29.08
C ILE B 590 -65.84 37.76 30.21
N PRO B 591 -66.43 36.60 29.96
CA PRO B 591 -66.66 35.66 31.06
C PRO B 591 -65.47 34.78 31.38
N CYS B 592 -65.38 34.38 32.64
CA CYS B 592 -64.32 33.54 33.12
C CYS B 592 -64.87 32.18 33.56
N HIS B 593 -64.00 31.18 33.52
CA HIS B 593 -64.35 29.80 33.79
C HIS B 593 -64.07 29.46 35.26
N SER B 594 -64.07 28.17 35.59
CA SER B 594 -63.96 27.69 36.96
C SER B 594 -62.53 27.82 37.47
N LYS B 595 -62.34 27.40 38.72
CA LYS B 595 -61.03 27.26 39.34
C LYS B 595 -60.92 25.92 40.02
N SER B 596 -61.44 24.87 39.38
CA SER B 596 -61.46 23.54 39.96
C SER B 596 -60.18 22.76 39.69
N ARG B 597 -59.25 23.32 38.92
CA ARG B 597 -57.92 22.74 38.80
C ARG B 597 -56.97 23.27 39.87
N ARG B 598 -57.48 24.07 40.80
CA ARG B 598 -56.75 24.37 42.03
C ARG B 598 -57.30 23.58 43.20
N ASN B 599 -58.54 23.11 43.12
CA ASN B 599 -59.08 22.19 44.12
C ASN B 599 -58.34 20.85 44.10
N LYS B 600 -58.39 20.14 42.98
CA LYS B 600 -57.47 19.03 42.76
C LYS B 600 -56.24 19.57 42.05
N LYS B 601 -55.08 19.01 42.36
CA LYS B 601 -53.93 19.14 41.47
C LYS B 601 -54.18 18.34 40.19
N LYS B 602 -54.59 19.05 39.14
CA LYS B 602 -54.58 18.56 37.78
C LYS B 602 -53.67 19.45 36.97
N LYS B 603 -53.31 18.95 35.79
CA LYS B 603 -52.44 19.73 34.88
C LYS B 603 -53.31 20.79 34.21
N ILE B 604 -52.77 21.97 33.96
CA ILE B 604 -53.48 23.07 33.32
C ILE B 604 -53.23 23.01 31.83
N PRO B 605 -54.26 22.93 30.99
CA PRO B 605 -54.03 22.77 29.55
C PRO B 605 -53.66 24.09 28.88
N LEU B 606 -52.75 24.01 27.93
CA LEU B 606 -52.09 25.16 27.34
C LEU B 606 -52.76 25.58 26.04
N MET B 607 -52.11 26.49 25.31
CA MET B 607 -52.62 26.96 24.03
C MET B 607 -52.60 25.84 23.00
N ASN B 608 -51.56 25.03 22.98
CA ASN B 608 -51.55 23.83 22.16
C ASN B 608 -52.26 22.71 22.94
N GLY B 609 -52.19 21.48 22.44
CA GLY B 609 -52.92 20.41 23.07
C GLY B 609 -52.34 19.89 24.36
N GLU B 610 -51.12 20.31 24.73
CA GLU B 610 -50.45 19.73 25.88
C GLU B 610 -50.94 20.38 27.16
N GLU B 611 -50.46 19.84 28.29
CA GLU B 611 -50.77 20.38 29.60
C GLU B 611 -49.56 20.19 30.50
N VAL B 612 -49.39 21.10 31.46
CA VAL B 612 -48.20 21.12 32.30
C VAL B 612 -48.58 21.27 33.75
N ASP B 613 -47.62 20.99 34.63
CA ASP B 613 -47.74 21.26 36.06
C ASP B 613 -47.22 22.67 36.32
N MET B 614 -48.08 23.50 36.93
CA MET B 614 -47.70 24.86 37.27
C MET B 614 -47.66 25.00 38.78
N ASP B 615 -46.74 25.84 39.26
CA ASP B 615 -46.68 26.14 40.69
C ASP B 615 -47.63 27.30 40.94
N LEU B 616 -48.79 27.01 41.52
CA LEU B 616 -49.84 28.01 41.68
C LEU B 616 -49.75 28.78 42.99
N SER B 617 -48.58 28.80 43.62
CA SER B 617 -48.45 29.49 44.90
C SER B 617 -48.41 31.00 44.72
N ALA B 618 -47.97 31.48 43.56
CA ALA B 618 -47.90 32.91 43.33
C ALA B 618 -49.21 33.49 42.84
N MET B 619 -50.11 32.65 42.35
CA MET B 619 -51.38 33.11 41.81
C MET B 619 -52.30 33.62 42.92
N ASP B 620 -53.19 34.53 42.55
CA ASP B 620 -54.21 34.97 43.47
C ASP B 620 -55.19 33.85 43.77
N ALA B 621 -55.76 33.88 44.97
CA ALA B 621 -56.69 32.83 45.35
C ALA B 621 -58.05 33.00 44.70
N ASP B 622 -58.44 34.23 44.39
CA ASP B 622 -59.80 34.50 43.92
C ASP B 622 -59.93 34.51 42.41
N SER B 623 -58.83 34.69 41.67
CA SER B 623 -58.92 34.79 40.22
C SER B 623 -58.41 33.52 39.58
N PRO B 624 -59.10 32.97 38.57
CA PRO B 624 -58.58 31.80 37.88
C PRO B 624 -57.59 32.13 36.79
N LEU B 625 -57.55 33.37 36.32
CA LEU B 625 -56.83 33.68 35.11
C LEU B 625 -55.35 33.88 35.37
N LEU B 626 -54.54 33.21 34.54
CA LEU B 626 -53.10 33.15 34.69
C LEU B 626 -52.38 34.20 33.86
N TRP B 627 -52.81 34.42 32.62
CA TRP B 627 -52.28 35.57 31.87
C TRP B 627 -53.25 35.97 30.78
N ILE B 628 -53.10 37.20 30.30
CA ILE B 628 -53.94 37.76 29.23
C ILE B 628 -53.01 38.31 28.16
N ARG B 629 -53.34 38.06 26.90
CA ARG B 629 -52.59 38.62 25.77
C ARG B 629 -53.56 39.32 24.83
N ILE B 630 -53.38 40.62 24.65
CA ILE B 630 -54.16 41.41 23.72
C ILE B 630 -53.51 41.34 22.35
N ASP B 631 -54.30 40.92 21.34
CA ASP B 631 -53.89 40.66 19.96
C ASP B 631 -52.69 39.73 19.89
N PRO B 632 -52.89 38.44 20.13
CA PRO B 632 -51.74 37.53 20.15
C PRO B 632 -51.17 37.23 18.77
N ASP B 633 -51.99 37.19 17.74
CA ASP B 633 -51.57 36.77 16.41
C ASP B 633 -51.00 37.90 15.58
N MET B 634 -50.83 39.08 16.17
CA MET B 634 -50.32 40.29 15.51
C MET B 634 -51.16 40.64 14.28
N SER B 635 -52.48 40.57 14.44
CA SER B 635 -53.39 40.74 13.32
C SER B 635 -53.66 42.21 12.98
N VAL B 636 -53.09 43.15 13.72
CA VAL B 636 -53.10 44.56 13.37
C VAL B 636 -51.69 45.10 13.52
N LEU B 637 -51.46 46.29 12.98
CA LEU B 637 -50.15 46.95 13.09
C LEU B 637 -50.18 47.78 14.37
N ARG B 638 -49.73 47.19 15.47
CA ARG B 638 -50.08 47.70 16.78
C ARG B 638 -48.87 47.72 17.72
N LYS B 639 -49.02 48.47 18.80
CA LYS B 639 -48.07 48.51 19.91
C LYS B 639 -48.88 48.39 21.18
N VAL B 640 -48.73 47.28 21.91
CA VAL B 640 -49.59 46.97 23.03
C VAL B 640 -48.83 47.33 24.31
N GLU B 641 -49.54 47.93 25.27
CA GLU B 641 -48.99 48.24 26.58
C GLU B 641 -49.97 47.70 27.62
N PHE B 642 -49.82 46.42 27.95
CA PHE B 642 -50.74 45.76 28.88
C PHE B 642 -50.17 45.77 30.29
N GLU B 643 -51.05 45.95 31.26
CA GLU B 643 -50.68 46.03 32.67
C GLU B 643 -51.16 44.77 33.38
N GLN B 644 -50.31 43.75 33.36
CA GLN B 644 -50.55 42.53 34.12
C GLN B 644 -49.90 42.66 35.49
N ALA B 645 -50.02 41.61 36.28
CA ALA B 645 -49.30 41.52 37.53
C ALA B 645 -48.03 40.73 37.24
N ASP B 646 -47.00 40.89 38.08
CA ASP B 646 -45.68 40.32 37.80
C ASP B 646 -45.70 38.80 37.77
N PHE B 647 -46.57 38.16 38.56
CA PHE B 647 -46.65 36.71 38.50
C PHE B 647 -47.28 36.25 37.21
N MET B 648 -48.16 37.07 36.61
CA MET B 648 -48.74 36.72 35.32
C MET B 648 -47.71 36.81 34.22
N TRP B 649 -46.81 37.79 34.31
CA TRP B 649 -45.69 37.87 33.37
C TRP B 649 -44.72 36.71 33.55
N GLN B 650 -44.54 36.24 34.79
CA GLN B 650 -43.63 35.11 35.00
C GLN B 650 -44.25 33.79 34.52
N TYR B 651 -45.55 33.62 34.70
CA TYR B 651 -46.24 32.45 34.15
C TYR B 651 -46.25 32.47 32.63
N GLN B 652 -46.42 33.66 32.04
CA GLN B 652 -46.36 33.80 30.60
C GLN B 652 -44.96 33.58 30.07
N LEU B 653 -43.93 33.89 30.86
CA LEU B 653 -42.59 33.59 30.40
C LEU B 653 -42.32 32.09 30.46
N ARG B 654 -42.77 31.43 31.52
CA ARG B 654 -42.43 30.03 31.70
C ARG B 654 -43.24 29.12 30.77
N TYR B 655 -44.57 29.18 30.85
CA TYR B 655 -45.39 28.10 30.32
C TYR B 655 -46.09 28.42 29.02
N GLU B 656 -45.75 29.52 28.36
CA GLU B 656 -46.39 29.85 27.11
C GLU B 656 -45.77 29.06 25.96
N ARG B 657 -46.59 28.78 24.95
CA ARG B 657 -46.12 28.11 23.74
C ARG B 657 -46.19 29.06 22.57
N ASP B 658 -45.71 30.28 22.78
CA ASP B 658 -45.60 31.32 21.76
C ASP B 658 -44.36 32.13 22.05
N VAL B 659 -43.50 32.31 21.05
CA VAL B 659 -42.22 32.96 21.31
C VAL B 659 -42.36 34.47 21.44
N VAL B 660 -43.38 35.06 20.80
CA VAL B 660 -43.55 36.50 20.91
C VAL B 660 -44.09 36.88 22.27
N ALA B 661 -44.85 35.98 22.90
CA ALA B 661 -45.32 36.22 24.25
C ALA B 661 -44.22 36.03 25.29
N GLN B 662 -43.33 35.06 25.06
CA GLN B 662 -42.16 34.92 25.92
C GLN B 662 -41.23 36.14 25.79
N GLN B 663 -41.09 36.67 24.58
CA GLN B 663 -40.26 37.85 24.39
C GLN B 663 -40.88 39.09 25.04
N GLU B 664 -42.19 39.26 24.91
CA GLU B 664 -42.81 40.41 25.54
C GLU B 664 -42.89 40.28 27.06
N SER B 665 -42.89 39.05 27.59
CA SER B 665 -42.81 38.90 29.03
C SER B 665 -41.41 39.16 29.55
N ILE B 666 -40.38 38.78 28.78
CA ILE B 666 -39.01 39.18 29.11
C ILE B 666 -38.89 40.69 29.12
N LEU B 667 -39.48 41.34 28.12
CA LEU B 667 -39.42 42.79 28.00
C LEU B 667 -40.19 43.49 29.13
N ALA B 668 -41.24 42.87 29.64
CA ALA B 668 -42.01 43.46 30.73
C ALA B 668 -41.52 43.06 32.11
N LEU B 669 -40.65 42.06 32.21
CA LEU B 669 -40.12 41.69 33.52
C LEU B 669 -38.98 42.59 33.98
N GLU B 670 -38.49 43.48 33.13
CA GLU B 670 -37.45 44.41 33.55
C GLU B 670 -37.96 45.46 34.53
N LYS B 671 -39.27 45.68 34.56
CA LYS B 671 -39.85 46.61 35.52
C LYS B 671 -40.13 45.97 36.86
N PHE B 672 -40.11 44.64 36.95
CA PHE B 672 -40.32 43.95 38.21
C PHE B 672 -39.05 43.19 38.61
N PRO B 673 -38.19 43.79 39.42
CA PRO B 673 -36.93 43.14 39.79
C PRO B 673 -37.01 42.17 40.95
N THR B 674 -38.19 41.65 41.28
CA THR B 674 -38.36 40.71 42.37
C THR B 674 -37.59 39.41 42.12
N PRO B 675 -37.20 38.68 43.18
CA PRO B 675 -36.46 37.43 42.97
C PRO B 675 -37.25 36.32 42.28
N ALA B 676 -38.58 36.39 42.28
CA ALA B 676 -39.35 35.43 41.49
C ALA B 676 -39.13 35.62 39.99
N SER B 677 -38.94 36.86 39.56
CA SER B 677 -38.62 37.11 38.16
C SER B 677 -37.21 36.65 37.82
N ARG B 678 -36.30 36.73 38.77
CA ARG B 678 -34.92 36.21 38.57
C ARG B 678 -34.99 34.71 38.45
N LEU B 679 -35.81 34.06 39.26
CA LEU B 679 -35.99 32.62 39.15
C LEU B 679 -36.65 32.24 37.82
N ALA B 680 -37.59 33.05 37.33
CA ALA B 680 -38.24 32.79 36.05
C ALA B 680 -37.26 32.88 34.89
N LEU B 681 -36.45 33.94 34.85
CA LEU B 681 -35.48 34.08 33.76
C LEU B 681 -34.36 33.05 33.87
N THR B 682 -33.98 32.66 35.08
CA THR B 682 -32.96 31.63 35.22
C THR B 682 -33.48 30.27 34.81
N ASP B 683 -34.76 30.00 35.06
CA ASP B 683 -35.35 28.75 34.58
C ASP B 683 -35.53 28.75 33.07
N ILE B 684 -35.72 29.93 32.48
CA ILE B 684 -35.74 30.02 31.02
C ILE B 684 -34.36 29.80 30.44
N LEU B 685 -33.32 30.31 31.11
CA LEU B 685 -31.96 30.19 30.60
C LEU B 685 -31.46 28.75 30.65
N GLU B 686 -31.69 28.05 31.76
CA GLU B 686 -31.37 26.63 31.89
C GLU B 686 -32.14 25.70 30.96
N GLN B 687 -33.18 26.16 30.31
CA GLN B 687 -34.12 25.26 29.65
C GLN B 687 -33.78 25.17 28.17
N GLU B 688 -33.16 24.07 27.77
CA GLU B 688 -33.30 23.65 26.38
C GLU B 688 -34.74 23.24 26.15
N GLN B 689 -35.14 23.26 24.88
CA GLN B 689 -36.50 23.14 24.29
C GLN B 689 -37.24 24.46 24.45
N CYS B 690 -36.58 25.50 24.93
CA CYS B 690 -36.98 26.87 24.68
C CYS B 690 -36.26 27.36 23.42
N PHE B 691 -36.93 28.24 22.68
CA PHE B 691 -36.35 28.84 21.49
C PHE B 691 -35.15 29.69 21.90
N TYR B 692 -34.07 29.59 21.12
CA TYR B 692 -32.77 30.09 21.59
C TYR B 692 -32.72 31.60 21.66
N ARG B 693 -33.47 32.29 20.81
CA ARG B 693 -33.51 33.74 20.83
C ARG B 693 -34.31 34.29 22.00
N VAL B 694 -35.04 33.45 22.72
CA VAL B 694 -35.67 33.86 23.97
C VAL B 694 -34.67 33.81 25.11
N ARG B 695 -33.81 32.80 25.12
CA ARG B 695 -32.77 32.69 26.14
C ARG B 695 -31.70 33.76 25.95
N MET B 696 -31.40 34.11 24.70
CA MET B 696 -30.46 35.19 24.44
C MET B 696 -31.00 36.55 24.91
N SER B 697 -32.32 36.71 24.94
CA SER B 697 -32.91 37.92 25.51
C SER B 697 -32.96 37.84 27.03
N ALA B 698 -33.14 36.64 27.57
CA ALA B 698 -33.21 36.47 29.01
C ALA B 698 -31.87 36.72 29.67
N CYS B 699 -30.77 36.54 28.93
CA CYS B 699 -29.46 36.94 29.44
C CYS B 699 -29.40 38.43 29.76
N PHE B 700 -29.80 39.27 28.82
CA PHE B 700 -29.73 40.71 29.02
C PHE B 700 -30.77 41.19 30.03
N CYS B 701 -31.95 40.56 30.04
CA CYS B 701 -32.95 40.88 31.05
C CYS B 701 -32.46 40.53 32.45
N LEU B 702 -31.78 39.39 32.59
CA LEU B 702 -31.23 38.98 33.87
C LEU B 702 -30.10 39.91 34.32
N ALA B 703 -29.31 40.42 33.37
CA ALA B 703 -28.29 41.40 33.69
C ALA B 703 -28.89 42.70 34.21
N LYS B 704 -29.96 43.19 33.57
CA LYS B 704 -30.60 44.42 34.02
C LYS B 704 -31.24 44.26 35.40
N ILE B 705 -31.94 43.13 35.61
CA ILE B 705 -32.54 42.86 36.91
C ILE B 705 -31.48 42.72 38.00
N ALA B 706 -30.35 42.09 37.69
CA ALA B 706 -29.27 41.94 38.65
C ALA B 706 -28.65 43.29 38.99
N ASN B 707 -28.54 44.19 38.01
CA ASN B 707 -28.06 45.54 38.30
C ASN B 707 -29.02 46.32 39.17
N SER B 708 -30.32 46.05 39.05
CA SER B 708 -31.29 46.81 39.84
C SER B 708 -31.48 46.29 41.26
N MET B 709 -31.16 45.03 41.55
CA MET B 709 -31.26 44.50 42.92
C MET B 709 -29.89 44.25 43.54
N VAL B 710 -28.94 45.16 43.32
CA VAL B 710 -27.74 45.17 44.14
C VAL B 710 -28.09 45.56 45.56
N SER B 711 -27.22 45.17 46.50
CA SER B 711 -27.44 45.17 47.96
C SER B 711 -28.62 44.30 48.38
N THR B 712 -29.01 43.36 47.52
CA THR B 712 -29.96 42.30 47.82
C THR B 712 -29.48 40.95 47.28
N TRP B 713 -28.63 40.97 46.26
CA TRP B 713 -28.14 39.75 45.60
C TRP B 713 -27.28 38.93 46.54
N THR B 714 -27.60 37.65 46.64
CA THR B 714 -27.03 36.76 47.67
C THR B 714 -25.67 36.20 47.27
N GLY B 715 -25.64 35.38 46.22
CA GLY B 715 -24.48 34.58 45.92
C GLY B 715 -23.55 35.19 44.92
N PRO B 716 -23.14 34.41 43.91
CA PRO B 716 -22.22 34.91 42.90
C PRO B 716 -22.91 35.87 41.94
N PRO B 717 -22.18 36.52 41.04
CA PRO B 717 -22.83 37.29 39.98
C PRO B 717 -23.71 36.43 39.08
N ALA B 718 -24.64 37.10 38.41
CA ALA B 718 -25.63 36.42 37.59
C ALA B 718 -24.98 35.73 36.41
N MET B 719 -25.52 34.56 36.06
CA MET B 719 -25.16 33.69 34.94
C MET B 719 -23.77 33.08 35.03
N LYS B 720 -23.03 33.33 36.11
CA LYS B 720 -21.63 32.81 36.14
C LYS B 720 -21.71 31.35 36.49
N SER B 721 -22.36 31.02 37.59
CA SER B 721 -22.55 29.62 37.97
C SER B 721 -23.27 28.86 36.87
N LEU B 722 -24.19 29.52 36.18
CA LEU B 722 -24.91 28.89 35.08
C LEU B 722 -23.99 28.65 33.88
N PHE B 723 -23.07 29.58 33.62
CA PHE B 723 -22.07 29.37 32.57
C PHE B 723 -21.13 28.22 32.92
N THR B 724 -20.71 28.13 34.17
CA THR B 724 -19.82 27.04 34.55
C THR B 724 -20.55 25.70 34.61
N ARG B 725 -21.86 25.74 34.82
CA ARG B 725 -22.65 24.51 34.80
C ARG B 725 -22.90 24.04 33.38
N MET B 726 -23.07 24.97 32.43
CA MET B 726 -23.43 24.59 31.07
C MET B 726 -22.24 24.39 30.16
N PHE B 727 -21.22 25.25 30.24
CA PHE B 727 -20.18 25.31 29.21
C PHE B 727 -18.77 25.06 29.70
N CYS B 728 -18.56 24.80 30.98
CA CYS B 728 -17.22 24.54 31.51
C CYS B 728 -17.08 23.08 31.92
N CYS B 729 -15.86 22.71 32.30
CA CYS B 729 -15.54 21.34 32.68
C CYS B 729 -16.15 21.00 34.04
N LYS B 730 -16.43 19.70 34.26
CA LYS B 730 -16.97 19.30 35.55
C LYS B 730 -15.90 19.31 36.63
N SER B 731 -14.64 19.06 36.26
CA SER B 731 -13.59 18.98 37.26
C SER B 731 -12.94 20.33 37.50
N CYS B 732 -12.93 21.21 36.50
CA CYS B 732 -12.37 22.55 36.63
C CYS B 732 -13.45 23.58 36.34
N PRO B 733 -13.89 24.37 37.32
CA PRO B 733 -14.98 25.31 37.03
C PRO B 733 -14.54 26.54 36.27
N ASN B 734 -13.32 26.99 36.49
CA ASN B 734 -12.85 28.22 35.84
C ASN B 734 -12.17 27.98 34.50
N ILE B 735 -11.93 26.73 34.13
CA ILE B 735 -11.45 26.40 32.79
C ILE B 735 -12.65 26.07 31.91
N VAL B 736 -12.78 26.76 30.80
CA VAL B 736 -13.86 26.52 29.86
C VAL B 736 -13.57 25.26 29.07
N LYS B 737 -14.62 24.57 28.63
CA LYS B 737 -14.45 23.42 27.76
C LYS B 737 -13.89 23.86 26.41
N THR B 738 -13.18 22.93 25.76
CA THR B 738 -12.68 23.21 24.42
C THR B 738 -13.83 23.32 23.45
N ASN B 739 -13.66 24.19 22.46
CA ASN B 739 -14.77 24.64 21.64
C ASN B 739 -15.26 23.53 20.74
N ASN B 740 -16.53 23.18 20.89
CA ASN B 740 -17.24 22.30 19.97
C ASN B 740 -18.56 22.99 19.66
N PHE B 741 -18.63 23.61 18.48
CA PHE B 741 -19.74 24.47 18.11
C PHE B 741 -20.76 23.76 17.23
N MET B 742 -20.96 22.46 17.43
CA MET B 742 -21.80 21.68 16.53
C MET B 742 -23.26 21.66 16.93
N SER B 743 -23.64 22.35 18.01
CA SER B 743 -25.03 22.33 18.44
C SER B 743 -25.84 23.51 17.90
N PHE B 744 -25.19 24.65 17.64
CA PHE B 744 -25.72 25.88 17.05
C PHE B 744 -26.77 26.58 17.90
N GLN B 745 -27.13 26.08 19.06
CA GLN B 745 -27.97 26.82 19.98
C GLN B 745 -27.27 27.10 21.29
N SER B 746 -26.45 26.17 21.76
CA SER B 746 -25.58 26.48 22.87
C SER B 746 -24.34 27.22 22.40
N TYR B 747 -24.06 27.23 21.10
CA TYR B 747 -23.02 28.11 20.57
C TYR B 747 -23.45 29.56 20.65
N PHE B 748 -24.67 29.85 20.23
CA PHE B 748 -25.18 31.22 20.28
C PHE B 748 -25.38 31.69 21.71
N LEU B 749 -25.86 30.79 22.58
CA LEU B 749 -26.03 31.14 23.98
C LEU B 749 -24.70 31.32 24.69
N GLN B 750 -23.71 30.48 24.33
CA GLN B 750 -22.39 30.61 24.92
C GLN B 750 -21.71 31.91 24.49
N LYS B 751 -21.89 32.31 23.23
CA LYS B 751 -21.26 33.54 22.81
C LYS B 751 -22.05 34.78 23.19
N THR B 752 -23.31 34.65 23.61
CA THR B 752 -24.05 35.80 24.10
C THR B 752 -24.07 35.94 25.62
N MET B 753 -23.68 34.91 26.37
CA MET B 753 -23.82 35.05 27.82
C MET B 753 -22.76 35.92 28.51
N PRO B 754 -21.46 35.89 28.16
CA PRO B 754 -20.55 36.88 28.76
C PRO B 754 -20.80 38.30 28.32
N VAL B 755 -21.39 38.53 27.14
CA VAL B 755 -21.67 39.88 26.68
C VAL B 755 -22.72 40.53 27.57
N ALA B 756 -23.71 39.74 28.00
CA ALA B 756 -24.68 40.24 28.97
C ALA B 756 -24.11 40.23 30.38
N MET B 757 -23.24 39.27 30.70
CA MET B 757 -22.64 39.19 32.02
C MET B 757 -21.71 40.35 32.33
N ALA B 758 -21.16 40.98 31.30
CA ALA B 758 -20.30 42.12 31.49
C ALA B 758 -21.03 43.41 31.82
N LEU B 759 -22.35 43.42 31.69
CA LEU B 759 -23.15 44.59 32.08
C LEU B 759 -23.50 44.58 33.56
N LEU B 760 -22.97 43.62 34.30
CA LEU B 760 -23.09 43.62 35.75
C LEU B 760 -22.32 44.77 36.35
N ARG B 761 -22.87 45.40 37.37
CA ARG B 761 -22.22 46.51 38.05
C ARG B 761 -22.34 46.31 39.56
N ASP B 762 -21.32 46.79 40.27
CA ASP B 762 -21.33 46.66 41.75
C ASP B 762 -22.02 47.88 42.36
N VAL B 763 -21.95 48.01 43.68
CA VAL B 763 -22.56 49.15 44.41
C VAL B 763 -21.80 50.43 44.06
N HIS B 764 -20.56 50.28 43.59
CA HIS B 764 -19.72 51.45 43.25
C HIS B 764 -19.84 51.80 41.77
N ASN B 765 -20.73 51.11 41.03
CA ASN B 765 -21.00 51.41 39.61
C ASN B 765 -19.86 50.95 38.75
N LEU B 766 -18.97 50.13 39.27
CA LEU B 766 -17.87 49.54 38.48
C LEU B 766 -18.15 48.08 38.27
N CYS B 767 -17.82 47.56 37.10
CA CYS B 767 -17.97 46.14 36.80
C CYS B 767 -17.14 45.34 37.78
N PRO B 768 -17.67 44.25 38.33
CA PRO B 768 -16.94 43.50 39.35
C PRO B 768 -15.71 42.80 38.78
N LYS B 769 -14.72 42.58 39.62
CA LYS B 769 -13.48 41.98 39.12
C LYS B 769 -13.64 40.46 39.12
N GLU B 770 -14.84 39.97 39.39
CA GLU B 770 -15.08 38.52 39.34
C GLU B 770 -15.59 38.16 37.96
N VAL B 771 -16.26 39.09 37.28
CA VAL B 771 -16.81 38.88 35.95
C VAL B 771 -15.77 39.23 34.90
N LEU B 772 -14.99 40.28 35.14
CA LEU B 772 -13.90 40.65 34.24
C LEU B 772 -12.83 39.57 34.21
N THR B 773 -12.47 39.02 35.38
CA THR B 773 -11.52 37.92 35.46
C THR B 773 -12.07 36.67 34.77
N PHE B 774 -13.38 36.43 34.89
CA PHE B 774 -14.03 35.31 34.22
C PHE B 774 -13.98 35.45 32.70
N ILE B 775 -14.19 36.67 32.20
CA ILE B 775 -14.13 36.91 30.76
C ILE B 775 -12.71 36.76 30.25
N LEU B 776 -11.73 37.25 31.02
CA LEU B 776 -10.33 37.09 30.62
C LEU B 776 -9.87 35.63 30.67
N ASP B 777 -10.41 34.83 31.59
CA ASP B 777 -10.11 33.41 31.59
C ASP B 777 -10.83 32.68 30.46
N LEU B 778 -11.99 33.20 30.03
CA LEU B 778 -12.62 32.67 28.84
C LEU B 778 -11.80 32.94 27.60
N ILE B 779 -11.12 34.08 27.58
CA ILE B 779 -10.26 34.42 26.45
C ILE B 779 -8.99 33.59 26.46
N LYS B 780 -8.33 33.43 27.61
CA LYS B 780 -7.04 32.69 27.71
C LYS B 780 -7.23 31.22 27.42
N TYR B 781 -8.21 30.56 27.99
CA TYR B 781 -8.34 29.12 27.86
C TYR B 781 -9.14 28.69 26.65
N ASN B 782 -9.17 29.51 25.60
CA ASN B 782 -9.95 29.21 24.41
C ASN B 782 -9.14 28.34 23.48
N ASP B 783 -9.64 27.14 23.19
CA ASP B 783 -8.97 26.18 22.33
C ASP B 783 -9.92 25.75 21.23
N ASN B 784 -9.57 26.02 19.98
CA ASN B 784 -10.44 25.79 18.84
C ASN B 784 -9.80 24.86 17.80
N ARG B 785 -8.94 23.96 18.23
CA ARG B 785 -8.25 23.08 17.31
C ARG B 785 -8.99 21.78 17.04
N LYS B 786 -10.27 21.71 17.44
CA LYS B 786 -10.97 20.43 17.55
C LYS B 786 -12.36 20.47 16.94
N ASN B 787 -12.95 21.67 16.82
CA ASN B 787 -14.23 21.76 16.15
C ASN B 787 -14.06 21.98 14.66
N LYS B 788 -15.12 21.67 13.91
CA LYS B 788 -15.13 21.83 12.47
C LYS B 788 -15.58 23.22 12.05
N PHE B 789 -15.71 24.15 12.98
CA PHE B 789 -16.21 25.49 12.72
C PHE B 789 -15.22 26.53 13.20
N SER B 790 -15.33 27.73 12.65
CA SER B 790 -14.40 28.79 12.98
C SER B 790 -14.80 29.48 14.28
N ASP B 791 -13.87 30.26 14.80
CA ASP B 791 -14.00 30.85 16.13
C ASP B 791 -14.09 32.36 16.09
N ASN B 792 -14.27 32.95 14.90
CA ASN B 792 -14.09 34.39 14.75
C ASN B 792 -15.22 35.17 15.40
N TYR B 793 -16.44 34.65 15.32
CA TYR B 793 -17.58 35.34 15.92
C TYR B 793 -17.60 35.20 17.44
N TYR B 794 -17.17 34.06 17.96
CA TYR B 794 -17.10 33.87 19.41
C TYR B 794 -16.00 34.74 20.02
N ARG B 795 -14.85 34.84 19.36
CA ARG B 795 -13.79 35.70 19.85
C ARG B 795 -14.15 37.17 19.69
N ALA B 796 -14.86 37.51 18.62
CA ALA B 796 -15.33 38.89 18.44
C ALA B 796 -16.35 39.28 19.50
N GLU B 797 -17.23 38.34 19.89
CA GLU B 797 -18.13 38.58 21.00
C GLU B 797 -17.41 38.66 22.34
N MET B 798 -16.27 37.96 22.47
CA MET B 798 -15.47 38.12 23.68
C MET B 798 -14.88 39.52 23.78
N ILE B 799 -14.44 40.08 22.65
CA ILE B 799 -13.98 41.47 22.66
C ILE B 799 -15.14 42.42 22.96
N ASP B 800 -16.34 42.11 22.46
CA ASP B 800 -17.50 42.92 22.79
C ASP B 800 -17.85 42.86 24.28
N ALA B 801 -17.67 41.69 24.89
CA ALA B 801 -17.88 41.56 26.33
C ALA B 801 -16.82 42.31 27.11
N LEU B 802 -15.57 42.31 26.64
CA LEU B 802 -14.54 43.14 27.26
C LEU B 802 -14.84 44.62 27.14
N ALA B 803 -15.47 45.03 26.04
CA ALA B 803 -15.81 46.43 25.86
C ALA B 803 -17.01 46.83 26.70
N ASN B 804 -17.90 45.88 27.02
CA ASN B 804 -19.06 46.21 27.84
C ASN B 804 -18.71 46.49 29.29
N SER B 805 -17.58 45.98 29.78
CA SER B 805 -17.21 46.13 31.18
C SER B 805 -16.60 47.49 31.50
N VAL B 806 -16.34 48.31 30.50
CA VAL B 806 -15.61 49.56 30.71
C VAL B 806 -16.56 50.61 31.27
N THR B 807 -16.30 51.04 32.49
CA THR B 807 -16.96 52.12 33.19
C THR B 807 -16.14 53.39 33.04
N PRO B 808 -16.75 54.58 33.14
CA PRO B 808 -16.00 55.82 32.96
C PRO B 808 -14.97 56.05 34.05
N ALA B 809 -13.78 56.48 33.63
CA ALA B 809 -12.64 56.62 34.51
C ALA B 809 -12.75 57.87 35.37
N VAL B 810 -12.05 57.87 36.50
CA VAL B 810 -12.14 59.00 37.47
C VAL B 810 -11.01 59.99 37.21
N SER B 811 -11.09 60.76 36.12
CA SER B 811 -10.06 61.78 35.82
C SER B 811 -10.09 62.86 36.90
N VAL B 812 -8.91 63.29 37.37
CA VAL B 812 -8.84 64.37 38.41
C VAL B 812 -8.26 65.62 37.76
N ASN B 813 -8.96 66.75 37.86
CA ASN B 813 -8.48 68.04 37.29
C ASN B 813 -8.14 67.88 35.81
N ASN B 814 -8.95 67.13 35.07
CA ASN B 814 -8.72 66.93 33.61
C ASN B 814 -7.30 66.42 33.38
N GLU B 815 -6.84 65.47 34.20
CA GLU B 815 -5.44 64.97 34.08
C GLU B 815 -5.28 64.33 32.71
N VAL B 816 -4.16 64.59 32.03
CA VAL B 816 -3.92 63.98 30.70
C VAL B 816 -3.87 62.46 30.89
N ARG B 817 -4.55 61.72 30.01
CA ARG B 817 -4.58 60.23 30.13
C ARG B 817 -3.26 59.69 29.58
N THR B 818 -2.36 59.27 30.45
CA THR B 818 -1.06 58.75 29.99
C THR B 818 -1.00 57.28 30.38
N LEU B 819 0.13 56.65 30.14
CA LEU B 819 0.24 55.22 30.38
C LEU B 819 0.36 54.88 31.87
N ASP B 820 0.98 55.75 32.67
CA ASP B 820 1.17 55.43 34.08
C ASP B 820 -0.12 55.56 34.87
N ASN B 821 -0.93 56.57 34.60
CA ASN B 821 -2.20 56.71 35.34
C ASN B 821 -3.34 56.02 34.60
N LEU B 822 -3.10 54.78 34.20
CA LEU B 822 -4.12 53.94 33.61
C LEU B 822 -4.80 53.13 34.71
N ASN B 823 -6.03 52.74 34.47
CA ASN B 823 -6.74 51.90 35.42
C ASN B 823 -6.10 50.51 35.43
N PRO B 824 -5.98 49.87 36.59
CA PRO B 824 -5.41 48.50 36.62
C PRO B 824 -6.30 47.47 35.96
N ASP B 825 -7.60 47.76 35.83
CA ASP B 825 -8.54 46.91 35.12
C ASP B 825 -8.39 47.06 33.61
N VAL B 826 -8.25 48.30 33.16
CA VAL B 826 -8.23 48.63 31.75
C VAL B 826 -6.89 48.28 31.10
N ARG B 827 -5.84 48.13 31.89
CA ARG B 827 -4.56 47.70 31.32
C ARG B 827 -4.62 46.26 30.82
N LEU B 828 -5.37 45.41 31.52
CA LEU B 828 -5.56 44.02 31.06
C LEU B 828 -6.41 43.97 29.79
N ILE B 829 -7.47 44.78 29.76
CA ILE B 829 -8.34 44.85 28.58
C ILE B 829 -7.58 45.38 27.38
N LEU B 830 -6.73 46.39 27.61
CA LEU B 830 -5.98 47.02 26.54
C LEU B 830 -4.90 46.08 26.02
N GLU B 831 -4.28 45.30 26.92
CA GLU B 831 -3.33 44.28 26.50
C GLU B 831 -4.01 43.20 25.66
N GLU B 832 -5.23 42.81 26.04
CA GLU B 832 -5.93 41.78 25.29
C GLU B 832 -6.37 42.26 23.91
N ILE B 833 -6.87 43.50 23.81
CA ILE B 833 -7.30 43.96 22.49
C ILE B 833 -6.10 44.31 21.62
N THR B 834 -4.96 44.67 22.22
CA THR B 834 -3.73 44.84 21.44
C THR B 834 -3.23 43.52 20.88
N ARG B 835 -3.27 42.47 21.71
CA ARG B 835 -2.88 41.14 21.27
C ARG B 835 -3.80 40.63 20.17
N PHE B 836 -5.11 40.87 20.31
CA PHE B 836 -6.08 40.39 19.33
C PHE B 836 -5.96 41.12 18.00
N LEU B 837 -5.78 42.44 18.04
CA LEU B 837 -5.66 43.22 16.81
C LEU B 837 -4.34 42.91 16.09
N ASN B 838 -3.26 42.75 16.83
CA ASN B 838 -1.99 42.41 16.22
C ASN B 838 -1.99 41.00 15.65
N MET B 839 -2.67 40.06 16.33
CA MET B 839 -2.76 38.71 15.78
C MET B 839 -3.68 38.65 14.59
N GLU B 840 -4.65 39.57 14.50
CA GLU B 840 -5.46 39.68 13.31
C GLU B 840 -4.64 40.21 12.14
N LYS B 841 -3.65 41.05 12.41
CA LYS B 841 -2.76 41.53 11.35
C LYS B 841 -1.92 40.42 10.72
N LEU B 842 -1.71 39.29 11.40
CA LEU B 842 -0.93 38.17 10.89
C LEU B 842 -1.78 36.96 10.52
N LEU B 843 -2.79 36.63 11.32
CA LEU B 843 -3.74 35.57 11.02
C LEU B 843 -5.14 36.16 10.99
N PRO B 844 -5.62 36.56 9.83
CA PRO B 844 -6.90 37.28 9.76
C PRO B 844 -8.09 36.36 9.93
N SER B 845 -9.21 36.97 10.33
CA SER B 845 -10.45 36.27 10.57
C SER B 845 -11.26 36.18 9.28
N TYR B 846 -12.54 35.83 9.38
CA TYR B 846 -13.35 35.60 8.19
C TYR B 846 -13.70 36.89 7.50
N ARG B 847 -14.18 37.88 8.24
CA ARG B 847 -14.48 39.15 7.61
C ARG B 847 -13.92 40.26 8.44
N HIS B 848 -12.76 39.99 9.03
CA HIS B 848 -12.08 40.86 10.00
C HIS B 848 -13.01 41.23 11.13
N THR B 849 -13.70 40.22 11.66
CA THR B 849 -14.65 40.45 12.73
C THR B 849 -13.95 40.88 14.01
N ILE B 850 -12.73 40.41 14.22
CA ILE B 850 -11.99 40.84 15.39
C ILE B 850 -11.40 42.23 15.19
N THR B 851 -11.12 42.64 13.95
CA THR B 851 -10.72 44.02 13.71
C THR B 851 -11.87 44.97 14.02
N VAL B 852 -13.08 44.61 13.60
CA VAL B 852 -14.25 45.44 13.85
C VAL B 852 -14.54 45.51 15.33
N SER B 853 -14.43 44.39 16.03
CA SER B 853 -14.67 44.36 17.47
C SER B 853 -13.59 45.11 18.25
N CYS B 854 -12.34 45.02 17.82
CA CYS B 854 -11.28 45.74 18.52
C CYS B 854 -11.31 47.24 18.24
N LEU B 855 -11.69 47.66 17.03
CA LEU B 855 -11.86 49.08 16.77
C LEU B 855 -13.03 49.65 17.57
N ARG B 856 -14.10 48.87 17.67
CA ARG B 856 -15.25 49.25 18.49
C ARG B 856 -14.88 49.34 19.97
N ALA B 857 -14.01 48.45 20.44
CA ALA B 857 -13.58 48.48 21.84
C ALA B 857 -12.61 49.61 22.12
N ILE B 858 -11.75 49.96 21.16
CA ILE B 858 -10.88 51.12 21.33
C ILE B 858 -11.70 52.40 21.35
N ARG B 859 -12.77 52.46 20.57
CA ARG B 859 -13.66 53.60 20.64
C ARG B 859 -14.43 53.64 21.96
N VAL B 860 -14.74 52.48 22.54
CA VAL B 860 -15.36 52.43 23.86
C VAL B 860 -14.40 52.94 24.92
N LEU B 861 -13.13 52.54 24.85
CA LEU B 861 -12.13 53.03 25.79
C LEU B 861 -11.83 54.51 25.61
N GLN B 862 -11.97 55.03 24.39
CA GLN B 862 -11.77 56.45 24.17
C GLN B 862 -12.97 57.27 24.60
N LYS B 863 -14.16 56.68 24.55
CA LYS B 863 -15.37 57.40 24.94
C LYS B 863 -15.39 57.67 26.43
N ASN B 864 -14.87 56.76 27.23
CA ASN B 864 -14.54 57.03 28.63
C ASN B 864 -13.13 57.60 28.69
N GLY B 865 -12.70 58.01 29.86
CA GLY B 865 -11.43 58.69 29.93
C GLY B 865 -10.23 57.79 30.10
N HIS B 866 -10.04 56.81 29.22
CA HIS B 866 -8.97 55.84 29.38
C HIS B 866 -7.86 56.01 28.35
N VAL B 867 -8.19 55.98 27.07
CA VAL B 867 -7.23 56.14 25.99
C VAL B 867 -7.36 57.59 25.53
N PRO B 868 -6.30 58.26 25.09
CA PRO B 868 -6.44 59.63 24.56
C PRO B 868 -7.36 59.69 23.35
N SER B 869 -8.16 60.75 23.31
CA SER B 869 -9.20 60.91 22.28
C SER B 869 -8.51 61.40 21.01
N ASP B 870 -8.02 60.43 20.22
CA ASP B 870 -7.24 60.71 19.02
C ASP B 870 -7.86 59.90 17.89
N PRO B 871 -8.29 60.52 16.79
CA PRO B 871 -8.91 59.76 15.71
C PRO B 871 -7.94 59.24 14.65
N ALA B 872 -6.63 59.27 14.88
CA ALA B 872 -5.68 58.95 13.83
C ALA B 872 -5.64 57.46 13.51
N LEU B 873 -5.89 56.61 14.50
CA LEU B 873 -5.95 55.17 14.25
C LEU B 873 -7.13 54.82 13.37
N PHE B 874 -8.32 55.34 13.72
CA PHE B 874 -9.51 55.09 12.92
C PHE B 874 -9.41 55.77 11.56
N LYS B 875 -8.71 56.90 11.48
CA LYS B 875 -8.49 57.52 10.18
C LYS B 875 -7.53 56.72 9.32
N SER B 876 -6.64 55.94 9.93
CA SER B 876 -5.80 55.06 9.11
C SER B 876 -6.52 53.78 8.72
N TYR B 877 -7.49 53.33 9.52
CA TYR B 877 -8.25 52.16 9.13
C TYR B 877 -9.39 52.47 8.17
N ALA B 878 -9.70 53.74 7.93
CA ALA B 878 -10.76 54.14 7.03
C ALA B 878 -10.23 54.50 5.65
N GLU B 879 -9.03 54.06 5.30
CA GLU B 879 -8.50 54.32 3.97
C GLU B 879 -9.16 53.37 2.96
N TYR B 880 -8.81 53.55 1.70
CA TYR B 880 -9.54 52.85 0.64
C TYR B 880 -9.18 51.38 0.56
N GLY B 881 -7.92 51.02 0.78
CA GLY B 881 -7.52 49.65 0.55
C GLY B 881 -7.95 48.63 1.58
N HIS B 882 -8.67 49.01 2.62
CA HIS B 882 -9.06 48.06 3.64
C HIS B 882 -10.37 47.39 3.26
N PHE B 883 -10.70 46.33 3.99
CA PHE B 883 -11.98 45.67 3.84
C PHE B 883 -13.10 46.61 4.28
N VAL B 884 -14.29 46.41 3.70
CA VAL B 884 -15.35 47.40 3.87
C VAL B 884 -15.95 47.39 5.27
N ASP B 885 -15.85 46.26 5.99
CA ASP B 885 -16.35 46.21 7.35
C ASP B 885 -15.44 47.00 8.29
N ILE B 886 -14.12 46.88 8.10
CA ILE B 886 -13.15 47.69 8.82
C ILE B 886 -13.37 49.17 8.53
N ARG B 887 -13.66 49.49 7.26
CA ARG B 887 -13.86 50.86 6.85
C ARG B 887 -15.09 51.47 7.53
N ILE B 888 -16.20 50.72 7.57
CA ILE B 888 -17.38 51.32 8.17
C ILE B 888 -17.30 51.33 9.69
N ALA B 889 -16.55 50.41 10.31
CA ALA B 889 -16.35 50.49 11.75
C ALA B 889 -15.46 51.68 12.12
N ALA B 890 -14.41 51.91 11.33
CA ALA B 890 -13.54 53.05 11.58
C ALA B 890 -14.25 54.37 11.30
N LEU B 891 -15.10 54.41 10.29
CA LEU B 891 -15.83 55.64 10.02
C LEU B 891 -16.92 55.89 11.04
N GLU B 892 -17.48 54.82 11.63
CA GLU B 892 -18.40 54.99 12.75
C GLU B 892 -17.69 55.58 13.95
N ALA B 893 -16.45 55.14 14.20
CA ALA B 893 -15.66 55.71 15.28
C ALA B 893 -15.31 57.17 15.02
N VAL B 894 -15.02 57.54 13.77
CA VAL B 894 -14.71 58.93 13.46
C VAL B 894 -15.96 59.81 13.57
N VAL B 895 -17.13 59.29 13.20
CA VAL B 895 -18.38 60.04 13.36
C VAL B 895 -18.71 60.25 14.83
N ASP B 896 -18.48 59.23 15.67
CA ASP B 896 -18.68 59.39 17.10
C ASP B 896 -17.70 60.38 17.71
N TYR B 897 -16.45 60.37 17.23
CA TYR B 897 -15.45 61.32 17.71
C TYR B 897 -15.83 62.75 17.35
N THR B 898 -16.23 62.99 16.10
CA THR B 898 -16.59 64.35 15.71
C THR B 898 -17.93 64.79 16.27
N LYS B 899 -18.75 63.87 16.77
CA LYS B 899 -19.88 64.32 17.58
C LYS B 899 -19.44 64.72 18.98
N VAL B 900 -18.59 63.94 19.64
CA VAL B 900 -18.22 64.22 21.05
C VAL B 900 -17.20 65.35 21.15
N ASP B 901 -16.22 65.40 20.29
CA ASP B 901 -15.14 66.41 20.40
C ASP B 901 -15.41 67.65 19.56
N ARG B 902 -16.56 67.72 18.89
CA ARG B 902 -16.94 68.91 18.12
C ARG B 902 -15.81 69.27 17.17
N SER B 903 -15.23 68.31 16.48
CA SER B 903 -14.06 68.55 15.60
C SER B 903 -14.53 69.12 14.29
N TYR B 904 -13.97 70.25 13.88
CA TYR B 904 -14.29 70.83 12.58
C TYR B 904 -13.56 70.10 11.46
N GLU B 905 -12.28 69.81 11.66
CA GLU B 905 -11.48 69.20 10.60
C GLU B 905 -11.87 67.74 10.36
N GLU B 906 -12.39 67.05 11.38
CA GLU B 906 -12.88 65.70 11.15
C GLU B 906 -14.20 65.70 10.40
N LEU B 907 -15.05 66.71 10.63
CA LEU B 907 -16.27 66.83 9.83
C LEU B 907 -15.96 67.18 8.39
N GLN B 908 -14.94 68.03 8.17
CA GLN B 908 -14.53 68.31 6.79
C GLN B 908 -13.89 67.10 6.14
N TRP B 909 -13.19 66.28 6.93
CA TRP B 909 -12.67 65.01 6.43
C TRP B 909 -13.79 64.08 5.99
N LEU B 910 -14.85 64.00 6.79
CA LEU B 910 -15.97 63.12 6.47
C LEU B 910 -16.75 63.62 5.27
N LEU B 911 -16.93 64.93 5.14
CA LEU B 911 -17.66 65.48 4.00
C LEU B 911 -16.85 65.35 2.72
N ASN B 912 -15.52 65.50 2.82
CA ASN B 912 -14.65 65.24 1.68
C ASN B 912 -14.70 63.77 1.27
N MET B 913 -14.77 62.86 2.25
CA MET B 913 -14.87 61.44 1.93
C MET B 913 -16.23 61.09 1.33
N ILE B 914 -17.27 61.84 1.69
CA ILE B 914 -18.56 61.68 1.02
C ILE B 914 -18.46 62.11 -0.43
N GLN B 915 -17.72 63.20 -0.69
CA GLN B 915 -17.68 63.73 -2.05
C GLN B 915 -16.84 62.85 -2.98
N ASN B 916 -15.62 62.47 -2.59
CA ASN B 916 -14.78 61.66 -3.47
C ASN B 916 -14.22 60.42 -2.75
N ASP B 917 -15.01 59.36 -2.73
CA ASP B 917 -14.60 58.02 -2.37
C ASP B 917 -14.91 57.09 -3.53
N PRO B 918 -14.07 56.07 -3.78
CA PRO B 918 -14.37 55.18 -4.91
C PRO B 918 -15.58 54.31 -4.71
N VAL B 919 -15.82 53.81 -3.51
CA VAL B 919 -16.95 52.92 -3.22
C VAL B 919 -18.16 53.78 -2.89
N PRO B 920 -19.26 53.70 -3.64
CA PRO B 920 -20.44 54.51 -3.32
C PRO B 920 -21.23 53.99 -2.13
N TYR B 921 -21.12 52.70 -1.81
CA TYR B 921 -21.74 52.16 -0.62
C TYR B 921 -21.14 52.77 0.64
N VAL B 922 -19.84 53.08 0.61
CA VAL B 922 -19.20 53.71 1.75
C VAL B 922 -19.67 55.16 1.91
N ARG B 923 -19.86 55.86 0.78
CA ARG B 923 -20.39 57.22 0.84
C ARG B 923 -21.79 57.25 1.41
N HIS B 924 -22.65 56.31 0.97
CA HIS B 924 -23.99 56.20 1.51
C HIS B 924 -23.97 55.85 2.99
N LYS B 925 -23.02 55.01 3.40
CA LYS B 925 -22.93 54.64 4.80
C LYS B 925 -22.42 55.77 5.67
N ILE B 926 -21.53 56.63 5.15
CA ILE B 926 -21.07 57.78 5.91
C ILE B 926 -22.18 58.78 6.10
N LEU B 927 -22.97 59.04 5.05
CA LEU B 927 -24.14 59.91 5.20
C LEU B 927 -25.16 59.32 6.16
N ASN B 928 -25.34 58.00 6.12
CA ASN B 928 -26.26 57.31 7.02
C ASN B 928 -25.82 57.42 8.48
N MET B 929 -24.54 57.20 8.75
CA MET B 929 -24.04 57.27 10.12
C MET B 929 -24.00 58.70 10.62
N LEU B 930 -23.80 59.67 9.73
CA LEU B 930 -23.80 61.05 10.14
C LEU B 930 -25.21 61.59 10.30
N THR B 931 -26.21 60.88 9.76
CA THR B 931 -27.59 61.17 10.06
C THR B 931 -28.04 60.54 11.38
N LYS B 932 -27.60 59.28 11.64
CA LYS B 932 -28.02 58.60 12.86
C LYS B 932 -27.37 59.20 14.09
N ASN B 933 -26.09 59.56 14.00
CA ASN B 933 -25.32 60.14 15.11
C ASN B 933 -24.84 61.51 14.67
N PRO B 934 -25.72 62.52 14.65
CA PRO B 934 -25.38 63.78 14.01
C PRO B 934 -24.41 64.58 14.86
N PRO B 935 -23.57 65.43 14.25
CA PRO B 935 -22.62 66.22 15.04
C PRO B 935 -23.30 67.28 15.88
N PHE B 936 -24.49 67.69 15.48
CA PHE B 936 -25.33 68.63 16.20
C PHE B 936 -26.73 68.49 15.64
N THR B 937 -27.72 68.83 16.43
CA THR B 937 -29.09 68.84 15.96
C THR B 937 -29.51 70.29 15.76
N LYS B 938 -30.78 70.50 15.42
CA LYS B 938 -31.26 71.86 15.21
C LYS B 938 -31.41 72.61 16.53
N ASN B 939 -31.57 71.89 17.64
CA ASN B 939 -31.76 72.57 18.92
C ASN B 939 -30.44 73.06 19.48
N MET B 940 -29.34 72.37 19.16
CA MET B 940 -28.05 72.67 19.76
C MET B 940 -27.44 73.93 19.19
N GLU B 941 -26.89 74.76 20.06
CA GLU B 941 -25.86 75.71 19.66
C GLU B 941 -24.52 74.99 19.64
N SER B 942 -23.87 74.98 18.49
CA SER B 942 -22.58 74.37 18.32
C SER B 942 -21.62 75.35 17.66
N PRO B 943 -20.31 75.17 17.83
CA PRO B 943 -19.36 75.93 17.01
C PRO B 943 -19.41 75.57 15.53
N LEU B 944 -19.93 74.40 15.18
CA LEU B 944 -20.05 73.96 13.80
C LEU B 944 -21.41 74.29 13.21
N CYS B 945 -21.81 75.55 13.36
CA CYS B 945 -23.10 76.01 12.78
C CYS B 945 -22.79 77.26 11.96
N ASN B 946 -21.82 77.18 11.04
CA ASN B 946 -21.46 78.37 10.28
C ASN B 946 -22.44 78.57 9.12
N GLU B 947 -22.26 79.69 8.41
CA GLU B 947 -22.83 79.79 7.07
C GLU B 947 -22.03 78.94 6.09
N ALA B 948 -20.75 78.68 6.41
CA ALA B 948 -19.92 77.85 5.55
C ALA B 948 -20.42 76.41 5.49
N LEU B 949 -20.84 75.86 6.64
CA LEU B 949 -21.36 74.49 6.64
C LEU B 949 -22.74 74.41 5.98
N VAL B 950 -23.57 75.44 6.14
CA VAL B 950 -24.86 75.48 5.46
C VAL B 950 -24.66 75.55 3.95
N ASP B 951 -23.68 76.34 3.51
CA ASP B 951 -23.39 76.44 2.08
C ASP B 951 -22.79 75.15 1.54
N GLN B 952 -21.95 74.46 2.33
CA GLN B 952 -21.41 73.18 1.89
C GLN B 952 -22.49 72.11 1.76
N LEU B 953 -23.39 72.04 2.73
CA LEU B 953 -24.42 71.00 2.65
C LEU B 953 -25.48 71.34 1.61
N TRP B 954 -25.75 72.63 1.37
CA TRP B 954 -26.66 72.98 0.29
C TRP B 954 -26.03 72.71 -1.07
N LYS B 955 -24.71 72.91 -1.20
CA LYS B 955 -24.03 72.54 -2.43
C LYS B 955 -23.96 71.03 -2.60
N LEU B 956 -23.94 70.28 -1.50
CA LEU B 956 -23.93 68.83 -1.59
C LEU B 956 -25.30 68.28 -1.96
N MET B 957 -26.37 68.94 -1.52
CA MET B 957 -27.70 68.54 -1.99
C MET B 957 -27.90 68.93 -3.44
N ASN B 958 -27.52 70.16 -3.80
CA ASN B 958 -27.81 70.71 -5.11
C ASN B 958 -26.96 70.05 -6.20
N SER B 959 -25.65 70.26 -6.14
CA SER B 959 -24.69 69.62 -7.00
C SER B 959 -24.01 68.51 -6.22
N GLY B 960 -22.95 67.93 -6.78
CA GLY B 960 -22.09 67.07 -5.99
C GLY B 960 -22.58 65.66 -5.76
N THR B 961 -23.84 65.51 -5.38
CA THR B 961 -24.49 64.21 -5.22
C THR B 961 -25.46 63.94 -6.36
N SER B 962 -25.22 64.55 -7.52
CA SER B 962 -26.16 64.51 -8.63
C SER B 962 -26.11 63.21 -9.43
N HIS B 963 -25.25 62.26 -9.05
CA HIS B 963 -24.99 61.09 -9.87
C HIS B 963 -25.43 59.79 -9.21
N ASP B 964 -26.13 59.83 -8.08
CA ASP B 964 -26.35 58.57 -7.38
C ASP B 964 -27.79 58.27 -7.00
N TRP B 965 -28.61 59.31 -6.77
CA TRP B 965 -30.00 59.27 -6.29
C TRP B 965 -30.17 58.74 -4.88
N ARG B 966 -29.10 58.24 -4.26
CA ARG B 966 -29.12 57.75 -2.91
C ARG B 966 -28.23 58.58 -2.02
N LEU B 967 -27.19 59.17 -2.60
CA LEU B 967 -26.43 60.19 -1.90
C LEU B 967 -27.20 61.48 -1.82
N ARG B 968 -28.07 61.76 -2.78
CA ARG B 968 -28.80 63.02 -2.73
C ARG B 968 -29.91 62.96 -1.69
N CYS B 969 -30.58 61.82 -1.57
CA CYS B 969 -31.56 61.64 -0.51
C CYS B 969 -30.90 61.56 0.85
N GLY B 970 -29.68 61.02 0.92
CA GLY B 970 -28.95 61.03 2.17
C GLY B 970 -28.49 62.40 2.58
N ALA B 971 -28.14 63.25 1.60
CA ALA B 971 -27.80 64.63 1.91
C ALA B 971 -29.02 65.43 2.32
N VAL B 972 -30.18 65.13 1.74
CA VAL B 972 -31.43 65.76 2.17
C VAL B 972 -31.77 65.35 3.61
N ASP B 973 -31.55 64.07 3.93
CA ASP B 973 -31.76 63.61 5.31
C ASP B 973 -30.79 64.26 6.28
N LEU B 974 -29.55 64.46 5.86
CA LEU B 974 -28.56 65.09 6.74
C LEU B 974 -28.87 66.55 6.96
N TYR B 975 -29.30 67.25 5.91
CA TYR B 975 -29.71 68.65 6.05
C TYR B 975 -30.96 68.79 6.91
N PHE B 976 -31.87 67.81 6.83
CA PHE B 976 -33.06 67.84 7.68
C PHE B 976 -32.71 67.58 9.14
N THR B 977 -31.80 66.64 9.38
CA THR B 977 -31.40 66.33 10.75
C THR B 977 -30.64 67.49 11.37
N LEU B 978 -29.80 68.16 10.60
CA LEU B 978 -28.96 69.21 11.15
C LEU B 978 -29.67 70.57 11.23
N PHE B 979 -30.44 70.94 10.21
CA PHE B 979 -30.99 72.29 10.16
C PHE B 979 -32.51 72.36 10.13
N GLY B 980 -33.21 71.26 9.94
CA GLY B 980 -34.65 71.27 9.98
C GLY B 980 -35.29 71.71 8.68
N LEU B 981 -36.62 71.79 8.72
CA LEU B 981 -37.41 72.05 7.52
C LEU B 981 -37.46 73.54 7.15
N SER B 982 -37.13 74.43 8.07
CA SER B 982 -37.20 75.86 7.82
C SER B 982 -35.82 76.37 7.42
N ARG B 983 -35.66 77.68 7.51
CA ARG B 983 -34.39 78.31 7.08
C ARG B 983 -33.33 78.01 8.14
N PRO B 984 -32.08 77.69 7.76
CA PRO B 984 -31.12 77.36 8.73
C PRO B 984 -31.09 78.60 9.63
N SER B 985 -31.21 78.41 10.94
CA SER B 985 -31.22 79.54 11.92
C SER B 985 -29.85 80.20 12.01
N CYS B 986 -28.78 79.41 12.12
CA CYS B 986 -27.41 79.98 12.28
C CYS B 986 -27.00 80.66 10.96
N LEU B 987 -27.73 81.68 10.52
CA LEU B 987 -27.42 82.31 9.21
C LEU B 987 -27.85 83.77 9.25
N PRO B 988 -27.21 84.70 8.49
CA PRO B 988 -27.69 86.08 8.40
C PRO B 988 -29.15 86.10 7.91
N VAL C 837 80.44 -46.24 73.81
CA VAL C 837 81.75 -46.39 74.43
C VAL C 837 82.65 -45.24 73.99
N ALA C 838 82.44 -44.76 72.77
CA ALA C 838 83.20 -43.60 72.29
C ALA C 838 82.75 -42.33 72.98
N SER C 839 81.48 -42.27 73.39
CA SER C 839 80.93 -41.14 74.12
C SER C 839 80.85 -41.50 75.60
N MET C 840 81.46 -40.68 76.45
CA MET C 840 81.52 -41.00 77.87
C MET C 840 80.19 -40.71 78.57
N ALA C 841 79.49 -39.67 78.14
CA ALA C 841 78.16 -39.35 78.64
C ALA C 841 77.08 -39.73 77.65
N GLY C 842 77.23 -40.89 77.00
CA GLY C 842 76.36 -41.25 75.90
C GLY C 842 74.94 -41.50 76.36
N VAL C 843 73.99 -41.24 75.44
CA VAL C 843 72.59 -41.16 75.84
C VAL C 843 71.91 -42.52 75.77
N ASN C 844 72.44 -43.43 74.95
CA ASN C 844 71.95 -44.81 74.98
C ASN C 844 72.59 -45.63 76.09
N LEU C 845 73.62 -45.09 76.75
CA LEU C 845 74.15 -45.72 77.95
C LEU C 845 73.15 -45.61 79.09
N SER C 846 72.54 -44.43 79.25
CA SER C 846 71.60 -44.22 80.34
C SER C 846 70.24 -44.83 80.03
N GLU C 847 69.97 -45.13 78.75
CA GLU C 847 68.71 -45.77 78.40
C GLU C 847 68.65 -47.21 78.88
N GLU C 848 69.59 -48.05 78.44
CA GLU C 848 69.54 -49.48 78.77
C GLU C 848 70.04 -49.78 80.18
N SER C 849 70.53 -48.77 80.91
CA SER C 849 70.79 -48.94 82.33
C SER C 849 69.57 -48.61 83.18
N ALA C 850 68.70 -47.73 82.69
CA ALA C 850 67.47 -47.43 83.39
C ALA C 850 66.32 -48.31 82.89
N ARG C 851 66.48 -48.90 81.71
CA ARG C 851 65.49 -49.84 81.21
C ARG C 851 65.55 -51.15 81.98
N ILE C 852 66.75 -51.59 82.33
CA ILE C 852 66.94 -52.84 83.07
C ILE C 852 66.37 -52.71 84.48
N LEU C 853 66.55 -51.56 85.10
CA LEU C 853 65.95 -51.33 86.42
C LEU C 853 64.45 -51.11 86.34
N ALA C 854 63.93 -50.80 85.14
CA ALA C 854 62.48 -50.75 84.96
C ALA C 854 61.91 -52.15 84.79
N THR C 855 62.67 -53.06 84.17
CA THR C 855 62.22 -54.44 84.07
C THR C 855 62.49 -55.20 85.36
N ASN C 856 63.46 -54.76 86.15
CA ASN C 856 63.64 -55.32 87.48
C ASN C 856 62.57 -54.83 88.44
N SER C 857 61.99 -53.65 88.17
CA SER C 857 60.85 -53.15 88.93
C SER C 857 59.52 -53.59 88.34
N GLU C 858 59.55 -54.46 87.33
CA GLU C 858 58.38 -55.09 86.71
C GLU C 858 57.35 -54.10 86.16
N THR C 871 72.54 -64.95 71.94
CA THR C 871 72.06 -65.96 71.01
C THR C 871 73.09 -67.05 70.81
N PHE C 872 74.34 -66.64 70.57
CA PHE C 872 75.48 -67.53 70.35
C PHE C 872 75.22 -68.48 69.18
N LEU C 873 75.19 -67.87 67.99
CA LEU C 873 74.86 -68.56 66.73
C LEU C 873 75.78 -69.75 66.49
N LEU C 874 75.23 -70.76 65.82
CA LEU C 874 75.95 -72.00 65.58
C LEU C 874 77.06 -71.78 64.56
N GLN C 875 78.28 -72.20 64.93
CA GLN C 875 79.47 -71.79 64.19
C GLN C 875 79.58 -72.51 62.84
N ALA C 876 79.02 -73.71 62.72
CA ALA C 876 79.15 -74.45 61.47
C ALA C 876 78.19 -73.96 60.36
N PRO C 877 76.88 -73.74 60.58
CA PRO C 877 76.08 -73.19 59.48
C PRO C 877 76.29 -71.71 59.25
N LEU C 878 76.86 -70.98 60.21
CA LEU C 878 77.12 -69.56 60.00
C LEU C 878 78.32 -69.36 59.09
N GLN C 879 79.34 -70.22 59.22
CA GLN C 879 80.55 -70.08 58.41
C GLN C 879 80.28 -70.36 56.93
N ARG C 880 79.31 -71.25 56.65
CA ARG C 880 78.86 -71.42 55.27
C ARG C 880 78.01 -70.23 54.81
N ARG C 881 77.36 -69.55 55.76
CA ARG C 881 76.48 -68.45 55.41
C ARG C 881 77.27 -67.19 55.03
N ILE C 882 78.36 -66.92 55.74
CA ILE C 882 79.21 -65.78 55.40
C ILE C 882 79.88 -65.98 54.05
N LEU C 883 80.32 -67.22 53.77
CA LEU C 883 81.11 -67.49 52.58
C LEU C 883 80.28 -67.40 51.29
N GLU C 884 78.98 -67.70 51.37
CA GLU C 884 78.16 -67.65 50.15
C GLU C 884 77.86 -66.20 49.75
N ILE C 885 77.66 -65.31 50.73
CA ILE C 885 77.54 -63.89 50.42
C ILE C 885 78.89 -63.32 49.99
N GLY C 886 79.99 -63.96 50.38
CA GLY C 886 81.31 -63.51 49.97
C GLY C 886 81.66 -63.84 48.54
N LYS C 887 80.91 -64.74 47.90
CA LYS C 887 81.13 -65.02 46.49
C LYS C 887 80.71 -63.85 45.61
N LYS C 888 79.75 -63.05 46.06
CA LYS C 888 79.27 -61.91 45.30
C LYS C 888 80.19 -60.70 45.39
N HIS C 889 81.21 -60.74 46.24
CA HIS C 889 82.16 -59.65 46.35
C HIS C 889 83.61 -60.05 46.16
N GLY C 890 83.93 -61.34 46.22
CA GLY C 890 85.31 -61.78 46.08
C GLY C 890 86.04 -61.82 47.40
N ILE C 891 85.42 -62.42 48.41
CA ILE C 891 85.89 -62.42 49.79
C ILE C 891 86.09 -63.89 50.17
N THR C 892 86.69 -64.65 49.26
CA THR C 892 86.76 -66.12 49.20
C THR C 892 87.02 -66.87 50.51
N GLU C 893 87.76 -66.29 51.45
CA GLU C 893 87.92 -66.90 52.76
C GLU C 893 87.79 -65.84 53.84
N LEU C 894 87.48 -66.28 55.05
CA LEU C 894 87.22 -65.38 56.17
C LEU C 894 88.16 -65.67 57.32
N HIS C 895 88.37 -64.65 58.14
CA HIS C 895 89.26 -64.77 59.30
C HIS C 895 88.60 -65.62 60.38
N PRO C 896 89.37 -66.45 61.09
CA PRO C 896 88.76 -67.39 62.06
C PRO C 896 88.14 -66.73 63.29
N ASP C 897 88.40 -65.44 63.54
CA ASP C 897 87.79 -64.74 64.67
C ASP C 897 86.58 -63.92 64.25
N VAL C 898 86.09 -64.10 63.03
CA VAL C 898 84.97 -63.31 62.53
C VAL C 898 83.65 -64.03 62.73
N VAL C 899 83.61 -65.35 62.52
CA VAL C 899 82.38 -66.12 62.62
C VAL C 899 81.89 -66.19 64.07
N SER C 900 82.78 -66.00 65.06
CA SER C 900 82.37 -65.83 66.44
C SER C 900 82.19 -64.36 66.81
N TYR C 901 82.67 -63.43 65.98
CA TYR C 901 82.41 -62.02 66.22
C TYR C 901 81.05 -61.61 65.70
N VAL C 902 80.62 -62.19 64.58
CA VAL C 902 79.28 -61.93 64.05
C VAL C 902 78.24 -62.56 64.97
N SER C 903 78.58 -63.70 65.58
CA SER C 903 77.69 -64.33 66.55
C SER C 903 77.56 -63.50 67.83
N HIS C 904 78.63 -62.84 68.25
CA HIS C 904 78.53 -61.89 69.35
C HIS C 904 77.85 -60.60 68.94
N ALA C 905 77.87 -60.27 67.64
CA ALA C 905 77.19 -59.07 67.16
C ALA C 905 75.71 -59.32 66.94
N THR C 906 75.34 -60.56 66.60
CA THR C 906 73.93 -60.90 66.45
C THR C 906 73.27 -61.02 67.82
N GLN C 907 74.04 -61.42 68.84
CA GLN C 907 73.50 -61.53 70.19
C GLN C 907 73.17 -60.16 70.77
N GLN C 908 74.10 -59.21 70.64
CA GLN C 908 73.85 -57.87 71.13
C GLN C 908 72.86 -57.08 70.28
N ARG C 909 72.50 -57.58 69.10
CA ARG C 909 71.40 -56.99 68.35
C ARG C 909 70.05 -57.48 68.89
N LEU C 910 69.95 -58.77 69.19
CA LEU C 910 68.67 -59.30 69.65
C LEU C 910 68.48 -59.10 71.15
N GLN C 911 69.56 -59.07 71.94
CA GLN C 911 69.42 -58.78 73.36
C GLN C 911 69.07 -57.32 73.58
N ASN C 912 69.49 -56.43 72.69
CA ASN C 912 69.01 -55.05 72.71
C ASN C 912 67.57 -54.94 72.25
N LEU C 913 67.05 -55.97 71.58
CA LEU C 913 65.66 -55.99 71.15
C LEU C 913 64.77 -56.84 72.05
N VAL C 914 65.32 -57.86 72.71
CA VAL C 914 64.55 -58.63 73.68
C VAL C 914 64.30 -57.79 74.94
N GLU C 915 65.32 -57.06 75.39
CA GLU C 915 65.15 -56.14 76.52
C GLU C 915 64.20 -55.00 76.17
N LYS C 916 64.18 -54.57 74.92
CA LYS C 916 63.30 -53.47 74.51
C LYS C 916 61.85 -53.90 74.43
N ILE C 917 61.58 -55.13 73.99
CA ILE C 917 60.20 -55.59 73.94
C ILE C 917 59.73 -56.11 75.28
N SER C 918 60.63 -56.40 76.22
CA SER C 918 60.22 -56.81 77.56
C SER C 918 59.74 -55.65 78.41
N GLU C 919 60.29 -54.45 78.19
CA GLU C 919 59.84 -53.29 78.95
C GLU C 919 58.57 -52.67 78.39
N THR C 920 58.10 -53.13 77.23
CA THR C 920 56.79 -52.75 76.75
C THR C 920 55.78 -53.89 76.85
N ALA C 921 56.23 -55.12 77.08
CA ALA C 921 55.32 -56.21 77.40
C ALA C 921 54.95 -56.22 78.88
N GLN C 922 55.73 -55.54 79.72
CA GLN C 922 55.37 -55.32 81.11
C GLN C 922 54.70 -53.97 81.31
N GLN C 923 54.60 -53.16 80.26
CA GLN C 923 53.86 -51.91 80.34
C GLN C 923 52.35 -52.16 80.42
N LYS C 924 51.90 -53.28 79.86
CA LYS C 924 50.49 -53.64 79.89
C LYS C 924 50.08 -54.40 81.14
N ASN C 925 51.06 -54.91 81.90
CA ASN C 925 50.77 -55.65 83.12
C ASN C 925 50.86 -54.78 84.37
N PHE C 926 50.63 -53.49 84.23
CA PHE C 926 50.55 -52.58 85.38
C PHE C 926 49.08 -52.25 85.62
N SER C 927 48.48 -52.93 86.59
CA SER C 927 47.08 -52.70 86.92
C SER C 927 46.98 -51.50 87.85
N TYR C 928 46.30 -50.45 87.38
CA TYR C 928 46.14 -49.25 88.19
C TYR C 928 45.07 -49.43 89.26
N LYS C 929 44.09 -50.31 89.03
CA LYS C 929 42.91 -50.37 89.90
C LYS C 929 43.20 -51.03 91.23
N ASP C 930 44.30 -51.77 91.36
CA ASP C 930 44.68 -52.28 92.67
C ASP C 930 45.24 -51.17 93.55
N ASP C 931 45.98 -50.24 92.95
CA ASP C 931 46.45 -49.06 93.66
C ASP C 931 45.31 -48.07 93.86
N ASP C 932 45.37 -47.33 94.97
CA ASP C 932 44.39 -46.28 95.24
C ASP C 932 45.07 -44.92 95.34
N ARG C 933 46.24 -44.78 94.74
CA ARG C 933 46.78 -43.47 94.44
C ARG C 933 46.28 -42.94 93.11
N TYR C 934 45.71 -43.81 92.28
CA TYR C 934 45.17 -43.45 90.98
C TYR C 934 43.65 -43.41 91.03
N GLU C 935 43.07 -42.57 90.18
CA GLU C 935 41.63 -42.41 90.06
C GLU C 935 41.21 -42.63 88.62
N GLN C 936 40.08 -43.29 88.43
CA GLN C 936 39.57 -43.51 87.09
C GLN C 936 39.01 -42.22 86.52
N ALA C 937 39.27 -41.99 85.23
CA ALA C 937 38.88 -40.74 84.59
C ALA C 937 37.86 -40.92 83.47
N SER C 938 38.00 -41.94 82.63
CA SER C 938 37.08 -42.13 81.51
C SER C 938 37.08 -43.59 81.11
N ASP C 939 35.99 -44.30 81.40
CA ASP C 939 35.90 -45.73 80.98
C ASP C 939 34.93 -45.84 79.80
N VAL C 940 35.48 -45.94 78.60
CA VAL C 940 34.61 -45.97 77.40
C VAL C 940 34.08 -47.39 77.28
N ARG C 941 34.85 -48.37 77.75
CA ARG C 941 34.45 -49.79 77.58
C ARG C 941 33.12 -50.02 78.30
N ALA C 942 32.96 -49.50 79.52
CA ALA C 942 31.70 -49.67 80.30
C ALA C 942 30.51 -48.96 79.61
N GLN C 943 30.75 -47.77 79.06
CA GLN C 943 29.66 -47.06 78.32
C GLN C 943 29.27 -47.94 77.13
N LEU C 944 30.26 -48.51 76.45
CA LEU C 944 30.00 -49.38 75.27
C LEU C 944 29.20 -50.59 75.73
N LYS C 945 29.51 -51.15 76.90
CA LYS C 945 28.77 -52.31 77.45
C LYS C 945 27.32 -51.92 77.73
N PHE C 946 27.08 -50.73 78.28
CA PHE C 946 25.68 -50.28 78.49
C PHE C 946 24.96 -50.14 77.14
N PHE C 947 25.67 -49.61 76.14
CA PHE C 947 25.06 -49.45 74.80
C PHE C 947 24.72 -50.83 74.25
N GLU C 948 25.60 -51.81 74.46
CA GLU C 948 25.40 -53.20 73.96
C GLU C 948 24.20 -53.81 74.68
N GLN C 949 24.03 -53.53 75.98
CA GLN C 949 22.85 -54.01 76.73
C GLN C 949 21.58 -53.40 76.12
N LEU C 950 21.62 -52.11 75.78
CA LEU C 950 20.45 -51.47 75.12
C LEU C 950 20.18 -52.13 73.76
N ASP C 951 21.24 -52.46 73.02
CA ASP C 951 21.10 -53.12 71.69
C ASP C 951 20.46 -54.50 71.90
N GLN C 952 20.86 -55.21 72.96
CA GLN C 952 20.28 -56.54 73.29
C GLN C 952 18.80 -56.38 73.65
N ILE C 953 18.44 -55.31 74.36
CA ILE C 953 17.00 -55.04 74.66
C ILE C 953 16.26 -54.83 73.33
N GLU C 954 16.86 -54.09 72.40
CA GLU C 954 16.23 -53.88 71.07
C GLU C 954 16.07 -55.23 70.35
N LYS C 955 17.09 -56.10 70.44
CA LYS C 955 17.05 -57.43 69.79
C LYS C 955 15.93 -58.26 70.42
N GLN C 956 15.75 -58.17 71.74
CA GLN C 956 14.66 -58.90 72.45
C GLN C 956 13.31 -58.38 71.98
N ARG C 957 13.19 -57.06 71.78
CA ARG C 957 11.92 -56.49 71.23
C ARG C 957 11.69 -57.07 69.84
N LYS C 958 12.75 -57.16 69.02
CA LYS C 958 12.62 -57.74 67.65
C LYS C 958 12.18 -59.19 67.76
N ASP C 959 12.74 -59.96 68.71
CA ASP C 959 12.38 -61.39 68.90
C ASP C 959 10.91 -61.50 69.30
N GLU C 960 10.44 -60.59 70.17
CA GLU C 960 9.01 -60.59 70.59
C GLU C 960 8.13 -60.30 69.36
N GLN C 961 8.55 -59.37 68.51
CA GLN C 961 7.78 -59.07 67.26
C GLN C 961 7.74 -60.33 66.40
N GLU C 962 8.87 -61.04 66.28
CA GLU C 962 8.92 -62.28 65.46
C GLU C 962 7.99 -63.34 66.06
N ARG C 963 7.95 -63.46 67.38
CA ARG C 963 7.04 -64.44 68.06
C ARG C 963 5.59 -64.07 67.77
N GLU C 964 5.27 -62.77 67.79
CA GLU C 964 3.89 -62.32 67.48
C GLU C 964 3.56 -62.70 66.03
N ILE C 965 4.52 -62.50 65.11
CA ILE C 965 4.31 -62.87 63.68
C ILE C 965 4.06 -64.38 63.58
N LEU C 966 4.82 -65.19 64.33
CA LEU C 966 4.65 -66.67 64.30
C LEU C 966 3.25 -67.02 64.83
N MET C 967 2.80 -66.35 65.89
CA MET C 967 1.44 -66.61 66.45
C MET C 967 0.40 -66.26 65.40
N ARG C 968 0.60 -65.15 64.68
CA ARG C 968 -0.36 -64.73 63.63
C ARG C 968 -0.39 -65.79 62.52
N ALA C 969 0.78 -66.32 62.15
CA ALA C 969 0.84 -67.33 61.07
C ALA C 969 -0.03 -68.55 61.42
N GLN C 1053 53.76 -63.09 90.80
CA GLN C 1053 53.94 -64.29 89.94
C GLN C 1053 53.29 -64.02 88.58
N ARG C 1054 53.11 -62.74 88.22
CA ARG C 1054 52.44 -62.39 86.95
C ARG C 1054 53.27 -62.97 85.79
N ILE C 1055 52.60 -63.61 84.83
CA ILE C 1055 53.32 -64.22 83.67
C ILE C 1055 53.25 -63.24 82.49
N THR C 1056 54.40 -62.86 81.93
CA THR C 1056 54.43 -61.85 80.84
C THR C 1056 54.49 -62.53 79.47
N ARG C 1057 53.49 -62.30 78.62
CA ARG C 1057 53.52 -62.82 77.26
C ARG C 1057 53.70 -61.68 76.27
N VAL C 1058 54.68 -61.83 75.39
CA VAL C 1058 55.02 -60.81 74.41
C VAL C 1058 54.26 -61.08 73.12
N ASN C 1059 53.41 -60.13 72.73
CA ASN C 1059 52.64 -60.25 71.51
C ASN C 1059 53.45 -59.73 70.33
N LEU C 1060 52.88 -59.83 69.12
CA LEU C 1060 53.49 -59.21 67.96
C LEU C 1060 53.37 -57.70 67.98
N ARG C 1061 52.41 -57.16 68.75
CA ARG C 1061 52.32 -55.71 68.90
C ARG C 1061 53.52 -55.14 69.63
N ASP C 1062 54.03 -55.87 70.64
CA ASP C 1062 55.18 -55.41 71.39
C ASP C 1062 56.46 -55.44 70.57
N LEU C 1063 56.53 -56.34 69.59
CA LEU C 1063 57.66 -56.34 68.69
C LEU C 1063 57.54 -55.25 67.62
N ILE C 1064 56.32 -55.03 67.13
CA ILE C 1064 56.08 -53.99 66.14
C ILE C 1064 56.30 -52.61 66.75
N PHE C 1065 55.93 -52.44 68.02
CA PHE C 1065 56.11 -51.17 68.73
C PHE C 1065 57.58 -50.83 68.91
N CYS C 1066 58.44 -51.84 69.00
CA CYS C 1066 59.87 -51.63 69.13
C CYS C 1066 60.60 -51.62 67.79
N LEU C 1067 59.87 -51.61 66.68
CA LEU C 1067 60.47 -51.52 65.36
C LEU C 1067 60.24 -50.18 64.69
N GLU C 1068 59.05 -49.60 64.82
CA GLU C 1068 58.80 -48.30 64.22
C GLU C 1068 59.39 -47.14 65.01
N ASN C 1069 59.93 -47.40 66.20
CA ASN C 1069 60.57 -46.35 66.99
C ASN C 1069 62.05 -46.22 66.66
N GLU C 1070 62.76 -47.33 66.53
CA GLU C 1070 64.18 -47.28 66.18
C GLU C 1070 64.36 -46.90 64.71
N ARG C 1071 65.53 -46.34 64.39
CA ARG C 1071 65.74 -45.75 63.07
C ARG C 1071 65.88 -46.83 62.00
N GLU C 1072 66.70 -47.84 62.26
CA GLU C 1072 66.64 -49.05 61.46
C GLU C 1072 65.31 -49.76 61.70
N THR C 1073 64.84 -50.45 60.67
CA THR C 1073 63.56 -51.19 60.64
C THR C 1073 62.35 -50.31 60.93
N SER C 1074 62.42 -49.00 60.70
CA SER C 1074 61.23 -48.16 60.77
C SER C 1074 60.52 -48.08 59.44
N HIS C 1075 61.28 -47.86 58.36
CA HIS C 1075 60.76 -47.99 57.01
C HIS C 1075 61.48 -49.18 56.39
N SER C 1076 60.95 -50.37 56.66
CA SER C 1076 61.56 -51.60 56.20
C SER C 1076 60.45 -52.56 55.77
N LEU C 1077 60.81 -53.50 54.90
CA LEU C 1077 59.87 -54.50 54.43
C LEU C 1077 59.56 -55.57 55.47
N LEU C 1078 60.32 -55.63 56.56
CA LEU C 1078 60.05 -56.60 57.60
C LEU C 1078 59.02 -56.09 58.60
N LEU C 1079 58.97 -54.78 58.81
CA LEU C 1079 57.91 -54.18 59.62
C LEU C 1079 56.63 -54.01 58.81
N TYR C 1080 56.77 -53.70 57.52
CA TYR C 1080 55.61 -53.54 56.64
C TYR C 1080 54.85 -54.84 56.46
N LYS C 1081 55.57 -55.95 56.38
CA LYS C 1081 54.91 -57.25 56.29
C LYS C 1081 54.37 -57.69 57.64
N ALA C 1082 54.98 -57.21 58.73
CA ALA C 1082 54.53 -57.58 60.08
C ALA C 1082 53.19 -56.95 60.43
N PHE C 1083 52.77 -55.90 59.72
CA PHE C 1083 51.45 -55.32 59.89
C PHE C 1083 50.34 -56.22 59.38
N LEU C 1084 50.67 -57.28 58.63
CA LEU C 1084 49.68 -58.19 58.08
C LEU C 1084 49.81 -59.60 58.64
N LYS C 1085 50.70 -59.84 59.59
CA LYS C 1085 50.90 -61.18 60.16
C LYS C 1085 50.04 -61.38 61.40
N ASP D 210 75.68 -50.34 20.77
CA ASP D 210 74.32 -49.90 21.08
C ASP D 210 74.17 -48.51 21.75
N PRO D 211 74.79 -48.24 22.93
CA PRO D 211 74.36 -47.06 23.70
C PRO D 211 74.79 -45.73 23.11
N THR D 212 75.86 -45.68 22.33
CA THR D 212 76.31 -44.41 21.77
C THR D 212 75.49 -43.98 20.55
N MET D 213 74.60 -44.83 20.05
CA MET D 213 73.82 -44.53 18.86
C MET D 213 72.32 -44.47 19.18
N TYR D 214 71.96 -44.18 20.43
CA TYR D 214 70.55 -44.01 20.75
C TYR D 214 70.00 -42.70 20.22
N GLU D 215 70.86 -41.70 20.04
CA GLU D 215 70.44 -40.46 19.39
C GLU D 215 70.37 -40.59 17.88
N GLU D 216 70.79 -41.73 17.32
CA GLU D 216 70.59 -42.05 15.92
C GLU D 216 69.37 -42.92 15.69
N TYR D 217 69.03 -43.78 16.66
CA TYR D 217 67.83 -44.60 16.54
C TYR D 217 66.57 -43.75 16.75
N TYR D 218 66.57 -42.92 17.80
CA TYR D 218 65.39 -42.14 18.13
C TYR D 218 65.16 -41.03 17.12
N SER D 219 66.22 -40.40 16.62
CA SER D 219 66.06 -39.34 15.64
C SER D 219 65.68 -39.88 14.26
N GLY D 220 65.95 -41.15 14.00
CA GLY D 220 65.48 -41.75 12.76
C GLY D 220 63.99 -41.98 12.78
N LEU D 221 63.47 -42.50 13.90
CA LEU D 221 62.03 -42.69 14.02
C LEU D 221 61.30 -41.36 14.18
N LYS D 222 61.97 -40.35 14.76
CA LYS D 222 61.41 -39.01 14.80
C LYS D 222 61.33 -38.41 13.40
N HIS D 223 62.26 -38.79 12.52
CA HIS D 223 62.22 -38.30 11.14
C HIS D 223 61.16 -39.03 10.33
N PHE D 224 60.86 -40.29 10.65
CA PHE D 224 59.85 -41.03 9.91
C PHE D 224 58.45 -40.53 10.25
N ILE D 225 58.20 -40.22 11.51
CA ILE D 225 56.84 -39.89 11.95
C ILE D 225 56.45 -38.48 11.49
N GLU D 226 57.37 -37.52 11.61
CA GLU D 226 57.07 -36.17 11.18
C GLU D 226 57.05 -36.02 9.66
N CYS D 227 57.58 -36.98 8.92
CA CYS D 227 57.46 -36.99 7.46
C CYS D 227 56.27 -37.79 6.97
N SER D 228 55.44 -38.30 7.88
CA SER D 228 54.25 -39.05 7.48
C SER D 228 53.12 -38.08 7.12
N LEU D 229 52.07 -38.65 6.55
CA LEU D 229 50.85 -37.88 6.30
C LEU D 229 50.15 -37.54 7.61
N ASP D 230 49.38 -36.44 7.59
CA ASP D 230 48.91 -35.83 8.83
C ASP D 230 47.85 -36.65 9.54
N CYS D 231 47.19 -37.58 8.87
CA CYS D 231 46.20 -38.42 9.55
C CYS D 231 46.87 -39.43 10.46
N HIS D 232 47.99 -40.01 10.00
CA HIS D 232 48.75 -40.97 10.80
C HIS D 232 49.84 -40.33 11.63
N ARG D 233 50.17 -39.05 11.38
CA ARG D 233 51.25 -38.39 12.12
C ARG D 233 50.84 -38.10 13.55
N ALA D 234 49.57 -37.70 13.76
CA ALA D 234 49.10 -37.38 15.09
C ALA D 234 48.95 -38.61 15.96
N GLU D 235 48.71 -39.78 15.34
CA GLU D 235 48.60 -41.00 16.12
C GLU D 235 49.96 -41.64 16.33
N LEU D 236 50.89 -41.48 15.40
CA LEU D 236 52.24 -42.01 15.56
C LEU D 236 53.12 -41.13 16.41
N SER D 237 52.65 -39.96 16.84
CA SER D 237 53.39 -39.16 17.80
C SER D 237 53.21 -39.64 19.23
N GLN D 238 52.44 -40.70 19.44
CA GLN D 238 52.22 -41.20 20.79
C GLN D 238 53.43 -41.92 21.35
N LEU D 239 54.22 -42.57 20.48
CA LEU D 239 55.40 -43.30 20.93
C LEU D 239 56.67 -42.47 20.92
N PHE D 240 56.54 -41.15 20.95
CA PHE D 240 57.70 -40.31 21.22
C PHE D 240 58.08 -40.35 22.68
N TYR D 241 57.09 -40.17 23.57
CA TYR D 241 57.39 -40.13 25.01
C TYR D 241 57.83 -41.46 25.60
N PRO D 242 57.17 -42.62 25.36
CA PRO D 242 57.68 -43.85 25.98
C PRO D 242 58.99 -44.35 25.40
N LEU D 243 59.26 -44.07 24.13
CA LEU D 243 60.56 -44.42 23.59
C LEU D 243 61.65 -43.47 24.04
N PHE D 244 61.31 -42.25 24.44
CA PHE D 244 62.31 -41.35 24.99
C PHE D 244 62.69 -41.76 26.40
N VAL D 245 61.73 -42.18 27.21
CA VAL D 245 62.02 -42.53 28.59
C VAL D 245 62.67 -43.91 28.68
N HIS D 246 62.17 -44.88 27.90
CA HIS D 246 62.74 -46.24 27.98
C HIS D 246 64.14 -46.31 27.41
N MET D 247 64.49 -45.41 26.49
CA MET D 247 65.88 -45.36 26.04
C MET D 247 66.74 -44.58 27.02
N TYR D 248 66.18 -43.56 27.68
CA TYR D 248 66.94 -42.80 28.66
C TYR D 248 67.16 -43.59 29.95
N LEU D 249 66.15 -44.33 30.39
CA LEU D 249 66.29 -45.08 31.63
C LEU D 249 67.16 -46.31 31.44
N GLU D 250 67.22 -46.86 30.23
CA GLU D 250 68.11 -47.96 29.95
C GLU D 250 69.56 -47.51 29.83
N LEU D 251 69.79 -46.26 29.42
CA LEU D 251 71.14 -45.71 29.43
C LEU D 251 71.64 -45.52 30.85
N VAL D 252 70.81 -44.98 31.75
CA VAL D 252 71.26 -44.73 33.10
C VAL D 252 71.27 -45.97 33.97
N TYR D 253 70.60 -47.05 33.54
CA TYR D 253 70.67 -48.30 34.30
C TYR D 253 71.91 -49.10 33.93
N ASN D 254 72.42 -48.93 32.72
CA ASN D 254 73.64 -49.58 32.28
C ASN D 254 74.87 -48.72 32.48
N GLN D 255 74.73 -47.65 33.28
CA GLN D 255 75.81 -46.75 33.70
C GLN D 255 76.49 -46.09 32.50
N HIS D 256 75.67 -45.41 31.69
CA HIS D 256 76.16 -44.66 30.49
C HIS D 256 75.72 -43.21 30.67
N GLU D 257 76.16 -42.58 31.76
CA GLU D 257 75.65 -41.25 32.14
C GLU D 257 75.88 -40.16 31.10
N ASN D 258 77.05 -40.05 30.49
CA ASN D 258 77.25 -38.92 29.55
C ASN D 258 76.30 -39.06 28.38
N GLU D 259 76.18 -40.28 27.86
CA GLU D 259 75.30 -40.50 26.69
C GLU D 259 73.86 -40.24 27.10
N ALA D 260 73.50 -40.63 28.32
CA ALA D 260 72.14 -40.37 28.80
C ALA D 260 71.90 -38.88 28.84
N LYS D 261 72.83 -38.11 29.37
CA LYS D 261 72.65 -36.66 29.52
C LYS D 261 72.51 -36.02 28.13
N SER D 262 73.31 -36.47 27.18
CA SER D 262 73.22 -35.93 25.80
C SER D 262 71.89 -36.25 25.14
N PHE D 263 71.39 -37.47 25.32
CA PHE D 263 70.07 -37.87 24.77
C PHE D 263 69.01 -36.98 25.41
N PHE D 264 69.11 -36.79 26.71
CA PHE D 264 68.06 -36.00 27.38
C PHE D 264 68.08 -34.60 26.80
N GLU D 265 69.26 -34.02 26.62
CA GLU D 265 69.31 -32.63 26.13
C GLU D 265 68.79 -32.54 24.71
N LYS D 266 69.10 -33.51 23.86
CA LYS D 266 68.69 -33.39 22.43
C LYS D 266 67.18 -33.56 22.23
N PHE D 267 66.53 -34.45 22.97
CA PHE D 267 65.13 -34.83 22.69
C PHE D 267 64.13 -34.40 23.74
N HIS D 268 64.52 -33.83 24.87
CA HIS D 268 63.52 -33.53 25.92
C HIS D 268 62.53 -32.46 25.48
N GLY D 269 62.89 -31.60 24.56
CA GLY D 269 62.04 -30.44 24.24
C GLY D 269 61.07 -30.71 23.12
N ASP D 270 61.10 -31.91 22.55
CA ASP D 270 60.13 -32.27 21.50
C ASP D 270 59.05 -33.12 22.16
N GLN D 271 59.13 -33.28 23.46
CA GLN D 271 58.12 -34.05 24.20
C GLN D 271 56.90 -33.17 24.44
N GLU D 272 55.73 -33.77 24.58
CA GLU D 272 54.46 -33.03 24.73
C GLU D 272 54.50 -32.21 26.00
N CYS D 273 53.87 -31.03 25.99
CA CYS D 273 53.95 -30.10 27.14
C CYS D 273 53.41 -30.70 28.42
N TYR D 274 52.48 -31.64 28.34
CA TYR D 274 51.85 -32.20 29.54
C TYR D 274 52.82 -33.08 30.31
N TYR D 275 54.01 -33.33 29.78
CA TYR D 275 54.93 -34.31 30.42
C TYR D 275 56.06 -33.63 31.18
N GLN D 276 55.99 -32.32 31.40
CA GLN D 276 57.10 -31.56 32.01
C GLN D 276 57.45 -32.11 33.39
N ASP D 277 56.48 -32.48 34.21
CA ASP D 277 56.86 -32.94 35.57
C ASP D 277 57.69 -34.21 35.51
N ASP D 278 57.26 -35.16 34.71
CA ASP D 278 58.01 -36.45 34.60
C ASP D 278 59.37 -36.13 34.01
N LEU D 279 59.39 -35.21 33.05
CA LEU D 279 60.67 -34.87 32.40
C LEU D 279 61.62 -34.29 33.44
N ARG D 280 61.17 -33.43 34.36
CA ARG D 280 62.03 -32.90 35.44
C ARG D 280 62.50 -33.99 36.42
N VAL D 281 61.60 -34.88 36.80
CA VAL D 281 62.12 -35.98 37.66
C VAL D 281 63.22 -36.72 36.90
N LEU D 282 63.07 -36.98 35.61
CA LEU D 282 64.08 -37.72 34.80
C LEU D 282 65.37 -36.95 34.68
N SER D 283 65.32 -35.64 34.48
CA SER D 283 66.53 -34.80 34.38
C SER D 283 67.29 -34.95 35.67
N SER D 284 66.61 -34.99 36.81
CA SER D 284 67.40 -35.26 38.04
C SER D 284 68.09 -36.62 37.95
N LEU D 285 67.45 -37.69 37.50
CA LEU D 285 67.96 -39.09 37.45
C LEU D 285 69.06 -39.15 36.41
N THR D 286 70.31 -39.30 36.84
CA THR D 286 71.44 -39.42 35.92
C THR D 286 72.28 -40.64 36.28
N LYS D 287 72.27 -41.03 37.55
CA LYS D 287 72.99 -42.20 38.00
C LYS D 287 72.09 -43.43 38.02
N LYS D 288 72.69 -44.59 38.24
CA LYS D 288 71.91 -45.82 38.36
C LYS D 288 71.31 -45.95 39.75
N GLU D 289 72.11 -45.67 40.79
CA GLU D 289 71.65 -45.78 42.17
C GLU D 289 70.64 -44.70 42.53
N HIS D 290 70.59 -43.60 41.78
CA HIS D 290 69.51 -42.63 41.96
C HIS D 290 68.18 -43.22 41.51
N MET D 291 68.19 -44.03 40.46
CA MET D 291 66.99 -44.67 39.96
C MET D 291 66.66 -45.96 40.69
N LYS D 292 67.63 -46.59 41.35
CA LYS D 292 67.37 -47.83 42.08
C LYS D 292 66.58 -47.61 43.36
N GLY D 293 66.36 -46.36 43.77
CA GLY D 293 65.54 -46.10 44.94
C GLY D 293 64.41 -45.12 44.66
N ASN D 294 63.99 -45.02 43.40
CA ASN D 294 62.88 -44.14 43.05
C ASN D 294 61.53 -44.83 43.14
N GLU D 295 61.47 -46.10 42.72
CA GLU D 295 60.34 -47.03 42.79
C GLU D 295 59.14 -46.64 41.93
N THR D 296 59.19 -45.51 41.23
CA THR D 296 58.21 -45.17 40.21
C THR D 296 58.76 -45.34 38.81
N MET D 297 60.00 -44.89 38.58
CA MET D 297 60.73 -45.21 37.37
C MET D 297 61.29 -46.63 37.40
N LEU D 298 61.35 -47.26 38.57
CA LEU D 298 61.71 -48.67 38.63
C LEU D 298 60.56 -49.54 38.17
N ASP D 299 59.33 -49.12 38.43
CA ASP D 299 58.16 -49.84 37.92
C ASP D 299 57.80 -49.41 36.52
N PHE D 300 58.26 -48.25 36.08
CA PHE D 300 58.07 -47.86 34.69
C PHE D 300 58.99 -48.64 33.76
N ARG D 301 60.18 -49.01 34.24
CA ARG D 301 61.14 -49.71 33.40
C ARG D 301 60.74 -51.17 33.20
N THR D 302 60.00 -51.75 34.13
CA THR D 302 59.63 -53.15 34.04
C THR D 302 58.26 -53.35 33.43
N SER D 303 57.39 -52.35 33.45
CA SER D 303 56.08 -52.46 32.85
C SER D 303 56.17 -52.18 31.34
N LYS D 304 55.02 -52.24 30.68
CA LYS D 304 54.93 -52.00 29.25
C LYS D 304 53.96 -50.85 28.99
N PHE D 305 54.42 -49.86 28.21
CA PHE D 305 53.54 -48.80 27.76
C PHE D 305 52.52 -49.37 26.78
N VAL D 306 51.26 -49.01 26.94
CA VAL D 306 50.20 -49.74 26.25
C VAL D 306 50.00 -49.24 24.83
N LEU D 307 49.92 -47.91 24.64
CA LEU D 307 50.05 -47.24 23.35
C LEU D 307 49.00 -47.68 22.33
N ARG D 308 47.75 -47.32 22.63
CA ARG D 308 46.64 -47.68 21.74
C ARG D 308 46.76 -46.95 20.40
N ILE D 309 46.95 -47.72 19.33
CA ILE D 309 47.10 -47.20 17.99
C ILE D 309 46.10 -47.91 17.07
N SER D 310 45.78 -47.27 15.96
CA SER D 310 44.87 -47.85 14.99
C SER D 310 45.63 -48.76 14.02
N ARG D 311 44.87 -49.63 13.33
CA ARG D 311 45.48 -50.53 12.37
C ARG D 311 45.87 -49.83 11.08
N ASP D 312 45.26 -48.68 10.79
CA ASP D 312 45.65 -47.93 9.60
C ASP D 312 47.01 -47.26 9.79
N SER D 313 47.35 -46.88 11.02
CA SER D 313 48.66 -46.30 11.31
C SER D 313 49.69 -47.32 11.72
N TYR D 314 49.26 -48.49 12.22
CA TYR D 314 50.22 -49.53 12.61
C TYR D 314 50.84 -50.20 11.39
N GLN D 315 50.14 -50.20 10.25
CA GLN D 315 50.71 -50.76 9.03
C GLN D 315 51.87 -49.92 8.51
N LEU D 316 51.79 -48.60 8.66
CA LEU D 316 52.91 -47.75 8.29
C LEU D 316 54.06 -47.88 9.30
N LEU D 317 53.73 -48.13 10.56
CA LEU D 317 54.78 -48.30 11.57
C LEU D 317 55.51 -49.62 11.39
N LYS D 318 54.77 -50.70 11.15
CA LYS D 318 55.40 -52.01 10.99
C LYS D 318 56.10 -52.17 9.65
N ARG D 319 55.75 -51.35 8.65
CA ARG D 319 56.50 -51.34 7.41
C ARG D 319 57.77 -50.48 7.50
N HIS D 320 57.98 -49.81 8.63
CA HIS D 320 59.20 -49.08 8.90
C HIS D 320 60.04 -49.72 9.98
N LEU D 321 59.57 -50.80 10.60
CA LEU D 321 60.28 -51.45 11.69
C LEU D 321 60.64 -52.91 11.40
N GLN D 322 59.86 -53.61 10.57
CA GLN D 322 60.18 -54.99 10.25
C GLN D 322 61.38 -55.11 9.32
N GLU D 323 61.80 -53.99 8.71
CA GLU D 323 63.01 -53.96 7.86
C GLU D 323 64.25 -53.90 8.74
N LYS D 324 65.39 -54.39 8.25
CA LYS D 324 66.63 -54.45 9.06
C LYS D 324 67.24 -53.05 9.24
N GLN D 325 66.81 -52.08 8.44
CA GLN D 325 67.37 -50.71 8.51
C GLN D 325 67.11 -50.15 9.91
N ASN D 326 65.94 -50.45 10.49
CA ASN D 326 65.64 -50.00 11.87
C ASN D 326 65.21 -51.23 12.68
N ASN D 327 66.15 -52.14 12.94
CA ASN D 327 65.86 -53.38 13.72
C ASN D 327 66.24 -53.16 15.18
N GLN D 328 66.81 -52.01 15.51
CA GLN D 328 67.24 -51.74 16.90
C GLN D 328 66.11 -51.00 17.62
N ILE D 329 65.54 -49.97 17.00
CA ILE D 329 64.40 -49.27 17.58
C ILE D 329 63.16 -50.16 17.51
N TRP D 330 63.10 -51.09 16.56
CA TRP D 330 62.07 -52.11 16.56
C TRP D 330 62.28 -53.10 17.69
N ASN D 331 63.53 -53.33 18.09
CA ASN D 331 63.80 -54.21 19.22
C ASN D 331 63.44 -53.56 20.54
N ILE D 332 63.56 -52.23 20.63
CA ILE D 332 63.16 -51.54 21.85
C ILE D 332 61.63 -51.45 21.95
N VAL D 333 60.96 -51.31 20.81
CA VAL D 333 59.51 -51.22 20.78
C VAL D 333 58.87 -52.53 21.22
N GLN D 334 59.34 -53.65 20.68
CA GLN D 334 58.73 -54.94 21.02
C GLN D 334 59.25 -55.51 22.33
N GLU D 335 60.13 -54.80 23.03
CA GLU D 335 60.58 -55.18 24.37
C GLU D 335 59.92 -54.35 25.46
N HIS D 336 59.77 -53.04 25.24
CA HIS D 336 59.28 -52.14 26.26
C HIS D 336 57.87 -51.62 26.03
N LEU D 337 57.34 -51.74 24.83
CA LEU D 337 56.03 -51.19 24.51
C LEU D 337 55.07 -52.30 24.11
N TYR D 338 53.94 -52.36 24.80
CA TYR D 338 52.77 -53.00 24.23
C TYR D 338 52.21 -52.10 23.12
N ILE D 339 51.48 -52.71 22.19
CA ILE D 339 50.71 -51.97 21.20
C ILE D 339 49.33 -52.62 21.12
N ASP D 340 48.31 -51.87 21.49
CA ASP D 340 46.93 -52.34 21.49
C ASP D 340 46.23 -51.75 20.26
N ILE D 341 45.85 -52.62 19.33
CA ILE D 341 45.37 -52.20 18.03
C ILE D 341 43.84 -52.22 18.02
N PHE D 342 43.25 -51.14 17.54
CA PHE D 342 41.82 -51.08 17.30
C PHE D 342 41.58 -50.83 15.82
N ASP D 343 40.48 -51.39 15.32
CA ASP D 343 40.11 -51.24 13.91
C ASP D 343 39.15 -50.05 13.80
N GLY D 344 39.64 -48.94 13.29
CA GLY D 344 38.81 -47.77 13.14
C GLY D 344 39.58 -46.61 12.55
N MET D 345 39.00 -45.43 12.70
CA MET D 345 39.62 -44.20 12.25
C MET D 345 40.80 -43.85 13.13
N PRO D 346 41.86 -43.29 12.57
CA PRO D 346 42.93 -42.72 13.41
C PRO D 346 42.42 -41.47 14.13
N ARG D 347 42.72 -41.39 15.42
CA ARG D 347 42.19 -40.32 16.26
C ARG D 347 42.84 -38.99 15.92
N SER D 348 42.12 -37.91 16.20
CA SER D 348 42.67 -36.58 15.99
C SER D 348 43.67 -36.23 17.09
N LYS D 349 44.39 -35.13 16.90
CA LYS D 349 45.39 -34.73 17.88
C LYS D 349 44.77 -34.19 19.15
N GLN D 350 43.63 -33.51 19.07
CA GLN D 350 42.95 -33.03 20.27
C GLN D 350 42.08 -34.09 20.92
N GLN D 351 41.96 -35.27 20.31
CA GLN D 351 41.36 -36.44 20.96
C GLN D 351 42.40 -37.35 21.58
N ILE D 352 43.59 -37.44 20.97
CA ILE D 352 44.70 -38.16 21.60
C ILE D 352 45.19 -37.39 22.81
N ASP D 353 45.16 -36.05 22.75
CA ASP D 353 45.57 -35.21 23.87
C ASP D 353 44.61 -35.37 25.06
N ALA D 354 43.37 -35.78 24.80
CA ALA D 354 42.39 -35.87 25.88
C ALA D 354 42.57 -37.15 26.69
N MET D 355 43.15 -38.20 26.09
CA MET D 355 43.19 -39.53 26.76
C MET D 355 44.59 -40.04 27.11
N VAL D 356 45.65 -39.27 26.83
CA VAL D 356 46.98 -39.68 27.25
C VAL D 356 47.42 -38.78 28.39
N GLY D 357 48.57 -39.10 28.95
CA GLY D 357 49.15 -38.23 29.97
C GLY D 357 49.76 -38.97 31.13
N SER D 358 49.47 -40.26 31.24
CA SER D 358 49.95 -41.06 32.36
C SER D 358 51.25 -41.78 32.01
N LEU D 359 51.92 -42.27 33.05
CA LEU D 359 53.05 -43.16 32.88
C LEU D 359 52.55 -44.59 32.89
N ALA D 360 53.03 -45.39 31.93
CA ALA D 360 52.44 -46.66 31.52
C ALA D 360 50.94 -46.50 31.26
N GLY D 361 50.62 -45.53 30.40
CA GLY D 361 49.29 -45.02 30.26
C GLY D 361 48.53 -45.55 29.05
N GLU D 362 47.26 -45.12 28.97
CA GLU D 362 46.31 -45.46 27.91
C GLU D 362 46.12 -46.98 27.81
N ALA D 363 45.62 -47.56 28.89
CA ALA D 363 45.61 -49.00 29.12
C ALA D 363 44.75 -49.75 28.09
N LYS D 364 44.92 -51.07 28.09
CA LYS D 364 44.30 -51.95 27.10
C LYS D 364 42.79 -51.97 27.24
N ARG D 365 42.11 -52.27 26.14
CA ARG D 365 40.67 -52.45 26.20
C ARG D 365 40.28 -53.76 26.86
N GLU D 366 41.20 -54.73 26.93
CA GLU D 366 40.90 -55.98 27.62
C GLU D 366 40.80 -55.81 29.13
N ALA D 367 41.31 -54.71 29.67
CA ALA D 367 41.09 -54.40 31.07
C ALA D 367 39.73 -53.76 31.31
N ASN D 368 39.24 -52.97 30.35
CA ASN D 368 37.98 -52.26 30.47
C ASN D 368 36.80 -53.02 29.89
N LYS D 369 36.88 -54.35 29.82
CA LYS D 369 35.78 -55.16 29.31
C LYS D 369 35.20 -56.11 30.34
N SER D 370 35.65 -56.05 31.59
CA SER D 370 35.08 -56.89 32.62
C SER D 370 33.69 -56.39 32.99
N LYS D 371 32.86 -57.30 33.49
CA LYS D 371 31.50 -56.96 33.88
C LYS D 371 31.50 -56.25 35.22
N VAL D 372 31.01 -55.02 35.24
CA VAL D 372 30.97 -54.19 36.44
C VAL D 372 29.51 -54.00 36.84
N PHE D 373 29.19 -54.32 38.09
CA PHE D 373 27.84 -54.13 38.63
C PHE D 373 27.73 -52.70 39.14
N PHE D 374 27.49 -51.79 38.20
CA PHE D 374 27.46 -50.36 38.50
C PHE D 374 26.07 -49.86 38.90
N GLY D 375 25.13 -50.75 39.20
CA GLY D 375 23.80 -50.33 39.58
C GLY D 375 23.63 -50.21 41.07
N LEU D 376 22.54 -49.56 41.47
CA LEU D 376 22.28 -49.34 42.88
C LEU D 376 21.55 -50.53 43.50
N LEU D 377 21.71 -50.69 44.81
CA LEU D 377 21.00 -51.71 45.54
C LEU D 377 19.58 -51.24 45.87
N LYS D 378 18.80 -52.17 46.42
CA LYS D 378 17.40 -51.89 46.74
C LYS D 378 17.26 -51.49 48.20
N GLN D 417 13.54 -54.38 38.39
CA GLN D 417 14.86 -54.64 38.96
C GLN D 417 15.96 -54.24 37.97
N ASP D 418 17.09 -53.82 38.51
CA ASP D 418 18.21 -53.37 37.70
C ASP D 418 19.09 -54.57 37.33
N PRO D 419 19.30 -54.85 36.04
CA PRO D 419 20.22 -55.93 35.68
C PRO D 419 21.68 -55.62 35.98
N ASN D 420 22.05 -54.34 36.06
CA ASN D 420 23.40 -53.93 36.43
C ASN D 420 23.60 -53.84 37.94
N ALA D 421 22.61 -54.26 38.73
CA ALA D 421 22.79 -54.17 40.17
C ALA D 421 23.37 -55.47 40.71
N PRO D 422 24.28 -55.40 41.67
CA PRO D 422 24.77 -56.62 42.30
C PRO D 422 23.75 -57.16 43.28
N PRO D 423 23.82 -58.44 43.62
CA PRO D 423 22.95 -58.96 44.68
C PRO D 423 23.33 -58.39 46.04
N GLN D 424 22.37 -58.47 46.97
CA GLN D 424 22.59 -57.93 48.31
C GLN D 424 23.59 -58.76 49.10
N ASN D 425 23.69 -60.06 48.78
CA ASN D 425 24.62 -60.94 49.47
C ASN D 425 25.94 -61.13 48.72
N ARG D 426 26.22 -60.28 47.74
CA ARG D 426 27.52 -60.33 47.07
C ARG D 426 28.62 -59.85 48.01
N ILE D 427 28.52 -58.61 48.46
CA ILE D 427 29.35 -58.08 49.53
C ILE D 427 28.55 -58.18 50.83
N PRO D 428 29.10 -58.77 51.89
CA PRO D 428 28.34 -58.90 53.14
C PRO D 428 28.19 -57.56 53.84
N LEU D 429 27.17 -56.82 53.46
CA LEU D 429 26.85 -55.51 54.01
C LEU D 429 26.10 -55.65 55.35
N PRO D 430 26.24 -54.67 56.24
CA PRO D 430 25.59 -54.79 57.55
C PRO D 430 24.09 -54.61 57.49
N GLU D 431 23.44 -55.02 58.58
CA GLU D 431 22.00 -54.93 58.73
C GLU D 431 21.56 -53.48 58.84
N LEU D 432 20.27 -53.25 58.58
CA LEU D 432 19.66 -51.94 58.72
C LEU D 432 18.87 -51.91 60.02
N LYS D 433 19.40 -51.21 61.02
CA LYS D 433 18.80 -51.18 62.34
C LYS D 433 17.59 -50.24 62.36
N ASP D 434 16.85 -50.29 63.47
CA ASP D 434 15.66 -49.47 63.60
C ASP D 434 16.00 -48.00 63.79
N SER D 435 17.18 -47.70 64.33
CA SER D 435 17.65 -46.32 64.37
C SER D 435 18.16 -45.88 63.00
N ASP D 436 18.70 -46.81 62.22
CA ASP D 436 19.09 -46.50 60.85
C ASP D 436 17.88 -46.44 59.92
N LYS D 437 16.84 -47.22 60.20
CA LYS D 437 15.58 -47.07 59.48
C LYS D 437 14.83 -45.82 59.90
N LEU D 438 15.06 -45.33 61.12
CA LEU D 438 14.50 -44.05 61.54
C LEU D 438 15.18 -42.88 60.87
N ASP D 439 16.42 -43.05 60.42
CA ASP D 439 17.12 -41.98 59.72
C ASP D 439 16.53 -41.77 58.33
N LYS D 440 16.24 -42.85 57.61
CA LYS D 440 15.70 -42.72 56.26
C LYS D 440 14.26 -42.22 56.25
N ILE D 441 13.56 -42.27 57.39
CA ILE D 441 12.22 -41.70 57.47
C ILE D 441 12.29 -40.17 57.46
N MET D 442 13.22 -39.60 58.22
CA MET D 442 13.40 -38.16 58.17
C MET D 442 14.26 -37.70 56.99
N ASN D 443 14.91 -38.63 56.30
CA ASN D 443 15.64 -38.29 55.08
C ASN D 443 14.69 -38.02 53.92
N MET D 444 13.60 -38.77 53.82
CA MET D 444 12.64 -38.56 52.76
C MET D 444 11.71 -37.39 53.04
N LYS D 445 11.69 -36.87 54.27
CA LYS D 445 11.04 -35.58 54.52
C LYS D 445 11.88 -34.44 53.96
N GLU D 446 13.20 -34.59 53.92
CA GLU D 446 14.06 -33.61 53.28
C GLU D 446 13.95 -33.70 51.77
N THR D 447 13.78 -34.92 51.25
CA THR D 447 13.60 -35.13 49.81
C THR D 447 12.30 -34.53 49.30
N THR D 448 11.31 -34.34 50.18
CA THR D 448 10.07 -33.68 49.80
C THR D 448 10.31 -32.22 49.42
N LYS D 449 11.18 -31.53 50.15
CA LYS D 449 11.52 -30.14 49.86
C LYS D 449 12.67 -30.02 48.86
N ARG D 450 13.13 -31.12 48.29
CA ARG D 450 14.27 -31.07 47.37
C ARG D 450 13.87 -30.45 46.04
N VAL D 451 14.62 -29.46 45.62
CA VAL D 451 14.34 -28.74 44.38
C VAL D 451 15.01 -29.45 43.22
N ARG D 452 14.37 -29.41 42.06
CA ARG D 452 14.98 -29.89 40.82
C ARG D 452 15.88 -28.78 40.29
N LEU D 453 17.17 -29.05 40.17
CA LEU D 453 18.10 -27.96 39.91
C LEU D 453 18.14 -27.60 38.42
N GLY D 454 18.62 -28.50 37.58
CA GLY D 454 18.71 -28.28 36.15
C GLY D 454 19.56 -27.09 35.74
N PRO D 455 19.46 -26.69 34.47
CA PRO D 455 20.19 -25.50 34.00
C PRO D 455 19.45 -24.19 34.27
N ASP D 456 18.24 -24.23 34.80
CA ASP D 456 17.45 -23.02 35.04
C ASP D 456 17.42 -22.62 36.51
N CYS D 457 17.05 -23.56 37.39
CA CYS D 457 17.00 -23.28 38.83
C CYS D 457 18.36 -23.59 39.42
N LEU D 458 19.27 -22.63 39.27
CA LEU D 458 20.62 -22.81 39.77
C LEU D 458 20.63 -22.80 41.29
N PRO D 459 21.39 -23.69 41.93
CA PRO D 459 21.32 -23.81 43.39
C PRO D 459 22.02 -22.66 44.09
N SER D 460 21.62 -22.45 45.34
CA SER D 460 22.26 -21.48 46.21
C SER D 460 23.42 -22.15 46.93
N ILE D 461 24.55 -21.46 46.99
CA ILE D 461 25.77 -21.97 47.60
C ILE D 461 25.98 -21.26 48.93
N CYS D 462 26.08 -22.04 50.01
CA CYS D 462 26.35 -21.51 51.34
C CYS D 462 27.78 -21.89 51.71
N PHE D 463 28.68 -20.92 51.65
CA PHE D 463 30.09 -21.18 51.93
C PHE D 463 30.33 -21.13 53.43
N TYR D 464 30.87 -22.21 53.98
CA TYR D 464 31.20 -22.30 55.40
C TYR D 464 32.71 -22.09 55.56
N THR D 465 33.11 -20.83 55.57
CA THR D 465 34.54 -20.51 55.59
C THR D 465 35.11 -20.66 57.00
N PHE D 466 36.34 -21.16 57.06
CA PHE D 466 37.11 -21.20 58.31
C PHE D 466 37.91 -19.91 58.37
N LEU D 467 37.62 -19.07 59.36
CA LEU D 467 38.10 -17.69 59.30
C LEU D 467 39.57 -17.57 59.71
N ASN D 468 39.91 -18.02 60.90
CA ASN D 468 41.27 -17.78 61.36
C ASN D 468 42.23 -18.79 60.75
N ALA D 469 42.10 -20.07 61.14
CA ALA D 469 42.68 -21.25 60.48
C ALA D 469 44.19 -21.11 60.26
N TYR D 470 44.91 -20.62 61.27
CA TYR D 470 46.33 -20.40 61.10
C TYR D 470 47.12 -21.69 61.25
N GLN D 471 46.53 -22.71 61.85
CA GLN D 471 46.88 -24.07 61.55
C GLN D 471 46.19 -24.45 60.25
N GLY D 472 46.93 -25.03 59.31
CA GLY D 472 46.41 -25.18 57.96
C GLY D 472 45.35 -26.26 57.90
N LEU D 473 44.18 -25.90 57.36
CA LEU D 473 43.10 -26.87 57.21
C LEU D 473 43.39 -27.81 56.05
N THR D 474 43.42 -29.11 56.34
CA THR D 474 43.83 -30.08 55.28
C THR D 474 42.70 -31.07 54.94
N ALA D 475 41.61 -31.09 55.73
CA ALA D 475 40.56 -32.07 55.48
C ALA D 475 39.23 -31.53 55.99
N VAL D 476 38.18 -31.63 55.17
CA VAL D 476 36.82 -31.29 55.57
C VAL D 476 35.93 -32.48 55.25
N ASP D 477 34.95 -32.74 56.10
CA ASP D 477 33.83 -33.58 55.73
C ASP D 477 32.56 -33.07 56.39
N VAL D 478 31.45 -33.25 55.69
CA VAL D 478 30.12 -32.93 56.19
C VAL D 478 29.34 -34.24 56.24
N THR D 479 28.47 -34.38 57.23
CA THR D 479 27.57 -35.51 57.28
C THR D 479 26.55 -35.45 56.13
N ASP D 480 25.83 -36.56 55.94
CA ASP D 480 24.91 -36.68 54.82
C ASP D 480 23.72 -35.73 54.97
N ASP D 481 23.15 -35.68 56.17
CA ASP D 481 22.36 -34.52 56.56
C ASP D 481 23.30 -33.44 57.07
N SER D 482 23.05 -32.20 56.65
CA SER D 482 23.96 -31.09 56.94
C SER D 482 23.86 -30.72 58.42
N SER D 483 24.52 -31.50 59.25
CA SER D 483 24.42 -31.32 60.70
C SER D 483 25.79 -31.17 61.36
N LEU D 484 26.80 -31.88 60.89
CA LEU D 484 28.15 -31.75 61.41
C LEU D 484 29.09 -31.36 60.28
N ILE D 485 30.16 -30.65 60.65
CA ILE D 485 31.25 -30.33 59.73
C ILE D 485 32.55 -30.66 60.47
N ALA D 486 33.35 -31.54 59.91
CA ALA D 486 34.64 -31.88 60.49
C ALA D 486 35.74 -31.07 59.81
N GLY D 487 36.80 -30.81 60.56
CA GLY D 487 37.94 -30.12 60.01
C GLY D 487 39.22 -30.81 60.41
N GLY D 488 39.99 -31.28 59.43
CA GLY D 488 41.32 -31.80 59.68
C GLY D 488 42.32 -30.69 59.48
N PHE D 489 43.22 -30.54 60.45
CA PHE D 489 44.11 -29.39 60.47
C PHE D 489 45.56 -29.86 60.56
N ALA D 490 46.47 -28.94 60.23
CA ALA D 490 47.89 -29.24 60.22
C ALA D 490 48.51 -29.28 61.62
N ASP D 491 47.80 -28.81 62.64
CA ASP D 491 48.27 -28.92 64.01
C ASP D 491 47.82 -30.23 64.66
N SER D 492 47.53 -31.24 63.85
CA SER D 492 47.29 -32.63 64.25
C SER D 492 45.99 -32.79 65.03
N THR D 493 44.99 -31.98 64.68
CA THR D 493 43.71 -31.99 65.37
C THR D 493 42.57 -32.22 64.39
N VAL D 494 41.51 -32.85 64.88
CA VAL D 494 40.23 -32.92 64.19
C VAL D 494 39.24 -32.14 65.05
N ARG D 495 38.47 -31.27 64.39
CA ARG D 495 37.55 -30.38 65.10
C ARG D 495 36.16 -30.53 64.49
N VAL D 496 35.21 -31.01 65.27
CA VAL D 496 33.83 -31.19 64.83
C VAL D 496 33.03 -29.96 65.21
N TRP D 497 32.32 -29.40 64.23
CA TRP D 497 31.42 -28.28 64.47
C TRP D 497 29.99 -28.70 64.20
N SER D 498 29.09 -28.32 65.10
CA SER D 498 27.67 -28.45 64.82
C SER D 498 27.20 -27.21 64.08
N VAL D 499 26.48 -27.42 62.97
CA VAL D 499 25.98 -26.31 62.19
C VAL D 499 24.49 -26.07 62.39
N THR D 500 23.74 -27.06 62.83
CA THR D 500 22.37 -26.91 63.27
C THR D 500 22.35 -26.30 64.68
N PRO D 501 21.23 -25.68 65.11
CA PRO D 501 21.25 -25.13 66.49
C PRO D 501 21.03 -26.21 67.53
N LYS D 502 22.06 -27.05 67.69
CA LYS D 502 21.99 -28.21 68.57
C LYS D 502 23.43 -28.54 68.93
N LYS D 503 23.80 -28.29 70.18
CA LYS D 503 25.19 -28.39 70.59
C LYS D 503 25.65 -29.84 70.62
N LEU D 504 26.96 -30.03 70.47
CA LEU D 504 27.56 -31.35 70.46
C LEU D 504 27.65 -31.86 71.89
N ARG D 505 26.94 -32.94 72.18
CA ARG D 505 26.95 -33.54 73.50
C ARG D 505 27.59 -34.92 73.46
N SER D 506 28.34 -35.23 74.51
CA SER D 506 28.81 -36.57 74.74
C SER D 506 27.78 -37.35 75.53
N VAL D 507 27.84 -38.67 75.44
CA VAL D 507 26.96 -39.48 76.27
C VAL D 507 27.51 -39.52 77.68
N LYS D 508 26.63 -39.87 78.63
CA LYS D 508 26.99 -39.87 80.04
C LYS D 508 28.00 -40.98 80.35
N GLN D 509 28.67 -40.82 81.49
CA GLN D 509 29.65 -41.80 81.92
C GLN D 509 28.95 -43.08 82.39
N ALA D 510 29.73 -44.14 82.57
CA ALA D 510 29.20 -45.46 82.86
C ALA D 510 28.51 -45.53 84.22
N SER D 511 28.88 -44.66 85.16
CA SER D 511 28.18 -44.62 86.44
C SER D 511 26.78 -44.02 86.27
N ASP D 512 26.64 -43.02 85.40
CA ASP D 512 25.35 -42.40 85.18
C ASP D 512 24.42 -43.27 84.35
N LEU D 513 24.97 -44.09 83.45
CA LEU D 513 24.15 -44.99 82.66
C LEU D 513 23.71 -46.22 83.44
N SER D 514 24.43 -46.58 84.49
CA SER D 514 24.06 -47.76 85.27
C SER D 514 22.86 -47.49 86.16
N LEU D 515 22.62 -46.23 86.53
CA LEU D 515 21.48 -45.93 87.39
C LEU D 515 20.20 -45.71 86.60
N ILE D 516 20.30 -45.29 85.33
CA ILE D 516 19.11 -45.15 84.50
C ILE D 516 18.75 -46.52 83.97
N ASP D 517 17.54 -46.65 83.42
CA ASP D 517 17.07 -47.90 82.85
C ASP D 517 17.06 -47.82 81.33
N LYS D 518 17.21 -48.98 80.69
CA LYS D 518 17.03 -49.11 79.26
C LYS D 518 15.54 -49.33 78.98
N GLU D 519 15.22 -49.81 77.77
CA GLU D 519 13.82 -50.13 77.39
C GLU D 519 12.92 -48.89 77.41
N SER D 520 13.41 -47.75 77.91
CA SER D 520 12.61 -46.49 77.88
C SER D 520 12.53 -45.96 76.44
N ASP D 521 11.46 -45.24 76.11
CA ASP D 521 11.35 -44.62 74.76
C ASP D 521 12.45 -43.56 74.59
N ASP D 522 12.67 -42.73 75.60
CA ASP D 522 13.67 -41.62 75.50
C ASP D 522 15.08 -42.19 75.34
N VAL D 523 15.46 -43.19 76.16
CA VAL D 523 16.82 -43.84 76.11
C VAL D 523 17.91 -42.92 75.56
N LEU D 524 17.97 -42.64 74.25
CA LEU D 524 19.10 -41.84 73.70
C LEU D 524 19.09 -40.45 74.36
N GLU D 525 17.89 -39.89 74.45
CA GLU D 525 17.76 -38.56 75.09
C GLU D 525 18.23 -38.71 76.53
N ARG D 526 17.77 -39.71 77.27
CA ARG D 526 18.19 -39.93 78.68
C ARG D 526 19.72 -39.97 78.77
N ILE D 527 20.39 -40.72 77.89
CA ILE D 527 21.87 -40.88 77.93
C ILE D 527 22.63 -39.58 77.67
N MET D 528 22.15 -38.70 76.77
CA MET D 528 23.03 -37.50 76.52
C MET D 528 23.53 -36.72 77.77
N ASP D 529 24.80 -36.32 77.83
CA ASP D 529 25.21 -35.47 78.94
C ASP D 529 25.05 -34.01 78.54
N GLU D 530 24.38 -33.23 79.39
CA GLU D 530 24.23 -31.80 79.14
C GLU D 530 25.36 -30.98 79.78
N LYS D 531 26.11 -31.59 80.71
CA LYS D 531 27.29 -30.94 81.26
C LYS D 531 28.36 -30.72 80.21
N THR D 532 28.45 -31.61 79.23
CA THR D 532 29.35 -31.48 78.09
C THR D 532 28.50 -31.14 76.88
N ALA D 533 28.48 -29.85 76.52
CA ALA D 533 27.67 -29.38 75.39
C ALA D 533 28.36 -28.16 74.81
N SER D 534 29.02 -28.34 73.68
CA SER D 534 29.72 -27.26 72.99
C SER D 534 29.28 -27.18 71.54
N GLU D 535 29.63 -26.07 70.90
CA GLU D 535 29.47 -25.94 69.46
C GLU D 535 30.73 -26.39 68.72
N LEU D 536 31.69 -26.97 69.43
CA LEU D 536 32.98 -27.34 68.87
C LEU D 536 33.63 -28.36 69.79
N LYS D 537 34.05 -29.49 69.21
CA LYS D 537 34.79 -30.51 69.94
C LYS D 537 36.11 -30.75 69.22
N ILE D 538 37.21 -30.62 69.94
CA ILE D 538 38.55 -30.84 69.38
C ILE D 538 38.99 -32.25 69.73
N LEU D 539 39.53 -32.96 68.75
CA LEU D 539 39.98 -34.34 68.91
C LEU D 539 41.48 -34.40 68.73
N TYR D 540 42.17 -34.89 69.75
CA TYR D 540 43.62 -35.01 69.76
C TYR D 540 44.03 -36.47 69.66
N GLY D 541 45.20 -36.71 69.07
CA GLY D 541 45.74 -38.05 69.03
C GLY D 541 46.55 -38.41 67.81
N HIS D 542 46.36 -37.69 66.70
CA HIS D 542 47.25 -37.85 65.57
C HIS D 542 48.56 -37.13 65.84
N SER D 543 49.67 -37.75 65.47
CA SER D 543 50.97 -37.08 65.52
C SER D 543 51.41 -36.62 64.14
N GLY D 544 50.57 -35.79 63.51
CA GLY D 544 50.83 -35.33 62.17
C GLY D 544 49.60 -34.69 61.55
N PRO D 545 49.76 -33.98 60.44
CA PRO D 545 48.62 -33.29 59.82
C PRO D 545 47.59 -34.25 59.28
N VAL D 546 46.35 -34.06 59.76
CA VAL D 546 45.21 -34.95 59.37
C VAL D 546 44.82 -34.65 57.93
N TYR D 547 44.95 -35.63 57.04
CA TYR D 547 44.70 -35.42 55.62
C TYR D 547 43.35 -35.91 55.15
N GLY D 548 42.80 -36.96 55.77
CA GLY D 548 41.49 -37.46 55.42
C GLY D 548 40.50 -37.22 56.56
N ALA D 549 39.25 -37.04 56.20
CA ALA D 549 38.18 -36.90 57.17
C ALA D 549 36.91 -37.48 56.57
N SER D 550 36.26 -38.37 57.30
CA SER D 550 35.10 -39.07 56.75
C SER D 550 34.12 -39.39 57.86
N PHE D 551 32.88 -38.96 57.70
CA PHE D 551 31.83 -39.31 58.63
C PHE D 551 31.21 -40.66 58.26
N SER D 552 30.62 -41.27 59.22
CA SER D 552 29.82 -42.45 58.95
C SER D 552 28.37 -42.04 58.66
N PRO D 553 27.64 -42.82 57.87
CA PRO D 553 26.26 -42.42 57.53
C PRO D 553 25.28 -42.43 58.69
N ASP D 554 25.60 -43.08 59.82
CA ASP D 554 24.75 -43.00 61.00
C ASP D 554 25.15 -41.86 61.93
N ARG D 555 26.02 -40.96 61.48
CA ARG D 555 26.49 -39.76 62.15
C ARG D 555 27.26 -40.02 63.43
N ASN D 556 27.65 -41.25 63.70
CA ASN D 556 28.72 -41.54 64.65
C ASN D 556 30.00 -41.70 63.85
N TYR D 557 31.07 -42.17 64.49
CA TYR D 557 32.23 -42.80 63.85
C TYR D 557 32.92 -41.88 62.83
N LEU D 558 33.52 -40.81 63.33
CA LEU D 558 34.36 -40.02 62.46
C LEU D 558 35.64 -40.79 62.14
N LEU D 559 36.11 -40.65 60.92
CA LEU D 559 37.37 -41.25 60.49
C LEU D 559 38.37 -40.17 60.15
N SER D 560 39.63 -40.41 60.48
CA SER D 560 40.66 -39.46 60.13
C SER D 560 41.97 -40.19 59.89
N SER D 561 42.70 -39.74 58.87
CA SER D 561 43.99 -40.28 58.51
C SER D 561 44.98 -39.13 58.45
N SER D 562 46.26 -39.43 58.67
CA SER D 562 47.23 -38.35 58.81
C SER D 562 48.60 -38.80 58.30
N GLU D 563 49.57 -37.92 58.48
CA GLU D 563 50.94 -38.13 58.03
C GLU D 563 51.64 -39.25 58.81
N ASP D 564 51.21 -39.53 60.04
CA ASP D 564 51.88 -40.50 60.87
C ASP D 564 51.61 -41.95 60.49
N GLY D 565 50.78 -42.18 59.47
CA GLY D 565 50.57 -43.52 58.98
C GLY D 565 49.45 -44.30 59.62
N THR D 566 48.61 -43.65 60.42
CA THR D 566 47.50 -44.30 61.10
C THR D 566 46.19 -43.73 60.60
N VAL D 567 45.17 -44.59 60.57
CA VAL D 567 43.80 -44.18 60.39
C VAL D 567 43.11 -44.32 61.74
N ARG D 568 42.37 -43.29 62.14
CA ARG D 568 41.78 -43.26 63.47
C ARG D 568 40.26 -43.18 63.37
N LEU D 569 39.60 -43.94 64.23
CA LEU D 569 38.15 -43.98 64.30
C LEU D 569 37.72 -43.28 65.58
N TRP D 570 37.22 -42.06 65.44
CA TRP D 570 36.74 -41.29 66.57
C TRP D 570 35.26 -41.54 66.77
N SER D 571 34.87 -41.80 68.01
CA SER D 571 33.45 -41.85 68.31
C SER D 571 32.88 -40.44 68.32
N LEU D 572 31.60 -40.33 67.99
CA LEU D 572 30.88 -39.08 68.10
C LEU D 572 29.80 -39.14 69.17
N GLN D 573 29.77 -40.22 69.94
CA GLN D 573 28.94 -40.32 71.14
C GLN D 573 29.74 -40.11 72.41
N THR D 574 31.00 -40.55 72.43
CA THR D 574 31.91 -40.31 73.54
C THR D 574 32.95 -39.25 73.24
N PHE D 575 33.16 -38.92 71.96
CA PHE D 575 34.12 -37.94 71.47
C PHE D 575 35.55 -38.27 71.90
N THR D 576 35.87 -39.56 71.92
CA THR D 576 37.22 -40.05 72.11
C THR D 576 37.64 -40.86 70.89
N CYS D 577 38.90 -41.26 70.88
CA CYS D 577 39.38 -42.18 69.86
C CYS D 577 39.07 -43.61 70.27
N LEU D 578 38.70 -44.43 69.29
CA LEU D 578 38.41 -45.83 69.54
C LEU D 578 39.53 -46.74 69.04
N VAL D 579 39.86 -46.68 67.75
CA VAL D 579 40.83 -47.58 67.14
C VAL D 579 41.86 -46.75 66.40
N GLY D 580 43.09 -47.23 66.37
CA GLY D 580 44.10 -46.71 65.47
C GLY D 580 44.56 -47.79 64.51
N TYR D 581 44.24 -47.64 63.22
CA TYR D 581 44.51 -48.65 62.21
C TYR D 581 45.88 -48.41 61.61
N LYS D 582 46.86 -49.21 62.01
CA LYS D 582 48.24 -49.04 61.58
C LYS D 582 48.56 -50.11 60.53
N GLY D 583 48.35 -49.77 59.27
CA GLY D 583 48.80 -50.65 58.21
C GLY D 583 49.83 -50.01 57.30
N HIS D 584 49.70 -48.70 57.09
CA HIS D 584 50.71 -47.95 56.38
C HIS D 584 51.80 -47.50 57.34
N ASN D 585 53.04 -47.49 56.87
CA ASN D 585 54.09 -46.76 57.57
C ASN D 585 54.27 -45.35 57.03
N TYR D 586 53.38 -44.91 56.16
CA TYR D 586 53.57 -43.75 55.31
C TYR D 586 52.31 -42.91 55.37
N PRO D 587 52.39 -41.60 55.00
CA PRO D 587 51.21 -40.72 55.03
C PRO D 587 49.98 -41.22 54.27
N VAL D 588 48.90 -41.44 55.01
CA VAL D 588 47.63 -41.85 54.44
C VAL D 588 46.93 -40.60 53.93
N TRP D 589 46.81 -40.48 52.61
CA TRP D 589 46.36 -39.23 52.02
C TRP D 589 44.85 -39.09 52.02
N ASP D 590 44.11 -40.18 52.14
CA ASP D 590 42.66 -40.10 52.12
C ASP D 590 42.08 -41.33 52.82
N THR D 591 40.86 -41.16 53.32
CA THR D 591 40.06 -42.25 53.83
C THR D 591 38.59 -41.92 53.57
N GLN D 592 37.76 -42.94 53.47
CA GLN D 592 36.33 -42.74 53.35
C GLN D 592 35.60 -43.96 53.88
N PHE D 593 34.55 -43.75 54.66
CA PHE D 593 33.63 -44.81 55.02
C PHE D 593 32.82 -45.26 53.81
N SER D 594 32.34 -46.50 53.89
CA SER D 594 31.37 -46.99 52.93
C SER D 594 30.05 -46.23 53.11
N PRO D 595 29.26 -46.09 52.05
CA PRO D 595 27.93 -45.47 52.21
C PRO D 595 26.95 -46.29 53.02
N TYR D 596 27.29 -47.53 53.40
CA TYR D 596 26.54 -48.32 54.35
C TYR D 596 27.22 -48.40 55.71
N GLY D 597 28.47 -47.98 55.81
CA GLY D 597 29.06 -47.60 57.07
C GLY D 597 29.89 -48.64 57.80
N TYR D 598 30.13 -49.80 57.20
CA TYR D 598 30.92 -50.83 57.87
C TYR D 598 32.37 -50.85 57.40
N TYR D 599 32.58 -50.99 56.10
CA TYR D 599 33.91 -50.99 55.54
C TYR D 599 34.40 -49.56 55.35
N PHE D 600 35.72 -49.41 55.30
CA PHE D 600 36.29 -48.15 54.86
C PHE D 600 37.59 -48.40 54.13
N VAL D 601 37.90 -47.52 53.19
CA VAL D 601 39.08 -47.63 52.36
C VAL D 601 40.01 -46.46 52.67
N SER D 602 41.30 -46.73 52.77
CA SER D 602 42.31 -45.72 53.04
C SER D 602 43.46 -45.90 52.05
N GLY D 603 43.82 -44.82 51.37
CA GLY D 603 44.93 -44.82 50.42
C GLY D 603 46.08 -43.99 50.94
N GLY D 604 47.29 -44.50 50.78
CA GLY D 604 48.44 -43.82 51.35
C GLY D 604 49.62 -43.62 50.42
N HIS D 605 50.74 -43.18 50.99
CA HIS D 605 51.95 -42.93 50.23
C HIS D 605 52.62 -44.22 49.75
N ASP D 606 52.32 -45.36 50.37
CA ASP D 606 52.93 -46.64 50.02
C ASP D 606 52.31 -47.29 48.79
N ARG D 607 51.57 -46.52 47.98
CA ARG D 607 51.07 -46.89 46.65
C ARG D 607 50.06 -48.02 46.68
N VAL D 608 49.42 -48.28 47.82
CA VAL D 608 48.30 -49.20 47.91
C VAL D 608 47.11 -48.45 48.50
N ALA D 609 45.94 -49.08 48.40
CA ALA D 609 44.75 -48.69 49.14
C ALA D 609 44.26 -49.92 49.87
N ARG D 610 44.03 -49.79 51.16
CA ARG D 610 43.60 -50.91 51.98
C ARG D 610 42.11 -50.83 52.21
N LEU D 611 41.47 -51.98 52.32
CA LEU D 611 40.07 -52.08 52.70
C LEU D 611 39.98 -52.62 54.11
N TRP D 612 39.38 -51.85 55.00
CA TRP D 612 39.26 -52.21 56.41
C TRP D 612 37.78 -52.47 56.70
N ALA D 613 37.48 -52.91 57.92
CA ALA D 613 36.09 -53.25 58.23
C ALA D 613 35.63 -52.77 59.60
N THR D 614 36.41 -51.97 60.32
CA THR D 614 36.18 -51.51 61.70
C THR D 614 36.03 -52.64 62.71
N ASP D 615 36.37 -53.88 62.34
CA ASP D 615 36.33 -55.01 63.24
C ASP D 615 37.64 -55.76 63.33
N HIS D 616 38.55 -55.52 62.39
CA HIS D 616 39.82 -56.21 62.35
C HIS D 616 40.93 -55.17 62.40
N TYR D 617 42.00 -55.51 63.12
CA TYR D 617 43.17 -54.64 63.15
C TYR D 617 43.95 -54.67 61.86
N GLN D 618 43.73 -55.68 61.00
CA GLN D 618 44.36 -55.88 59.71
C GLN D 618 43.34 -55.65 58.60
N PRO D 619 43.77 -55.22 57.41
CA PRO D 619 42.81 -54.98 56.32
C PRO D 619 42.27 -56.28 55.74
N LEU D 620 41.26 -56.13 54.90
CA LEU D 620 40.67 -57.25 54.18
C LEU D 620 41.13 -57.33 52.73
N ARG D 621 41.18 -56.19 52.04
CA ARG D 621 41.64 -56.13 50.66
C ARG D 621 42.75 -55.11 50.54
N ILE D 622 43.79 -55.46 49.80
CA ILE D 622 44.88 -54.55 49.47
C ILE D 622 44.84 -54.31 47.97
N PHE D 623 44.61 -53.06 47.58
CA PHE D 623 44.51 -52.68 46.18
C PHE D 623 45.86 -52.10 45.76
N ALA D 624 46.70 -52.95 45.16
CA ALA D 624 48.13 -52.66 45.04
C ALA D 624 48.63 -52.59 43.61
N GLY D 625 47.93 -51.88 42.74
CA GLY D 625 48.34 -51.81 41.35
C GLY D 625 48.83 -50.47 40.87
N HIS D 626 48.68 -49.43 41.69
CA HIS D 626 49.15 -48.11 41.31
C HIS D 626 50.67 -48.03 41.37
N LEU D 627 51.24 -47.11 40.59
CA LEU D 627 52.68 -46.92 40.55
C LEU D 627 53.13 -45.69 41.33
N ALA D 628 52.20 -44.91 41.88
CA ALA D 628 52.51 -43.76 42.71
C ALA D 628 51.53 -43.75 43.86
N ASP D 629 51.49 -42.62 44.60
CA ASP D 629 50.67 -42.50 45.79
C ASP D 629 49.19 -42.56 45.44
N VAL D 630 48.43 -43.32 46.24
CA VAL D 630 46.98 -43.36 46.10
C VAL D 630 46.45 -42.10 46.78
N ASN D 631 46.15 -41.08 45.98
CA ASN D 631 45.72 -39.80 46.54
C ASN D 631 44.29 -39.85 47.04
N CYS D 632 43.38 -40.41 46.24
CA CYS D 632 41.97 -40.47 46.56
C CYS D 632 41.51 -41.91 46.66
N THR D 633 40.48 -42.14 47.46
CA THR D 633 39.82 -43.44 47.58
C THR D 633 38.34 -43.19 47.76
N ARG D 634 37.53 -43.59 46.78
CA ARG D 634 36.09 -43.39 46.86
C ARG D 634 35.35 -44.69 46.65
N PHE D 635 34.31 -44.90 47.45
CA PHE D 635 33.42 -46.06 47.32
C PHE D 635 32.35 -45.79 46.27
N HIS D 636 31.91 -46.87 45.63
CA HIS D 636 30.74 -46.80 44.77
C HIS D 636 29.49 -46.65 45.63
N PRO D 637 28.41 -46.06 45.09
CA PRO D 637 27.15 -46.02 45.83
C PRO D 637 26.54 -47.36 46.22
N ASN D 638 26.93 -48.47 45.57
CA ASN D 638 26.55 -49.78 46.07
C ASN D 638 27.62 -50.42 46.95
N SER D 639 28.79 -49.77 47.08
CA SER D 639 29.92 -50.18 47.91
C SER D 639 30.49 -51.55 47.53
N ASN D 640 30.29 -51.98 46.29
CA ASN D 640 30.95 -53.16 45.77
C ASN D 640 32.23 -52.82 45.02
N TYR D 641 32.46 -51.53 44.74
CA TYR D 641 33.58 -51.08 43.94
C TYR D 641 34.22 -49.87 44.61
N VAL D 642 35.55 -49.81 44.54
CA VAL D 642 36.32 -48.71 45.12
C VAL D 642 37.12 -48.06 44.00
N ALA D 643 36.90 -46.77 43.79
CA ALA D 643 37.70 -45.99 42.85
C ALA D 643 38.86 -45.34 43.59
N THR D 644 40.07 -45.55 43.10
CA THR D 644 41.28 -44.97 43.69
C THR D 644 42.00 -44.15 42.62
N GLY D 645 41.86 -42.84 42.68
CA GLY D 645 42.72 -41.97 41.91
C GLY D 645 44.11 -41.91 42.52
N SER D 646 45.09 -41.49 41.72
CA SER D 646 46.46 -41.58 42.16
C SER D 646 47.32 -40.52 41.50
N ALA D 647 48.60 -40.51 41.86
CA ALA D 647 49.57 -39.53 41.41
C ALA D 647 50.26 -39.94 40.11
N ASP D 648 50.08 -41.18 39.65
CA ASP D 648 50.57 -41.59 38.34
C ASP D 648 49.53 -41.35 37.24
N ARG D 649 48.60 -40.43 37.46
CA ARG D 649 47.65 -39.92 36.48
C ARG D 649 46.67 -40.99 36.00
N THR D 650 46.38 -42.00 36.82
CA THR D 650 45.40 -43.01 36.51
C THR D 650 44.33 -43.07 37.60
N VAL D 651 43.11 -43.38 37.19
CA VAL D 651 42.01 -43.71 38.10
C VAL D 651 41.66 -45.17 37.87
N ARG D 652 41.54 -45.93 38.96
CA ARG D 652 41.31 -47.36 38.87
C ARG D 652 40.14 -47.76 39.75
N LEU D 653 39.19 -48.49 39.17
CA LEU D 653 38.13 -49.12 39.93
C LEU D 653 38.58 -50.49 40.40
N TRP D 654 38.26 -50.82 41.64
CA TRP D 654 38.68 -52.07 42.25
C TRP D 654 37.44 -52.78 42.78
N ASP D 655 37.29 -54.05 42.40
CA ASP D 655 36.20 -54.84 42.96
C ASP D 655 36.56 -55.26 44.37
N VAL D 656 35.58 -55.14 45.27
CA VAL D 656 35.81 -55.48 46.67
C VAL D 656 35.96 -57.00 46.82
N LEU D 657 35.17 -57.77 46.09
CA LEU D 657 35.51 -59.18 45.90
C LEU D 657 36.74 -59.29 45.03
N ASN D 658 37.66 -60.18 45.44
CA ASN D 658 38.86 -60.63 44.72
C ASN D 658 39.95 -59.56 44.61
N GLY D 659 39.66 -58.33 45.02
CA GLY D 659 40.61 -57.23 44.94
C GLY D 659 41.10 -56.88 43.55
N ASN D 660 40.36 -57.23 42.50
CA ASN D 660 40.82 -57.07 41.13
C ASN D 660 40.50 -55.68 40.61
N CYS D 661 41.43 -55.13 39.85
CA CYS D 661 41.20 -53.88 39.12
C CYS D 661 40.32 -54.19 37.92
N VAL D 662 39.13 -53.60 37.88
CA VAL D 662 38.19 -53.87 36.81
C VAL D 662 38.12 -52.75 35.78
N ARG D 663 38.60 -51.55 36.10
CA ARG D 663 38.64 -50.44 35.17
C ARG D 663 39.92 -49.65 35.41
N ILE D 664 40.49 -49.12 34.33
CA ILE D 664 41.64 -48.21 34.42
C ILE D 664 41.33 -46.98 33.58
N PHE D 665 41.23 -45.82 34.22
CA PHE D 665 40.86 -44.59 33.55
C PHE D 665 42.08 -43.68 33.48
N THR D 666 42.61 -43.50 32.28
CA THR D 666 43.77 -42.65 32.05
C THR D 666 43.38 -41.49 31.14
N GLY D 667 44.07 -40.36 31.31
CA GLY D 667 43.76 -39.19 30.53
C GLY D 667 43.94 -37.90 31.29
N HIS D 668 44.32 -38.00 32.55
CA HIS D 668 44.67 -36.83 33.33
C HIS D 668 46.14 -36.51 33.15
N LYS D 669 46.47 -35.23 33.27
CA LYS D 669 47.83 -34.76 33.11
C LYS D 669 48.54 -34.50 34.43
N GLY D 670 47.80 -34.44 35.53
CA GLY D 670 48.38 -34.26 36.84
C GLY D 670 47.83 -35.28 37.81
N PRO D 671 48.35 -35.27 39.04
CA PRO D 671 47.83 -36.19 40.08
C PRO D 671 46.37 -35.90 40.40
N ILE D 672 45.57 -36.96 40.46
CA ILE D 672 44.14 -36.83 40.69
C ILE D 672 43.89 -36.47 42.14
N HIS D 673 43.20 -35.35 42.37
CA HIS D 673 42.97 -34.86 43.71
C HIS D 673 41.50 -34.86 44.12
N SER D 674 40.61 -35.37 43.27
CA SER D 674 39.20 -35.45 43.61
C SER D 674 38.53 -36.50 42.73
N LEU D 675 37.68 -37.32 43.35
CA LEU D 675 36.80 -38.24 42.64
C LEU D 675 35.40 -38.12 43.23
N THR D 676 34.40 -38.32 42.38
CA THR D 676 33.03 -38.48 42.86
C THR D 676 32.29 -39.39 41.89
N PHE D 677 31.26 -40.03 42.41
CA PHE D 677 30.40 -40.90 41.62
C PHE D 677 29.07 -40.21 41.34
N SER D 678 28.47 -40.55 40.21
CA SER D 678 27.11 -40.15 39.95
C SER D 678 26.17 -40.90 40.90
N PRO D 679 25.03 -40.30 41.28
CA PRO D 679 24.07 -41.03 42.10
C PRO D 679 23.38 -42.17 41.39
N ASN D 680 23.40 -42.18 40.05
CA ASN D 680 22.97 -43.36 39.30
C ASN D 680 23.93 -44.52 39.52
N GLY D 681 25.21 -44.24 39.73
CA GLY D 681 26.24 -45.23 39.71
C GLY D 681 26.80 -45.51 38.34
N ARG D 682 26.31 -44.83 37.31
CA ARG D 682 26.77 -45.07 35.95
C ARG D 682 28.03 -44.29 35.61
N PHE D 683 28.29 -43.17 36.27
CA PHE D 683 29.34 -42.25 35.85
C PHE D 683 30.26 -41.93 37.03
N LEU D 684 31.41 -41.35 36.68
CA LEU D 684 32.45 -41.04 37.64
C LEU D 684 33.16 -39.77 37.16
N ALA D 685 33.18 -38.74 38.00
CA ALA D 685 33.87 -37.51 37.71
C ALA D 685 35.17 -37.47 38.49
N THR D 686 36.26 -37.16 37.80
CA THR D 686 37.59 -37.07 38.40
C THR D 686 38.20 -35.72 38.10
N GLY D 687 38.90 -35.15 39.08
CA GLY D 687 39.61 -33.91 38.87
C GLY D 687 41.05 -34.04 39.31
N ALA D 688 41.91 -33.24 38.69
CA ALA D 688 43.34 -33.33 38.94
C ALA D 688 43.94 -31.92 38.85
N THR D 689 45.28 -31.86 38.89
CA THR D 689 45.97 -30.58 38.94
C THR D 689 45.98 -29.84 37.60
N ASP D 690 45.58 -30.49 36.51
CA ASP D 690 45.50 -29.80 35.23
C ASP D 690 44.22 -29.00 35.05
N GLY D 691 43.36 -28.94 36.06
CA GLY D 691 42.12 -28.21 35.97
C GLY D 691 41.06 -28.87 35.12
N ARG D 692 41.22 -30.14 34.79
CA ARG D 692 40.29 -30.85 33.93
C ARG D 692 39.42 -31.76 34.78
N VAL D 693 38.11 -31.72 34.53
CA VAL D 693 37.16 -32.64 35.13
C VAL D 693 36.74 -33.60 34.03
N LEU D 694 37.16 -34.85 34.13
CA LEU D 694 36.88 -35.86 33.13
C LEU D 694 35.77 -36.76 33.60
N LEU D 695 34.72 -36.88 32.80
CA LEU D 695 33.55 -37.67 33.15
C LEU D 695 33.65 -39.04 32.47
N TRP D 696 33.71 -40.09 33.27
CA TRP D 696 33.93 -41.44 32.77
C TRP D 696 32.67 -42.26 32.86
N ASP D 697 32.44 -43.11 31.86
CA ASP D 697 31.46 -44.16 32.00
C ASP D 697 32.08 -45.33 32.77
N ILE D 698 31.25 -46.12 33.43
CA ILE D 698 31.80 -47.22 34.29
C ILE D 698 31.48 -48.55 33.64
N GLY D 699 30.27 -48.70 33.08
CA GLY D 699 29.93 -49.92 32.34
C GLY D 699 30.76 -50.09 31.08
N HIS D 700 30.95 -49.00 30.33
CA HIS D 700 31.70 -49.07 29.05
C HIS D 700 33.18 -48.83 29.29
N GLY D 701 33.56 -48.31 30.46
CA GLY D 701 34.97 -47.96 30.72
C GLY D 701 35.47 -46.93 29.74
N LEU D 702 34.64 -45.94 29.39
CA LEU D 702 35.03 -44.92 28.38
C LEU D 702 34.81 -43.53 28.97
N MET D 703 35.71 -42.58 28.74
CA MET D 703 35.43 -41.19 29.19
C MET D 703 34.30 -40.63 28.34
N VAL D 704 33.33 -39.97 28.95
CA VAL D 704 32.14 -39.49 28.19
C VAL D 704 32.17 -37.95 28.03
N GLY D 705 33.00 -37.25 28.80
CA GLY D 705 33.15 -35.80 28.61
C GLY D 705 34.38 -35.21 29.30
N GLU D 706 34.77 -34.00 28.90
CA GLU D 706 35.92 -33.30 29.52
C GLU D 706 35.49 -31.87 29.85
N LEU D 707 35.56 -31.49 31.13
CA LEU D 707 35.21 -30.15 31.57
C LEU D 707 36.51 -29.41 31.90
N LYS D 708 36.80 -28.36 31.14
CA LYS D 708 38.11 -27.70 31.20
C LYS D 708 37.95 -26.21 31.47
N GLY D 709 37.14 -25.87 32.46
CA GLY D 709 36.97 -24.48 32.85
C GLY D 709 37.94 -24.03 33.93
N HIS D 710 38.28 -24.93 34.85
CA HIS D 710 39.10 -24.56 36.00
C HIS D 710 40.56 -24.33 35.58
N THR D 711 41.25 -23.51 36.36
CA THR D 711 42.64 -23.17 36.10
C THR D 711 43.61 -23.99 36.93
N ASP D 712 43.43 -24.03 38.23
CA ASP D 712 44.35 -24.71 39.13
C ASP D 712 43.74 -26.06 39.53
N THR D 713 44.34 -26.71 40.53
CA THR D 713 43.98 -28.05 40.97
C THR D 713 42.54 -28.14 41.42
N VAL D 714 41.76 -29.01 40.78
CA VAL D 714 40.37 -29.25 41.15
C VAL D 714 40.37 -30.22 42.34
N CYS D 715 40.07 -29.70 43.52
CA CYS D 715 40.22 -30.45 44.76
C CYS D 715 38.90 -30.94 45.35
N SER D 716 37.76 -30.63 44.74
CA SER D 716 36.48 -31.09 45.24
C SER D 716 35.47 -31.19 44.11
N LEU D 717 34.82 -32.35 44.03
CA LEU D 717 33.71 -32.57 43.10
C LEU D 717 32.55 -33.21 43.85
N ARG D 718 31.34 -32.87 43.44
CA ARG D 718 30.15 -33.59 43.87
C ARG D 718 29.05 -33.40 42.84
N PHE D 719 28.27 -34.46 42.62
CA PHE D 719 27.04 -34.37 41.86
C PHE D 719 25.90 -33.94 42.77
N SER D 720 24.78 -33.55 42.16
CA SER D 720 23.60 -33.19 42.93
C SER D 720 22.96 -34.45 43.53
N ARG D 721 21.94 -34.23 44.35
CA ARG D 721 21.22 -35.37 44.91
C ARG D 721 20.36 -36.05 43.85
N ASP D 722 19.85 -35.29 42.89
CA ASP D 722 19.17 -35.87 41.74
C ASP D 722 20.15 -36.34 40.68
N GLY D 723 21.33 -35.73 40.61
CA GLY D 723 22.25 -35.94 39.52
C GLY D 723 22.22 -34.86 38.46
N GLU D 724 21.52 -33.76 38.71
CA GLU D 724 21.28 -32.75 37.70
C GLU D 724 22.48 -31.85 37.45
N ILE D 725 23.32 -31.65 38.46
CA ILE D 725 24.43 -30.70 38.39
C ILE D 725 25.64 -31.32 39.09
N LEU D 726 26.80 -31.25 38.44
CA LEU D 726 28.08 -31.53 39.06
C LEU D 726 28.72 -30.23 39.49
N ALA D 727 29.09 -30.13 40.76
CA ALA D 727 29.73 -28.94 41.30
C ALA D 727 31.22 -29.20 41.43
N SER D 728 32.03 -28.24 41.00
CA SER D 728 33.48 -28.38 40.99
C SER D 728 34.10 -27.23 41.74
N GLY D 729 35.00 -27.53 42.67
CA GLY D 729 35.72 -26.51 43.41
C GLY D 729 37.21 -26.73 43.33
N SER D 730 37.91 -25.63 43.03
CA SER D 730 39.36 -25.77 42.83
C SER D 730 40.13 -24.68 43.57
N MET D 731 41.44 -24.66 43.38
CA MET D 731 42.32 -23.68 43.99
C MET D 731 42.31 -22.34 43.26
N ASP D 732 41.48 -22.15 42.24
CA ASP D 732 41.37 -20.80 41.62
C ASP D 732 40.27 -20.03 42.36
N ASN D 733 39.81 -20.56 43.51
CA ASN D 733 38.78 -19.94 44.36
C ASN D 733 37.48 -19.74 43.59
N THR D 734 37.06 -20.78 42.87
CA THR D 734 35.82 -20.76 42.12
C THR D 734 35.04 -22.04 42.38
N VAL D 735 33.72 -21.92 42.41
CA VAL D 735 32.82 -23.07 42.47
C VAL D 735 32.05 -23.10 41.16
N ARG D 736 32.52 -23.91 40.22
CA ARG D 736 31.84 -24.02 38.93
C ARG D 736 30.77 -25.09 38.98
N LEU D 737 29.65 -24.80 38.31
CA LEU D 737 28.53 -25.74 38.21
C LEU D 737 28.44 -26.23 36.77
N TRP D 738 28.38 -27.54 36.60
CA TRP D 738 28.31 -28.15 35.28
C TRP D 738 26.99 -28.88 35.11
N ASP D 739 26.45 -28.85 33.90
CA ASP D 739 25.20 -29.52 33.59
C ASP D 739 25.48 -31.01 33.47
N ALA D 740 25.12 -31.77 34.50
CA ALA D 740 25.37 -33.20 34.56
C ALA D 740 24.23 -34.02 33.98
N ILE D 741 23.35 -33.41 33.20
CA ILE D 741 22.35 -34.11 32.43
C ILE D 741 22.64 -34.01 30.93
N LYS D 742 22.98 -32.80 30.45
CA LYS D 742 23.41 -32.62 29.08
C LYS D 742 24.78 -33.19 28.80
N ALA D 743 25.56 -33.53 29.83
CA ALA D 743 26.86 -34.16 29.65
C ALA D 743 26.76 -35.67 29.46
N PHE D 744 25.61 -36.27 29.77
CA PHE D 744 25.40 -37.72 29.69
C PHE D 744 24.16 -38.03 28.87
N GLU D 745 24.01 -37.37 27.71
CA GLU D 745 22.84 -37.60 26.87
C GLU D 745 22.95 -38.84 26.01
N ASP D 746 24.15 -39.31 25.71
CA ASP D 746 24.35 -40.48 24.87
C ASP D 746 24.96 -41.61 25.68
N LEU D 747 24.32 -42.78 25.63
CA LEU D 747 24.80 -43.96 26.32
C LEU D 747 24.87 -45.15 25.38
N THR D 754 31.19 -50.79 21.38
CA THR D 754 32.13 -49.79 20.79
C THR D 754 33.22 -50.55 20.01
N ALA D 755 34.20 -51.11 20.71
CA ALA D 755 35.24 -51.92 20.04
C ALA D 755 36.36 -51.01 19.52
N THR D 756 36.13 -49.70 19.50
CA THR D 756 37.21 -48.76 19.16
C THR D 756 37.71 -48.31 20.52
N GLY D 757 36.90 -48.50 21.54
CA GLY D 757 37.32 -48.21 22.92
C GLY D 757 37.38 -46.75 23.23
N HIS D 758 36.74 -45.94 22.42
CA HIS D 758 36.76 -44.48 22.63
C HIS D 758 35.56 -43.89 21.92
N ILE D 759 35.16 -42.69 22.32
CA ILE D 759 34.00 -42.02 21.69
C ILE D 759 34.52 -40.64 21.32
N ASN D 760 33.88 -39.96 20.38
CA ASN D 760 34.47 -38.67 19.98
C ASN D 760 33.95 -37.65 20.98
N LEU D 761 34.84 -37.17 21.86
CA LEU D 761 34.42 -36.26 22.94
C LEU D 761 33.99 -34.97 22.28
N PRO D 762 32.96 -34.27 22.78
CA PRO D 762 32.42 -33.10 22.09
C PRO D 762 33.03 -31.69 22.16
N GLU D 763 34.00 -31.43 23.02
CA GLU D 763 34.53 -30.04 23.21
C GLU D 763 33.35 -29.12 23.57
N ASN D 764 32.50 -29.54 24.51
CA ASN D 764 31.26 -28.77 24.79
C ASN D 764 31.31 -28.09 26.15
N SER D 765 32.47 -27.88 26.73
CA SER D 765 32.54 -27.35 28.12
C SER D 765 31.77 -26.04 28.22
N GLN D 766 31.83 -25.16 27.22
CA GLN D 766 31.19 -23.83 27.31
C GLN D 766 29.68 -23.99 27.49
N GLU D 767 29.07 -24.99 26.88
CA GLU D 767 27.60 -25.18 26.97
C GLU D 767 27.24 -25.90 28.27
N LEU D 768 28.22 -26.52 28.93
CA LEU D 768 27.91 -27.30 30.14
C LEU D 768 28.19 -26.49 31.40
N LEU D 769 28.70 -25.26 31.26
CA LEU D 769 28.93 -24.39 32.43
C LEU D 769 27.70 -23.56 32.73
N LEU D 770 27.11 -23.82 33.88
CA LEU D 770 25.86 -23.13 34.22
C LEU D 770 26.28 -21.87 34.95
N GLY D 771 27.34 -21.96 35.75
CA GLY D 771 27.88 -20.74 36.36
C GLY D 771 29.22 -20.91 37.02
N THR D 772 29.95 -19.83 37.20
CA THR D 772 31.23 -19.85 37.97
C THR D 772 31.12 -18.78 39.06
N TYR D 773 31.35 -19.15 40.32
CA TYR D 773 31.23 -18.23 41.48
C TYR D 773 32.60 -18.18 42.16
N MET D 774 33.17 -16.99 42.31
CA MET D 774 34.53 -16.83 42.86
C MET D 774 34.51 -16.61 44.37
N THR D 775 35.33 -17.37 45.11
CA THR D 775 35.47 -17.17 46.57
C THR D 775 36.46 -16.05 46.86
N LYS D 776 36.31 -15.39 48.00
CA LYS D 776 37.25 -14.32 48.41
C LYS D 776 38.52 -14.97 48.91
N SER D 777 39.46 -15.19 48.02
CA SER D 777 40.79 -15.64 48.46
C SER D 777 40.73 -16.96 49.22
N THR D 778 39.82 -17.84 48.84
CA THR D 778 39.50 -19.02 49.66
C THR D 778 39.42 -20.25 48.77
N PRO D 779 40.36 -21.19 48.88
CA PRO D 779 40.30 -22.40 48.05
C PRO D 779 39.21 -23.35 48.53
N VAL D 780 38.41 -23.82 47.59
CA VAL D 780 37.21 -24.60 47.92
C VAL D 780 37.60 -26.05 48.21
N VAL D 781 37.80 -26.36 49.49
CA VAL D 781 38.34 -27.67 49.86
C VAL D 781 37.26 -28.74 49.77
N HIS D 782 36.03 -28.42 50.18
CA HIS D 782 34.94 -29.38 50.17
C HIS D 782 33.75 -28.83 49.42
N LEU D 783 32.99 -29.74 48.81
CA LEU D 783 31.70 -29.43 48.23
C LEU D 783 30.71 -30.47 48.69
N HIS D 784 29.55 -30.01 49.16
CA HIS D 784 28.53 -30.88 49.71
C HIS D 784 27.19 -30.44 49.16
N PHE D 785 26.28 -31.40 48.98
CA PHE D 785 24.93 -31.13 48.53
C PHE D 785 23.96 -31.52 49.62
N THR D 786 23.21 -30.54 50.12
CA THR D 786 22.13 -30.79 51.07
C THR D 786 21.06 -31.65 50.39
N ARG D 787 20.32 -32.41 51.19
CA ARG D 787 19.26 -33.26 50.65
C ARG D 787 18.09 -32.48 50.07
N ARG D 788 17.99 -31.18 50.34
CA ARG D 788 17.09 -30.29 49.63
C ARG D 788 17.79 -29.56 48.49
N ASN D 789 18.93 -30.09 48.02
CA ASN D 789 19.72 -29.59 46.89
C ASN D 789 20.19 -28.16 47.12
N LEU D 790 20.95 -28.00 48.20
CA LEU D 790 21.63 -26.74 48.52
C LEU D 790 23.11 -27.03 48.62
N VAL D 791 23.93 -26.25 47.91
CA VAL D 791 25.36 -26.50 47.89
C VAL D 791 26.00 -25.94 49.16
N LEU D 792 26.76 -26.77 49.84
CA LEU D 792 27.62 -26.35 50.95
C LEU D 792 29.07 -26.45 50.53
N ALA D 793 29.88 -25.48 50.95
CA ALA D 793 31.30 -25.48 50.64
C ALA D 793 32.06 -24.95 51.84
N ALA D 794 33.21 -25.58 52.04
CA ALA D 794 34.04 -25.23 53.20
C ALA D 794 35.46 -25.00 52.71
N GLY D 795 36.09 -23.94 53.19
CA GLY D 795 37.48 -23.65 52.83
C GLY D 795 38.06 -22.66 53.81
N ALA D 796 39.30 -22.87 54.21
CA ALA D 796 39.96 -21.89 55.11
C ALA D 796 40.18 -20.61 54.30
N TYR D 797 39.89 -19.45 54.90
CA TYR D 797 40.17 -18.18 54.20
C TYR D 797 41.67 -17.92 54.35
N SER D 798 42.39 -17.91 53.23
CA SER D 798 43.84 -17.61 53.28
C SER D 798 44.06 -16.30 52.53
N PRO D 799 44.43 -15.19 53.21
CA PRO D 799 44.56 -13.90 52.54
C PRO D 799 45.63 -13.99 51.46
N GLN D 800 46.75 -14.66 51.75
CA GLN D 800 47.85 -14.83 50.76
C GLN D 800 48.02 -13.53 49.96
N LYS E 6 58.43 -25.79 23.15
CA LYS E 6 59.75 -25.34 23.56
C LYS E 6 59.95 -25.50 25.06
N LEU E 7 60.98 -26.26 25.44
CA LEU E 7 61.33 -26.43 26.84
C LEU E 7 62.84 -26.62 26.92
N LYS E 8 63.54 -25.60 27.40
CA LYS E 8 64.97 -25.72 27.68
C LYS E 8 65.22 -25.97 29.15
N LEU E 9 64.74 -27.12 29.61
CA LEU E 9 64.92 -27.52 31.00
C LEU E 9 66.33 -28.07 31.20
N SER E 10 66.99 -27.64 32.27
CA SER E 10 68.35 -28.02 32.56
C SER E 10 68.41 -28.81 33.87
N ASN E 11 69.62 -29.19 34.25
CA ASN E 11 69.89 -29.89 35.51
C ASN E 11 70.90 -29.05 36.28
N THR E 12 70.40 -28.25 37.22
CA THR E 12 71.26 -27.36 38.00
C THR E 12 71.69 -28.06 39.29
N VAL E 13 73.00 -28.10 39.53
CA VAL E 13 73.56 -28.70 40.73
C VAL E 13 74.24 -27.62 41.55
N LEU E 14 74.55 -27.96 42.79
CA LEU E 14 75.28 -27.05 43.67
C LEU E 14 76.72 -26.90 43.17
N PRO E 15 77.35 -25.75 43.39
CA PRO E 15 78.71 -25.56 42.87
C PRO E 15 79.74 -26.38 43.63
N SER E 16 80.73 -26.89 42.89
CA SER E 16 81.79 -27.69 43.48
C SER E 16 82.76 -26.86 44.29
N GLU E 17 82.92 -25.56 43.98
CA GLU E 17 83.82 -24.72 44.76
C GLU E 17 83.26 -24.38 46.14
N SER E 18 82.01 -24.73 46.42
CA SER E 18 81.50 -24.70 47.78
C SER E 18 81.76 -26.02 48.51
N MET E 19 81.94 -27.12 47.77
CA MET E 19 82.15 -28.41 48.39
C MET E 19 83.60 -28.61 48.84
N LYS E 20 84.54 -27.92 48.19
CA LYS E 20 85.94 -27.99 48.63
C LYS E 20 86.18 -27.14 49.87
N VAL E 21 85.43 -26.04 50.01
CA VAL E 21 85.51 -25.22 51.22
C VAL E 21 85.03 -26.01 52.43
N VAL E 22 83.96 -26.78 52.26
CA VAL E 22 83.42 -27.59 53.35
C VAL E 22 84.39 -28.72 53.70
N ALA E 23 85.05 -29.30 52.70
CA ALA E 23 85.94 -30.44 52.93
C ALA E 23 87.22 -30.03 53.65
N GLU E 24 87.83 -28.93 53.23
CA GLU E 24 89.05 -28.46 53.86
C GLU E 24 88.82 -27.77 55.21
N SER E 25 87.59 -27.36 55.50
CA SER E 25 87.25 -26.86 56.83
C SER E 25 86.83 -27.98 57.77
N MET E 26 87.04 -29.24 57.38
CA MET E 26 86.70 -30.40 58.19
C MET E 26 87.90 -31.26 58.54
N GLY E 27 89.03 -31.09 57.85
CA GLY E 27 90.19 -31.95 58.03
C GLY E 27 90.50 -32.82 56.84
N ILE E 28 89.69 -32.79 55.80
CA ILE E 28 89.91 -33.58 54.59
C ILE E 28 90.49 -32.61 53.56
N ALA E 29 91.82 -32.59 53.47
CA ALA E 29 92.52 -31.75 52.51
C ALA E 29 92.96 -32.57 51.31
N GLN E 30 93.33 -31.84 50.25
CA GLN E 30 93.85 -32.39 48.98
C GLN E 30 92.83 -33.35 48.33
N ILE E 31 91.66 -32.81 48.01
CA ILE E 31 90.63 -33.58 47.32
C ILE E 31 90.67 -33.22 45.84
N GLN E 32 90.49 -34.23 44.99
CA GLN E 32 90.53 -34.05 43.56
C GLN E 32 89.24 -33.40 43.07
N GLU E 33 89.23 -32.96 41.81
CA GLU E 33 88.04 -32.35 41.25
C GLU E 33 86.97 -33.39 40.95
N GLU E 34 87.37 -34.58 40.49
CA GLU E 34 86.42 -35.67 40.28
C GLU E 34 85.89 -36.21 41.59
N THR E 35 86.69 -36.13 42.66
CA THR E 35 86.19 -36.44 43.99
C THR E 35 85.20 -35.39 44.46
N CYS E 36 85.45 -34.14 44.11
CA CYS E 36 84.60 -33.03 44.55
C CYS E 36 83.34 -32.91 43.72
N GLN E 37 83.41 -33.22 42.43
CA GLN E 37 82.22 -33.27 41.58
C GLN E 37 81.32 -34.43 41.97
N LEU E 38 81.90 -35.49 42.54
CA LEU E 38 81.13 -36.63 43.02
C LEU E 38 80.27 -36.28 44.22
N LEU E 39 80.65 -35.25 44.98
CA LEU E 39 79.86 -34.86 46.13
C LEU E 39 78.67 -34.00 45.73
N THR E 40 78.85 -33.15 44.73
CA THR E 40 77.84 -32.15 44.40
C THR E 40 76.78 -32.64 43.44
N ASP E 41 76.90 -33.85 42.90
CA ASP E 41 75.76 -34.40 42.16
C ASP E 41 74.96 -35.36 43.02
N GLU E 42 75.57 -35.87 44.09
CA GLU E 42 74.84 -36.69 45.05
C GLU E 42 73.93 -35.84 45.92
N VAL E 43 74.44 -34.73 46.44
CA VAL E 43 73.64 -33.93 47.36
C VAL E 43 72.63 -33.07 46.59
N SER E 44 72.94 -32.72 45.34
CA SER E 44 71.97 -31.97 44.54
C SER E 44 70.82 -32.86 44.08
N TYR E 45 71.02 -34.18 44.05
CA TYR E 45 69.91 -35.08 43.80
C TYR E 45 69.02 -35.19 45.03
N ARG E 46 69.62 -35.24 46.22
CA ARG E 46 68.84 -35.37 47.46
C ARG E 46 68.05 -34.11 47.76
N ILE E 47 68.54 -32.95 47.32
CA ILE E 47 67.73 -31.73 47.43
C ILE E 47 66.59 -31.78 46.43
N LYS E 48 66.86 -32.28 45.22
CA LYS E 48 65.81 -32.43 44.21
C LYS E 48 64.84 -33.54 44.57
N GLU E 49 65.32 -34.58 45.25
CA GLU E 49 64.43 -35.67 45.65
C GLU E 49 63.49 -35.23 46.77
N ILE E 50 63.95 -34.34 47.64
CA ILE E 50 63.14 -33.92 48.78
C ILE E 50 62.18 -32.80 48.37
N ALA E 51 62.65 -31.84 47.55
CA ALA E 51 61.79 -30.76 47.10
C ALA E 51 60.67 -31.26 46.18
N GLN E 52 60.92 -32.35 45.45
CA GLN E 52 59.83 -33.00 44.72
C GLN E 52 58.89 -33.74 45.67
N ASP E 53 59.44 -34.22 46.79
CA ASP E 53 58.66 -34.94 47.79
C ASP E 53 58.00 -34.00 48.79
N ALA E 54 58.55 -32.79 48.98
CA ALA E 54 57.90 -31.79 49.79
C ALA E 54 56.78 -31.08 49.05
N LEU E 55 56.76 -31.18 47.72
CA LEU E 55 55.67 -30.65 46.93
C LEU E 55 54.43 -31.53 47.01
N LYS E 56 54.59 -32.78 47.45
CA LYS E 56 53.42 -33.64 47.70
C LYS E 56 52.66 -33.18 48.93
N PHE E 57 53.38 -32.76 49.97
CA PHE E 57 52.72 -32.25 51.17
C PHE E 57 52.12 -30.88 50.94
N MET E 58 52.70 -30.08 50.05
CA MET E 58 52.10 -28.77 49.74
C MET E 58 50.72 -28.99 49.09
N HIS E 59 50.66 -29.84 48.08
CA HIS E 59 49.38 -30.11 47.34
C HIS E 59 48.34 -30.76 48.26
N MET E 60 48.76 -31.71 49.09
CA MET E 60 47.84 -32.43 50.02
C MET E 60 47.28 -31.51 51.08
N GLY E 61 48.06 -30.53 51.54
CA GLY E 61 47.59 -29.55 52.53
C GLY E 61 46.81 -28.44 51.87
N LYS E 62 46.66 -28.50 50.55
CA LYS E 62 45.89 -27.49 49.78
C LYS E 62 46.50 -26.09 49.92
N ARG E 63 47.83 -25.99 49.85
CA ARG E 63 48.51 -24.67 49.89
C ARG E 63 49.25 -24.48 48.56
N GLN E 64 49.56 -23.24 48.19
CA GLN E 64 50.36 -22.98 46.98
C GLN E 64 51.76 -22.51 47.39
N LYS E 65 52.01 -22.43 48.70
CA LYS E 65 53.34 -21.99 49.21
C LYS E 65 53.98 -23.14 49.97
N LEU E 66 55.19 -23.54 49.58
CA LEU E 66 55.90 -24.61 50.32
C LEU E 66 56.30 -24.04 51.68
N THR E 67 55.64 -24.46 52.76
CA THR E 67 56.10 -23.94 54.04
C THR E 67 57.34 -24.69 54.53
N THR E 68 57.86 -24.21 55.65
CA THR E 68 59.06 -24.79 56.26
C THR E 68 58.80 -26.16 56.85
N SER E 69 57.54 -26.47 57.17
CA SER E 69 57.20 -27.77 57.74
C SER E 69 57.04 -28.86 56.69
N ASP E 70 56.90 -28.50 55.41
CA ASP E 70 56.78 -29.49 54.35
C ASP E 70 58.08 -30.27 54.18
N ILE E 71 59.22 -29.61 54.34
CA ILE E 71 60.52 -30.28 54.25
C ILE E 71 60.76 -31.13 55.49
N ASP E 72 60.11 -30.79 56.61
CA ASP E 72 60.24 -31.63 57.81
C ASP E 72 59.52 -32.96 57.65
N TYR E 73 58.40 -32.98 56.93
CA TYR E 73 57.70 -34.22 56.66
C TYR E 73 58.27 -34.95 55.45
N ALA E 74 58.83 -34.21 54.50
CA ALA E 74 59.49 -34.86 53.37
C ALA E 74 60.77 -35.55 53.78
N LEU E 75 61.47 -35.01 54.79
CA LEU E 75 62.66 -35.67 55.29
C LEU E 75 62.29 -36.91 56.09
N LYS E 76 61.28 -36.81 56.95
CA LYS E 76 60.80 -37.94 57.73
C LYS E 76 60.26 -39.06 56.85
N LEU E 77 59.72 -38.71 55.68
CA LEU E 77 59.24 -39.70 54.74
C LEU E 77 60.38 -40.49 54.12
N LYS E 78 61.53 -39.84 53.92
CA LYS E 78 62.71 -40.52 53.37
C LYS E 78 63.60 -41.11 54.46
N ASN E 79 63.06 -41.32 55.66
CA ASN E 79 63.74 -41.93 56.81
C ASN E 79 65.00 -41.16 57.24
N VAL E 80 65.02 -39.86 56.98
CA VAL E 80 66.09 -38.99 57.45
C VAL E 80 65.49 -38.07 58.50
N GLU E 81 66.22 -37.86 59.59
CA GLU E 81 65.68 -37.04 60.72
C GLU E 81 65.46 -35.60 60.24
N PRO E 82 64.33 -34.96 60.59
CA PRO E 82 64.04 -33.57 60.20
C PRO E 82 64.98 -32.56 60.90
N LEU E 83 65.75 -33.00 61.89
CA LEU E 83 66.71 -32.11 62.61
C LEU E 83 67.72 -31.56 61.60
N TYR E 84 67.98 -30.24 61.62
CA TYR E 84 68.91 -29.61 60.64
C TYR E 84 70.18 -29.13 61.33
N GLY E 85 70.02 -28.48 62.49
CA GLY E 85 71.17 -27.95 63.26
C GLY E 85 72.10 -29.03 63.78
N PHE E 86 71.55 -30.16 64.22
CA PHE E 86 72.41 -31.19 64.84
C PHE E 86 72.07 -32.58 64.30
N HIS E 87 72.98 -33.55 64.49
CA HIS E 87 72.67 -34.92 64.10
C HIS E 87 73.06 -35.85 65.24
N ALA E 88 72.08 -36.60 65.75
CA ALA E 88 72.29 -37.51 66.86
C ALA E 88 72.52 -38.92 66.32
N GLN E 89 73.74 -39.42 66.51
CA GLN E 89 74.09 -40.77 66.01
C GLN E 89 73.17 -41.81 66.67
N GLU E 90 73.02 -41.77 67.99
CA GLU E 90 72.14 -42.74 68.71
C GLU E 90 70.69 -42.55 68.24
N PHE E 91 70.23 -41.30 68.10
CA PHE E 91 68.88 -41.00 67.56
C PHE E 91 67.79 -41.17 68.62
N ILE E 92 68.16 -41.57 69.84
CA ILE E 92 67.14 -41.85 70.91
C ILE E 92 66.62 -40.58 71.60
N PRO E 93 67.40 -39.49 71.85
CA PRO E 93 66.83 -38.30 72.49
C PRO E 93 65.72 -37.69 71.62
N PHE E 94 65.95 -37.58 70.31
CA PHE E 94 64.91 -37.06 69.39
C PHE E 94 64.79 -38.04 68.22
N ARG E 95 63.65 -38.73 68.10
CA ARG E 95 63.50 -39.75 67.04
C ARG E 95 62.57 -39.21 65.97
N PHE E 96 63.13 -38.74 64.85
CA PHE E 96 62.30 -38.17 63.75
C PHE E 96 61.37 -37.09 64.30
N ALA E 97 61.87 -36.25 65.22
CA ALA E 97 61.04 -35.15 65.76
C ALA E 97 61.57 -33.82 65.22
N SER E 98 60.70 -33.07 64.55
CA SER E 98 61.13 -31.79 63.94
C SER E 98 61.26 -30.72 65.02
N GLY E 99 62.38 -30.00 65.03
CA GLY E 99 62.54 -28.90 65.96
C GLY E 99 62.20 -27.56 65.35
N GLY E 100 61.58 -27.57 64.17
CA GLY E 100 61.15 -26.35 63.52
C GLY E 100 62.22 -25.56 62.83
N GLY E 101 63.39 -26.13 62.60
CA GLY E 101 64.45 -25.42 61.91
C GLY E 101 65.15 -24.41 62.80
N ARG E 102 66.03 -23.64 62.17
CA ARG E 102 66.80 -22.61 62.85
C ARG E 102 66.48 -21.25 62.24
N GLU E 103 66.02 -20.31 63.07
CA GLU E 103 65.70 -18.97 62.63
C GLU E 103 67.02 -18.20 62.45
N LEU E 104 67.62 -18.36 61.28
CA LEU E 104 68.88 -17.72 60.97
C LEU E 104 68.77 -16.95 59.65
N TYR E 105 69.60 -15.93 59.50
CA TYR E 105 69.54 -15.04 58.36
C TYR E 105 70.92 -14.91 57.71
N PHE E 106 70.93 -14.32 56.52
CA PHE E 106 72.18 -13.95 55.87
C PHE E 106 72.72 -12.63 56.41
N TYR E 107 71.82 -11.67 56.66
CA TYR E 107 72.19 -10.35 57.16
C TYR E 107 72.09 -10.25 58.68
N GLU E 108 72.29 -11.36 59.39
CA GLU E 108 72.15 -11.37 60.83
C GLU E 108 73.39 -10.79 61.50
N GLU E 109 73.28 -10.58 62.81
CA GLU E 109 74.35 -9.98 63.59
C GLU E 109 75.35 -11.00 64.09
N LYS E 110 74.95 -12.26 64.22
CA LYS E 110 75.73 -13.43 64.66
C LYS E 110 76.21 -13.33 66.10
N GLU E 111 75.69 -12.37 66.87
CA GLU E 111 75.97 -12.25 68.30
C GLU E 111 74.92 -11.32 68.90
N VAL E 112 74.22 -11.81 69.92
CA VAL E 112 73.21 -11.03 70.62
C VAL E 112 73.50 -11.07 72.11
N ASP E 113 72.93 -10.12 72.84
CA ASP E 113 73.01 -10.12 74.29
C ASP E 113 71.88 -10.97 74.85
N LEU E 114 72.18 -11.73 75.90
CA LEU E 114 71.27 -12.75 76.40
C LEU E 114 70.11 -12.18 77.19
N SER E 115 70.15 -10.90 77.55
CA SER E 115 69.02 -10.23 78.19
C SER E 115 68.22 -9.40 77.21
N ASP E 116 68.67 -9.28 75.97
CA ASP E 116 67.87 -8.64 74.93
C ASP E 116 66.71 -9.53 74.52
N ILE E 117 66.94 -10.85 74.49
CA ILE E 117 65.89 -11.80 74.11
C ILE E 117 64.85 -11.95 75.22
N ILE E 118 65.24 -11.73 76.47
CA ILE E 118 64.28 -11.87 77.56
C ILE E 118 63.36 -10.66 77.65
N ASN E 119 63.91 -9.45 77.48
CA ASN E 119 63.16 -8.23 77.72
C ASN E 119 62.24 -7.84 76.57
N THR E 120 62.31 -8.51 75.42
CA THR E 120 61.41 -8.14 74.34
C THR E 120 60.03 -8.76 74.57
N PRO E 121 58.96 -8.06 74.17
CA PRO E 121 57.62 -8.61 74.38
C PRO E 121 57.31 -9.74 73.39
N LEU E 122 56.64 -10.77 73.91
CA LEU E 122 56.29 -11.93 73.10
C LEU E 122 55.17 -11.57 72.13
N PRO E 123 55.16 -12.17 70.93
CA PRO E 123 54.09 -11.88 69.97
C PRO E 123 52.76 -12.45 70.41
N ARG E 124 51.70 -11.81 69.90
CA ARG E 124 50.34 -12.20 70.34
C ARG E 124 49.84 -13.45 69.63
N VAL E 125 49.45 -14.46 70.40
CA VAL E 125 48.86 -15.70 69.89
C VAL E 125 47.58 -15.33 69.16
N PRO E 126 47.42 -15.69 67.90
CA PRO E 126 46.25 -15.23 67.13
C PRO E 126 45.00 -15.99 67.53
N LEU E 127 43.89 -15.62 66.89
CA LEU E 127 42.59 -16.17 67.24
C LEU E 127 42.49 -17.62 66.78
N ASP E 128 41.69 -18.40 67.51
CA ASP E 128 41.50 -19.81 67.17
C ASP E 128 40.53 -19.92 66.00
N VAL E 129 40.50 -21.10 65.39
CA VAL E 129 39.75 -21.32 64.16
C VAL E 129 38.25 -21.40 64.48
N CYS E 130 37.46 -20.63 63.74
CA CYS E 130 36.02 -20.60 63.90
C CYS E 130 35.36 -20.81 62.55
N LEU E 131 34.08 -21.14 62.57
CA LEU E 131 33.33 -21.50 61.37
C LEU E 131 32.22 -20.48 61.16
N LYS E 132 32.39 -19.62 60.16
CA LYS E 132 31.37 -18.66 59.75
C LYS E 132 30.81 -19.05 58.40
N ALA E 133 29.51 -18.88 58.23
CA ALA E 133 28.84 -19.19 56.98
C ALA E 133 28.34 -17.92 56.31
N HIS E 134 28.34 -17.92 54.99
CA HIS E 134 27.82 -16.80 54.21
C HIS E 134 27.25 -17.38 52.92
N TRP E 135 27.00 -16.52 51.93
CA TRP E 135 26.33 -16.91 50.69
C TRP E 135 27.22 -16.57 49.51
N LEU E 136 27.66 -17.59 48.76
CA LEU E 136 28.29 -17.31 47.48
C LEU E 136 27.27 -16.98 46.41
N SER E 137 26.13 -17.66 46.41
CA SER E 137 25.17 -17.49 45.34
C SER E 137 23.76 -17.54 45.91
N ILE E 138 22.93 -16.59 45.50
CA ILE E 138 21.51 -16.59 45.81
C ILE E 138 20.80 -16.82 44.48
N GLU E 139 20.26 -18.03 44.31
CA GLU E 139 19.58 -18.58 43.12
C GLU E 139 20.28 -18.26 41.80
N GLY E 140 21.61 -18.21 41.81
CA GLY E 140 22.39 -17.96 40.62
C GLY E 140 23.20 -16.68 40.65
N CYS E 141 22.82 -15.71 41.48
CA CYS E 141 23.46 -14.41 41.53
C CYS E 141 24.36 -14.30 42.76
N GLN E 142 25.54 -13.76 42.57
CA GLN E 142 26.50 -13.60 43.65
C GLN E 142 26.23 -12.29 44.38
N PRO E 143 25.99 -12.30 45.70
CA PRO E 143 25.72 -11.05 46.41
C PRO E 143 26.99 -10.26 46.68
N ALA E 144 26.80 -8.96 46.82
CA ALA E 144 27.91 -8.03 47.07
C ALA E 144 28.06 -7.79 48.59
N ILE E 145 28.28 -8.88 49.31
CA ILE E 145 28.53 -8.83 50.75
C ILE E 145 30.05 -8.74 50.92
N PRO E 146 30.58 -8.30 52.08
CA PRO E 146 32.05 -8.20 52.22
C PRO E 146 32.78 -9.54 52.25
N GLU E 147 32.09 -10.67 52.35
CA GLU E 147 32.73 -11.97 52.22
C GLU E 147 32.90 -12.40 50.77
N ASN E 148 32.45 -11.60 49.81
CA ASN E 148 32.57 -11.81 48.39
C ASN E 148 33.53 -10.80 47.78
N PRO E 149 34.26 -11.16 46.72
CA PRO E 149 35.37 -10.30 46.23
C PRO E 149 34.95 -8.96 45.66
N PRO E 150 33.95 -8.86 44.74
CA PRO E 150 33.91 -7.53 44.10
C PRO E 150 33.11 -6.49 44.90
N ARG E 207 7.90 11.00 15.73
CA ARG E 207 8.91 10.15 16.41
C ARG E 207 9.14 10.70 17.81
N LEU E 208 8.97 9.88 18.85
CA LEU E 208 9.26 10.32 20.24
C LEU E 208 10.36 9.41 20.80
N LYS E 209 11.42 9.97 21.35
CA LYS E 209 12.54 9.17 21.91
C LYS E 209 12.01 8.43 23.14
N PRO E 210 12.49 7.20 23.48
CA PRO E 210 11.91 6.41 24.57
C PRO E 210 12.10 7.08 25.91
N ARG E 211 11.12 6.85 26.80
CA ARG E 211 11.15 7.43 28.14
C ARG E 211 12.29 6.80 28.93
N SER E 212 13.27 7.61 29.33
CA SER E 212 14.46 7.02 29.92
C SER E 212 14.23 6.72 31.38
N ILE E 213 15.11 5.89 31.93
CA ILE E 213 15.05 5.47 33.31
C ILE E 213 16.26 6.04 34.03
N HIS E 214 16.11 6.32 35.32
CA HIS E 214 17.24 6.77 36.10
C HIS E 214 18.24 5.63 36.28
N GLU E 215 19.52 6.00 36.36
CA GLU E 215 20.57 5.00 36.44
C GLU E 215 20.68 4.33 37.81
N LEU E 216 19.88 4.75 38.79
CA LEU E 216 19.77 4.08 40.07
C LEU E 216 18.51 3.24 40.11
N SER E 217 18.58 2.11 40.82
CA SER E 217 17.39 1.32 41.07
C SER E 217 16.57 1.95 42.18
N VAL E 218 15.34 1.46 42.36
CA VAL E 218 14.51 2.03 43.41
C VAL E 218 14.91 1.50 44.77
N GLU E 219 15.60 0.35 44.80
CA GLU E 219 16.18 -0.13 46.08
C GLU E 219 17.36 0.81 46.36
N GLN E 220 18.18 1.11 45.34
CA GLN E 220 19.33 2.00 45.51
C GLN E 220 18.91 3.41 45.84
N GLN E 221 17.82 3.88 45.22
CA GLN E 221 17.33 5.23 45.50
C GLN E 221 16.73 5.31 46.90
N LEU E 222 16.02 4.26 47.32
CA LEU E 222 15.52 4.19 48.69
C LEU E 222 16.67 4.08 49.69
N TYR E 223 17.74 3.36 49.34
CA TYR E 223 18.92 3.27 50.18
C TYR E 223 19.58 4.63 50.34
N TYR E 224 19.68 5.38 49.24
CA TYR E 224 20.25 6.73 49.29
C TYR E 224 19.42 7.64 50.17
N LYS E 225 18.08 7.53 50.07
CA LYS E 225 17.20 8.36 50.90
C LYS E 225 17.32 8.00 52.38
N GLU E 226 17.40 6.71 52.69
CA GLU E 226 17.54 6.30 54.09
C GLU E 226 18.89 6.69 54.67
N ILE E 227 19.97 6.54 53.88
CA ILE E 227 21.30 6.87 54.36
C ILE E 227 21.45 8.38 54.55
N THR E 228 20.89 9.18 53.65
CA THR E 228 20.98 10.63 53.81
C THR E 228 20.08 11.13 54.94
N GLU E 229 18.91 10.51 55.14
CA GLU E 229 18.08 10.94 56.26
C GLU E 229 18.57 10.40 57.60
N ALA E 230 19.43 9.39 57.59
CA ALA E 230 20.08 8.95 58.81
C ALA E 230 21.35 9.74 59.10
N CYS E 231 22.02 10.24 58.07
CA CYS E 231 23.27 10.96 58.22
C CYS E 231 23.09 12.42 58.61
N VAL E 232 21.85 12.89 58.73
CA VAL E 232 21.60 14.25 59.22
C VAL E 232 21.40 14.17 60.73
N GLY E 233 21.65 13.00 61.31
CA GLY E 233 21.88 12.84 62.73
C GLY E 233 20.73 13.14 63.67
N SER E 234 19.53 12.62 63.35
CA SER E 234 18.43 12.73 64.30
C SER E 234 18.63 11.75 65.46
N CYS E 235 19.14 10.56 65.17
CA CYS E 235 19.47 9.56 66.18
C CYS E 235 20.90 9.12 65.95
N GLU E 236 21.63 8.89 67.06
CA GLU E 236 23.07 8.67 66.95
C GLU E 236 23.42 7.28 66.46
N ALA E 237 22.64 6.25 66.85
CA ALA E 237 22.92 4.90 66.39
C ALA E 237 22.62 4.76 64.90
N LYS E 238 21.56 5.44 64.43
CA LYS E 238 21.26 5.53 63.01
C LYS E 238 22.40 6.19 62.25
N ARG E 239 22.90 7.30 62.76
CA ARG E 239 24.06 7.92 62.11
C ARG E 239 25.17 6.89 62.06
N ALA E 240 25.61 6.38 63.18
CA ALA E 240 26.80 5.53 63.20
C ALA E 240 26.68 4.36 62.25
N GLU E 241 25.51 3.75 62.12
CA GLU E 241 25.43 2.65 61.14
C GLU E 241 25.53 3.26 59.76
N ALA E 242 24.77 4.31 59.50
CA ALA E 242 24.84 4.87 58.15
C ALA E 242 26.26 5.27 57.79
N LEU E 243 27.05 5.74 58.76
CA LEU E 243 28.43 6.08 58.49
C LEU E 243 29.29 4.85 58.22
N GLN E 244 29.04 3.75 58.94
CA GLN E 244 29.75 2.51 58.63
C GLN E 244 29.28 1.93 57.29
N SER E 245 28.00 2.11 56.95
CA SER E 245 27.49 1.67 55.67
C SER E 245 28.14 2.44 54.52
N ILE E 246 28.33 3.75 54.69
CA ILE E 246 29.10 4.53 53.71
C ILE E 246 30.55 4.06 53.69
N ALA E 247 31.10 3.74 54.85
CA ALA E 247 32.50 3.36 54.94
C ALA E 247 32.82 2.00 54.33
N THR E 248 31.82 1.10 54.16
CA THR E 248 32.19 -0.18 53.58
C THR E 248 31.20 -0.76 52.57
N ASP E 249 30.30 0.02 51.99
CA ASP E 249 29.47 -0.51 50.90
C ASP E 249 30.30 -0.62 49.63
N PRO E 250 30.43 -1.81 49.04
CA PRO E 250 31.19 -1.91 47.79
C PRO E 250 30.46 -1.33 46.59
N GLY E 251 29.13 -1.33 46.59
CA GLY E 251 28.39 -0.82 45.47
C GLY E 251 28.01 0.63 45.60
N LEU E 252 28.77 1.39 46.37
CA LEU E 252 28.44 2.80 46.60
C LEU E 252 28.98 3.69 45.50
N TYR E 253 29.79 3.16 44.58
CA TYR E 253 30.00 3.85 43.32
C TYR E 253 28.70 3.84 42.52
N GLN E 254 28.61 4.77 41.56
CA GLN E 254 27.49 5.03 40.65
C GLN E 254 26.31 5.67 41.41
N MET E 255 26.46 5.84 42.73
CA MET E 255 25.65 6.70 43.57
C MET E 255 26.45 7.87 44.09
N LEU E 256 27.77 7.85 43.90
CA LEU E 256 28.66 8.86 44.46
C LEU E 256 28.50 10.29 43.92
N PRO E 257 28.09 10.56 42.65
CA PRO E 257 27.75 11.94 42.30
C PRO E 257 26.66 12.57 43.15
N ARG E 258 25.66 11.76 43.50
CA ARG E 258 24.49 12.28 44.24
C ARG E 258 24.88 12.50 45.70
N PHE E 259 25.84 11.76 46.24
CA PHE E 259 26.36 11.98 47.59
C PHE E 259 27.25 13.20 47.65
N SER E 260 28.14 13.35 46.65
CA SER E 260 29.02 14.53 46.60
C SER E 260 28.21 15.80 46.41
N THR E 261 27.17 15.75 45.58
CA THR E 261 26.34 16.92 45.37
C THR E 261 25.54 17.25 46.61
N PHE E 262 25.10 16.23 47.35
CA PHE E 262 24.35 16.46 48.58
C PHE E 262 25.22 17.06 49.67
N ILE E 263 26.48 16.62 49.75
CA ILE E 263 27.42 17.22 50.69
C ILE E 263 27.70 18.68 50.32
N SER E 264 28.22 18.90 49.11
CA SER E 264 28.61 20.25 48.63
C SER E 264 27.44 21.19 48.77
N GLU E 265 26.31 20.84 48.20
CA GLU E 265 25.17 21.77 48.22
C GLU E 265 24.80 22.02 49.68
N GLY E 266 24.86 20.97 50.50
CA GLY E 266 24.43 21.16 51.89
C GLY E 266 25.29 22.15 52.64
N VAL E 267 26.61 22.03 52.56
CA VAL E 267 27.43 22.93 53.38
C VAL E 267 27.15 24.37 52.94
N ARG E 268 27.04 24.62 51.64
CA ARG E 268 26.89 26.02 51.17
C ARG E 268 25.57 26.66 51.61
N VAL E 269 24.47 25.90 51.66
CA VAL E 269 23.18 26.46 52.19
C VAL E 269 23.11 26.16 53.68
N ASN E 270 24.12 25.50 54.24
CA ASN E 270 24.14 25.29 55.71
C ASN E 270 25.13 26.23 56.38
N VAL E 271 25.76 27.12 55.64
CA VAL E 271 26.62 28.13 56.32
C VAL E 271 25.89 29.46 56.18
N VAL E 272 24.78 29.46 55.45
CA VAL E 272 23.92 30.69 55.38
C VAL E 272 23.44 30.93 56.80
N GLN E 273 23.03 29.88 57.51
CA GLN E 273 22.76 29.99 58.96
C GLN E 273 23.77 29.00 59.54
N ASN E 274 24.62 29.38 60.48
CA ASN E 274 25.76 28.51 60.85
C ASN E 274 25.29 27.33 61.68
N ASN E 275 24.71 26.30 61.04
CA ASN E 275 24.11 25.17 61.80
C ASN E 275 25.18 24.15 62.08
N LEU E 276 25.78 24.20 63.27
CA LEU E 276 26.96 23.35 63.55
C LEU E 276 26.70 21.85 63.41
N ALA E 277 25.59 21.32 63.90
CA ALA E 277 25.44 19.85 63.77
C ALA E 277 25.37 19.50 62.30
N LEU E 278 24.57 20.27 61.56
CA LEU E 278 24.38 19.90 60.14
C LEU E 278 25.77 19.77 59.54
N LEU E 279 26.71 20.59 59.99
CA LEU E 279 28.05 20.61 59.41
C LEU E 279 28.92 19.50 59.98
N ILE E 280 28.75 19.18 61.27
CA ILE E 280 29.58 18.16 61.89
C ILE E 280 29.19 16.79 61.32
N TYR E 281 27.89 16.62 61.01
CA TYR E 281 27.40 15.39 60.40
C TYR E 281 27.89 15.25 58.96
N LEU E 282 27.92 16.37 58.22
CA LEU E 282 28.41 16.33 56.84
C LEU E 282 29.91 16.06 56.79
N MET E 283 30.68 16.61 57.73
CA MET E 283 32.12 16.31 57.77
C MET E 283 32.38 14.87 58.15
N ARG E 284 31.57 14.29 59.04
CA ARG E 284 31.68 12.87 59.31
C ARG E 284 31.27 12.03 58.11
N MET E 285 30.33 12.51 57.31
CA MET E 285 29.97 11.83 56.06
C MET E 285 31.11 11.88 55.05
N VAL E 286 31.85 12.99 55.01
CA VAL E 286 33.02 13.10 54.14
C VAL E 286 34.11 12.12 54.58
N LYS E 287 34.36 12.04 55.90
CA LYS E 287 35.34 11.12 56.44
C LYS E 287 34.93 9.67 56.20
N ALA E 288 33.64 9.37 56.26
CA ALA E 288 33.15 8.03 55.95
C ALA E 288 33.21 7.74 54.45
N LEU E 289 33.15 8.78 53.61
CA LEU E 289 33.31 8.56 52.19
C LEU E 289 34.75 8.29 51.82
N MET E 290 35.69 8.83 52.59
CA MET E 290 37.09 8.78 52.17
C MET E 290 37.72 7.42 52.44
N ASP E 291 37.44 6.82 53.60
CA ASP E 291 38.09 5.57 53.98
C ASP E 291 37.46 4.34 53.34
N ASN E 292 36.42 4.50 52.52
CA ASN E 292 35.90 3.40 51.72
C ASN E 292 36.93 3.03 50.66
N PRO E 293 37.39 1.79 50.61
CA PRO E 293 38.46 1.45 49.65
C PRO E 293 37.99 1.18 48.24
N THR E 294 36.70 0.91 48.02
CA THR E 294 36.24 0.48 46.71
C THR E 294 36.07 1.65 45.74
N LEU E 295 35.49 2.75 46.22
CA LEU E 295 35.09 3.83 45.34
C LEU E 295 36.27 4.72 44.94
N TYR E 296 36.13 5.32 43.76
CA TYR E 296 37.14 6.18 43.14
C TYR E 296 36.76 7.63 43.42
N LEU E 297 37.53 8.31 44.27
CA LEU E 297 37.10 9.59 44.80
C LEU E 297 37.65 10.82 44.08
N GLU E 298 38.82 10.74 43.43
CA GLU E 298 39.42 11.97 42.94
C GLU E 298 38.76 12.53 41.68
N LYS E 299 37.69 11.92 41.19
CA LYS E 299 36.82 12.60 40.25
C LYS E 299 35.88 13.58 40.95
N TYR E 300 35.66 13.43 42.25
CA TYR E 300 34.69 14.21 42.99
C TYR E 300 35.34 15.10 44.03
N VAL E 301 36.67 15.15 44.07
CA VAL E 301 37.34 15.87 45.14
C VAL E 301 37.29 17.37 44.89
N HIS E 302 37.01 17.78 43.65
CA HIS E 302 36.83 19.18 43.30
C HIS E 302 35.58 19.78 43.90
N GLU E 303 34.62 18.94 44.30
CA GLU E 303 33.49 19.38 45.11
C GLU E 303 33.74 19.19 46.60
N LEU E 304 34.57 18.21 46.96
CA LEU E 304 34.77 17.88 48.37
C LEU E 304 35.65 18.90 49.07
N ILE E 305 36.72 19.35 48.41
CA ILE E 305 37.71 20.22 49.05
C ILE E 305 37.18 21.63 49.36
N PRO E 306 36.49 22.37 48.47
CA PRO E 306 35.95 23.68 48.91
C PRO E 306 34.89 23.59 49.99
N ALA E 307 34.24 22.45 50.16
CA ALA E 307 33.33 22.27 51.30
C ALA E 307 34.09 22.23 52.62
N VAL E 308 35.19 21.48 52.68
CA VAL E 308 35.94 21.42 53.93
C VAL E 308 36.67 22.74 54.17
N MET E 309 37.18 23.38 53.13
CA MET E 309 37.86 24.66 53.40
C MET E 309 36.84 25.59 54.04
N THR E 310 35.59 25.57 53.56
CA THR E 310 34.56 26.47 54.12
C THR E 310 34.28 26.15 55.59
N CYS E 311 34.27 24.87 55.98
CA CYS E 311 34.09 24.54 57.42
C CYS E 311 35.23 25.16 58.23
N ILE E 312 36.46 25.13 57.72
CA ILE E 312 37.63 25.61 58.51
C ILE E 312 37.77 27.13 58.46
N VAL E 313 37.63 27.75 57.30
CA VAL E 313 37.94 29.20 57.18
C VAL E 313 36.70 30.08 57.28
N SER E 314 35.59 29.56 57.79
CA SER E 314 34.40 30.46 57.78
C SER E 314 34.02 31.05 59.14
N ARG E 315 33.25 32.16 59.13
CA ARG E 315 32.74 32.78 60.37
C ARG E 315 31.52 31.98 60.85
N GLN E 316 31.22 32.10 62.13
CA GLN E 316 30.10 31.30 62.68
C GLN E 316 28.89 32.23 62.92
N LEU E 317 27.82 32.07 62.12
CA LEU E 317 26.60 32.93 62.20
C LEU E 317 25.82 32.69 63.50
N CYS E 318 25.95 31.51 64.11
CA CYS E 318 25.23 31.17 65.38
C CYS E 318 26.00 31.71 66.59
N LEU E 319 25.57 31.35 67.81
CA LEU E 319 26.17 31.96 69.04
C LEU E 319 27.69 31.82 68.96
N ARG E 320 28.42 32.92 69.15
CA ARG E 320 29.90 32.91 69.02
C ARG E 320 30.56 32.00 70.08
N PRO E 321 30.28 32.09 71.40
CA PRO E 321 31.00 31.27 72.38
C PRO E 321 30.28 29.93 72.61
N ASP E 322 30.66 29.20 73.66
CA ASP E 322 29.97 27.92 74.03
C ASP E 322 30.27 26.83 73.00
N VAL E 323 29.73 26.94 71.77
CA VAL E 323 29.92 25.80 70.81
C VAL E 323 31.20 26.06 70.04
N ASP E 324 31.92 27.14 70.40
CA ASP E 324 33.23 27.40 69.79
C ASP E 324 34.09 26.19 70.13
N ASN E 325 33.78 25.54 71.26
CA ASN E 325 34.52 24.31 71.63
C ASN E 325 34.27 23.31 70.50
N HIS E 326 33.01 23.16 70.10
CA HIS E 326 32.75 22.29 68.94
C HIS E 326 33.32 22.94 67.68
N TRP E 327 33.27 24.27 67.62
CA TRP E 327 33.72 24.97 66.40
C TRP E 327 35.19 24.60 66.20
N ALA E 328 35.95 24.51 67.29
CA ALA E 328 37.35 24.12 67.17
C ALA E 328 37.38 22.71 66.62
N LEU E 329 36.51 21.84 67.12
CA LEU E 329 36.45 20.47 66.53
C LEU E 329 35.91 20.51 65.08
N ARG E 330 34.96 21.39 64.77
CA ARG E 330 34.51 21.49 63.36
C ARG E 330 35.77 21.83 62.56
N ASP E 331 36.62 22.73 63.09
CA ASP E 331 37.90 23.04 62.41
C ASP E 331 38.92 21.93 62.65
N PHE E 332 38.75 21.11 63.70
CA PHE E 332 39.66 19.95 63.94
C PHE E 332 39.30 18.83 62.96
N ALA E 333 38.00 18.53 62.80
CA ALA E 333 37.60 17.49 61.85
C ALA E 333 37.88 17.91 60.42
N ALA E 334 37.71 19.21 60.13
CA ALA E 334 37.96 19.70 58.79
C ALA E 334 39.45 19.73 58.46
N ARG E 335 40.30 20.07 59.43
CA ARG E 335 41.73 20.07 59.16
C ARG E 335 42.28 18.66 59.07
N LEU E 336 41.68 17.70 59.81
CA LEU E 336 42.05 16.30 59.67
C LEU E 336 41.74 15.79 58.28
N VAL E 337 40.50 16.00 57.81
CA VAL E 337 40.16 15.51 56.48
C VAL E 337 40.87 16.30 55.40
N ALA E 338 41.26 17.55 55.68
CA ALA E 338 42.00 18.35 54.69
C ALA E 338 43.41 17.80 54.49
N GLN E 339 44.11 17.49 55.58
CA GLN E 339 45.44 16.93 55.38
C GLN E 339 45.38 15.48 54.93
N ILE E 340 44.25 14.79 55.15
CA ILE E 340 44.11 13.41 54.59
C ILE E 340 43.89 13.54 53.08
N CYS E 341 43.16 14.57 52.63
CA CYS E 341 42.99 14.80 51.20
C CYS E 341 44.26 15.28 50.53
N LYS E 342 45.13 16.00 51.24
CA LYS E 342 46.41 16.30 50.61
C LYS E 342 47.35 15.12 50.66
N HIS E 343 47.11 14.15 51.55
CA HIS E 343 47.94 12.95 51.57
C HIS E 343 47.61 12.05 50.37
N PHE E 344 46.33 11.82 50.11
CA PHE E 344 45.92 11.10 48.92
C PHE E 344 45.82 12.07 47.75
N SER E 345 45.42 11.55 46.58
CA SER E 345 45.02 12.31 45.40
C SER E 345 46.10 13.24 44.88
N THR E 346 47.37 12.94 45.16
CA THR E 346 48.46 13.90 44.98
C THR E 346 49.10 13.75 43.62
N THR E 347 49.17 14.84 42.87
CA THR E 347 49.89 14.89 41.60
C THR E 347 50.78 16.12 41.71
N THR E 348 51.43 16.58 40.64
CA THR E 348 52.42 17.64 40.77
C THR E 348 51.70 18.99 40.90
N ASN E 349 51.92 19.68 42.02
CA ASN E 349 51.66 21.11 42.19
C ASN E 349 50.21 21.51 41.94
N ASN E 350 49.26 20.65 42.27
CA ASN E 350 47.86 21.00 42.06
C ASN E 350 47.08 21.15 43.35
N ILE E 351 47.12 20.17 44.26
CA ILE E 351 46.17 20.13 45.37
C ILE E 351 46.78 20.68 46.64
N GLN E 352 47.91 20.09 47.07
CA GLN E 352 48.51 20.45 48.35
C GLN E 352 49.06 21.88 48.33
N SER E 353 49.71 22.26 47.23
CA SER E 353 50.29 23.59 47.14
C SER E 353 49.21 24.66 47.00
N ARG E 354 48.05 24.29 46.44
CA ARG E 354 46.93 25.22 46.23
C ARG E 354 46.26 25.54 47.56
N ILE E 355 46.05 24.55 48.41
CA ILE E 355 45.46 24.76 49.72
C ILE E 355 46.49 25.37 50.67
N THR E 356 47.78 25.11 50.45
CA THR E 356 48.82 25.74 51.24
C THR E 356 48.89 27.23 50.93
N LYS E 357 48.76 27.60 49.66
CA LYS E 357 48.79 29.01 49.26
C LYS E 357 47.58 29.76 49.79
N THR E 358 46.40 29.12 49.75
CA THR E 358 45.21 29.77 50.31
C THR E 358 45.29 29.92 51.82
N PHE E 359 45.88 28.93 52.51
CA PHE E 359 46.07 29.04 53.95
C PHE E 359 47.06 30.15 54.31
N THR E 360 48.15 30.27 53.55
CA THR E 360 49.12 31.31 53.84
C THR E 360 48.58 32.70 53.51
N LYS E 361 47.79 32.86 52.45
CA LYS E 361 47.26 34.21 52.22
C LYS E 361 46.07 34.48 53.13
N SER E 362 45.47 33.45 53.73
CA SER E 362 44.56 33.66 54.84
C SER E 362 45.32 34.17 56.07
N TRP E 363 46.53 33.67 56.28
CA TRP E 363 47.30 34.08 57.46
C TRP E 363 47.85 35.49 57.32
N VAL E 364 48.50 35.81 56.20
CA VAL E 364 49.20 37.09 56.05
C VAL E 364 48.25 38.25 55.77
N ASP E 365 46.96 37.92 55.62
CA ASP E 365 45.91 38.95 55.40
C ASP E 365 45.78 39.77 56.68
N GLU E 366 45.79 41.08 56.54
CA GLU E 366 45.68 42.00 57.67
C GLU E 366 44.25 42.09 58.15
N LYS E 367 44.08 41.99 59.48
CA LYS E 367 42.86 42.36 60.18
C LYS E 367 41.71 41.44 59.77
N THR E 368 41.96 40.16 60.04
CA THR E 368 41.13 39.03 59.62
C THR E 368 39.94 38.92 60.58
N PRO E 369 38.89 38.19 60.21
CA PRO E 369 38.01 37.64 61.24
C PRO E 369 38.78 36.60 62.05
N TRP E 370 38.60 36.65 63.37
CA TRP E 370 39.40 35.79 64.24
C TRP E 370 38.94 34.35 64.23
N THR E 371 37.69 34.10 63.83
CA THR E 371 37.23 32.74 63.58
C THR E 371 37.95 32.15 62.36
N THR E 372 37.96 32.91 61.26
CA THR E 372 38.71 32.55 60.07
C THR E 372 40.20 32.41 60.37
N ARG E 373 40.72 33.29 61.22
CA ARG E 373 42.12 33.23 61.63
C ARG E 373 42.45 31.94 62.37
N TYR E 374 41.60 31.58 63.35
CA TYR E 374 41.80 30.37 64.13
C TYR E 374 41.70 29.12 63.27
N GLY E 375 40.71 29.10 62.36
CA GLY E 375 40.54 27.95 61.47
C GLY E 375 41.70 27.78 60.52
N SER E 376 42.18 28.88 59.92
CA SER E 376 43.31 28.80 59.01
C SER E 376 44.59 28.42 59.74
N ILE E 377 44.76 28.89 60.98
CA ILE E 377 45.90 28.52 61.82
C ILE E 377 45.92 27.01 62.07
N ALA E 378 44.76 26.45 62.43
CA ALA E 378 44.64 25.00 62.61
C ALA E 378 44.94 24.24 61.33
N GLY E 379 44.43 24.76 60.20
CA GLY E 379 44.61 24.10 58.92
C GLY E 379 46.07 24.03 58.50
N LEU E 380 46.80 25.13 58.69
CA LEU E 380 48.26 25.16 58.37
C LEU E 380 49.03 24.36 59.43
N ALA E 381 48.46 24.18 60.62
CA ALA E 381 49.16 23.49 61.70
C ALA E 381 49.21 21.98 61.48
N GLU E 382 48.13 21.40 60.95
CA GLU E 382 48.06 19.94 60.84
C GLU E 382 48.65 19.44 59.52
N LEU E 383 49.61 20.14 58.93
CA LEU E 383 50.06 19.70 57.60
C LEU E 383 51.27 18.78 57.65
N GLY E 384 51.85 18.52 58.83
CA GLY E 384 52.87 17.51 58.93
C GLY E 384 54.10 18.03 59.62
N HIS E 385 55.23 17.34 59.37
CA HIS E 385 56.47 17.60 60.10
C HIS E 385 57.16 18.86 59.58
N ASP E 386 57.56 18.85 58.30
CA ASP E 386 58.28 19.95 57.67
C ASP E 386 57.50 21.23 57.46
N VAL E 387 56.18 21.18 57.38
CA VAL E 387 55.42 22.36 57.01
C VAL E 387 55.47 23.40 58.11
N ILE E 388 55.34 22.95 59.36
CA ILE E 388 55.52 23.85 60.49
C ILE E 388 56.99 24.16 60.72
N LYS E 389 57.88 23.29 60.22
CA LYS E 389 59.32 23.55 60.31
C LYS E 389 59.73 24.68 59.39
N THR E 390 59.03 24.88 58.28
CA THR E 390 59.42 25.90 57.31
C THR E 390 58.50 27.11 57.25
N LEU E 391 57.28 27.03 57.81
CA LEU E 391 56.30 28.12 57.62
C LEU E 391 56.02 28.90 58.89
N ILE E 392 55.84 28.22 60.03
CA ILE E 392 55.46 28.95 61.25
C ILE E 392 56.65 29.72 61.83
N LEU E 393 57.86 29.52 61.29
CA LEU E 393 59.07 30.13 61.85
C LEU E 393 59.11 31.66 61.78
N PRO E 394 59.02 32.33 60.63
CA PRO E 394 59.25 33.77 60.63
C PRO E 394 58.06 34.62 61.10
N ARG E 395 57.04 34.06 61.81
CA ARG E 395 55.75 34.79 62.09
C ARG E 395 55.37 34.96 63.59
N LEU E 396 56.25 34.56 64.50
CA LEU E 396 55.92 34.60 65.96
C LEU E 396 55.61 36.03 66.42
N GLN E 397 56.34 37.02 65.91
CA GLN E 397 56.15 38.42 66.35
C GLN E 397 54.73 38.90 66.00
N GLN E 398 54.25 38.60 64.80
CA GLN E 398 52.87 38.98 64.41
C GLN E 398 51.89 38.27 65.35
N GLU E 399 52.12 36.99 65.63
CA GLU E 399 51.13 36.31 66.51
C GLU E 399 51.09 37.03 67.86
N GLY E 400 52.27 37.37 68.40
CA GLY E 400 52.32 38.02 69.73
C GLY E 400 51.63 39.38 69.71
N GLU E 401 51.83 40.15 68.64
CA GLU E 401 51.21 41.50 68.53
C GLU E 401 49.68 41.36 68.50
N ARG E 402 49.17 40.37 67.77
CA ARG E 402 47.70 40.17 67.72
C ARG E 402 47.20 39.86 69.13
N ILE E 403 47.92 38.99 69.84
CA ILE E 403 47.48 38.61 71.22
C ILE E 403 47.47 39.87 72.08
N ARG E 404 48.50 40.71 71.96
CA ARG E 404 48.61 41.94 72.79
C ARG E 404 47.44 42.89 72.50
N SER E 405 47.06 43.05 71.23
CA SER E 405 45.90 43.92 70.88
C SER E 405 44.62 43.36 71.52
N VAL E 406 44.40 42.04 71.41
CA VAL E 406 43.12 41.56 72.01
C VAL E 406 43.18 41.89 73.50
N LEU E 407 44.34 41.66 74.13
CA LEU E 407 44.48 41.87 75.60
C LEU E 407 44.18 43.33 75.96
N ASP E 408 44.78 44.29 75.24
CA ASP E 408 44.65 45.73 75.62
C ASP E 408 43.21 46.22 75.46
N GLY E 409 42.61 46.04 74.28
CA GLY E 409 41.25 46.60 74.09
C GLY E 409 40.28 45.94 75.04
N PRO E 410 39.48 46.72 75.80
CA PRO E 410 38.62 46.17 76.84
C PRO E 410 37.57 45.23 76.24
N VAL E 411 37.05 45.56 75.06
CA VAL E 411 35.97 44.77 74.40
C VAL E 411 36.05 43.28 74.76
N LEU E 412 35.11 42.80 75.58
CA LEU E 412 35.11 41.37 76.01
C LEU E 412 33.88 40.65 75.45
N SER E 413 32.81 41.37 75.09
CA SER E 413 31.60 40.72 74.62
C SER E 413 31.69 40.26 73.17
N ASN E 414 32.77 40.56 72.47
CA ASN E 414 32.96 40.02 71.13
C ASN E 414 33.66 38.67 71.21
N ILE E 415 34.00 38.06 70.06
CA ILE E 415 34.60 36.70 70.13
C ILE E 415 36.12 36.82 69.95
N ASP E 416 36.61 38.06 69.84
CA ASP E 416 38.05 38.25 69.53
C ASP E 416 38.91 37.61 70.62
N ARG E 417 38.58 37.80 71.90
CA ARG E 417 39.44 37.27 72.99
C ARG E 417 39.49 35.74 72.94
N ILE E 418 38.34 35.10 72.72
CA ILE E 418 38.29 33.60 72.67
C ILE E 418 39.13 33.14 71.50
N GLY E 419 38.99 33.82 70.36
CA GLY E 419 39.75 33.39 69.18
C GLY E 419 41.23 33.51 69.47
N ALA E 420 41.62 34.60 70.11
CA ALA E 420 43.06 34.82 70.42
C ALA E 420 43.56 33.73 71.34
N ASP E 421 42.81 33.39 72.39
CA ASP E 421 43.35 32.38 73.33
C ASP E 421 43.51 31.07 72.57
N HIS E 422 42.50 30.69 71.76
CA HIS E 422 42.65 29.36 71.09
C HIS E 422 43.86 29.38 70.15
N VAL E 423 44.01 30.47 69.40
CA VAL E 423 45.13 30.54 68.41
C VAL E 423 46.45 30.44 69.16
N GLN E 424 46.59 31.19 70.26
CA GLN E 424 47.89 31.19 70.97
C GLN E 424 48.15 29.78 71.49
N SER E 425 47.15 29.13 72.07
CA SER E 425 47.45 27.79 72.66
C SER E 425 47.90 26.85 71.52
N LEU E 426 47.19 26.86 70.39
CA LEU E 426 47.55 25.91 69.31
C LEU E 426 48.97 26.21 68.81
N LEU E 427 49.28 27.49 68.60
CA LEU E 427 50.60 27.86 68.05
C LEU E 427 51.69 27.43 69.03
N LEU E 428 51.46 27.65 70.33
CA LEU E 428 52.47 27.28 71.35
C LEU E 428 52.69 25.77 71.36
N LYS E 429 51.61 24.97 71.29
CA LYS E 429 51.88 23.51 71.25
C LYS E 429 52.69 23.17 69.98
N HIS E 430 52.31 23.73 68.83
CA HIS E 430 53.11 23.33 67.64
C HIS E 430 54.58 23.72 67.83
N CYS E 431 54.82 24.93 68.33
CA CYS E 431 56.21 25.43 68.49
C CYS E 431 56.99 24.53 69.44
N ALA E 432 56.35 24.02 70.50
CA ALA E 432 57.01 23.10 71.47
C ALA E 432 57.73 21.92 70.80
N PRO E 433 57.09 20.91 70.15
CA PRO E 433 57.82 19.85 69.42
C PRO E 433 58.66 20.39 68.25
N VAL E 434 58.18 21.36 67.47
CA VAL E 434 59.04 21.96 66.43
C VAL E 434 60.41 22.23 67.06
N LEU E 435 60.41 22.54 68.37
CA LEU E 435 61.67 22.79 69.12
C LEU E 435 62.21 21.46 69.67
N ALA E 436 61.31 20.64 70.23
CA ALA E 436 61.76 19.35 70.81
C ALA E 436 62.39 18.55 69.67
N LYS E 437 61.79 18.61 68.49
CA LYS E 437 62.32 17.90 67.29
C LYS E 437 63.71 18.38 66.82
N LEU E 438 64.01 19.69 66.75
CA LEU E 438 65.34 20.03 66.12
C LEU E 438 66.41 20.71 67.00
N ARG E 439 66.53 20.33 68.27
CA ARG E 439 67.56 20.91 69.13
C ARG E 439 67.57 20.14 70.44
N PRO E 440 68.65 20.26 71.25
CA PRO E 440 68.64 19.62 72.57
C PRO E 440 67.77 20.40 73.54
N PRO E 441 67.37 19.79 74.65
CA PRO E 441 66.54 20.50 75.63
C PRO E 441 67.41 21.25 76.64
N PRO E 442 68.42 21.97 76.18
CA PRO E 442 69.21 22.81 77.08
C PRO E 442 68.71 24.24 77.10
N ASP E 443 68.83 24.85 78.29
CA ASP E 443 68.41 26.23 78.58
C ASP E 443 66.92 26.43 78.26
N ASN E 444 66.09 25.67 78.97
CA ASN E 444 64.65 25.72 78.79
C ASN E 444 63.95 26.71 79.70
N GLN E 445 64.69 27.64 80.30
CA GLN E 445 64.14 28.57 81.28
C GLN E 445 63.84 29.94 80.67
N ASP E 446 64.85 30.58 80.08
CA ASP E 446 64.70 31.95 79.59
C ASP E 446 65.28 32.17 78.20
N ALA E 447 65.71 31.11 77.51
CA ALA E 447 66.17 31.28 76.13
C ALA E 447 65.02 31.56 75.18
N TYR E 448 63.82 31.05 75.49
CA TYR E 448 62.61 31.31 74.70
C TYR E 448 62.15 32.76 74.77
N ARG E 449 62.71 33.56 75.69
CA ARG E 449 62.49 35.00 75.68
C ARG E 449 63.15 35.69 74.47
N ALA E 450 64.05 35.01 73.76
CA ALA E 450 64.49 35.50 72.47
C ALA E 450 63.44 35.32 71.38
N GLU E 451 62.38 34.55 71.64
CA GLU E 451 61.25 34.38 70.74
C GLU E 451 59.98 34.98 71.35
N PHE E 452 60.13 36.19 71.90
CA PHE E 452 59.11 37.04 72.53
C PHE E 452 58.51 36.49 73.81
N GLY E 453 59.00 35.35 74.30
CA GLY E 453 58.58 34.81 75.59
C GLY E 453 57.13 34.38 75.66
N SER E 454 56.63 33.73 74.60
CA SER E 454 55.22 33.36 74.55
C SER E 454 54.94 32.16 75.45
N LEU E 455 55.60 31.04 75.15
CA LEU E 455 55.31 29.80 75.91
C LEU E 455 56.40 29.55 76.95
N GLY E 456 57.66 29.91 76.67
CA GLY E 456 58.73 29.87 77.70
C GLY E 456 58.83 28.58 78.49
N PRO E 457 58.81 28.65 79.84
CA PRO E 457 58.94 27.47 80.69
C PRO E 457 57.80 26.45 80.52
N LEU E 458 56.56 26.90 80.32
CA LEU E 458 55.44 25.98 80.01
C LEU E 458 55.70 25.26 78.69
N LEU E 459 56.25 25.96 77.69
CA LEU E 459 56.65 25.27 76.43
C LEU E 459 57.72 24.24 76.76
N CYS E 460 58.65 24.60 77.64
CA CYS E 460 59.74 23.68 78.04
C CYS E 460 59.12 22.45 78.71
N SER E 461 58.10 22.64 79.56
CA SER E 461 57.42 21.53 80.26
C SER E 461 56.71 20.63 79.23
N GLN E 462 56.09 21.23 78.21
CA GLN E 462 55.45 20.42 77.13
C GLN E 462 56.53 19.60 76.42
N VAL E 463 57.69 20.21 76.16
CA VAL E 463 58.82 19.48 75.49
C VAL E 463 59.25 18.32 76.40
N VAL E 464 59.31 18.55 77.72
CA VAL E 464 59.73 17.51 78.70
C VAL E 464 58.71 16.37 78.69
N LYS E 465 57.41 16.70 78.60
CA LYS E 465 56.34 15.66 78.54
C LYS E 465 56.52 14.85 77.27
N ALA E 466 56.84 15.52 76.15
CA ALA E 466 57.08 14.81 74.87
C ALA E 466 58.29 13.87 75.04
N ARG E 467 59.34 14.34 75.72
CA ARG E 467 60.55 13.52 75.94
C ARG E 467 60.19 12.30 76.80
N ALA E 468 59.33 12.48 77.81
CA ALA E 468 58.88 11.36 78.67
C ALA E 468 58.10 10.35 77.83
N GLN E 469 57.25 10.84 76.91
CA GLN E 469 56.48 9.93 76.02
C GLN E 469 57.47 9.17 75.14
N ALA E 470 58.52 9.84 74.65
CA ALA E 470 59.54 9.17 73.81
C ALA E 470 60.24 8.09 74.63
N ALA E 471 60.56 8.37 75.89
CA ALA E 471 61.22 7.39 76.78
C ALA E 471 60.29 6.19 76.97
N LEU E 472 59.00 6.44 77.15
CA LEU E 472 58.01 5.35 77.33
C LEU E 472 57.99 4.49 76.06
N GLN E 473 58.03 5.13 74.88
CA GLN E 473 58.03 4.37 73.60
C GLN E 473 59.23 3.43 73.55
N PRO F 9 -92.16 12.74 9.46
CA PRO F 9 -90.76 12.37 9.66
C PRO F 9 -90.07 11.99 8.34
N HIS F 10 -88.78 11.70 8.38
CA HIS F 10 -88.05 11.27 7.16
C HIS F 10 -87.52 9.84 7.38
N GLU F 11 -87.71 8.97 6.40
CA GLU F 11 -87.17 7.59 6.52
C GLU F 11 -86.02 7.44 5.51
N LEU F 12 -84.86 6.96 5.97
CA LEU F 12 -83.69 6.84 5.08
C LEU F 12 -84.06 5.90 3.93
N GLU F 13 -83.72 6.28 2.71
CA GLU F 13 -84.10 5.46 1.53
C GLU F 13 -83.28 4.18 1.54
N SER F 14 -83.83 3.10 1.00
CA SER F 14 -83.12 1.83 1.04
C SER F 14 -82.77 1.43 -0.38
N GLN F 15 -81.52 1.62 -0.77
CA GLN F 15 -81.05 1.27 -2.09
C GLN F 15 -80.35 -0.08 -2.07
N PHE F 16 -80.59 -0.89 -3.08
CA PHE F 16 -79.85 -2.13 -3.26
C PHE F 16 -79.49 -2.26 -4.72
N ILE F 17 -78.69 -3.28 -5.04
CA ILE F 17 -78.21 -3.49 -6.41
C ILE F 17 -78.98 -4.66 -7.00
N LEU F 18 -79.43 -4.54 -8.24
CA LEU F 18 -80.09 -5.64 -8.93
C LEU F 18 -79.19 -6.17 -10.03
N ARG F 19 -78.83 -7.44 -9.95
CA ARG F 19 -78.02 -8.10 -10.97
C ARG F 19 -78.89 -9.04 -11.77
N LEU F 20 -78.85 -8.89 -13.08
CA LEU F 20 -79.69 -9.62 -14.01
C LEU F 20 -78.82 -10.49 -14.92
N PRO F 21 -79.41 -11.51 -15.56
CA PRO F 21 -78.69 -12.22 -16.59
C PRO F 21 -78.37 -11.29 -17.74
N PRO F 22 -77.28 -11.56 -18.50
CA PRO F 22 -76.71 -10.52 -19.38
C PRO F 22 -77.59 -10.08 -20.54
N GLU F 23 -78.35 -11.00 -21.14
CA GLU F 23 -79.30 -10.61 -22.18
C GLU F 23 -80.46 -9.81 -21.59
N TYR F 24 -80.99 -10.26 -20.45
CA TYR F 24 -82.03 -9.51 -19.76
C TYR F 24 -81.51 -8.21 -19.21
N ALA F 25 -80.23 -8.16 -18.83
CA ALA F 25 -79.63 -6.91 -18.41
C ALA F 25 -79.53 -5.93 -19.56
N SER F 26 -79.27 -6.44 -20.77
CA SER F 26 -79.19 -5.55 -21.92
C SER F 26 -80.56 -5.00 -22.30
N THR F 27 -81.60 -5.82 -22.20
CA THR F 27 -82.95 -5.32 -22.49
C THR F 27 -83.41 -4.31 -21.44
N VAL F 28 -83.13 -4.57 -20.16
CA VAL F 28 -83.48 -3.63 -19.10
C VAL F 28 -82.67 -2.34 -19.22
N ARG F 29 -81.41 -2.43 -19.64
CA ARG F 29 -80.59 -1.23 -19.80
C ARG F 29 -81.08 -0.37 -20.94
N ARG F 30 -81.45 -0.99 -22.07
CA ARG F 30 -82.01 -0.27 -23.20
C ARG F 30 -83.33 0.39 -22.83
N ALA F 31 -84.17 -0.30 -22.05
CA ALA F 31 -85.44 0.29 -21.65
C ALA F 31 -85.28 1.38 -20.62
N VAL F 32 -84.24 1.31 -19.78
CA VAL F 32 -84.00 2.38 -18.80
C VAL F 32 -83.47 3.63 -19.50
N GLN F 33 -82.49 3.46 -20.39
CA GLN F 33 -81.93 4.59 -21.11
C GLN F 33 -82.90 5.18 -22.13
N SER F 34 -83.92 4.42 -22.55
CA SER F 34 -84.97 5.02 -23.37
C SER F 34 -85.79 6.01 -22.57
N GLY F 35 -86.34 5.60 -21.44
CA GLY F 35 -86.93 6.51 -20.49
C GLY F 35 -88.45 6.56 -20.46
N HIS F 36 -89.12 5.80 -21.31
CA HIS F 36 -90.61 5.77 -21.33
C HIS F 36 -91.14 5.02 -20.10
N VAL F 37 -92.45 5.11 -19.85
CA VAL F 37 -93.07 4.36 -18.71
C VAL F 37 -93.39 2.94 -19.20
N ASN F 38 -93.05 2.64 -20.45
CA ASN F 38 -93.24 1.27 -20.99
C ASN F 38 -92.40 0.32 -20.13
N LEU F 39 -91.23 0.77 -19.70
CA LEU F 39 -90.34 -0.05 -18.84
C LEU F 39 -91.09 -0.41 -17.55
N LYS F 40 -91.91 0.51 -17.03
CA LYS F 40 -92.58 0.25 -15.73
C LYS F 40 -93.41 -1.03 -15.83
N ASP F 41 -94.19 -1.18 -16.89
CA ASP F 41 -94.99 -2.41 -17.09
C ASP F 41 -94.06 -3.62 -17.30
N ARG F 42 -92.97 -3.43 -18.05
CA ARG F 42 -92.07 -4.56 -18.41
C ARG F 42 -91.32 -5.12 -17.20
N LEU F 43 -90.85 -4.26 -16.28
CA LEU F 43 -90.01 -4.74 -15.19
C LEU F 43 -90.76 -4.68 -13.87
N THR F 44 -90.97 -5.85 -13.24
CA THR F 44 -91.58 -5.92 -11.93
C THR F 44 -90.69 -6.73 -10.99
N ILE F 45 -90.91 -6.55 -9.69
CA ILE F 45 -90.12 -7.20 -8.64
C ILE F 45 -91.08 -7.70 -7.56
N GLU F 46 -91.09 -9.01 -7.34
CA GLU F 46 -91.92 -9.61 -6.27
C GLU F 46 -90.99 -10.23 -5.23
N LEU F 47 -91.03 -9.74 -4.00
CA LEU F 47 -90.18 -10.24 -2.92
C LEU F 47 -91.00 -11.14 -2.02
N HIS F 48 -90.53 -12.37 -1.83
CA HIS F 48 -91.28 -13.39 -1.11
C HIS F 48 -91.17 -13.18 0.40
N PRO F 49 -92.11 -13.70 1.19
CA PRO F 49 -92.05 -13.50 2.65
C PRO F 49 -90.94 -14.26 3.34
N ASP F 50 -90.13 -15.05 2.64
CA ASP F 50 -88.85 -15.50 3.17
C ASP F 50 -87.97 -14.30 3.49
N GLY F 51 -87.98 -13.30 2.61
CA GLY F 51 -87.11 -12.16 2.74
C GLY F 51 -85.83 -12.27 1.93
N ARG F 52 -85.45 -13.48 1.55
CA ARG F 52 -84.24 -13.71 0.77
C ARG F 52 -84.55 -14.44 -0.54
N HIS F 53 -85.75 -14.28 -1.07
CA HIS F 53 -86.13 -14.95 -2.30
C HIS F 53 -87.07 -14.05 -3.07
N GLY F 54 -87.00 -14.11 -4.40
CA GLY F 54 -87.88 -13.26 -5.16
C GLY F 54 -88.04 -13.73 -6.59
N ILE F 55 -88.89 -13.02 -7.33
CA ILE F 55 -88.95 -13.08 -8.77
C ILE F 55 -88.69 -11.67 -9.29
N VAL F 56 -87.80 -11.54 -10.26
CA VAL F 56 -87.78 -10.35 -11.09
C VAL F 56 -88.34 -10.73 -12.44
N ARG F 57 -89.36 -9.98 -12.89
CA ARG F 57 -90.03 -10.35 -14.16
C ARG F 57 -89.62 -9.33 -15.22
N VAL F 58 -88.80 -9.74 -16.17
CA VAL F 58 -88.35 -8.84 -17.26
C VAL F 58 -89.19 -9.15 -18.50
N ASP F 59 -89.96 -8.18 -19.00
CA ASP F 59 -90.87 -8.43 -20.16
C ASP F 59 -91.81 -9.58 -19.83
N ARG F 60 -92.28 -9.65 -18.58
CA ARG F 60 -93.23 -10.70 -18.15
C ARG F 60 -92.58 -12.09 -18.20
N VAL F 61 -91.25 -12.15 -18.17
CA VAL F 61 -90.56 -13.48 -18.10
C VAL F 61 -90.00 -13.63 -16.68
N PRO F 62 -90.47 -14.60 -15.89
CA PRO F 62 -90.02 -14.75 -14.49
C PRO F 62 -88.57 -15.21 -14.35
N LEU F 63 -87.82 -14.60 -13.43
CA LEU F 63 -86.41 -15.01 -13.16
C LEU F 63 -86.31 -15.25 -11.66
N ALA F 64 -85.49 -16.21 -11.21
CA ALA F 64 -85.46 -16.53 -9.79
C ALA F 64 -84.40 -15.71 -9.09
N SER F 65 -84.74 -15.14 -7.95
CA SER F 65 -83.87 -14.15 -7.33
C SER F 65 -83.55 -14.53 -5.89
N LYS F 66 -82.39 -14.06 -5.46
CA LYS F 66 -81.95 -14.23 -4.08
C LYS F 66 -81.36 -12.91 -3.62
N LEU F 67 -81.79 -12.44 -2.45
CA LEU F 67 -81.23 -11.23 -1.87
C LEU F 67 -80.06 -11.62 -0.97
N VAL F 68 -78.86 -11.24 -1.38
CA VAL F 68 -77.63 -11.67 -0.73
C VAL F 68 -76.96 -10.48 -0.07
N ASP F 69 -76.09 -10.78 0.89
CA ASP F 69 -75.35 -9.79 1.65
C ASP F 69 -73.97 -9.62 1.04
N LEU F 70 -73.58 -8.43 0.83
CA LEU F 70 -72.33 -8.12 0.17
C LEU F 70 -71.21 -7.97 1.19
N PRO F 71 -69.99 -8.38 0.84
CA PRO F 71 -68.92 -8.42 1.86
C PRO F 71 -68.38 -7.07 2.24
N CYS F 72 -68.30 -6.14 1.30
CA CYS F 72 -67.89 -4.77 1.56
C CYS F 72 -69.14 -3.92 1.79
N VAL F 73 -68.92 -2.64 2.07
CA VAL F 73 -69.99 -1.68 2.22
C VAL F 73 -69.86 -0.63 1.13
N MET F 74 -70.91 -0.47 0.33
CA MET F 74 -70.91 0.58 -0.67
C MET F 74 -71.74 1.76 -0.20
N GLU F 75 -71.47 2.91 -0.78
CA GLU F 75 -72.21 4.13 -0.39
C GLU F 75 -72.51 4.93 -1.65
N SER F 76 -73.78 5.29 -1.87
CA SER F 76 -74.13 6.12 -3.00
C SER F 76 -73.82 7.57 -2.69
N LEU F 77 -73.20 8.25 -3.63
CA LEU F 77 -72.71 9.60 -3.44
C LEU F 77 -73.18 10.46 -4.59
N LYS F 78 -74.05 11.41 -4.30
CA LYS F 78 -74.59 12.29 -5.33
C LYS F 78 -73.81 13.59 -5.39
N THR F 79 -73.89 14.26 -6.54
CA THR F 79 -73.16 15.51 -6.71
C THR F 79 -73.92 16.40 -7.67
N ILE F 80 -73.64 17.70 -7.56
CA ILE F 80 -74.21 18.69 -8.45
C ILE F 80 -73.14 19.35 -9.31
N ASP F 81 -71.89 19.42 -8.83
CA ASP F 81 -70.80 20.06 -9.52
C ASP F 81 -69.64 19.13 -9.86
N LYS F 82 -69.73 17.85 -9.48
CA LYS F 82 -68.68 16.83 -9.63
C LYS F 82 -67.39 17.19 -8.91
N LYS F 83 -67.45 18.00 -7.86
CA LYS F 83 -66.31 18.27 -7.02
C LYS F 83 -66.57 17.95 -5.55
N THR F 84 -67.79 18.16 -5.07
CA THR F 84 -68.19 17.79 -3.72
C THR F 84 -69.32 16.77 -3.82
N PHE F 85 -69.20 15.69 -3.05
CA PHE F 85 -70.07 14.54 -3.15
C PHE F 85 -70.74 14.30 -1.80
N TYR F 86 -72.04 14.11 -1.81
CA TYR F 86 -72.83 13.96 -0.59
C TYR F 86 -73.33 12.53 -0.51
N LYS F 87 -73.09 11.89 0.63
CA LYS F 87 -73.49 10.50 0.80
C LYS F 87 -75.00 10.41 0.95
N THR F 88 -75.63 9.55 0.15
CA THR F 88 -77.09 9.44 0.15
C THR F 88 -77.60 8.19 0.84
N ALA F 89 -76.90 7.06 0.69
CA ALA F 89 -77.34 5.81 1.31
C ALA F 89 -76.17 4.85 1.39
N ASP F 90 -76.38 3.79 2.17
CA ASP F 90 -75.46 2.66 2.30
C ASP F 90 -76.08 1.45 1.62
N ILE F 91 -75.31 0.82 0.74
CA ILE F 91 -75.72 -0.38 0.02
C ILE F 91 -74.95 -1.55 0.58
N CYS F 92 -75.68 -2.60 0.95
CA CYS F 92 -75.08 -3.83 1.43
C CYS F 92 -75.75 -5.07 0.88
N GLN F 93 -76.73 -4.93 -0.02
CA GLN F 93 -77.50 -6.08 -0.46
C GLN F 93 -77.70 -6.05 -1.97
N MET F 94 -77.77 -7.25 -2.52
CA MET F 94 -77.89 -7.40 -3.97
C MET F 94 -78.92 -8.46 -4.29
N LEU F 95 -79.82 -8.16 -5.23
CA LEU F 95 -80.88 -9.12 -5.64
C LEU F 95 -80.43 -9.84 -6.91
N VAL F 96 -79.47 -10.76 -6.78
CA VAL F 96 -78.95 -11.50 -7.96
C VAL F 96 -80.09 -12.33 -8.53
N SER F 97 -80.22 -12.37 -9.86
CA SER F 97 -81.32 -13.10 -10.51
C SER F 97 -80.75 -14.04 -11.57
N THR F 98 -81.43 -15.16 -11.83
CA THR F 98 -80.98 -16.12 -12.87
C THR F 98 -82.19 -16.90 -13.39
N GLU F 127 -78.42 -16.85 5.95
CA GLU F 127 -77.74 -18.17 5.93
C GLU F 127 -76.45 -18.07 5.11
N LYS F 128 -75.72 -19.18 4.99
CA LYS F 128 -74.45 -19.20 4.22
C LYS F 128 -74.75 -18.89 2.75
N LYS F 129 -75.85 -19.44 2.22
CA LYS F 129 -76.21 -19.22 0.80
C LYS F 129 -76.53 -17.75 0.53
N PHE F 130 -77.02 -17.02 1.53
CA PHE F 130 -77.43 -15.60 1.33
C PHE F 130 -76.25 -14.67 1.57
N ILE F 131 -75.05 -15.22 1.73
CA ILE F 131 -73.83 -14.36 1.88
C ILE F 131 -73.03 -14.43 0.58
N TRP F 132 -72.73 -13.28 -0.02
CA TRP F 132 -71.93 -13.23 -1.28
C TRP F 132 -70.46 -13.05 -0.92
N ASN F 133 -69.57 -13.87 -1.48
CA ASN F 133 -68.16 -13.80 -1.10
C ASN F 133 -67.41 -12.72 -1.87
N HIS F 134 -67.80 -12.48 -3.12
CA HIS F 134 -67.09 -11.53 -3.98
C HIS F 134 -67.66 -10.14 -3.84
N GLY F 135 -66.86 -9.15 -4.23
CA GLY F 135 -67.31 -7.77 -4.27
C GLY F 135 -67.71 -7.39 -5.68
N ILE F 136 -68.32 -6.20 -5.85
CA ILE F 136 -68.88 -5.84 -7.15
C ILE F 136 -67.77 -5.51 -8.14
N THR F 137 -66.76 -4.77 -7.72
CA THR F 137 -65.68 -4.39 -8.62
C THR F 137 -64.79 -5.59 -8.96
N LEU F 138 -64.10 -5.46 -10.08
CA LEU F 138 -63.13 -6.46 -10.51
C LEU F 138 -61.96 -6.72 -9.54
N PRO F 139 -61.32 -5.72 -8.88
CA PRO F 139 -60.23 -6.07 -7.96
C PRO F 139 -60.68 -6.82 -6.74
N LEU F 140 -61.93 -6.62 -6.34
CA LEU F 140 -62.49 -7.26 -5.17
C LEU F 140 -63.20 -8.53 -5.63
N LYS F 141 -62.48 -9.65 -5.59
CA LYS F 141 -63.01 -10.95 -5.91
C LYS F 141 -62.43 -11.90 -4.88
N ASN F 142 -63.29 -12.72 -4.26
CA ASN F 142 -62.83 -13.58 -3.14
C ASN F 142 -62.34 -12.66 -2.01
N VAL F 143 -62.96 -11.50 -1.84
CA VAL F 143 -62.55 -10.52 -0.78
C VAL F 143 -62.77 -11.14 0.58
N ARG F 144 -63.94 -11.77 0.78
CA ARG F 144 -64.26 -12.31 2.12
C ARG F 144 -63.22 -13.35 2.50
N LYS F 145 -62.88 -14.24 1.57
CA LYS F 145 -61.86 -15.28 1.83
C LYS F 145 -60.44 -14.74 1.92
N ARG F 146 -60.01 -13.84 1.02
CA ARG F 146 -58.57 -13.44 1.00
C ARG F 146 -58.30 -12.03 1.56
N ARG F 147 -59.03 -11.01 1.14
CA ARG F 147 -58.69 -9.63 1.56
C ARG F 147 -59.41 -9.24 2.85
N PHE F 148 -60.05 -10.19 3.55
CA PHE F 148 -60.68 -9.82 4.84
C PHE F 148 -59.96 -10.47 6.02
N ARG F 149 -59.51 -9.66 6.98
CA ARG F 149 -58.85 -10.19 8.21
C ARG F 149 -59.92 -10.83 9.08
N LYS F 150 -59.68 -12.06 9.54
CA LYS F 150 -60.74 -12.79 10.30
C LYS F 150 -60.31 -12.90 11.77
N THR F 151 -61.14 -12.39 12.69
CA THR F 151 -60.84 -12.52 14.14
C THR F 151 -62.00 -13.27 14.81
N ALA F 152 -61.71 -14.36 15.51
CA ALA F 152 -62.77 -15.17 16.16
C ALA F 152 -62.33 -15.63 17.54
N LYS F 153 -63.29 -15.95 18.42
CA LYS F 153 -62.96 -16.43 19.79
C LYS F 153 -62.60 -17.91 19.73
N ASP F 161 -76.46 -15.55 16.03
CA ASP F 161 -76.81 -16.99 15.86
C ASP F 161 -76.35 -17.77 17.10
N VAL F 162 -75.05 -17.82 17.35
CA VAL F 162 -74.50 -18.56 18.53
C VAL F 162 -75.04 -17.92 19.80
N GLU F 163 -75.09 -16.58 19.86
CA GLU F 163 -75.60 -15.87 21.06
C GLU F 163 -77.08 -16.23 21.25
N LYS F 164 -77.85 -16.27 20.16
CA LYS F 164 -79.29 -16.62 20.24
C LYS F 164 -79.44 -18.05 20.76
N GLU F 165 -78.59 -18.97 20.28
CA GLU F 165 -78.64 -20.39 20.75
C GLU F 165 -78.33 -20.43 22.25
N VAL F 166 -77.35 -19.65 22.70
CA VAL F 166 -76.99 -19.60 24.15
C VAL F 166 -78.19 -19.07 24.94
N LYS F 167 -78.87 -18.04 24.43
CA LYS F 167 -80.07 -17.47 25.11
C LYS F 167 -81.16 -18.55 25.21
N ARG F 168 -81.36 -19.32 24.13
CA ARG F 168 -82.38 -20.41 24.14
C ARG F 168 -81.99 -21.44 25.20
N LEU F 169 -80.70 -21.77 25.29
CA LEU F 169 -80.22 -22.77 26.29
C LEU F 169 -80.49 -22.24 27.70
N LEU F 170 -80.23 -20.95 27.93
CA LEU F 170 -80.46 -20.33 29.26
C LEU F 170 -81.96 -20.39 29.59
N SER F 171 -82.81 -20.12 28.60
CA SER F 171 -84.28 -20.17 28.80
C SER F 171 -84.70 -21.60 29.17
N THR F 172 -84.14 -22.60 28.49
CA THR F 172 -84.46 -24.01 28.81
C THR F 172 -84.00 -24.33 30.24
N ASP F 173 -82.82 -23.85 30.64
CA ASP F 173 -82.32 -24.10 32.02
C ASP F 173 -83.28 -23.46 33.02
N ALA F 174 -83.77 -22.25 32.72
CA ALA F 174 -84.72 -21.57 33.63
C ALA F 174 -86.03 -22.36 33.73
N GLU F 175 -86.54 -22.88 32.61
CA GLU F 175 -87.85 -23.59 32.64
C GLU F 175 -87.69 -24.95 33.32
N ALA F 176 -86.44 -25.33 33.63
CA ALA F 176 -86.17 -26.66 34.19
C ALA F 176 -86.27 -26.63 35.71
N VAL F 177 -85.78 -27.71 36.34
CA VAL F 177 -85.77 -27.79 37.83
C VAL F 177 -84.32 -28.04 38.28
N SER F 178 -83.69 -29.10 37.77
CA SER F 178 -82.29 -29.44 38.16
C SER F 178 -81.39 -29.45 36.93
N THR F 179 -80.23 -28.77 36.99
CA THR F 179 -79.28 -28.73 35.85
C THR F 179 -77.94 -29.35 36.26
N ARG F 180 -77.44 -30.32 35.48
CA ARG F 180 -76.13 -30.96 35.77
C ARG F 180 -75.16 -30.68 34.61
N TRP F 181 -73.96 -30.19 34.91
CA TRP F 181 -73.00 -29.82 33.82
C TRP F 181 -71.61 -30.40 34.07
N GLU F 182 -70.93 -30.86 33.01
CA GLU F 182 -69.50 -31.25 33.15
C GLU F 182 -68.77 -30.96 31.83
N ILE F 183 -67.60 -30.31 31.87
CA ILE F 183 -66.80 -30.16 30.61
C ILE F 183 -66.37 -31.59 30.31
N ILE F 184 -66.49 -32.04 29.06
CA ILE F 184 -66.25 -33.47 28.89
C ILE F 184 -64.94 -33.81 28.16
N ALA F 185 -64.71 -35.10 27.91
CA ALA F 185 -63.64 -35.53 27.03
C ALA F 185 -64.23 -36.32 25.86
N GLU F 186 -63.39 -37.07 25.15
CA GLU F 186 -63.85 -37.87 24.02
C GLU F 186 -64.83 -38.96 24.45
N ASP F 187 -66.04 -38.92 23.91
CA ASP F 187 -67.08 -39.89 24.25
C ASP F 187 -68.17 -39.92 23.18
N ASN G 24 51.34 -11.87 58.84
CA ASN G 24 51.64 -11.50 60.25
C ASN G 24 51.02 -12.52 61.18
N PRO G 25 49.69 -12.74 61.26
CA PRO G 25 49.12 -13.68 62.23
C PRO G 25 49.54 -15.15 62.11
N ALA G 26 49.71 -15.68 60.90
CA ALA G 26 50.14 -17.08 60.70
C ALA G 26 51.58 -17.22 61.18
N ASP G 27 52.42 -16.20 60.95
CA ASP G 27 53.82 -16.19 61.40
C ASP G 27 53.70 -16.17 62.89
N ASN G 28 52.81 -15.36 63.46
CA ASN G 28 52.66 -15.18 64.91
C ASN G 28 52.20 -16.45 65.60
N TYR G 29 51.31 -17.21 64.95
CA TYR G 29 50.84 -18.51 65.48
C TYR G 29 52.05 -19.38 65.83
N HIS G 30 52.98 -19.51 64.88
CA HIS G 30 54.20 -20.33 65.12
C HIS G 30 55.21 -19.57 65.99
N LEU G 31 55.38 -18.28 65.74
CA LEU G 31 56.43 -17.48 66.39
C LEU G 31 56.14 -17.26 67.87
N ALA G 32 54.91 -17.09 68.28
CA ALA G 32 54.65 -16.82 69.68
C ALA G 32 55.19 -18.05 70.36
N ARG G 33 54.81 -19.24 69.91
CA ARG G 33 55.30 -20.44 70.62
C ARG G 33 56.81 -20.69 70.43
N ARG G 34 57.45 -20.17 69.37
CA ARG G 34 58.92 -20.33 69.27
C ARG G 34 59.67 -19.31 70.09
N ARG G 35 59.15 -18.08 70.14
CA ARG G 35 59.81 -16.97 70.88
C ARG G 35 59.73 -17.27 72.36
N THR G 36 58.62 -17.84 72.85
CA THR G 36 58.62 -18.23 74.27
C THR G 36 59.72 -19.30 74.42
N LEU G 37 59.84 -20.23 73.47
CA LEU G 37 60.89 -21.26 73.68
C LEU G 37 62.28 -20.61 73.72
N GLN G 38 62.53 -19.61 72.87
CA GLN G 38 63.82 -18.89 72.86
C GLN G 38 64.07 -18.16 74.17
N VAL G 39 63.07 -17.52 74.74
CA VAL G 39 63.23 -16.81 76.03
C VAL G 39 63.53 -17.83 77.10
N VAL G 40 62.88 -18.99 77.06
CA VAL G 40 63.17 -20.06 78.05
C VAL G 40 64.63 -20.44 77.90
N VAL G 41 65.10 -20.60 76.66
CA VAL G 41 66.51 -21.00 76.46
C VAL G 41 67.42 -19.91 77.00
N SER G 42 67.14 -18.65 76.72
CA SER G 42 68.01 -17.54 77.15
C SER G 42 68.06 -17.54 78.66
N SER G 43 66.94 -17.74 79.34
CA SER G 43 66.87 -17.77 80.82
C SER G 43 67.67 -18.94 81.40
N LEU G 44 67.56 -20.13 80.84
CA LEU G 44 68.40 -21.25 81.33
C LEU G 44 69.89 -20.97 81.11
N LEU G 45 70.23 -20.36 79.98
CA LEU G 45 71.65 -19.98 79.71
C LEU G 45 72.12 -18.97 80.75
N THR G 46 71.31 -17.99 81.09
CA THR G 46 71.69 -16.99 82.11
C THR G 46 71.89 -17.69 83.44
N GLU G 47 71.01 -18.65 83.77
CA GLU G 47 71.11 -19.32 85.09
C GLU G 47 72.44 -20.07 85.11
N ALA G 48 72.81 -20.68 84.00
CA ALA G 48 74.12 -21.36 83.92
C ALA G 48 75.27 -20.41 84.24
N GLY G 49 75.31 -19.21 83.66
CA GLY G 49 76.42 -18.27 83.82
C GLY G 49 76.72 -17.52 82.55
N PHE G 50 76.05 -17.87 81.47
CA PHE G 50 76.35 -17.22 80.18
C PHE G 50 75.63 -15.89 80.09
N GLU G 51 76.32 -14.83 79.75
CA GLU G 51 75.68 -13.51 79.49
C GLU G 51 76.11 -13.20 78.08
N SER G 52 75.20 -12.89 77.17
CA SER G 52 75.56 -12.67 75.76
C SER G 52 76.07 -13.95 75.11
N ALA G 53 75.20 -14.67 74.42
CA ALA G 53 75.54 -15.85 73.65
C ALA G 53 75.55 -15.55 72.15
N GLU G 54 76.18 -16.45 71.40
CA GLU G 54 76.16 -16.38 69.94
C GLU G 54 74.74 -16.63 69.43
N LYS G 55 74.42 -16.02 68.29
CA LYS G 55 73.04 -16.08 67.80
C LYS G 55 72.69 -17.47 67.27
N ALA G 56 73.61 -18.10 66.53
CA ALA G 56 73.35 -19.43 66.01
C ALA G 56 73.31 -20.50 67.10
N SER G 57 73.93 -20.22 68.25
CA SER G 57 73.90 -21.15 69.37
C SER G 57 72.60 -21.08 70.16
N VAL G 58 71.82 -20.00 70.01
CA VAL G 58 70.53 -19.92 70.67
C VAL G 58 69.44 -20.58 69.82
N GLU G 59 69.41 -20.32 68.51
CA GLU G 59 68.49 -21.04 67.64
C GLU G 59 68.84 -22.51 67.48
N THR G 60 70.06 -22.93 67.80
CA THR G 60 70.35 -24.35 67.88
C THR G 60 69.68 -24.96 69.10
N LEU G 61 69.87 -24.34 70.28
CA LEU G 61 69.41 -24.93 71.53
C LEU G 61 67.90 -24.86 71.68
N THR G 62 67.24 -23.84 71.10
CA THR G 62 65.79 -23.81 71.14
C THR G 62 65.17 -24.69 70.07
N GLU G 63 65.96 -25.19 69.13
CA GLU G 63 65.49 -26.21 68.20
C GLU G 63 65.59 -27.60 68.83
N MET G 64 66.60 -27.82 69.67
CA MET G 64 66.66 -29.04 70.45
C MET G 64 65.63 -29.06 71.58
N LEU G 65 65.14 -27.89 72.00
CA LEU G 65 64.12 -27.84 73.03
C LEU G 65 62.74 -28.15 72.46
N GLN G 66 62.43 -27.60 71.28
CA GLN G 66 61.16 -27.90 70.63
C GLN G 66 61.10 -29.35 70.18
N SER G 67 62.22 -29.88 69.68
CA SER G 67 62.28 -31.28 69.29
C SER G 67 62.24 -32.23 70.49
N TYR G 68 62.53 -31.74 71.69
CA TYR G 68 62.45 -32.57 72.88
C TYR G 68 61.05 -32.63 73.45
N ILE G 69 60.31 -31.52 73.43
CA ILE G 69 58.91 -31.54 73.87
C ILE G 69 58.07 -32.32 72.87
N SER G 70 58.38 -32.21 71.58
CA SER G 70 57.66 -32.95 70.55
C SER G 70 57.99 -34.43 70.54
N GLU G 71 59.05 -34.86 71.23
CA GLU G 71 59.41 -36.26 71.27
C GLU G 71 58.82 -36.98 72.48
N ILE G 72 58.65 -36.28 73.60
CA ILE G 72 57.85 -36.84 74.69
C ILE G 72 56.36 -36.76 74.35
N GLY G 73 55.97 -35.89 73.42
CA GLY G 73 54.60 -35.88 72.96
C GLY G 73 54.26 -37.11 72.13
N ARG G 74 55.15 -37.48 71.21
CA ARG G 74 54.88 -38.58 70.31
C ARG G 74 55.13 -39.93 70.97
N SER G 75 56.05 -40.01 71.93
CA SER G 75 56.42 -41.30 72.49
C SER G 75 55.60 -41.68 73.71
N ALA G 76 55.19 -40.72 74.53
CA ALA G 76 54.33 -41.06 75.66
C ALA G 76 52.90 -41.27 75.21
N LYS G 77 52.50 -40.68 74.09
CA LYS G 77 51.23 -41.04 73.46
C LYS G 77 51.30 -42.44 72.87
N SER G 78 52.47 -42.82 72.35
CA SER G 78 52.62 -44.16 71.78
C SER G 78 52.67 -45.22 72.86
N TYR G 79 53.23 -44.91 74.02
CA TYR G 79 53.32 -45.89 75.09
C TYR G 79 51.97 -46.11 75.78
N CYS G 80 51.14 -45.07 75.86
CA CYS G 80 49.83 -45.24 76.47
C CYS G 80 48.86 -45.92 75.51
N GLU G 81 48.89 -45.54 74.23
CA GLU G 81 48.02 -46.16 73.24
C GLU G 81 48.41 -47.59 72.93
N HIS G 82 49.65 -47.98 73.19
CA HIS G 82 50.02 -49.39 73.14
C HIS G 82 49.32 -50.18 74.24
N THR G 83 49.06 -49.53 75.39
CA THR G 83 48.32 -50.12 76.49
C THR G 83 46.84 -49.78 76.43
N ALA G 84 46.31 -49.51 75.23
CA ALA G 84 44.89 -49.32 74.92
C ALA G 84 44.27 -48.10 75.59
N ARG G 85 45.07 -47.14 76.04
CA ARG G 85 44.56 -45.94 76.67
C ARG G 85 44.70 -44.75 75.72
N THR G 86 44.08 -43.62 76.11
CA THR G 86 44.11 -42.42 75.29
C THR G 86 44.82 -41.24 75.93
N GLN G 87 44.83 -41.14 77.26
CA GLN G 87 45.60 -40.06 77.84
C GLN G 87 46.68 -40.63 78.77
N PRO G 88 47.90 -40.07 78.72
CA PRO G 88 49.02 -40.70 79.42
C PRO G 88 49.12 -40.34 80.89
N THR G 89 49.45 -41.34 81.68
CA THR G 89 49.62 -41.20 83.12
C THR G 89 51.08 -40.88 83.43
N LEU G 90 51.45 -40.97 84.71
CA LEU G 90 52.83 -40.78 85.09
C LEU G 90 53.70 -41.97 84.69
N SER G 91 53.13 -43.18 84.72
CA SER G 91 53.90 -44.38 84.40
C SER G 91 54.23 -44.50 82.92
N ASP G 92 53.60 -43.70 82.07
CA ASP G 92 53.90 -43.68 80.65
C ASP G 92 54.99 -42.69 80.29
N ILE G 93 55.30 -41.74 81.17
CA ILE G 93 56.31 -40.74 80.90
C ILE G 93 57.62 -41.15 81.55
N VAL G 94 57.54 -41.80 82.70
CA VAL G 94 58.75 -42.34 83.33
C VAL G 94 59.28 -43.57 82.63
N VAL G 95 58.53 -44.14 81.69
CA VAL G 95 59.09 -45.09 80.75
C VAL G 95 59.49 -44.40 79.44
N THR G 96 58.85 -43.29 79.09
CA THR G 96 59.26 -42.49 77.94
C THR G 96 60.59 -41.81 78.16
N LEU G 97 60.79 -41.26 79.36
CA LEU G 97 62.04 -40.56 79.66
C LEU G 97 63.19 -41.55 79.87
N VAL G 98 62.88 -42.76 80.32
CA VAL G 98 63.90 -43.82 80.40
C VAL G 98 64.37 -44.20 79.00
N GLU G 99 63.46 -44.29 78.04
CA GLU G 99 63.84 -44.62 76.67
C GLU G 99 64.52 -43.47 75.94
N MET G 100 64.61 -42.30 76.55
CA MET G 100 65.46 -41.21 76.05
C MET G 100 66.70 -41.00 76.88
N GLY G 101 66.91 -41.81 77.92
CA GLY G 101 68.09 -41.69 78.75
C GLY G 101 68.12 -40.43 79.58
N PHE G 102 67.22 -40.30 80.55
CA PHE G 102 67.07 -39.07 81.29
C PHE G 102 67.53 -39.12 82.74
N ASN G 103 67.46 -40.29 83.39
CA ASN G 103 67.73 -40.47 84.83
C ASN G 103 66.79 -39.58 85.65
N VAL G 104 65.52 -39.96 85.61
CA VAL G 104 64.37 -39.22 86.12
C VAL G 104 64.50 -38.80 87.59
N ASP G 105 65.26 -39.57 88.39
CA ASP G 105 65.38 -39.31 89.83
C ASP G 105 66.07 -37.97 90.14
N THR G 106 66.87 -37.43 89.22
CA THR G 106 67.50 -36.14 89.45
C THR G 106 66.58 -34.95 89.25
N LEU G 107 65.35 -35.17 88.79
CA LEU G 107 64.38 -34.10 88.53
C LEU G 107 63.74 -33.45 89.75
N PRO G 108 63.45 -34.15 90.87
CA PRO G 108 63.02 -33.41 92.08
C PRO G 108 64.04 -32.44 92.63
N ALA G 109 65.34 -32.68 92.41
CA ALA G 109 66.35 -31.72 92.87
C ALA G 109 66.47 -30.53 91.93
N TYR G 110 66.20 -30.74 90.64
CA TYR G 110 66.28 -29.63 89.68
C TYR G 110 65.10 -28.68 89.83
N ALA G 111 63.94 -29.19 90.24
CA ALA G 111 62.75 -28.34 90.32
C ALA G 111 62.80 -27.38 91.50
N LYS G 112 63.59 -27.67 92.52
CA LYS G 112 63.65 -26.86 93.73
C LYS G 112 64.90 -25.97 93.76
N ARG G 113 65.28 -25.43 92.61
CA ARG G 113 66.38 -24.49 92.56
C ARG G 113 66.00 -23.16 93.21
N SER G 114 67.02 -22.39 93.58
CA SER G 114 66.83 -21.02 94.01
C SER G 114 67.14 -20.01 92.93
N GLN G 115 67.70 -20.45 91.80
CA GLN G 115 68.12 -19.59 90.72
C GLN G 115 67.11 -19.49 89.59
N ARG G 116 66.01 -20.21 89.69
CA ARG G 116 65.10 -20.40 88.57
C ARG G 116 64.27 -19.16 88.28
N MET G 117 63.91 -19.00 87.01
CA MET G 117 63.05 -17.92 86.53
C MET G 117 61.71 -18.50 86.10
N VAL G 118 60.79 -17.60 85.75
CA VAL G 118 59.47 -17.97 85.24
C VAL G 118 59.15 -17.04 84.08
N ILE G 119 59.04 -17.63 82.89
CA ILE G 119 58.71 -16.87 81.67
C ILE G 119 57.20 -16.96 81.51
N THR G 120 56.52 -15.83 81.56
CA THR G 120 55.06 -15.76 81.39
C THR G 120 54.70 -16.06 79.94
N ALA G 121 53.57 -16.73 79.74
CA ALA G 121 53.18 -17.36 78.47
C ALA G 121 52.87 -16.30 77.43
N PRO G 122 52.93 -16.61 76.12
CA PRO G 122 52.75 -15.58 75.11
C PRO G 122 51.37 -14.90 75.17
N PRO G 123 51.27 -13.58 74.96
CA PRO G 123 49.97 -12.94 75.11
C PRO G 123 48.96 -13.49 74.09
N VAL G 124 47.69 -13.68 74.47
CA VAL G 124 46.67 -14.31 73.58
C VAL G 124 45.70 -13.27 73.02
N THR G 125 45.41 -13.33 71.71
CA THR G 125 44.46 -12.40 71.04
C THR G 125 43.06 -12.94 71.22
N ASN G 126 42.95 -14.15 71.72
CA ASN G 126 41.62 -14.72 72.02
C ASN G 126 40.91 -13.89 73.10
N GLN G 127 41.65 -13.35 74.08
CA GLN G 127 40.91 -12.60 75.13
C GLN G 127 40.12 -11.53 74.38
N PRO G 128 40.70 -10.76 73.43
CA PRO G 128 39.89 -9.91 72.56
C PRO G 128 39.37 -10.77 71.40
N VAL G 129 38.56 -11.80 71.69
CA VAL G 129 37.96 -12.69 70.64
C VAL G 129 36.95 -11.97 69.76
N THR G 130 36.02 -11.21 70.35
CA THR G 130 34.94 -10.65 69.51
C THR G 130 34.69 -9.16 69.78
N PRO G 131 35.04 -8.25 68.84
CA PRO G 131 34.72 -6.83 68.99
C PRO G 131 33.23 -6.45 68.86
N LYS G 132 32.52 -6.95 67.84
CA LYS G 132 31.10 -6.52 67.64
C LYS G 132 30.26 -7.58 66.90
N ALA G 133 29.08 -7.92 67.44
CA ALA G 133 28.17 -8.88 66.79
C ALA G 133 26.75 -8.31 66.73
N LEU G 134 26.09 -8.33 65.56
CA LEU G 134 24.74 -7.69 65.40
C LEU G 134 23.90 -8.40 64.34
N THR G 135 22.61 -8.06 64.24
CA THR G 135 21.68 -8.71 63.28
C THR G 135 21.00 -7.64 62.40
N ALA G 136 20.32 -8.04 61.32
CA ALA G 136 19.66 -7.10 60.40
C ALA G 136 18.26 -7.57 59.99
N GLY G 137 17.42 -6.65 59.49
CA GLY G 137 16.04 -6.98 59.03
C GLY G 137 15.82 -6.54 57.59
N GLN G 138 14.73 -6.99 56.92
CA GLN G 138 14.42 -6.69 55.49
C GLN G 138 15.02 -7.74 54.55
N ASN G 139 15.76 -8.71 55.09
CA ASN G 139 16.30 -9.82 54.27
C ASN G 139 15.10 -10.60 53.73
N ARG G 140 15.16 -11.01 52.45
CA ARG G 140 14.05 -11.74 51.83
C ARG G 140 13.92 -13.11 52.50
N PRO G 141 12.72 -13.73 52.57
CA PRO G 141 12.53 -14.98 53.28
C PRO G 141 13.32 -16.17 52.73
N HIS G 142 13.47 -17.24 53.53
CA HIS G 142 14.12 -18.42 53.00
C HIS G 142 13.13 -19.24 52.16
N PRO G 143 13.55 -19.72 50.99
CA PRO G 143 12.77 -20.71 50.27
C PRO G 143 12.78 -22.04 51.02
N PRO G 144 11.79 -22.92 50.80
CA PRO G 144 11.65 -24.11 51.66
C PRO G 144 12.75 -25.15 51.50
N HIS G 145 13.66 -25.03 50.54
CA HIS G 145 14.81 -25.92 50.47
C HIS G 145 15.99 -25.42 51.29
N ILE G 146 15.85 -24.29 51.97
CA ILE G 146 16.87 -23.76 52.86
C ILE G 146 16.27 -23.72 54.27
N PRO G 147 16.80 -24.49 55.22
CA PRO G 147 16.29 -24.43 56.59
C PRO G 147 16.63 -23.10 57.28
N SER G 148 16.08 -22.94 58.48
CA SER G 148 16.18 -21.68 59.21
C SER G 148 17.57 -21.44 59.79
N HIS G 149 18.37 -22.49 59.97
CA HIS G 149 19.66 -22.35 60.63
C HIS G 149 20.76 -21.86 59.70
N PHE G 150 20.52 -21.83 58.40
CA PHE G 150 21.46 -21.20 57.50
C PHE G 150 21.36 -19.68 57.65
N PRO G 151 22.41 -18.94 57.27
CA PRO G 151 22.37 -17.48 57.40
C PRO G 151 21.27 -16.84 56.56
N GLU G 152 20.78 -15.71 57.05
CA GLU G 152 19.68 -15.01 56.42
C GLU G 152 20.13 -14.42 55.08
N PHE G 153 19.17 -14.29 54.17
CA PHE G 153 19.45 -13.64 52.90
C PHE G 153 19.77 -12.16 53.15
N PRO G 154 20.77 -11.61 52.45
CA PRO G 154 21.20 -10.24 52.76
C PRO G 154 20.23 -9.17 52.26
N ASP G 155 20.63 -7.92 52.44
CA ASP G 155 19.90 -6.80 51.88
C ASP G 155 19.89 -6.92 50.35
N PRO G 156 18.72 -6.80 49.69
CA PRO G 156 18.72 -6.89 48.23
C PRO G 156 19.14 -5.61 47.51
N HIS G 157 20.19 -4.96 47.99
CA HIS G 157 21.07 -4.14 47.18
C HIS G 157 22.19 -4.98 46.59
N THR G 158 22.33 -6.22 47.04
CA THR G 158 23.49 -7.07 46.77
C THR G 158 23.25 -8.08 45.67
N TYR G 159 22.02 -8.60 45.55
CA TYR G 159 21.71 -9.63 44.52
C TYR G 159 20.58 -9.24 43.56
N ILE G 160 19.78 -8.21 43.85
CA ILE G 160 18.60 -7.87 42.97
C ILE G 160 18.50 -6.38 42.57
N LYS G 161 17.74 -6.02 41.51
CA LYS G 161 17.57 -4.61 40.99
C LYS G 161 16.26 -4.37 40.21
N THR G 162 15.81 -3.10 39.98
CA THR G 162 14.53 -2.73 39.26
C THR G 162 14.52 -1.26 38.79
N PRO G 163 13.99 -0.85 37.59
CA PRO G 163 14.13 0.53 37.14
C PRO G 163 13.00 1.42 37.61
N THR G 164 13.28 2.72 37.66
CA THR G 164 12.32 3.74 38.01
C THR G 164 12.18 4.73 36.86
N TYR G 165 11.10 5.49 36.88
CA TYR G 165 10.78 6.45 35.83
C TYR G 165 10.59 7.83 36.45
N ARG G 166 10.45 8.82 35.59
CA ARG G 166 10.19 10.18 36.03
C ARG G 166 8.69 10.35 36.31
N GLU G 167 8.39 11.27 37.21
CA GLU G 167 7.04 11.58 37.65
C GLU G 167 6.22 12.15 36.48
N PRO G 168 5.17 11.46 36.03
CA PRO G 168 4.38 11.99 34.91
C PRO G 168 3.28 12.92 35.38
N VAL G 169 3.11 14.05 34.71
CA VAL G 169 2.06 15.01 35.03
C VAL G 169 0.90 14.77 34.07
N SER G 170 0.01 13.84 34.44
CA SER G 170 -1.28 13.67 33.77
C SER G 170 -2.38 14.32 34.60
N ASP G 171 -2.44 15.64 34.53
CA ASP G 171 -3.51 16.39 35.15
C ASP G 171 -4.08 17.34 34.11
N TYR G 172 -5.40 17.30 33.92
CA TYR G 172 -6.03 18.09 32.88
C TYR G 172 -5.96 19.57 33.17
N GLN G 173 -6.02 19.95 34.46
CA GLN G 173 -5.96 21.35 34.85
C GLN G 173 -4.61 21.96 34.50
N VAL G 174 -3.51 21.31 34.90
CA VAL G 174 -2.20 21.89 34.65
C VAL G 174 -1.81 21.74 33.19
N LEU G 175 -2.36 20.77 32.46
CA LEU G 175 -2.09 20.67 31.02
C LEU G 175 -2.81 21.77 30.26
N ARG G 176 -4.06 22.08 30.65
CA ARG G 176 -4.76 23.22 30.06
C ARG G 176 -4.03 24.52 30.36
N GLU G 177 -3.53 24.67 31.60
CA GLU G 177 -2.79 25.87 31.97
C GLU G 177 -1.47 25.99 31.21
N LYS G 178 -0.75 24.89 31.02
CA LYS G 178 0.51 24.92 30.29
C LYS G 178 0.30 25.26 28.82
N ALA G 179 -0.67 24.61 28.17
CA ALA G 179 -0.92 24.88 26.76
C ALA G 179 -1.44 26.30 26.55
N ALA G 180 -2.28 26.79 27.47
CA ALA G 180 -2.81 28.14 27.37
C ALA G 180 -1.71 29.17 27.53
N SER G 181 -0.87 29.02 28.56
CA SER G 181 0.17 30.02 28.81
C SER G 181 1.25 29.98 27.74
N GLN G 182 1.55 28.80 27.18
CA GLN G 182 2.53 28.75 26.11
C GLN G 182 2.01 29.36 24.83
N ARG G 183 0.71 29.17 24.53
CA ARG G 183 0.13 29.80 23.35
C ARG G 183 0.06 31.32 23.50
N ARG G 184 -0.32 31.80 24.69
CA ARG G 184 -0.37 33.25 24.94
C ARG G 184 1.02 33.87 24.86
N ASP G 185 2.03 33.18 25.40
CA ASP G 185 3.39 33.74 25.39
C ASP G 185 3.99 33.74 23.98
N VAL G 186 3.72 32.70 23.18
CA VAL G 186 4.30 32.70 21.84
C VAL G 186 3.58 33.69 20.95
N GLU G 187 2.27 33.92 21.16
CA GLU G 187 1.61 34.91 20.33
C GLU G 187 1.95 36.34 20.77
N ARG G 188 2.23 36.54 22.05
CA ARG G 188 2.71 37.85 22.50
C ARG G 188 4.10 38.14 21.97
N ALA G 189 4.99 37.15 22.01
CA ALA G 189 6.34 37.32 21.48
C ALA G 189 6.33 37.57 19.98
N LEU G 190 5.46 36.87 19.25
CA LEU G 190 5.35 37.06 17.81
C LEU G 190 4.82 38.45 17.46
N THR G 191 3.79 38.93 18.17
CA THR G 191 3.24 40.22 17.83
C THR G 191 4.15 41.37 18.25
N ARG G 192 4.89 41.23 19.35
CA ARG G 192 5.85 42.27 19.71
C ARG G 192 7.03 42.31 18.75
N PHE G 193 7.47 41.14 18.27
CA PHE G 193 8.54 41.11 17.28
C PHE G 193 8.10 41.72 15.95
N MET G 194 6.86 41.44 15.55
CA MET G 194 6.41 42.00 14.27
C MET G 194 6.05 43.47 14.38
N ALA G 195 5.65 43.95 15.55
CA ALA G 195 5.40 45.37 15.68
C ALA G 195 6.70 46.16 15.85
N LYS G 196 7.75 45.54 16.37
CA LYS G 196 9.00 46.26 16.53
C LYS G 196 9.79 46.38 15.24
N THR G 197 9.70 45.39 14.34
CA THR G 197 10.45 45.39 13.09
C THR G 197 9.62 45.83 11.91
N GLY G 198 8.71 46.77 12.11
CA GLY G 198 7.92 47.29 11.01
C GLY G 198 7.35 48.63 11.37
N GLU G 199 6.44 49.10 10.54
CA GLU G 199 5.71 50.31 10.86
C GLU G 199 4.75 50.06 12.01
N THR G 200 4.69 50.99 12.95
CA THR G 200 3.94 50.79 14.17
C THR G 200 3.02 51.98 14.43
N GLN G 201 1.92 51.70 15.09
CA GLN G 201 0.99 52.69 15.60
C GLN G 201 0.97 52.59 17.11
N SER G 202 0.21 53.47 17.75
CA SER G 202 0.18 53.53 19.20
C SER G 202 -1.11 54.20 19.65
N LEU G 203 -1.73 53.64 20.68
CA LEU G 203 -2.91 54.28 21.25
C LEU G 203 -2.53 55.50 22.06
N PHE G 204 -1.33 55.51 22.64
CA PHE G 204 -0.84 56.61 23.44
C PHE G 204 0.28 57.33 22.70
N LYS G 205 0.55 58.56 23.11
CA LYS G 205 1.61 59.34 22.49
C LYS G 205 2.99 58.76 22.74
N ASP G 206 3.66 58.34 21.66
CA ASP G 206 5.01 57.78 21.64
C ASP G 206 5.10 56.55 22.54
N ASP G 207 4.33 55.53 22.16
CA ASP G 207 4.16 54.33 22.97
C ASP G 207 4.51 53.12 22.11
N VAL G 208 5.79 52.76 22.10
CA VAL G 208 6.26 51.63 21.33
C VAL G 208 6.64 50.44 22.23
N SER G 209 7.17 50.69 23.42
CA SER G 209 7.54 49.62 24.33
C SER G 209 6.32 48.89 24.86
N THR G 210 5.33 49.63 25.35
CA THR G 210 4.11 49.05 25.88
C THR G 210 2.99 49.21 24.86
N PHE G 211 2.27 48.12 24.61
CA PHE G 211 1.20 47.98 23.62
C PHE G 211 1.61 48.49 22.23
N PRO G 212 2.51 47.82 21.51
CA PRO G 212 2.77 48.25 20.14
C PRO G 212 1.79 47.64 19.17
N LEU G 213 1.25 48.43 18.26
CA LEU G 213 0.32 47.95 17.26
C LEU G 213 1.03 47.85 15.92
N ILE G 214 0.86 46.72 15.25
CA ILE G 214 1.29 46.63 13.85
C ILE G 214 0.44 47.57 13.03
N ALA G 215 1.08 48.39 12.21
CA ALA G 215 0.38 49.41 11.45
C ALA G 215 -0.48 48.80 10.37
N ALA G 216 -1.59 49.46 10.09
CA ALA G 216 -2.57 48.96 9.14
C ALA G 216 -2.08 49.17 7.71
N ARG G 217 -1.87 48.09 6.98
CA ARG G 217 -1.52 48.36 5.60
C ARG G 217 -2.68 48.04 4.67
N PRO G 218 -2.91 48.87 3.66
CA PRO G 218 -3.98 48.59 2.70
C PRO G 218 -3.58 47.48 1.74
N PHE G 219 -4.55 46.64 1.40
CA PHE G 219 -4.36 45.62 0.39
C PHE G 219 -4.86 46.13 -0.95
N THR G 220 -4.29 45.59 -2.02
CA THR G 220 -4.79 45.93 -3.34
C THR G 220 -6.09 45.21 -3.65
N ILE G 221 -6.25 44.00 -3.14
CA ILE G 221 -7.47 43.22 -3.26
C ILE G 221 -7.81 42.71 -1.85
N PRO G 222 -8.74 43.34 -1.14
CA PRO G 222 -8.95 42.98 0.26
C PRO G 222 -9.85 41.78 0.50
N TYR G 223 -10.69 41.39 -0.47
CA TYR G 223 -11.57 40.25 -0.25
C TYR G 223 -10.79 38.94 -0.24
N LEU G 224 -9.62 38.90 -0.87
CA LEU G 224 -8.83 37.68 -0.91
C LEU G 224 -8.24 37.36 0.45
N THR G 225 -7.78 38.38 1.17
CA THR G 225 -7.29 38.14 2.51
C THR G 225 -8.41 38.13 3.55
N ALA G 226 -9.59 38.67 3.23
CA ALA G 226 -10.69 38.55 4.18
C ALA G 226 -11.38 37.20 4.08
N LEU G 227 -12.02 36.93 2.94
CA LEU G 227 -12.96 35.83 2.84
C LEU G 227 -12.31 34.46 2.75
N LEU G 228 -11.06 34.37 2.32
CA LEU G 228 -10.52 33.05 2.04
C LEU G 228 -10.07 32.36 3.33
N PRO G 229 -10.33 31.07 3.47
CA PRO G 229 -9.84 30.33 4.62
C PRO G 229 -8.35 30.03 4.49
N SER G 230 -7.65 30.01 5.61
CA SER G 230 -6.22 29.77 5.55
C SER G 230 -5.84 28.37 6.01
N GLU G 231 -6.61 27.74 6.89
CA GLU G 231 -6.39 26.36 7.30
C GLU G 231 -7.52 25.50 6.77
N LEU G 232 -7.21 24.65 5.80
CA LEU G 232 -8.19 23.78 5.17
C LEU G 232 -7.53 22.54 4.59
N PRO H 13 73.60 -14.53 48.20
CA PRO H 13 74.77 -15.35 48.47
C PRO H 13 75.12 -16.29 47.32
N LYS H 14 76.23 -17.01 47.43
CA LYS H 14 76.66 -17.90 46.35
C LYS H 14 75.85 -19.19 46.34
N ASP H 15 75.90 -19.94 47.44
CA ASP H 15 75.23 -21.23 47.48
C ASP H 15 73.73 -21.09 47.70
N ALA H 16 73.26 -19.93 48.16
CA ALA H 16 71.83 -19.70 48.33
C ALA H 16 71.14 -19.26 47.04
N GLN H 17 71.89 -18.73 46.08
CA GLN H 17 71.31 -18.40 44.78
C GLN H 17 71.20 -19.63 43.89
N MET H 18 72.02 -20.64 44.12
CA MET H 18 71.86 -21.90 43.41
C MET H 18 70.70 -22.70 43.95
N MET H 19 70.37 -22.49 45.22
CA MET H 19 69.25 -23.21 45.83
C MET H 19 67.91 -22.69 45.31
N ALA H 20 67.84 -21.41 44.95
CA ALA H 20 66.65 -20.86 44.33
C ALA H 20 66.50 -21.28 42.87
N GLN H 21 67.55 -21.82 42.27
CA GLN H 21 67.48 -22.36 40.92
C GLN H 21 67.19 -23.85 40.89
N ILE H 22 67.49 -24.58 41.97
CA ILE H 22 67.07 -25.96 42.08
C ILE H 22 65.56 -26.03 42.29
N LEU H 23 65.01 -25.09 43.05
CA LEU H 23 63.56 -25.05 43.25
C LEU H 23 62.83 -24.58 42.00
N LYS H 24 63.40 -23.60 41.29
CA LYS H 24 62.75 -23.10 40.08
C LYS H 24 62.85 -24.08 38.93
N ASP H 25 63.86 -24.95 38.94
CA ASP H 25 63.90 -26.03 37.95
C ASP H 25 62.90 -27.13 38.27
N MET H 26 62.46 -27.24 39.52
CA MET H 26 61.39 -28.14 39.91
C MET H 26 60.03 -27.47 39.87
N GLY H 27 59.93 -26.27 39.31
CA GLY H 27 58.66 -25.60 39.16
C GLY H 27 58.10 -24.98 40.41
N ILE H 28 58.86 -24.94 41.51
CA ILE H 28 58.38 -24.36 42.76
C ILE H 28 58.50 -22.84 42.62
N THR H 29 57.39 -22.18 42.29
CA THR H 29 57.41 -20.74 42.13
C THR H 29 57.36 -20.05 43.49
N GLU H 30 56.45 -20.47 44.37
CA GLU H 30 56.21 -19.83 45.64
C GLU H 30 56.79 -20.67 46.77
N TYR H 31 57.62 -20.06 47.60
CA TYR H 31 58.18 -20.74 48.77
C TYR H 31 58.50 -19.70 49.85
N GLU H 32 58.56 -20.18 51.08
CA GLU H 32 58.94 -19.33 52.21
C GLU H 32 60.43 -18.98 52.12
N PRO H 33 60.84 -17.86 52.71
CA PRO H 33 62.28 -17.53 52.72
C PRO H 33 63.11 -18.45 53.60
N ARG H 34 62.50 -19.14 54.57
CA ARG H 34 63.21 -20.09 55.41
C ARG H 34 63.37 -21.46 54.75
N VAL H 35 62.87 -21.62 53.53
CA VAL H 35 62.99 -22.90 52.82
C VAL H 35 64.39 -23.08 52.27
N ILE H 36 64.97 -22.01 51.71
CA ILE H 36 66.33 -22.06 51.18
C ILE H 36 67.34 -22.24 52.30
N ASN H 37 67.09 -21.62 53.46
CA ASN H 37 68.05 -21.64 54.56
C ASN H 37 68.19 -23.02 55.18
N GLN H 38 67.15 -23.84 55.14
CA GLN H 38 67.22 -25.15 55.76
C GLN H 38 67.44 -26.28 54.77
N MET H 39 67.31 -26.03 53.47
CA MET H 39 67.83 -26.99 52.50
C MET H 39 69.34 -26.88 52.39
N LEU H 40 69.88 -25.67 52.59
CA LEU H 40 71.32 -25.51 52.72
C LEU H 40 71.82 -26.11 54.03
N GLU H 41 71.01 -26.08 55.08
CA GLU H 41 71.38 -26.69 56.34
C GLU H 41 71.35 -28.21 56.26
N PHE H 42 70.48 -28.75 55.40
CA PHE H 42 70.47 -30.19 55.17
C PHE H 42 71.61 -30.60 54.24
N ALA H 43 71.88 -29.80 53.20
CA ALA H 43 72.96 -30.10 52.29
C ALA H 43 74.32 -30.01 52.97
N PHE H 44 74.48 -29.09 53.93
CA PHE H 44 75.70 -29.06 54.71
C PHE H 44 75.77 -30.25 55.66
N ARG H 45 74.65 -30.64 56.24
CA ARG H 45 74.63 -31.80 57.14
C ARG H 45 74.91 -33.09 56.38
N TYR H 46 74.50 -33.16 55.11
CA TYR H 46 74.71 -34.38 54.33
C TYR H 46 76.15 -34.50 53.82
N VAL H 47 76.83 -33.39 53.53
CA VAL H 47 78.19 -33.52 53.02
C VAL H 47 79.21 -33.66 54.15
N THR H 48 78.91 -33.16 55.35
CA THR H 48 79.77 -33.38 56.50
C THR H 48 79.48 -34.68 57.24
N THR H 49 78.61 -35.52 56.69
CA THR H 49 78.51 -36.90 57.14
C THR H 49 78.91 -37.91 56.08
N ILE H 50 79.01 -37.50 54.83
CA ILE H 50 79.68 -38.32 53.81
C ILE H 50 81.19 -38.24 53.99
N LEU H 51 81.71 -37.00 54.09
CA LEU H 51 83.15 -36.80 54.20
C LEU H 51 83.68 -37.20 55.56
N ASP H 52 82.85 -37.15 56.60
CA ASP H 52 83.27 -37.64 57.90
C ASP H 52 83.43 -39.15 57.85
N ASP H 53 82.49 -39.85 57.20
CA ASP H 53 82.62 -41.28 56.99
C ASP H 53 83.64 -41.64 55.93
N ALA H 54 83.99 -40.70 55.04
CA ALA H 54 84.95 -41.00 53.99
C ALA H 54 86.36 -41.12 54.55
N LYS H 55 86.70 -40.28 55.53
CA LYS H 55 88.02 -40.40 56.14
C LYS H 55 88.09 -41.51 57.17
N ILE H 56 86.94 -41.97 57.66
CA ILE H 56 86.93 -43.19 58.46
C ILE H 56 87.21 -44.40 57.57
N TYR H 57 86.67 -44.39 56.34
CA TYR H 57 86.95 -45.46 55.40
C TYR H 57 88.34 -45.36 54.80
N SER H 58 88.90 -44.15 54.74
CA SER H 58 90.26 -43.98 54.25
C SER H 58 91.27 -44.49 55.28
N SER H 59 91.02 -44.24 56.56
CA SER H 59 91.88 -44.77 57.61
C SER H 59 91.73 -46.28 57.75
N HIS H 60 90.60 -46.85 57.33
CA HIS H 60 90.47 -48.30 57.27
C HIS H 60 91.35 -48.88 56.19
N ALA H 61 91.39 -48.25 55.02
CA ALA H 61 92.24 -48.68 53.91
C ALA H 61 93.67 -48.18 54.03
N LYS H 62 93.96 -47.33 55.03
CA LYS H 62 95.29 -46.81 55.34
C LYS H 62 95.89 -46.04 54.15
N LYS H 63 95.23 -44.95 53.79
CA LYS H 63 95.75 -44.01 52.81
C LYS H 63 95.55 -42.59 53.34
N ALA H 64 96.58 -41.77 53.15
CA ALA H 64 96.56 -40.42 53.71
C ALA H 64 95.70 -39.45 52.92
N THR H 65 95.35 -39.78 51.68
CA THR H 65 94.53 -38.93 50.84
C THR H 65 93.17 -39.59 50.66
N VAL H 66 92.11 -38.84 50.99
CA VAL H 66 90.74 -39.31 50.76
C VAL H 66 90.45 -39.13 49.27
N ASP H 67 90.47 -40.22 48.51
CA ASP H 67 90.27 -40.17 47.09
C ASP H 67 88.82 -40.54 46.76
N ALA H 68 88.54 -40.71 45.46
CA ALA H 68 87.16 -40.79 44.99
C ALA H 68 86.48 -42.11 45.32
N ASP H 69 87.24 -43.18 45.55
CA ASP H 69 86.61 -44.43 45.94
C ASP H 69 86.13 -44.41 47.38
N ASP H 70 86.74 -43.56 48.21
CA ASP H 70 86.29 -43.38 49.58
C ASP H 70 84.94 -42.67 49.63
N VAL H 71 84.75 -41.68 48.75
CA VAL H 71 83.47 -40.99 48.67
C VAL H 71 82.44 -41.85 47.95
N ARG H 72 82.89 -42.71 47.03
CA ARG H 72 81.97 -43.69 46.43
C ARG H 72 81.51 -44.72 47.46
N LEU H 73 82.37 -45.07 48.41
CA LEU H 73 81.97 -45.99 49.45
C LEU H 73 81.08 -45.31 50.48
N ALA H 74 81.41 -44.08 50.86
CA ALA H 74 80.65 -43.40 51.91
C ALA H 74 79.29 -42.93 51.43
N ILE H 75 79.10 -42.75 50.12
CA ILE H 75 77.78 -42.39 49.60
C ILE H 75 76.86 -43.60 49.63
N GLN H 76 77.33 -44.74 49.09
CA GLN H 76 76.49 -45.92 48.95
C GLN H 76 76.30 -46.68 50.27
N CYS H 77 77.10 -46.38 51.30
CA CYS H 77 76.84 -46.94 52.62
C CYS H 77 76.03 -46.00 53.50
N ARG H 78 75.86 -44.75 53.09
CA ARG H 78 74.92 -43.85 53.76
C ARG H 78 73.56 -43.88 53.08
N ALA H 79 73.52 -44.09 51.78
CA ALA H 79 72.25 -44.25 51.06
C ALA H 79 71.61 -45.61 51.28
N ASP H 80 72.35 -46.57 51.84
CA ASP H 80 71.80 -47.87 52.18
C ASP H 80 71.06 -47.83 53.52
N GLN H 81 71.30 -46.81 54.33
CA GLN H 81 70.63 -46.66 55.61
C GLN H 81 69.70 -45.46 55.69
N SER H 82 70.09 -44.32 55.13
CA SER H 82 69.31 -43.10 55.34
C SER H 82 68.10 -43.02 54.44
N PHE H 83 68.31 -42.94 53.13
CA PHE H 83 67.24 -42.65 52.18
C PHE H 83 66.56 -43.94 51.77
N THR H 84 65.45 -44.26 52.43
CA THR H 84 64.66 -45.42 52.06
C THR H 84 63.58 -45.03 51.05
N SER H 85 62.72 -46.00 50.74
CA SER H 85 61.71 -45.83 49.69
C SER H 85 60.49 -46.65 50.10
N PRO H 86 59.33 -46.41 49.48
CA PRO H 86 58.19 -47.31 49.67
C PRO H 86 58.48 -48.72 49.15
N PRO H 87 57.68 -49.70 49.56
CA PRO H 87 57.92 -51.08 49.09
C PRO H 87 57.69 -51.22 47.61
N PRO H 88 58.39 -52.15 46.95
CA PRO H 88 58.33 -52.23 45.49
C PRO H 88 57.07 -52.93 44.99
N ARG H 89 56.86 -52.88 43.68
CA ARG H 89 55.62 -53.33 43.08
C ARG H 89 55.49 -54.85 43.09
N ASP H 90 56.61 -55.57 43.01
CA ASP H 90 56.54 -57.02 43.10
C ASP H 90 56.32 -57.50 44.52
N PHE H 91 56.60 -56.66 45.51
CA PHE H 91 56.31 -56.96 46.90
C PHE H 91 54.88 -56.58 47.28
N LEU H 92 54.37 -55.49 46.69
CA LEU H 92 53.00 -55.07 46.99
C LEU H 92 51.98 -55.97 46.32
N LEU H 93 52.30 -56.51 45.15
CA LEU H 93 51.37 -57.39 44.44
C LEU H 93 51.38 -58.80 45.00
N ASP H 94 52.41 -59.17 45.76
CA ASP H 94 52.44 -60.50 46.38
C ASP H 94 51.65 -60.49 47.68
N ILE H 95 51.77 -59.43 48.48
CA ILE H 95 50.99 -59.35 49.70
C ILE H 95 49.55 -58.98 49.42
N ALA H 96 49.24 -58.45 48.24
CA ALA H 96 47.86 -58.19 47.86
C ALA H 96 47.13 -59.49 47.56
N ARG H 97 47.69 -60.31 46.67
CA ARG H 97 47.06 -61.56 46.28
C ARG H 97 47.07 -62.59 47.41
N GLN H 98 47.94 -62.44 48.41
CA GLN H 98 47.87 -63.27 49.59
C GLN H 98 46.75 -62.83 50.52
N ARG H 99 46.38 -61.56 50.46
CA ARG H 99 45.34 -60.99 51.30
C ARG H 99 43.97 -60.98 50.61
N ASN H 100 43.94 -60.70 49.31
CA ASN H 100 42.69 -60.63 48.57
C ASN H 100 42.10 -61.99 48.23
N GLN H 101 42.79 -63.09 48.55
CA GLN H 101 42.22 -64.42 48.34
C GLN H 101 41.25 -64.79 49.45
N THR H 102 41.46 -64.26 50.65
CA THR H 102 40.60 -64.58 51.78
C THR H 102 39.23 -63.94 51.59
N PRO H 103 38.14 -64.71 51.67
CA PRO H 103 36.82 -64.14 51.43
C PRO H 103 36.37 -63.24 52.58
N LEU H 104 35.43 -62.36 52.26
CA LEU H 104 34.94 -61.40 53.23
C LEU H 104 34.09 -62.11 54.29
N PRO H 105 34.28 -61.79 55.56
CA PRO H 105 33.49 -62.43 56.62
C PRO H 105 32.08 -61.86 56.69
N LEU H 106 31.17 -62.69 57.17
CA LEU H 106 29.80 -62.24 57.42
C LEU H 106 29.75 -61.41 58.68
N ILE H 107 28.65 -60.69 58.86
CA ILE H 107 28.49 -59.74 59.96
C ILE H 107 27.42 -60.27 60.90
N LYS H 108 27.71 -60.24 62.19
CA LYS H 108 26.69 -60.55 63.18
C LYS H 108 25.68 -59.40 63.23
N PRO H 109 24.38 -59.70 63.32
CA PRO H 109 23.37 -58.67 63.06
C PRO H 109 23.19 -57.63 64.16
N TYR H 110 23.37 -58.01 65.41
CA TYR H 110 23.16 -57.08 66.53
C TYR H 110 24.30 -57.20 67.53
N SER H 111 25.53 -57.16 67.03
CA SER H 111 26.70 -57.26 67.91
C SER H 111 26.91 -55.99 68.71
N GLY H 112 26.45 -54.85 68.21
CA GLY H 112 26.60 -53.59 68.92
C GLY H 112 27.48 -52.62 68.16
N PRO H 113 28.30 -51.80 68.86
CA PRO H 113 29.30 -50.98 68.20
C PRO H 113 30.37 -51.95 67.70
N ARG H 114 30.56 -52.04 66.38
CA ARG H 114 31.49 -52.96 65.74
C ARG H 114 32.91 -52.45 65.89
N LEU H 115 33.70 -53.14 66.69
CA LEU H 115 35.05 -52.74 67.05
C LEU H 115 35.96 -53.96 67.01
N PRO H 116 37.27 -53.75 66.90
CA PRO H 116 38.23 -54.86 67.07
C PRO H 116 38.23 -55.41 68.49
N PRO H 117 38.98 -56.49 68.75
CA PRO H 117 39.21 -56.91 70.14
C PRO H 117 39.84 -55.80 70.97
N ASP H 118 39.55 -55.84 72.28
CA ASP H 118 39.80 -54.70 73.16
C ASP H 118 41.28 -54.41 73.37
N ARG H 119 42.17 -55.36 73.06
CA ARG H 119 43.59 -55.09 73.09
C ARG H 119 44.09 -54.43 71.81
N TYR H 120 43.22 -54.21 70.83
CA TYR H 120 43.55 -53.48 69.62
C TYR H 120 42.86 -52.14 69.53
N CYS H 121 41.97 -51.82 70.46
CA CYS H 121 41.28 -50.56 70.51
C CYS H 121 41.94 -49.64 71.53
N LEU H 122 41.42 -48.42 71.65
CA LEU H 122 41.88 -47.43 72.61
C LEU H 122 40.82 -47.13 73.65
N THR H 123 40.14 -48.17 74.14
CA THR H 123 39.04 -48.03 75.09
C THR H 123 39.40 -48.79 76.35
N ALA H 124 40.05 -48.11 77.28
CA ALA H 124 40.45 -48.65 78.57
C ALA H 124 39.96 -47.69 79.65
N PRO H 125 39.91 -48.12 80.92
CA PRO H 125 39.41 -47.21 81.99
C PRO H 125 40.19 -45.91 82.19
N ASN H 126 41.44 -45.82 81.72
CA ASN H 126 42.15 -44.56 81.44
C ASN H 126 42.31 -43.69 82.69
N TYR H 127 43.12 -44.20 83.62
CA TYR H 127 43.22 -43.68 84.97
C TYR H 127 44.01 -42.36 85.03
N ARG H 128 44.01 -41.75 86.22
CA ARG H 128 44.74 -40.51 86.49
C ARG H 128 45.04 -40.45 87.98
N LEU H 129 46.02 -39.62 88.36
CA LEU H 129 46.42 -39.54 89.76
C LEU H 129 45.45 -38.71 90.58
N LYS H 130 45.28 -39.13 91.83
CA LYS H 130 44.47 -38.39 92.77
C LYS H 130 45.20 -37.12 93.21
N SER H 131 44.52 -35.98 93.11
CA SER H 131 45.10 -34.71 93.53
C SER H 131 45.05 -34.64 95.05
N LEU H 132 46.23 -34.54 95.68
CA LEU H 132 46.31 -34.38 97.13
C LEU H 132 47.58 -33.63 97.50
N THR I 114 57.54 -44.19 96.29
CA THR I 114 57.04 -43.51 95.06
C THR I 114 57.60 -42.08 94.98
N PRO I 115 58.92 -41.86 94.85
CA PRO I 115 59.44 -40.51 94.90
C PRO I 115 58.88 -39.62 93.78
N LEU I 116 58.85 -40.10 92.55
CA LEU I 116 58.32 -39.32 91.42
C LEU I 116 56.81 -39.15 91.55
N VAL I 117 56.07 -40.13 92.04
CA VAL I 117 54.61 -39.88 92.24
C VAL I 117 54.46 -38.76 93.25
N ASP I 118 55.25 -38.76 94.31
CA ASP I 118 55.19 -37.65 95.29
C ASP I 118 55.53 -36.32 94.59
N PHE I 119 56.55 -36.30 93.75
CA PHE I 119 56.97 -35.06 93.08
C PHE I 119 55.85 -34.58 92.18
N LEU I 120 55.20 -35.47 91.45
CA LEU I 120 54.16 -35.00 90.52
C LEU I 120 52.98 -34.46 91.33
N MET I 121 52.70 -35.10 92.45
CA MET I 121 51.63 -34.57 93.33
C MET I 121 52.00 -33.19 93.85
N GLN I 122 53.27 -32.93 94.15
CA GLN I 122 53.72 -31.56 94.54
C GLN I 122 53.67 -30.59 93.36
N LEU I 123 53.82 -31.06 92.12
CA LEU I 123 53.85 -30.19 90.90
C LEU I 123 52.62 -29.31 90.75
N GLU I 124 51.50 -29.58 91.40
CA GLU I 124 50.38 -28.59 91.46
C GLU I 124 50.89 -27.48 92.40
N ASP I 125 50.68 -26.21 92.06
CA ASP I 125 51.21 -25.06 92.86
C ASP I 125 52.67 -24.77 92.47
N TYR I 126 53.20 -25.47 91.46
CA TYR I 126 54.58 -25.17 90.98
C TYR I 126 54.47 -24.55 89.59
N THR I 127 55.12 -23.42 89.37
CA THR I 127 55.14 -22.82 88.02
C THR I 127 56.50 -23.09 87.39
N PRO I 128 56.57 -23.80 86.25
CA PRO I 128 57.83 -24.07 85.59
C PRO I 128 58.31 -22.91 84.70
N THR I 129 59.59 -22.91 84.31
CA THR I 129 60.19 -21.87 83.50
C THR I 129 59.51 -21.75 82.14
N ILE I 130 59.10 -22.88 81.56
CA ILE I 130 58.34 -22.88 80.31
C ILE I 130 56.86 -22.80 80.70
N PRO I 131 56.06 -21.96 80.06
CA PRO I 131 54.63 -21.94 80.36
C PRO I 131 53.94 -23.21 79.90
N ASP I 132 52.79 -23.49 80.51
CA ASP I 132 51.99 -24.63 80.09
C ASP I 132 51.15 -24.35 78.85
N ALA I 133 51.01 -23.08 78.47
CA ALA I 133 50.39 -22.75 77.20
C ALA I 133 51.34 -22.97 76.03
N VAL I 134 52.64 -23.06 76.30
CA VAL I 134 53.63 -23.30 75.27
C VAL I 134 54.11 -24.75 75.27
N THR I 135 54.29 -25.33 76.46
CA THR I 135 54.58 -26.75 76.54
C THR I 135 53.39 -27.57 76.07
N GLY I 136 52.18 -27.15 76.45
CA GLY I 136 50.97 -27.82 75.98
C GLY I 136 50.68 -27.63 74.52
N TYR I 137 51.25 -26.59 73.89
CA TYR I 137 51.06 -26.42 72.46
C TYR I 137 51.85 -27.45 71.67
N TYR I 138 53.11 -27.66 72.04
CA TYR I 138 53.95 -28.65 71.37
C TYR I 138 53.61 -30.07 71.77
N LEU I 139 52.84 -30.26 72.84
CA LEU I 139 52.33 -31.59 73.16
C LEU I 139 51.07 -31.88 72.36
N ASN I 140 50.21 -30.87 72.17
CA ASN I 140 49.01 -31.05 71.34
C ASN I 140 49.38 -31.26 69.88
N ARG I 141 50.54 -30.75 69.46
CA ARG I 141 51.02 -30.95 68.10
C ARG I 141 51.38 -32.41 67.84
N ALA I 142 51.70 -33.16 68.88
CA ALA I 142 52.08 -34.57 68.75
C ALA I 142 51.02 -35.53 69.26
N GLY I 143 49.80 -35.04 69.55
CA GLY I 143 48.72 -35.90 69.99
C GLY I 143 48.53 -35.96 71.50
N PHE I 144 49.52 -35.53 72.27
CA PHE I 144 49.43 -35.48 73.72
C PHE I 144 48.47 -34.37 74.12
N GLU I 145 47.34 -34.73 74.73
CA GLU I 145 46.35 -33.73 75.12
C GLU I 145 46.41 -33.49 76.62
N ALA I 146 46.06 -32.25 77.02
CA ALA I 146 46.23 -31.79 78.39
C ALA I 146 45.09 -32.34 79.25
N SER I 147 45.29 -33.57 79.72
CA SER I 147 44.36 -34.15 80.69
C SER I 147 44.64 -33.61 82.09
N ASP I 148 45.94 -33.58 82.43
CA ASP I 148 46.42 -33.11 83.76
C ASP I 148 47.57 -32.10 83.65
N PRO I 149 47.47 -30.89 84.26
CA PRO I 149 48.48 -29.86 84.28
C PRO I 149 49.82 -30.30 84.87
N ARG I 150 49.77 -31.11 85.90
CA ARG I 150 50.99 -31.57 86.60
C ARG I 150 51.85 -32.38 85.63
N ILE I 151 51.23 -33.21 84.79
CA ILE I 151 51.97 -33.98 83.75
C ILE I 151 52.56 -33.01 82.75
N ILE I 152 51.78 -32.02 82.35
CA ILE I 152 52.47 -31.06 81.43
C ILE I 152 53.69 -30.46 82.11
N ARG I 153 53.59 -30.09 83.40
CA ARG I 153 54.69 -29.44 84.14
C ARG I 153 55.89 -30.36 84.28
N LEU I 154 55.70 -31.64 84.54
CA LEU I 154 56.86 -32.59 84.59
C LEU I 154 57.53 -32.66 83.22
N ILE I 155 56.76 -32.73 82.15
CA ILE I 155 57.40 -32.73 80.79
C ILE I 155 58.19 -31.45 80.58
N SER I 156 57.64 -30.31 80.98
CA SER I 156 58.36 -29.03 80.84
C SER I 156 59.67 -29.04 81.62
N LEU I 157 59.64 -29.52 82.86
CA LEU I 157 60.85 -29.59 83.70
C LEU I 157 61.88 -30.55 83.11
N ALA I 158 61.48 -31.67 82.54
CA ALA I 158 62.42 -32.59 81.88
C ALA I 158 63.10 -31.92 80.69
N ALA I 159 62.32 -31.21 79.89
CA ALA I 159 62.99 -30.50 78.77
C ALA I 159 63.96 -29.45 79.31
N GLN I 160 63.55 -28.76 80.38
CA GLN I 160 64.42 -27.72 80.93
C GLN I 160 65.71 -28.38 81.39
N LYS I 161 65.65 -29.52 82.07
CA LYS I 161 66.86 -30.17 82.60
C LYS I 161 67.72 -30.52 81.42
N PHE I 162 67.16 -31.04 80.34
CA PHE I 162 68.07 -31.37 79.23
C PHE I 162 68.81 -30.13 78.75
N ILE I 163 68.07 -29.06 78.49
CA ILE I 163 68.79 -27.88 77.93
C ILE I 163 69.80 -27.37 78.94
N SER I 164 69.45 -27.34 80.22
CA SER I 164 70.32 -26.80 81.28
C SER I 164 71.59 -27.63 81.44
N ASP I 165 71.50 -28.94 81.38
CA ASP I 165 72.69 -29.81 81.44
C ASP I 165 73.59 -29.53 80.23
N ILE I 166 73.00 -29.44 79.05
CA ILE I 166 73.91 -29.11 77.91
C ILE I 166 74.57 -27.77 78.17
N ALA I 167 73.83 -26.78 78.65
CA ALA I 167 74.40 -25.42 78.86
C ALA I 167 75.51 -25.45 79.89
N ASN I 168 75.34 -26.17 80.98
CA ASN I 168 76.35 -26.23 82.05
C ASN I 168 77.61 -26.91 81.53
N ASP I 169 77.48 -27.97 80.74
CA ASP I 169 78.69 -28.61 80.16
C ASP I 169 79.39 -27.62 79.24
N ALA I 170 78.61 -26.87 78.46
CA ALA I 170 79.20 -25.88 77.55
C ALA I 170 79.93 -24.81 78.36
N LEU I 171 79.39 -24.39 79.49
CA LEU I 171 80.05 -23.39 80.36
C LEU I 171 81.33 -23.96 80.94
N GLN I 172 81.36 -25.22 81.34
CA GLN I 172 82.66 -25.76 81.81
C GLN I 172 83.65 -25.67 80.64
N HIS I 173 83.24 -26.04 79.42
CA HIS I 173 84.20 -25.87 78.31
C HIS I 173 84.64 -24.41 78.12
N CYS I 174 83.73 -23.44 78.18
CA CYS I 174 84.08 -22.00 78.01
C CYS I 174 85.05 -21.56 79.11
N LYS I 175 84.80 -21.96 80.35
CA LYS I 175 85.69 -21.59 81.50
C LYS I 175 87.07 -22.21 81.28
N MET I 176 87.11 -23.44 80.78
CA MET I 176 88.42 -24.09 80.49
C MET I 176 89.15 -23.34 79.38
N LYS I 177 88.47 -22.95 78.32
CA LYS I 177 89.24 -22.30 77.22
C LYS I 177 89.61 -20.89 77.67
N LYS I 192 83.97 -17.70 81.48
CA LYS I 192 82.52 -17.91 81.34
C LYS I 192 81.99 -17.04 80.20
N TYR I 193 81.01 -16.19 80.46
CA TYR I 193 80.52 -15.22 79.45
C TYR I 193 79.90 -15.81 78.19
N THR I 194 80.35 -15.44 76.98
CA THR I 194 79.69 -15.80 75.69
C THR I 194 79.63 -17.28 75.32
N LEU I 195 78.48 -17.74 74.83
CA LEU I 195 78.30 -19.15 74.42
C LEU I 195 78.50 -19.19 72.94
N THR I 196 79.49 -19.95 72.51
CA THR I 196 79.77 -19.98 71.07
C THR I 196 79.56 -21.40 70.57
N MET I 197 79.35 -21.56 69.29
CA MET I 197 79.17 -22.85 68.64
C MET I 197 80.36 -23.77 68.86
N GLU I 198 81.55 -23.23 69.13
CA GLU I 198 82.70 -24.03 69.49
C GLU I 198 82.72 -24.41 70.97
N ASP I 199 81.72 -23.97 71.73
CA ASP I 199 81.46 -24.51 73.06
C ASP I 199 80.35 -25.54 73.05
N LEU I 200 79.36 -25.38 72.19
CA LEU I 200 78.32 -26.39 72.01
C LEU I 200 78.85 -27.63 71.29
N THR I 201 79.93 -27.50 70.52
CA THR I 201 80.43 -28.64 69.76
C THR I 201 81.08 -29.72 70.64
N PRO I 202 81.98 -29.41 71.60
CA PRO I 202 82.43 -30.50 72.48
C PRO I 202 81.44 -30.84 73.58
N ALA I 203 80.48 -29.96 73.88
CA ALA I 203 79.51 -30.25 74.94
C ALA I 203 78.52 -31.31 74.49
N LEU I 204 78.10 -31.27 73.23
CA LEU I 204 77.19 -32.26 72.68
C LEU I 204 77.91 -33.48 72.12
N SER I 205 79.24 -33.46 72.08
CA SER I 205 79.97 -34.60 71.54
C SER I 205 80.01 -35.77 72.51
N GLU I 206 79.98 -35.51 73.82
CA GLU I 206 79.82 -36.62 74.75
C GLU I 206 78.40 -37.13 74.76
N TYR I 207 77.43 -36.33 74.34
CA TYR I 207 76.06 -36.79 74.18
C TYR I 207 75.86 -37.61 72.92
N GLY I 208 76.85 -37.64 72.03
CA GLY I 208 76.71 -38.31 70.76
C GLY I 208 76.00 -37.48 69.70
N ILE I 209 75.95 -36.17 69.87
CA ILE I 209 75.25 -35.26 68.96
C ILE I 209 76.29 -34.38 68.28
N ASN I 210 76.40 -34.51 66.97
CA ASN I 210 77.31 -33.68 66.19
C ASN I 210 76.54 -32.45 65.71
N VAL I 211 76.83 -31.30 66.33
CA VAL I 211 76.19 -30.05 65.96
C VAL I 211 76.87 -29.51 64.70
N LYS I 212 76.11 -28.76 63.90
CA LYS I 212 76.57 -28.29 62.62
C LYS I 212 76.71 -26.77 62.63
N LYS I 213 77.82 -26.28 62.08
CA LYS I 213 77.97 -24.85 61.85
C LYS I 213 77.05 -24.42 60.71
N PRO I 214 76.63 -23.15 60.67
CA PRO I 214 75.82 -22.69 59.54
C PRO I 214 76.55 -22.71 58.20
N HIS I 215 77.65 -21.94 58.10
CA HIS I 215 78.66 -22.00 57.04
C HIS I 215 78.14 -21.63 55.64
N TYR I 216 76.86 -21.29 55.50
CA TYR I 216 76.24 -21.01 54.21
C TYR I 216 75.53 -19.67 54.17
N PHE I 217 75.73 -18.83 55.17
CA PHE I 217 75.06 -17.53 55.23
C PHE I 217 76.04 -16.38 55.06
N ASN J 55 70.89 -75.05 57.69
CA ASN J 55 70.98 -73.70 57.13
C ASN J 55 70.60 -72.64 58.16
N GLN J 56 69.73 -73.01 59.09
CA GLN J 56 69.31 -72.10 60.14
C GLN J 56 70.44 -71.90 61.16
N VAL J 57 70.79 -70.64 61.40
CA VAL J 57 71.91 -70.33 62.29
C VAL J 57 71.49 -70.10 63.73
N LEU J 58 70.21 -69.79 63.98
CA LEU J 58 69.71 -69.59 65.34
C LEU J 58 68.69 -70.68 65.63
N THR J 59 68.94 -71.45 66.68
CA THR J 59 68.33 -72.76 66.88
C THR J 59 67.01 -72.71 67.65
N LYS J 60 66.46 -71.52 67.92
CA LYS J 60 65.14 -71.25 68.51
C LYS J 60 65.06 -71.65 70.00
N LYS J 61 66.09 -72.32 70.52
CA LYS J 61 66.18 -72.64 71.94
C LYS J 61 67.17 -71.75 72.66
N LYS J 62 68.26 -71.37 71.98
CA LYS J 62 69.16 -70.36 72.54
C LYS J 62 68.54 -68.97 72.52
N LEU J 63 67.55 -68.74 71.65
CA LEU J 63 66.79 -67.51 71.70
C LEU J 63 65.92 -67.46 72.95
N GLN J 64 65.39 -68.61 73.38
CA GLN J 64 64.61 -68.67 74.61
C GLN J 64 65.48 -68.51 75.85
N ASP J 65 66.78 -68.80 75.75
CA ASP J 65 67.70 -68.49 76.83
C ASP J 65 68.11 -67.03 76.82
N LEU J 66 67.97 -66.34 75.69
CA LEU J 66 68.16 -64.89 75.67
C LEU J 66 67.01 -64.16 76.35
N VAL J 67 65.84 -64.78 76.44
CA VAL J 67 64.73 -64.19 77.15
C VAL J 67 64.75 -64.56 78.63
N ARG J 68 65.17 -65.78 78.95
CA ARG J 68 65.25 -66.22 80.35
C ARG J 68 66.30 -65.44 81.14
N GLU J 69 67.35 -64.97 80.48
CA GLU J 69 68.36 -64.15 81.17
C GLU J 69 67.81 -62.78 81.50
N VAL J 70 66.95 -62.22 80.65
CA VAL J 70 66.35 -60.92 80.94
C VAL J 70 65.23 -61.06 81.97
N ASP J 71 64.22 -61.87 81.66
CA ASP J 71 63.13 -62.15 82.59
C ASP J 71 63.04 -63.66 82.80
N PRO J 72 63.12 -64.16 84.03
CA PRO J 72 62.89 -65.59 84.25
C PRO J 72 61.44 -66.01 84.04
N ASN J 73 60.50 -65.06 84.07
CA ASN J 73 59.09 -65.33 83.83
C ASN J 73 58.66 -64.51 82.61
N GLU J 74 58.87 -65.07 81.42
CA GLU J 74 58.42 -64.45 80.19
C GLU J 74 58.38 -65.52 79.10
N GLN J 75 57.33 -65.48 78.28
CA GLN J 75 57.15 -66.40 77.17
C GLN J 75 56.78 -65.62 75.93
N LEU J 76 57.58 -65.76 74.87
CA LEU J 76 57.25 -65.13 73.61
C LEU J 76 56.15 -65.91 72.90
N ASP J 77 55.62 -65.29 71.86
CA ASP J 77 54.64 -66.01 71.02
C ASP J 77 55.43 -66.65 69.90
N GLU J 78 54.85 -67.64 69.23
CA GLU J 78 55.53 -68.29 68.09
C GLU J 78 55.72 -67.26 66.96
N ASP J 79 54.75 -66.39 66.71
CA ASP J 79 54.96 -65.36 65.68
C ASP J 79 56.13 -64.46 66.07
N VAL J 80 56.20 -64.07 67.34
CA VAL J 80 57.27 -63.15 67.78
C VAL J 80 58.59 -63.89 67.58
N GLU J 81 58.68 -65.16 67.93
CA GLU J 81 59.96 -65.88 67.80
C GLU J 81 60.35 -65.93 66.32
N GLU J 82 59.42 -66.24 65.44
CA GLU J 82 59.77 -66.34 64.01
C GLU J 82 60.22 -64.98 63.48
N MET J 83 59.55 -63.90 63.84
CA MET J 83 59.99 -62.56 63.38
C MET J 83 61.36 -62.23 63.94
N LEU J 84 61.65 -62.60 65.18
CA LEU J 84 62.98 -62.34 65.78
C LEU J 84 64.02 -63.11 64.99
N LEU J 85 63.72 -64.35 64.60
CA LEU J 85 64.67 -65.14 63.78
C LEU J 85 64.87 -64.46 62.43
N GLN J 86 63.82 -63.95 61.82
CA GLN J 86 63.99 -63.22 60.54
C GLN J 86 64.83 -61.97 60.72
N ILE J 87 64.64 -61.23 61.80
CA ILE J 87 65.44 -60.01 62.09
C ILE J 87 66.89 -60.42 62.24
N ALA J 88 67.17 -61.52 62.93
CA ALA J 88 68.56 -61.99 63.08
C ALA J 88 69.14 -62.32 61.72
N ASP J 89 68.38 -63.00 60.89
CA ASP J 89 68.92 -63.43 59.59
C ASP J 89 69.22 -62.19 58.77
N ASP J 90 68.33 -61.24 58.81
CA ASP J 90 68.50 -60.01 58.01
C ASP J 90 69.73 -59.26 58.51
N PHE J 91 69.92 -59.21 59.83
CA PHE J 91 71.08 -58.49 60.41
C PHE J 91 72.32 -59.18 59.89
N ILE J 92 72.35 -60.50 59.97
CA ILE J 92 73.62 -61.15 59.56
C ILE J 92 73.83 -60.77 58.10
N GLU J 93 72.82 -60.86 57.26
CA GLU J 93 73.09 -60.58 55.84
C GLU J 93 73.57 -59.16 55.62
N SER J 94 72.91 -58.16 56.18
CA SER J 94 73.30 -56.77 55.89
C SER J 94 74.71 -56.52 56.40
N VAL J 95 75.00 -57.00 57.61
CA VAL J 95 76.32 -56.70 58.22
C VAL J 95 77.37 -57.33 57.32
N VAL J 96 77.17 -58.59 56.93
CA VAL J 96 78.23 -59.26 56.13
C VAL J 96 78.34 -58.53 54.81
N THR J 97 77.26 -58.15 54.15
CA THR J 97 77.45 -57.52 52.83
C THR J 97 78.25 -56.24 53.00
N ALA J 98 77.90 -55.40 53.97
CA ALA J 98 78.65 -54.13 54.04
C ALA J 98 80.10 -54.32 54.47
N ALA J 99 80.35 -55.27 55.35
CA ALA J 99 81.71 -55.54 55.81
C ALA J 99 82.53 -56.00 54.62
N CYS J 100 81.94 -56.82 53.77
CA CYS J 100 82.61 -57.31 52.54
C CYS J 100 82.86 -56.13 51.61
N GLN J 101 81.98 -55.15 51.54
CA GLN J 101 82.23 -53.92 50.73
C GLN J 101 83.44 -53.18 51.28
N LEU J 102 83.58 -53.05 52.59
CA LEU J 102 84.76 -52.43 53.23
C LEU J 102 86.01 -53.23 52.96
N ALA J 103 85.93 -54.56 52.96
CA ALA J 103 87.09 -55.44 52.69
C ALA J 103 87.54 -55.35 51.25
N ARG J 104 86.63 -55.31 50.30
CA ARG J 104 87.03 -55.11 48.87
C ARG J 104 87.69 -53.74 48.79
N HIS J 105 87.16 -52.77 49.52
CA HIS J 105 87.72 -51.40 49.56
C HIS J 105 89.14 -51.43 50.10
N ARG J 106 89.43 -52.27 51.07
CA ARG J 106 90.78 -52.39 51.67
C ARG J 106 91.59 -53.33 50.76
N LYS J 107 91.05 -53.68 49.60
CA LYS J 107 91.74 -54.57 48.62
C LYS J 107 92.08 -55.92 49.24
N SER J 108 91.12 -56.55 49.91
CA SER J 108 91.41 -57.82 50.62
C SER J 108 90.42 -58.92 50.27
N SER J 109 90.86 -60.16 50.40
CA SER J 109 89.96 -61.32 50.20
C SER J 109 89.77 -62.00 51.55
N THR J 110 90.09 -61.33 52.65
CA THR J 110 90.08 -62.01 53.96
C THR J 110 88.90 -61.69 54.90
N LEU J 111 88.11 -60.64 54.71
CA LEU J 111 87.02 -60.36 55.69
C LEU J 111 87.48 -60.46 57.14
N GLU J 112 88.48 -59.70 57.56
CA GLU J 112 88.92 -59.67 58.97
C GLU J 112 87.90 -58.87 59.80
N VAL J 113 87.92 -58.99 61.13
CA VAL J 113 86.89 -58.34 61.99
C VAL J 113 86.93 -56.83 61.85
N LYS J 114 88.12 -56.23 61.80
CA LYS J 114 88.21 -54.77 61.59
C LYS J 114 87.10 -54.38 60.62
N ASP J 115 86.80 -55.21 59.61
CA ASP J 115 85.78 -54.85 58.65
C ASP J 115 84.38 -54.99 59.23
N VAL J 116 84.16 -56.05 60.01
CA VAL J 116 82.86 -56.24 60.66
C VAL J 116 82.68 -55.24 61.79
N GLN J 117 83.77 -54.92 62.50
CA GLN J 117 83.69 -53.99 63.63
C GLN J 117 83.42 -52.56 63.16
N LEU J 118 83.91 -52.19 61.98
CA LEU J 118 83.70 -50.83 61.49
C LEU J 118 82.25 -50.60 61.07
N HIS J 119 81.59 -51.63 60.52
CA HIS J 119 80.21 -51.46 60.09
C HIS J 119 79.25 -51.39 61.27
N LEU J 120 79.57 -52.05 62.37
CA LEU J 120 78.75 -51.94 63.58
C LEU J 120 78.86 -50.55 64.20
N GLU J 121 80.04 -49.97 64.22
CA GLU J 121 80.23 -48.71 64.92
C GLU J 121 79.67 -47.53 64.13
N ARG J 122 79.68 -47.61 62.80
CA ARG J 122 79.29 -46.47 61.97
C ARG J 122 77.82 -46.49 61.57
N GLN J 123 77.22 -47.67 61.41
CA GLN J 123 75.84 -47.75 60.98
C GLN J 123 74.89 -48.29 62.05
N TRP J 124 75.39 -49.05 63.02
CA TRP J 124 74.55 -49.63 64.05
C TRP J 124 74.85 -49.15 65.46
N ASN J 125 76.04 -48.58 65.70
CA ASN J 125 76.49 -48.08 67.00
C ASN J 125 76.44 -49.16 68.07
N MET J 126 77.15 -50.25 67.82
CA MET J 126 77.14 -51.40 68.72
C MET J 126 78.36 -51.43 69.64
N TRP J 127 79.54 -51.20 69.04
CA TRP J 127 80.77 -51.12 69.85
C TRP J 127 80.98 -52.40 70.61
N ILE J 128 80.92 -53.52 69.92
CA ILE J 128 81.20 -54.83 70.56
C ILE J 128 82.69 -54.85 70.83
N PRO J 129 83.14 -55.27 72.04
CA PRO J 129 84.57 -55.38 72.30
C PRO J 129 85.10 -56.43 71.31
N GLY J 130 86.26 -56.20 70.70
CA GLY J 130 86.81 -57.13 69.71
C GLY J 130 87.69 -58.20 70.33
N ILE K 161 -62.42 -48.20 -97.75
CA ILE K 161 -61.92 -48.43 -96.40
C ILE K 161 -63.02 -48.11 -95.41
N VAL K 162 -63.13 -48.90 -94.37
CA VAL K 162 -64.07 -48.63 -93.28
C VAL K 162 -63.30 -48.69 -91.96
N PRO K 163 -63.55 -47.79 -91.03
CA PRO K 163 -62.92 -47.90 -89.71
C PRO K 163 -63.70 -48.81 -88.79
N GLN K 164 -63.01 -49.78 -88.21
CA GLN K 164 -63.62 -50.70 -87.27
C GLN K 164 -63.39 -50.18 -85.86
N LEU K 165 -64.40 -50.29 -85.01
CA LEU K 165 -64.28 -49.80 -83.66
C LEU K 165 -63.46 -50.77 -82.82
N GLN K 166 -62.61 -50.22 -81.96
CA GLN K 166 -61.82 -51.04 -81.06
C GLN K 166 -62.17 -50.87 -79.60
N ASN K 167 -62.75 -49.73 -79.20
CA ASN K 167 -62.98 -49.52 -77.77
C ASN K 167 -64.18 -48.62 -77.56
N ILE K 168 -65.07 -49.00 -76.65
CA ILE K 168 -66.26 -48.23 -76.31
C ILE K 168 -66.27 -47.99 -74.81
N VAL K 169 -66.31 -46.73 -74.40
CA VAL K 169 -66.35 -46.37 -72.98
C VAL K 169 -67.72 -45.81 -72.67
N SER K 170 -68.44 -46.45 -71.74
CA SER K 170 -69.77 -46.03 -71.36
C SER K 170 -69.87 -45.86 -69.85
N THR K 171 -70.97 -45.25 -69.41
CA THR K 171 -71.21 -44.93 -68.01
C THR K 171 -72.67 -45.17 -67.70
N VAL K 172 -72.96 -45.65 -66.49
CA VAL K 172 -74.32 -46.00 -66.10
C VAL K 172 -74.51 -45.76 -64.61
N ASN K 173 -75.62 -45.11 -64.26
CA ASN K 173 -75.97 -44.82 -62.88
C ASN K 173 -76.84 -45.96 -62.36
N LEU K 174 -76.42 -46.57 -61.25
CA LEU K 174 -77.24 -47.59 -60.61
C LEU K 174 -78.23 -47.01 -59.63
N GLY K 175 -77.94 -45.82 -59.09
CA GLY K 175 -78.86 -45.11 -58.21
C GLY K 175 -78.79 -45.47 -56.75
N CYS K 176 -78.04 -46.50 -56.38
CA CYS K 176 -77.98 -46.93 -54.99
C CYS K 176 -76.54 -46.85 -54.50
N LYS K 177 -76.38 -46.34 -53.29
CA LYS K 177 -75.04 -46.19 -52.74
C LYS K 177 -74.51 -47.55 -52.28
N LEU K 178 -73.25 -47.82 -52.58
CA LEU K 178 -72.65 -49.12 -52.34
C LEU K 178 -71.49 -49.00 -51.37
N ASP K 179 -71.42 -49.94 -50.43
CA ASP K 179 -70.21 -50.15 -49.64
C ASP K 179 -69.37 -51.22 -50.34
N LEU K 180 -68.11 -50.91 -50.59
CA LEU K 180 -67.37 -51.66 -51.60
C LEU K 180 -66.78 -52.94 -51.03
N LYS K 181 -66.75 -53.09 -49.72
CA LYS K 181 -66.05 -54.22 -49.13
C LYS K 181 -66.83 -55.51 -49.31
N THR K 182 -68.15 -55.44 -49.20
CA THR K 182 -68.95 -56.65 -49.40
C THR K 182 -69.00 -57.05 -50.87
N ILE K 183 -68.92 -56.08 -51.79
CA ILE K 183 -68.86 -56.41 -53.21
C ILE K 183 -67.51 -57.00 -53.55
N ALA K 184 -66.45 -56.52 -52.88
CA ALA K 184 -65.13 -57.06 -53.15
C ALA K 184 -64.96 -58.44 -52.54
N LEU K 185 -65.68 -58.73 -51.46
CA LEU K 185 -65.50 -60.01 -50.79
C LEU K 185 -66.45 -61.06 -51.35
N ARG K 186 -67.60 -60.66 -51.87
CA ARG K 186 -68.58 -61.63 -52.36
C ARG K 186 -68.47 -61.91 -53.85
N ALA K 187 -68.32 -60.88 -54.68
CA ALA K 187 -68.33 -61.07 -56.12
C ALA K 187 -66.99 -61.57 -56.61
N ARG K 188 -67.00 -62.29 -57.72
CA ARG K 188 -65.79 -62.87 -58.27
C ARG K 188 -65.04 -61.85 -59.11
N ASN K 189 -63.78 -62.15 -59.42
CA ASN K 189 -62.94 -61.28 -60.30
C ASN K 189 -63.18 -59.80 -59.97
N ALA K 190 -63.35 -59.46 -58.70
CA ALA K 190 -63.52 -58.03 -58.30
C ALA K 190 -62.24 -57.58 -57.59
N GLU K 191 -61.61 -56.51 -58.08
CA GLU K 191 -60.35 -56.02 -57.47
C GLU K 191 -60.59 -54.67 -56.79
N TYR K 192 -60.32 -54.57 -55.50
CA TYR K 192 -60.45 -53.27 -54.79
C TYR K 192 -59.10 -52.89 -54.18
N ASN K 193 -58.56 -51.73 -54.56
CA ASN K 193 -57.26 -51.26 -54.01
C ASN K 193 -57.43 -49.81 -53.57
N PRO K 194 -58.06 -49.50 -52.42
CA PRO K 194 -58.35 -48.12 -52.04
C PRO K 194 -57.12 -47.21 -51.86
N LYS K 195 -56.06 -47.72 -51.23
CA LYS K 195 -54.81 -46.94 -51.04
C LYS K 195 -54.26 -46.56 -52.42
N ARG K 196 -54.86 -47.08 -53.49
CA ARG K 196 -54.42 -46.79 -54.85
C ARG K 196 -55.49 -46.07 -55.65
N PHE K 197 -56.69 -46.65 -55.72
CA PHE K 197 -57.81 -46.02 -56.39
C PHE K 197 -59.10 -46.47 -55.72
N ALA K 198 -60.11 -45.60 -55.76
CA ALA K 198 -61.29 -45.72 -54.92
C ALA K 198 -62.47 -46.42 -55.59
N ALA K 199 -62.23 -47.42 -56.42
CA ALA K 199 -63.30 -48.12 -57.10
C ALA K 199 -63.03 -49.61 -57.14
N VAL K 200 -64.07 -50.37 -57.49
CA VAL K 200 -63.95 -51.82 -57.59
C VAL K 200 -63.83 -52.19 -59.05
N ILE K 201 -62.78 -52.94 -59.39
CA ILE K 201 -62.44 -53.25 -60.77
C ILE K 201 -62.84 -54.69 -61.07
N MET K 202 -64.02 -54.88 -61.65
CA MET K 202 -64.52 -56.22 -61.92
C MET K 202 -64.52 -56.49 -63.41
N ARG K 203 -63.97 -57.63 -63.80
CA ARG K 203 -63.86 -58.02 -65.20
C ARG K 203 -64.79 -59.19 -65.48
N ILE K 204 -65.38 -59.22 -66.67
CA ILE K 204 -66.14 -60.38 -67.11
C ILE K 204 -65.37 -61.04 -68.23
N ARG K 205 -65.88 -62.16 -68.73
CA ARG K 205 -65.06 -62.94 -69.66
C ARG K 205 -65.70 -63.09 -71.03
N GLU K 206 -67.01 -63.42 -71.07
CA GLU K 206 -67.69 -63.65 -72.37
C GLU K 206 -67.42 -62.43 -73.26
N PRO K 207 -67.86 -61.20 -72.92
CA PRO K 207 -67.46 -60.02 -73.67
C PRO K 207 -66.28 -59.54 -72.81
N ARG K 208 -65.08 -59.40 -73.39
CA ARG K 208 -63.91 -59.01 -72.61
C ARG K 208 -64.04 -57.56 -72.18
N THR K 209 -64.53 -57.35 -70.96
CA THR K 209 -65.03 -56.05 -70.51
C THR K 209 -64.67 -55.81 -69.05
N THR K 210 -64.40 -54.55 -68.68
CA THR K 210 -63.97 -54.18 -67.34
C THR K 210 -64.85 -53.05 -66.81
N ALA K 211 -65.26 -53.14 -65.55
CA ALA K 211 -66.08 -52.11 -64.93
C ALA K 211 -65.40 -51.58 -63.68
N LEU K 212 -65.35 -50.26 -63.57
CA LEU K 212 -65.04 -49.59 -62.32
C LEU K 212 -66.35 -49.20 -61.67
N ILE K 213 -66.66 -49.83 -60.55
CA ILE K 213 -67.87 -49.54 -59.79
C ILE K 213 -67.49 -48.61 -58.66
N PHE K 214 -68.22 -47.52 -58.53
CA PHE K 214 -67.90 -46.54 -57.49
C PHE K 214 -68.87 -46.64 -56.33
N SER K 215 -68.51 -45.99 -55.23
CA SER K 215 -69.28 -46.15 -54.00
C SER K 215 -70.57 -45.35 -54.04
N SER K 216 -70.67 -44.38 -54.96
CA SER K 216 -71.89 -43.61 -55.11
C SER K 216 -72.86 -44.23 -56.09
N GLY K 217 -72.56 -45.42 -56.60
CA GLY K 217 -73.48 -46.12 -57.48
C GLY K 217 -73.33 -45.82 -58.95
N LYS K 218 -72.26 -45.14 -59.36
CA LYS K 218 -71.99 -44.89 -60.76
C LYS K 218 -70.93 -45.86 -61.25
N MET K 219 -71.09 -46.35 -62.47
CA MET K 219 -70.27 -47.41 -63.00
C MET K 219 -69.71 -47.02 -64.37
N VAL K 220 -68.41 -47.20 -64.55
CA VAL K 220 -67.74 -46.98 -65.83
C VAL K 220 -67.44 -48.32 -66.44
N CYS K 221 -67.86 -48.53 -67.68
CA CYS K 221 -67.74 -49.82 -68.36
C CYS K 221 -66.93 -49.64 -69.63
N THR K 222 -65.80 -50.32 -69.73
CA THR K 222 -64.84 -50.13 -70.81
C THR K 222 -64.50 -51.47 -71.44
N GLY K 223 -64.18 -51.44 -72.74
CA GLY K 223 -63.54 -52.57 -73.37
C GLY K 223 -64.31 -53.21 -74.50
N ALA K 224 -65.62 -53.00 -74.61
CA ALA K 224 -66.40 -53.66 -75.64
C ALA K 224 -66.17 -53.02 -76.99
N LYS K 225 -66.74 -53.61 -78.04
CA LYS K 225 -66.43 -53.21 -79.40
C LYS K 225 -67.65 -52.88 -80.24
N SER K 226 -68.79 -52.62 -79.62
CA SER K 226 -69.96 -52.07 -80.28
C SER K 226 -70.84 -51.42 -79.22
N GLU K 227 -71.95 -50.83 -79.67
CA GLU K 227 -72.86 -50.21 -78.71
C GLU K 227 -73.70 -51.26 -77.99
N GLU K 228 -74.19 -52.25 -78.74
CA GLU K 228 -75.04 -53.27 -78.15
C GLU K 228 -74.26 -54.17 -77.21
N GLN K 229 -73.00 -54.46 -77.54
CA GLN K 229 -72.17 -55.27 -76.64
C GLN K 229 -71.84 -54.52 -75.36
N SER K 230 -71.61 -53.20 -75.46
CA SER K 230 -71.35 -52.41 -74.26
C SER K 230 -72.59 -52.33 -73.38
N ARG K 231 -73.76 -52.18 -73.99
CA ARG K 231 -75.00 -52.15 -73.23
C ARG K 231 -75.29 -53.50 -72.58
N LEU K 232 -74.97 -54.60 -73.27
CA LEU K 232 -75.22 -55.92 -72.70
C LEU K 232 -74.25 -56.23 -71.56
N ALA K 233 -72.99 -55.79 -71.68
CA ALA K 233 -72.06 -55.97 -70.59
C ALA K 233 -72.42 -55.09 -69.39
N ALA K 234 -72.96 -53.90 -69.65
CA ALA K 234 -73.39 -53.05 -68.54
C ALA K 234 -74.59 -53.65 -67.81
N ARG K 235 -75.51 -54.26 -68.56
CA ARG K 235 -76.63 -54.97 -67.93
C ARG K 235 -76.15 -56.15 -67.10
N LYS K 236 -75.13 -56.87 -67.59
CA LYS K 236 -74.57 -58.00 -66.84
C LYS K 236 -73.93 -57.52 -65.53
N TYR K 237 -73.21 -56.41 -65.57
CA TYR K 237 -72.61 -55.86 -64.36
C TYR K 237 -73.67 -55.39 -63.37
N ALA K 238 -74.76 -54.81 -63.88
CA ALA K 238 -75.83 -54.37 -63.00
C ALA K 238 -76.53 -55.55 -62.33
N ARG K 239 -76.70 -56.65 -63.06
CA ARG K 239 -77.37 -57.79 -62.43
C ARG K 239 -76.44 -58.54 -61.49
N VAL K 240 -75.12 -58.49 -61.70
CA VAL K 240 -74.26 -59.17 -60.75
C VAL K 240 -74.09 -58.33 -59.48
N VAL K 241 -74.29 -57.02 -59.60
CA VAL K 241 -74.41 -56.21 -58.38
C VAL K 241 -75.74 -56.47 -57.69
N GLN K 242 -76.82 -56.62 -58.49
CA GLN K 242 -78.17 -56.82 -57.97
C GLN K 242 -78.29 -58.11 -57.16
N LYS K 243 -77.77 -59.21 -57.70
CA LYS K 243 -77.97 -60.51 -57.07
C LYS K 243 -77.16 -60.69 -55.80
N LEU K 244 -76.24 -59.77 -55.49
CA LEU K 244 -75.59 -59.80 -54.19
C LEU K 244 -76.52 -59.26 -53.11
N GLY K 245 -77.43 -58.35 -53.47
CA GLY K 245 -78.42 -57.89 -52.53
C GLY K 245 -78.76 -56.41 -52.60
N PHE K 246 -78.01 -55.65 -53.37
CA PHE K 246 -78.28 -54.22 -53.46
C PHE K 246 -79.43 -53.97 -54.43
N PRO K 247 -80.36 -53.07 -54.09
CA PRO K 247 -81.41 -52.72 -55.05
C PRO K 247 -80.89 -51.76 -56.11
N ALA K 248 -80.63 -52.30 -57.29
CA ALA K 248 -79.91 -51.57 -58.33
C ALA K 248 -80.80 -51.36 -59.54
N LYS K 249 -81.08 -50.09 -59.86
CA LYS K 249 -81.91 -49.76 -61.05
C LYS K 249 -81.00 -49.29 -62.19
N PHE K 250 -81.32 -49.68 -63.43
CA PHE K 250 -80.53 -49.21 -64.60
C PHE K 250 -81.07 -47.83 -64.97
N LEU K 251 -80.73 -46.81 -64.17
CA LEU K 251 -81.27 -45.44 -64.41
C LEU K 251 -80.85 -44.89 -65.77
N ASP K 252 -79.61 -44.41 -65.90
CA ASP K 252 -79.19 -43.77 -67.18
C ASP K 252 -77.93 -44.46 -67.72
N PHE K 253 -77.95 -44.89 -68.98
CA PHE K 253 -76.73 -45.47 -69.60
C PHE K 253 -76.27 -44.55 -70.73
N LYS K 254 -75.04 -44.03 -70.64
CA LYS K 254 -74.51 -43.12 -71.69
C LYS K 254 -73.11 -43.59 -72.11
N ILE K 255 -72.85 -43.63 -73.41
CA ILE K 255 -71.49 -44.04 -73.89
C ILE K 255 -70.61 -42.78 -73.93
N GLN K 256 -69.63 -42.70 -73.04
CA GLN K 256 -68.74 -41.50 -72.99
C GLN K 256 -67.89 -41.40 -74.25
N ASN K 257 -67.30 -42.51 -74.71
CA ASN K 257 -66.38 -42.40 -75.88
C ASN K 257 -66.42 -43.63 -76.79
N MET K 258 -66.14 -43.43 -78.08
CA MET K 258 -66.05 -44.57 -79.03
C MET K 258 -64.70 -44.41 -79.77
N VAL K 259 -63.90 -45.48 -79.82
CA VAL K 259 -62.54 -45.37 -80.44
C VAL K 259 -62.44 -46.31 -81.64
N GLY K 260 -62.00 -45.80 -82.79
CA GLY K 260 -61.83 -46.64 -83.99
C GLY K 260 -60.47 -46.45 -84.65
N SER K 261 -59.98 -47.45 -85.37
CA SER K 261 -58.67 -47.35 -86.07
C SER K 261 -58.78 -47.95 -87.48
N CYS K 262 -57.91 -47.52 -88.40
CA CYS K 262 -57.99 -48.00 -89.81
C CYS K 262 -56.63 -47.88 -90.50
N ASP K 263 -56.44 -48.58 -91.62
CA ASP K 263 -55.18 -48.49 -92.40
C ASP K 263 -55.52 -47.91 -93.79
N VAL K 264 -54.84 -46.84 -94.20
CA VAL K 264 -55.16 -46.20 -95.47
C VAL K 264 -54.31 -46.73 -96.61
N LYS K 265 -53.55 -47.79 -96.37
CA LYS K 265 -52.84 -48.62 -97.36
C LYS K 265 -51.71 -47.95 -98.13
N PHE K 266 -51.12 -46.86 -97.64
CA PHE K 266 -49.92 -46.32 -98.25
C PHE K 266 -49.11 -45.59 -97.19
N PRO K 267 -47.79 -45.45 -97.37
CA PRO K 267 -47.01 -44.63 -96.45
C PRO K 267 -47.35 -43.16 -96.60
N ILE K 268 -47.33 -42.44 -95.49
CA ILE K 268 -47.72 -41.04 -95.44
C ILE K 268 -46.50 -40.21 -95.04
N ARG K 269 -46.35 -39.04 -95.66
CA ARG K 269 -45.21 -38.15 -95.41
C ARG K 269 -45.72 -37.00 -94.56
N LEU K 270 -45.29 -36.96 -93.30
CA LEU K 270 -45.97 -36.11 -92.32
C LEU K 270 -45.47 -34.68 -92.33
N GLU K 271 -44.31 -34.43 -92.95
CA GLU K 271 -43.72 -33.10 -92.91
C GLU K 271 -44.49 -32.12 -93.79
N GLY K 272 -44.93 -32.57 -94.97
CA GLY K 272 -45.82 -31.73 -95.77
C GLY K 272 -47.17 -31.54 -95.10
N LEU K 273 -47.59 -32.55 -94.32
CA LEU K 273 -48.88 -32.47 -93.66
C LEU K 273 -48.86 -31.47 -92.53
N VAL K 274 -47.72 -31.31 -91.84
CA VAL K 274 -47.64 -30.27 -90.83
C VAL K 274 -47.30 -28.93 -91.48
N LEU K 275 -46.73 -28.96 -92.69
CA LEU K 275 -46.40 -27.72 -93.38
C LEU K 275 -47.64 -27.03 -93.93
N THR K 276 -48.60 -27.79 -94.42
CA THR K 276 -49.78 -27.16 -95.03
C THR K 276 -50.97 -27.04 -94.10
N HIS K 277 -50.96 -27.68 -92.94
CA HIS K 277 -52.07 -27.63 -92.01
C HIS K 277 -51.59 -27.38 -90.59
N GLN K 278 -50.70 -26.40 -90.40
CA GLN K 278 -50.09 -26.22 -89.08
C GLN K 278 -51.04 -25.57 -88.10
N GLN K 279 -52.22 -25.13 -88.55
CA GLN K 279 -53.19 -24.57 -87.63
C GLN K 279 -53.86 -25.67 -86.81
N PHE K 280 -54.08 -26.85 -87.41
CA PHE K 280 -54.86 -27.90 -86.70
C PHE K 280 -53.98 -29.09 -86.31
N SER K 281 -52.73 -29.12 -86.75
CA SER K 281 -51.90 -30.33 -86.47
C SER K 281 -50.71 -29.99 -85.58
N SER K 282 -50.57 -30.71 -84.45
CA SER K 282 -49.37 -30.51 -83.59
C SER K 282 -48.51 -31.77 -83.72
N TYR K 283 -47.29 -31.63 -84.28
CA TYR K 283 -46.46 -32.84 -84.52
C TYR K 283 -45.08 -32.67 -83.87
N GLU K 284 -44.75 -33.53 -82.91
CA GLU K 284 -43.38 -33.49 -82.33
C GLU K 284 -42.86 -34.93 -82.36
N PRO K 285 -41.86 -35.26 -83.20
CA PRO K 285 -41.42 -36.64 -83.34
C PRO K 285 -40.82 -37.27 -82.08
N GLU K 286 -39.99 -36.52 -81.34
CA GLU K 286 -39.29 -37.11 -80.17
C GLU K 286 -40.30 -37.53 -79.10
N LEU K 287 -41.28 -36.67 -78.78
CA LEU K 287 -42.22 -36.99 -77.67
C LEU K 287 -43.10 -38.20 -78.04
N PHE K 288 -43.65 -38.22 -79.25
CA PHE K 288 -44.54 -39.33 -79.69
C PHE K 288 -44.33 -39.53 -81.19
N PRO K 289 -44.28 -40.77 -81.72
CA PRO K 289 -44.00 -40.95 -83.14
C PRO K 289 -45.29 -40.84 -83.97
N GLY K 290 -46.04 -39.76 -83.78
CA GLY K 290 -47.33 -39.60 -84.48
C GLY K 290 -47.75 -38.15 -84.57
N LEU K 291 -48.68 -37.85 -85.48
CA LEU K 291 -49.13 -36.45 -85.67
C LEU K 291 -50.56 -36.34 -85.12
N ILE K 292 -50.80 -35.40 -84.22
CA ILE K 292 -52.16 -35.19 -83.68
C ILE K 292 -52.84 -34.13 -84.57
N TYR K 293 -53.85 -34.53 -85.33
CA TYR K 293 -54.60 -33.56 -86.18
C TYR K 293 -55.99 -33.39 -85.57
N ARG K 294 -56.36 -32.16 -85.24
CA ARG K 294 -57.67 -31.94 -84.58
C ARG K 294 -58.66 -31.46 -85.63
N MET K 295 -59.71 -32.25 -85.88
CA MET K 295 -60.76 -31.80 -86.83
C MET K 295 -61.68 -30.84 -86.09
N ILE K 296 -61.91 -29.66 -86.64
CA ILE K 296 -62.70 -28.63 -85.92
C ILE K 296 -64.19 -28.92 -85.95
N LYS K 297 -64.70 -29.51 -87.04
CA LYS K 297 -66.19 -29.65 -87.14
C LYS K 297 -66.67 -30.99 -86.55
N PRO K 298 -66.09 -32.16 -86.87
CA PRO K 298 -66.46 -33.42 -86.20
C PRO K 298 -66.10 -33.40 -84.71
N ARG K 299 -64.98 -32.75 -84.35
CA ARG K 299 -64.49 -32.71 -82.94
C ARG K 299 -63.83 -34.05 -82.61
N ILE K 300 -62.94 -34.52 -83.48
CA ILE K 300 -62.29 -35.81 -83.32
C ILE K 300 -60.79 -35.53 -83.24
N VAL K 301 -60.05 -36.41 -82.58
CA VAL K 301 -58.59 -36.36 -82.57
C VAL K 301 -58.07 -37.55 -83.33
N LEU K 302 -57.19 -37.31 -84.29
CA LEU K 302 -56.66 -38.36 -85.13
C LEU K 302 -55.16 -38.45 -84.97
N LEU K 303 -54.67 -39.62 -84.57
CA LEU K 303 -53.25 -39.90 -84.58
C LEU K 303 -52.91 -40.53 -85.91
N ILE K 304 -52.11 -39.83 -86.71
CA ILE K 304 -51.73 -40.26 -88.05
C ILE K 304 -50.29 -40.73 -88.00
N PHE K 305 -50.05 -41.97 -88.37
CA PHE K 305 -48.70 -42.52 -88.32
C PHE K 305 -48.10 -42.61 -89.71
N VAL K 306 -46.79 -42.80 -89.75
CA VAL K 306 -46.07 -42.81 -91.01
C VAL K 306 -46.31 -44.12 -91.75
N SER K 307 -46.65 -45.18 -91.01
CA SER K 307 -46.82 -46.49 -91.64
C SER K 307 -48.15 -46.60 -92.35
N GLY K 308 -49.08 -45.71 -92.05
CA GLY K 308 -50.35 -45.73 -92.74
C GLY K 308 -51.52 -45.98 -91.82
N LYS K 309 -51.24 -46.23 -90.54
CA LYS K 309 -52.32 -46.51 -89.60
C LYS K 309 -52.79 -45.21 -88.97
N VAL K 310 -54.10 -44.99 -88.97
CA VAL K 310 -54.73 -43.81 -88.39
C VAL K 310 -55.62 -44.29 -87.24
N VAL K 311 -55.59 -43.57 -86.13
CA VAL K 311 -56.42 -43.89 -84.97
C VAL K 311 -57.32 -42.70 -84.67
N LEU K 312 -58.64 -42.92 -84.68
CA LEU K 312 -59.62 -41.88 -84.45
C LEU K 312 -60.20 -42.04 -83.06
N THR K 313 -60.09 -40.99 -82.24
CA THR K 313 -60.56 -41.04 -80.86
C THR K 313 -61.30 -39.77 -80.52
N GLY K 314 -62.14 -39.87 -79.50
CA GLY K 314 -62.82 -38.71 -78.95
C GLY K 314 -64.20 -38.46 -79.52
N ALA K 315 -64.92 -39.53 -79.81
CA ALA K 315 -66.21 -39.46 -80.49
C ALA K 315 -67.29 -40.05 -79.60
N LYS K 316 -68.52 -39.54 -79.76
CA LYS K 316 -69.62 -40.13 -79.02
C LYS K 316 -70.40 -41.13 -79.87
N VAL K 317 -70.59 -40.84 -81.16
CA VAL K 317 -71.37 -41.70 -82.03
C VAL K 317 -70.47 -42.30 -83.09
N ARG K 318 -71.04 -43.23 -83.87
CA ARG K 318 -70.29 -43.91 -84.91
C ARG K 318 -70.15 -43.03 -86.14
N ALA K 319 -71.17 -42.24 -86.43
CA ALA K 319 -71.21 -41.46 -87.66
C ALA K 319 -70.19 -40.32 -87.61
N GLU K 320 -69.79 -39.90 -86.41
CA GLU K 320 -68.75 -38.90 -86.29
C GLU K 320 -67.40 -39.46 -86.70
N ILE K 321 -67.13 -40.71 -86.32
CA ILE K 321 -65.90 -41.38 -86.73
C ILE K 321 -65.89 -41.57 -88.25
N TYR K 322 -67.05 -41.94 -88.80
CA TYR K 322 -67.12 -42.18 -90.24
C TYR K 322 -66.95 -40.89 -91.03
N GLU K 323 -67.57 -39.81 -90.58
CA GLU K 323 -67.45 -38.52 -91.26
C GLU K 323 -66.06 -37.92 -91.10
N ALA K 324 -65.42 -38.15 -89.96
CA ALA K 324 -64.05 -37.66 -89.78
C ALA K 324 -63.07 -38.40 -90.68
N PHE K 325 -63.27 -39.71 -90.85
CA PHE K 325 -62.37 -40.44 -91.74
C PHE K 325 -62.61 -40.06 -93.20
N GLU K 326 -63.86 -39.85 -93.59
CA GLU K 326 -64.13 -39.42 -94.97
C GLU K 326 -63.66 -37.98 -95.19
N ASN K 327 -63.55 -37.21 -94.12
CA ASN K 327 -62.98 -35.87 -94.26
C ASN K 327 -61.47 -35.94 -94.45
N ILE K 328 -60.79 -36.79 -93.68
CA ILE K 328 -59.34 -36.73 -93.67
C ILE K 328 -58.73 -37.64 -94.73
N TYR K 329 -59.53 -38.46 -95.38
CA TYR K 329 -58.96 -39.29 -96.44
C TYR K 329 -58.40 -38.56 -97.67
N PRO K 330 -59.05 -37.53 -98.26
CA PRO K 330 -58.43 -36.90 -99.44
C PRO K 330 -57.14 -36.16 -99.16
N ILE K 331 -56.98 -35.62 -97.94
CA ILE K 331 -55.73 -34.97 -97.58
C ILE K 331 -54.60 -36.00 -97.51
N LEU K 332 -54.89 -37.16 -96.92
CA LEU K 332 -53.88 -38.19 -96.81
C LEU K 332 -53.52 -38.78 -98.16
N LYS K 333 -54.49 -38.88 -99.07
CA LYS K 333 -54.16 -39.34 -100.42
C LYS K 333 -53.37 -38.27 -101.18
N GLY K 334 -53.63 -37.00 -100.89
CA GLY K 334 -52.86 -35.94 -101.51
C GLY K 334 -51.42 -35.89 -101.01
N PHE K 335 -51.18 -36.38 -99.80
CA PHE K 335 -49.83 -36.39 -99.26
C PHE K 335 -49.19 -37.78 -99.23
N ARG K 336 -49.45 -38.61 -100.23
CA ARG K 336 -48.81 -39.92 -100.33
C ARG K 336 -47.32 -39.74 -100.60
N LYS K 337 -46.51 -40.67 -100.10
CA LYS K 337 -45.07 -40.62 -100.30
C LYS K 337 -44.69 -40.87 -101.75
N MET L 1 -14.19 12.76 -48.27
CA MET L 1 -15.60 12.74 -47.90
C MET L 1 -16.43 12.66 -49.17
N CYS L 2 -15.89 13.21 -50.27
CA CYS L 2 -16.51 13.04 -51.59
C CYS L 2 -16.60 11.57 -51.98
N GLU L 3 -15.63 10.76 -51.54
CA GLU L 3 -15.74 9.32 -51.72
C GLU L 3 -16.79 8.72 -50.82
N SER L 4 -16.88 9.21 -49.57
CA SER L 4 -17.85 8.68 -48.62
C SER L 4 -19.25 9.26 -48.82
N TYR L 5 -19.36 10.44 -49.43
CA TYR L 5 -20.67 10.94 -49.81
C TYR L 5 -21.21 10.17 -51.01
N SER L 6 -20.32 9.75 -51.91
CA SER L 6 -20.73 8.98 -53.07
C SER L 6 -21.15 7.56 -52.69
N ARG L 7 -20.53 7.02 -51.64
CA ARG L 7 -20.84 5.65 -51.25
C ARG L 7 -22.20 5.56 -50.56
N SER L 8 -22.56 6.58 -49.79
CA SER L 8 -23.86 6.58 -49.15
C SER L 8 -24.99 6.81 -50.15
N LEU L 9 -24.71 7.53 -51.23
CA LEU L 9 -25.68 7.67 -52.30
C LEU L 9 -25.80 6.41 -53.16
N LEU L 10 -24.79 5.55 -53.16
CA LEU L 10 -24.88 4.26 -53.82
C LEU L 10 -25.43 3.17 -52.91
N ARG L 11 -25.69 3.48 -51.64
CA ARG L 11 -26.37 2.52 -50.79
C ARG L 11 -27.88 2.65 -50.90
N VAL L 12 -28.37 3.89 -50.94
CA VAL L 12 -29.78 4.14 -51.21
C VAL L 12 -30.13 3.77 -52.65
N SER L 13 -29.20 3.95 -53.59
CA SER L 13 -29.46 3.58 -54.98
C SER L 13 -29.47 2.07 -55.16
N VAL L 14 -28.69 1.33 -54.38
CA VAL L 14 -28.80 -0.13 -54.39
C VAL L 14 -30.11 -0.55 -53.73
N ALA L 15 -30.48 0.11 -52.64
CA ALA L 15 -31.71 -0.20 -51.92
C ALA L 15 -32.96 0.17 -52.69
N GLN L 16 -32.85 0.96 -53.76
CA GLN L 16 -33.97 1.23 -54.63
C GLN L 16 -34.06 0.25 -55.79
N ILE L 17 -33.00 -0.49 -56.07
CA ILE L 17 -33.06 -1.58 -57.03
C ILE L 17 -33.53 -2.86 -56.34
N CYS L 18 -33.05 -3.09 -55.12
CA CYS L 18 -33.45 -4.29 -54.38
C CYS L 18 -34.87 -4.20 -53.85
N GLN L 19 -35.44 -2.99 -53.74
CA GLN L 19 -36.82 -2.85 -53.31
C GLN L 19 -37.78 -2.96 -54.49
N ALA L 20 -37.40 -2.41 -55.64
CA ALA L 20 -38.26 -2.42 -56.83
C ALA L 20 -38.42 -3.79 -57.44
N LEU L 21 -37.65 -4.78 -56.98
CA LEU L 21 -37.70 -6.14 -57.58
C LEU L 21 -38.20 -7.19 -56.58
N GLY L 22 -38.77 -6.77 -55.45
CA GLY L 22 -39.39 -7.73 -54.52
C GLY L 22 -38.62 -8.08 -53.27
N TRP L 23 -37.36 -7.67 -53.11
CA TRP L 23 -36.70 -7.93 -51.81
C TRP L 23 -37.40 -7.05 -50.79
N ASP L 24 -37.82 -7.60 -49.65
CA ASP L 24 -38.60 -6.78 -48.70
C ASP L 24 -37.72 -6.28 -47.56
N SER L 25 -36.67 -7.03 -47.23
CA SER L 25 -35.73 -6.63 -46.15
C SER L 25 -34.33 -7.04 -46.55
N VAL L 26 -33.32 -6.41 -45.97
CA VAL L 26 -31.92 -6.70 -46.41
C VAL L 26 -31.05 -6.97 -45.20
N GLN L 27 -29.93 -7.62 -45.41
CA GLN L 27 -28.95 -7.83 -44.35
C GLN L 27 -27.91 -6.72 -44.42
N LEU L 28 -27.40 -6.29 -43.27
CA LEU L 28 -26.46 -5.18 -43.26
C LEU L 28 -25.09 -5.59 -43.78
N SER L 29 -24.69 -6.85 -43.56
CA SER L 29 -23.42 -7.32 -44.08
C SER L 29 -23.45 -7.52 -45.60
N ALA L 30 -24.64 -7.63 -46.19
CA ALA L 30 -24.77 -7.85 -47.62
C ALA L 30 -25.24 -6.62 -48.37
N CYS L 31 -25.51 -5.51 -47.69
CA CYS L 31 -25.78 -4.25 -48.36
C CYS L 31 -24.52 -3.43 -48.55
N HIS L 32 -23.56 -3.56 -47.63
CA HIS L 32 -22.26 -2.93 -47.80
C HIS L 32 -21.43 -3.62 -48.86
N LEU L 33 -21.71 -4.88 -49.16
CA LEU L 33 -20.97 -5.57 -50.21
C LEU L 33 -21.53 -5.26 -51.58
N LEU L 34 -22.85 -5.19 -51.72
CA LEU L 34 -23.45 -4.92 -53.01
C LEU L 34 -23.21 -3.48 -53.46
N THR L 35 -23.03 -2.55 -52.52
CA THR L 35 -22.68 -1.19 -52.90
C THR L 35 -21.18 -1.03 -53.15
N ASP L 36 -20.38 -2.03 -52.83
CA ASP L 36 -18.96 -2.01 -53.15
C ASP L 36 -18.66 -2.67 -54.48
N VAL L 37 -19.57 -3.51 -54.98
CA VAL L 37 -19.45 -4.02 -56.34
C VAL L 37 -19.92 -2.98 -57.33
N LEU L 38 -20.93 -2.19 -56.97
CA LEU L 38 -21.39 -1.11 -57.84
C LEU L 38 -20.40 0.04 -57.87
N GLN L 39 -19.66 0.26 -56.78
CA GLN L 39 -18.59 1.25 -56.80
C GLN L 39 -17.44 0.79 -57.68
N ARG L 40 -17.19 -0.52 -57.74
CA ARG L 40 -16.11 -1.06 -58.56
C ARG L 40 -16.54 -1.24 -60.01
N TYR L 41 -17.83 -1.42 -60.26
CA TYR L 41 -18.29 -1.59 -61.63
C TYR L 41 -18.37 -0.27 -62.38
N LEU L 42 -18.71 0.81 -61.68
CA LEU L 42 -18.73 2.13 -62.30
C LEU L 42 -17.33 2.61 -62.64
N GLN L 43 -16.33 2.19 -61.87
CA GLN L 43 -14.96 2.58 -62.15
C GLN L 43 -14.36 1.77 -63.29
N GLN L 44 -14.61 0.45 -63.30
CA GLN L 44 -14.04 -0.41 -64.33
C GLN L 44 -14.63 -0.12 -65.70
N LEU L 45 -15.90 0.29 -65.77
CA LEU L 45 -16.46 0.77 -67.03
C LEU L 45 -15.85 2.09 -67.44
N GLY L 46 -15.75 3.04 -66.50
CA GLY L 46 -15.14 4.32 -66.79
C GLY L 46 -13.66 4.26 -67.05
N ARG L 47 -12.97 3.26 -66.51
CA ARG L 47 -11.57 3.08 -66.85
C ARG L 47 -11.42 2.51 -68.25
N GLY L 48 -12.32 1.60 -68.64
CA GLY L 48 -12.25 1.06 -69.98
C GLY L 48 -12.66 2.06 -71.04
N CYS L 49 -13.59 2.96 -70.69
CA CYS L 49 -13.97 4.04 -71.62
C CYS L 49 -12.86 5.06 -71.80
N HIS L 50 -11.94 5.15 -70.83
CA HIS L 50 -10.81 6.07 -70.93
C HIS L 50 -9.63 5.44 -71.64
N ARG L 51 -9.43 4.14 -71.45
CA ARG L 51 -8.31 3.45 -72.11
C ARG L 51 -8.56 3.28 -73.60
N TYR L 52 -9.82 3.10 -74.01
CA TYR L 52 -10.12 3.06 -75.43
C TYR L 52 -10.09 4.44 -76.09
N SER L 53 -10.15 5.52 -75.31
CA SER L 53 -10.01 6.83 -75.91
C SER L 53 -8.55 7.19 -76.11
N GLU L 54 -7.72 6.93 -75.10
CA GLU L 54 -6.30 7.26 -75.16
C GLU L 54 -5.55 6.41 -76.19
N LEU L 55 -6.10 5.27 -76.59
CA LEU L 55 -5.45 4.42 -77.57
C LEU L 55 -5.52 5.03 -78.96
N TYR L 56 -6.65 5.62 -79.31
CA TYR L 56 -6.81 6.24 -80.62
C TYR L 56 -6.41 7.70 -80.61
N GLY L 57 -5.81 8.18 -79.54
CA GLY L 57 -5.28 9.53 -79.50
C GLY L 57 -6.01 10.49 -78.61
N ARG L 58 -7.34 10.42 -78.56
CA ARG L 58 -8.09 11.46 -77.89
C ARG L 58 -8.06 11.29 -76.38
N THR L 59 -8.33 12.38 -75.67
CA THR L 59 -8.37 12.35 -74.21
C THR L 59 -9.79 12.16 -73.68
N ASP L 60 -10.76 12.81 -74.29
CA ASP L 60 -12.15 12.69 -73.86
C ASP L 60 -12.86 11.62 -74.68
N PRO L 61 -13.48 10.63 -74.05
CA PRO L 61 -14.11 9.55 -74.81
C PRO L 61 -15.39 9.99 -75.50
N ILE L 62 -15.82 9.17 -76.45
CA ILE L 62 -17.03 9.41 -77.23
C ILE L 62 -17.90 8.18 -77.12
N LEU L 63 -19.01 8.16 -77.86
CA LEU L 63 -19.98 7.06 -77.78
C LEU L 63 -19.40 5.74 -78.28
N ASP L 64 -18.47 5.79 -79.24
CA ASP L 64 -17.87 4.56 -79.76
C ASP L 64 -16.97 3.89 -78.74
N ASP L 65 -16.31 4.68 -77.90
CA ASP L 65 -15.47 4.13 -76.84
C ASP L 65 -16.31 3.49 -75.75
N VAL L 66 -17.50 4.03 -75.49
CA VAL L 66 -18.42 3.40 -74.56
C VAL L 66 -18.96 2.10 -75.14
N GLY L 67 -19.19 2.07 -76.45
CA GLY L 67 -19.62 0.84 -77.09
C GLY L 67 -18.53 -0.21 -77.14
N GLU L 68 -17.26 0.22 -77.16
CA GLU L 68 -16.15 -0.73 -77.15
C GLU L 68 -15.84 -1.20 -75.74
N ALA L 69 -15.98 -0.32 -74.75
CA ALA L 69 -15.73 -0.72 -73.37
C ALA L 69 -16.89 -1.48 -72.76
N PHE L 70 -18.04 -1.53 -73.43
CA PHE L 70 -19.12 -2.39 -72.98
C PHE L 70 -18.81 -3.85 -73.29
N GLN L 71 -18.11 -4.11 -74.39
CA GLN L 71 -17.77 -5.47 -74.78
C GLN L 71 -16.58 -6.02 -74.01
N LEU L 72 -15.72 -5.15 -73.47
CA LEU L 72 -14.62 -5.65 -72.62
C LEU L 72 -15.25 -6.13 -71.31
N MET L 73 -16.13 -5.31 -70.73
CA MET L 73 -16.81 -5.68 -69.46
C MET L 73 -17.87 -6.75 -69.73
N GLY L 74 -18.26 -6.95 -70.99
CA GLY L 74 -19.24 -7.98 -71.34
C GLY L 74 -20.69 -7.49 -71.32
N VAL L 75 -20.91 -6.19 -71.14
CA VAL L 75 -22.30 -5.65 -71.20
C VAL L 75 -22.82 -5.89 -72.62
N SER L 76 -24.07 -6.34 -72.75
CA SER L 76 -24.65 -6.62 -74.09
C SER L 76 -25.76 -5.62 -74.39
N LEU L 77 -25.66 -4.91 -75.51
CA LEU L 77 -26.65 -3.86 -75.83
C LEU L 77 -27.99 -4.51 -76.21
N HIS L 78 -28.00 -5.81 -76.51
CA HIS L 78 -29.27 -6.51 -76.78
C HIS L 78 -30.01 -6.71 -75.45
N GLU L 79 -29.25 -6.97 -74.38
CA GLU L 79 -29.89 -7.20 -73.08
C GLU L 79 -30.13 -5.90 -72.31
N LEU L 80 -29.59 -4.77 -72.78
CA LEU L 80 -29.97 -3.49 -72.20
C LEU L 80 -31.33 -3.03 -72.69
N GLU L 81 -31.72 -3.44 -73.90
CA GLU L 81 -33.04 -3.10 -74.41
C GLU L 81 -34.13 -3.88 -73.70
N ASP L 82 -33.84 -5.10 -73.26
CA ASP L 82 -34.79 -5.87 -72.47
C ASP L 82 -34.87 -5.39 -71.02
N TYR L 83 -33.91 -4.59 -70.58
CA TYR L 83 -33.99 -3.93 -69.28
C TYR L 83 -34.67 -2.58 -69.38
N ILE L 84 -34.49 -1.87 -70.50
CA ILE L 84 -35.05 -0.53 -70.66
C ILE L 84 -36.51 -0.57 -71.10
N HIS L 85 -37.03 -1.74 -71.45
CA HIS L 85 -38.41 -1.88 -71.90
C HIS L 85 -39.29 -2.67 -70.95
N ASN L 86 -38.73 -3.61 -70.20
CA ASN L 86 -39.50 -4.47 -69.32
C ASN L 86 -39.42 -4.08 -67.86
N ILE L 87 -38.59 -3.10 -67.51
CA ILE L 87 -38.44 -2.64 -66.13
C ILE L 87 -38.78 -1.16 -66.08
N GLU L 88 -39.51 -0.75 -65.05
CA GLU L 88 -39.96 0.67 -64.93
C GLU L 88 -38.87 1.48 -64.22
N PRO L 89 -38.64 2.74 -64.61
CA PRO L 89 -37.62 3.57 -63.98
C PRO L 89 -37.94 3.83 -62.50
N VAL L 90 -36.91 3.84 -61.65
CA VAL L 90 -37.10 4.14 -60.20
C VAL L 90 -36.51 5.52 -59.94
N THR L 91 -37.27 6.43 -59.32
CA THR L 91 -36.79 7.82 -59.12
C THR L 91 -36.06 7.94 -57.77
N PHE L 92 -34.87 8.56 -57.78
CA PHE L 92 -34.09 8.76 -56.54
C PHE L 92 -34.88 9.68 -55.60
N PRO L 93 -34.93 9.41 -54.28
CA PRO L 93 -35.76 10.21 -53.36
C PRO L 93 -35.46 11.71 -53.24
N HIS L 94 -34.19 12.12 -53.39
CA HIS L 94 -33.78 13.50 -53.23
C HIS L 94 -32.62 13.79 -54.19
N GLN L 95 -32.82 14.78 -55.06
CA GLN L 95 -31.83 15.08 -56.09
C GLN L 95 -30.60 15.74 -55.47
N ILE L 96 -29.46 15.60 -56.16
CA ILE L 96 -28.18 16.09 -55.70
C ILE L 96 -27.58 16.96 -56.79
N PRO L 97 -27.20 18.20 -56.51
CA PRO L 97 -26.72 19.10 -57.57
C PRO L 97 -25.33 18.76 -58.12
N SER L 98 -24.35 18.66 -57.23
CA SER L 98 -22.94 18.38 -57.54
C SER L 98 -22.22 18.19 -56.22
N PHE L 99 -21.18 17.36 -56.24
CA PHE L 99 -20.49 17.09 -54.97
C PHE L 99 -19.58 18.24 -54.55
N PRO L 100 -18.51 18.59 -55.29
CA PRO L 100 -17.58 19.60 -54.81
C PRO L 100 -18.20 21.00 -54.87
N VAL L 101 -18.76 21.47 -53.75
CA VAL L 101 -19.28 22.86 -53.73
C VAL L 101 -18.06 23.78 -53.94
N SER L 102 -18.16 24.78 -54.81
CA SER L 102 -16.98 25.61 -55.12
C SER L 102 -16.53 26.35 -53.86
N LYS L 103 -15.24 26.33 -53.56
CA LYS L 103 -14.71 27.08 -52.40
C LYS L 103 -13.59 28.01 -52.89
N ASN L 104 -13.70 29.31 -52.59
CA ASN L 104 -12.66 30.29 -53.00
C ASN L 104 -11.41 30.12 -52.12
N ASN L 105 -10.22 30.14 -52.71
CA ASN L 105 -8.96 30.06 -51.92
C ASN L 105 -8.88 31.32 -51.05
N VAL L 106 -8.37 31.20 -49.82
CA VAL L 106 -8.36 32.35 -48.88
C VAL L 106 -7.00 33.05 -48.82
N LEU L 107 -6.15 32.86 -49.83
CA LEU L 107 -4.86 33.59 -49.88
C LEU L 107 -5.11 35.08 -49.61
N GLN L 108 -4.31 35.72 -48.75
CA GLN L 108 -4.50 37.12 -48.37
C GLN L 108 -3.78 38.02 -49.36
N PHE L 109 -4.47 38.36 -50.42
CA PHE L 109 -3.99 39.28 -51.43
C PHE L 109 -4.03 40.70 -50.85
N PRO L 110 -3.18 41.62 -51.35
CA PRO L 110 -2.88 42.83 -50.57
C PRO L 110 -4.03 43.83 -50.49
N GLN L 111 -3.76 44.88 -49.72
CA GLN L 111 -4.70 45.83 -49.16
C GLN L 111 -3.85 47.04 -48.72
N PRO L 112 -4.43 48.12 -48.18
CA PRO L 112 -3.62 49.11 -47.48
C PRO L 112 -2.75 48.49 -46.38
N GLY L 113 -1.50 48.91 -46.34
CA GLY L 113 -0.49 48.40 -45.43
C GLY L 113 0.89 48.58 -46.04
N SER L 114 1.82 47.72 -45.62
CA SER L 114 3.18 47.72 -46.14
C SER L 114 3.78 46.33 -45.92
N LYS L 115 5.05 46.19 -46.31
CA LYS L 115 5.80 44.93 -46.20
C LYS L 115 7.21 45.28 -45.72
N ASP L 116 8.00 44.28 -45.33
CA ASP L 116 9.21 44.55 -44.55
C ASP L 116 10.47 44.73 -45.41
N ALA L 117 10.99 43.64 -45.98
CA ALA L 117 12.23 43.79 -46.73
C ALA L 117 12.26 43.05 -48.06
N GLU L 118 11.81 41.81 -48.07
CA GLU L 118 11.97 40.94 -49.23
C GLU L 118 10.79 40.01 -49.47
N GLU L 119 9.71 40.13 -48.70
CA GLU L 119 8.50 39.39 -48.99
C GLU L 119 7.77 40.06 -50.14
N ARG L 120 7.14 39.26 -50.99
CA ARG L 120 6.40 39.79 -52.13
C ARG L 120 5.12 40.50 -51.64
N LYS L 121 4.51 41.25 -52.56
CA LYS L 121 3.32 42.01 -52.19
C LYS L 121 2.10 41.11 -51.98
N GLU L 122 2.06 39.96 -52.65
CA GLU L 122 0.88 39.10 -52.61
C GLU L 122 0.77 38.29 -51.33
N TYR L 123 1.77 38.31 -50.46
CA TYR L 123 1.77 37.43 -49.30
C TYR L 123 0.82 37.95 -48.22
N ILE L 124 0.73 37.20 -47.14
CA ILE L 124 -0.12 37.57 -46.00
C ILE L 124 0.52 38.74 -45.27
N PRO L 125 -0.25 39.70 -44.76
CA PRO L 125 0.36 40.75 -43.95
C PRO L 125 0.85 40.21 -42.62
N ASP L 126 1.98 40.75 -42.17
CA ASP L 126 2.51 40.41 -40.84
C ASP L 126 1.68 41.17 -39.81
N TYR L 127 0.60 40.56 -39.37
CA TYR L 127 -0.35 41.21 -38.47
C TYR L 127 0.18 41.28 -37.05
N VAL M 843 -49.63 -50.90 -78.31
CA VAL M 843 -48.86 -51.74 -79.22
C VAL M 843 -48.53 -50.92 -80.49
N ASN M 844 -49.41 -49.98 -80.83
CA ASN M 844 -49.18 -49.13 -81.99
C ASN M 844 -48.05 -48.13 -81.73
N LEU M 845 -47.90 -47.67 -80.49
CA LEU M 845 -46.83 -46.75 -80.15
C LEU M 845 -45.46 -47.42 -80.08
N SER M 846 -45.42 -48.74 -79.85
CA SER M 846 -44.16 -49.42 -79.62
C SER M 846 -43.42 -49.76 -80.91
N GLU M 847 -44.15 -50.12 -81.97
CA GLU M 847 -43.51 -50.50 -83.22
C GLU M 847 -43.28 -49.32 -84.14
N GLU M 848 -44.10 -48.26 -83.99
CA GLU M 848 -43.99 -47.06 -84.88
C GLU M 848 -42.86 -46.14 -84.40
N SER M 849 -42.40 -46.29 -83.16
CA SER M 849 -41.35 -45.43 -82.66
C SER M 849 -40.01 -45.74 -83.34
N ALA M 850 -39.76 -47.02 -83.63
CA ALA M 850 -38.51 -47.41 -84.26
C ALA M 850 -38.51 -47.22 -85.77
N ARG M 851 -39.63 -46.79 -86.36
CA ARG M 851 -39.66 -46.53 -87.80
C ARG M 851 -39.28 -45.09 -88.13
N ILE M 852 -39.26 -44.21 -87.15
CA ILE M 852 -38.75 -42.85 -87.37
C ILE M 852 -37.23 -42.88 -87.37
N LEU M 853 -36.62 -43.85 -86.70
CA LEU M 853 -35.17 -43.97 -86.61
C LEU M 853 -34.59 -44.97 -87.60
N ALA M 854 -35.39 -45.88 -88.14
CA ALA M 854 -34.88 -46.86 -89.10
C ALA M 854 -34.59 -46.20 -90.44
N THR M 855 -35.42 -45.24 -90.86
CA THR M 855 -35.12 -44.45 -92.04
C THR M 855 -33.99 -43.46 -91.79
N ASN M 856 -33.63 -43.20 -90.54
CA ASN M 856 -32.48 -42.37 -90.19
C ASN M 856 -31.17 -43.15 -90.19
N SER M 857 -31.15 -44.34 -90.80
CA SER M 857 -29.93 -45.09 -91.02
C SER M 857 -29.81 -45.59 -92.46
N GLU M 858 -30.77 -45.27 -93.33
CA GLU M 858 -30.74 -45.65 -94.73
C GLU M 858 -30.43 -44.49 -95.66
N LEU M 859 -30.89 -43.28 -95.33
CA LEU M 859 -30.69 -42.12 -96.18
C LEU M 859 -29.37 -41.40 -95.89
N VAL M 860 -29.21 -40.94 -94.65
CA VAL M 860 -28.08 -40.10 -94.26
C VAL M 860 -26.91 -40.99 -93.86
N GLY M 861 -25.71 -40.60 -94.28
CA GLY M 861 -24.50 -41.29 -93.88
C GLY M 861 -24.30 -42.62 -94.56
N THR M 862 -24.34 -42.62 -95.89
CA THR M 862 -24.14 -43.87 -96.63
C THR M 862 -22.67 -44.28 -96.62
N LEU M 863 -21.80 -43.43 -97.13
CA LEU M 863 -20.36 -43.66 -97.04
C LEU M 863 -19.78 -42.90 -95.87
N THR M 864 -18.74 -43.49 -95.26
CA THR M 864 -18.02 -42.86 -94.17
C THR M 864 -16.75 -42.22 -94.73
N ARG M 865 -16.55 -40.95 -94.43
CA ARG M 865 -15.42 -40.19 -94.95
C ARG M 865 -14.38 -40.00 -93.85
N SER M 866 -13.32 -39.29 -94.19
CA SER M 866 -12.31 -38.83 -93.23
C SER M 866 -11.65 -37.60 -93.82
N CYS M 867 -10.66 -37.07 -93.10
CA CYS M 867 -10.04 -35.82 -93.49
C CYS M 867 -8.65 -35.72 -92.87
N LYS M 868 -7.74 -35.10 -93.62
CA LYS M 868 -6.38 -34.84 -93.14
C LYS M 868 -6.40 -33.52 -92.40
N ASP M 869 -6.65 -33.56 -91.10
CA ASP M 869 -6.67 -32.35 -90.28
C ASP M 869 -5.24 -31.89 -90.06
N GLU M 870 -4.85 -30.83 -90.76
CA GLU M 870 -3.53 -30.25 -90.58
C GLU M 870 -3.44 -29.55 -89.23
N THR M 871 -2.22 -29.30 -88.79
CA THR M 871 -1.97 -28.62 -87.53
C THR M 871 -1.54 -27.17 -87.79
N PHE M 872 -1.60 -26.37 -86.73
CA PHE M 872 -1.16 -24.99 -86.82
C PHE M 872 0.36 -24.89 -86.67
N LEU M 873 0.91 -25.51 -85.63
CA LEU M 873 2.34 -25.55 -85.40
C LEU M 873 2.95 -26.65 -86.28
N LEU M 874 4.23 -26.96 -86.04
CA LEU M 874 4.91 -28.05 -86.71
C LEU M 874 5.11 -29.19 -85.72
N GLN M 875 4.89 -30.42 -86.19
CA GLN M 875 4.77 -31.56 -85.28
C GLN M 875 6.13 -32.02 -84.75
N ALA M 876 7.13 -32.07 -85.62
CA ALA M 876 8.45 -32.56 -85.24
C ALA M 876 9.31 -31.57 -84.43
N PRO M 877 9.29 -30.26 -84.68
CA PRO M 877 9.95 -29.36 -83.72
C PRO M 877 9.25 -29.30 -82.36
N LEU M 878 7.93 -29.51 -82.31
CA LEU M 878 7.22 -29.40 -81.04
C LEU M 878 7.47 -30.59 -80.14
N GLN M 879 7.55 -31.80 -80.70
CA GLN M 879 7.75 -32.99 -79.88
C GLN M 879 9.12 -33.03 -79.23
N ARG M 880 10.13 -32.47 -79.90
CA ARG M 880 11.44 -32.33 -79.26
C ARG M 880 11.41 -31.21 -78.21
N ARG M 881 10.52 -30.23 -78.39
CA ARG M 881 10.44 -29.12 -77.45
C ARG M 881 9.77 -29.54 -76.14
N ILE M 882 8.76 -30.40 -76.22
CA ILE M 882 8.03 -30.84 -75.03
C ILE M 882 8.92 -31.68 -74.12
N LEU M 883 9.77 -32.52 -74.72
CA LEU M 883 10.64 -33.37 -73.93
C LEU M 883 11.81 -32.64 -73.30
N GLU M 884 12.11 -31.41 -73.76
CA GLU M 884 13.12 -30.60 -73.11
C GLU M 884 12.58 -29.93 -71.85
N ILE M 885 11.27 -29.63 -71.83
CA ILE M 885 10.64 -29.05 -70.66
C ILE M 885 10.15 -30.14 -69.69
N GLY M 886 10.34 -31.41 -70.04
CA GLY M 886 9.93 -32.48 -69.17
C GLY M 886 11.08 -33.27 -68.57
N LYS M 887 12.31 -33.00 -69.00
CA LYS M 887 13.45 -33.74 -68.45
C LYS M 887 13.77 -33.31 -67.03
N LYS M 888 13.32 -32.13 -66.60
CA LYS M 888 13.50 -31.73 -65.21
C LYS M 888 12.57 -32.52 -64.29
N HIS M 889 11.32 -32.69 -64.70
CA HIS M 889 10.28 -33.29 -63.88
C HIS M 889 10.19 -34.80 -64.03
N GLY M 890 11.13 -35.41 -64.73
CA GLY M 890 11.15 -36.85 -64.85
C GLY M 890 10.19 -37.40 -65.88
N ILE M 891 10.20 -36.80 -67.08
CA ILE M 891 9.31 -37.19 -68.16
C ILE M 891 10.16 -37.61 -69.34
N THR M 892 9.97 -38.85 -69.79
CA THR M 892 10.75 -39.41 -70.87
C THR M 892 10.02 -39.37 -72.21
N GLU M 893 8.82 -39.95 -72.27
CA GLU M 893 8.04 -39.99 -73.50
C GLU M 893 6.77 -39.17 -73.33
N LEU M 894 5.92 -39.21 -74.36
CA LEU M 894 4.64 -38.53 -74.33
C LEU M 894 3.61 -39.32 -75.10
N HIS M 895 2.35 -39.16 -74.71
CA HIS M 895 1.25 -39.74 -75.45
C HIS M 895 1.13 -39.05 -76.82
N PRO M 896 0.69 -39.78 -77.86
CA PRO M 896 0.53 -39.14 -79.18
C PRO M 896 -0.58 -38.10 -79.23
N ASP M 897 -1.48 -38.06 -78.25
CA ASP M 897 -2.53 -37.06 -78.23
C ASP M 897 -2.04 -35.68 -77.81
N VAL M 898 -0.82 -35.57 -77.28
CA VAL M 898 -0.40 -34.33 -76.63
C VAL M 898 0.05 -33.29 -77.64
N VAL M 899 0.76 -33.70 -78.69
CA VAL M 899 1.37 -32.74 -79.61
C VAL M 899 0.30 -32.06 -80.46
N SER M 900 -0.77 -32.78 -80.80
CA SER M 900 -1.88 -32.16 -81.51
C SER M 900 -2.87 -31.49 -80.56
N TYR M 901 -2.67 -31.61 -79.25
CA TYR M 901 -3.44 -30.86 -78.28
C TYR M 901 -2.83 -29.50 -78.00
N VAL M 902 -1.50 -29.42 -77.89
CA VAL M 902 -0.83 -28.14 -77.72
C VAL M 902 -0.84 -27.36 -79.02
N SER M 903 -0.82 -28.04 -80.17
CA SER M 903 -0.91 -27.34 -81.44
C SER M 903 -2.29 -26.77 -81.68
N HIS M 904 -3.31 -27.37 -81.08
CA HIS M 904 -4.65 -26.79 -81.09
C HIS M 904 -4.84 -25.77 -79.97
N ALA M 905 -4.01 -25.83 -78.92
CA ALA M 905 -4.11 -24.87 -77.84
C ALA M 905 -3.61 -23.51 -78.28
N THR M 906 -2.40 -23.45 -78.83
CA THR M 906 -1.82 -22.18 -79.25
C THR M 906 -2.46 -21.66 -80.53
N GLN M 907 -3.22 -22.48 -81.25
CA GLN M 907 -3.99 -21.94 -82.36
C GLN M 907 -5.19 -21.15 -81.85
N GLN M 908 -5.92 -21.69 -80.88
CA GLN M 908 -7.04 -20.95 -80.30
C GLN M 908 -6.56 -19.82 -79.40
N ARG M 909 -5.33 -19.90 -78.88
CA ARG M 909 -4.80 -18.81 -78.08
C ARG M 909 -4.45 -17.60 -78.95
N LEU M 910 -3.73 -17.85 -80.05
CA LEU M 910 -3.36 -16.75 -80.93
C LEU M 910 -4.53 -16.25 -81.76
N GLN M 911 -5.59 -17.04 -81.92
CA GLN M 911 -6.75 -16.57 -82.65
C GLN M 911 -7.59 -15.62 -81.81
N ASN M 912 -7.58 -15.78 -80.49
CA ASN M 912 -8.22 -14.81 -79.61
C ASN M 912 -7.50 -13.47 -79.65
N LEU M 913 -6.19 -13.48 -79.87
CA LEU M 913 -5.41 -12.25 -79.85
C LEU M 913 -5.56 -11.48 -81.16
N VAL M 914 -5.68 -12.18 -82.29
CA VAL M 914 -5.84 -11.48 -83.56
C VAL M 914 -7.26 -10.95 -83.70
N GLU M 915 -8.26 -11.65 -83.15
CA GLU M 915 -9.63 -11.15 -83.19
C GLU M 915 -9.82 -9.92 -82.30
N LYS M 916 -8.94 -9.72 -81.31
CA LYS M 916 -8.97 -8.53 -80.47
C LYS M 916 -8.10 -7.42 -81.03
N ILE M 917 -7.04 -7.79 -81.75
CA ILE M 917 -6.22 -6.81 -82.46
C ILE M 917 -6.99 -6.21 -83.63
N SER M 918 -7.70 -7.05 -84.39
CA SER M 918 -8.32 -6.59 -85.63
C SER M 918 -9.53 -5.70 -85.38
N GLU M 919 -10.19 -5.87 -84.23
CA GLU M 919 -11.29 -4.99 -83.87
C GLU M 919 -10.79 -3.63 -83.40
N THR M 920 -9.51 -3.54 -83.04
CA THR M 920 -8.89 -2.29 -82.60
C THR M 920 -8.32 -1.50 -83.77
N ALA M 921 -7.57 -2.18 -84.66
CA ALA M 921 -6.91 -1.50 -85.77
C ALA M 921 -7.88 -0.96 -86.81
N GLN M 922 -9.07 -1.54 -86.91
CA GLN M 922 -10.06 -1.03 -87.85
C GLN M 922 -10.75 0.23 -87.35
N GLN M 923 -10.72 0.48 -86.04
CA GLN M 923 -11.23 1.75 -85.52
C GLN M 923 -10.33 2.91 -85.91
N LYS M 924 -9.03 2.66 -86.10
CA LYS M 924 -8.09 3.71 -86.49
C LYS M 924 -8.25 4.13 -87.94
N ASN M 925 -8.98 3.37 -88.75
CA ASN M 925 -9.32 3.78 -90.11
C ASN M 925 -10.66 4.51 -90.18
N PHE M 926 -11.30 4.73 -89.04
CA PHE M 926 -12.51 5.54 -88.99
C PHE M 926 -12.14 7.00 -88.78
N SER M 927 -12.87 7.88 -89.44
CA SER M 927 -12.62 9.32 -89.36
C SER M 927 -13.92 10.03 -89.03
N TYR M 928 -13.86 10.93 -88.05
CA TYR M 928 -14.99 11.78 -87.72
C TYR M 928 -14.85 13.18 -88.30
N LYS M 929 -13.83 13.40 -89.13
CA LYS M 929 -13.75 14.65 -89.89
C LYS M 929 -14.91 14.77 -90.87
N ASP M 930 -15.31 13.65 -91.46
CA ASP M 930 -16.27 13.62 -92.56
C ASP M 930 -17.54 12.88 -92.17
N ASP M 931 -18.02 13.13 -90.96
CA ASP M 931 -19.19 12.46 -90.42
C ASP M 931 -20.16 13.49 -89.89
N ASP M 932 -21.44 13.32 -90.21
CA ASP M 932 -22.48 14.08 -89.54
C ASP M 932 -22.71 13.49 -88.14
N ARG M 933 -23.48 14.22 -87.34
CA ARG M 933 -23.81 14.00 -85.92
C ARG M 933 -22.57 13.97 -85.01
N TYR M 934 -21.38 14.34 -85.52
CA TYR M 934 -20.15 14.41 -84.74
C TYR M 934 -19.48 15.74 -85.04
N GLU M 935 -19.35 16.59 -84.04
CA GLU M 935 -18.69 17.87 -84.18
C GLU M 935 -17.43 17.92 -83.33
N GLN M 936 -16.48 18.75 -83.75
CA GLN M 936 -15.16 18.80 -83.13
C GLN M 936 -15.19 19.69 -81.89
N ALA M 937 -14.59 19.20 -80.80
CA ALA M 937 -14.54 19.97 -79.56
C ALA M 937 -13.25 20.79 -79.47
N SER M 938 -12.10 20.13 -79.50
CA SER M 938 -10.84 20.83 -79.27
C SER M 938 -9.70 20.08 -79.96
N ASP M 939 -8.85 20.86 -80.65
CA ASP M 939 -7.65 20.27 -81.31
C ASP M 939 -6.35 20.90 -80.77
N VAL M 940 -5.71 20.30 -79.78
CA VAL M 940 -4.41 20.72 -79.19
C VAL M 940 -3.33 20.63 -80.27
N ARG M 941 -3.47 19.72 -81.23
CA ARG M 941 -2.41 19.55 -82.26
C ARG M 941 -2.26 20.84 -83.06
N ALA M 942 -3.37 21.44 -83.50
CA ALA M 942 -3.30 22.74 -84.21
C ALA M 942 -2.75 23.82 -83.27
N GLN M 943 -3.17 23.79 -81.99
CA GLN M 943 -2.55 24.84 -81.14
C GLN M 943 -1.01 24.69 -81.11
N LEU M 944 -0.52 23.46 -80.97
CA LEU M 944 0.95 23.20 -80.89
C LEU M 944 1.62 23.57 -82.22
N LYS M 945 0.97 23.32 -83.36
CA LYS M 945 1.52 23.73 -84.69
C LYS M 945 1.67 25.25 -84.74
N PHE M 946 0.68 26.00 -84.25
CA PHE M 946 0.89 27.48 -84.21
C PHE M 946 2.06 27.83 -83.29
N PHE M 947 2.16 27.19 -82.13
CA PHE M 947 3.35 27.55 -81.29
C PHE M 947 4.66 27.25 -82.05
N GLU M 948 4.71 26.12 -82.76
CA GLU M 948 5.92 25.71 -83.52
C GLU M 948 6.23 26.73 -84.62
N GLN M 949 5.21 27.23 -85.31
CA GLN M 949 5.41 28.28 -86.35
C GLN M 949 5.97 29.55 -85.69
N LEU M 950 5.46 29.93 -84.53
CA LEU M 950 6.06 31.11 -83.83
C LEU M 950 7.54 30.83 -83.52
N ASP M 951 7.85 29.62 -83.05
CA ASP M 951 9.27 29.27 -82.73
C ASP M 951 10.14 29.33 -83.99
N GLN M 952 9.66 28.83 -85.13
CA GLN M 952 10.41 28.88 -86.40
C GLN M 952 10.62 30.34 -86.83
N ILE M 953 9.62 31.20 -86.65
CA ILE M 953 9.80 32.65 -86.97
C ILE M 953 10.90 33.22 -86.07
N GLU M 954 10.91 32.85 -84.79
CA GLU M 954 11.97 33.33 -83.88
C GLU M 954 13.34 32.85 -84.38
N LYS M 955 13.42 31.58 -84.81
CA LYS M 955 14.70 31.01 -85.32
C LYS M 955 15.14 31.79 -86.56
N GLN M 956 14.21 32.13 -87.45
CA GLN M 956 14.53 32.89 -88.68
C GLN M 956 15.06 34.27 -88.30
N ARG M 957 14.44 34.92 -87.32
CA ARG M 957 14.94 36.24 -86.85
C ARG M 957 16.36 36.07 -86.31
N LYS M 958 16.61 35.01 -85.55
CA LYS M 958 17.96 34.78 -84.97
C LYS M 958 18.96 34.59 -86.12
N ASP M 959 18.57 33.83 -87.15
CA ASP M 959 19.46 33.57 -88.31
C ASP M 959 19.77 34.88 -89.03
N GLU M 960 18.77 35.75 -89.19
CA GLU M 960 18.97 37.06 -89.84
C GLU M 960 19.95 37.88 -89.00
N GLN M 961 19.81 37.83 -87.68
CA GLN M 961 20.74 38.58 -86.78
C GLN M 961 22.15 38.03 -86.95
N GLU M 962 22.31 36.69 -87.05
CA GLU M 962 23.64 36.08 -87.24
C GLU M 962 24.23 36.53 -88.57
N ARG M 963 23.40 36.60 -89.62
CA ARG M 963 23.87 37.04 -90.96
C ARG M 963 24.34 38.49 -90.86
N GLU M 964 23.60 39.34 -90.13
CA GLU M 964 24.00 40.76 -89.95
C GLU M 964 25.34 40.82 -89.20
N ILE M 965 25.52 39.98 -88.18
CA ILE M 965 26.79 39.95 -87.42
C ILE M 965 27.93 39.55 -88.38
N LEU M 966 27.69 38.57 -89.25
CA LEU M 966 28.70 38.12 -90.23
C LEU M 966 29.05 39.28 -91.18
N MET M 967 28.03 40.02 -91.62
CA MET M 967 28.25 41.18 -92.53
C MET M 967 29.12 42.22 -91.81
N ARG M 968 28.84 42.45 -90.52
CA ARG M 968 29.63 43.43 -89.73
C ARG M 968 31.07 42.91 -89.57
N ARG M 1054 -7.07 -0.01 -100.34
CA ARG M 1054 -6.95 0.21 -98.91
C ARG M 1054 -6.61 -1.10 -98.19
N ILE M 1055 -5.62 -1.05 -97.32
CA ILE M 1055 -5.19 -2.21 -96.55
C ILE M 1055 -4.88 -1.77 -95.12
N THR M 1056 -5.48 -2.46 -94.15
CA THR M 1056 -5.36 -2.07 -92.75
C THR M 1056 -4.02 -2.54 -92.19
N ARG M 1057 -3.37 -1.67 -91.43
CA ARG M 1057 -2.12 -2.02 -90.76
C ARG M 1057 -2.38 -2.20 -89.26
N VAL M 1058 -1.44 -2.88 -88.62
CA VAL M 1058 -1.52 -3.18 -87.19
C VAL M 1058 -0.23 -2.73 -86.53
N ASN M 1059 -0.34 -1.89 -85.51
CA ASN M 1059 0.82 -1.42 -84.78
C ASN M 1059 1.02 -2.26 -83.52
N LEU M 1060 2.17 -2.09 -82.88
CA LEU M 1060 2.43 -2.78 -81.62
C LEU M 1060 1.61 -2.20 -80.48
N ARG M 1061 1.17 -0.95 -80.61
CA ARG M 1061 0.32 -0.34 -79.60
C ARG M 1061 -1.06 -0.98 -79.55
N ASP M 1062 -1.53 -1.53 -80.67
CA ASP M 1062 -2.76 -2.30 -80.67
C ASP M 1062 -2.61 -3.64 -79.96
N LEU M 1063 -1.39 -4.17 -79.91
CA LEU M 1063 -1.11 -5.42 -79.21
C LEU M 1063 -0.74 -5.19 -77.75
N ILE M 1064 -0.12 -4.05 -77.45
CA ILE M 1064 0.16 -3.69 -76.07
C ILE M 1064 -1.14 -3.48 -75.30
N PHE M 1065 -2.12 -2.84 -75.95
CA PHE M 1065 -3.42 -2.62 -75.33
C PHE M 1065 -4.18 -3.91 -75.10
N CYS M 1066 -4.04 -4.87 -76.02
CA CYS M 1066 -4.70 -6.16 -75.85
C CYS M 1066 -4.11 -6.95 -74.69
N LEU M 1067 -2.82 -6.78 -74.41
CA LEU M 1067 -2.18 -7.52 -73.34
C LEU M 1067 -2.43 -6.90 -71.97
N GLU M 1068 -2.67 -5.58 -71.90
CA GLU M 1068 -2.79 -4.90 -70.62
C GLU M 1068 -4.11 -5.19 -69.93
N ASN M 1069 -5.14 -5.58 -70.69
CA ASN M 1069 -6.50 -5.71 -70.20
C ASN M 1069 -6.96 -7.15 -70.13
N GLU M 1070 -6.11 -8.06 -69.68
CA GLU M 1070 -6.43 -9.48 -69.73
C GLU M 1070 -6.49 -10.16 -68.38
N ARG M 1071 -5.78 -9.63 -67.36
CA ARG M 1071 -5.63 -10.10 -65.98
C ARG M 1071 -4.75 -11.35 -65.90
N GLU M 1072 -4.47 -12.00 -67.03
CA GLU M 1072 -3.46 -13.04 -67.09
C GLU M 1072 -2.13 -12.51 -67.58
N THR M 1073 -2.16 -11.62 -68.58
CA THR M 1073 -0.96 -11.04 -69.15
C THR M 1073 -0.73 -9.60 -68.70
N SER M 1074 -1.51 -9.09 -67.76
CA SER M 1074 -1.40 -7.69 -67.37
C SER M 1074 -0.17 -7.48 -66.50
N HIS M 1075 -0.05 -8.23 -65.41
CA HIS M 1075 1.15 -8.18 -64.57
C HIS M 1075 2.12 -9.29 -64.97
N SER M 1076 2.47 -9.30 -66.26
CA SER M 1076 3.31 -10.35 -66.81
C SER M 1076 4.62 -9.76 -67.33
N LEU M 1077 5.57 -10.66 -67.61
CA LEU M 1077 6.84 -10.25 -68.20
C LEU M 1077 6.74 -10.01 -69.69
N LEU M 1078 5.69 -10.51 -70.35
CA LEU M 1078 5.54 -10.28 -71.77
C LEU M 1078 5.20 -8.82 -72.07
N LEU M 1079 4.49 -8.15 -71.17
CA LEU M 1079 4.32 -6.70 -71.31
C LEU M 1079 5.58 -5.94 -71.01
N TYR M 1080 6.34 -6.36 -69.99
CA TYR M 1080 7.47 -5.59 -69.53
C TYR M 1080 8.61 -5.61 -70.55
N LYS M 1081 8.75 -6.70 -71.29
CA LYS M 1081 9.71 -6.73 -72.38
C LYS M 1081 9.22 -5.97 -73.60
N ALA M 1082 7.89 -5.92 -73.80
CA ALA M 1082 7.33 -5.33 -75.01
C ALA M 1082 7.03 -3.85 -74.88
N PHE M 1083 7.37 -3.23 -73.75
CA PHE M 1083 7.33 -1.77 -73.67
C PHE M 1083 8.60 -1.13 -74.21
N LEU M 1084 9.57 -1.96 -74.61
CA LEU M 1084 10.82 -1.48 -75.19
C LEU M 1084 11.07 -1.96 -76.61
N LYS M 1085 10.38 -3.01 -77.05
CA LYS M 1085 10.50 -3.46 -78.44
C LYS M 1085 9.20 -4.09 -78.91
N LEU N 202 48.31 -20.48 -50.09
CA LEU N 202 47.36 -19.73 -49.30
C LEU N 202 45.91 -20.11 -49.63
N SER N 203 45.69 -20.48 -50.89
CA SER N 203 44.38 -20.91 -51.35
C SER N 203 44.14 -22.34 -50.89
N ALA N 204 43.40 -22.50 -49.80
CA ALA N 204 43.17 -23.79 -49.18
C ALA N 204 41.69 -24.10 -49.04
N TYR N 205 40.89 -23.76 -50.06
CA TYR N 205 39.48 -24.12 -50.06
C TYR N 205 39.30 -25.42 -50.84
N ASN N 206 39.46 -26.53 -50.13
CA ASN N 206 39.20 -27.87 -50.63
C ASN N 206 37.75 -28.23 -50.28
N GLN N 207 37.44 -29.54 -50.30
CA GLN N 207 36.19 -30.17 -49.83
C GLN N 207 34.94 -29.60 -50.52
N GLN N 208 34.88 -29.86 -51.82
CA GLN N 208 33.70 -29.59 -52.62
C GLN N 208 32.65 -30.67 -52.40
N GLY N 209 31.40 -30.34 -52.72
CA GLY N 209 30.36 -31.35 -52.75
C GLY N 209 29.45 -31.26 -53.95
N ASP N 210 29.47 -32.30 -54.81
CA ASP N 210 28.68 -32.47 -56.03
C ASP N 210 28.70 -31.25 -56.93
N PRO N 211 29.79 -31.01 -57.68
CA PRO N 211 29.93 -29.75 -58.43
C PRO N 211 29.01 -29.61 -59.63
N THR N 212 28.16 -30.60 -59.94
CA THR N 212 27.13 -30.40 -60.97
C THR N 212 25.90 -29.72 -60.41
N MET N 213 25.89 -29.34 -59.12
CA MET N 213 24.70 -28.70 -58.48
C MET N 213 24.99 -27.28 -57.97
N TYR N 214 26.19 -26.75 -58.23
CA TYR N 214 26.58 -25.42 -57.71
C TYR N 214 25.66 -24.34 -58.30
N GLU N 215 25.37 -24.46 -59.60
CA GLU N 215 24.49 -23.46 -60.27
C GLU N 215 23.11 -23.50 -59.61
N GLU N 216 22.60 -24.70 -59.35
CA GLU N 216 21.27 -24.85 -58.69
C GLU N 216 21.31 -24.19 -57.32
N TYR N 217 22.37 -24.43 -56.53
CA TYR N 217 22.40 -23.85 -55.17
C TYR N 217 22.38 -22.32 -55.29
N TYR N 218 23.18 -21.76 -56.21
CA TYR N 218 23.24 -20.28 -56.31
C TYR N 218 21.88 -19.71 -56.76
N SER N 219 21.21 -20.39 -57.70
CA SER N 219 19.89 -19.92 -58.18
C SER N 219 18.89 -19.96 -57.03
N GLY N 220 18.94 -21.01 -56.21
CA GLY N 220 18.05 -21.11 -55.04
C GLY N 220 18.31 -19.98 -54.06
N LEU N 221 19.58 -19.66 -53.83
CA LEU N 221 19.90 -18.53 -52.92
C LEU N 221 19.30 -17.25 -53.51
N LYS N 222 19.42 -17.05 -54.82
CA LYS N 222 18.88 -15.81 -55.44
C LYS N 222 17.35 -15.79 -55.24
N HIS N 223 16.69 -16.92 -55.42
CA HIS N 223 15.21 -16.98 -55.27
C HIS N 223 14.80 -16.67 -53.84
N PHE N 224 15.55 -17.20 -52.86
CA PHE N 224 15.24 -16.91 -51.44
C PHE N 224 15.42 -15.41 -51.16
N ILE N 225 16.48 -14.81 -51.71
CA ILE N 225 16.68 -13.35 -51.51
C ILE N 225 15.49 -12.61 -52.11
N GLU N 226 15.02 -13.03 -53.28
CA GLU N 226 13.85 -12.37 -53.91
C GLU N 226 12.58 -12.52 -53.06
N CYS N 227 12.34 -13.70 -52.48
CA CYS N 227 11.06 -13.92 -51.72
C CYS N 227 11.11 -13.31 -50.32
N SER N 228 12.29 -12.99 -49.80
CA SER N 228 12.47 -12.36 -48.46
C SER N 228 11.92 -10.93 -48.45
N LEU N 229 11.65 -10.39 -47.26
CA LEU N 229 11.01 -9.04 -47.14
C LEU N 229 11.89 -7.92 -47.69
N ASP N 230 11.44 -6.66 -47.55
CA ASP N 230 12.11 -5.52 -48.15
C ASP N 230 13.27 -5.00 -47.32
N CYS N 231 13.32 -5.35 -46.01
CA CYS N 231 14.45 -4.94 -45.14
C CYS N 231 15.58 -5.96 -45.25
N HIS N 232 15.25 -7.25 -45.20
CA HIS N 232 16.27 -8.33 -45.28
C HIS N 232 16.98 -8.35 -46.64
N ARG N 233 16.29 -8.05 -47.75
CA ARG N 233 16.90 -8.20 -49.10
C ARG N 233 18.18 -7.39 -49.22
N ALA N 234 18.20 -6.15 -48.73
CA ALA N 234 19.40 -5.31 -48.89
C ALA N 234 20.56 -5.95 -48.13
N GLU N 235 20.31 -6.46 -46.92
CA GLU N 235 21.37 -7.08 -46.09
C GLU N 235 21.86 -8.37 -46.75
N LEU N 236 20.95 -9.20 -47.28
CA LEU N 236 21.35 -10.52 -47.84
C LEU N 236 22.06 -10.37 -49.19
N SER N 237 21.99 -9.21 -49.82
CA SER N 237 22.64 -8.98 -51.13
C SER N 237 24.16 -9.10 -51.02
N GLN N 238 24.75 -8.65 -49.90
CA GLN N 238 26.23 -8.64 -49.80
C GLN N 238 26.77 -10.07 -49.96
N LEU N 239 26.02 -11.08 -49.53
CA LEU N 239 26.46 -12.49 -49.64
C LEU N 239 26.69 -12.88 -51.09
N PHE N 240 25.92 -12.32 -52.04
CA PHE N 240 26.02 -12.79 -53.44
C PHE N 240 27.43 -12.67 -54.00
N TYR N 241 28.10 -11.53 -53.83
CA TYR N 241 29.44 -11.44 -54.47
C TYR N 241 30.49 -12.37 -53.85
N PRO N 242 30.73 -12.41 -52.52
CA PRO N 242 31.64 -13.39 -51.91
C PRO N 242 31.29 -14.86 -52.20
N LEU N 243 30.01 -15.21 -52.21
CA LEU N 243 29.62 -16.59 -52.55
C LEU N 243 30.06 -16.89 -53.99
N PHE N 244 29.72 -16.02 -54.96
CA PHE N 244 30.01 -16.35 -56.37
C PHE N 244 31.50 -16.55 -56.57
N VAL N 245 32.33 -15.62 -56.06
CA VAL N 245 33.79 -15.75 -56.33
C VAL N 245 34.29 -17.05 -55.70
N HIS N 246 33.89 -17.34 -54.46
CA HIS N 246 34.45 -18.54 -53.81
C HIS N 246 34.01 -19.76 -54.60
N MET N 247 32.75 -19.84 -55.00
CA MET N 247 32.28 -21.08 -55.68
C MET N 247 33.04 -21.23 -57.01
N TYR N 248 33.19 -20.15 -57.77
CA TYR N 248 33.85 -20.30 -59.10
C TYR N 248 35.30 -20.74 -58.88
N LEU N 249 35.97 -20.13 -57.89
CA LEU N 249 37.40 -20.46 -57.65
C LEU N 249 37.51 -21.92 -57.21
N GLU N 250 36.59 -22.38 -56.36
CA GLU N 250 36.62 -23.78 -55.86
C GLU N 250 36.45 -24.71 -57.06
N LEU N 251 35.52 -24.39 -57.96
CA LEU N 251 35.28 -25.27 -59.12
C LEU N 251 36.57 -25.33 -59.95
N VAL N 252 37.16 -24.17 -60.23
CA VAL N 252 38.37 -24.18 -61.11
C VAL N 252 39.47 -24.99 -60.43
N TYR N 253 39.67 -24.81 -59.14
CA TYR N 253 40.77 -25.49 -58.41
C TYR N 253 40.57 -27.00 -58.39
N ASN N 254 39.35 -27.47 -58.24
CA ASN N 254 39.12 -28.94 -58.15
C ASN N 254 39.11 -29.58 -59.55
N GLN N 255 38.00 -29.49 -60.29
CA GLN N 255 37.93 -30.21 -61.60
C GLN N 255 36.85 -29.61 -62.50
N HIS N 256 36.79 -30.03 -63.78
CA HIS N 256 35.74 -29.57 -64.74
C HIS N 256 35.69 -28.04 -64.81
N GLU N 257 36.68 -27.41 -65.45
CA GLU N 257 36.68 -25.95 -65.66
C GLU N 257 35.50 -25.57 -66.57
N ASN N 258 35.17 -26.39 -67.56
CA ASN N 258 33.99 -26.13 -68.43
C ASN N 258 32.79 -25.69 -67.58
N GLU N 259 32.44 -26.47 -66.54
CA GLU N 259 31.28 -26.16 -65.65
C GLU N 259 31.56 -24.83 -64.96
N ALA N 260 32.81 -24.61 -64.53
CA ALA N 260 33.15 -23.38 -63.80
C ALA N 260 32.89 -22.20 -64.74
N LYS N 261 33.30 -22.32 -66.01
CA LYS N 261 33.12 -21.23 -67.00
C LYS N 261 31.63 -20.98 -67.24
N SER N 262 30.83 -22.04 -67.34
CA SER N 262 29.37 -21.85 -67.53
C SER N 262 28.80 -21.09 -66.33
N PHE N 263 29.20 -21.48 -65.11
CA PHE N 263 28.68 -20.83 -63.88
C PHE N 263 29.07 -19.36 -63.92
N PHE N 264 30.32 -19.10 -64.31
CA PHE N 264 30.81 -17.70 -64.31
C PHE N 264 29.98 -16.91 -65.29
N GLU N 265 29.76 -17.40 -66.50
CA GLU N 265 29.02 -16.57 -67.49
C GLU N 265 27.62 -16.33 -66.95
N LYS N 266 27.00 -17.38 -66.41
CA LYS N 266 25.59 -17.25 -65.96
C LYS N 266 25.48 -16.18 -64.87
N PHE N 267 26.42 -16.14 -63.92
CA PHE N 267 26.20 -15.14 -62.83
C PHE N 267 26.95 -13.82 -63.03
N HIS N 268 27.73 -13.70 -64.11
CA HIS N 268 28.55 -12.48 -64.35
C HIS N 268 27.64 -11.30 -64.67
N GLY N 269 26.34 -11.48 -64.52
CA GLY N 269 25.42 -10.32 -64.67
C GLY N 269 24.84 -9.88 -63.34
N ASP N 270 24.45 -10.83 -62.49
CA ASP N 270 23.78 -10.50 -61.19
C ASP N 270 24.71 -9.73 -60.25
N GLN N 271 26.03 -9.92 -60.35
CA GLN N 271 26.96 -9.28 -59.39
C GLN N 271 26.81 -7.76 -59.44
N GLU N 272 27.28 -7.05 -58.42
CA GLU N 272 27.05 -5.58 -58.34
C GLU N 272 27.81 -4.85 -59.45
N CYS N 273 27.34 -3.66 -59.83
CA CYS N 273 27.97 -2.90 -60.95
C CYS N 273 29.42 -2.54 -60.63
N TYR N 274 29.71 -2.12 -59.40
CA TYR N 274 31.09 -1.67 -59.10
C TYR N 274 32.07 -2.81 -59.34
N TYR N 275 31.74 -4.03 -58.93
CA TYR N 275 32.65 -5.15 -59.27
C TYR N 275 32.60 -5.29 -60.79
N GLN N 276 33.75 -5.22 -61.46
CA GLN N 276 33.82 -5.35 -62.94
C GLN N 276 35.26 -5.78 -63.22
N ASP N 277 36.22 -5.09 -62.61
CA ASP N 277 37.65 -5.51 -62.72
C ASP N 277 37.86 -6.88 -62.06
N ASP N 278 37.23 -7.07 -60.89
CA ASP N 278 37.36 -8.36 -60.17
C ASP N 278 36.75 -9.46 -61.05
N LEU N 279 35.61 -9.15 -61.69
CA LEU N 279 34.95 -10.15 -62.57
C LEU N 279 35.87 -10.48 -63.74
N ARG N 280 36.56 -9.50 -64.32
CA ARG N 280 37.53 -9.77 -65.41
C ARG N 280 38.69 -10.67 -64.93
N VAL N 281 39.22 -10.42 -63.73
CA VAL N 281 40.29 -11.34 -63.22
C VAL N 281 39.73 -12.75 -63.02
N LEU N 282 38.49 -12.84 -62.54
CA LEU N 282 37.85 -14.18 -62.35
C LEU N 282 37.72 -14.86 -63.72
N SER N 283 37.32 -14.12 -64.76
CA SER N 283 37.23 -14.72 -66.12
C SER N 283 38.61 -15.23 -66.51
N SER N 284 39.66 -14.47 -66.18
CA SER N 284 41.04 -14.92 -66.47
C SER N 284 41.44 -16.22 -65.76
N LEU N 285 41.14 -16.42 -64.46
CA LEU N 285 41.68 -17.67 -63.79
C LEU N 285 41.03 -19.01 -64.24
N THR N 286 41.27 -19.50 -65.47
CA THR N 286 40.51 -20.63 -66.00
C THR N 286 40.99 -21.98 -65.48
N LYS N 287 42.29 -22.19 -65.35
CA LYS N 287 42.84 -23.48 -64.96
C LYS N 287 43.39 -23.43 -63.54
N LYS N 288 43.69 -24.63 -63.02
CA LYS N 288 44.13 -24.78 -61.62
C LYS N 288 45.51 -24.18 -61.40
N GLU N 289 46.40 -24.27 -62.39
CA GLU N 289 47.77 -23.77 -62.22
C GLU N 289 47.83 -22.25 -62.19
N HIS N 290 46.77 -21.56 -62.63
CA HIS N 290 46.68 -20.12 -62.39
C HIS N 290 46.44 -19.81 -60.92
N MET N 291 45.79 -20.72 -60.19
CA MET N 291 45.60 -20.55 -58.76
C MET N 291 46.84 -20.95 -57.96
N LYS N 292 47.77 -21.69 -58.57
CA LYS N 292 49.00 -22.04 -57.86
C LYS N 292 49.94 -20.85 -57.71
N GLY N 293 49.77 -19.81 -58.53
CA GLY N 293 50.52 -18.59 -58.38
C GLY N 293 49.65 -17.51 -57.76
N ASN N 294 50.09 -17.02 -56.60
CA ASN N 294 49.36 -15.96 -55.90
C ASN N 294 49.54 -14.59 -56.55
N GLU N 295 50.49 -14.45 -57.47
CA GLU N 295 50.77 -13.16 -58.09
C GLU N 295 49.78 -12.77 -59.17
N THR N 296 48.94 -13.70 -59.63
CA THR N 296 47.93 -13.37 -60.65
C THR N 296 46.62 -12.91 -60.01
N MET N 297 46.74 -11.88 -59.14
CA MET N 297 45.62 -11.24 -58.44
C MET N 297 44.82 -12.27 -57.63
N LEU N 298 45.53 -13.04 -56.82
CA LEU N 298 44.87 -13.97 -55.91
C LEU N 298 44.77 -13.39 -54.50
N ASP N 299 44.15 -12.22 -54.42
CA ASP N 299 43.68 -11.66 -53.16
C ASP N 299 42.16 -11.80 -53.03
N PHE N 300 41.61 -12.88 -53.59
CA PHE N 300 40.18 -13.16 -53.58
C PHE N 300 39.76 -13.96 -52.37
N ARG N 301 40.49 -13.86 -51.27
CA ARG N 301 40.23 -14.64 -50.07
C ARG N 301 38.94 -14.19 -49.40
N THR N 302 38.44 -15.03 -48.50
CA THR N 302 37.19 -14.78 -47.82
C THR N 302 37.35 -13.95 -46.56
N SER N 303 38.57 -13.59 -46.19
CA SER N 303 38.80 -12.59 -45.15
C SER N 303 38.89 -11.19 -45.72
N LYS N 304 38.68 -11.03 -47.03
CA LYS N 304 38.69 -9.71 -47.66
C LYS N 304 37.40 -8.95 -47.37
N PHE N 305 36.28 -9.66 -47.26
CA PHE N 305 34.97 -9.05 -47.08
C PHE N 305 34.47 -9.29 -45.66
N VAL N 306 33.79 -8.29 -45.10
CA VAL N 306 33.14 -8.38 -43.80
C VAL N 306 31.65 -8.15 -44.01
N LEU N 307 30.82 -8.99 -43.41
CA LEU N 307 29.39 -9.06 -43.71
C LEU N 307 28.59 -8.67 -42.48
N ARG N 308 28.01 -7.47 -42.50
CA ARG N 308 27.24 -6.95 -41.38
C ARG N 308 25.78 -7.38 -41.54
N ILE N 309 25.48 -8.60 -41.11
CA ILE N 309 24.15 -9.19 -41.20
C ILE N 309 23.57 -9.28 -39.80
N SER N 310 22.37 -8.74 -39.62
CA SER N 310 21.75 -8.75 -38.29
C SER N 310 21.27 -10.15 -37.92
N ARG N 311 20.90 -10.31 -36.65
CA ARG N 311 20.48 -11.61 -36.14
C ARG N 311 19.12 -12.01 -36.70
N ASP N 312 18.22 -11.02 -36.87
CA ASP N 312 16.88 -11.31 -37.35
C ASP N 312 16.87 -11.77 -38.81
N SER N 313 17.83 -11.32 -39.60
CA SER N 313 17.93 -11.73 -41.00
C SER N 313 18.80 -12.97 -41.19
N TYR N 314 19.73 -13.24 -40.28
CA TYR N 314 20.66 -14.35 -40.44
C TYR N 314 19.94 -15.70 -40.31
N GLN N 315 18.90 -15.77 -39.49
CA GLN N 315 18.25 -17.05 -39.24
C GLN N 315 17.32 -17.46 -40.37
N LEU N 316 16.82 -16.51 -41.16
CA LEU N 316 15.99 -16.89 -42.31
C LEU N 316 16.85 -17.43 -43.44
N LEU N 317 18.04 -16.85 -43.63
CA LEU N 317 18.99 -17.41 -44.60
C LEU N 317 19.56 -18.74 -44.13
N LYS N 318 19.71 -18.91 -42.82
CA LYS N 318 20.25 -20.15 -42.26
C LYS N 318 19.27 -21.32 -42.46
N ARG N 319 17.98 -21.06 -42.30
CA ARG N 319 16.99 -22.11 -42.50
C ARG N 319 16.79 -22.42 -43.99
N HIS N 320 17.17 -21.50 -44.88
CA HIS N 320 17.07 -21.79 -46.31
C HIS N 320 18.14 -22.79 -46.74
N LEU N 321 19.33 -22.68 -46.17
CA LEU N 321 20.45 -23.50 -46.58
C LEU N 321 20.43 -24.90 -45.96
N GLN N 322 19.54 -25.16 -45.02
CA GLN N 322 19.43 -26.49 -44.40
C GLN N 322 18.26 -27.23 -45.02
N GLU N 323 18.47 -27.74 -46.24
CA GLU N 323 17.52 -28.69 -46.81
C GLU N 323 17.92 -30.13 -46.51
N LYS N 324 19.13 -30.53 -46.88
CA LYS N 324 19.70 -31.83 -46.55
C LYS N 324 21.22 -31.69 -46.61
N GLN N 325 21.93 -32.82 -46.71
CA GLN N 325 23.38 -32.86 -46.51
C GLN N 325 24.16 -32.68 -47.80
N ASN N 326 23.63 -31.95 -48.78
CA ASN N 326 24.35 -31.71 -50.02
C ASN N 326 24.68 -30.24 -50.27
N ASN N 327 24.16 -29.32 -49.48
CA ASN N 327 24.30 -27.88 -49.75
C ASN N 327 25.69 -27.42 -49.35
N GLN N 328 26.59 -27.34 -50.33
CA GLN N 328 27.95 -26.86 -50.06
C GLN N 328 27.97 -25.34 -49.84
N ILE N 329 26.97 -24.62 -50.32
CA ILE N 329 26.88 -23.18 -50.08
C ILE N 329 26.60 -22.88 -48.61
N TRP N 330 26.08 -23.85 -47.85
CA TRP N 330 26.02 -23.70 -46.40
C TRP N 330 27.40 -23.84 -45.77
N ASN N 331 28.26 -24.66 -46.36
CA ASN N 331 29.60 -24.90 -45.83
C ASN N 331 30.58 -23.78 -46.13
N ILE N 332 30.20 -22.81 -46.96
CA ILE N 332 31.03 -21.63 -47.13
C ILE N 332 30.76 -20.62 -46.02
N VAL N 333 29.54 -20.62 -45.49
CA VAL N 333 29.15 -19.63 -44.49
C VAL N 333 29.80 -19.95 -43.14
N GLN N 334 29.73 -21.21 -42.72
CA GLN N 334 30.23 -21.60 -41.40
C GLN N 334 31.75 -21.72 -41.35
N GLU N 335 32.42 -21.79 -42.49
CA GLU N 335 33.86 -22.06 -42.53
C GLU N 335 34.67 -20.89 -43.06
N HIS N 336 34.37 -20.39 -44.25
CA HIS N 336 35.22 -19.40 -44.89
C HIS N 336 34.80 -17.97 -44.60
N LEU N 337 33.50 -17.70 -44.58
CA LEU N 337 33.01 -16.33 -44.41
C LEU N 337 32.98 -15.94 -42.95
N TYR N 338 33.51 -14.75 -42.63
CA TYR N 338 33.41 -14.17 -41.30
C TYR N 338 32.27 -13.17 -41.33
N ILE N 339 31.09 -13.63 -40.91
CA ILE N 339 29.89 -12.80 -40.92
C ILE N 339 29.84 -12.01 -39.62
N ASP N 340 29.92 -10.69 -39.73
CA ASP N 340 29.94 -9.79 -38.57
C ASP N 340 28.51 -9.56 -38.13
N ILE N 341 28.02 -10.42 -37.23
CA ILE N 341 26.66 -10.33 -36.74
C ILE N 341 26.54 -9.12 -35.82
N PHE N 342 25.84 -8.09 -36.27
CA PHE N 342 25.52 -6.95 -35.42
C PHE N 342 24.13 -7.11 -34.85
N ASP N 343 23.96 -6.67 -33.60
CA ASP N 343 22.72 -6.90 -32.88
C ASP N 343 21.81 -5.68 -32.93
N ALA N 363 36.54 0.73 -45.47
CA ALA N 363 36.67 0.40 -46.88
C ALA N 363 35.41 0.84 -47.65
N LYS N 364 35.51 1.96 -48.35
CA LYS N 364 34.40 2.46 -49.17
C LYS N 364 34.59 1.99 -50.62
N ARG N 365 34.45 0.68 -50.79
CA ARG N 365 34.61 0.05 -52.10
C ARG N 365 33.31 -0.02 -52.90
N GLU N 366 32.17 0.32 -52.29
CA GLU N 366 30.88 0.20 -52.96
C GLU N 366 30.66 1.31 -53.98
N ALA N 367 31.43 1.27 -55.08
CA ALA N 367 31.42 2.24 -56.18
C ALA N 367 31.71 3.66 -55.71
N ASN N 368 32.48 3.80 -54.64
CA ASN N 368 32.83 5.11 -54.12
C ASN N 368 34.19 5.60 -54.59
N LYS N 369 34.98 4.72 -55.22
CA LYS N 369 36.25 5.11 -55.81
C LYS N 369 36.05 5.27 -57.32
N SER N 370 35.42 6.37 -57.70
CA SER N 370 35.18 6.66 -59.10
C SER N 370 35.33 8.15 -59.33
N LYS N 371 35.35 8.54 -60.60
CA LYS N 371 35.39 9.94 -60.98
C LYS N 371 33.95 10.45 -61.09
N VAL N 372 33.62 11.45 -60.27
CA VAL N 372 32.29 12.06 -60.29
C VAL N 372 32.48 13.55 -60.48
N PHE N 373 31.91 14.09 -61.56
CA PHE N 373 31.96 15.52 -61.84
C PHE N 373 30.72 16.16 -61.24
N PHE N 374 30.87 16.78 -60.07
CA PHE N 374 29.72 17.30 -59.36
C PHE N 374 29.58 18.82 -59.40
N GLY N 375 30.62 19.54 -59.81
CA GLY N 375 30.52 20.99 -59.85
C GLY N 375 29.56 21.47 -60.94
N LEU N 376 29.04 22.67 -60.75
CA LEU N 376 28.00 23.18 -61.63
C LEU N 376 28.59 23.57 -62.99
N LEU N 377 27.71 23.69 -63.97
CA LEU N 377 28.13 24.09 -65.30
C LEU N 377 28.40 25.58 -65.35
N LYS N 378 29.01 26.03 -66.44
CA LYS N 378 29.49 27.40 -66.58
C LYS N 378 28.48 28.21 -67.40
N GLU N 379 27.77 29.12 -66.74
CA GLU N 379 26.86 30.03 -67.40
C GLU N 379 27.05 31.41 -66.76
N PRO N 380 27.33 32.45 -67.57
CA PRO N 380 27.57 33.81 -67.08
C PRO N 380 26.34 34.46 -66.44
N LYS N 416 37.28 32.06 -62.52
CA LYS N 416 37.63 30.82 -61.86
C LYS N 416 36.94 29.60 -62.52
N GLN N 417 37.72 28.56 -62.78
CA GLN N 417 37.22 27.35 -63.39
C GLN N 417 37.23 26.21 -62.38
N ASP N 418 36.27 25.30 -62.51
CA ASP N 418 36.12 24.18 -61.59
C ASP N 418 36.67 22.92 -62.24
N PRO N 419 37.58 22.20 -61.59
CA PRO N 419 38.05 20.93 -62.16
C PRO N 419 37.02 19.82 -62.07
N ASN N 420 36.08 19.90 -61.14
CA ASN N 420 35.01 18.91 -61.00
C ASN N 420 33.75 19.30 -61.76
N ALA N 421 33.84 20.27 -62.64
CA ALA N 421 32.68 20.60 -63.46
C ALA N 421 32.75 19.81 -64.76
N PRO N 422 31.68 19.11 -65.15
CA PRO N 422 31.70 18.37 -66.40
C PRO N 422 31.58 19.32 -67.58
N PRO N 423 32.05 18.92 -68.75
CA PRO N 423 31.90 19.77 -69.93
C PRO N 423 30.44 19.89 -70.36
N GLN N 424 30.15 21.00 -71.04
CA GLN N 424 28.79 21.24 -71.53
C GLN N 424 28.44 20.29 -72.66
N ASN N 425 29.43 19.83 -73.43
CA ASN N 425 29.23 18.92 -74.53
C ASN N 425 29.22 17.45 -74.10
N ARG N 426 29.19 17.18 -72.81
CA ARG N 426 29.19 15.80 -72.33
C ARG N 426 27.82 15.16 -72.49
N ILE N 427 26.83 15.70 -71.79
CA ILE N 427 25.43 15.29 -71.94
C ILE N 427 24.76 16.29 -72.87
N PRO N 428 24.04 15.85 -73.91
CA PRO N 428 23.35 16.80 -74.79
C PRO N 428 22.19 17.48 -74.10
N LEU N 429 22.38 18.72 -73.72
CA LEU N 429 21.47 19.60 -72.99
C LEU N 429 20.83 20.60 -73.95
N PRO N 430 19.59 21.02 -73.70
CA PRO N 430 18.92 21.93 -74.63
C PRO N 430 19.52 23.33 -74.61
N GLU N 431 19.21 24.08 -75.66
CA GLU N 431 19.71 25.43 -75.85
C GLU N 431 18.77 26.42 -75.16
N LEU N 432 19.30 27.59 -74.84
CA LEU N 432 18.49 28.67 -74.28
C LEU N 432 17.76 29.39 -75.41
N LYS N 433 16.48 29.67 -75.16
CA LYS N 433 15.69 30.49 -76.12
C LYS N 433 15.47 31.88 -75.49
N ASP N 434 14.81 32.79 -76.21
CA ASP N 434 14.60 34.18 -75.72
C ASP N 434 13.75 34.18 -74.44
N SER N 435 12.71 33.34 -74.40
CA SER N 435 11.83 33.29 -73.20
C SER N 435 12.66 32.84 -72.01
N ASP N 436 13.51 31.83 -72.21
CA ASP N 436 14.37 31.32 -71.11
C ASP N 436 15.30 32.44 -70.65
N LYS N 437 15.85 33.22 -71.58
CA LYS N 437 16.74 34.36 -71.22
C LYS N 437 15.99 35.41 -70.39
N LEU N 438 14.76 35.75 -70.77
CA LEU N 438 13.96 36.73 -69.98
C LEU N 438 13.70 36.16 -68.58
N ASP N 439 13.39 34.86 -68.51
CA ASP N 439 13.13 34.22 -67.20
C ASP N 439 14.39 34.34 -66.35
N LYS N 440 15.56 34.11 -66.94
CA LYS N 440 16.85 34.21 -66.22
C LYS N 440 17.07 35.65 -65.73
N ILE N 441 16.77 36.65 -66.53
CA ILE N 441 16.89 38.08 -66.05
C ILE N 441 15.96 38.35 -64.85
N MET N 442 14.72 37.85 -64.93
CA MET N 442 13.82 38.06 -63.76
C MET N 442 14.40 37.36 -62.53
N ASN N 443 14.94 36.16 -62.74
CA ASN N 443 15.52 35.38 -61.61
C ASN N 443 16.71 36.16 -61.04
N MET N 444 17.51 36.80 -61.88
CA MET N 444 18.67 37.62 -61.43
C MET N 444 18.20 38.81 -60.59
N LYS N 445 17.11 39.48 -61.00
CA LYS N 445 16.59 40.55 -60.09
C LYS N 445 16.17 39.93 -58.75
N GLU N 446 15.50 38.78 -58.81
CA GLU N 446 15.08 38.22 -57.50
C GLU N 446 16.33 37.85 -56.70
N THR N 447 17.40 37.39 -57.34
CA THR N 447 18.67 37.01 -56.67
C THR N 447 19.29 38.23 -56.02
N THR N 448 19.24 39.37 -56.69
CA THR N 448 19.73 40.62 -56.06
C THR N 448 18.91 40.89 -54.80
N LYS N 449 17.59 40.68 -54.80
CA LYS N 449 16.90 40.99 -53.50
C LYS N 449 17.04 39.90 -52.41
N ARG N 450 18.09 39.07 -52.37
CA ARG N 450 18.22 37.89 -51.55
C ARG N 450 18.78 38.23 -50.17
N VAL N 451 18.52 37.36 -49.19
CA VAL N 451 18.95 37.55 -47.82
C VAL N 451 19.87 36.40 -47.42
N ARG N 452 21.05 36.77 -46.91
CA ARG N 452 22.03 35.79 -46.44
C ARG N 452 21.60 35.30 -45.06
N LEU N 453 21.26 34.02 -44.94
CA LEU N 453 20.57 33.57 -43.74
C LEU N 453 21.51 33.34 -42.57
N GLY N 454 22.39 32.36 -42.67
CA GLY N 454 23.30 32.04 -41.59
C GLY N 454 22.58 31.53 -40.34
N PRO N 455 23.26 31.59 -39.18
CA PRO N 455 22.66 31.10 -37.94
C PRO N 455 21.96 32.16 -37.10
N ASP N 456 22.07 33.44 -37.44
CA ASP N 456 21.43 34.51 -36.68
C ASP N 456 20.22 35.11 -37.37
N CYS N 457 20.22 35.16 -38.70
CA CYS N 457 19.07 35.65 -39.47
C CYS N 457 18.31 34.42 -39.96
N LEU N 458 17.27 34.06 -39.22
CA LEU N 458 16.46 32.92 -39.61
C LEU N 458 15.40 33.35 -40.63
N PRO N 459 15.02 32.47 -41.54
CA PRO N 459 14.07 32.85 -42.58
C PRO N 459 12.63 32.85 -42.07
N SER N 460 11.79 33.54 -42.82
CA SER N 460 10.36 33.61 -42.54
C SER N 460 9.66 32.49 -43.32
N ILE N 461 8.96 31.62 -42.59
CA ILE N 461 8.34 30.45 -43.19
C ILE N 461 6.88 30.75 -43.46
N CYS N 462 6.53 30.81 -44.74
CA CYS N 462 5.13 30.82 -45.15
C CYS N 462 4.55 29.41 -45.05
N PHE N 463 3.24 29.30 -45.25
CA PHE N 463 2.60 27.99 -45.16
C PHE N 463 1.36 28.00 -46.00
N TYR N 464 1.29 27.09 -46.98
CA TYR N 464 0.13 26.96 -47.86
C TYR N 464 -0.60 25.68 -47.46
N THR N 465 -1.51 25.78 -46.49
CA THR N 465 -2.23 24.61 -46.03
C THR N 465 -3.40 24.28 -46.96
N PHE N 466 -3.65 22.98 -47.14
CA PHE N 466 -4.70 22.49 -48.00
C PHE N 466 -5.89 22.12 -47.13
N LEU N 467 -7.01 22.81 -47.32
CA LEU N 467 -8.04 22.81 -46.29
C LEU N 467 -8.95 21.58 -46.36
N ASN N 468 -9.68 21.42 -47.47
CA ASN N 468 -10.73 20.42 -47.53
C ASN N 468 -10.29 19.14 -48.24
N ALA N 469 -8.99 18.85 -48.23
CA ALA N 469 -8.51 17.55 -48.70
C ALA N 469 -8.66 16.56 -47.57
N TYR N 470 -9.63 15.63 -47.70
CA TYR N 470 -9.99 14.72 -46.62
C TYR N 470 -8.97 13.58 -46.53
N GLN N 471 -7.78 13.95 -46.05
CA GLN N 471 -6.56 13.11 -46.03
C GLN N 471 -6.27 12.54 -47.42
N GLY N 472 -6.18 13.44 -48.40
CA GLY N 472 -6.02 13.00 -49.77
C GLY N 472 -5.08 13.83 -50.61
N LEU N 473 -4.08 14.44 -50.00
CA LEU N 473 -3.03 15.14 -50.74
C LEU N 473 -1.77 14.29 -50.72
N THR N 474 -1.32 13.86 -51.89
CA THR N 474 -0.19 12.96 -52.00
C THR N 474 1.05 13.55 -52.66
N ALA N 475 0.93 14.68 -53.36
CA ALA N 475 2.05 15.21 -54.13
C ALA N 475 1.90 16.71 -54.32
N VAL N 476 2.94 17.46 -53.95
CA VAL N 476 2.98 18.91 -54.15
C VAL N 476 4.22 19.23 -54.96
N ASP N 477 4.16 20.28 -55.78
CA ASP N 477 5.36 20.86 -56.33
C ASP N 477 5.12 22.35 -56.56
N VAL N 478 6.12 23.16 -56.26
CA VAL N 478 6.08 24.60 -56.46
C VAL N 478 7.15 24.94 -57.52
N THR N 479 6.88 25.95 -58.33
CA THR N 479 7.78 26.35 -59.40
C THR N 479 9.04 27.01 -58.83
N ASP N 480 9.93 27.42 -59.74
CA ASP N 480 11.19 28.05 -59.31
C ASP N 480 10.94 29.46 -58.78
N ASP N 481 10.19 30.26 -59.54
CA ASP N 481 9.59 31.46 -58.97
C ASP N 481 8.20 31.09 -58.46
N SER N 482 7.95 31.38 -57.18
CA SER N 482 6.79 30.84 -56.49
C SER N 482 5.51 31.53 -56.98
N SER N 483 5.05 31.11 -58.15
CA SER N 483 3.83 31.65 -58.73
C SER N 483 2.83 30.59 -59.13
N LEU N 484 3.10 29.31 -58.84
CA LEU N 484 2.20 28.21 -59.18
C LEU N 484 2.43 27.09 -58.19
N ILE N 485 1.36 26.42 -57.78
CA ILE N 485 1.42 25.27 -56.88
C ILE N 485 0.56 24.17 -57.47
N ALA N 486 1.17 23.02 -57.75
CA ALA N 486 0.40 21.85 -58.15
C ALA N 486 0.09 20.98 -56.94
N GLY N 487 -1.00 20.25 -57.04
CA GLY N 487 -1.37 19.34 -55.98
C GLY N 487 -1.79 17.99 -56.53
N GLY N 488 -1.14 16.93 -56.07
CA GLY N 488 -1.49 15.61 -56.54
C GLY N 488 -2.37 14.90 -55.55
N PHE N 489 -3.60 14.60 -55.94
CA PHE N 489 -4.62 14.13 -55.00
C PHE N 489 -4.93 12.67 -55.22
N ALA N 490 -5.40 12.03 -54.15
CA ALA N 490 -5.65 10.58 -54.14
C ALA N 490 -6.95 10.20 -54.85
N ASP N 491 -7.72 11.17 -55.33
CA ASP N 491 -8.88 10.92 -56.16
C ASP N 491 -8.57 11.10 -57.64
N SER N 492 -7.33 10.80 -58.03
CA SER N 492 -6.86 10.75 -59.42
C SER N 492 -6.95 12.10 -60.12
N THR N 493 -6.82 13.19 -59.38
CA THR N 493 -6.90 14.53 -59.93
C THR N 493 -5.63 15.30 -59.64
N VAL N 494 -5.28 16.20 -60.55
CA VAL N 494 -4.12 17.08 -60.43
C VAL N 494 -4.63 18.52 -60.57
N ARG N 495 -4.43 19.31 -59.53
CA ARG N 495 -4.95 20.67 -59.49
C ARG N 495 -3.79 21.66 -59.45
N VAL N 496 -3.89 22.72 -60.24
CA VAL N 496 -2.85 23.72 -60.37
C VAL N 496 -3.41 25.05 -59.88
N TRP N 497 -2.79 25.62 -58.86
CA TRP N 497 -3.23 26.87 -58.24
C TRP N 497 -2.28 28.00 -58.58
N SER N 498 -2.83 29.18 -58.76
CA SER N 498 -2.04 30.40 -58.84
C SER N 498 -1.96 31.01 -57.45
N VAL N 499 -0.73 31.32 -57.01
CA VAL N 499 -0.53 31.91 -55.69
C VAL N 499 -0.11 33.36 -55.88
N THR N 500 -0.58 33.97 -56.96
CA THR N 500 -0.27 35.31 -57.39
C THR N 500 -1.56 35.90 -57.95
N PRO N 501 -1.79 37.21 -57.80
CA PRO N 501 -3.01 37.81 -58.40
C PRO N 501 -3.12 37.71 -59.91
N LYS N 502 -2.02 37.41 -60.60
CA LYS N 502 -2.10 37.02 -62.01
C LYS N 502 -2.82 35.67 -62.11
N LYS N 503 -3.84 35.61 -62.96
CA LYS N 503 -4.70 34.44 -63.02
C LYS N 503 -4.18 33.43 -64.05
N LEU N 504 -4.77 32.24 -64.03
CA LEU N 504 -4.40 31.17 -64.93
C LEU N 504 -5.23 31.26 -66.20
N ARG N 505 -4.58 31.31 -67.35
CA ARG N 505 -5.26 31.49 -68.62
C ARG N 505 -4.81 30.45 -69.62
N SER N 506 -5.75 29.96 -70.41
CA SER N 506 -5.46 29.06 -71.51
C SER N 506 -5.26 29.85 -72.79
N VAL N 507 -4.69 29.19 -73.80
CA VAL N 507 -4.49 29.82 -75.10
C VAL N 507 -5.76 29.66 -75.93
N LYS N 508 -5.86 30.41 -77.03
CA LYS N 508 -7.05 30.37 -77.87
C LYS N 508 -7.16 29.02 -78.57
N GLN N 509 -8.35 28.76 -79.12
CA GLN N 509 -8.50 27.56 -79.98
C GLN N 509 -7.85 27.88 -81.33
N ALA N 510 -7.84 26.92 -82.27
CA ALA N 510 -7.07 27.12 -83.52
C ALA N 510 -7.50 28.35 -84.33
N SER N 511 -8.81 28.57 -84.53
CA SER N 511 -9.24 29.70 -85.40
C SER N 511 -8.80 31.02 -84.77
N ASP N 512 -8.98 31.13 -83.46
CA ASP N 512 -8.61 32.38 -82.75
C ASP N 512 -7.10 32.57 -82.83
N LEU N 513 -6.32 31.49 -82.70
CA LEU N 513 -4.84 31.60 -82.80
C LEU N 513 -4.47 32.08 -84.21
N SER N 514 -5.14 31.57 -85.22
CA SER N 514 -4.87 32.02 -86.62
C SER N 514 -5.19 33.51 -86.75
N LEU N 515 -6.28 33.99 -86.17
CA LEU N 515 -6.64 35.42 -86.35
C LEU N 515 -5.47 36.32 -85.93
N ILE N 516 -4.85 36.05 -84.78
CA ILE N 516 -3.78 36.96 -84.26
C ILE N 516 -2.54 36.93 -85.17
N ASP N 517 -1.90 38.07 -85.36
CA ASP N 517 -0.71 38.18 -86.26
C ASP N 517 0.58 37.86 -85.49
N LYS N 518 1.44 37.02 -86.04
CA LYS N 518 2.72 36.63 -85.38
C LYS N 518 3.76 37.75 -85.46
N GLU N 519 4.79 37.70 -84.61
CA GLU N 519 5.90 38.70 -84.65
C GLU N 519 5.39 40.14 -84.57
N SER N 520 4.48 40.43 -83.63
CA SER N 520 3.94 41.81 -83.47
C SER N 520 4.45 42.46 -82.19
N ASP N 521 5.41 41.84 -81.49
CA ASP N 521 6.03 42.42 -80.25
C ASP N 521 4.98 42.54 -79.15
N ASP N 522 4.17 41.51 -78.94
CA ASP N 522 3.07 41.48 -77.92
C ASP N 522 2.26 40.18 -78.14
N VAL N 523 2.80 39.29 -78.98
CA VAL N 523 2.07 38.04 -79.38
C VAL N 523 1.78 37.12 -78.18
N LEU N 524 2.72 36.97 -77.24
CA LEU N 524 2.46 36.03 -76.14
C LEU N 524 1.24 36.55 -75.37
N GLU N 525 1.20 37.86 -75.13
CA GLU N 525 0.07 38.48 -74.39
C GLU N 525 -1.22 38.29 -75.19
N ARG N 526 -1.17 38.45 -76.51
CA ARG N 526 -2.37 38.18 -77.34
C ARG N 526 -2.86 36.73 -77.29
N ILE N 527 -1.99 35.73 -77.24
CA ILE N 527 -2.41 34.28 -77.35
C ILE N 527 -3.24 33.70 -76.17
N MET N 528 -3.47 34.38 -75.05
CA MET N 528 -4.20 33.90 -73.87
C MET N 528 -5.69 34.19 -73.98
N ASP N 529 -6.50 33.14 -73.86
CA ASP N 529 -7.95 33.25 -73.93
C ASP N 529 -8.47 33.82 -72.62
N GLU N 530 -9.14 34.97 -72.69
CA GLU N 530 -9.62 35.69 -71.53
C GLU N 530 -10.88 35.06 -70.91
N LYS N 531 -11.55 34.15 -71.61
CA LYS N 531 -12.79 33.59 -71.08
C LYS N 531 -12.52 32.59 -69.96
N THR N 532 -11.44 31.80 -70.08
CA THR N 532 -11.06 30.81 -69.08
C THR N 532 -9.93 31.41 -68.25
N ALA N 533 -10.31 32.15 -67.22
CA ALA N 533 -9.36 32.89 -66.38
C ALA N 533 -9.54 32.51 -64.92
N SER N 534 -9.60 31.21 -64.65
CA SER N 534 -9.77 30.75 -63.29
C SER N 534 -8.47 30.87 -62.51
N GLU N 535 -8.57 30.68 -61.19
CA GLU N 535 -7.41 30.57 -60.32
C GLU N 535 -7.17 29.14 -59.89
N LEU N 536 -7.86 28.19 -60.50
CA LEU N 536 -7.69 26.77 -60.21
C LEU N 536 -8.07 26.00 -61.46
N LYS N 537 -7.15 25.19 -61.97
CA LYS N 537 -7.37 24.45 -63.21
C LYS N 537 -7.21 22.97 -62.91
N ILE N 538 -8.33 22.26 -62.82
CA ILE N 538 -8.30 20.83 -62.50
C ILE N 538 -7.95 20.05 -63.76
N LEU N 539 -7.06 19.06 -63.60
CA LEU N 539 -6.58 18.24 -64.71
C LEU N 539 -6.95 16.79 -64.45
N TYR N 540 -7.68 16.20 -65.39
CA TYR N 540 -8.09 14.80 -65.32
C TYR N 540 -7.32 13.99 -66.34
N GLY N 541 -7.16 12.70 -66.08
CA GLY N 541 -6.36 11.85 -66.94
C GLY N 541 -5.63 10.74 -66.25
N HIS N 542 -5.65 10.71 -64.93
CA HIS N 542 -5.06 9.61 -64.17
C HIS N 542 -6.15 8.68 -63.68
N SER N 543 -5.79 7.41 -63.48
CA SER N 543 -6.71 6.40 -62.97
C SER N 543 -6.37 5.95 -61.56
N GLY N 544 -5.51 6.67 -60.86
CA GLY N 544 -5.14 6.31 -59.51
C GLY N 544 -4.55 7.50 -58.80
N PRO N 545 -4.25 7.34 -57.51
CA PRO N 545 -3.63 8.43 -56.72
C PRO N 545 -2.28 8.86 -57.28
N VAL N 546 -2.22 10.11 -57.73
CA VAL N 546 -1.00 10.67 -58.30
C VAL N 546 -0.02 11.02 -57.19
N TYR N 547 1.19 10.46 -57.27
CA TYR N 547 2.13 10.38 -56.16
C TYR N 547 3.35 11.26 -56.34
N GLY N 548 3.49 11.93 -57.48
CA GLY N 548 4.61 12.82 -57.65
C GLY N 548 4.35 13.82 -58.77
N ALA N 549 4.54 15.10 -58.49
CA ALA N 549 4.38 16.14 -59.49
C ALA N 549 5.66 16.95 -59.55
N SER N 550 5.88 17.59 -60.70
CA SER N 550 7.07 18.41 -60.89
C SER N 550 6.84 19.35 -62.06
N PHE N 551 7.06 20.63 -61.86
CA PHE N 551 6.96 21.58 -62.95
C PHE N 551 8.22 21.54 -63.81
N SER N 552 8.22 22.31 -64.87
CA SER N 552 9.37 22.50 -65.72
C SER N 552 9.88 23.93 -65.56
N PRO N 553 11.20 24.16 -65.70
CA PRO N 553 11.75 25.50 -65.43
C PRO N 553 11.29 26.60 -66.37
N ASP N 554 10.69 26.28 -67.52
CA ASP N 554 10.08 27.30 -68.36
C ASP N 554 8.62 27.52 -68.03
N ARG N 555 8.12 26.91 -66.95
CA ARG N 555 6.79 27.06 -66.36
C ARG N 555 5.65 26.59 -67.24
N ASN N 556 5.94 25.95 -68.37
CA ASN N 556 4.99 25.07 -69.01
C ASN N 556 5.27 23.67 -68.47
N TYR N 557 4.62 22.65 -69.06
CA TYR N 557 5.02 21.24 -68.94
C TYR N 557 5.02 20.74 -67.48
N LEU N 558 3.84 20.65 -66.91
CA LEU N 558 3.72 19.95 -65.63
C LEU N 558 3.81 18.44 -65.87
N LEU N 559 4.44 17.74 -64.93
CA LEU N 559 4.49 16.29 -64.93
C LEU N 559 3.71 15.74 -63.76
N SER N 560 3.28 14.48 -63.90
CA SER N 560 2.60 13.79 -62.80
C SER N 560 2.76 12.30 -63.02
N SER N 561 2.61 11.54 -61.93
CA SER N 561 2.86 10.11 -61.96
C SER N 561 2.00 9.45 -60.89
N SER N 562 1.17 8.50 -61.31
CA SER N 562 0.21 7.86 -60.41
C SER N 562 0.47 6.37 -60.31
N GLU N 563 -0.43 5.68 -59.62
CA GLU N 563 -0.28 4.26 -59.37
C GLU N 563 -0.88 3.40 -60.46
N ASP N 564 -1.35 3.98 -61.55
CA ASP N 564 -1.75 3.22 -62.72
C ASP N 564 -0.58 2.95 -63.67
N GLY N 565 0.64 3.30 -63.25
CA GLY N 565 1.83 2.97 -63.98
C GLY N 565 2.23 3.96 -65.05
N THR N 566 1.46 5.03 -65.26
CA THR N 566 1.76 5.98 -66.31
C THR N 566 2.32 7.27 -65.72
N VAL N 567 2.93 8.06 -66.61
CA VAL N 567 3.50 9.36 -66.29
C VAL N 567 3.02 10.31 -67.37
N ARG N 568 2.30 11.35 -66.99
CA ARG N 568 1.65 12.22 -67.96
C ARG N 568 2.34 13.58 -67.99
N LEU N 569 2.43 14.14 -69.19
CA LEU N 569 3.04 15.44 -69.42
C LEU N 569 1.91 16.42 -69.73
N TRP N 570 1.45 17.14 -68.71
CA TRP N 570 0.42 18.15 -68.90
C TRP N 570 1.02 19.42 -69.46
N SER N 571 0.31 20.05 -70.38
CA SER N 571 0.70 21.38 -70.82
C SER N 571 0.16 22.40 -69.84
N LEU N 572 0.83 23.55 -69.76
CA LEU N 572 0.34 24.67 -68.98
C LEU N 572 0.06 25.88 -69.86
N GLN N 573 -0.14 25.65 -71.15
CA GLN N 573 -0.70 26.63 -72.07
C GLN N 573 -2.07 26.24 -72.56
N THR N 574 -2.28 24.96 -72.82
CA THR N 574 -3.60 24.44 -73.17
C THR N 574 -4.31 23.79 -72.00
N PHE N 575 -3.56 23.47 -70.93
CA PHE N 575 -4.04 22.80 -69.72
C PHE N 575 -4.72 21.47 -70.02
N THR N 576 -4.18 20.74 -70.99
CA THR N 576 -4.59 19.39 -71.30
C THR N 576 -3.37 18.50 -71.37
N CYS N 577 -3.58 17.20 -71.21
CA CYS N 577 -2.48 16.25 -71.26
C CYS N 577 -1.95 16.12 -72.67
N LEU N 578 -0.65 15.84 -72.78
CA LEU N 578 0.01 15.71 -74.08
C LEU N 578 0.49 14.29 -74.35
N VAL N 579 1.31 13.70 -73.48
CA VAL N 579 1.81 12.35 -73.66
C VAL N 579 1.53 11.57 -72.37
N GLY N 580 1.38 10.25 -72.50
CA GLY N 580 1.36 9.38 -71.35
C GLY N 580 2.41 8.29 -71.48
N TYR N 581 3.39 8.29 -70.58
CA TYR N 581 4.58 7.47 -70.72
C TYR N 581 4.37 6.14 -70.00
N LYS N 582 4.20 5.07 -70.79
CA LYS N 582 3.71 3.79 -70.30
C LYS N 582 4.82 2.78 -70.07
N GLY N 583 5.99 3.20 -69.59
CA GLY N 583 7.07 2.27 -69.32
C GLY N 583 6.80 1.30 -68.18
N HIS N 584 6.56 1.81 -66.98
CA HIS N 584 6.27 0.96 -65.84
C HIS N 584 4.88 0.34 -65.97
N ASN N 585 4.73 -0.85 -65.39
CA ASN N 585 3.41 -1.43 -65.16
C ASN N 585 2.91 -1.20 -63.76
N TYR N 586 3.80 -0.84 -62.85
CA TYR N 586 3.58 -0.74 -61.43
C TYR N 586 3.53 0.73 -61.02
N PRO N 587 3.05 1.06 -59.81
CA PRO N 587 3.02 2.46 -59.36
C PRO N 587 4.34 3.19 -59.45
N VAL N 588 4.28 4.42 -59.96
CA VAL N 588 5.43 5.30 -60.08
C VAL N 588 5.41 6.24 -58.90
N TRP N 589 6.40 6.14 -58.02
CA TRP N 589 6.35 6.86 -56.76
C TRP N 589 6.85 8.30 -56.84
N ASP N 590 7.68 8.63 -57.82
CA ASP N 590 8.18 9.99 -57.93
C ASP N 590 8.56 10.29 -59.37
N THR N 591 8.52 11.57 -59.72
CA THR N 591 8.98 12.04 -61.02
C THR N 591 9.49 13.45 -60.86
N GLN N 592 10.43 13.84 -61.74
CA GLN N 592 11.05 15.15 -61.66
C GLN N 592 11.75 15.45 -62.97
N PHE N 593 11.60 16.69 -63.46
CA PHE N 593 12.37 17.16 -64.59
C PHE N 593 13.84 17.34 -64.23
N SER N 594 14.64 17.49 -65.28
CA SER N 594 15.98 18.02 -65.17
C SER N 594 15.91 19.50 -64.80
N PRO N 595 16.96 20.03 -64.17
CA PRO N 595 17.02 21.49 -63.94
C PRO N 595 17.10 22.33 -65.21
N TYR N 596 17.42 21.73 -66.36
CA TYR N 596 17.46 22.41 -67.64
C TYR N 596 16.24 22.10 -68.51
N GLY N 597 15.42 21.14 -68.12
CA GLY N 597 14.07 21.07 -68.60
C GLY N 597 13.82 20.25 -69.85
N TYR N 598 14.66 19.27 -70.15
CA TYR N 598 14.40 18.39 -71.29
C TYR N 598 14.23 16.95 -70.87
N TYR N 599 15.11 16.44 -70.03
CA TYR N 599 15.00 15.06 -69.54
C TYR N 599 14.16 15.04 -68.28
N PHE N 600 13.67 13.84 -67.94
CA PHE N 600 13.08 13.63 -66.64
C PHE N 600 13.26 12.17 -66.25
N VAL N 601 13.11 11.92 -64.95
CA VAL N 601 13.39 10.63 -64.35
C VAL N 601 12.16 10.23 -63.55
N SER N 602 11.87 8.93 -63.50
CA SER N 602 10.65 8.48 -62.83
C SER N 602 10.88 7.09 -62.25
N GLY N 603 11.08 7.03 -60.94
CA GLY N 603 11.25 5.76 -60.27
C GLY N 603 9.94 5.20 -59.76
N GLY N 604 9.82 3.87 -59.82
CA GLY N 604 8.57 3.23 -59.49
C GLY N 604 8.67 1.96 -58.67
N HIS N 605 7.56 1.23 -58.55
CA HIS N 605 7.51 0.03 -57.74
C HIS N 605 8.23 -1.14 -58.38
N ASP N 606 8.52 -1.09 -59.68
CA ASP N 606 9.23 -2.16 -60.36
C ASP N 606 10.73 -2.12 -60.16
N ARG N 607 11.21 -1.34 -59.18
CA ARG N 607 12.60 -1.30 -58.68
C ARG N 607 13.59 -0.82 -59.72
N VAL N 608 13.14 -0.14 -60.76
CA VAL N 608 14.05 0.58 -61.65
C VAL N 608 13.69 2.04 -61.60
N ALA N 609 14.48 2.88 -62.28
CA ALA N 609 14.18 4.30 -62.39
C ALA N 609 14.58 4.73 -63.78
N ARG N 610 13.62 4.92 -64.66
CA ARG N 610 13.92 5.19 -66.05
C ARG N 610 14.28 6.66 -66.24
N LEU N 611 14.89 6.97 -67.38
CA LEU N 611 15.19 8.34 -67.76
C LEU N 611 14.61 8.60 -69.14
N TRP N 612 13.74 9.59 -69.23
CA TRP N 612 13.01 9.92 -70.44
C TRP N 612 13.47 11.27 -70.97
N ALA N 613 12.90 11.71 -72.09
CA ALA N 613 13.40 12.91 -72.73
C ALA N 613 12.35 13.84 -73.34
N THR N 614 11.06 13.61 -73.10
CA THR N 614 9.92 14.33 -73.71
C THR N 614 9.93 14.28 -75.24
N ASP N 615 10.66 13.35 -75.85
CA ASP N 615 10.65 13.16 -77.30
C ASP N 615 10.52 11.71 -77.69
N HIS N 616 10.87 10.78 -76.82
CA HIS N 616 10.82 9.36 -77.09
C HIS N 616 9.82 8.72 -76.15
N TYR N 617 8.95 7.89 -76.69
CA TYR N 617 7.95 7.18 -75.92
C TYR N 617 8.52 6.05 -75.08
N GLN N 618 9.82 5.76 -75.22
CA GLN N 618 10.62 4.79 -74.51
C GLN N 618 11.73 5.51 -73.75
N PRO N 619 12.22 4.95 -72.64
CA PRO N 619 13.25 5.64 -71.88
C PRO N 619 14.59 5.63 -72.58
N LEU N 620 15.46 6.54 -72.14
CA LEU N 620 16.83 6.61 -72.64
C LEU N 620 17.77 5.77 -71.81
N ARG N 621 17.63 5.82 -70.50
CA ARG N 621 18.43 5.04 -69.56
C ARG N 621 17.51 4.36 -68.58
N ILE N 622 17.89 3.16 -68.16
CA ILE N 622 17.17 2.43 -67.13
C ILE N 622 18.15 2.17 -65.99
N PHE N 623 17.87 2.75 -64.83
CA PHE N 623 18.76 2.68 -63.67
C PHE N 623 18.28 1.55 -62.77
N ALA N 624 18.81 0.34 -63.02
CA ALA N 624 18.31 -0.88 -62.39
C ALA N 624 19.40 -1.47 -61.49
N GLY N 625 19.44 -1.01 -60.24
CA GLY N 625 20.34 -1.62 -59.28
C GLY N 625 19.70 -1.88 -57.93
N HIS N 626 18.52 -1.31 -57.71
CA HIS N 626 17.90 -1.37 -56.39
C HIS N 626 17.25 -2.73 -56.18
N LEU N 627 16.95 -3.03 -54.91
CA LEU N 627 16.41 -4.32 -54.54
C LEU N 627 15.00 -4.29 -53.99
N ALA N 628 14.50 -3.13 -53.56
CA ALA N 628 13.19 -3.06 -52.92
C ALA N 628 12.19 -2.21 -53.70
N ASP N 629 12.55 -0.97 -54.01
CA ASP N 629 11.71 -0.02 -54.75
C ASP N 629 12.62 1.06 -55.29
N VAL N 630 12.02 2.14 -55.80
CA VAL N 630 12.66 3.45 -55.94
C VAL N 630 11.61 4.44 -55.45
N ASN N 631 11.80 4.98 -54.25
CA ASN N 631 10.80 5.88 -53.69
C ASN N 631 10.91 7.29 -54.26
N CYS N 632 12.11 7.87 -54.22
CA CYS N 632 12.31 9.25 -54.63
C CYS N 632 13.53 9.36 -55.51
N THR N 633 13.39 10.09 -56.61
CA THR N 633 14.46 10.35 -57.56
C THR N 633 14.78 11.84 -57.60
N ARG N 634 16.05 12.18 -57.78
CA ARG N 634 16.47 13.56 -57.86
C ARG N 634 17.50 13.72 -58.96
N PHE N 635 17.52 14.89 -59.57
CA PHE N 635 18.57 15.27 -60.50
C PHE N 635 19.65 16.07 -59.79
N HIS N 636 20.89 15.87 -60.20
CA HIS N 636 21.97 16.75 -59.79
C HIS N 636 21.77 18.11 -60.47
N PRO N 637 22.30 19.18 -59.88
CA PRO N 637 22.32 20.48 -60.58
C PRO N 637 23.09 20.48 -61.90
N ASN N 638 24.02 19.54 -62.10
CA ASN N 638 24.59 19.32 -63.43
C ASN N 638 23.57 18.76 -64.40
N SER N 639 22.59 18.02 -63.88
CA SER N 639 21.74 17.06 -64.62
C SER N 639 22.58 16.03 -65.37
N ASN N 640 23.76 15.70 -64.83
CA ASN N 640 24.57 14.62 -65.34
C ASN N 640 24.54 13.40 -64.45
N TYR N 641 24.02 13.54 -63.23
CA TYR N 641 23.90 12.43 -62.30
C TYR N 641 22.50 12.45 -61.71
N VAL N 642 22.03 11.27 -61.31
CA VAL N 642 20.67 11.09 -60.80
C VAL N 642 20.76 10.30 -59.51
N ALA N 643 20.21 10.82 -58.43
CA ALA N 643 20.17 10.14 -57.15
C ALA N 643 18.78 9.54 -56.92
N THR N 644 18.73 8.24 -56.66
CA THR N 644 17.48 7.53 -56.42
C THR N 644 17.54 6.83 -55.07
N GLY N 645 17.07 7.49 -54.04
CA GLY N 645 16.85 6.83 -52.76
C GLY N 645 15.67 5.88 -52.83
N SER N 646 15.69 4.85 -52.00
CA SER N 646 14.79 3.73 -52.20
C SER N 646 14.45 3.07 -50.88
N ALA N 647 13.68 2.00 -50.96
CA ALA N 647 13.09 1.34 -49.79
C ALA N 647 13.92 0.17 -49.29
N ASP N 648 15.10 -0.06 -49.85
CA ASP N 648 16.04 -1.02 -49.29
C ASP N 648 17.03 -0.35 -48.36
N ARG N 649 16.68 0.81 -47.79
CA ARG N 649 17.49 1.60 -46.89
C ARG N 649 18.83 2.01 -47.50
N THR N 650 18.87 2.14 -48.83
CA THR N 650 20.05 2.57 -49.56
C THR N 650 19.69 3.73 -50.47
N VAL N 651 20.71 4.42 -50.94
CA VAL N 651 20.54 5.51 -51.90
C VAL N 651 21.77 5.53 -52.80
N ARG N 652 21.54 5.53 -54.11
CA ARG N 652 22.60 5.42 -55.10
C ARG N 652 22.63 6.65 -55.98
N LEU N 653 23.81 6.93 -56.51
CA LEU N 653 23.98 7.91 -57.58
C LEU N 653 24.13 7.16 -58.89
N TRP N 654 23.49 7.67 -59.93
CA TRP N 654 23.61 7.08 -61.25
C TRP N 654 24.29 8.08 -62.17
N ASP N 655 24.65 7.62 -63.35
CA ASP N 655 25.28 8.45 -64.37
C ASP N 655 24.37 8.50 -65.58
N VAL N 656 24.02 9.72 -66.01
CA VAL N 656 23.10 9.88 -67.14
C VAL N 656 23.77 9.43 -68.43
N LEU N 657 25.03 9.80 -68.62
CA LEU N 657 25.85 9.11 -69.61
C LEU N 657 26.14 7.70 -69.12
N ASN N 658 26.04 6.72 -70.01
CA ASN N 658 26.46 5.32 -69.89
C ASN N 658 25.83 4.55 -68.73
N GLY N 659 24.86 5.12 -68.00
CA GLY N 659 23.97 4.37 -67.14
C GLY N 659 24.56 3.69 -65.92
N ASN N 660 25.86 3.88 -65.64
CA ASN N 660 26.52 3.11 -64.59
C ASN N 660 26.12 3.59 -63.21
N CYS N 661 26.33 2.79 -62.17
CA CYS N 661 26.07 3.27 -60.77
C CYS N 661 27.35 3.82 -60.17
N VAL N 662 27.43 5.13 -59.90
CA VAL N 662 28.72 5.75 -59.46
C VAL N 662 28.85 5.92 -57.95
N ARG N 663 27.83 5.62 -57.13
CA ARG N 663 28.00 5.67 -55.65
C ARG N 663 26.87 4.89 -54.97
N ILE N 664 27.12 4.40 -53.75
CA ILE N 664 26.09 3.63 -52.98
C ILE N 664 26.24 4.00 -51.51
N PHE N 665 25.29 4.75 -50.96
CA PHE N 665 25.29 5.20 -49.57
C PHE N 665 24.37 4.30 -48.75
N THR N 666 24.93 3.64 -47.74
CA THR N 666 24.21 2.70 -46.89
C THR N 666 24.33 3.19 -45.45
N GLY N 667 23.38 4.02 -45.01
CA GLY N 667 23.43 4.51 -43.64
C GLY N 667 22.12 4.50 -42.88
N HIS N 668 21.00 4.27 -43.56
CA HIS N 668 19.71 4.47 -42.94
C HIS N 668 19.23 3.18 -42.26
N LYS N 669 18.16 3.33 -41.48
CA LYS N 669 17.49 2.22 -40.83
C LYS N 669 16.02 2.17 -41.21
N GLY N 670 15.65 2.82 -42.31
CA GLY N 670 14.29 2.79 -42.81
C GLY N 670 14.27 3.16 -44.29
N PRO N 671 13.11 3.01 -44.93
CA PRO N 671 12.99 3.38 -46.35
C PRO N 671 13.12 4.88 -46.55
N ILE N 672 14.01 5.27 -47.46
CA ILE N 672 14.26 6.68 -47.74
C ILE N 672 13.06 7.28 -48.46
N HIS N 673 12.54 8.39 -47.93
CA HIS N 673 11.38 9.05 -48.51
C HIS N 673 11.66 10.46 -48.97
N SER N 674 12.86 10.99 -48.76
CA SER N 674 13.15 12.37 -49.16
C SER N 674 14.61 12.50 -49.52
N LEU N 675 14.87 13.34 -50.52
CA LEU N 675 16.21 13.60 -51.01
C LEU N 675 16.30 15.07 -51.42
N THR N 676 17.51 15.60 -51.32
CA THR N 676 17.80 16.94 -51.83
C THR N 676 19.30 17.05 -52.07
N PHE N 677 19.66 18.00 -52.92
CA PHE N 677 21.05 18.30 -53.23
C PHE N 677 21.42 19.68 -52.72
N SER N 678 22.62 19.81 -52.17
CA SER N 678 23.15 21.12 -51.84
C SER N 678 23.40 21.90 -53.12
N PRO N 679 23.16 23.22 -53.13
CA PRO N 679 23.17 23.98 -54.39
C PRO N 679 24.53 24.14 -55.05
N ASN N 680 25.62 23.83 -54.35
CA ASN N 680 26.94 23.82 -55.00
C ASN N 680 27.27 22.48 -55.62
N GLY N 681 26.59 21.40 -55.22
CA GLY N 681 26.75 20.11 -55.83
C GLY N 681 27.59 19.13 -55.04
N ARG N 682 28.21 19.56 -53.95
CA ARG N 682 29.12 18.69 -53.23
C ARG N 682 28.40 17.68 -52.34
N PHE N 683 27.21 18.01 -51.86
CA PHE N 683 26.58 17.23 -50.80
C PHE N 683 25.20 16.73 -51.22
N LEU N 684 24.58 15.97 -50.32
CA LEU N 684 23.33 15.28 -50.59
C LEU N 684 22.75 14.84 -49.25
N ALA N 685 21.48 15.13 -49.03
CA ALA N 685 20.82 14.82 -47.77
C ALA N 685 19.62 13.93 -48.00
N THR N 686 19.47 12.90 -47.17
CA THR N 686 18.36 11.97 -47.27
C THR N 686 17.53 12.01 -46.00
N GLY N 687 16.43 11.28 -46.02
CA GLY N 687 15.55 11.18 -44.87
C GLY N 687 14.67 9.95 -44.98
N ALA N 688 14.40 9.27 -43.87
CA ALA N 688 13.73 7.99 -43.90
C ALA N 688 12.68 7.91 -42.81
N THR N 689 12.05 6.75 -42.69
CA THR N 689 10.97 6.55 -41.74
C THR N 689 11.44 6.45 -40.29
N ASP N 690 12.74 6.35 -40.04
CA ASP N 690 13.23 6.36 -38.67
C ASP N 690 13.30 7.76 -38.08
N GLY N 691 13.04 8.81 -38.88
CA GLY N 691 13.15 10.15 -38.41
C GLY N 691 14.58 10.60 -38.26
N ARG N 692 15.30 10.66 -39.37
CA ARG N 692 16.72 10.95 -39.34
C ARG N 692 17.16 11.51 -40.68
N VAL N 693 17.99 12.55 -40.64
CA VAL N 693 18.54 13.18 -41.83
C VAL N 693 20.03 12.91 -41.84
N LEU N 694 20.51 12.24 -42.89
CA LEU N 694 21.91 11.89 -43.04
C LEU N 694 22.50 12.70 -44.17
N LEU N 695 23.59 13.42 -43.89
CA LEU N 695 24.27 14.22 -44.89
C LEU N 695 25.43 13.41 -45.47
N TRP N 696 25.50 13.36 -46.79
CA TRP N 696 26.57 12.65 -47.49
C TRP N 696 27.42 13.62 -48.29
N ASP N 697 28.66 13.22 -48.54
CA ASP N 697 29.55 13.92 -49.45
C ASP N 697 29.60 13.12 -50.75
N ILE N 698 29.35 13.78 -51.87
CA ILE N 698 29.30 13.04 -53.16
C ILE N 698 30.74 12.73 -53.60
N GLY N 699 31.68 13.66 -53.42
CA GLY N 699 33.05 13.42 -53.92
C GLY N 699 33.70 12.21 -53.28
N HIS N 700 33.59 12.07 -51.97
CA HIS N 700 34.08 10.85 -51.27
C HIS N 700 32.83 10.28 -50.63
N GLY N 701 32.53 9.01 -50.82
CA GLY N 701 31.23 8.52 -50.33
C GLY N 701 31.26 8.27 -48.84
N LEU N 702 31.28 9.34 -48.06
CA LEU N 702 31.33 9.21 -46.58
C LEU N 702 30.17 10.01 -45.99
N MET N 703 29.51 9.46 -44.98
CA MET N 703 28.45 10.21 -44.28
C MET N 703 29.12 11.29 -43.41
N VAL N 704 29.11 12.55 -43.85
CA VAL N 704 29.74 13.63 -43.10
C VAL N 704 28.87 14.24 -42.01
N GLY N 705 27.64 13.79 -41.86
CA GLY N 705 26.80 14.30 -40.79
C GLY N 705 25.65 13.36 -40.48
N GLU N 706 24.92 13.72 -39.43
CA GLU N 706 23.72 12.98 -39.01
C GLU N 706 22.88 13.92 -38.16
N LEU N 707 21.66 14.19 -38.61
CA LEU N 707 20.78 15.15 -37.96
C LEU N 707 19.61 14.36 -37.37
N LYS N 708 19.56 14.26 -36.04
CA LYS N 708 18.69 13.30 -35.37
C LYS N 708 17.61 13.95 -34.52
N GLY N 709 16.98 15.00 -35.02
CA GLY N 709 15.97 15.70 -34.25
C GLY N 709 14.55 15.19 -34.39
N HIS N 710 14.19 14.70 -35.58
CA HIS N 710 12.81 14.41 -35.91
C HIS N 710 12.30 13.18 -35.17
N THR N 711 11.00 12.92 -35.33
CA THR N 711 10.31 11.80 -34.70
C THR N 711 9.73 10.83 -35.71
N ASP N 712 9.03 11.33 -36.73
CA ASP N 712 8.37 10.52 -37.72
C ASP N 712 9.07 10.69 -39.06
N THR N 713 8.47 10.11 -40.11
CA THR N 713 9.06 10.04 -41.44
C THR N 713 9.33 11.43 -42.02
N VAL N 714 10.59 11.70 -42.34
CA VAL N 714 10.98 12.98 -42.92
C VAL N 714 10.57 12.93 -44.39
N CYS N 715 9.40 13.47 -44.70
CA CYS N 715 8.85 13.42 -46.05
C CYS N 715 9.19 14.64 -46.88
N SER N 716 10.03 15.54 -46.36
CA SER N 716 10.36 16.76 -47.09
C SER N 716 11.72 17.27 -46.66
N LEU N 717 12.57 17.56 -47.63
CA LEU N 717 13.91 18.07 -47.39
C LEU N 717 14.23 19.12 -48.43
N ARG N 718 14.87 20.21 -48.00
CA ARG N 718 15.27 21.25 -48.93
C ARG N 718 16.42 22.04 -48.33
N PHE N 719 17.45 22.29 -49.12
CA PHE N 719 18.53 23.19 -48.74
C PHE N 719 18.09 24.63 -49.01
N SER N 720 18.98 25.58 -48.73
CA SER N 720 18.68 26.98 -49.00
C SER N 720 18.95 27.27 -50.47
N ARG N 721 18.93 28.55 -50.84
CA ARG N 721 19.19 28.91 -52.23
C ARG N 721 20.68 29.13 -52.48
N ASP N 722 21.43 29.57 -51.48
CA ASP N 722 22.88 29.64 -51.57
C ASP N 722 23.58 28.54 -50.78
N GLY N 723 22.84 27.73 -50.04
CA GLY N 723 23.41 26.71 -49.20
C GLY N 723 23.65 27.10 -47.77
N GLU N 724 22.91 28.09 -47.25
CA GLU N 724 23.12 28.54 -45.88
C GLU N 724 22.54 27.56 -44.88
N ILE N 725 21.25 27.24 -45.00
CA ILE N 725 20.57 26.37 -44.05
C ILE N 725 19.92 25.21 -44.78
N LEU N 726 19.59 24.18 -44.02
CA LEU N 726 18.85 23.02 -44.50
C LEU N 726 17.52 22.93 -43.76
N ALA N 727 16.43 22.80 -44.52
CA ALA N 727 15.10 22.76 -43.95
C ALA N 727 14.52 21.36 -44.11
N SER N 728 13.79 20.89 -43.10
CA SER N 728 13.34 19.50 -43.07
C SER N 728 11.97 19.44 -42.41
N GLY N 729 10.96 19.07 -43.18
CA GLY N 729 9.62 18.88 -42.66
C GLY N 729 9.28 17.40 -42.67
N SER N 730 8.45 16.98 -41.72
CA SER N 730 8.17 15.57 -41.50
C SER N 730 6.70 15.39 -41.16
N MET N 731 6.35 14.17 -40.77
CA MET N 731 5.03 13.84 -40.24
C MET N 731 4.91 14.10 -38.75
N ASP N 732 5.96 14.65 -38.13
CA ASP N 732 5.99 15.09 -36.75
C ASP N 732 5.34 16.47 -36.60
N ASN N 733 4.89 17.06 -37.72
CA ASN N 733 4.32 18.41 -37.82
C ASN N 733 5.31 19.46 -37.34
N THR N 734 6.53 19.40 -37.88
CA THR N 734 7.60 20.33 -37.57
C THR N 734 8.28 20.79 -38.85
N VAL N 735 8.86 21.99 -38.81
CA VAL N 735 9.74 22.49 -39.87
C VAL N 735 11.03 22.91 -39.17
N ARG N 736 12.01 22.02 -39.13
CA ARG N 736 13.28 22.33 -38.49
C ARG N 736 14.26 22.91 -39.51
N LEU N 737 15.03 23.89 -39.07
CA LEU N 737 16.05 24.52 -39.89
C LEU N 737 17.41 24.16 -39.30
N TRP N 738 18.20 23.39 -40.04
CA TRP N 738 19.52 23.00 -39.60
C TRP N 738 20.55 23.99 -40.13
N ASP N 739 21.83 23.69 -39.94
CA ASP N 739 22.92 24.54 -40.40
C ASP N 739 23.68 23.82 -41.49
N ALA N 740 23.65 24.38 -42.70
CA ALA N 740 24.35 23.81 -43.84
C ALA N 740 25.75 24.41 -44.02
N ILE N 741 26.30 25.03 -42.99
CA ILE N 741 27.67 25.51 -42.97
C ILE N 741 28.48 24.86 -41.86
N LYS N 742 27.91 24.75 -40.67
CA LYS N 742 28.61 24.17 -39.53
C LYS N 742 28.86 22.67 -39.70
N ALA N 743 28.00 21.98 -40.44
CA ALA N 743 28.18 20.56 -40.67
C ALA N 743 29.08 20.24 -41.85
N PHE N 744 29.39 21.24 -42.69
CA PHE N 744 30.06 20.99 -43.97
C PHE N 744 31.40 21.72 -44.05
N GLU N 745 32.22 21.63 -43.00
CA GLU N 745 33.51 22.30 -42.97
C GLU N 745 34.67 21.40 -43.41
N ASP N 746 34.41 20.47 -44.34
CA ASP N 746 35.42 19.59 -44.90
C ASP N 746 35.59 19.87 -46.39
N LEU N 747 35.59 21.17 -46.73
CA LEU N 747 35.60 21.58 -48.15
C LEU N 747 37.00 21.82 -48.69
N GLU N 748 37.44 20.97 -49.60
CA GLU N 748 38.73 21.10 -50.28
C GLU N 748 38.74 20.33 -51.58
N THR N 754 42.40 12.13 -47.16
CA THR N 754 42.12 11.48 -45.89
C THR N 754 42.70 10.06 -45.88
N ALA N 755 42.35 9.29 -46.92
CA ALA N 755 42.84 7.94 -47.18
C ALA N 755 42.56 6.95 -46.05
N THR N 756 41.50 7.18 -45.28
CA THR N 756 41.13 6.29 -44.19
C THR N 756 39.75 5.67 -44.35
N GLY N 757 38.74 6.46 -44.75
CA GLY N 757 37.38 5.98 -44.84
C GLY N 757 36.49 6.37 -43.67
N HIS N 758 36.94 7.25 -42.78
CA HIS N 758 36.14 7.66 -41.63
C HIS N 758 36.51 9.09 -41.26
N ILE N 759 35.61 9.74 -40.52
CA ILE N 759 35.70 11.17 -40.29
C ILE N 759 35.55 11.47 -38.79
N ASN N 760 35.20 10.42 -38.02
CA ASN N 760 35.07 10.44 -36.55
C ASN N 760 34.02 11.46 -36.10
N LEU N 761 32.77 11.15 -36.46
CA LEU N 761 31.66 12.07 -36.21
C LEU N 761 31.29 12.10 -34.73
N PRO N 762 31.27 13.28 -34.09
CA PRO N 762 30.64 13.39 -32.77
C PRO N 762 29.13 13.59 -32.90
N GLU N 763 28.46 13.83 -31.78
CA GLU N 763 27.03 14.15 -31.77
C GLU N 763 26.90 15.64 -31.48
N ASN N 764 26.37 16.39 -32.45
CA ASN N 764 26.40 17.85 -32.42
C ASN N 764 25.10 18.48 -32.89
N SER N 765 23.95 17.86 -32.59
CA SER N 765 22.66 18.34 -33.07
C SER N 765 22.04 19.37 -32.13
N GLN N 766 22.84 20.07 -31.33
CA GLN N 766 22.40 21.26 -30.62
C GLN N 766 23.04 22.53 -31.15
N GLU N 767 24.21 22.43 -31.77
CA GLU N 767 24.85 23.54 -32.44
C GLU N 767 24.55 23.56 -33.93
N LEU N 768 23.75 22.61 -34.42
CA LEU N 768 23.28 22.57 -35.80
C LEU N 768 21.82 22.95 -35.93
N LEU N 769 20.99 22.53 -34.98
CA LEU N 769 19.58 22.88 -35.00
C LEU N 769 19.38 24.34 -34.64
N LEU N 770 18.57 25.05 -35.41
CA LEU N 770 18.43 26.49 -35.14
C LEU N 770 17.02 26.75 -34.60
N GLY N 771 16.00 26.49 -35.42
CA GLY N 771 14.61 26.66 -34.96
C GLY N 771 13.74 25.48 -35.29
N THR N 772 12.96 25.00 -34.32
CA THR N 772 11.97 23.92 -34.62
C THR N 772 10.60 24.58 -34.64
N TYR N 773 9.89 24.54 -35.77
CA TYR N 773 8.60 25.25 -35.83
C TYR N 773 7.45 24.26 -35.93
N MET N 774 6.62 24.19 -34.89
CA MET N 774 5.48 23.25 -34.85
C MET N 774 4.37 23.73 -35.77
N THR N 775 3.61 22.80 -36.37
CA THR N 775 2.49 23.16 -37.27
C THR N 775 1.18 22.65 -36.66
N LYS N 776 0.05 23.26 -37.02
CA LYS N 776 -1.25 22.89 -36.39
C LYS N 776 -1.79 21.58 -36.95
N SER N 777 -1.41 20.45 -36.37
CA SER N 777 -1.97 19.14 -36.76
C SER N 777 -1.81 18.85 -38.25
N THR N 778 -0.82 19.47 -38.90
CA THR N 778 -0.62 19.29 -40.32
C THR N 778 0.81 18.87 -40.61
N PRO N 779 1.02 17.78 -41.34
CA PRO N 779 2.38 17.43 -41.77
C PRO N 779 2.89 18.38 -42.84
N VAL N 780 4.21 18.34 -43.03
CA VAL N 780 4.86 19.24 -43.98
C VAL N 780 5.30 18.46 -45.21
N VAL N 781 4.45 18.43 -46.23
CA VAL N 781 4.68 17.56 -47.38
C VAL N 781 5.76 18.13 -48.29
N HIS N 782 5.78 19.45 -48.49
CA HIS N 782 6.72 20.08 -49.39
C HIS N 782 7.43 21.22 -48.69
N LEU N 783 8.67 21.46 -49.08
CA LEU N 783 9.44 22.60 -48.62
C LEU N 783 10.10 23.27 -49.81
N HIS N 784 10.12 24.60 -49.81
CA HIS N 784 10.58 25.34 -50.97
C HIS N 784 11.18 26.66 -50.52
N PHE N 785 12.30 27.02 -51.12
CA PHE N 785 12.90 28.34 -50.96
C PHE N 785 12.69 29.12 -52.24
N THR N 786 12.29 30.38 -52.11
CA THR N 786 12.07 31.24 -53.27
C THR N 786 13.45 31.74 -53.75
N ARG N 787 13.46 32.59 -54.78
CA ARG N 787 14.71 33.22 -55.21
C ARG N 787 15.29 34.10 -54.11
N ARG N 788 14.44 34.68 -53.28
CA ARG N 788 14.82 35.20 -51.98
C ARG N 788 14.61 34.09 -50.97
N ASN N 789 15.51 33.97 -50.00
CA ASN N 789 15.51 32.80 -49.10
C ASN N 789 14.32 32.89 -48.15
N LEU N 790 13.16 32.49 -48.66
CA LEU N 790 11.89 32.55 -47.95
C LEU N 790 11.26 31.17 -48.04
N VAL N 791 11.03 30.54 -46.90
CA VAL N 791 10.53 29.17 -46.89
C VAL N 791 9.04 29.17 -47.20
N LEU N 792 8.61 28.26 -48.07
CA LEU N 792 7.22 27.94 -48.32
C LEU N 792 6.96 26.51 -47.84
N ALA N 793 5.70 26.13 -47.82
CA ALA N 793 5.36 24.77 -47.39
C ALA N 793 4.06 24.34 -48.06
N ALA N 794 3.52 23.21 -47.59
CA ALA N 794 2.29 22.64 -48.14
C ALA N 794 1.66 21.77 -47.08
N GLY N 795 0.37 22.00 -46.81
CA GLY N 795 -0.18 21.50 -45.56
C GLY N 795 -0.88 20.16 -45.50
N ALA N 796 -1.96 19.97 -46.26
CA ALA N 796 -2.92 18.88 -46.08
C ALA N 796 -3.35 18.77 -44.61
N TYR N 797 -4.06 19.81 -44.16
CA TYR N 797 -4.52 19.91 -42.78
C TYR N 797 -5.45 18.78 -42.37
N SER N 798 -4.98 17.90 -41.51
CA SER N 798 -5.73 16.72 -41.09
C SER N 798 -5.96 16.78 -39.58
N PRO N 799 -7.17 17.08 -39.11
CA PRO N 799 -7.44 17.21 -37.67
C PRO N 799 -7.43 15.87 -36.94
N LEU O 9 11.22 -10.95 -32.09
CA LEU O 9 12.38 -11.80 -31.85
C LEU O 9 12.41 -12.98 -32.83
N SER O 10 11.26 -13.63 -32.99
CA SER O 10 11.14 -14.81 -33.83
C SER O 10 10.16 -14.56 -34.96
N ASN O 11 10.19 -15.46 -35.94
CA ASN O 11 9.23 -15.46 -37.04
C ASN O 11 7.87 -15.86 -36.51
N THR O 12 6.93 -14.92 -36.50
CA THR O 12 5.59 -15.17 -35.98
C THR O 12 4.63 -15.49 -37.12
N VAL O 13 3.92 -16.60 -36.98
CA VAL O 13 3.00 -17.09 -38.00
C VAL O 13 1.63 -17.31 -37.38
N LEU O 14 0.65 -17.53 -38.23
CA LEU O 14 -0.68 -17.93 -37.78
C LEU O 14 -0.59 -19.34 -37.17
N PRO O 15 -1.44 -19.64 -36.18
CA PRO O 15 -1.35 -20.94 -35.50
C PRO O 15 -1.77 -22.08 -36.40
N SER O 16 -1.15 -23.24 -36.17
CA SER O 16 -1.45 -24.43 -36.96
C SER O 16 -2.82 -25.00 -36.66
N GLU O 17 -3.37 -24.72 -35.49
CA GLU O 17 -4.73 -25.15 -35.16
C GLU O 17 -5.79 -24.27 -35.80
N SER O 18 -5.41 -23.12 -36.36
CA SER O 18 -6.32 -22.31 -37.13
C SER O 18 -6.52 -22.82 -38.55
N MET O 19 -5.68 -23.75 -39.00
CA MET O 19 -5.82 -24.35 -40.32
C MET O 19 -6.59 -25.66 -40.28
N LYS O 20 -6.69 -26.30 -39.12
CA LYS O 20 -7.59 -27.45 -38.98
C LYS O 20 -9.04 -27.00 -38.98
N VAL O 21 -9.31 -25.82 -38.40
CA VAL O 21 -10.65 -25.27 -38.38
C VAL O 21 -11.07 -24.85 -39.79
N VAL O 22 -10.15 -24.27 -40.55
CA VAL O 22 -10.44 -23.83 -41.91
C VAL O 22 -10.65 -25.04 -42.83
N ALA O 23 -9.87 -26.12 -42.61
CA ALA O 23 -9.98 -27.30 -43.45
C ALA O 23 -11.27 -28.08 -43.22
N GLU O 24 -11.96 -27.84 -42.12
CA GLU O 24 -13.25 -28.48 -41.89
C GLU O 24 -14.42 -27.66 -42.41
N SER O 25 -14.21 -26.37 -42.69
CA SER O 25 -15.17 -25.63 -43.50
C SER O 25 -15.19 -26.13 -44.93
N MET O 26 -14.06 -26.67 -45.39
CA MET O 26 -13.92 -27.24 -46.72
C MET O 26 -14.55 -28.63 -46.82
N GLY O 27 -14.42 -29.42 -45.76
CA GLY O 27 -14.94 -30.78 -45.78
C GLY O 27 -13.87 -31.82 -45.57
N ILE O 28 -12.64 -31.37 -45.31
CA ILE O 28 -11.51 -32.27 -45.11
C ILE O 28 -11.55 -32.73 -43.66
N ALA O 29 -11.75 -34.04 -43.46
CA ALA O 29 -11.99 -34.57 -42.12
C ALA O 29 -10.71 -34.59 -41.29
N GLN O 30 -9.67 -35.24 -41.80
CA GLN O 30 -8.41 -35.38 -41.07
C GLN O 30 -7.28 -34.79 -41.90
N ILE O 31 -6.61 -33.80 -41.31
CA ILE O 31 -5.46 -33.15 -41.93
C ILE O 31 -4.28 -33.28 -40.96
N GLN O 32 -3.19 -33.85 -41.46
CA GLN O 32 -2.04 -34.14 -40.61
C GLN O 32 -1.25 -32.88 -40.31
N GLU O 33 -0.51 -32.92 -39.20
CA GLU O 33 0.13 -31.72 -38.64
C GLU O 33 1.27 -31.20 -39.49
N GLU O 34 1.84 -32.01 -40.39
CA GLU O 34 2.87 -31.51 -41.28
C GLU O 34 2.26 -30.76 -42.46
N THR O 35 0.99 -31.05 -42.79
CA THR O 35 0.28 -30.28 -43.81
C THR O 35 -0.16 -28.93 -43.24
N CYS O 36 -0.59 -28.91 -41.98
CA CYS O 36 -1.02 -27.67 -41.34
C CYS O 36 0.15 -26.73 -41.13
N GLN O 37 1.35 -27.26 -40.88
CA GLN O 37 2.53 -26.42 -40.83
C GLN O 37 2.90 -25.91 -42.21
N LEU O 38 2.63 -26.71 -43.25
CA LEU O 38 2.88 -26.29 -44.62
C LEU O 38 1.93 -25.20 -45.08
N LEU O 39 0.74 -25.12 -44.49
CA LEU O 39 -0.24 -24.10 -44.89
C LEU O 39 0.03 -22.77 -44.22
N THR O 40 0.42 -22.78 -42.95
CA THR O 40 0.45 -21.56 -42.16
C THR O 40 1.73 -20.76 -42.31
N ASP O 41 2.81 -21.35 -42.84
CA ASP O 41 3.99 -20.56 -43.12
C ASP O 41 3.95 -19.94 -44.51
N GLU O 42 2.94 -20.31 -45.31
CA GLU O 42 2.69 -19.66 -46.59
C GLU O 42 1.69 -18.54 -46.47
N VAL O 43 0.61 -18.74 -45.71
CA VAL O 43 -0.40 -17.70 -45.59
C VAL O 43 0.09 -16.58 -44.67
N SER O 44 0.96 -16.88 -43.70
CA SER O 44 1.58 -15.82 -42.92
C SER O 44 2.76 -15.19 -43.64
N TYR O 45 3.22 -15.81 -44.72
CA TYR O 45 4.20 -15.16 -45.57
C TYR O 45 3.54 -14.19 -46.54
N ARG O 46 2.34 -14.51 -47.02
CA ARG O 46 1.62 -13.60 -47.90
C ARG O 46 0.92 -12.49 -47.14
N ILE O 47 0.71 -12.64 -45.83
CA ILE O 47 0.17 -11.55 -45.03
C ILE O 47 1.24 -10.47 -44.84
N LYS O 48 2.48 -10.88 -44.59
CA LYS O 48 3.57 -9.94 -44.39
C LYS O 48 3.97 -9.23 -45.67
N GLU O 49 3.64 -9.76 -46.84
CA GLU O 49 3.93 -9.08 -48.10
C GLU O 49 2.84 -8.09 -48.52
N ILE O 50 1.65 -8.20 -47.94
CA ILE O 50 0.62 -7.19 -48.13
C ILE O 50 0.54 -6.26 -46.92
N ALA O 51 1.08 -6.67 -45.77
CA ALA O 51 1.24 -5.73 -44.67
C ALA O 51 2.29 -4.67 -45.00
N GLN O 52 3.36 -5.07 -45.69
CA GLN O 52 4.43 -4.14 -46.01
C GLN O 52 4.23 -3.39 -47.31
N ASP O 53 3.33 -3.86 -48.19
CA ASP O 53 2.99 -3.09 -49.39
C ASP O 53 1.80 -2.18 -49.19
N ALA O 54 0.95 -2.44 -48.19
CA ALA O 54 -0.02 -1.43 -47.77
C ALA O 54 0.68 -0.25 -47.13
N LEU O 55 1.77 -0.51 -46.42
CA LEU O 55 2.58 0.52 -45.78
C LEU O 55 3.32 1.40 -46.78
N LYS O 56 3.39 1.00 -48.05
CA LYS O 56 4.03 1.84 -49.06
C LYS O 56 3.05 2.83 -49.67
N PHE O 57 1.75 2.60 -49.52
CA PHE O 57 0.74 3.59 -49.87
C PHE O 57 0.37 4.47 -48.69
N MET O 58 0.62 4.01 -47.46
CA MET O 58 0.46 4.84 -46.27
C MET O 58 1.58 5.87 -46.14
N HIS O 59 2.75 5.59 -46.68
CA HIS O 59 3.90 6.47 -46.56
C HIS O 59 4.05 7.40 -47.76
N MET O 60 3.84 6.89 -48.98
CA MET O 60 3.97 7.73 -50.16
C MET O 60 2.77 8.65 -50.30
N GLY O 61 1.58 8.13 -50.08
CA GLY O 61 0.44 8.99 -49.82
C GLY O 61 0.38 9.26 -48.33
N LYS O 62 0.78 10.46 -47.92
CA LYS O 62 1.20 10.74 -46.54
C LYS O 62 0.01 10.71 -45.57
N ARG O 63 -0.17 9.61 -44.86
CA ARG O 63 -1.39 9.41 -44.09
C ARG O 63 -1.20 8.98 -42.64
N GLN O 64 -0.14 8.22 -42.34
CA GLN O 64 0.18 7.57 -41.06
C GLN O 64 -1.01 6.93 -40.33
N LYS O 65 -1.93 6.33 -41.07
CA LYS O 65 -3.11 5.73 -40.45
C LYS O 65 -3.36 4.29 -40.89
N LEU O 66 -2.96 3.96 -42.12
CA LEU O 66 -3.21 2.67 -42.78
C LEU O 66 -4.71 2.35 -42.83
N THR O 67 -5.40 3.16 -43.64
CA THR O 67 -6.80 2.89 -43.94
C THR O 67 -6.94 1.60 -44.76
N THR O 68 -8.18 1.15 -44.90
CA THR O 68 -8.43 -0.09 -45.62
C THR O 68 -8.35 0.07 -47.13
N SER O 69 -8.21 1.30 -47.64
CA SER O 69 -7.92 1.50 -49.05
C SER O 69 -6.45 1.36 -49.37
N ASP O 70 -5.60 1.19 -48.35
CA ASP O 70 -4.19 0.89 -48.57
C ASP O 70 -3.98 -0.59 -48.85
N ILE O 71 -4.72 -1.45 -48.16
CA ILE O 71 -4.63 -2.88 -48.41
C ILE O 71 -5.26 -3.22 -49.76
N ASP O 72 -6.35 -2.53 -50.11
CA ASP O 72 -7.00 -2.77 -51.39
C ASP O 72 -6.16 -2.27 -52.56
N TYR O 73 -5.30 -1.28 -52.33
CA TYR O 73 -4.33 -0.89 -53.34
C TYR O 73 -3.17 -1.86 -53.43
N ALA O 74 -2.93 -2.66 -52.40
CA ALA O 74 -1.85 -3.63 -52.43
C ALA O 74 -2.31 -5.00 -52.92
N LEU O 75 -3.56 -5.39 -52.65
CA LEU O 75 -4.11 -6.58 -53.28
C LEU O 75 -4.26 -6.39 -54.79
N LYS O 76 -4.55 -5.16 -55.22
CA LYS O 76 -4.55 -4.83 -56.64
C LYS O 76 -3.15 -4.92 -57.23
N LEU O 77 -2.13 -4.72 -56.40
CA LEU O 77 -0.74 -4.77 -56.83
C LEU O 77 -0.22 -6.19 -56.95
N LYS O 78 -0.74 -7.12 -56.15
CA LYS O 78 -0.31 -8.51 -56.18
C LYS O 78 -1.17 -9.38 -57.06
N ASN O 79 -2.06 -8.78 -57.86
CA ASN O 79 -2.97 -9.37 -58.85
C ASN O 79 -4.13 -10.13 -58.23
N VAL O 80 -4.16 -10.29 -56.91
CA VAL O 80 -5.19 -11.09 -56.24
C VAL O 80 -6.49 -10.30 -56.21
N GLU O 81 -7.62 -11.03 -56.27
CA GLU O 81 -8.94 -10.42 -56.36
C GLU O 81 -9.26 -9.60 -55.12
N PRO O 82 -9.92 -8.45 -55.24
CA PRO O 82 -10.18 -7.59 -54.08
C PRO O 82 -11.14 -8.20 -53.09
N LEU O 83 -11.15 -7.61 -51.90
CA LEU O 83 -12.02 -8.00 -50.80
C LEU O 83 -13.16 -6.98 -50.73
N TYR O 84 -14.37 -7.43 -51.05
CA TYR O 84 -15.51 -6.54 -51.23
C TYR O 84 -16.18 -6.27 -49.89
N GLY O 85 -16.48 -5.00 -49.63
CA GLY O 85 -17.28 -4.62 -48.49
C GLY O 85 -16.52 -4.19 -47.25
N PHE O 86 -15.38 -3.52 -47.40
CA PHE O 86 -14.56 -3.10 -46.27
C PHE O 86 -14.30 -1.59 -46.29
N HIS O 87 -15.09 -0.84 -47.05
CA HIS O 87 -15.00 0.61 -47.06
C HIS O 87 -16.13 1.26 -46.28
N ALA O 88 -17.11 0.49 -45.82
CA ALA O 88 -18.18 1.04 -45.01
C ALA O 88 -17.71 1.26 -43.58
N GLN O 89 -18.39 2.18 -42.89
CA GLN O 89 -17.99 2.58 -41.55
C GLN O 89 -18.32 1.49 -40.54
N GLU O 90 -17.34 0.63 -40.27
CA GLU O 90 -17.50 -0.46 -39.32
C GLU O 90 -16.37 -0.43 -38.30
N PHE O 91 -16.27 -1.48 -37.50
CA PHE O 91 -15.30 -1.58 -36.42
C PHE O 91 -14.97 -3.06 -36.26
N ILE O 92 -14.48 -3.46 -35.10
CA ILE O 92 -14.12 -4.85 -34.83
C ILE O 92 -15.03 -5.49 -33.77
N PRO O 93 -16.22 -6.02 -34.15
CA PRO O 93 -17.02 -6.78 -33.19
C PRO O 93 -16.82 -8.28 -33.27
N PHE O 94 -16.86 -8.96 -32.13
CA PHE O 94 -16.79 -10.41 -32.09
C PHE O 94 -17.75 -10.90 -31.01
N ARG O 95 -18.34 -12.06 -31.25
CA ARG O 95 -19.36 -12.60 -30.36
C ARG O 95 -18.98 -14.00 -29.93
N PHE O 96 -18.79 -14.19 -28.63
CA PHE O 96 -18.32 -15.46 -28.08
C PHE O 96 -19.45 -16.48 -28.00
N ALA O 97 -19.16 -17.71 -28.41
CA ALA O 97 -20.09 -18.83 -28.29
C ALA O 97 -19.45 -19.90 -27.43
N SER O 98 -20.05 -20.19 -26.28
CA SER O 98 -19.45 -21.11 -25.32
C SER O 98 -19.59 -22.55 -25.80
N GLY O 99 -20.83 -23.04 -25.87
CA GLY O 99 -21.09 -24.36 -26.42
C GLY O 99 -20.70 -25.50 -25.50
N GLY O 100 -21.00 -26.71 -25.97
CA GLY O 100 -20.71 -27.91 -25.21
C GLY O 100 -19.37 -28.51 -25.54
N GLY O 101 -18.33 -27.68 -25.61
CA GLY O 101 -16.99 -28.15 -25.90
C GLY O 101 -16.36 -27.56 -27.15
N ARG O 102 -17.08 -26.73 -27.90
CA ARG O 102 -16.57 -26.12 -29.12
C ARG O 102 -16.58 -24.61 -28.94
N GLU O 103 -15.41 -24.03 -28.73
CA GLU O 103 -15.26 -22.63 -28.40
C GLU O 103 -14.89 -21.85 -29.65
N LEU O 104 -15.66 -20.80 -29.96
CA LEU O 104 -15.48 -20.07 -31.21
C LEU O 104 -16.00 -18.66 -31.06
N TYR O 105 -15.76 -17.85 -32.09
CA TYR O 105 -16.19 -16.47 -32.18
C TYR O 105 -16.79 -16.24 -33.56
N PHE O 106 -17.84 -15.43 -33.66
CA PHE O 106 -18.47 -15.18 -34.95
C PHE O 106 -18.88 -13.71 -35.03
N TYR O 107 -19.66 -13.38 -36.05
CA TYR O 107 -19.98 -11.98 -36.33
C TYR O 107 -21.30 -11.52 -35.72
N GLU O 108 -22.35 -12.35 -35.79
CA GLU O 108 -23.74 -11.99 -35.44
C GLU O 108 -24.18 -10.77 -36.25
N GLU O 109 -24.31 -11.00 -37.55
CA GLU O 109 -24.78 -9.98 -38.46
C GLU O 109 -26.25 -9.66 -38.20
N LYS O 110 -26.62 -8.43 -38.51
CA LYS O 110 -27.97 -7.94 -38.27
C LYS O 110 -28.61 -7.53 -39.58
N GLU O 111 -29.92 -7.34 -39.55
CA GLU O 111 -30.71 -6.99 -40.72
C GLU O 111 -31.31 -5.60 -40.55
N VAL O 112 -31.84 -5.08 -41.65
CA VAL O 112 -32.47 -3.77 -41.65
C VAL O 112 -33.48 -3.74 -42.80
N ASP O 113 -34.66 -3.18 -42.54
CA ASP O 113 -35.68 -3.08 -43.57
C ASP O 113 -35.21 -2.14 -44.68
N LEU O 114 -35.55 -2.51 -45.92
CA LEU O 114 -35.02 -1.82 -47.09
C LEU O 114 -35.51 -0.40 -47.21
N SER O 115 -36.72 -0.12 -46.73
CA SER O 115 -37.25 1.24 -46.80
C SER O 115 -36.62 2.16 -45.78
N ASP O 116 -35.88 1.63 -44.81
CA ASP O 116 -35.17 2.45 -43.84
C ASP O 116 -33.73 2.75 -44.28
N ILE O 117 -33.34 2.31 -45.48
CA ILE O 117 -32.15 2.84 -46.13
C ILE O 117 -32.51 3.77 -47.28
N ILE O 118 -33.70 3.62 -47.88
CA ILE O 118 -34.16 4.58 -48.87
C ILE O 118 -34.53 5.90 -48.19
N ASN O 119 -34.95 5.83 -46.93
CA ASN O 119 -35.38 7.00 -46.17
C ASN O 119 -34.46 7.29 -44.99
N THR O 120 -33.16 7.18 -45.21
CA THR O 120 -32.20 7.61 -44.20
C THR O 120 -31.94 9.10 -44.34
N PRO O 121 -31.60 9.81 -43.27
CA PRO O 121 -31.17 11.20 -43.42
C PRO O 121 -29.83 11.27 -44.11
N LEU O 122 -29.78 12.02 -45.21
CA LEU O 122 -28.57 12.14 -46.01
C LEU O 122 -27.52 12.96 -45.25
N PRO O 123 -26.25 12.59 -45.32
CA PRO O 123 -25.20 13.44 -44.77
C PRO O 123 -25.01 14.70 -45.60
N ARG O 124 -24.28 15.64 -45.02
CA ARG O 124 -24.09 16.94 -45.65
C ARG O 124 -23.07 16.85 -46.77
N VAL O 125 -23.26 17.71 -47.77
CA VAL O 125 -22.47 17.70 -49.01
C VAL O 125 -21.02 18.08 -48.69
N PRO O 126 -20.03 17.43 -49.29
CA PRO O 126 -18.63 17.76 -49.02
C PRO O 126 -18.22 19.07 -49.68
N LEU O 127 -17.08 19.57 -49.24
CA LEU O 127 -16.48 20.80 -49.75
C LEU O 127 -15.31 20.47 -50.65
N ASP O 128 -15.01 21.40 -51.57
CA ASP O 128 -13.91 21.21 -52.50
C ASP O 128 -12.61 21.71 -51.90
N VAL O 129 -11.51 21.17 -52.41
CA VAL O 129 -10.17 21.52 -51.92
C VAL O 129 -9.85 22.96 -52.29
N CYS O 130 -9.48 23.75 -51.30
CA CYS O 130 -9.04 25.11 -51.51
C CYS O 130 -7.75 25.34 -50.74
N LEU O 131 -7.08 26.45 -51.04
CA LEU O 131 -5.79 26.76 -50.48
C LEU O 131 -5.92 27.85 -49.43
N LYS O 132 -5.01 27.84 -48.46
CA LYS O 132 -4.99 28.89 -47.45
C LYS O 132 -3.55 29.19 -47.07
N ALA O 133 -3.20 30.46 -47.07
CA ALA O 133 -1.86 30.93 -46.76
C ALA O 133 -1.86 31.58 -45.39
N HIS O 134 -0.84 31.28 -44.58
CA HIS O 134 -0.66 31.93 -43.29
C HIS O 134 0.80 31.84 -42.88
N TRP O 135 1.26 32.82 -42.12
CA TRP O 135 2.64 32.84 -41.67
C TRP O 135 2.84 31.82 -40.57
N LEU O 136 3.89 31.02 -40.69
CA LEU O 136 4.27 30.05 -39.67
C LEU O 136 5.33 30.59 -38.72
N SER O 137 6.31 31.33 -39.25
CA SER O 137 7.31 32.00 -38.44
C SER O 137 7.68 33.29 -39.14
N ILE O 138 7.74 34.38 -38.40
CA ILE O 138 8.08 35.67 -38.99
C ILE O 138 9.43 36.14 -38.46
N GLU O 139 10.51 35.78 -39.17
CA GLU O 139 11.90 36.09 -38.88
C GLU O 139 12.36 35.62 -37.50
N GLY O 140 11.69 34.61 -36.95
CA GLY O 140 11.89 34.24 -35.57
C GLY O 140 10.84 33.28 -35.07
N CYS O 141 10.22 33.61 -33.95
CA CYS O 141 9.22 32.74 -33.34
C CYS O 141 7.89 32.85 -34.10
N GLN O 142 7.00 31.93 -33.79
CA GLN O 142 5.72 31.84 -34.48
C GLN O 142 4.78 32.95 -34.01
N PRO O 143 3.93 33.46 -34.90
CA PRO O 143 2.89 34.41 -34.47
C PRO O 143 1.75 33.69 -33.75
N ALA O 144 1.02 34.46 -32.96
CA ALA O 144 -0.11 33.94 -32.21
C ALA O 144 -1.43 34.09 -32.96
N ILE O 145 -1.44 33.63 -34.21
CA ILE O 145 -2.65 33.61 -35.03
C ILE O 145 -3.33 32.26 -34.77
N PRO O 146 -4.65 32.12 -34.95
CA PRO O 146 -5.30 30.84 -34.58
C PRO O 146 -5.00 29.67 -35.51
N GLU O 147 -4.21 29.86 -36.55
CA GLU O 147 -3.75 28.75 -37.38
C GLU O 147 -2.54 28.05 -36.81
N ASN O 148 -2.02 28.50 -35.67
CA ASN O 148 -0.84 27.94 -35.02
C ASN O 148 -1.24 27.21 -33.75
N PRO O 149 -0.35 26.37 -33.21
CA PRO O 149 -0.56 25.88 -31.85
C PRO O 149 -0.48 27.01 -30.85
N PRO O 150 -1.26 26.82 -29.75
CA PRO O 150 -1.34 27.80 -28.69
C PRO O 150 -0.05 28.31 -28.08
N PRO O 151 0.90 27.48 -27.56
CA PRO O 151 2.07 28.13 -26.96
C PRO O 151 3.24 28.26 -27.93
N HIS O 214 2.81 17.87 18.82
CA HIS O 214 4.01 17.36 18.11
C HIS O 214 4.26 18.27 16.91
N GLU O 215 3.21 18.69 16.22
CA GLU O 215 3.35 19.64 15.09
C GLU O 215 3.04 21.03 15.63
N LEU O 216 3.88 22.00 15.34
CA LEU O 216 3.74 23.35 15.92
C LEU O 216 2.43 23.97 15.45
N SER O 217 1.74 24.70 16.33
CA SER O 217 0.48 25.39 15.98
C SER O 217 0.82 26.48 14.99
N VAL O 218 -0.18 27.08 14.35
CA VAL O 218 0.17 28.07 13.30
C VAL O 218 0.85 29.29 13.93
N GLU O 219 0.41 29.75 15.09
CA GLU O 219 1.07 30.87 15.82
C GLU O 219 2.57 30.61 15.91
N GLN O 220 2.99 29.52 16.56
CA GLN O 220 4.41 29.29 16.75
C GLN O 220 5.10 28.82 15.48
N GLN O 221 4.37 28.27 14.52
CA GLN O 221 4.95 28.01 13.21
C GLN O 221 5.33 29.30 12.51
N LEU O 222 4.45 30.31 12.61
CA LEU O 222 4.77 31.63 12.05
C LEU O 222 5.89 32.30 12.82
N TYR O 223 5.92 32.14 14.15
CA TYR O 223 7.00 32.71 14.95
C TYR O 223 8.34 32.06 14.62
N TYR O 224 8.35 30.74 14.41
CA TYR O 224 9.56 30.04 14.01
C TYR O 224 10.05 30.50 12.65
N LYS O 225 9.12 30.68 11.71
CA LYS O 225 9.48 31.12 10.36
C LYS O 225 10.07 32.53 10.38
N GLU O 226 9.43 33.46 11.10
CA GLU O 226 9.90 34.83 11.11
C GLU O 226 11.22 34.95 11.86
N ILE O 227 11.40 34.20 12.95
CA ILE O 227 12.62 34.31 13.73
C ILE O 227 13.79 33.68 12.99
N THR O 228 13.58 32.55 12.30
CA THR O 228 14.67 31.94 11.56
C THR O 228 15.02 32.74 10.31
N GLU O 229 14.03 33.28 9.59
CA GLU O 229 14.36 34.08 8.43
C GLU O 229 14.84 35.48 8.79
N ALA O 230 14.71 35.91 10.05
CA ALA O 230 15.30 37.17 10.43
C ALA O 230 16.79 37.05 10.70
N CYS O 231 17.30 35.84 10.91
CA CYS O 231 18.71 35.60 11.18
C CYS O 231 19.42 34.94 10.00
N VAL O 232 19.01 35.29 8.77
CA VAL O 232 19.71 34.81 7.59
C VAL O 232 20.46 35.92 6.89
N GLY O 233 20.16 37.19 7.17
CA GLY O 233 21.03 38.25 6.72
C GLY O 233 20.46 39.26 5.78
N SER O 234 19.16 39.52 5.83
CA SER O 234 18.62 40.56 4.97
C SER O 234 18.95 41.94 5.52
N CYS O 235 18.72 42.16 6.81
CA CYS O 235 19.19 43.37 7.46
C CYS O 235 19.57 43.09 8.91
N GLU O 236 20.32 44.01 9.49
CA GLU O 236 20.91 43.81 10.82
C GLU O 236 19.93 44.14 11.94
N ALA O 237 19.03 45.11 11.72
CA ALA O 237 18.14 45.55 12.80
C ALA O 237 17.09 44.48 13.13
N LYS O 238 16.52 43.84 12.10
CA LYS O 238 15.61 42.74 12.33
C LYS O 238 16.31 41.56 12.98
N ARG O 239 17.59 41.36 12.66
CA ARG O 239 18.38 40.32 13.32
C ARG O 239 18.59 40.63 14.80
N ALA O 240 18.85 41.89 15.14
CA ALA O 240 19.06 42.25 16.53
C ALA O 240 17.78 42.13 17.33
N GLU O 241 16.64 42.48 16.71
CA GLU O 241 15.37 42.29 17.40
C GLU O 241 14.98 40.83 17.50
N ALA O 242 15.36 40.00 16.53
CA ALA O 242 15.09 38.57 16.64
C ALA O 242 15.94 37.91 17.71
N LEU O 243 17.20 38.33 17.85
CA LEU O 243 18.05 37.78 18.90
C LEU O 243 17.63 38.27 20.27
N GLN O 244 17.16 39.52 20.37
CA GLN O 244 16.58 40.00 21.59
C GLN O 244 15.22 39.41 21.89
N SER O 245 14.55 38.84 20.89
CA SER O 245 13.36 38.04 21.16
C SER O 245 13.74 36.68 21.73
N ILE O 246 14.68 35.99 21.07
CA ILE O 246 15.12 34.66 21.51
C ILE O 246 15.69 34.71 22.93
N ALA O 247 16.44 35.78 23.23
CA ALA O 247 17.06 35.86 24.55
C ALA O 247 16.08 36.20 25.65
N THR O 248 14.96 36.86 25.34
CA THR O 248 14.11 37.44 26.39
C THR O 248 12.63 37.09 26.19
N ASP O 249 12.31 35.86 25.78
CA ASP O 249 10.90 35.49 25.83
C ASP O 249 10.66 34.33 26.78
N PRO O 250 9.47 34.27 27.41
CA PRO O 250 9.23 33.25 28.44
C PRO O 250 8.76 31.89 27.95
N GLY O 251 8.15 31.82 26.78
CA GLY O 251 7.49 30.59 26.41
C GLY O 251 8.01 29.85 25.20
N LEU O 252 9.33 29.88 24.96
CA LEU O 252 9.86 29.44 23.65
C LEU O 252 10.16 27.94 23.69
N TYR O 253 9.73 27.26 24.76
CA TYR O 253 9.88 25.78 24.79
C TYR O 253 8.87 25.22 23.79
N GLN O 254 9.07 24.00 23.30
CA GLN O 254 8.17 23.41 22.27
C GLN O 254 8.65 23.95 20.93
N MET O 255 9.66 24.82 20.96
CA MET O 255 10.26 25.35 19.72
C MET O 255 11.77 25.29 19.96
N LEU O 256 12.17 24.84 21.16
CA LEU O 256 13.60 24.58 21.27
C LEU O 256 14.15 23.44 20.40
N PRO O 257 13.49 22.28 20.21
CA PRO O 257 14.09 21.27 19.32
C PRO O 257 14.21 21.72 17.88
N ARG O 258 13.26 22.54 17.41
CA ARG O 258 13.33 23.08 16.06
C ARG O 258 14.52 24.02 15.90
N PHE O 259 14.78 24.84 16.91
CA PHE O 259 15.92 25.76 16.85
C PHE O 259 17.24 25.01 16.92
N SER O 260 17.29 23.95 17.72
CA SER O 260 18.52 23.16 17.80
C SER O 260 18.79 22.43 16.50
N THR O 261 17.74 21.91 15.86
CA THR O 261 17.90 21.24 14.58
C THR O 261 18.33 22.22 13.49
N PHE O 262 17.70 23.40 13.47
CA PHE O 262 18.04 24.45 12.53
C PHE O 262 19.49 24.88 12.66
N ILE O 263 19.95 25.06 13.90
CA ILE O 263 21.32 25.53 14.12
C ILE O 263 22.33 24.46 13.74
N SER O 264 22.10 23.21 14.16
CA SER O 264 23.07 22.15 13.88
C SER O 264 23.13 21.81 12.39
N GLU O 265 21.98 21.77 11.71
CA GLU O 265 21.99 21.55 10.26
C GLU O 265 22.57 22.74 9.52
N GLY O 266 22.36 23.97 10.01
CA GLY O 266 22.92 25.12 9.34
C GLY O 266 24.43 25.19 9.46
N VAL O 267 24.97 24.81 10.62
CA VAL O 267 26.42 24.70 10.76
C VAL O 267 26.97 23.55 9.92
N ARG O 268 26.19 22.48 9.74
CA ARG O 268 26.60 21.42 8.81
C ARG O 268 26.63 21.91 7.36
N VAL O 269 25.70 22.78 6.97
CA VAL O 269 25.62 23.28 5.59
C VAL O 269 26.78 24.22 5.24
N ASN O 270 27.60 24.59 6.22
CA ASN O 270 28.86 25.28 5.95
C ASN O 270 29.83 24.45 5.09
N VAL O 271 29.74 23.11 5.12
CA VAL O 271 30.68 22.31 4.34
C VAL O 271 30.39 22.41 2.85
N VAL O 272 29.11 22.57 2.48
CA VAL O 272 28.78 22.78 1.07
C VAL O 272 29.08 24.21 0.64
N GLN O 273 28.81 25.19 1.51
CA GLN O 273 29.11 26.60 1.23
C GLN O 273 29.83 27.19 2.41
N ASN O 274 31.13 27.48 2.25
CA ASN O 274 31.92 28.00 3.37
C ASN O 274 31.60 29.47 3.61
N ASN O 275 30.43 29.70 4.20
CA ASN O 275 29.94 31.05 4.48
C ASN O 275 30.33 31.39 5.93
N LEU O 276 31.24 32.34 6.07
CA LEU O 276 31.63 32.81 7.40
C LEU O 276 30.48 33.58 8.06
N ALA O 277 29.74 34.36 7.27
CA ALA O 277 28.75 35.27 7.82
C ALA O 277 27.59 34.51 8.45
N LEU O 278 27.08 33.50 7.74
CA LEU O 278 25.97 32.71 8.28
C LEU O 278 26.40 31.89 9.49
N LEU O 279 27.67 31.53 9.59
CA LEU O 279 28.15 30.87 10.80
C LEU O 279 28.25 31.84 11.97
N ILE O 280 28.63 33.09 11.72
CA ILE O 280 28.61 34.10 12.77
C ILE O 280 27.18 34.34 13.23
N TYR O 281 26.23 34.31 12.30
CA TYR O 281 24.82 34.50 12.66
C TYR O 281 24.29 33.33 13.48
N LEU O 282 24.68 32.11 13.14
CA LEU O 282 24.25 30.95 13.92
C LEU O 282 24.91 30.90 15.29
N MET O 283 26.16 31.36 15.40
CA MET O 283 26.78 31.42 16.72
C MET O 283 26.18 32.51 17.58
N ARG O 284 25.68 33.59 17.00
CA ARG O 284 24.99 34.63 17.77
C ARG O 284 23.59 34.10 18.10
N MET O 285 23.03 33.20 17.30
CA MET O 285 21.77 32.54 17.67
C MET O 285 21.94 31.62 18.87
N VAL O 286 23.04 30.88 18.92
CA VAL O 286 23.32 30.04 20.08
C VAL O 286 23.59 30.88 21.32
N LYS O 287 24.35 31.96 21.17
CA LYS O 287 24.63 32.86 22.29
C LYS O 287 23.37 33.54 22.80
N ALA O 288 22.40 33.79 21.92
CA ALA O 288 21.12 34.31 22.37
C ALA O 288 20.27 33.25 23.02
N LEU O 289 20.38 31.99 22.58
CA LEU O 289 19.63 30.91 23.20
C LEU O 289 20.14 30.61 24.61
N MET O 290 21.42 30.85 24.85
CA MET O 290 21.97 30.58 26.19
C MET O 290 21.53 31.62 27.21
N ASP O 291 21.27 32.85 26.79
CA ASP O 291 20.92 33.91 27.72
C ASP O 291 19.46 33.91 28.13
N ASN O 292 18.66 32.97 27.66
CA ASN O 292 17.26 32.90 28.03
C ASN O 292 17.13 32.27 29.40
N PRO O 293 16.56 32.96 30.38
CA PRO O 293 16.43 32.36 31.72
C PRO O 293 15.38 31.28 31.81
N THR O 294 14.36 31.32 30.95
CA THR O 294 13.21 30.43 31.12
C THR O 294 13.48 29.04 30.55
N LEU O 295 14.14 28.95 29.42
CA LEU O 295 14.32 27.65 28.77
C LEU O 295 15.62 26.99 29.22
N TYR O 296 15.55 25.70 29.45
CA TYR O 296 16.66 24.90 29.93
C TYR O 296 17.21 24.07 28.78
N LEU O 297 18.47 24.32 28.42
CA LEU O 297 19.08 23.67 27.27
C LEU O 297 19.79 22.38 27.64
N GLU O 298 19.46 21.77 28.78
CA GLU O 298 20.14 20.57 29.21
C GLU O 298 19.81 19.37 28.34
N LYS O 299 18.57 19.30 27.85
CA LYS O 299 18.17 18.16 27.03
C LYS O 299 18.61 18.30 25.57
N TYR O 300 19.06 19.48 25.16
CA TYR O 300 19.41 19.72 23.77
C TYR O 300 20.84 20.18 23.60
N VAL O 301 21.67 20.07 24.63
CA VAL O 301 23.03 20.57 24.56
C VAL O 301 23.92 19.63 23.76
N HIS O 302 23.52 18.37 23.59
CA HIS O 302 24.28 17.41 22.80
C HIS O 302 24.27 17.71 21.33
N GLU O 303 23.35 18.57 20.87
CA GLU O 303 23.31 19.06 19.50
C GLU O 303 24.07 20.35 19.32
N LEU O 304 24.05 21.22 20.32
CA LEU O 304 24.69 22.53 20.19
C LEU O 304 26.17 22.47 20.49
N ILE O 305 26.63 21.47 21.27
CA ILE O 305 28.06 21.33 21.51
C ILE O 305 28.86 21.02 20.24
N PRO O 306 28.50 20.04 19.40
CA PRO O 306 29.33 19.80 18.20
C PRO O 306 29.17 20.87 17.14
N ALA O 307 28.11 21.68 17.16
CA ALA O 307 27.99 22.78 16.20
C ALA O 307 29.00 23.88 16.53
N VAL O 308 29.10 24.26 17.80
CA VAL O 308 30.10 25.24 18.22
C VAL O 308 31.50 24.65 18.10
N MET O 309 31.64 23.34 18.31
CA MET O 309 32.93 22.68 18.12
C MET O 309 33.34 22.70 16.65
N THR O 310 32.38 22.50 15.75
CA THR O 310 32.64 22.61 14.32
C THR O 310 33.04 24.04 13.94
N CYS O 311 32.43 25.04 14.56
CA CYS O 311 32.87 26.41 14.34
C CYS O 311 34.24 26.70 14.94
N ILE O 312 34.71 25.89 15.89
CA ILE O 312 36.03 26.12 16.46
C ILE O 312 37.13 25.40 15.69
N VAL O 313 37.05 24.07 15.58
CA VAL O 313 38.21 23.27 15.16
C VAL O 313 38.12 22.82 13.71
N SER O 314 37.24 23.39 12.91
CA SER O 314 37.32 23.06 11.49
C SER O 314 38.40 23.92 10.84
N ARG O 315 38.86 23.50 9.65
CA ARG O 315 40.05 24.20 9.07
C ARG O 315 39.68 25.25 8.04
N GLN O 316 38.71 24.98 7.19
CA GLN O 316 38.25 26.01 6.25
C GLN O 316 36.96 26.61 6.81
N LEU O 317 37.07 27.78 7.42
CA LEU O 317 35.93 28.53 7.90
C LEU O 317 35.57 29.67 6.96
N CYS O 318 36.33 29.83 5.88
CA CYS O 318 36.29 31.00 5.02
C CYS O 318 36.00 30.59 3.59
N LEU O 319 35.61 31.55 2.75
CA LEU O 319 35.50 31.24 1.30
C LEU O 319 36.83 31.71 0.71
N ARG O 320 37.25 32.92 1.05
CA ARG O 320 38.62 33.34 0.65
C ARG O 320 39.44 33.20 1.92
N PRO O 321 40.31 32.18 2.07
CA PRO O 321 40.97 31.95 3.35
C PRO O 321 41.81 33.13 3.82
N ASP O 322 42.51 33.81 2.91
CA ASP O 322 43.45 34.88 3.33
C ASP O 322 42.79 36.13 3.95
N VAL O 323 41.66 36.59 3.43
CA VAL O 323 41.12 37.89 3.93
C VAL O 323 39.98 37.72 4.95
N ASP O 324 39.28 36.58 4.95
CA ASP O 324 38.14 36.41 5.88
C ASP O 324 38.68 36.20 7.29
N ASN O 325 38.15 36.94 8.28
CA ASN O 325 38.60 36.83 9.68
C ASN O 325 37.88 35.65 10.30
N HIS O 326 38.23 34.43 9.91
CA HIS O 326 37.65 33.23 10.55
C HIS O 326 38.12 33.31 11.98
N TRP O 327 39.19 34.05 12.21
CA TRP O 327 39.77 34.11 13.55
C TRP O 327 38.72 34.56 14.56
N ALA O 328 37.85 35.52 14.27
CA ALA O 328 36.88 35.94 15.31
C ALA O 328 35.82 34.89 15.57
N LEU O 329 35.27 34.29 14.53
CA LEU O 329 34.32 33.19 14.79
C LEU O 329 35.08 32.15 15.58
N ARG O 330 36.41 32.24 15.69
CA ARG O 330 37.08 31.24 16.51
C ARG O 330 37.01 31.60 17.99
N ASP O 331 37.42 32.82 18.34
CA ASP O 331 37.41 33.18 19.76
C ASP O 331 36.00 33.43 20.29
N PHE O 332 35.05 33.83 19.42
CA PHE O 332 33.66 33.94 19.85
C PHE O 332 33.06 32.59 20.18
N ALA O 333 33.29 31.59 19.32
CA ALA O 333 32.79 30.25 19.60
C ALA O 333 33.56 29.58 20.73
N ALA O 334 34.82 29.98 20.96
CA ALA O 334 35.56 29.45 22.09
C ALA O 334 35.01 29.99 23.41
N ARG O 335 34.69 31.28 23.46
CA ARG O 335 34.02 31.86 24.62
C ARG O 335 32.65 31.22 24.82
N LEU O 336 31.97 30.90 23.72
CA LEU O 336 30.67 30.24 23.79
C LEU O 336 30.78 28.85 24.38
N VAL O 337 31.81 28.09 24.01
CA VAL O 337 31.89 26.74 24.52
C VAL O 337 32.41 26.72 25.96
N ALA O 338 33.18 27.75 26.36
CA ALA O 338 33.54 27.89 27.76
C ALA O 338 32.31 28.19 28.61
N GLN O 339 31.39 28.98 28.07
CA GLN O 339 30.14 29.23 28.78
C GLN O 339 29.25 27.98 28.79
N ILE O 340 29.25 27.21 27.71
CA ILE O 340 28.37 26.04 27.63
C ILE O 340 28.89 24.91 28.50
N CYS O 341 30.17 24.90 28.86
CA CYS O 341 30.65 23.92 29.81
C CYS O 341 30.90 24.53 31.18
N LYS O 342 30.59 25.81 31.38
CA LYS O 342 30.50 26.31 32.74
C LYS O 342 29.09 26.10 33.30
N HIS O 343 28.07 26.34 32.48
CA HIS O 343 26.68 26.26 32.94
C HIS O 343 26.15 24.85 33.02
N PHE O 344 26.73 23.91 32.28
CA PHE O 344 26.11 22.61 32.09
C PHE O 344 26.97 21.42 32.47
N SER O 345 28.24 21.61 32.77
CA SER O 345 29.10 20.48 33.12
C SER O 345 28.75 19.98 34.51
N THR O 346 28.37 18.72 34.59
CA THR O 346 28.09 18.04 35.85
C THR O 346 28.94 16.76 35.80
N THR O 347 29.17 16.14 36.94
CA THR O 347 30.02 14.95 36.99
C THR O 347 29.36 13.76 36.31
N THR O 348 28.05 13.77 36.15
CA THR O 348 27.38 12.79 35.29
C THR O 348 27.53 13.13 33.82
N ASN O 349 27.65 14.41 33.49
CA ASN O 349 27.75 14.83 32.10
C ASN O 349 29.13 14.53 31.53
N ASN O 350 30.18 14.95 32.26
CA ASN O 350 31.57 14.97 31.80
C ASN O 350 31.72 15.76 30.50
N ILE O 351 31.07 16.92 30.47
CA ILE O 351 31.14 17.77 29.29
C ILE O 351 32.52 18.40 29.15
N GLN O 352 33.01 19.00 30.24
CA GLN O 352 34.26 19.77 30.18
C GLN O 352 35.46 18.86 29.98
N SER O 353 35.46 17.68 30.60
CA SER O 353 36.60 16.77 30.44
C SER O 353 36.66 16.20 29.04
N ARG O 354 35.49 15.94 28.47
CA ARG O 354 35.38 15.41 27.10
C ARG O 354 35.66 16.50 26.06
N ILE O 355 35.45 17.79 26.34
CA ILE O 355 35.80 18.90 25.47
C ILE O 355 37.29 19.21 25.53
N THR O 356 37.85 19.26 26.75
CA THR O 356 39.31 19.34 26.90
C THR O 356 40.05 18.17 26.27
N LYS O 357 39.49 16.97 26.27
CA LYS O 357 40.21 15.86 25.67
C LYS O 357 40.23 15.97 24.15
N THR O 358 39.13 16.43 23.55
CA THR O 358 39.12 16.64 22.09
C THR O 358 40.07 17.78 21.69
N PHE O 359 40.04 18.89 22.43
CA PHE O 359 40.96 20.00 22.17
C PHE O 359 42.41 19.58 22.35
N THR O 360 42.69 18.75 23.36
CA THR O 360 44.05 18.36 23.67
C THR O 360 44.60 17.41 22.61
N LYS O 361 43.84 16.37 22.25
CA LYS O 361 44.36 15.48 21.22
C LYS O 361 44.30 16.10 19.83
N SER O 362 43.58 17.22 19.65
CA SER O 362 43.74 17.96 18.41
C SER O 362 44.96 18.88 18.44
N TRP O 363 45.40 19.30 19.62
CA TRP O 363 46.53 20.21 19.68
C TRP O 363 47.87 19.48 19.73
N VAL O 364 47.99 18.45 20.55
CA VAL O 364 49.25 17.75 20.72
C VAL O 364 49.61 16.98 19.46
N ASP O 365 48.61 16.50 18.72
CA ASP O 365 48.85 15.73 17.51
C ASP O 365 49.34 16.63 16.39
N GLU O 366 50.43 16.23 15.75
CA GLU O 366 51.01 16.94 14.64
C GLU O 366 50.13 16.65 13.42
N LYS O 367 50.46 17.28 12.28
CA LYS O 367 49.74 17.32 10.98
C LYS O 367 48.50 18.20 11.05
N THR O 368 48.18 18.80 12.19
CA THR O 368 46.98 19.61 12.26
C THR O 368 47.26 21.00 11.71
N PRO O 369 46.33 21.55 10.94
CA PRO O 369 46.55 22.88 10.34
C PRO O 369 46.57 23.96 11.40
N TRP O 370 47.12 25.12 11.02
CA TRP O 370 47.27 26.23 11.93
C TRP O 370 45.94 26.84 12.34
N THR O 371 44.91 26.70 11.50
CA THR O 371 43.58 27.14 11.88
C THR O 371 42.99 26.27 12.98
N THR O 372 43.07 24.95 12.85
CA THR O 372 42.51 24.09 13.88
C THR O 372 43.36 24.10 15.16
N ARG O 373 44.67 24.29 15.03
CA ARG O 373 45.49 24.51 16.22
C ARG O 373 45.14 25.83 16.88
N TYR O 374 44.81 26.86 16.09
CA TYR O 374 44.35 28.12 16.66
C TYR O 374 43.05 27.94 17.43
N GLY O 375 42.13 27.15 16.86
CA GLY O 375 40.87 26.90 17.55
C GLY O 375 41.05 26.11 18.84
N SER O 376 41.93 25.11 18.81
CA SER O 376 42.23 24.31 20.00
C SER O 376 42.84 25.16 21.10
N ILE O 377 43.84 25.99 20.76
CA ILE O 377 44.47 26.86 21.74
C ILE O 377 43.49 27.89 22.26
N ALA O 378 42.58 28.38 21.40
CA ALA O 378 41.61 29.40 21.81
C ALA O 378 40.60 28.84 22.80
N GLY O 379 40.08 27.63 22.53
CA GLY O 379 39.15 27.02 23.46
C GLY O 379 39.79 26.65 24.78
N LEU O 380 40.98 26.01 24.71
CA LEU O 380 41.72 25.65 25.92
C LEU O 380 42.07 26.87 26.75
N ALA O 381 42.37 27.99 26.11
CA ALA O 381 42.72 29.18 26.87
C ALA O 381 41.51 29.95 27.35
N GLU O 382 40.33 29.71 26.77
CA GLU O 382 39.14 30.30 27.34
C GLU O 382 38.54 29.45 28.45
N LEU O 383 38.99 28.21 28.63
CA LEU O 383 38.47 27.40 29.73
C LEU O 383 38.91 27.93 31.09
N GLY O 384 40.17 28.34 31.22
CA GLY O 384 40.59 28.95 32.47
C GLY O 384 42.10 28.89 32.64
N HIS O 385 42.51 29.22 33.87
CA HIS O 385 43.92 29.39 34.20
C HIS O 385 44.61 28.05 34.46
N ASP O 386 43.93 27.12 35.13
CA ASP O 386 44.58 25.86 35.46
C ASP O 386 44.72 24.96 34.23
N VAL O 387 43.78 25.09 33.28
CA VAL O 387 43.90 24.39 32.01
C VAL O 387 45.12 24.85 31.23
N ILE O 388 45.37 26.16 31.14
CA ILE O 388 46.57 26.59 30.43
C ILE O 388 47.83 26.34 31.26
N LYS O 389 47.70 26.14 32.56
CA LYS O 389 48.84 25.67 33.34
C LYS O 389 49.20 24.22 32.96
N THR O 390 48.21 23.34 32.88
CA THR O 390 48.51 21.93 32.71
C THR O 390 48.31 21.41 31.29
N LEU O 391 47.88 22.24 30.35
CA LEU O 391 47.84 21.81 28.96
C LEU O 391 48.75 22.64 28.04
N ILE O 392 48.69 23.97 28.14
CA ILE O 392 49.42 24.80 27.19
C ILE O 392 50.91 24.85 27.51
N LEU O 393 51.25 25.12 28.76
CA LEU O 393 52.63 25.28 29.23
C LEU O 393 53.60 24.10 29.03
N PRO O 394 53.19 22.82 29.03
CA PRO O 394 54.14 21.78 28.62
C PRO O 394 54.60 21.87 27.16
N ARG O 395 53.74 22.31 26.24
CA ARG O 395 54.09 22.35 24.83
C ARG O 395 54.52 23.73 24.36
N LEU O 396 55.08 24.54 25.26
CA LEU O 396 55.62 25.84 24.87
C LEU O 396 56.82 25.72 23.93
N GLN O 397 57.55 24.60 23.99
CA GLN O 397 58.60 24.30 23.03
C GLN O 397 58.08 24.20 21.60
N GLN O 398 56.79 23.90 21.43
CA GLN O 398 56.16 23.90 20.11
C GLN O 398 56.25 25.28 19.44
N GLU O 399 56.35 26.36 20.23
CA GLU O 399 56.57 27.69 19.68
C GLU O 399 57.84 27.74 18.83
N GLY O 400 58.89 27.02 19.23
CA GLY O 400 60.08 26.91 18.39
C GLY O 400 59.78 26.27 17.05
N GLU O 401 58.98 25.18 17.05
CA GLU O 401 58.51 24.57 15.82
C GLU O 401 57.65 25.54 15.00
N ARG O 402 56.97 26.46 15.69
CA ARG O 402 56.25 27.49 14.96
C ARG O 402 57.20 28.51 14.36
N ILE O 403 58.22 28.91 15.13
CA ILE O 403 59.09 29.99 14.67
C ILE O 403 60.11 29.49 13.66
N ARG O 404 60.23 28.17 13.52
CA ARG O 404 60.85 27.52 12.37
C ARG O 404 60.26 28.01 11.06
N SER O 405 58.94 28.22 11.00
CA SER O 405 58.25 28.57 9.76
C SER O 405 57.85 30.04 9.73
N VAL O 406 58.40 30.88 10.61
CA VAL O 406 58.03 32.28 10.66
C VAL O 406 59.25 33.18 10.42
N LEU O 407 60.26 33.05 11.29
CA LEU O 407 61.49 33.82 11.10
C LEU O 407 62.29 33.34 9.90
N ASP O 408 62.05 32.11 9.43
CA ASP O 408 62.85 31.54 8.31
C ASP O 408 62.02 30.56 7.51
N GLY O 409 61.26 31.05 6.53
CA GLY O 409 60.44 30.16 5.68
C GLY O 409 60.89 30.20 4.24
N PRO O 410 61.13 29.04 3.58
CA PRO O 410 61.50 29.01 2.17
C PRO O 410 60.37 29.62 1.32
N VAL O 411 59.11 29.30 1.67
CA VAL O 411 57.95 29.91 0.95
C VAL O 411 57.35 30.99 1.86
N LEU O 412 57.53 32.27 1.50
CA LEU O 412 56.97 33.36 2.30
C LEU O 412 55.54 33.70 1.89
N SER O 413 55.23 33.60 0.58
CA SER O 413 53.94 34.03 0.07
C SER O 413 52.82 33.00 0.25
N ASN O 414 53.01 31.96 1.05
CA ASN O 414 51.93 31.04 1.34
C ASN O 414 51.01 31.60 2.42
N ILE O 415 50.03 30.81 2.85
CA ILE O 415 49.02 31.32 3.83
C ILE O 415 49.34 30.80 5.25
N ASP O 416 50.45 30.06 5.41
CA ASP O 416 50.83 29.56 6.72
C ASP O 416 51.37 30.64 7.65
N ARG O 417 51.87 31.75 7.11
CA ARG O 417 52.54 32.74 7.95
C ARG O 417 51.56 33.57 8.76
N ILE O 418 50.45 33.99 8.15
CA ILE O 418 49.44 34.76 8.88
C ILE O 418 48.78 33.91 9.96
N GLY O 419 48.51 32.64 9.67
CA GLY O 419 47.95 31.76 10.68
C GLY O 419 48.94 31.43 11.78
N ALA O 420 50.22 31.28 11.41
CA ALA O 420 51.24 31.01 12.41
C ALA O 420 51.46 32.18 13.35
N ASP O 421 51.45 33.42 12.85
CA ASP O 421 51.73 34.50 13.81
C ASP O 421 50.45 34.91 14.52
N HIS O 422 49.28 34.52 13.99
CA HIS O 422 48.05 34.61 14.78
C HIS O 422 48.07 33.64 15.94
N VAL O 423 48.49 32.39 15.69
CA VAL O 423 48.68 31.40 16.73
C VAL O 423 49.68 31.88 17.77
N GLN O 424 50.78 32.50 17.30
CA GLN O 424 51.80 33.05 18.18
C GLN O 424 51.25 34.16 19.07
N SER O 425 50.49 35.08 18.49
CA SER O 425 49.96 36.22 19.24
C SER O 425 48.95 35.76 20.29
N LEU O 426 48.06 34.81 19.92
CA LEU O 426 47.13 34.24 20.89
C LEU O 426 47.84 33.51 22.00
N LEU O 427 48.91 32.76 21.65
CA LEU O 427 49.65 31.98 22.64
C LEU O 427 50.34 32.87 23.64
N LEU O 428 50.99 33.93 23.18
CA LEU O 428 51.73 34.75 24.13
C LEU O 428 50.79 35.69 24.90
N LYS O 429 49.65 36.08 24.30
CA LYS O 429 48.64 36.84 25.04
C LYS O 429 48.04 36.01 26.17
N HIS O 430 47.78 34.73 25.94
CA HIS O 430 47.17 33.92 26.99
C HIS O 430 48.20 33.39 27.98
N CYS O 431 49.46 33.21 27.56
CA CYS O 431 50.49 32.74 28.46
C CYS O 431 51.20 33.85 29.22
N ALA O 432 50.92 35.11 28.90
CA ALA O 432 51.48 36.19 29.73
C ALA O 432 50.92 36.24 31.17
N PRO O 433 49.61 36.11 31.44
CA PRO O 433 49.21 36.06 32.86
C PRO O 433 49.58 34.76 33.55
N VAL O 434 49.71 33.65 32.80
CA VAL O 434 50.18 32.41 33.39
C VAL O 434 51.65 32.53 33.79
N LEU O 435 52.43 33.25 32.99
CA LEU O 435 53.80 33.53 33.38
C LEU O 435 53.85 34.55 34.52
N ALA O 436 52.87 35.44 34.60
CA ALA O 436 52.79 36.38 35.71
C ALA O 436 52.37 35.71 37.00
N LYS O 437 51.74 34.54 36.93
CA LYS O 437 51.27 33.87 38.14
C LYS O 437 52.33 32.98 38.77
N LEU O 438 53.17 32.32 37.97
CA LEU O 438 54.07 31.28 38.45
C LEU O 438 55.54 31.62 38.18
N ARG O 439 55.94 32.85 38.46
CA ARG O 439 57.34 33.24 38.28
C ARG O 439 57.74 34.30 39.28
N PRO O 440 59.00 34.75 39.26
CA PRO O 440 59.43 35.81 40.18
C PRO O 440 58.89 37.15 39.74
N PRO O 441 58.97 38.17 40.60
CA PRO O 441 58.46 39.48 40.23
C PRO O 441 59.44 40.23 39.35
N PRO O 442 60.74 39.92 39.46
CA PRO O 442 61.75 40.63 38.64
C PRO O 442 61.62 40.36 37.15
N ASP O 443 61.70 39.09 36.75
CA ASP O 443 61.65 38.62 35.36
C ASP O 443 62.68 39.33 34.49
N ASN O 444 63.96 39.11 34.83
CA ASN O 444 65.04 39.86 34.17
C ASN O 444 65.34 39.32 32.78
N GLN O 445 65.68 38.04 32.71
CA GLN O 445 65.90 37.32 31.42
C GLN O 445 64.96 36.10 31.30
N ASP O 446 63.73 36.22 31.79
CA ASP O 446 62.72 35.12 31.65
C ASP O 446 62.43 34.93 30.16
N ALA O 447 62.42 36.02 29.40
CA ALA O 447 62.18 35.94 27.95
C ALA O 447 63.28 35.09 27.31
N TYR O 448 64.54 35.34 27.69
CA TYR O 448 65.68 34.55 27.16
C TYR O 448 65.47 33.09 27.56
N ARG O 449 65.05 32.87 28.82
CA ARG O 449 64.77 31.51 29.32
C ARG O 449 63.53 30.95 28.61
N ALA O 450 62.63 31.85 28.18
CA ALA O 450 61.40 31.43 27.44
C ALA O 450 61.79 31.03 26.01
N GLU O 451 60.80 30.62 25.21
CA GLU O 451 61.09 30.14 23.83
C GLU O 451 61.03 31.33 22.87
N PHE O 452 62.15 31.63 22.20
CA PHE O 452 62.18 32.70 21.16
C PHE O 452 62.34 34.08 21.82
N GLY O 453 62.30 34.15 23.15
CA GLY O 453 62.54 35.44 23.85
C GLY O 453 61.42 36.43 23.66
N SER O 454 60.29 36.01 23.10
CA SER O 454 59.17 36.94 22.80
C SER O 454 58.09 36.76 23.87
N LEU O 455 57.71 35.50 24.11
CA LEU O 455 56.77 35.16 25.22
C LEU O 455 57.22 35.86 26.50
N GLY O 456 58.53 35.88 26.78
CA GLY O 456 59.05 36.58 27.97
C GLY O 456 58.82 38.09 27.89
N PRO O 457 58.99 38.72 26.72
CA PRO O 457 58.68 40.16 26.61
C PRO O 457 57.19 40.38 26.89
N LEU O 458 56.34 39.49 26.35
CA LEU O 458 54.88 39.61 26.55
C LEU O 458 54.58 39.48 28.05
N LEU O 459 55.28 38.57 28.75
CA LEU O 459 55.09 38.36 30.21
C LEU O 459 55.49 39.63 30.96
N CYS O 460 56.59 40.27 30.55
CA CYS O 460 56.99 41.55 31.20
C CYS O 460 55.88 42.58 30.97
N SER O 461 55.34 42.63 29.76
CA SER O 461 54.24 43.58 29.46
C SER O 461 53.05 43.26 30.36
N GLN O 462 52.75 41.98 30.56
CA GLN O 462 51.61 41.53 31.39
C GLN O 462 51.81 41.94 32.85
N VAL O 463 53.04 41.79 33.35
CA VAL O 463 53.34 42.21 34.75
C VAL O 463 53.12 43.72 34.86
N VAL O 464 53.56 44.46 33.83
CA VAL O 464 53.37 45.94 33.82
C VAL O 464 51.86 46.25 33.85
N LYS O 465 51.08 45.51 33.05
CA LYS O 465 49.61 45.73 32.99
C LYS O 465 48.98 45.43 34.34
N ALA O 466 49.43 44.37 35.01
CA ALA O 466 48.91 43.99 36.34
C ALA O 466 49.23 45.10 37.34
N ARG O 467 50.44 45.66 37.27
CA ARG O 467 50.83 46.77 38.16
C ARG O 467 49.91 47.96 37.89
N ALA O 468 49.62 48.25 36.62
CA ALA O 468 48.73 49.37 36.25
C ALA O 468 47.34 49.12 36.83
N GLN O 469 46.84 47.88 36.75
CA GLN O 469 45.50 47.52 37.28
C GLN O 469 45.49 47.73 38.79
N ALA O 470 46.57 47.34 39.47
CA ALA O 470 46.68 47.50 40.95
C ALA O 470 46.64 49.00 41.27
N ALA O 471 47.34 49.82 40.48
CA ALA O 471 47.36 51.28 40.70
C ALA O 471 45.94 51.83 40.52
N LEU O 472 45.23 51.35 39.50
CA LEU O 472 43.83 51.81 39.24
C LEU O 472 42.96 51.43 40.44
N GLN O 473 43.15 50.22 40.98
CA GLN O 473 42.37 49.77 42.17
C GLN O 473 42.69 50.68 43.36
N MET P 12 -11.95 -11.17 -29.43
CA MET P 12 -10.69 -11.46 -30.11
C MET P 12 -10.35 -12.94 -30.07
N PRO P 13 -10.48 -13.62 -31.21
CA PRO P 13 -10.01 -15.00 -31.29
C PRO P 13 -8.50 -15.08 -31.34
N LYS P 14 -7.99 -16.31 -31.30
CA LYS P 14 -6.55 -16.54 -31.21
C LYS P 14 -5.81 -16.20 -32.50
N ASP P 15 -6.53 -16.08 -33.62
CA ASP P 15 -5.91 -15.70 -34.88
C ASP P 15 -6.08 -14.22 -35.21
N ALA P 16 -6.94 -13.51 -34.48
CA ALA P 16 -6.95 -12.06 -34.52
C ALA P 16 -6.02 -11.46 -33.48
N GLN P 17 -5.75 -12.20 -32.40
CA GLN P 17 -4.70 -11.83 -31.46
C GLN P 17 -3.31 -12.03 -32.04
N MET P 18 -3.17 -12.91 -33.03
CA MET P 18 -1.92 -13.15 -33.71
C MET P 18 -1.77 -12.28 -34.96
N MET P 19 -2.87 -11.74 -35.49
CA MET P 19 -2.80 -10.85 -36.63
C MET P 19 -2.31 -9.46 -36.22
N ALA P 20 -2.58 -9.05 -34.99
CA ALA P 20 -2.02 -7.79 -34.48
C ALA P 20 -0.53 -7.93 -34.20
N GLN P 21 -0.08 -9.14 -33.85
CA GLN P 21 1.34 -9.38 -33.63
C GLN P 21 2.13 -9.31 -34.92
N ILE P 22 1.53 -9.73 -36.04
CA ILE P 22 2.21 -9.70 -37.32
C ILE P 22 2.39 -8.27 -37.81
N LEU P 23 1.35 -7.45 -37.66
CA LEU P 23 1.46 -6.05 -38.08
C LEU P 23 2.37 -5.27 -37.15
N LYS P 24 2.40 -5.61 -35.86
CA LYS P 24 3.32 -4.96 -34.94
C LYS P 24 4.77 -5.34 -35.23
N ASP P 25 4.99 -6.57 -35.70
CA ASP P 25 6.33 -7.01 -36.08
C ASP P 25 6.83 -6.28 -37.33
N MET P 26 5.92 -5.79 -38.16
CA MET P 26 6.29 -4.92 -39.27
C MET P 26 6.40 -3.49 -38.76
N GLY P 27 6.44 -2.51 -39.67
CA GLY P 27 6.49 -1.13 -39.25
C GLY P 27 5.12 -0.49 -39.09
N ILE P 28 4.14 -1.28 -38.65
CA ILE P 28 2.75 -0.83 -38.52
C ILE P 28 2.44 -0.77 -37.03
N THR P 29 2.49 0.44 -36.46
CA THR P 29 2.10 0.64 -35.08
C THR P 29 0.70 1.24 -34.94
N GLU P 30 0.27 2.05 -35.91
CA GLU P 30 -1.03 2.69 -35.88
C GLU P 30 -1.80 2.26 -37.12
N TYR P 31 -2.81 1.40 -36.92
CA TYR P 31 -3.66 0.94 -38.01
C TYR P 31 -5.12 1.16 -37.63
N GLU P 32 -5.97 1.14 -38.66
CA GLU P 32 -7.41 1.14 -38.43
C GLU P 32 -7.83 -0.20 -37.82
N PRO P 33 -8.89 -0.20 -36.99
CA PRO P 33 -9.36 -1.48 -36.43
C PRO P 33 -10.10 -2.34 -37.43
N ARG P 34 -10.46 -1.81 -38.60
CA ARG P 34 -11.07 -2.60 -39.65
C ARG P 34 -10.06 -3.49 -40.37
N VAL P 35 -8.76 -3.22 -40.19
CA VAL P 35 -7.70 -3.92 -40.91
C VAL P 35 -7.63 -5.38 -40.46
N ILE P 36 -7.82 -5.63 -39.16
CA ILE P 36 -7.73 -6.99 -38.62
C ILE P 36 -8.91 -7.84 -39.10
N ASN P 37 -10.07 -7.23 -39.31
CA ASN P 37 -11.17 -7.94 -39.95
C ASN P 37 -10.91 -8.17 -41.42
N GLN P 38 -10.07 -7.37 -42.06
CA GLN P 38 -9.77 -7.56 -43.47
C GLN P 38 -8.67 -8.60 -43.67
N MET P 39 -7.67 -8.60 -42.80
CA MET P 39 -6.57 -9.55 -42.91
C MET P 39 -6.95 -10.96 -42.45
N LEU P 40 -8.12 -11.13 -41.85
CA LEU P 40 -8.65 -12.46 -41.56
C LEU P 40 -9.54 -12.99 -42.67
N GLU P 41 -10.14 -12.10 -43.46
CA GLU P 41 -10.89 -12.54 -44.63
C GLU P 41 -9.96 -12.91 -45.77
N PHE P 42 -8.82 -12.22 -45.89
CA PHE P 42 -7.82 -12.62 -46.87
C PHE P 42 -7.18 -13.96 -46.48
N ALA P 43 -6.92 -14.16 -45.19
CA ALA P 43 -6.31 -15.40 -44.73
C ALA P 43 -7.28 -16.57 -44.74
N PHE P 44 -8.59 -16.31 -44.75
CA PHE P 44 -9.55 -17.39 -44.94
C PHE P 44 -9.77 -17.68 -46.42
N ARG P 45 -9.67 -16.66 -47.27
CA ARG P 45 -9.86 -16.89 -48.70
C ARG P 45 -8.65 -17.58 -49.31
N TYR P 46 -7.48 -17.41 -48.72
CA TYR P 46 -6.27 -18.00 -49.29
C TYR P 46 -6.18 -19.49 -49.00
N VAL P 47 -6.41 -19.89 -47.75
CA VAL P 47 -6.31 -21.30 -47.40
C VAL P 47 -7.45 -22.11 -48.02
N THR P 48 -8.62 -21.50 -48.20
CA THR P 48 -9.70 -22.19 -48.88
C THR P 48 -9.64 -22.06 -50.41
N THR P 49 -8.60 -21.44 -50.94
CA THR P 49 -8.28 -21.52 -52.36
C THR P 49 -7.15 -22.49 -52.63
N ILE P 50 -6.20 -22.58 -51.71
CA ILE P 50 -5.15 -23.60 -51.80
C ILE P 50 -5.76 -24.99 -51.61
N LEU P 51 -6.61 -25.14 -50.59
CA LEU P 51 -7.27 -26.42 -50.37
C LEU P 51 -8.35 -26.71 -51.41
N ASP P 52 -8.82 -25.70 -52.13
CA ASP P 52 -9.60 -25.95 -53.35
C ASP P 52 -8.76 -26.69 -54.37
N ASP P 53 -7.60 -26.12 -54.72
CA ASP P 53 -6.73 -26.71 -55.72
C ASP P 53 -6.07 -27.99 -55.23
N ALA P 54 -5.90 -28.15 -53.91
CA ALA P 54 -5.32 -29.36 -53.38
C ALA P 54 -6.30 -30.52 -53.39
N LYS P 55 -7.60 -30.26 -53.56
CA LYS P 55 -8.57 -31.33 -53.75
C LYS P 55 -8.74 -31.68 -55.21
N ILE P 56 -8.46 -30.73 -56.12
CA ILE P 56 -8.48 -31.04 -57.54
C ILE P 56 -7.29 -31.90 -57.91
N TYR P 57 -6.15 -31.68 -57.25
CA TYR P 57 -4.94 -32.43 -57.57
C TYR P 57 -4.90 -33.79 -56.90
N SER P 58 -5.63 -33.97 -55.80
CA SER P 58 -5.70 -35.28 -55.18
C SER P 58 -6.56 -36.23 -56.00
N SER P 59 -7.63 -35.71 -56.61
CA SER P 59 -8.46 -36.54 -57.48
C SER P 59 -7.82 -36.78 -58.84
N HIS P 60 -6.90 -35.91 -59.25
CA HIS P 60 -6.21 -36.09 -60.51
C HIS P 60 -5.16 -37.18 -60.44
N ALA P 61 -4.50 -37.33 -59.30
CA ALA P 61 -3.62 -38.46 -59.04
C ALA P 61 -4.37 -39.66 -58.49
N LYS P 62 -5.68 -39.52 -58.26
CA LYS P 62 -6.60 -40.59 -57.86
C LYS P 62 -6.19 -41.21 -56.52
N LYS P 63 -6.15 -40.37 -55.50
CA LYS P 63 -5.92 -40.81 -54.12
C LYS P 63 -7.13 -40.44 -53.27
N ALA P 64 -7.14 -40.95 -52.04
CA ALA P 64 -8.32 -40.85 -51.19
C ALA P 64 -8.36 -39.52 -50.42
N THR P 65 -7.32 -39.22 -49.67
CA THR P 65 -7.26 -38.04 -48.84
C THR P 65 -6.53 -36.92 -49.57
N VAL P 66 -6.26 -35.84 -48.85
CA VAL P 66 -5.41 -34.75 -49.34
C VAL P 66 -4.11 -34.83 -48.56
N ASP P 67 -3.06 -35.31 -49.23
CA ASP P 67 -1.76 -35.46 -48.61
C ASP P 67 -1.00 -34.13 -48.65
N ALA P 68 0.19 -34.13 -48.06
CA ALA P 68 0.98 -32.90 -47.97
C ALA P 68 1.62 -32.55 -49.31
N ASP P 69 1.86 -33.53 -50.17
CA ASP P 69 2.42 -33.24 -51.48
C ASP P 69 1.40 -32.64 -52.43
N ASP P 70 0.11 -32.76 -52.11
CA ASP P 70 -0.91 -32.07 -52.89
C ASP P 70 -0.99 -30.60 -52.51
N VAL P 71 -0.90 -30.30 -51.21
CA VAL P 71 -0.91 -28.93 -50.75
C VAL P 71 0.38 -28.23 -51.14
N ARG P 72 1.49 -28.98 -51.20
CA ARG P 72 2.76 -28.40 -51.63
C ARG P 72 2.73 -28.02 -53.11
N LEU P 73 2.02 -28.79 -53.93
CA LEU P 73 1.86 -28.41 -55.32
C LEU P 73 0.87 -27.27 -55.47
N ALA P 74 -0.21 -27.27 -54.67
CA ALA P 74 -1.22 -26.23 -54.77
C ALA P 74 -0.70 -24.88 -54.32
N ILE P 75 0.30 -24.86 -53.45
CA ILE P 75 0.96 -23.61 -53.10
C ILE P 75 1.80 -23.11 -54.26
N GLN P 76 2.59 -24.00 -54.87
CA GLN P 76 3.55 -23.59 -55.89
C GLN P 76 2.90 -23.34 -57.25
N CYS P 77 1.77 -23.97 -57.53
CA CYS P 77 1.12 -23.81 -58.83
C CYS P 77 0.11 -22.66 -58.83
N ARG P 78 0.04 -21.87 -57.77
CA ARG P 78 -0.71 -20.63 -57.76
C ARG P 78 0.09 -19.52 -57.09
N ALA P 79 1.40 -19.53 -57.33
CA ALA P 79 2.27 -18.40 -57.03
C ALA P 79 2.66 -17.65 -58.29
N ASP P 80 2.02 -17.96 -59.41
CA ASP P 80 2.29 -17.34 -60.70
C ASP P 80 1.13 -16.51 -61.23
N GLN P 81 -0.11 -16.85 -60.88
CA GLN P 81 -1.29 -16.12 -61.29
C GLN P 81 -1.96 -15.35 -60.18
N SER P 82 -2.03 -15.93 -58.98
CA SER P 82 -2.68 -15.24 -57.87
C SER P 82 -1.76 -14.22 -57.22
N PHE P 83 -0.46 -14.48 -57.19
CA PHE P 83 0.52 -13.62 -56.54
C PHE P 83 1.75 -13.44 -57.42
N THR P 84 1.54 -13.02 -58.66
CA THR P 84 2.65 -12.77 -59.57
C THR P 84 3.53 -11.63 -59.05
N SER P 85 4.80 -11.71 -59.36
CA SER P 85 5.84 -10.91 -58.74
C SER P 85 6.27 -9.75 -59.64
N PRO P 86 6.86 -8.71 -59.07
CA PRO P 86 7.63 -7.76 -59.88
C PRO P 86 8.86 -8.45 -60.46
N PRO P 87 9.40 -7.95 -61.58
CA PRO P 87 10.42 -8.72 -62.29
C PRO P 87 11.71 -8.83 -61.50
N PRO P 88 12.45 -9.93 -61.65
CA PRO P 88 13.59 -10.19 -60.78
C PRO P 88 14.79 -9.31 -61.13
N ARG P 89 15.76 -9.30 -60.22
CA ARG P 89 16.92 -8.41 -60.37
C ARG P 89 17.85 -8.86 -61.49
N ASP P 90 17.88 -10.16 -61.79
CA ASP P 90 18.73 -10.65 -62.87
C ASP P 90 18.15 -10.35 -64.24
N PHE P 91 16.87 -10.02 -64.33
CA PHE P 91 16.21 -9.68 -65.59
C PHE P 91 16.22 -8.18 -65.84
N LEU P 92 16.07 -7.38 -64.77
CA LEU P 92 16.09 -5.93 -64.91
C LEU P 92 17.49 -5.39 -65.20
N LEU P 93 18.53 -6.14 -64.83
CA LEU P 93 19.90 -5.74 -65.16
C LEU P 93 20.21 -5.98 -66.62
N ASP P 94 19.71 -7.08 -67.20
CA ASP P 94 19.99 -7.39 -68.59
C ASP P 94 19.17 -6.53 -69.54
N ILE P 95 17.96 -6.14 -69.13
CA ILE P 95 17.15 -5.24 -69.94
C ILE P 95 17.74 -3.84 -69.94
N ALA P 96 18.31 -3.42 -68.82
CA ALA P 96 18.87 -2.08 -68.70
C ALA P 96 20.18 -1.96 -69.45
N ARG P 97 21.08 -2.95 -69.31
CA ARG P 97 22.43 -2.81 -69.81
C ARG P 97 22.54 -2.94 -71.32
N GLN P 98 21.46 -3.30 -72.02
CA GLN P 98 21.42 -3.12 -73.47
C GLN P 98 20.71 -1.84 -73.86
N ARG P 99 19.83 -1.32 -72.99
CA ARG P 99 19.24 0.00 -73.18
C ARG P 99 20.22 1.10 -72.85
N ASN P 100 21.10 0.87 -71.87
CA ASN P 100 22.07 1.86 -71.43
C ASN P 100 23.33 1.92 -72.29
N GLN P 101 23.34 1.28 -73.46
CA GLN P 101 24.52 1.29 -74.31
C GLN P 101 24.35 2.11 -75.58
N THR P 102 23.12 2.33 -76.04
CA THR P 102 22.92 3.24 -77.14
C THR P 102 23.17 4.67 -76.66
N PRO P 103 23.81 5.51 -77.46
CA PRO P 103 24.14 6.86 -77.00
C PRO P 103 22.90 7.75 -76.94
N LEU P 104 23.03 8.83 -76.18
CA LEU P 104 21.98 9.83 -76.15
C LEU P 104 21.98 10.60 -77.46
N PRO P 105 20.83 10.82 -78.08
CA PRO P 105 20.80 11.57 -79.34
C PRO P 105 21.01 13.06 -79.10
N LEU P 106 21.24 13.77 -80.20
CA LEU P 106 21.40 15.21 -80.15
C LEU P 106 20.06 15.90 -80.34
N ILE P 107 20.02 17.19 -80.04
CA ILE P 107 18.79 17.97 -80.02
C ILE P 107 18.83 18.99 -81.14
N LYS P 108 17.74 19.07 -81.91
CA LYS P 108 17.57 20.14 -82.88
C LYS P 108 17.45 21.47 -82.15
N PRO P 109 17.95 22.57 -82.75
CA PRO P 109 17.99 23.84 -82.02
C PRO P 109 16.63 24.48 -81.75
N TYR P 110 15.77 24.54 -82.76
CA TYR P 110 14.47 25.21 -82.64
C TYR P 110 13.38 24.29 -83.19
N SER P 111 12.76 23.53 -82.30
CA SER P 111 11.68 22.62 -82.67
C SER P 111 10.38 22.92 -81.91
N GLY P 112 10.32 24.05 -81.21
CA GLY P 112 9.13 24.44 -80.49
C GLY P 112 8.80 23.51 -79.34
N PRO P 113 7.54 23.07 -79.26
CA PRO P 113 7.19 21.99 -78.33
C PRO P 113 7.81 20.67 -78.80
N ARG P 114 8.63 20.08 -77.93
CA ARG P 114 9.27 18.81 -78.22
C ARG P 114 8.37 17.68 -77.73
N LEU P 115 7.94 16.82 -78.64
CA LEU P 115 6.93 15.81 -78.34
C LEU P 115 7.24 14.57 -79.17
N PRO P 116 6.71 13.41 -78.78
CA PRO P 116 6.81 12.21 -79.61
C PRO P 116 6.05 12.34 -80.93
N PRO P 117 6.14 11.35 -81.82
CA PRO P 117 5.26 11.35 -82.99
C PRO P 117 3.79 11.22 -82.61
N ASP P 118 2.92 11.62 -83.54
CA ASP P 118 1.52 11.89 -83.25
C ASP P 118 0.72 10.67 -82.85
N ARG P 119 1.21 9.46 -83.11
CA ARG P 119 0.51 8.26 -82.70
C ARG P 119 0.87 7.81 -81.29
N TYR P 120 1.78 8.52 -80.61
CA TYR P 120 2.11 8.21 -79.23
C TYR P 120 1.69 9.30 -78.26
N CYS P 121 1.34 10.49 -78.74
CA CYS P 121 0.87 11.57 -77.89
C CYS P 121 -0.64 11.46 -77.70
N LEU P 122 -1.19 12.37 -76.90
CA LEU P 122 -2.62 12.45 -76.67
C LEU P 122 -3.26 13.64 -77.38
N THR P 123 -2.53 14.28 -78.28
CA THR P 123 -3.08 15.38 -79.07
C THR P 123 -3.88 14.80 -80.24
N ALA P 124 -5.17 15.08 -80.28
CA ALA P 124 -6.08 14.51 -81.26
C ALA P 124 -7.28 15.44 -81.37
N PRO P 125 -8.01 15.42 -82.50
CA PRO P 125 -9.12 16.37 -82.70
C PRO P 125 -10.28 16.25 -81.73
N ASN P 126 -10.48 15.09 -81.09
CA ASN P 126 -11.27 14.93 -79.86
C ASN P 126 -12.74 15.36 -80.05
N TYR P 127 -13.45 14.58 -80.85
CA TYR P 127 -14.79 14.95 -81.30
C TYR P 127 -15.82 14.73 -80.19
N ARG P 128 -17.07 15.09 -80.51
CA ARG P 128 -18.21 14.87 -79.62
C ARG P 128 -19.48 14.86 -80.46
N LEU P 129 -20.54 14.30 -79.88
CA LEU P 129 -21.80 14.12 -80.59
C LEU P 129 -22.55 15.43 -80.75
N LYS P 130 -23.20 15.59 -81.89
CA LYS P 130 -24.11 16.71 -82.10
C LYS P 130 -25.36 16.49 -81.26
N SER P 131 -25.57 17.35 -80.27
CA SER P 131 -26.73 17.23 -79.40
C SER P 131 -27.97 17.71 -80.16
N LEU P 132 -28.52 16.81 -80.95
CA LEU P 132 -29.68 17.13 -81.77
C LEU P 132 -30.97 16.97 -80.97
N THR Q 114 -26.67 2.63 -86.40
CA THR Q 114 -25.72 2.53 -85.27
C THR Q 114 -26.46 2.06 -84.02
N PRO Q 115 -26.14 0.85 -83.49
CA PRO Q 115 -26.88 0.30 -82.36
C PRO Q 115 -26.74 1.22 -81.13
N LEU Q 116 -25.54 1.72 -80.87
CA LEU Q 116 -25.31 2.55 -79.66
C LEU Q 116 -26.17 3.83 -79.80
N VAL Q 117 -26.19 4.42 -80.99
CA VAL Q 117 -26.98 5.67 -81.22
C VAL Q 117 -28.47 5.37 -81.00
N ASP Q 118 -28.94 4.22 -81.51
CA ASP Q 118 -30.37 3.86 -81.35
C ASP Q 118 -30.69 3.69 -79.86
N PHE Q 119 -29.77 3.05 -79.13
CA PHE Q 119 -29.99 2.84 -77.69
C PHE Q 119 -30.02 4.18 -76.97
N LEU Q 120 -29.17 5.13 -77.36
CA LEU Q 120 -29.17 6.49 -76.75
C LEU Q 120 -30.51 7.17 -77.04
N MET Q 121 -31.03 7.00 -78.25
CA MET Q 121 -32.36 7.56 -78.59
C MET Q 121 -33.43 6.95 -77.68
N GLN Q 122 -33.39 5.64 -77.45
CA GLN Q 122 -34.38 5.01 -76.53
C GLN Q 122 -34.18 5.57 -75.12
N LEU Q 123 -32.94 5.77 -74.69
CA LEU Q 123 -32.60 6.29 -73.34
C LEU Q 123 -33.18 7.70 -73.17
N GLU Q 124 -33.21 8.50 -74.24
CA GLU Q 124 -33.84 9.86 -74.18
C GLU Q 124 -35.17 9.87 -73.41
N ASP Q 125 -35.56 8.79 -72.74
CA ASP Q 125 -36.76 8.71 -71.86
C ASP Q 125 -36.42 8.10 -70.49
N TYR Q 126 -35.58 7.05 -70.45
CA TYR Q 126 -35.30 6.36 -69.17
C TYR Q 126 -34.42 7.23 -68.27
N THR Q 127 -34.75 7.31 -66.98
CA THR Q 127 -33.88 8.04 -66.03
C THR Q 127 -33.30 7.01 -65.06
N PRO Q 128 -31.97 6.88 -64.92
CA PRO Q 128 -31.39 5.83 -64.06
C PRO Q 128 -31.49 6.13 -62.56
N THR Q 129 -31.48 5.10 -61.71
CA THR Q 129 -31.52 5.30 -60.27
C THR Q 129 -30.26 5.98 -59.77
N ILE Q 130 -29.10 5.59 -60.30
CA ILE Q 130 -27.82 6.18 -59.94
C ILE Q 130 -27.76 7.60 -60.49
N PRO Q 131 -27.57 8.61 -59.65
CA PRO Q 131 -27.59 9.99 -60.13
C PRO Q 131 -26.36 10.32 -60.96
N ASP Q 132 -26.45 11.43 -61.68
CA ASP Q 132 -25.38 11.82 -62.60
C ASP Q 132 -24.16 12.37 -61.86
N ALA Q 133 -24.34 12.90 -60.66
CA ALA Q 133 -23.19 13.37 -59.90
C ALA Q 133 -22.41 12.22 -59.30
N VAL Q 134 -23.08 11.12 -58.95
CA VAL Q 134 -22.39 9.95 -58.45
C VAL Q 134 -21.60 9.28 -59.55
N THR Q 135 -22.23 9.03 -60.70
CA THR Q 135 -21.54 8.43 -61.83
C THR Q 135 -20.48 9.38 -62.38
N GLY Q 136 -20.80 10.67 -62.49
CA GLY Q 136 -19.84 11.64 -62.99
C GLY Q 136 -18.64 11.88 -62.09
N TYR Q 137 -18.69 11.42 -60.84
CA TYR Q 137 -17.54 11.43 -59.96
C TYR Q 137 -16.68 10.18 -60.14
N TYR Q 138 -17.30 9.02 -60.36
CA TYR Q 138 -16.54 7.79 -60.52
C TYR Q 138 -15.89 7.68 -61.88
N LEU Q 139 -16.34 8.47 -62.86
CA LEU Q 139 -15.58 8.63 -64.08
C LEU Q 139 -14.42 9.60 -63.90
N ASN Q 140 -14.50 10.51 -62.93
CA ASN Q 140 -13.41 11.44 -62.69
C ASN Q 140 -12.23 10.75 -62.02
N ARG Q 141 -12.49 9.78 -61.14
CA ARG Q 141 -11.43 8.96 -60.60
C ARG Q 141 -10.89 7.98 -61.63
N ALA Q 142 -11.68 7.66 -62.65
CA ALA Q 142 -11.25 6.73 -63.68
C ALA Q 142 -10.46 7.42 -64.79
N GLY Q 143 -10.56 8.74 -64.93
CA GLY Q 143 -9.64 9.43 -65.79
C GLY Q 143 -10.18 10.47 -66.76
N PHE Q 144 -11.46 10.82 -66.68
CA PHE Q 144 -11.99 11.84 -67.57
C PHE Q 144 -13.15 12.56 -66.93
N GLU Q 145 -13.36 13.80 -67.35
CA GLU Q 145 -14.53 14.58 -66.99
C GLU Q 145 -15.57 14.41 -68.07
N ALA Q 146 -16.70 13.80 -67.73
CA ALA Q 146 -17.74 13.50 -68.72
C ALA Q 146 -18.45 14.79 -69.12
N SER Q 147 -18.23 15.22 -70.36
CA SER Q 147 -18.83 16.46 -70.84
C SER Q 147 -20.27 16.24 -71.31
N ASP Q 148 -20.49 15.23 -72.14
CA ASP Q 148 -21.81 14.93 -72.64
C ASP Q 148 -22.61 14.19 -71.57
N PRO Q 149 -23.75 14.70 -71.13
CA PRO Q 149 -24.52 14.03 -70.08
C PRO Q 149 -25.35 12.85 -70.57
N ARG Q 150 -25.06 12.31 -71.76
CA ARG Q 150 -25.74 11.08 -72.20
C ARG Q 150 -24.82 9.88 -71.98
N ILE Q 151 -23.51 10.10 -72.08
CA ILE Q 151 -22.52 9.02 -71.80
C ILE Q 151 -22.65 8.62 -70.32
N ILE Q 152 -22.81 9.61 -69.45
CA ILE Q 152 -22.98 9.32 -67.99
C ILE Q 152 -24.22 8.46 -67.87
N ARG Q 153 -25.30 8.83 -68.58
CA ARG Q 153 -26.58 8.08 -68.46
C ARG Q 153 -26.36 6.63 -68.91
N LEU Q 154 -25.68 6.41 -70.04
CA LEU Q 154 -25.51 5.03 -70.54
C LEU Q 154 -24.71 4.24 -69.51
N ILE Q 155 -23.63 4.82 -68.97
CA ILE Q 155 -22.80 4.02 -68.03
C ILE Q 155 -23.63 3.69 -66.78
N SER Q 156 -24.40 4.67 -66.30
CA SER Q 156 -25.20 4.45 -65.08
C SER Q 156 -26.23 3.35 -65.33
N LEU Q 157 -26.88 3.36 -66.50
CA LEU Q 157 -27.89 2.32 -66.86
C LEU Q 157 -27.23 0.95 -66.94
N ALA Q 158 -26.02 0.85 -67.52
CA ALA Q 158 -25.34 -0.45 -67.55
C ALA Q 158 -25.08 -0.95 -66.12
N ALA Q 159 -24.60 -0.06 -65.25
CA ALA Q 159 -24.31 -0.47 -63.86
C ALA Q 159 -25.61 -0.91 -63.16
N GLN Q 160 -26.69 -0.19 -63.42
CA GLN Q 160 -27.99 -0.49 -62.78
C GLN Q 160 -28.44 -1.87 -63.24
N LYS Q 161 -28.29 -2.17 -64.54
CA LYS Q 161 -28.68 -3.50 -65.06
C LYS Q 161 -27.84 -4.56 -64.35
N PHE Q 162 -26.53 -4.34 -64.20
CA PHE Q 162 -25.73 -5.41 -63.56
C PHE Q 162 -26.24 -5.65 -62.13
N ILE Q 163 -26.45 -4.56 -61.37
CA ILE Q 163 -26.85 -4.80 -59.95
C ILE Q 163 -28.21 -5.50 -59.93
N SER Q 164 -29.12 -5.09 -60.81
CA SER Q 164 -30.49 -5.66 -60.84
C SER Q 164 -30.41 -7.15 -61.17
N ASP Q 165 -29.58 -7.54 -62.13
CA ASP Q 165 -29.44 -8.97 -62.49
C ASP Q 165 -28.90 -9.73 -61.28
N ILE Q 166 -27.87 -9.21 -60.61
CA ILE Q 166 -27.38 -10.03 -59.45
C ILE Q 166 -28.53 -10.19 -58.44
N ALA Q 167 -29.23 -9.09 -58.14
CA ALA Q 167 -30.26 -9.17 -57.09
C ALA Q 167 -31.38 -10.12 -57.50
N ASN Q 168 -31.80 -10.10 -58.77
CA ASN Q 168 -32.90 -10.96 -59.28
C ASN Q 168 -32.47 -12.42 -59.23
N ASP Q 169 -31.22 -12.73 -59.57
CA ASP Q 169 -30.74 -14.13 -59.44
C ASP Q 169 -30.80 -14.56 -57.97
N ALA Q 170 -30.40 -13.66 -57.06
CA ALA Q 170 -30.50 -14.00 -55.63
C ALA Q 170 -31.96 -14.28 -55.25
N LEU Q 171 -32.88 -13.43 -55.73
CA LEU Q 171 -34.31 -13.59 -55.37
C LEU Q 171 -34.80 -14.92 -55.91
N GLN Q 172 -34.38 -15.30 -57.11
CA GLN Q 172 -34.80 -16.58 -57.72
C GLN Q 172 -34.27 -17.76 -56.89
N HIS Q 173 -33.02 -17.72 -56.43
CA HIS Q 173 -32.56 -18.82 -55.53
C HIS Q 173 -33.44 -18.85 -54.28
N CYS Q 174 -33.72 -17.67 -53.72
CA CYS Q 174 -34.51 -17.65 -52.46
C CYS Q 174 -35.90 -18.25 -52.71
N LYS Q 175 -36.56 -17.90 -53.81
CA LYS Q 175 -37.92 -18.39 -54.11
C LYS Q 175 -37.86 -19.91 -54.33
N MET Q 176 -36.81 -20.38 -55.01
CA MET Q 176 -36.63 -21.82 -55.29
C MET Q 176 -36.52 -22.59 -53.98
N LYS Q 177 -35.86 -22.06 -52.93
CA LYS Q 177 -35.83 -22.91 -51.69
C LYS Q 177 -37.21 -23.20 -51.04
N GLY Q 178 -38.22 -23.69 -51.79
CA GLY Q 178 -39.57 -23.89 -51.29
C GLY Q 178 -40.60 -23.82 -52.39
N LYS Q 189 -42.14 -18.78 -45.29
CA LYS Q 189 -40.93 -18.53 -46.06
C LYS Q 189 -41.23 -17.70 -47.31
N ASP Q 190 -42.50 -17.71 -47.72
CA ASP Q 190 -42.94 -17.02 -48.92
C ASP Q 190 -43.52 -15.64 -48.65
N ARG Q 191 -43.24 -15.06 -47.49
CA ARG Q 191 -43.82 -13.75 -47.16
C ARG Q 191 -42.85 -12.61 -47.40
N LYS Q 192 -41.70 -12.64 -46.73
CA LYS Q 192 -40.71 -11.57 -46.82
C LYS Q 192 -39.36 -12.17 -47.15
N TYR Q 193 -38.76 -11.70 -48.24
CA TYR Q 193 -37.50 -12.23 -48.74
C TYR Q 193 -36.36 -11.36 -48.23
N THR Q 194 -35.48 -11.95 -47.43
CA THR Q 194 -34.33 -11.26 -46.86
C THR Q 194 -33.09 -11.51 -47.72
N LEU Q 195 -32.38 -10.44 -48.06
CA LEU Q 195 -31.16 -10.56 -48.86
C LEU Q 195 -30.01 -11.04 -47.98
N THR Q 196 -30.05 -12.32 -47.64
CA THR Q 196 -29.04 -12.95 -46.82
C THR Q 196 -27.85 -13.29 -47.72
N MET Q 197 -26.66 -13.41 -47.10
CA MET Q 197 -25.46 -13.80 -47.83
C MET Q 197 -25.56 -15.20 -48.45
N GLU Q 198 -26.43 -16.06 -47.93
CA GLU Q 198 -26.60 -17.40 -48.52
C GLU Q 198 -27.24 -17.37 -49.90
N ASP Q 199 -27.93 -16.29 -50.24
CA ASP Q 199 -28.52 -16.15 -51.57
C ASP Q 199 -27.70 -15.26 -52.49
N LEU Q 200 -26.90 -14.36 -51.94
CA LEU Q 200 -26.09 -13.46 -52.76
C LEU Q 200 -24.77 -14.08 -53.18
N THR Q 201 -24.16 -14.93 -52.35
CA THR Q 201 -22.86 -15.51 -52.64
C THR Q 201 -22.90 -16.51 -53.80
N PRO Q 202 -23.90 -17.41 -53.94
CA PRO Q 202 -23.97 -18.15 -55.21
C PRO Q 202 -24.42 -17.31 -56.38
N ALA Q 203 -25.17 -16.23 -56.14
CA ALA Q 203 -25.64 -15.38 -57.24
C ALA Q 203 -24.54 -14.48 -57.78
N LEU Q 204 -23.49 -14.23 -57.01
CA LEU Q 204 -22.39 -13.41 -57.48
C LEU Q 204 -21.38 -14.23 -58.28
N SER Q 205 -21.29 -15.53 -58.03
CA SER Q 205 -20.30 -16.37 -58.69
C SER Q 205 -20.61 -16.60 -60.17
N GLU Q 206 -21.83 -16.33 -60.61
CA GLU Q 206 -22.14 -16.43 -62.04
C GLU Q 206 -21.48 -15.30 -62.82
N TYR Q 207 -21.21 -14.19 -62.16
CA TYR Q 207 -20.37 -13.13 -62.67
C TYR Q 207 -19.01 -13.25 -61.99
N GLY Q 208 -18.12 -12.30 -62.24
CA GLY Q 208 -16.78 -12.43 -61.72
C GLY Q 208 -16.57 -11.85 -60.34
N ILE Q 209 -17.45 -12.18 -59.41
CA ILE Q 209 -17.32 -11.77 -58.02
C ILE Q 209 -17.34 -13.02 -57.17
N ASN Q 210 -16.20 -13.35 -56.57
CA ASN Q 210 -16.05 -14.57 -55.79
C ASN Q 210 -15.75 -14.17 -54.35
N VAL Q 211 -16.79 -13.96 -53.57
CA VAL Q 211 -16.61 -13.69 -52.15
C VAL Q 211 -16.47 -15.02 -51.41
N LYS Q 212 -15.79 -14.98 -50.27
CA LYS Q 212 -15.64 -16.16 -49.42
C LYS Q 212 -15.56 -15.65 -47.99
N LYS Q 213 -16.71 -15.63 -47.33
CA LYS Q 213 -16.73 -15.07 -45.99
C LYS Q 213 -16.50 -16.16 -44.95
N PRO Q 214 -15.74 -15.87 -43.90
CA PRO Q 214 -15.53 -16.87 -42.86
C PRO Q 214 -16.69 -16.91 -41.88
N HIS Q 215 -16.76 -18.02 -41.15
CA HIS Q 215 -17.56 -18.11 -39.96
C HIS Q 215 -16.73 -18.78 -38.88
N TYR Q 216 -17.24 -18.72 -37.65
CA TYR Q 216 -16.75 -19.42 -36.44
C TYR Q 216 -15.23 -19.32 -36.28
N PHE Q 217 -14.77 -18.09 -36.08
CA PHE Q 217 -13.36 -17.85 -35.77
C PHE Q 217 -12.99 -18.51 -34.45
N THR Q 218 -12.05 -19.44 -34.50
CA THR Q 218 -11.71 -20.23 -33.32
C THR Q 218 -10.80 -19.46 -32.37
N SER R 114 -38.42 -27.59 -102.26
CA SER R 114 -37.93 -28.45 -103.34
C SER R 114 -37.94 -29.91 -102.90
N GLU R 115 -36.99 -30.69 -103.41
CA GLU R 115 -36.89 -32.11 -103.08
C GLU R 115 -35.75 -32.42 -102.12
N GLU R 116 -34.84 -31.48 -101.90
CA GLU R 116 -33.83 -31.61 -100.84
C GLU R 116 -34.23 -30.88 -99.57
N GLN R 117 -34.94 -29.75 -99.71
CA GLN R 117 -35.44 -29.01 -98.55
C GLN R 117 -36.47 -29.81 -97.78
N LEU R 118 -37.27 -30.64 -98.47
CA LEU R 118 -38.23 -31.49 -97.78
C LEU R 118 -37.55 -32.66 -97.09
N ASN R 119 -36.44 -33.16 -97.65
CA ASN R 119 -35.68 -34.20 -96.97
C ASN R 119 -34.88 -33.63 -95.81
N ARG R 120 -34.39 -32.40 -95.94
CA ARG R 120 -33.62 -31.78 -94.87
C ARG R 120 -34.53 -31.39 -93.70
N TYR R 121 -35.73 -30.91 -93.99
CA TYR R 121 -36.70 -30.60 -92.94
C TYR R 121 -37.18 -31.86 -92.24
N GLU R 122 -37.14 -33.00 -92.92
CA GLU R 122 -37.49 -34.26 -92.26
C GLU R 122 -36.44 -34.66 -91.24
N MET R 123 -35.17 -34.47 -91.57
CA MET R 123 -34.10 -34.81 -90.63
C MET R 123 -33.94 -33.78 -89.53
N TYR R 124 -34.38 -32.53 -89.76
CA TYR R 124 -34.29 -31.51 -88.73
C TYR R 124 -35.25 -31.79 -87.58
N ARG R 125 -36.37 -32.45 -87.86
CA ARG R 125 -37.38 -32.71 -86.85
C ARG R 125 -37.32 -34.12 -86.27
N ARG R 126 -37.08 -35.13 -87.11
CA ARG R 126 -37.17 -36.52 -86.66
C ARG R 126 -35.96 -36.97 -85.86
N SER R 127 -34.84 -36.27 -85.97
CA SER R 127 -33.60 -36.70 -85.31
C SER R 127 -33.60 -36.31 -83.84
N ALA R 128 -33.12 -37.24 -83.01
CA ALA R 128 -33.04 -37.00 -81.57
C ALA R 128 -32.03 -37.95 -80.96
N PHE R 129 -31.46 -37.52 -79.84
CA PHE R 129 -30.67 -38.42 -79.02
C PHE R 129 -31.60 -39.41 -78.32
N PRO R 130 -31.20 -40.67 -78.16
CA PRO R 130 -32.11 -41.65 -77.55
C PRO R 130 -32.22 -41.45 -76.05
N LYS R 131 -33.44 -41.55 -75.55
CA LYS R 131 -33.70 -41.39 -74.12
C LYS R 131 -33.16 -42.54 -73.29
N ALA R 132 -32.93 -43.70 -73.90
CA ALA R 132 -32.41 -44.85 -73.17
C ALA R 132 -30.92 -44.72 -72.86
N ALA R 133 -30.22 -43.78 -73.49
CA ALA R 133 -28.80 -43.59 -73.24
C ALA R 133 -28.48 -42.36 -72.42
N ILE R 134 -29.26 -41.29 -72.57
CA ILE R 134 -29.02 -40.08 -71.78
C ILE R 134 -29.44 -40.30 -70.34
N LYS R 135 -30.52 -41.06 -70.12
CA LYS R 135 -30.89 -41.48 -68.77
C LYS R 135 -29.82 -42.37 -68.15
N ARG R 136 -29.10 -43.13 -68.96
CA ARG R 136 -27.92 -43.84 -68.49
C ARG R 136 -26.76 -42.89 -68.26
N LEU R 137 -26.69 -41.81 -69.05
CA LEU R 137 -25.56 -40.89 -68.98
C LEU R 137 -25.69 -39.91 -67.82
N ILE R 138 -26.90 -39.40 -67.56
CA ILE R 138 -27.09 -38.46 -66.46
C ILE R 138 -26.95 -39.18 -65.12
N GLN R 139 -27.53 -40.38 -65.01
CA GLN R 139 -27.49 -41.13 -63.76
C GLN R 139 -26.09 -41.60 -63.38
N SER R 140 -25.16 -41.65 -64.34
CA SER R 140 -23.76 -41.86 -64.01
C SER R 140 -23.08 -40.62 -63.43
N ILE R 141 -23.76 -39.47 -63.45
CA ILE R 141 -23.23 -38.24 -62.89
C ILE R 141 -23.89 -37.91 -61.56
N THR R 142 -25.19 -38.14 -61.43
CA THR R 142 -25.88 -37.87 -60.18
C THR R 142 -25.52 -38.90 -59.13
N GLY R 143 -25.76 -40.17 -59.44
CA GLY R 143 -25.47 -41.23 -58.50
C GLY R 143 -26.67 -42.11 -58.21
N THR R 144 -27.86 -41.54 -58.13
CA THR R 144 -29.04 -42.33 -57.76
C THR R 144 -30.08 -42.46 -58.87
N SER R 145 -30.70 -41.37 -59.34
CA SER R 145 -31.87 -41.45 -60.20
C SER R 145 -32.26 -40.06 -60.66
N VAL R 146 -32.87 -40.00 -61.85
CA VAL R 146 -33.51 -38.80 -62.37
C VAL R 146 -34.95 -39.16 -62.77
N SER R 147 -35.65 -38.17 -63.31
CA SER R 147 -37.05 -38.33 -63.72
C SER R 147 -37.16 -38.24 -65.24
N GLN R 148 -38.33 -38.64 -65.73
CA GLN R 148 -38.57 -38.65 -67.17
C GLN R 148 -38.66 -37.25 -67.75
N ASN R 149 -39.15 -36.29 -66.96
CA ASN R 149 -39.26 -34.93 -67.47
C ASN R 149 -37.93 -34.18 -67.44
N VAL R 150 -36.93 -34.75 -66.78
CA VAL R 150 -35.55 -34.23 -66.86
C VAL R 150 -34.91 -34.68 -68.16
N VAL R 151 -35.04 -35.98 -68.47
CA VAL R 151 -34.44 -36.57 -69.66
C VAL R 151 -35.09 -36.03 -70.93
N ILE R 152 -36.38 -35.68 -70.87
CA ILE R 152 -37.06 -35.08 -72.00
C ILE R 152 -36.52 -33.69 -72.28
N ALA R 153 -36.24 -32.92 -71.23
CA ALA R 153 -35.69 -31.59 -71.42
C ALA R 153 -34.21 -31.64 -71.80
N MET R 154 -33.43 -32.50 -71.13
CA MET R 154 -32.00 -32.57 -71.38
C MET R 154 -31.69 -33.15 -72.75
N SER R 155 -32.56 -33.99 -73.30
CA SER R 155 -32.41 -34.42 -74.69
C SER R 155 -32.81 -33.34 -75.67
N GLY R 156 -33.54 -32.32 -75.21
CA GLY R 156 -34.01 -31.27 -76.10
C GLY R 156 -33.08 -30.08 -76.12
N ILE R 157 -32.42 -29.78 -75.01
CA ILE R 157 -31.47 -28.68 -74.97
C ILE R 157 -30.22 -29.03 -75.78
N SER R 158 -29.82 -30.31 -75.73
CA SER R 158 -28.63 -30.74 -76.46
C SER R 158 -28.84 -30.76 -77.96
N LYS R 159 -30.09 -30.83 -78.43
CA LYS R 159 -30.35 -30.66 -79.85
C LYS R 159 -30.26 -29.20 -80.26
N VAL R 160 -30.66 -28.28 -79.37
CA VAL R 160 -30.47 -26.85 -79.63
C VAL R 160 -29.00 -26.50 -79.61
N PHE R 161 -28.23 -27.15 -78.73
CA PHE R 161 -26.80 -26.85 -78.62
C PHE R 161 -26.03 -27.36 -79.82
N VAL R 162 -26.42 -28.51 -80.37
CA VAL R 162 -25.84 -28.97 -81.63
C VAL R 162 -26.23 -28.02 -82.75
N GLY R 163 -27.49 -27.59 -82.78
CA GLY R 163 -27.91 -26.58 -83.73
C GLY R 163 -27.35 -25.20 -83.47
N GLU R 164 -26.78 -24.95 -82.29
CA GLU R 164 -26.04 -23.72 -82.06
C GLU R 164 -24.66 -23.79 -82.67
N VAL R 165 -24.06 -24.97 -82.75
CA VAL R 165 -22.71 -25.12 -83.28
C VAL R 165 -22.71 -25.26 -84.79
N VAL R 166 -23.57 -26.14 -85.34
CA VAL R 166 -23.56 -26.41 -86.77
C VAL R 166 -24.04 -25.20 -87.57
N GLU R 167 -25.04 -24.49 -87.06
CA GLU R 167 -25.48 -23.26 -87.71
C GLU R 167 -24.43 -22.16 -87.63
N GLU R 168 -23.53 -22.24 -86.67
CA GLU R 168 -22.43 -21.29 -86.54
C GLU R 168 -21.13 -21.82 -87.13
N ALA R 169 -20.95 -23.14 -87.22
CA ALA R 169 -19.81 -23.69 -87.96
C ALA R 169 -20.01 -23.58 -89.47
N LEU R 170 -21.24 -23.44 -89.93
CA LEU R 170 -21.48 -23.13 -91.34
C LEU R 170 -21.39 -21.63 -91.61
N ASP R 171 -21.29 -20.81 -90.57
CA ASP R 171 -20.94 -19.41 -90.76
C ASP R 171 -19.44 -19.23 -90.84
N VAL R 172 -18.67 -20.10 -90.17
CA VAL R 172 -17.22 -20.10 -90.31
C VAL R 172 -16.81 -20.55 -91.71
N CYS R 173 -17.49 -21.58 -92.22
CA CYS R 173 -17.17 -22.11 -93.54
C CYS R 173 -17.59 -21.15 -94.65
N GLU R 174 -18.69 -20.43 -94.46
CA GLU R 174 -19.10 -19.45 -95.46
C GLU R 174 -18.24 -18.20 -95.41
N LYS R 175 -17.67 -17.89 -94.24
CA LYS R 175 -16.77 -16.75 -94.14
C LYS R 175 -15.45 -17.03 -94.86
N TRP R 176 -14.88 -18.21 -94.62
CA TRP R 176 -13.69 -18.61 -95.35
C TRP R 176 -14.08 -19.11 -96.73
N GLY R 177 -13.09 -19.49 -97.54
CA GLY R 177 -13.36 -19.92 -98.89
C GLY R 177 -13.49 -21.41 -99.09
N GLU R 178 -14.40 -22.07 -98.36
CA GLU R 178 -14.53 -23.51 -98.43
C GLU R 178 -15.96 -23.89 -98.76
N MET R 179 -16.21 -25.20 -98.87
CA MET R 179 -17.54 -25.70 -99.34
C MET R 179 -18.35 -26.28 -98.17
N PRO R 180 -19.59 -26.82 -98.39
CA PRO R 180 -20.38 -27.42 -97.31
C PRO R 180 -19.78 -28.59 -96.49
N PRO R 181 -18.97 -29.53 -97.03
CA PRO R 181 -18.39 -30.58 -96.18
C PRO R 181 -17.69 -29.87 -95.03
N LEU R 182 -17.96 -30.32 -93.79
CA LEU R 182 -17.40 -29.59 -92.62
C LEU R 182 -16.12 -30.23 -92.09
N GLN R 183 -14.97 -29.60 -92.33
CA GLN R 183 -13.72 -30.04 -91.74
C GLN R 183 -13.69 -29.65 -90.26
N PRO R 184 -12.84 -30.31 -89.47
CA PRO R 184 -12.67 -29.90 -88.07
C PRO R 184 -12.11 -28.49 -87.88
N LYS R 185 -11.53 -27.86 -88.91
CA LYS R 185 -11.10 -26.48 -88.80
C LYS R 185 -12.27 -25.54 -88.53
N HIS R 186 -13.41 -25.81 -89.16
CA HIS R 186 -14.61 -25.04 -88.91
C HIS R 186 -15.30 -25.41 -87.60
N MET R 187 -14.90 -26.51 -86.97
CA MET R 187 -15.52 -26.95 -85.73
C MET R 187 -14.77 -26.52 -84.48
N ARG R 188 -13.44 -26.47 -84.52
CA ARG R 188 -12.71 -25.86 -83.41
C ARG R 188 -12.91 -24.35 -83.39
N GLU R 189 -13.05 -23.74 -84.57
CA GLU R 189 -13.36 -22.32 -84.66
C GLU R 189 -14.78 -22.03 -84.21
N ALA R 190 -15.68 -23.02 -84.35
CA ALA R 190 -17.05 -22.83 -83.90
C ALA R 190 -17.14 -22.77 -82.39
N VAL R 191 -16.39 -23.64 -81.70
CA VAL R 191 -16.38 -23.61 -80.24
C VAL R 191 -15.60 -22.40 -79.73
N ARG R 192 -14.65 -21.89 -80.50
CA ARG R 192 -13.91 -20.70 -80.07
C ARG R 192 -14.78 -19.45 -80.11
N ARG R 193 -15.56 -19.28 -81.19
CA ARG R 193 -16.42 -18.10 -81.29
C ARG R 193 -17.61 -18.17 -80.35
N LEU R 194 -18.10 -19.38 -80.06
CA LEU R 194 -19.21 -19.52 -79.12
C LEU R 194 -18.77 -19.27 -77.70
N LYS R 195 -17.53 -19.63 -77.35
CA LYS R 195 -17.05 -19.44 -75.99
C LYS R 195 -16.76 -17.98 -75.69
N SER R 196 -16.38 -17.21 -76.71
CA SER R 196 -16.12 -15.79 -76.51
C SER R 196 -17.39 -14.98 -76.31
N LYS R 197 -18.54 -15.54 -76.68
CA LYS R 197 -19.84 -14.93 -76.40
C LYS R 197 -20.52 -15.60 -75.21
N GLY R 198 -19.79 -16.36 -74.41
CA GLY R 198 -20.32 -16.95 -73.20
C GLY R 198 -21.29 -18.09 -73.40
N GLN R 199 -21.44 -18.61 -74.62
CA GLN R 199 -22.44 -19.62 -74.88
C GLN R 199 -22.04 -21.00 -74.38
N ILE R 200 -20.74 -21.28 -74.28
CA ILE R 200 -20.28 -22.59 -73.87
C ILE R 200 -19.86 -22.53 -72.41
N PRO R 201 -20.62 -23.12 -71.48
CA PRO R 201 -20.30 -22.96 -70.06
C PRO R 201 -19.24 -23.92 -69.56
N ASN R 202 -18.25 -23.39 -68.82
CA ASN R 202 -17.22 -24.18 -68.18
C ASN R 202 -17.24 -23.87 -66.69
N SER R 203 -17.57 -24.87 -65.88
CA SER R 203 -17.65 -24.70 -64.44
C SER R 203 -16.37 -25.08 -63.74
N LYS R 204 -15.22 -25.01 -64.42
CA LYS R 204 -13.93 -25.29 -63.82
C LYS R 204 -12.98 -24.11 -63.94
N HIS R 205 -13.44 -22.98 -64.47
CA HIS R 205 -12.63 -21.77 -64.59
C HIS R 205 -13.28 -20.68 -63.75
N LYS R 206 -12.72 -20.44 -62.57
CA LYS R 206 -13.20 -19.39 -61.68
C LYS R 206 -12.81 -18.04 -62.26
N LYS R 207 -13.75 -17.37 -62.91
CA LYS R 207 -13.44 -16.12 -63.58
C LYS R 207 -13.49 -14.95 -62.61
N ILE R 208 -12.83 -13.85 -63.00
CA ILE R 208 -12.70 -12.66 -62.18
C ILE R 208 -12.80 -11.46 -63.12
N ILE R 209 -13.77 -10.58 -62.86
CA ILE R 209 -13.97 -9.42 -63.73
C ILE R 209 -13.25 -8.17 -63.25
N PHE R 210 -12.94 -8.06 -61.96
CA PHE R 210 -12.33 -6.86 -61.40
C PHE R 210 -10.82 -7.08 -61.31
N PHE R 211 -10.06 -6.25 -62.01
CA PHE R 211 -8.62 -6.29 -61.92
C PHE R 211 -8.02 -4.89 -62.01
N ASN S 55 14.60 -25.62 -85.50
CA ASN S 55 13.75 -26.10 -84.41
C ASN S 55 12.82 -24.99 -83.91
N GLN S 56 12.02 -24.44 -84.80
CA GLN S 56 10.97 -23.50 -84.43
C GLN S 56 9.63 -24.12 -84.79
N VAL S 57 8.60 -23.78 -84.03
CA VAL S 57 7.30 -24.42 -84.13
C VAL S 57 6.33 -23.61 -84.99
N LEU S 58 6.51 -22.30 -85.07
CA LEU S 58 5.66 -21.45 -85.89
C LEU S 58 6.54 -20.69 -86.87
N THR S 59 6.07 -20.60 -88.13
CA THR S 59 6.96 -20.36 -89.25
C THR S 59 6.55 -19.19 -90.13
N LYS S 60 5.76 -18.25 -89.60
CA LYS S 60 5.42 -16.96 -90.23
C LYS S 60 4.64 -17.07 -91.54
N LYS S 61 4.28 -18.27 -91.95
CA LYS S 61 3.29 -18.50 -92.99
C LYS S 61 2.01 -19.09 -92.42
N LYS S 62 2.13 -19.94 -91.41
CA LYS S 62 0.97 -20.35 -90.64
C LYS S 62 0.41 -19.20 -89.82
N LEU S 63 1.27 -18.27 -89.41
CA LEU S 63 0.80 -17.09 -88.70
C LEU S 63 0.11 -16.12 -89.64
N GLN S 64 0.60 -16.00 -90.88
CA GLN S 64 0.00 -15.06 -91.84
C GLN S 64 -1.38 -15.53 -92.27
N ASP S 65 -1.57 -16.84 -92.41
CA ASP S 65 -2.89 -17.37 -92.70
C ASP S 65 -3.83 -17.26 -91.51
N LEU S 66 -3.29 -17.18 -90.29
CA LEU S 66 -4.11 -16.95 -89.11
C LEU S 66 -4.64 -15.53 -89.07
N VAL S 67 -3.96 -14.59 -89.72
CA VAL S 67 -4.47 -13.23 -89.85
C VAL S 67 -5.38 -13.11 -91.07
N ARG S 68 -5.09 -13.87 -92.13
CA ARG S 68 -5.89 -13.82 -93.35
C ARG S 68 -7.27 -14.44 -93.15
N GLU S 69 -7.42 -15.35 -92.20
CA GLU S 69 -8.71 -15.94 -91.92
C GLU S 69 -9.61 -15.01 -91.10
N VAL S 70 -9.06 -13.97 -90.48
CA VAL S 70 -9.85 -13.05 -89.67
C VAL S 70 -10.33 -11.91 -90.55
N ASP S 71 -9.40 -11.14 -91.10
CA ASP S 71 -9.72 -10.08 -92.04
C ASP S 71 -8.66 -10.11 -93.14
N PRO S 72 -9.01 -10.47 -94.38
CA PRO S 72 -8.00 -10.70 -95.41
C PRO S 72 -7.30 -9.44 -95.91
N ASN S 73 -7.77 -8.24 -95.54
CA ASN S 73 -7.12 -7.00 -95.93
C ASN S 73 -6.34 -6.38 -94.78
N GLU S 74 -5.70 -7.21 -93.95
CA GLU S 74 -5.02 -6.75 -92.75
C GLU S 74 -3.59 -7.28 -92.73
N GLN S 75 -2.64 -6.41 -92.42
CA GLN S 75 -1.24 -6.76 -92.28
C GLN S 75 -0.79 -6.61 -90.83
N LEU S 76 0.22 -7.37 -90.45
CA LEU S 76 0.93 -7.16 -89.21
C LEU S 76 2.28 -6.50 -89.51
N ASP S 77 2.81 -5.80 -88.51
CA ASP S 77 4.14 -5.19 -88.66
C ASP S 77 5.18 -6.19 -88.14
N GLU S 78 6.46 -5.93 -88.40
CA GLU S 78 7.51 -6.88 -87.98
C GLU S 78 7.45 -7.01 -86.45
N ASP S 79 7.28 -5.88 -85.76
CA ASP S 79 7.28 -5.91 -84.28
C ASP S 79 6.12 -6.79 -83.80
N VAL S 80 4.93 -6.59 -84.39
CA VAL S 80 3.74 -7.36 -83.94
C VAL S 80 4.00 -8.84 -84.22
N GLU S 81 4.55 -9.18 -85.38
CA GLU S 81 4.74 -10.61 -85.72
C GLU S 81 5.71 -11.23 -84.69
N GLU S 82 6.79 -10.52 -84.38
CA GLU S 82 7.79 -11.09 -83.46
C GLU S 82 7.12 -11.29 -82.09
N MET S 83 6.35 -10.29 -81.66
CA MET S 83 5.72 -10.38 -80.32
C MET S 83 4.73 -11.53 -80.28
N LEU S 84 3.96 -11.75 -81.35
CA LEU S 84 2.98 -12.87 -81.41
C LEU S 84 3.73 -14.21 -81.36
N LEU S 85 4.85 -14.32 -82.07
CA LEU S 85 5.64 -15.58 -81.99
C LEU S 85 6.11 -15.77 -80.54
N GLN S 86 6.57 -14.70 -79.89
CA GLN S 86 7.07 -14.81 -78.50
C GLN S 86 5.93 -15.25 -77.59
N ILE S 87 4.73 -14.70 -77.78
CA ILE S 87 3.56 -15.04 -76.93
C ILE S 87 3.23 -16.53 -77.11
N ALA S 88 3.27 -17.01 -78.37
CA ALA S 88 2.99 -18.44 -78.62
C ALA S 88 4.03 -19.29 -77.88
N ASP S 89 5.30 -18.92 -77.98
CA ASP S 89 6.36 -19.74 -77.35
C ASP S 89 6.13 -19.76 -75.84
N ASP S 90 5.80 -18.60 -75.24
CA ASP S 90 5.61 -18.52 -73.78
C ASP S 90 4.42 -19.39 -73.35
N PHE S 91 3.34 -19.34 -74.12
CA PHE S 91 2.13 -20.16 -73.78
C PHE S 91 2.55 -21.63 -73.81
N ILE S 92 3.29 -22.03 -74.86
CA ILE S 92 3.64 -23.47 -74.96
C ILE S 92 4.45 -23.81 -73.72
N GLU S 93 5.44 -22.98 -73.38
CA GLU S 93 6.33 -23.36 -72.25
C GLU S 93 5.52 -23.48 -70.96
N SER S 94 4.64 -22.52 -70.68
CA SER S 94 3.91 -22.56 -69.38
C SER S 94 3.02 -23.81 -69.35
N VAL S 95 2.30 -24.06 -70.43
CA VAL S 95 1.35 -25.20 -70.40
C VAL S 95 2.18 -26.47 -70.19
N VAL S 96 3.29 -26.60 -70.92
CA VAL S 96 4.07 -27.87 -70.83
C VAL S 96 4.59 -28.01 -69.40
N THR S 97 5.14 -26.96 -68.78
CA THR S 97 5.71 -27.13 -67.43
C THR S 97 4.59 -27.54 -66.48
N ALA S 98 3.43 -26.89 -66.55
CA ALA S 98 2.38 -27.25 -65.55
C ALA S 98 1.91 -28.69 -65.76
N ALA S 99 1.75 -29.08 -67.02
CA ALA S 99 1.26 -30.45 -67.32
C ALA S 99 2.29 -31.45 -66.79
N CYS S 100 3.57 -31.16 -66.97
CA CYS S 100 4.66 -32.06 -66.52
C CYS S 100 4.63 -32.16 -65.00
N GLN S 101 4.40 -31.06 -64.31
CA GLN S 101 4.28 -31.14 -62.82
C GLN S 101 3.09 -32.03 -62.43
N LEU S 102 1.94 -31.90 -63.10
CA LEU S 102 0.79 -32.80 -62.79
C LEU S 102 1.16 -34.26 -63.09
N ALA S 103 1.89 -34.51 -64.18
CA ALA S 103 2.30 -35.89 -64.53
C ALA S 103 3.24 -36.45 -63.47
N ARG S 104 4.17 -35.64 -62.98
CA ARG S 104 5.12 -36.07 -61.92
C ARG S 104 4.28 -36.39 -60.68
N HIS S 105 3.25 -35.60 -60.43
CA HIS S 105 2.34 -35.87 -59.28
C HIS S 105 1.60 -37.21 -59.42
N ARG S 106 1.12 -37.57 -60.62
CA ARG S 106 0.45 -38.91 -60.80
C ARG S 106 1.45 -40.08 -60.65
N LYS S 107 2.66 -39.86 -60.13
CA LYS S 107 3.78 -40.81 -60.07
C LYS S 107 3.97 -41.55 -61.38
N SER S 108 3.80 -40.84 -62.49
CA SER S 108 4.01 -41.39 -63.81
C SER S 108 5.10 -40.59 -64.52
N SER S 109 5.59 -41.15 -65.65
CA SER S 109 6.68 -40.50 -66.41
C SER S 109 6.23 -40.24 -67.84
N THR S 110 4.93 -40.34 -68.11
CA THR S 110 4.39 -40.10 -69.47
C THR S 110 3.41 -38.93 -69.38
N LEU S 111 3.52 -37.95 -70.28
CA LEU S 111 2.54 -36.83 -70.27
C LEU S 111 1.32 -37.28 -71.08
N GLU S 112 0.21 -37.55 -70.40
CA GLU S 112 -1.02 -37.96 -71.12
C GLU S 112 -1.78 -36.70 -71.54
N VAL S 113 -2.95 -36.85 -72.16
CA VAL S 113 -3.76 -35.66 -72.53
C VAL S 113 -4.66 -35.28 -71.36
N LYS S 114 -4.68 -36.05 -70.26
CA LYS S 114 -5.64 -35.75 -69.15
C LYS S 114 -5.13 -34.62 -68.27
N ASP S 115 -3.84 -34.28 -68.37
CA ASP S 115 -3.28 -33.22 -67.55
C ASP S 115 -2.83 -32.00 -68.33
N VAL S 116 -2.84 -32.06 -69.67
CA VAL S 116 -2.88 -30.84 -70.45
C VAL S 116 -4.31 -30.30 -70.51
N GLN S 117 -5.29 -31.16 -70.27
CA GLN S 117 -6.68 -30.70 -70.14
C GLN S 117 -6.87 -29.88 -68.88
N LEU S 118 -6.39 -30.38 -67.74
CA LEU S 118 -6.70 -29.77 -66.46
C LEU S 118 -5.99 -28.42 -66.27
N HIS S 119 -4.91 -28.17 -66.99
CA HIS S 119 -4.29 -26.85 -66.85
C HIS S 119 -4.96 -25.81 -67.72
N LEU S 120 -5.40 -26.18 -68.92
CA LEU S 120 -6.04 -25.21 -69.81
C LEU S 120 -7.45 -24.87 -69.35
N GLU S 121 -8.17 -25.84 -68.79
CA GLU S 121 -9.51 -25.59 -68.31
C GLU S 121 -9.50 -24.70 -67.08
N ARG S 122 -8.63 -25.01 -66.12
CA ARG S 122 -8.66 -24.31 -64.84
C ARG S 122 -8.08 -22.90 -64.93
N GLN S 123 -7.10 -22.68 -65.80
CA GLN S 123 -6.43 -21.40 -65.87
C GLN S 123 -6.74 -20.63 -67.13
N TRP S 124 -6.64 -21.27 -68.30
CA TRP S 124 -6.70 -20.55 -69.57
C TRP S 124 -8.08 -20.55 -70.21
N ASN S 125 -9.05 -21.26 -69.63
CA ASN S 125 -10.44 -21.33 -70.10
C ASN S 125 -10.52 -21.84 -71.54
N MET S 126 -9.95 -23.02 -71.75
CA MET S 126 -9.88 -23.64 -73.07
C MET S 126 -10.32 -25.09 -72.95
N TRP S 127 -11.34 -25.45 -73.69
CA TRP S 127 -11.77 -26.83 -73.85
C TRP S 127 -11.55 -27.21 -75.30
N ILE S 128 -10.58 -28.09 -75.55
CA ILE S 128 -10.28 -28.55 -76.91
C ILE S 128 -11.14 -29.79 -77.17
N PRO S 129 -12.12 -29.72 -78.07
CA PRO S 129 -13.19 -30.72 -78.11
C PRO S 129 -12.79 -32.12 -78.56
N GLY S 130 -12.17 -32.25 -79.71
CA GLY S 130 -12.12 -33.52 -80.41
C GLY S 130 -11.18 -34.59 -79.92
N PHE S 131 -11.13 -34.84 -78.61
CA PHE S 131 -10.23 -35.83 -78.06
C PHE S 131 -10.91 -36.86 -77.18
N GLY S 132 -11.90 -36.46 -76.39
CA GLY S 132 -12.66 -37.41 -75.60
C GLY S 132 -11.96 -37.86 -74.32
N SER S 133 -12.71 -38.01 -73.25
CA SER S 133 -12.18 -38.45 -71.97
C SER S 133 -12.90 -39.71 -71.52
N GLU S 134 -12.51 -40.20 -70.34
CA GLU S 134 -13.24 -41.29 -69.71
C GLU S 134 -14.48 -40.74 -69.05
N GLU S 135 -15.40 -41.64 -68.68
CA GLU S 135 -16.65 -41.23 -68.06
C GLU S 135 -16.39 -40.68 -66.67
N ILE S 136 -16.88 -39.46 -66.43
CA ILE S 136 -16.64 -38.78 -65.16
C ILE S 136 -17.40 -39.50 -64.06
N ARG S 137 -16.71 -39.74 -62.93
CA ARG S 137 -17.26 -40.42 -61.78
C ARG S 137 -18.43 -39.64 -61.19
N PRO S 138 -19.32 -40.30 -60.44
CA PRO S 138 -20.45 -39.60 -59.81
C PRO S 138 -19.98 -38.50 -58.87
N TYR S 139 -20.49 -37.29 -59.13
CA TYR S 139 -19.98 -36.06 -58.53
C TYR S 139 -20.28 -36.02 -57.05
N LYS S 140 -19.23 -36.04 -56.23
CA LYS S 140 -19.40 -35.87 -54.80
C LYS S 140 -19.69 -34.40 -54.49
N LYS S 141 -20.78 -34.17 -53.77
CA LYS S 141 -21.33 -32.83 -53.61
C LYS S 141 -20.80 -32.12 -52.37
N ALA S 142 -21.00 -32.71 -51.19
CA ALA S 142 -20.62 -32.06 -49.94
C ALA S 142 -20.12 -33.12 -48.97
N CYS S 143 -18.83 -33.07 -48.66
CA CYS S 143 -18.26 -34.00 -47.65
C CYS S 143 -18.15 -33.19 -46.36
N THR S 144 -19.20 -32.42 -46.03
CA THR S 144 -19.11 -31.55 -44.83
C THR S 144 -18.81 -32.44 -43.64
N THR S 145 -17.83 -32.06 -42.82
CA THR S 145 -17.42 -32.96 -41.71
C THR S 145 -18.31 -32.74 -40.49
N GLU S 146 -18.18 -33.62 -39.49
CA GLU S 146 -18.96 -33.53 -38.26
C GLU S 146 -18.60 -32.30 -37.44
N ALA S 147 -17.32 -31.90 -37.48
CA ALA S 147 -16.88 -30.72 -36.72
C ALA S 147 -17.48 -29.44 -37.27
N HIS S 148 -17.75 -29.39 -38.58
CA HIS S 148 -18.45 -28.24 -39.13
C HIS S 148 -19.96 -28.34 -38.88
N LYS S 149 -20.50 -29.55 -38.82
CA LYS S 149 -21.92 -29.73 -38.52
C LYS S 149 -22.26 -29.38 -37.09
N GLN S 150 -21.28 -29.34 -36.19
CA GLN S 150 -21.52 -29.03 -34.79
C GLN S 150 -21.08 -27.62 -34.42
N ARG S 151 -20.14 -27.03 -35.16
CA ARG S 151 -19.79 -25.64 -34.92
C ARG S 151 -20.78 -24.68 -35.56
N MET S 152 -21.27 -25.02 -36.75
CA MET S 152 -22.30 -24.22 -37.40
C MET S 152 -23.67 -24.38 -36.73
N ALA S 153 -23.86 -25.47 -35.98
CA ALA S 153 -25.03 -25.63 -35.12
C ALA S 153 -24.88 -24.92 -33.78
N LEU S 154 -23.86 -24.07 -33.64
CA LEU S 154 -23.72 -23.16 -32.52
C LEU S 154 -23.90 -21.71 -32.92
N ILE S 155 -23.72 -21.38 -34.20
CA ILE S 155 -24.03 -20.05 -34.70
C ILE S 155 -25.52 -19.81 -34.65
N ARG S 156 -26.32 -20.81 -35.00
CA ARG S 156 -27.76 -20.68 -34.95
C ARG S 156 -28.31 -20.77 -33.54
N LYS S 157 -27.60 -21.49 -32.64
CA LYS S 157 -28.09 -21.66 -31.27
C LYS S 157 -28.01 -20.36 -30.47
N THR S 158 -27.02 -19.51 -30.77
CA THR S 158 -26.92 -18.21 -30.13
C THR S 158 -27.84 -17.19 -30.81
N THR S 159 -28.09 -17.36 -32.10
CA THR S 159 -28.80 -16.35 -32.89
C THR S 159 -30.30 -16.34 -32.57
N LYS S 160 -30.94 -17.51 -32.57
CA LYS S 160 -32.37 -17.55 -32.28
C LYS S 160 -32.69 -17.96 -30.85
N LYS S 161 -31.76 -18.58 -30.14
CA LYS S 161 -31.99 -18.98 -28.75
C LYS S 161 -30.90 -18.44 -27.83
N ARG T 28 -13.69 -44.87 -73.72
CA ARG T 28 -15.07 -44.63 -74.10
C ARG T 28 -15.33 -44.94 -75.57
N LYS T 29 -16.49 -45.51 -75.86
CA LYS T 29 -16.88 -45.72 -77.28
C LYS T 29 -17.67 -44.48 -77.72
N ARG T 30 -18.24 -44.47 -78.93
CA ARG T 30 -19.09 -43.32 -79.32
C ARG T 30 -20.56 -43.74 -79.18
N LEU T 31 -21.29 -43.10 -78.26
CA LEU T 31 -22.73 -43.43 -78.06
C LEU T 31 -23.61 -42.55 -78.95
N PHE T 32 -23.04 -41.54 -79.59
CA PHE T 32 -23.80 -40.67 -80.51
C PHE T 32 -23.02 -40.56 -81.83
N SER T 33 -22.98 -41.67 -82.60
CA SER T 33 -22.24 -41.67 -83.88
C SER T 33 -23.26 -41.61 -85.03
N LYS T 34 -24.34 -42.39 -84.95
CA LYS T 34 -25.32 -42.43 -86.01
C LYS T 34 -26.40 -41.38 -85.82
N GLU T 35 -26.69 -41.02 -84.56
CA GLU T 35 -27.72 -40.04 -84.28
C GLU T 35 -27.28 -38.64 -84.67
N LEU T 36 -25.99 -38.32 -84.44
CA LEU T 36 -25.48 -36.98 -84.71
C LEU T 36 -25.31 -36.72 -86.19
N ARG T 37 -25.19 -37.76 -87.03
CA ARG T 37 -25.09 -37.55 -88.45
C ARG T 37 -26.42 -37.14 -89.06
N CYS T 38 -27.54 -37.60 -88.47
CA CYS T 38 -28.84 -37.12 -88.89
C CYS T 38 -29.06 -35.68 -88.48
N MET T 39 -28.49 -35.27 -87.35
CA MET T 39 -28.72 -33.92 -86.84
C MET T 39 -27.93 -32.88 -87.61
N MET T 40 -26.70 -33.20 -88.00
CA MET T 40 -25.91 -32.27 -88.79
C MET T 40 -26.51 -32.05 -90.17
N TYR T 41 -27.05 -33.13 -90.78
CA TYR T 41 -27.84 -32.99 -92.00
C TYR T 41 -29.08 -32.13 -91.75
N GLY T 42 -29.64 -32.18 -90.54
CA GLY T 42 -30.80 -31.37 -90.22
C GLY T 42 -30.51 -29.88 -90.13
N PHE T 43 -29.24 -29.50 -89.97
CA PHE T 43 -28.87 -28.09 -89.86
C PHE T 43 -27.98 -27.64 -91.01
N GLY T 44 -27.91 -28.40 -92.10
CA GLY T 44 -27.33 -27.93 -93.33
C GLY T 44 -25.94 -28.41 -93.67
N ASP T 45 -25.43 -29.47 -93.01
CA ASP T 45 -24.04 -29.85 -93.21
C ASP T 45 -23.82 -30.58 -94.53
N ASP T 46 -24.35 -31.80 -94.64
CA ASP T 46 -24.20 -32.76 -95.74
C ASP T 46 -25.01 -34.00 -95.40
N GLN T 47 -25.19 -34.84 -96.40
CA GLN T 47 -25.67 -36.19 -96.15
C GLN T 47 -24.58 -37.10 -95.62
N ASN T 48 -23.32 -36.79 -95.87
CA ASN T 48 -22.19 -37.61 -95.43
C ASN T 48 -21.13 -36.72 -94.79
N PRO T 49 -21.27 -36.42 -93.51
CA PRO T 49 -20.25 -35.64 -92.81
C PRO T 49 -18.98 -36.46 -92.55
N TYR T 50 -17.95 -35.76 -92.08
CA TYR T 50 -16.66 -36.41 -91.74
C TYR T 50 -16.70 -37.02 -90.34
N THR T 51 -16.03 -38.16 -90.18
CA THR T 51 -16.02 -38.86 -88.88
C THR T 51 -15.41 -37.97 -87.80
N GLU T 52 -14.33 -37.25 -88.11
CA GLU T 52 -13.67 -36.39 -87.10
C GLU T 52 -14.62 -35.28 -86.64
N SER T 53 -15.37 -34.67 -87.55
CA SER T 53 -16.36 -33.63 -87.19
C SER T 53 -17.45 -34.24 -86.30
N VAL T 54 -17.92 -35.44 -86.66
CA VAL T 54 -18.96 -36.10 -85.81
C VAL T 54 -18.37 -36.32 -84.42
N ASP T 55 -17.10 -36.71 -84.33
CA ASP T 55 -16.43 -36.97 -83.03
C ASP T 55 -16.35 -35.67 -82.20
N ILE T 56 -15.98 -34.56 -82.85
CA ILE T 56 -15.91 -33.27 -82.11
C ILE T 56 -17.31 -32.98 -81.58
N LEU T 57 -18.34 -33.14 -82.41
CA LEU T 57 -19.71 -32.79 -81.93
C LEU T 57 -20.09 -33.68 -80.75
N GLU T 58 -19.78 -34.98 -80.81
CA GLU T 58 -20.15 -35.92 -79.72
C GLU T 58 -19.45 -35.51 -78.42
N ASP T 59 -18.17 -35.17 -78.52
CA ASP T 59 -17.43 -34.74 -77.30
C ASP T 59 -18.07 -33.46 -76.73
N LEU T 60 -18.43 -32.53 -77.61
CA LEU T 60 -19.04 -31.26 -77.14
C LEU T 60 -20.35 -31.59 -76.42
N VAL T 61 -21.17 -32.47 -76.99
CA VAL T 61 -22.49 -32.79 -76.37
C VAL T 61 -22.23 -33.40 -74.99
N ILE T 62 -21.29 -34.35 -74.90
CA ILE T 62 -21.09 -35.00 -73.56
C ILE T 62 -20.66 -33.93 -72.56
N GLU T 63 -19.73 -33.05 -72.95
CA GLU T 63 -19.22 -32.03 -71.99
C GLU T 63 -20.37 -31.12 -71.56
N PHE T 64 -21.23 -30.71 -72.50
CA PHE T 64 -22.35 -29.80 -72.19
C PHE T 64 -23.28 -30.50 -71.19
N ILE T 65 -23.59 -31.76 -71.44
CA ILE T 65 -24.53 -32.47 -70.53
C ILE T 65 -23.88 -32.54 -69.14
N THR T 66 -22.59 -32.86 -69.07
CA THR T 66 -21.93 -33.00 -67.75
C THR T 66 -21.95 -31.67 -67.00
N GLU T 67 -21.65 -30.57 -67.70
CA GLU T 67 -21.59 -29.24 -67.03
C GLU T 67 -22.98 -28.92 -66.50
N MET T 68 -24.00 -29.14 -67.35
CA MET T 68 -25.37 -28.76 -66.91
C MET T 68 -25.72 -29.60 -65.68
N THR T 69 -25.39 -30.89 -65.70
CA THR T 69 -25.77 -31.77 -64.56
C THR T 69 -25.05 -31.31 -63.28
N HIS T 70 -23.75 -30.98 -63.34
CA HIS T 70 -23.10 -30.49 -62.10
C HIS T 70 -23.76 -29.20 -61.60
N LYS T 71 -24.01 -28.25 -62.51
CA LYS T 71 -24.58 -26.99 -61.96
C LYS T 71 -25.96 -27.29 -61.36
N ALA T 72 -26.74 -28.16 -61.98
CA ALA T 72 -28.09 -28.49 -61.49
C ALA T 72 -28.02 -29.17 -60.12
N MET T 73 -27.04 -30.05 -59.92
CA MET T 73 -26.85 -30.69 -58.60
C MET T 73 -26.53 -29.60 -57.57
N SER T 74 -25.66 -28.65 -57.87
CA SER T 74 -25.37 -27.54 -56.92
C SER T 74 -26.62 -26.69 -56.65
N ILE T 75 -27.27 -26.16 -57.68
CA ILE T 75 -28.44 -25.24 -57.50
C ILE T 75 -29.65 -26.05 -57.01
N GLY T 76 -30.63 -25.39 -56.38
CA GLY T 76 -31.85 -26.07 -55.91
C GLY T 76 -31.55 -27.19 -54.92
N ARG T 77 -32.21 -28.34 -55.07
CA ARG T 77 -32.04 -29.44 -54.09
C ARG T 77 -30.67 -30.08 -54.32
N GLN T 78 -29.80 -30.05 -53.31
CA GLN T 78 -28.42 -30.58 -53.49
C GLN T 78 -28.51 -32.08 -53.79
N GLY T 79 -27.78 -32.54 -54.82
CA GLY T 79 -27.73 -33.98 -55.11
C GLY T 79 -28.91 -34.46 -55.95
N ARG T 80 -29.81 -33.57 -56.34
CA ARG T 80 -30.94 -33.95 -57.22
C ARG T 80 -31.00 -33.01 -58.41
N VAL T 81 -31.13 -33.56 -59.63
CA VAL T 81 -31.27 -32.70 -60.83
C VAL T 81 -32.75 -32.68 -61.21
N GLN T 82 -33.38 -31.51 -61.17
CA GLN T 82 -34.83 -31.43 -61.45
C GLN T 82 -35.07 -30.56 -62.69
N VAL T 83 -36.29 -30.55 -63.21
CA VAL T 83 -36.66 -29.75 -64.41
C VAL T 83 -36.56 -28.27 -64.01
N GLU T 84 -36.96 -27.93 -62.79
CA GLU T 84 -36.95 -26.51 -62.33
C GLU T 84 -35.51 -25.99 -62.35
N ASP T 85 -34.56 -26.78 -61.83
CA ASP T 85 -33.14 -26.36 -61.80
C ASP T 85 -32.65 -26.20 -63.25
N ILE T 86 -33.03 -27.15 -64.11
CA ILE T 86 -32.52 -27.07 -65.51
C ILE T 86 -33.07 -25.78 -66.14
N VAL T 87 -34.33 -25.45 -65.88
CA VAL T 87 -34.98 -24.22 -66.44
C VAL T 87 -34.29 -22.97 -65.90
N PHE T 88 -33.98 -22.91 -64.60
CA PHE T 88 -33.25 -21.71 -64.12
C PHE T 88 -31.91 -21.62 -64.85
N LEU T 89 -31.21 -22.74 -65.01
CA LEU T 89 -29.87 -22.69 -65.64
C LEU T 89 -30.00 -22.18 -67.08
N ILE T 90 -31.05 -22.60 -67.81
CA ILE T 90 -31.11 -22.22 -69.25
C ILE T 90 -31.87 -20.90 -69.46
N ARG T 91 -32.31 -20.23 -68.39
CA ARG T 91 -33.15 -19.01 -68.49
C ARG T 91 -32.48 -17.92 -69.35
N LYS T 92 -31.17 -17.71 -69.20
CA LYS T 92 -30.49 -16.60 -69.92
C LYS T 92 -30.56 -16.80 -71.44
N ASP T 93 -30.35 -18.03 -71.94
CA ASP T 93 -30.27 -18.24 -73.41
C ASP T 93 -31.68 -18.39 -73.97
N PRO T 94 -32.14 -17.50 -74.88
CA PRO T 94 -33.52 -17.54 -75.37
C PRO T 94 -33.91 -18.78 -76.18
N ARG T 95 -33.05 -19.22 -77.11
CA ARG T 95 -33.42 -20.34 -78.01
C ARG T 95 -33.63 -21.62 -77.21
N LYS T 96 -32.76 -21.89 -76.24
CA LYS T 96 -32.85 -23.16 -75.48
C LYS T 96 -34.04 -23.11 -74.52
N PHE T 97 -34.30 -21.96 -73.89
CA PHE T 97 -35.39 -21.81 -72.91
C PHE T 97 -36.73 -22.04 -73.62
N ALA T 98 -36.86 -21.45 -74.81
CA ALA T 98 -38.13 -21.59 -75.57
C ALA T 98 -38.37 -23.07 -75.87
N ARG T 99 -37.32 -23.78 -76.30
CA ARG T 99 -37.48 -25.21 -76.66
C ARG T 99 -37.88 -25.98 -75.41
N VAL T 100 -37.26 -25.72 -74.26
CA VAL T 100 -37.63 -26.54 -73.07
C VAL T 100 -39.11 -26.28 -72.77
N LYS T 101 -39.52 -25.00 -72.80
CA LYS T 101 -40.93 -24.74 -72.42
C LYS T 101 -41.86 -25.44 -73.41
N ASP T 102 -41.55 -25.36 -74.71
CA ASP T 102 -42.44 -25.94 -75.74
C ASP T 102 -42.53 -27.45 -75.51
N LEU T 103 -41.39 -28.11 -75.28
CA LEU T 103 -41.41 -29.59 -75.13
C LEU T 103 -42.26 -29.92 -73.90
N LEU T 104 -42.06 -29.22 -72.78
CA LEU T 104 -42.83 -29.62 -71.57
C LEU T 104 -44.33 -29.43 -71.85
N THR T 105 -44.70 -28.30 -72.47
CA THR T 105 -46.15 -28.03 -72.67
C THR T 105 -46.73 -29.11 -73.60
N MET T 106 -46.01 -29.44 -74.66
CA MET T 106 -46.49 -30.43 -75.64
C MET T 106 -46.64 -31.79 -74.95
N ASN T 107 -45.71 -32.14 -74.06
CA ASN T 107 -45.75 -33.43 -73.33
C ASN T 107 -47.01 -33.46 -72.47
N GLU T 108 -47.28 -32.35 -71.78
CA GLU T 108 -48.51 -32.29 -70.93
C GLU T 108 -49.73 -32.48 -71.84
N GLU T 109 -49.74 -31.81 -73.00
CA GLU T 109 -50.91 -31.90 -73.92
C GLU T 109 -51.09 -33.34 -74.42
N LEU T 110 -50.00 -34.03 -74.77
CA LEU T 110 -50.08 -35.42 -75.28
C LEU T 110 -50.59 -36.33 -74.17
N LYS T 111 -50.14 -36.12 -72.93
CA LYS T 111 -50.63 -36.94 -71.80
C LYS T 111 -52.14 -36.71 -71.67
N ARG T 112 -52.58 -35.46 -71.78
CA ARG T 112 -54.04 -35.13 -71.67
C ARG T 112 -54.80 -35.85 -72.79
N ALA T 113 -54.27 -35.84 -74.01
CA ALA T 113 -54.94 -36.48 -75.17
C ALA T 113 -55.05 -37.99 -74.92
N ARG T 114 -54.00 -38.60 -74.37
CA ARG T 114 -54.03 -40.05 -74.06
C ARG T 114 -55.10 -40.31 -73.01
#